data_8DGF
#
_entry.id   8DGF
#
_cell.length_a   1.00
_cell.length_b   1.00
_cell.length_c   1.00
_cell.angle_alpha   90.00
_cell.angle_beta   90.00
_cell.angle_gamma   90.00
#
_symmetry.space_group_name_H-M   'P 1'
#
loop_
_entity.id
_entity.type
_entity.pdbx_description
1 polymer 'ATP-binding protein Avs4'
2 polymer 'Portal protein'
3 non-polymer "ADENOSINE-5'-TRIPHOSPHATE"
4 non-polymer 'MAGNESIUM ION'
#
loop_
_entity_poly.entity_id
_entity_poly.type
_entity_poly.pdbx_seq_one_letter_code
_entity_poly.pdbx_strand_id
1 'polypeptide(L)'
;(FME)VKPNWDNFKAKFSENPQGNFEWFCYLLFCQEFKMPAGIFRYKNQSGIETNPITKDNEIIGWQSKFYDTKLSDNKA
DLIEMIEKSKKAYPGLSKIIFYTNQEWGQGRKSHEPEGDKNADNYLETVGNSNDPKIKIEVDQKAYESGIEIVWRVASFF
ESPFVIVENEKIAKHFFSLNESIFDLLEEKRKHTENVLYEIQTNIEFKDRSIEIDRRHCIELLHENLVQKKIVIVSGEGG
VGKTAVIKKIYEAEKQYTPFYVFKASEFKKDSINELFGAHGLDDFSNAHQDELRKVIVVDSAEKLLELTNIDPFKEFLTV
LIKDKWQVVFTTRNNYLADLNYAFIDIYKITPGNLVIKNLERGELIELSDNNGFSLPQDVRLLELIKNPFYLSEYLRFYT
GESIDYVSFKEKLWNKIIVKNKPSREQCFLATAFQRASEGQFFVSPACDTGILDELVKDGIVGYEAAGYFITHDIYEEWA
LEKKISVDYIRKANNNEFFEKIGESLPVRRSFRNWISERLLLDDQSIKPFIAEIVCGEGISNFWKDELWVAVLLSDNSSI
FFNYFKRYLLSSDQNLLKRLTFLLRLACKDVDYDLLKQLGVSNSDLLSIKYVLTKPKGTGWQSVIQFIYENLDEIGIRNI
NFILPVIQEWNQRNKVGETTRLSSLIALKYYQWTIDEDVYLSGRDNEKNILHTILHGAAMIKPEMEEVLVKVLKNRWKEH
GTPYFDLMTLILTDLDSYPVWASLPEYVLQLADLFWYRPLKETGERYHSMDIEDEFGLFRSHHDYYPESPYQTPIYWLLQ
SQFKKTIDFILDFTNKTTICFAHSHFAKNEIEEVDVFIEEGKFIKQYICNRLWCSYRGTQVSTYLLSSIHMALEKFFLEN
FKNADSKVLESWLLFLLRNTKSASISAVVTSIVLAFPEKTFNVAKVLFQTKDFFRFDMNRMVLDRTHKSSLISLRDGFGG
TDYRNSLHEEDRIKACDDVHRNTYLENLALHYQIFRSENVTEKDAIERQQVLWDIFDKYYNQLPDEAQETEADKTWRLCL
ARMDRRKMKITTKEKDEGIEISFNPEIDPKLKQYSEEAIKKNSEHMKYVTLKLWASYKREKDERYKNYGMYEDNPQIALQ
ETKEIIKKLNEEGGEDFRLLNGNIPADVCSVLLLDYFNQLNNEEREYCKDIVLAYSKLPLKEGYNYQVQDGTTSAISALP
VIYHNYPMERETIKTILLLTLFNDHSIGMAGGRYSVFPSMVIHKLWLDYFDDMQSLLFGFLILKPKYVILSRKIIHESYR
QVDYDIKKININKVFLNNYKHCISNVIDNKISIDDLGSMDKVDLHILNTAFQLIPVDTVNIEHKKLVSLIVKRFSTSLLS
SVREDRVDYALRQSFLERFAYFTLHAPVSDIPDYIKPFLDGFNGSEPISELFKKFILVEDRLNTYAKFWKVWDLFFDKVV
TLCKDGDRYWYVDKIIKSYLFAESPWKENSNGWHTFKDSNSQFFCDVSRTMGHCPSTLYSLAKSLNNIASCYLNQGITWL
SEILSVNKKLWEKKLENDTVYYLECLVRRYINNERERIRRTKQLKQEVLVILDFLVEKGSVVGYMSRENIL
;
A,B,C,D
2 'polypeptide(L)'
;MASSQKREGFAENGAKAVYDALKNDRNSYETRAENCAKYTIPSLFPKDSDNASTDYTTPWQAVGARGLNNLASKLMLALF
PMQTWMKLTISEFEAKQLVAQPAELAKVEEGLSMVERILMNYIESNSYRVTLFETLKQLVVAGNALLYIPEPEGAYNPMK
LYRLSSYVVQRDAFGTVLQIVTLDKTAYAALPEDVRNAMDSGQEHKGDEMIDVYTHIYLDEESGEYLKYEEIDGVEVDGT
DASYPVDACPYIPVRMVRIDGESYGRSYCEEYLGDLRSLENLQEAIVKMSMISAKVIGLVNPAGITQVRRLTKAQTGDFV
SGRPEDISFLQLEKAADFSVAKAVSEQIEGRLSYAFMLNSAVQRTGERVTAEEIRYVASELEDTLGGVYSILSQELQLPM
VRVLLKQLQATNQIPELPKEAVEPTISTGMEALGRGQDLDKLERCIAAWSALAPMQNDPDINIATIKLRIANAIGIDTSG
ILKTPEEKQQEMAEAAQGTALENAAASAGAGAGALATASPENMEAAAAQAGMVPN
;
E,F,G,H
#
loop_
_chem_comp.id
_chem_comp.type
_chem_comp.name
_chem_comp.formula
ATP non-polymer ADENOSINE-5'-TRIPHOSPHATE 'C10 H16 N5 O13 P3'
MG non-polymer 'MAGNESIUM ION' 'Mg 2'
#
# COMPACT_ATOMS: atom_id res chain seq x y z
N FME A 1 -69.98 -13.89 27.35
CN FME A 1 -70.94 -13.13 26.75
O1 FME A 1 -71.09 -11.98 26.46
CA FME A 1 -70.28 -15.29 27.41
CB FME A 1 -71.43 -15.55 28.43
CG FME A 1 -71.42 -14.72 29.71
SD FME A 1 -73.10 -14.43 30.22
CE FME A 1 -74.00 -14.21 28.74
C FME A 1 -70.65 -15.83 26.01
O FME A 1 -70.17 -15.40 24.94
N VAL A 2 -71.58 -16.78 26.04
CA VAL A 2 -72.06 -17.51 24.86
C VAL A 2 -73.26 -18.42 25.16
N LYS A 3 -74.29 -18.31 24.31
CA LYS A 3 -75.54 -19.04 24.51
C LYS A 3 -75.40 -20.50 24.06
N PRO A 4 -76.10 -21.43 24.71
CA PRO A 4 -76.16 -22.80 24.20
C PRO A 4 -76.80 -22.88 22.82
N ASN A 5 -76.31 -23.81 22.00
CA ASN A 5 -76.77 -23.96 20.62
C ASN A 5 -76.51 -25.41 20.24
N TRP A 6 -77.54 -26.25 20.35
CA TRP A 6 -77.37 -27.67 20.04
C TRP A 6 -77.32 -27.96 18.54
N ASP A 7 -77.70 -26.99 17.69
CA ASP A 7 -77.49 -27.16 16.26
C ASP A 7 -76.01 -27.01 15.89
N ASN A 8 -75.29 -26.09 16.54
CA ASN A 8 -73.83 -26.05 16.42
C ASN A 8 -73.21 -27.37 16.87
N PHE A 9 -73.69 -27.92 17.99
CA PHE A 9 -73.16 -29.18 18.50
C PHE A 9 -73.37 -30.31 17.50
N LYS A 10 -74.58 -30.41 16.94
CA LYS A 10 -74.85 -31.53 16.04
C LYS A 10 -74.13 -31.35 14.71
N ALA A 11 -73.95 -30.11 14.24
CA ALA A 11 -73.19 -29.91 13.02
C ALA A 11 -71.71 -30.20 13.23
N LYS A 12 -71.18 -29.88 14.41
CA LYS A 12 -69.75 -29.97 14.65
C LYS A 12 -69.29 -31.40 14.91
N PHE A 13 -70.01 -32.14 15.75
CA PHE A 13 -69.59 -33.46 16.19
C PHE A 13 -70.38 -34.59 15.52
N SER A 14 -70.66 -34.43 14.22
CA SER A 14 -71.71 -35.23 13.56
C SER A 14 -71.41 -36.72 13.51
N GLU A 15 -70.14 -37.12 13.60
CA GLU A 15 -69.81 -38.54 13.50
C GLU A 15 -70.02 -39.31 14.79
N ASN A 16 -70.11 -38.63 15.94
CA ASN A 16 -70.35 -39.31 17.21
C ASN A 16 -70.98 -38.36 18.22
N PRO A 17 -72.26 -37.99 18.07
CA PRO A 17 -72.87 -37.04 19.05
C PRO A 17 -72.96 -37.58 20.46
N GLN A 18 -73.21 -38.89 20.63
CA GLN A 18 -73.38 -39.46 21.96
C GLN A 18 -72.09 -39.45 22.76
N GLY A 19 -70.98 -39.88 22.15
CA GLY A 19 -69.72 -39.94 22.88
C GLY A 19 -69.20 -38.59 23.30
N ASN A 20 -69.38 -37.58 22.44
CA ASN A 20 -68.98 -36.23 22.80
C ASN A 20 -69.89 -35.65 23.89
N PHE A 21 -71.19 -35.97 23.85
CA PHE A 21 -72.07 -35.53 24.93
C PHE A 21 -71.67 -36.16 26.26
N GLU A 22 -71.23 -37.43 26.23
CA GLU A 22 -70.77 -38.10 27.44
C GLU A 22 -69.50 -37.44 28.00
N TRP A 23 -68.57 -37.04 27.11
CA TRP A 23 -67.37 -36.31 27.54
C TRP A 23 -67.72 -35.01 28.25
N PHE A 24 -68.64 -34.23 27.64
CA PHE A 24 -69.04 -32.94 28.19
C PHE A 24 -69.68 -33.09 29.57
N CYS A 25 -70.56 -34.10 29.74
CA CYS A 25 -71.23 -34.30 31.02
C CYS A 25 -70.26 -34.76 32.10
N TYR A 26 -69.29 -35.61 31.74
CA TYR A 26 -68.28 -36.01 32.72
C TYR A 26 -67.49 -34.81 33.25
N LEU A 27 -67.12 -33.88 32.36
CA LEU A 27 -66.37 -32.71 32.80
C LEU A 27 -67.18 -31.85 33.78
N LEU A 28 -68.46 -31.63 33.48
CA LEU A 28 -69.28 -30.84 34.41
C LEU A 28 -69.48 -31.54 35.77
N PHE A 29 -69.65 -32.87 35.75
CA PHE A 29 -69.75 -33.63 37.00
C PHE A 29 -68.50 -33.49 37.85
N CYS A 30 -67.33 -33.55 37.23
CA CYS A 30 -66.09 -33.37 37.99
C CYS A 30 -65.99 -31.98 38.58
N GLN A 31 -66.42 -30.96 37.83
CA GLN A 31 -66.38 -29.61 38.37
C GLN A 31 -67.32 -29.40 39.55
N GLU A 32 -68.38 -30.21 39.67
CA GLU A 32 -69.29 -29.99 40.79
C GLU A 32 -69.09 -30.94 41.98
N PHE A 33 -68.85 -32.22 41.74
CA PHE A 33 -68.87 -33.23 42.81
C PHE A 33 -67.50 -33.78 43.20
N LYS A 34 -66.59 -34.01 42.24
CA LYS A 34 -65.24 -34.48 42.56
C LYS A 34 -64.34 -33.27 42.85
N MET A 35 -63.02 -33.50 42.82
CA MET A 35 -62.02 -32.50 43.18
C MET A 35 -61.41 -31.91 41.92
N PRO A 36 -61.40 -30.58 41.73
CA PRO A 36 -61.14 -30.01 40.40
C PRO A 36 -59.70 -30.10 39.87
N ALA A 37 -59.52 -30.89 38.82
CA ALA A 37 -58.37 -30.78 37.94
C ALA A 37 -58.56 -29.64 36.94
N GLY A 38 -57.52 -29.40 36.15
CA GLY A 38 -57.52 -28.31 35.20
C GLY A 38 -57.67 -28.77 33.75
N ILE A 39 -57.52 -27.79 32.86
CA ILE A 39 -57.74 -27.99 31.42
C ILE A 39 -56.81 -29.05 30.85
N PHE A 40 -55.56 -29.11 31.31
CA PHE A 40 -54.61 -30.06 30.75
C PHE A 40 -55.02 -31.51 30.98
N ARG A 41 -55.64 -31.81 32.12
CA ARG A 41 -56.13 -33.17 32.33
C ARG A 41 -57.43 -33.43 31.61
N TYR A 42 -58.35 -32.45 31.57
CA TYR A 42 -59.66 -32.64 30.95
C TYR A 42 -59.58 -32.82 29.43
N LYS A 43 -58.46 -32.46 28.79
CA LYS A 43 -58.35 -32.53 27.34
C LYS A 43 -58.36 -33.96 26.80
N ASN A 44 -58.08 -34.95 27.64
CA ASN A 44 -58.03 -36.36 27.23
C ASN A 44 -59.44 -36.92 27.16
N GLN A 45 -59.97 -37.08 25.94
CA GLN A 45 -61.31 -37.65 25.77
C GLN A 45 -61.35 -39.10 26.26
N SER A 46 -60.20 -39.77 26.30
CA SER A 46 -60.13 -41.15 26.75
C SER A 46 -60.28 -41.31 28.26
N GLY A 47 -60.24 -40.23 29.03
CA GLY A 47 -60.17 -40.29 30.48
C GLY A 47 -61.48 -40.41 31.24
N ILE A 48 -62.58 -40.77 30.57
CA ILE A 48 -63.87 -40.88 31.24
C ILE A 48 -63.88 -42.06 32.19
N GLU A 49 -64.41 -41.86 33.41
CA GLU A 49 -64.65 -42.96 34.33
C GLU A 49 -66.00 -42.78 35.03
N THR A 50 -66.72 -43.90 35.20
CA THR A 50 -68.09 -43.91 35.68
C THR A 50 -68.22 -44.24 37.16
N ASN A 51 -67.11 -44.18 37.91
CA ASN A 51 -67.13 -44.50 39.33
C ASN A 51 -68.01 -43.54 40.13
N PRO A 52 -68.83 -44.02 41.06
CA PRO A 52 -69.59 -43.12 41.92
C PRO A 52 -68.73 -42.52 43.02
N ILE A 53 -69.30 -41.55 43.73
CA ILE A 53 -68.63 -40.84 44.81
C ILE A 53 -69.48 -40.91 46.07
N THR A 54 -68.80 -40.93 47.22
CA THR A 54 -69.44 -40.99 48.53
C THR A 54 -69.37 -39.62 49.19
N LYS A 55 -70.53 -39.13 49.64
CA LYS A 55 -70.64 -37.87 50.36
C LYS A 55 -71.75 -37.97 51.39
N ASP A 56 -71.45 -37.53 52.62
CA ASP A 56 -72.44 -37.32 53.70
C ASP A 56 -73.26 -38.59 53.94
N ASN A 57 -72.55 -39.73 53.96
CA ASN A 57 -73.12 -41.07 54.11
C ASN A 57 -74.17 -41.40 53.05
N GLU A 58 -73.96 -40.93 51.83
CA GLU A 58 -74.78 -41.21 50.66
C GLU A 58 -73.87 -41.49 49.47
N ILE A 59 -74.38 -42.24 48.49
CA ILE A 59 -73.58 -42.65 47.32
C ILE A 59 -74.24 -42.10 46.05
N ILE A 60 -73.46 -41.33 45.27
CA ILE A 60 -73.97 -40.52 44.17
C ILE A 60 -73.28 -40.91 42.86
N GLY A 61 -74.07 -41.17 41.82
CA GLY A 61 -73.57 -41.46 40.49
C GLY A 61 -74.24 -40.60 39.42
N TRP A 62 -73.93 -40.94 38.16
CA TRP A 62 -74.36 -40.12 37.00
C TRP A 62 -74.53 -40.95 35.72
N GLN A 63 -75.32 -40.38 34.79
CA GLN A 63 -75.52 -40.92 33.44
C GLN A 63 -76.14 -39.82 32.57
N SER A 64 -76.07 -39.98 31.23
CA SER A 64 -76.52 -38.95 30.29
C SER A 64 -76.89 -39.54 28.92
N LYS A 65 -77.80 -38.87 28.21
CA LYS A 65 -78.17 -39.27 26.85
C LYS A 65 -78.68 -38.09 26.02
N PHE A 66 -78.35 -38.14 24.72
CA PHE A 66 -78.62 -37.10 23.73
C PHE A 66 -79.71 -37.59 22.79
N TYR A 67 -80.73 -36.77 22.58
CA TYR A 67 -81.94 -37.17 21.85
C TYR A 67 -82.42 -36.11 20.89
N ASP A 68 -83.01 -36.56 19.79
CA ASP A 68 -83.64 -35.69 18.80
C ASP A 68 -85.14 -35.50 18.97
N THR A 69 -85.77 -36.21 19.91
CA THR A 69 -87.22 -36.14 20.07
C THR A 69 -87.59 -36.11 21.55
N LYS A 70 -88.90 -35.97 21.80
CA LYS A 70 -89.46 -35.77 23.13
C LYS A 70 -89.12 -36.99 23.99
N LEU A 71 -88.83 -36.74 25.27
CA LEU A 71 -88.53 -37.78 26.26
C LEU A 71 -89.69 -38.75 26.46
N SER A 72 -90.91 -38.41 26.03
CA SER A 72 -92.00 -39.36 26.05
C SER A 72 -91.72 -40.58 25.19
N ASP A 73 -90.91 -40.42 24.15
CA ASP A 73 -90.75 -41.43 23.13
C ASP A 73 -89.69 -42.48 23.46
N ASN A 74 -88.89 -42.28 24.52
CA ASN A 74 -87.70 -43.10 24.76
C ASN A 74 -87.76 -43.84 26.09
N LYS A 75 -88.97 -44.14 26.60
CA LYS A 75 -89.16 -44.75 27.91
C LYS A 75 -88.36 -46.04 28.09
N ALA A 76 -88.28 -46.86 27.04
CA ALA A 76 -87.52 -48.10 27.10
C ALA A 76 -86.05 -47.83 27.39
N ASP A 77 -85.51 -46.78 26.77
CA ASP A 77 -84.10 -46.46 26.99
C ASP A 77 -83.85 -45.96 28.40
N LEU A 78 -84.76 -45.14 28.94
CA LEU A 78 -84.61 -44.64 30.31
C LEU A 78 -84.66 -45.78 31.32
N ILE A 79 -85.56 -46.73 31.11
CA ILE A 79 -85.67 -47.90 31.99
C ILE A 79 -84.40 -48.75 31.92
N GLU A 80 -83.92 -49.01 30.68
CA GLU A 80 -82.67 -49.74 30.46
C GLU A 80 -81.50 -49.08 31.19
N MET A 81 -81.45 -47.74 31.14
CA MET A 81 -80.38 -46.98 31.80
C MET A 81 -80.41 -47.18 33.31
N ILE A 82 -81.59 -47.08 33.92
CA ILE A 82 -81.69 -47.20 35.37
C ILE A 82 -81.23 -48.58 35.85
N GLU A 83 -81.72 -49.63 35.17
CA GLU A 83 -81.39 -50.98 35.63
C GLU A 83 -79.91 -51.31 35.39
N LYS A 84 -79.33 -50.83 34.27
CA LYS A 84 -77.90 -51.04 34.05
C LYS A 84 -77.07 -50.33 35.11
N SER A 85 -77.52 -49.14 35.55
CA SER A 85 -76.77 -48.39 36.54
C SER A 85 -76.68 -49.13 37.86
N LYS A 86 -77.81 -49.70 38.32
CA LYS A 86 -77.74 -50.44 39.58
C LYS A 86 -76.96 -51.75 39.41
N LYS A 87 -77.09 -52.40 38.24
CA LYS A 87 -76.35 -53.62 37.97
C LYS A 87 -74.84 -53.39 38.03
N ALA A 88 -74.39 -52.24 37.52
CA ALA A 88 -72.95 -52.00 37.43
C ALA A 88 -72.30 -51.85 38.81
N TYR A 89 -73.00 -51.18 39.78
CA TYR A 89 -72.52 -51.04 41.16
C TYR A 89 -73.68 -51.01 42.15
N PRO A 90 -73.78 -52.03 43.02
CA PRO A 90 -75.03 -52.22 43.80
C PRO A 90 -75.23 -51.28 44.98
N GLY A 91 -74.23 -50.50 45.40
CA GLY A 91 -74.44 -49.62 46.55
C GLY A 91 -75.06 -48.26 46.23
N LEU A 92 -75.38 -48.02 44.96
CA LEU A 92 -75.77 -46.70 44.48
C LEU A 92 -77.11 -46.26 45.06
N SER A 93 -77.22 -44.94 45.33
CA SER A 93 -78.42 -44.38 45.97
C SER A 93 -78.98 -43.12 45.32
N LYS A 94 -78.20 -42.30 44.61
CA LYS A 94 -78.67 -41.12 43.90
C LYS A 94 -78.03 -41.09 42.52
N ILE A 95 -78.76 -40.66 41.50
CA ILE A 95 -78.23 -40.55 40.14
C ILE A 95 -78.55 -39.18 39.55
N ILE A 96 -77.51 -38.49 39.07
CA ILE A 96 -77.66 -37.26 38.31
C ILE A 96 -77.81 -37.63 36.83
N PHE A 97 -78.90 -37.21 36.20
CA PHE A 97 -79.16 -37.52 34.79
C PHE A 97 -79.16 -36.25 33.95
N TYR A 98 -78.37 -36.25 32.87
CA TYR A 98 -78.20 -35.12 31.96
C TYR A 98 -78.79 -35.43 30.59
N THR A 99 -79.48 -34.45 30.00
CA THR A 99 -79.98 -34.59 28.64
C THR A 99 -80.21 -33.23 28.02
N ASN A 100 -80.26 -33.20 26.68
CA ASN A 100 -80.46 -31.97 25.94
C ASN A 100 -81.93 -31.58 25.76
N GLN A 101 -82.86 -32.44 26.16
CA GLN A 101 -84.30 -32.27 25.97
C GLN A 101 -85.00 -31.73 27.21
N GLU A 102 -86.33 -31.56 27.10
CA GLU A 102 -87.20 -31.10 28.18
C GLU A 102 -88.47 -31.94 28.21
N TRP A 103 -89.07 -32.04 29.40
CA TRP A 103 -90.37 -32.70 29.55
C TRP A 103 -91.50 -31.71 29.30
N GLY A 104 -92.64 -32.23 28.84
CA GLY A 104 -93.82 -31.42 28.61
C GLY A 104 -94.74 -31.45 29.82
N GLN A 105 -95.39 -30.32 30.06
CA GLN A 105 -96.16 -30.14 31.29
C GLN A 105 -97.45 -30.97 31.23
N GLY A 106 -97.74 -31.66 32.33
CA GLY A 106 -98.88 -32.54 32.39
C GLY A 106 -100.17 -31.83 32.74
N ASN A 127 -93.26 -34.08 41.19
CA ASN A 127 -93.91 -32.79 41.22
C ASN A 127 -95.31 -32.93 40.63
N SER A 128 -96.23 -32.07 41.10
CA SER A 128 -97.64 -32.24 40.81
C SER A 128 -97.96 -32.10 39.33
N ASN A 129 -97.12 -31.40 38.57
CA ASN A 129 -97.38 -31.13 37.17
C ASN A 129 -96.74 -32.15 36.22
N ASP A 130 -96.11 -33.21 36.74
CA ASP A 130 -95.31 -34.11 35.91
C ASP A 130 -96.19 -35.00 35.02
N PRO A 131 -95.73 -35.31 33.81
CA PRO A 131 -96.46 -36.23 32.95
C PRO A 131 -96.26 -37.68 33.36
N LYS A 132 -97.13 -38.54 32.81
CA LYS A 132 -97.27 -39.92 33.27
C LYS A 132 -96.01 -40.76 33.10
N ILE A 133 -95.29 -40.58 31.97
CA ILE A 133 -94.07 -41.37 31.75
C ILE A 133 -93.00 -41.02 32.80
N LYS A 134 -92.93 -39.74 33.19
CA LYS A 134 -91.93 -39.33 34.18
C LYS A 134 -92.22 -39.95 35.54
N ILE A 135 -93.49 -39.98 35.94
CA ILE A 135 -93.80 -40.58 37.23
C ILE A 135 -93.69 -42.10 37.16
N GLU A 136 -93.84 -42.71 35.99
CA GLU A 136 -93.58 -44.14 35.86
C GLU A 136 -92.09 -44.47 36.06
N VAL A 137 -91.20 -43.72 35.38
CA VAL A 137 -89.77 -43.99 35.56
C VAL A 137 -89.31 -43.61 36.97
N ASP A 138 -89.85 -42.53 37.54
CA ASP A 138 -89.54 -42.19 38.93
C ASP A 138 -89.98 -43.27 39.90
N GLN A 139 -91.12 -43.92 39.63
CA GLN A 139 -91.58 -45.00 40.50
C GLN A 139 -90.62 -46.18 40.44
N LYS A 140 -90.18 -46.56 39.24
CA LYS A 140 -89.25 -47.69 39.13
C LYS A 140 -87.91 -47.35 39.80
N ALA A 141 -87.49 -46.08 39.73
CA ALA A 141 -86.26 -45.68 40.40
C ALA A 141 -86.35 -45.87 41.91
N TYR A 142 -87.44 -45.40 42.52
CA TYR A 142 -87.63 -45.55 43.95
C TYR A 142 -87.70 -47.01 44.36
N GLU A 143 -88.41 -47.83 43.58
CA GLU A 143 -88.55 -49.24 43.89
C GLU A 143 -87.22 -49.99 43.78
N SER A 144 -86.26 -49.44 43.04
CA SER A 144 -84.90 -49.96 43.02
C SER A 144 -84.00 -49.31 44.06
N GLY A 145 -84.55 -48.41 44.89
CA GLY A 145 -83.80 -47.77 45.96
C GLY A 145 -83.14 -46.45 45.60
N ILE A 146 -83.48 -45.86 44.45
CA ILE A 146 -82.69 -44.79 43.84
C ILE A 146 -83.54 -43.52 43.73
N GLU A 147 -82.90 -42.37 43.94
CA GLU A 147 -83.44 -41.05 43.60
C GLU A 147 -82.76 -40.54 42.33
N ILE A 148 -83.56 -39.98 41.41
CA ILE A 148 -83.04 -39.37 40.18
C ILE A 148 -83.16 -37.86 40.26
N VAL A 149 -82.06 -37.16 39.95
CA VAL A 149 -82.01 -35.72 39.80
C VAL A 149 -82.01 -35.40 38.31
N TRP A 150 -83.00 -34.63 37.87
CA TRP A 150 -83.19 -34.40 36.43
C TRP A 150 -82.58 -33.07 36.03
N ARG A 151 -81.58 -33.10 35.14
CA ARG A 151 -80.98 -31.88 34.62
C ARG A 151 -81.21 -31.79 33.11
N VAL A 152 -82.33 -31.15 32.78
CA VAL A 152 -82.83 -30.81 31.46
C VAL A 152 -82.19 -29.53 30.94
N ALA A 153 -82.63 -29.08 29.75
CA ALA A 153 -82.01 -28.00 28.99
C ALA A 153 -81.76 -26.72 29.79
N SER A 154 -82.61 -26.43 30.79
CA SER A 154 -82.45 -25.19 31.54
C SER A 154 -81.22 -25.21 32.45
N PHE A 155 -80.61 -26.37 32.66
CA PHE A 155 -79.35 -26.44 33.39
C PHE A 155 -78.21 -25.79 32.61
N PHE A 156 -78.13 -26.09 31.32
CA PHE A 156 -77.04 -25.59 30.49
C PHE A 156 -77.13 -24.09 30.23
N GLU A 157 -78.27 -23.46 30.55
CA GLU A 157 -78.44 -22.01 30.41
C GLU A 157 -78.01 -21.23 31.64
N SER A 158 -77.60 -21.90 32.73
CA SER A 158 -77.43 -21.36 34.08
C SER A 158 -76.03 -20.76 34.27
N PRO A 159 -75.83 -19.91 35.31
CA PRO A 159 -74.50 -19.32 35.53
C PRO A 159 -73.37 -20.30 35.75
N PHE A 160 -73.65 -21.46 36.36
CA PHE A 160 -72.61 -22.47 36.59
C PHE A 160 -71.99 -22.95 35.27
N VAL A 161 -72.82 -23.16 34.25
CA VAL A 161 -72.29 -23.63 32.97
C VAL A 161 -71.79 -22.48 32.12
N ILE A 162 -72.50 -21.36 32.13
CA ILE A 162 -72.30 -20.29 31.14
C ILE A 162 -71.25 -19.27 31.61
N VAL A 163 -71.22 -18.91 32.88
CA VAL A 163 -70.32 -17.88 33.36
C VAL A 163 -69.09 -18.47 34.04
N GLU A 164 -69.27 -19.48 34.89
CA GLU A 164 -68.15 -20.03 35.64
C GLU A 164 -67.28 -20.96 34.79
N ASN A 165 -67.87 -21.76 33.91
CA ASN A 165 -67.14 -22.75 33.13
C ASN A 165 -67.16 -22.44 31.64
N GLU A 166 -67.01 -21.16 31.28
CA GLU A 166 -67.19 -20.70 29.90
C GLU A 166 -66.14 -21.27 28.95
N LYS A 167 -64.93 -21.56 29.44
CA LYS A 167 -63.88 -22.08 28.57
C LYS A 167 -64.19 -23.49 28.10
N ILE A 168 -64.89 -24.28 28.92
CA ILE A 168 -65.31 -25.61 28.52
C ILE A 168 -66.52 -25.54 27.60
N ALA A 169 -67.50 -24.72 27.97
CA ALA A 169 -68.74 -24.62 27.20
C ALA A 169 -68.49 -24.14 25.77
N LYS A 170 -67.48 -23.30 25.58
CA LYS A 170 -67.19 -22.73 24.27
C LYS A 170 -66.69 -23.78 23.28
N HIS A 171 -66.09 -24.87 23.78
CA HIS A 171 -65.68 -25.95 22.89
C HIS A 171 -66.87 -26.60 22.21
N PHE A 172 -67.96 -26.77 22.94
CA PHE A 172 -69.08 -27.56 22.45
C PHE A 172 -70.17 -26.72 21.78
N PHE A 173 -70.38 -25.47 22.21
CA PHE A 173 -71.43 -24.63 21.64
C PHE A 173 -70.98 -23.70 20.51
N SER A 174 -69.69 -23.63 20.18
CA SER A 174 -69.20 -22.68 19.19
C SER A 174 -68.38 -23.37 18.10
N LEU A 175 -68.43 -22.80 16.89
CA LEU A 175 -67.66 -23.31 15.76
C LEU A 175 -66.28 -22.67 15.64
N ASN A 176 -65.97 -21.65 16.43
CA ASN A 176 -64.63 -21.07 16.51
C ASN A 176 -63.67 -22.00 17.27
N GLU A 177 -62.39 -21.67 17.21
CA GLU A 177 -61.35 -22.43 17.91
C GLU A 177 -61.35 -22.14 19.41
N SER A 178 -60.86 -23.10 20.19
CA SER A 178 -60.97 -23.13 21.65
C SER A 178 -59.64 -23.53 22.28
N ILE A 179 -59.58 -23.48 23.62
CA ILE A 179 -58.33 -23.73 24.35
C ILE A 179 -57.85 -25.18 24.17
N PHE A 180 -58.78 -26.14 24.07
CA PHE A 180 -58.40 -27.50 23.72
C PHE A 180 -57.71 -27.56 22.34
N ASP A 181 -58.21 -26.79 21.37
CA ASP A 181 -57.60 -26.78 20.04
C ASP A 181 -56.20 -26.17 20.06
N LEU A 182 -55.96 -25.17 20.93
CA LEU A 182 -54.64 -24.56 21.05
C LEU A 182 -53.63 -25.57 21.60
N LEU A 183 -54.00 -26.29 22.66
CA LEU A 183 -53.07 -27.29 23.21
C LEU A 183 -52.76 -28.38 22.19
N GLU A 184 -53.77 -28.76 21.38
CA GLU A 184 -53.53 -29.75 20.34
C GLU A 184 -52.54 -29.26 19.28
N GLU A 185 -52.68 -27.99 18.86
CA GLU A 185 -51.78 -27.43 17.83
C GLU A 185 -50.34 -27.38 18.33
N LYS A 186 -50.15 -27.02 19.61
CA LYS A 186 -48.77 -26.98 20.13
C LYS A 186 -48.15 -28.38 20.29
N ARG A 187 -48.96 -29.39 20.65
CA ARG A 187 -48.41 -30.74 20.74
C ARG A 187 -47.97 -31.26 19.37
N LYS A 188 -48.77 -30.98 18.33
CA LYS A 188 -48.39 -31.34 16.96
C LYS A 188 -47.06 -30.68 16.56
N HIS A 189 -46.91 -29.40 16.90
CA HIS A 189 -45.66 -28.69 16.63
C HIS A 189 -44.46 -29.35 17.28
N THR A 190 -44.62 -29.78 18.54
CA THR A 190 -43.52 -30.45 19.23
C THR A 190 -43.14 -31.76 18.55
N GLU A 191 -44.14 -32.55 18.12
CA GLU A 191 -43.83 -33.80 17.42
C GLU A 191 -43.15 -33.54 16.08
N ASN A 192 -43.51 -32.46 15.39
CA ASN A 192 -42.89 -32.17 14.10
C ASN A 192 -41.43 -31.72 14.26
N VAL A 193 -41.14 -30.92 15.29
CA VAL A 193 -39.79 -30.37 15.44
C VAL A 193 -38.76 -31.48 15.71
N LEU A 194 -39.14 -32.50 16.46
CA LEU A 194 -38.21 -33.55 16.86
C LEU A 194 -38.16 -34.73 15.88
N TYR A 195 -38.86 -34.66 14.75
CA TYR A 195 -38.92 -35.80 13.83
C TYR A 195 -37.57 -36.09 13.17
N GLU A 196 -36.84 -35.04 12.78
CA GLU A 196 -35.62 -35.22 12.01
C GLU A 196 -34.46 -35.67 12.88
N ILE A 197 -34.51 -35.40 14.19
CA ILE A 197 -33.39 -35.62 15.08
C ILE A 197 -33.06 -37.10 15.19
N GLN A 198 -31.79 -37.44 15.00
CA GLN A 198 -31.29 -38.81 15.00
C GLN A 198 -30.63 -39.12 16.35
N THR A 199 -30.92 -40.30 16.88
CA THR A 199 -30.37 -40.70 18.18
C THR A 199 -29.39 -41.86 18.11
N ASN A 200 -29.10 -42.39 16.92
CA ASN A 200 -28.12 -43.45 16.75
C ASN A 200 -27.64 -43.48 15.29
N ILE A 201 -26.60 -44.27 15.04
CA ILE A 201 -26.02 -44.46 13.71
C ILE A 201 -26.32 -45.88 13.27
N GLU A 202 -26.79 -46.04 12.02
CA GLU A 202 -27.16 -47.34 11.47
C GLU A 202 -26.25 -47.73 10.31
N PHE A 203 -25.72 -48.95 10.38
CA PHE A 203 -24.52 -49.36 9.64
C PHE A 203 -24.51 -50.89 9.54
N LYS A 204 -24.51 -51.41 8.31
CA LYS A 204 -24.50 -52.86 8.01
C LYS A 204 -25.56 -53.62 8.82
N ASP A 205 -26.80 -53.15 8.70
CA ASP A 205 -28.03 -53.65 9.31
C ASP A 205 -27.99 -53.69 10.86
N ARG A 206 -27.14 -52.87 11.48
CA ARG A 206 -26.94 -52.80 12.93
C ARG A 206 -26.92 -51.35 13.39
N SER A 207 -27.39 -51.11 14.63
CA SER A 207 -27.50 -49.76 15.19
C SER A 207 -26.47 -49.52 16.30
N ILE A 208 -25.79 -48.37 16.22
CA ILE A 208 -24.67 -48.01 17.11
C ILE A 208 -25.11 -46.83 17.99
N GLU A 209 -24.97 -46.98 19.31
CA GLU A 209 -25.37 -45.94 20.25
C GLU A 209 -24.25 -45.64 21.24
N ILE A 210 -23.97 -44.35 21.44
CA ILE A 210 -23.17 -43.88 22.57
C ILE A 210 -24.07 -43.79 23.80
N ASP A 211 -23.59 -44.33 24.93
CA ASP A 211 -24.36 -44.31 26.16
C ASP A 211 -24.41 -42.90 26.75
N ARG A 212 -25.62 -42.40 27.00
CA ARG A 212 -25.82 -41.06 27.55
C ARG A 212 -26.56 -41.05 28.87
N ARG A 213 -26.75 -42.21 29.53
CA ARG A 213 -27.59 -42.30 30.74
C ARG A 213 -27.08 -41.45 31.89
N HIS A 214 -25.76 -41.25 32.00
CA HIS A 214 -25.20 -40.38 33.02
C HIS A 214 -25.67 -38.94 32.86
N CYS A 215 -25.62 -38.43 31.62
CA CYS A 215 -26.06 -37.07 31.36
C CYS A 215 -27.55 -36.92 31.60
N ILE A 216 -28.33 -37.94 31.22
CA ILE A 216 -29.77 -37.91 31.37
C ILE A 216 -30.17 -37.88 32.84
N GLU A 217 -29.47 -38.66 33.68
CA GLU A 217 -29.74 -38.61 35.11
C GLU A 217 -29.35 -37.28 35.73
N LEU A 218 -28.22 -36.70 35.29
CA LEU A 218 -27.86 -35.36 35.79
C LEU A 218 -28.93 -34.32 35.43
N LEU A 219 -29.53 -34.43 34.24
CA LEU A 219 -30.56 -33.47 33.84
C LEU A 219 -31.83 -33.63 34.69
N HIS A 220 -32.27 -34.88 34.91
CA HIS A 220 -33.41 -35.13 35.80
C HIS A 220 -33.17 -34.56 37.20
N GLU A 221 -31.95 -34.68 37.71
CA GLU A 221 -31.63 -34.20 39.06
C GLU A 221 -31.66 -32.67 39.13
N ASN A 222 -31.03 -32.02 38.14
CA ASN A 222 -30.99 -30.56 38.11
C ASN A 222 -32.38 -29.95 38.04
N LEU A 223 -33.29 -30.58 37.28
CA LEU A 223 -34.64 -30.02 37.19
C LEU A 223 -35.42 -30.10 38.50
N VAL A 224 -35.04 -31.00 39.41
CA VAL A 224 -35.66 -31.01 40.73
C VAL A 224 -35.07 -29.92 41.61
N GLN A 225 -33.75 -29.75 41.58
CA GLN A 225 -33.18 -28.75 42.49
C GLN A 225 -33.35 -27.31 42.01
N LYS A 226 -33.43 -27.08 40.70
CA LYS A 226 -33.34 -25.74 40.14
C LYS A 226 -34.40 -25.53 39.07
N LYS A 227 -34.68 -24.26 38.78
CA LYS A 227 -35.74 -23.91 37.85
C LYS A 227 -35.27 -23.88 36.39
N ILE A 228 -34.01 -23.49 36.16
CA ILE A 228 -33.47 -23.29 34.81
C ILE A 228 -32.19 -24.11 34.65
N VAL A 229 -32.05 -24.80 33.51
CA VAL A 229 -30.86 -25.57 33.17
C VAL A 229 -30.39 -25.17 31.77
N ILE A 230 -29.07 -25.03 31.61
CA ILE A 230 -28.44 -24.76 30.32
C ILE A 230 -27.57 -25.95 29.94
N VAL A 231 -27.85 -26.53 28.76
CA VAL A 231 -27.08 -27.65 28.20
C VAL A 231 -26.23 -27.10 27.06
N SER A 232 -24.92 -27.38 27.09
CA SER A 232 -23.98 -26.66 26.23
C SER A 232 -22.89 -27.57 25.68
N GLY A 233 -22.29 -27.12 24.59
CA GLY A 233 -21.23 -27.86 23.91
C GLY A 233 -21.09 -27.44 22.47
N GLU A 234 -20.06 -27.99 21.82
CA GLU A 234 -19.76 -27.70 20.43
C GLU A 234 -20.82 -28.32 19.50
N GLY A 235 -20.76 -27.92 18.23
CA GLY A 235 -21.76 -28.37 17.27
C GLY A 235 -21.62 -29.84 16.92
N GLY A 236 -22.77 -30.46 16.67
CA GLY A 236 -22.81 -31.85 16.24
C GLY A 236 -22.52 -32.86 17.32
N VAL A 237 -22.50 -32.43 18.58
CA VAL A 237 -22.05 -33.31 19.66
C VAL A 237 -23.18 -34.11 20.29
N GLY A 238 -24.43 -33.75 20.04
CA GLY A 238 -25.57 -34.53 20.51
C GLY A 238 -26.50 -33.86 21.50
N LYS A 239 -26.52 -32.53 21.57
CA LYS A 239 -27.33 -31.82 22.58
C LYS A 239 -28.82 -32.05 22.38
N THR A 240 -29.29 -32.06 21.14
CA THR A 240 -30.73 -32.23 20.88
C THR A 240 -31.19 -33.68 21.04
N ALA A 241 -30.31 -34.65 20.78
CA ALA A 241 -30.69 -36.05 20.91
C ALA A 241 -30.98 -36.43 22.36
N VAL A 242 -30.25 -35.80 23.30
CA VAL A 242 -30.53 -36.00 24.71
C VAL A 242 -31.94 -35.52 25.06
N ILE A 243 -32.31 -34.34 24.55
CA ILE A 243 -33.67 -33.82 24.75
C ILE A 243 -34.70 -34.77 24.17
N LYS A 244 -34.40 -35.38 23.02
CA LYS A 244 -35.31 -36.37 22.45
C LYS A 244 -35.47 -37.58 23.36
N LYS A 245 -34.39 -38.00 24.03
CA LYS A 245 -34.54 -39.14 24.93
C LYS A 245 -35.28 -38.78 26.22
N ILE A 246 -35.18 -37.53 26.70
CA ILE A 246 -36.01 -37.11 27.82
C ILE A 246 -37.50 -37.13 27.44
N TYR A 247 -37.81 -36.60 26.27
CA TYR A 247 -39.21 -36.42 25.83
C TYR A 247 -39.95 -37.74 25.72
N GLU A 248 -39.30 -38.76 25.14
CA GLU A 248 -39.88 -40.09 24.99
C GLU A 248 -40.15 -40.80 26.32
N ALA A 249 -39.59 -40.32 27.42
CA ALA A 249 -39.89 -40.90 28.72
C ALA A 249 -40.97 -40.18 29.50
N GLU A 250 -41.45 -39.02 29.02
CA GLU A 250 -42.33 -38.19 29.82
C GLU A 250 -43.58 -37.67 29.10
N LYS A 251 -43.72 -37.88 27.77
CA LYS A 251 -44.76 -37.21 26.99
C LYS A 251 -46.17 -37.52 27.46
N GLN A 252 -46.38 -38.67 28.12
CA GLN A 252 -47.74 -39.03 28.53
C GLN A 252 -48.16 -38.34 29.83
N TYR A 253 -47.26 -38.24 30.80
CA TYR A 253 -47.65 -37.83 32.15
C TYR A 253 -47.60 -36.32 32.36
N THR A 254 -46.80 -35.59 31.59
CA THR A 254 -46.33 -34.26 31.95
C THR A 254 -46.39 -33.33 30.75
N PRO A 255 -46.69 -32.04 30.95
CA PRO A 255 -46.56 -31.06 29.85
C PRO A 255 -45.10 -30.83 29.46
N PHE A 256 -44.84 -30.89 28.14
CA PHE A 256 -43.48 -30.83 27.60
C PHE A 256 -43.55 -30.25 26.19
N TYR A 257 -42.98 -29.06 25.98
CA TYR A 257 -43.07 -28.33 24.71
C TYR A 257 -41.69 -27.85 24.26
N VAL A 258 -41.47 -27.84 22.94
CA VAL A 258 -40.20 -27.42 22.32
C VAL A 258 -40.46 -26.30 21.32
N PHE A 259 -39.69 -25.22 21.42
CA PHE A 259 -39.74 -24.07 20.52
C PHE A 259 -38.35 -23.80 19.93
N LYS A 260 -38.29 -23.52 18.64
CA LYS A 260 -37.04 -23.08 18.01
C LYS A 260 -36.80 -21.60 18.28
N ALA A 261 -35.53 -21.23 18.44
CA ALA A 261 -35.17 -19.82 18.67
C ALA A 261 -35.50 -18.94 17.47
N SER A 262 -35.69 -19.55 16.29
CA SER A 262 -36.08 -18.82 15.10
C SER A 262 -37.49 -18.24 15.20
N GLU A 263 -38.32 -18.75 16.11
CA GLU A 263 -39.73 -18.42 16.09
C GLU A 263 -40.03 -17.04 16.68
N PHE A 264 -39.15 -16.50 17.51
CA PHE A 264 -39.43 -15.26 18.22
C PHE A 264 -39.27 -13.99 17.37
N LYS A 265 -39.05 -14.12 16.07
CA LYS A 265 -39.09 -13.01 15.12
C LYS A 265 -40.54 -12.64 14.85
N LYS A 266 -41.10 -11.82 15.75
CA LYS A 266 -42.50 -11.40 15.70
C LYS A 266 -42.58 -9.97 16.21
N ASP A 267 -43.70 -9.30 15.93
CA ASP A 267 -43.93 -8.00 16.57
C ASP A 267 -44.47 -8.13 17.99
N SER A 268 -45.22 -9.19 18.28
CA SER A 268 -45.78 -9.43 19.60
C SER A 268 -45.66 -10.92 19.92
N ILE A 269 -45.48 -11.24 21.20
CA ILE A 269 -45.38 -12.64 21.60
C ILE A 269 -46.71 -13.36 21.44
N ASN A 270 -47.84 -12.63 21.50
CA ASN A 270 -49.14 -13.24 21.33
C ASN A 270 -49.40 -13.73 19.91
N GLU A 271 -48.54 -13.37 18.95
CA GLU A 271 -48.67 -13.90 17.59
C GLU A 271 -48.41 -15.40 17.52
N LEU A 272 -47.73 -15.98 18.50
CA LEU A 272 -47.47 -17.43 18.50
C LEU A 272 -48.67 -18.26 18.92
N PHE A 273 -49.71 -17.64 19.50
CA PHE A 273 -50.76 -18.38 20.18
C PHE A 273 -52.14 -18.12 19.60
N GLY A 274 -52.21 -17.68 18.35
CA GLY A 274 -53.50 -17.56 17.68
C GLY A 274 -54.33 -16.40 18.21
N ALA A 275 -55.62 -16.63 18.40
CA ALA A 275 -56.51 -15.62 18.94
C ALA A 275 -56.45 -15.57 20.46
N HIS A 276 -55.87 -16.58 21.08
CA HIS A 276 -55.56 -16.55 22.48
C HIS A 276 -54.19 -15.90 22.70
N GLY A 277 -53.88 -15.63 23.97
CA GLY A 277 -52.63 -15.02 24.34
C GLY A 277 -51.68 -16.01 24.99
N LEU A 278 -50.51 -15.50 25.37
CA LEU A 278 -49.57 -16.30 26.15
C LEU A 278 -50.14 -16.61 27.53
N ASP A 279 -50.83 -15.65 28.13
CA ASP A 279 -51.39 -15.84 29.46
C ASP A 279 -52.50 -16.87 29.47
N ASP A 280 -53.25 -17.01 28.35
CA ASP A 280 -54.25 -18.07 28.25
C ASP A 280 -53.60 -19.44 28.23
N PHE A 281 -52.57 -19.61 27.39
CA PHE A 281 -51.86 -20.88 27.29
C PHE A 281 -51.23 -21.26 28.63
N SER A 282 -50.66 -20.27 29.33
CA SER A 282 -50.07 -20.53 30.63
C SER A 282 -51.12 -20.93 31.67
N ASN A 283 -52.28 -20.26 31.66
CA ASN A 283 -53.33 -20.56 32.64
C ASN A 283 -53.93 -21.94 32.46
N ALA A 284 -53.87 -22.49 31.24
CA ALA A 284 -54.39 -23.84 31.02
C ALA A 284 -53.60 -24.92 31.74
N HIS A 285 -52.41 -24.60 32.27
CA HIS A 285 -51.57 -25.54 32.99
C HIS A 285 -51.35 -25.17 34.45
N GLN A 286 -52.22 -24.35 35.05
CA GLN A 286 -51.95 -23.80 36.38
C GLN A 286 -52.02 -24.84 37.51
N ASP A 287 -52.65 -25.99 37.29
CA ASP A 287 -52.77 -27.02 38.31
C ASP A 287 -51.67 -28.08 38.26
N GLU A 288 -50.65 -27.89 37.42
CA GLU A 288 -49.55 -28.84 37.25
C GLU A 288 -48.29 -28.30 37.91
N LEU A 289 -47.61 -29.14 38.72
CA LEU A 289 -46.39 -28.70 39.38
C LEU A 289 -45.14 -28.94 38.52
N ARG A 290 -45.03 -30.11 37.87
CA ARG A 290 -43.97 -30.39 36.91
C ARG A 290 -44.45 -30.05 35.51
N LYS A 291 -43.71 -29.17 34.81
CA LYS A 291 -44.06 -28.73 33.46
C LYS A 291 -42.86 -28.03 32.82
N VAL A 292 -42.52 -28.40 31.58
CA VAL A 292 -41.22 -28.09 30.96
C VAL A 292 -41.42 -27.40 29.62
N ILE A 293 -40.60 -26.36 29.38
CA ILE A 293 -40.44 -25.75 28.06
C ILE A 293 -38.95 -25.78 27.67
N VAL A 294 -38.68 -26.18 26.43
CA VAL A 294 -37.34 -26.21 25.85
C VAL A 294 -37.22 -25.13 24.78
N VAL A 295 -36.18 -24.31 24.88
CA VAL A 295 -35.79 -23.37 23.84
C VAL A 295 -34.54 -23.90 23.17
N ASP A 296 -34.62 -24.18 21.87
CA ASP A 296 -33.61 -24.96 21.17
C ASP A 296 -32.79 -24.09 20.22
N SER A 297 -31.46 -24.28 20.25
CA SER A 297 -30.46 -23.49 19.51
C SER A 297 -30.49 -22.02 19.93
N ALA A 298 -30.27 -21.78 21.22
CA ALA A 298 -30.45 -20.46 21.81
C ALA A 298 -29.49 -19.43 21.24
N GLU A 299 -28.34 -19.86 20.71
CA GLU A 299 -27.38 -18.90 20.19
C GLU A 299 -27.88 -18.19 18.93
N LYS A 300 -28.93 -18.71 18.28
CA LYS A 300 -29.58 -18.01 17.17
C LYS A 300 -30.37 -16.77 17.61
N LEU A 301 -30.57 -16.55 18.91
CA LEU A 301 -31.21 -15.33 19.38
C LEU A 301 -30.37 -14.10 19.06
N LEU A 302 -29.06 -14.28 18.88
CA LEU A 302 -28.17 -13.20 18.49
C LEU A 302 -28.48 -12.64 17.11
N GLU A 303 -29.25 -13.36 16.28
CA GLU A 303 -29.63 -12.90 14.96
C GLU A 303 -30.83 -11.95 14.96
N LEU A 304 -31.54 -11.82 16.08
CA LEU A 304 -32.76 -11.03 16.12
C LEU A 304 -32.45 -9.54 16.27
N THR A 305 -33.09 -8.70 15.44
CA THR A 305 -32.94 -7.26 15.59
C THR A 305 -33.84 -6.68 16.68
N ASN A 306 -34.88 -7.39 17.10
CA ASN A 306 -35.75 -6.98 18.21
C ASN A 306 -35.85 -8.15 19.18
N ILE A 307 -35.47 -7.91 20.44
CA ILE A 307 -35.42 -8.95 21.47
C ILE A 307 -36.54 -8.80 22.50
N ASP A 308 -37.38 -7.79 22.36
CA ASP A 308 -38.43 -7.52 23.36
C ASP A 308 -39.48 -8.64 23.51
N PRO A 309 -40.01 -9.27 22.42
CA PRO A 309 -40.96 -10.38 22.65
C PRO A 309 -40.41 -11.54 23.47
N PHE A 310 -39.14 -11.89 23.28
CA PHE A 310 -38.55 -12.99 24.03
C PHE A 310 -38.45 -12.67 25.52
N LYS A 311 -38.11 -11.43 25.85
CA LYS A 311 -38.04 -11.03 27.24
C LYS A 311 -39.40 -11.10 27.91
N GLU A 312 -40.47 -10.71 27.20
CA GLU A 312 -41.80 -10.85 27.81
C GLU A 312 -42.18 -12.33 28.00
N PHE A 313 -41.81 -13.18 27.04
CA PHE A 313 -42.00 -14.64 27.16
C PHE A 313 -41.40 -15.19 28.46
N LEU A 314 -40.12 -14.87 28.70
CA LEU A 314 -39.47 -15.35 29.93
C LEU A 314 -40.12 -14.78 31.18
N THR A 315 -40.56 -13.51 31.14
CA THR A 315 -41.17 -12.93 32.34
C THR A 315 -42.44 -13.68 32.75
N VAL A 316 -43.30 -14.01 31.78
CA VAL A 316 -44.51 -14.75 32.12
C VAL A 316 -44.16 -16.15 32.62
N LEU A 317 -43.19 -16.82 32.00
CA LEU A 317 -42.86 -18.18 32.45
C LEU A 317 -42.25 -18.21 33.85
N ILE A 318 -41.42 -17.21 34.19
CA ILE A 318 -40.85 -17.14 35.53
C ILE A 318 -41.92 -16.87 36.58
N LYS A 319 -42.88 -15.99 36.25
CA LYS A 319 -43.94 -15.70 37.23
C LYS A 319 -44.83 -16.90 37.50
N ASP A 320 -45.13 -17.71 36.47
CA ASP A 320 -46.03 -18.84 36.62
C ASP A 320 -45.34 -20.14 37.01
N LYS A 321 -44.01 -20.10 37.26
CA LYS A 321 -43.23 -21.19 37.86
C LYS A 321 -43.14 -22.44 36.97
N TRP A 322 -42.79 -22.23 35.70
CA TRP A 322 -42.39 -23.29 34.79
C TRP A 322 -40.92 -23.66 35.02
N GLN A 323 -40.54 -24.87 34.60
CA GLN A 323 -39.14 -25.25 34.47
C GLN A 323 -38.69 -25.12 33.02
N VAL A 324 -37.50 -24.54 32.80
CA VAL A 324 -37.04 -24.15 31.47
C VAL A 324 -35.66 -24.75 31.20
N VAL A 325 -35.45 -25.24 29.97
CA VAL A 325 -34.19 -25.80 29.50
C VAL A 325 -33.76 -25.10 28.21
N PHE A 326 -32.46 -24.84 28.09
CA PHE A 326 -31.83 -24.25 26.92
C PHE A 326 -30.78 -25.20 26.34
N THR A 327 -30.69 -25.27 25.02
CA THR A 327 -29.54 -25.85 24.32
C THR A 327 -28.80 -24.75 23.58
N THR A 328 -27.48 -24.72 23.72
CA THR A 328 -26.70 -23.62 23.19
C THR A 328 -25.29 -24.07 22.84
N ARG A 329 -24.67 -23.37 21.89
CA ARG A 329 -23.23 -23.48 21.67
C ARG A 329 -22.49 -22.52 22.62
N ASN A 330 -21.16 -22.64 22.65
CA ASN A 330 -20.37 -22.01 23.70
C ASN A 330 -20.27 -20.49 23.58
N ASN A 331 -20.62 -19.91 22.45
CA ASN A 331 -20.38 -18.47 22.28
C ASN A 331 -21.41 -17.61 23.02
N TYR A 332 -22.59 -18.16 23.34
CA TYR A 332 -23.67 -17.41 23.98
C TYR A 332 -23.86 -17.78 25.45
N LEU A 333 -22.95 -18.54 26.04
CA LEU A 333 -23.19 -19.12 27.36
C LEU A 333 -23.14 -18.06 28.48
N ALA A 334 -22.16 -17.15 28.40
CA ALA A 334 -22.02 -16.15 29.46
C ALA A 334 -23.18 -15.16 29.44
N ASP A 335 -23.71 -14.84 28.26
CA ASP A 335 -24.83 -13.92 28.16
C ASP A 335 -26.07 -14.47 28.87
N LEU A 336 -26.35 -15.77 28.66
CA LEU A 336 -27.48 -16.41 29.34
C LEU A 336 -27.30 -16.39 30.86
N ASN A 337 -26.09 -16.74 31.33
CA ASN A 337 -25.86 -16.76 32.77
C ASN A 337 -25.99 -15.37 33.39
N TYR A 338 -25.44 -14.34 32.72
CA TYR A 338 -25.59 -12.97 33.20
C TYR A 338 -27.05 -12.54 33.27
N ALA A 339 -27.84 -12.85 32.24
CA ALA A 339 -29.22 -12.40 32.22
C ALA A 339 -30.04 -13.00 33.35
N PHE A 340 -29.83 -14.29 33.63
CA PHE A 340 -30.60 -14.85 34.74
C PHE A 340 -30.12 -14.35 36.10
N ILE A 341 -28.84 -14.06 36.25
CA ILE A 341 -28.40 -13.60 37.56
C ILE A 341 -28.75 -12.13 37.80
N ASP A 342 -28.60 -11.28 36.78
CA ASP A 342 -28.84 -9.83 36.96
C ASP A 342 -30.32 -9.51 37.07
N ILE A 343 -31.16 -10.08 36.23
CA ILE A 343 -32.57 -9.66 36.17
C ILE A 343 -33.46 -10.48 37.09
N TYR A 344 -33.46 -11.79 36.92
CA TYR A 344 -34.43 -12.62 37.63
C TYR A 344 -33.91 -13.16 38.96
N LYS A 345 -32.62 -12.92 39.27
CA LYS A 345 -31.98 -13.32 40.53
C LYS A 345 -32.03 -14.83 40.76
N ILE A 346 -31.73 -15.59 39.70
CA ILE A 346 -31.65 -17.05 39.73
C ILE A 346 -30.26 -17.46 39.27
N THR A 347 -29.68 -18.46 39.93
CA THR A 347 -28.44 -19.07 39.48
C THR A 347 -28.77 -20.38 38.78
N PRO A 348 -28.63 -20.47 37.46
CA PRO A 348 -29.05 -21.67 36.74
C PRO A 348 -28.05 -22.80 36.84
N GLY A 349 -28.56 -24.02 36.61
CA GLY A 349 -27.69 -25.17 36.47
C GLY A 349 -27.06 -25.24 35.09
N ASN A 350 -25.82 -25.73 35.04
CA ASN A 350 -25.05 -25.82 33.80
C ASN A 350 -24.57 -27.25 33.57
N LEU A 351 -24.66 -27.73 32.32
CA LEU A 351 -24.21 -29.06 31.92
C LEU A 351 -23.50 -28.99 30.57
N VAL A 352 -22.45 -29.80 30.42
CA VAL A 352 -21.55 -29.78 29.27
C VAL A 352 -21.47 -31.18 28.69
N ILE A 353 -21.57 -31.28 27.36
CA ILE A 353 -21.45 -32.52 26.61
C ILE A 353 -20.25 -32.43 25.67
N LYS A 354 -19.50 -33.54 25.54
CA LYS A 354 -18.18 -33.53 24.91
C LYS A 354 -18.02 -34.63 23.85
N ASN A 355 -16.98 -34.46 23.02
CA ASN A 355 -16.52 -35.46 22.06
C ASN A 355 -16.01 -36.73 22.75
N LEU A 356 -15.78 -37.75 21.95
CA LEU A 356 -15.28 -39.04 22.44
C LEU A 356 -13.80 -38.97 22.80
N GLU A 357 -13.40 -39.82 23.74
CA GLU A 357 -11.99 -40.12 23.98
C GLU A 357 -11.52 -41.27 23.10
N ARG A 358 -10.19 -41.43 23.01
CA ARG A 358 -9.61 -42.43 22.11
C ARG A 358 -9.97 -43.84 22.53
N GLY A 359 -9.95 -44.13 23.84
CA GLY A 359 -10.31 -45.45 24.32
C GLY A 359 -11.75 -45.80 24.04
N GLU A 360 -12.64 -44.82 24.17
CA GLU A 360 -14.05 -45.01 23.86
C GLU A 360 -14.25 -45.32 22.38
N LEU A 361 -13.50 -44.62 21.51
CA LEU A 361 -13.62 -44.86 20.08
C LEU A 361 -13.03 -46.22 19.70
N ILE A 362 -11.97 -46.65 20.39
CA ILE A 362 -11.43 -47.99 20.17
C ILE A 362 -12.47 -49.06 20.53
N GLU A 363 -13.16 -48.88 21.66
CA GLU A 363 -14.14 -49.88 22.06
C GLU A 363 -15.36 -49.86 21.14
N LEU A 364 -15.76 -48.69 20.64
CA LEU A 364 -16.80 -48.63 19.61
C LEU A 364 -16.39 -49.42 18.37
N SER A 365 -15.14 -49.23 17.93
CA SER A 365 -14.62 -49.91 16.75
C SER A 365 -14.59 -51.43 16.95
N ASP A 366 -14.11 -51.89 18.12
CA ASP A 366 -14.03 -53.32 18.36
C ASP A 366 -15.41 -53.96 18.51
N ASN A 367 -16.28 -53.36 19.33
CA ASN A 367 -17.55 -54.01 19.63
C ASN A 367 -18.49 -54.00 18.43
N ASN A 368 -18.51 -52.90 17.66
CA ASN A 368 -19.45 -52.82 16.56
C ASN A 368 -18.88 -53.28 15.21
N GLY A 369 -17.57 -53.52 15.12
CA GLY A 369 -17.00 -54.12 13.93
C GLY A 369 -16.70 -53.21 12.76
N PHE A 370 -15.93 -52.15 12.98
CA PHE A 370 -15.41 -51.32 11.91
C PHE A 370 -13.98 -50.92 12.22
N SER A 371 -13.19 -50.75 11.17
CA SER A 371 -11.79 -50.35 11.33
C SER A 371 -11.65 -48.83 11.28
N LEU A 372 -10.73 -48.31 12.11
CA LEU A 372 -10.46 -46.90 12.23
C LEU A 372 -9.49 -46.43 11.15
N PRO A 373 -9.50 -45.13 10.81
CA PRO A 373 -8.59 -44.62 9.78
C PRO A 373 -7.14 -44.59 10.23
N GLN A 374 -6.25 -44.67 9.24
CA GLN A 374 -4.81 -44.64 9.50
C GLN A 374 -4.28 -43.21 9.65
N ASP A 375 -4.95 -42.23 9.05
CA ASP A 375 -4.51 -40.84 9.07
C ASP A 375 -4.88 -40.20 10.40
N VAL A 376 -3.86 -39.70 11.11
CA VAL A 376 -4.03 -39.12 12.44
C VAL A 376 -4.99 -37.93 12.41
N ARG A 377 -4.95 -37.14 11.35
CA ARG A 377 -5.77 -35.95 11.29
C ARG A 377 -7.24 -36.26 10.97
N LEU A 378 -7.51 -37.43 10.37
CA LEU A 378 -8.90 -37.86 10.18
C LEU A 378 -9.46 -38.50 11.46
N LEU A 379 -8.59 -39.20 12.20
CA LEU A 379 -8.97 -39.79 13.47
C LEU A 379 -9.40 -38.71 14.45
N GLU A 380 -8.71 -37.56 14.45
CA GLU A 380 -9.19 -36.47 15.29
C GLU A 380 -10.56 -35.94 14.86
N LEU A 381 -10.92 -36.07 13.59
CA LEU A 381 -12.21 -35.55 13.14
C LEU A 381 -13.36 -36.46 13.57
N ILE A 382 -13.19 -37.78 13.45
CA ILE A 382 -14.34 -38.64 13.73
C ILE A 382 -14.62 -38.88 15.20
N LYS A 383 -13.90 -38.20 16.11
CA LYS A 383 -14.26 -38.24 17.53
C LYS A 383 -15.55 -37.48 17.84
N ASN A 384 -16.09 -36.75 16.86
CA ASN A 384 -17.32 -35.99 16.96
C ASN A 384 -18.44 -36.78 16.31
N PRO A 385 -19.57 -37.03 16.99
CA PRO A 385 -20.56 -38.00 16.47
C PRO A 385 -21.16 -37.68 15.11
N PHE A 386 -21.33 -36.40 14.77
CA PHE A 386 -21.81 -36.02 13.44
C PHE A 386 -20.86 -36.51 12.34
N TYR A 387 -19.55 -36.30 12.52
CA TYR A 387 -18.59 -36.72 11.52
C TYR A 387 -18.38 -38.23 11.50
N LEU A 388 -18.48 -38.91 12.64
CA LEU A 388 -18.51 -40.38 12.63
C LEU A 388 -19.71 -40.88 11.85
N SER A 389 -20.84 -40.20 11.95
CA SER A 389 -22.01 -40.56 11.14
C SER A 389 -21.73 -40.37 9.66
N GLU A 390 -20.95 -39.37 9.27
CA GLU A 390 -20.61 -39.25 7.85
C GLU A 390 -19.60 -40.31 7.37
N TYR A 391 -18.62 -40.65 8.21
CA TYR A 391 -17.61 -41.65 7.87
C TYR A 391 -18.22 -43.00 7.54
N LEU A 392 -19.17 -43.44 8.36
CA LEU A 392 -19.84 -44.72 8.15
C LEU A 392 -20.90 -44.65 7.06
N ARG A 393 -21.06 -43.53 6.36
CA ARG A 393 -21.93 -43.45 5.20
C ARG A 393 -21.21 -43.81 3.90
N PHE A 394 -19.88 -43.78 3.89
CA PHE A 394 -19.06 -44.01 2.71
C PHE A 394 -18.15 -45.23 2.85
N TYR A 395 -18.56 -46.22 3.66
CA TYR A 395 -17.75 -47.36 4.09
C TYR A 395 -18.30 -48.64 3.47
N THR A 396 -17.44 -49.43 2.84
CA THR A 396 -17.83 -50.67 2.18
C THR A 396 -16.60 -51.52 1.96
N GLY A 397 -16.71 -52.82 2.25
CA GLY A 397 -15.62 -53.74 1.97
C GLY A 397 -14.41 -53.53 2.86
N GLU A 398 -14.66 -52.99 4.06
CA GLU A 398 -13.66 -52.65 5.08
C GLU A 398 -12.69 -51.55 4.61
N SER A 399 -13.21 -50.59 3.83
CA SER A 399 -12.50 -49.36 3.50
C SER A 399 -13.51 -48.29 3.12
N ILE A 400 -13.07 -47.02 3.08
CA ILE A 400 -13.94 -45.89 2.74
C ILE A 400 -13.60 -45.34 1.36
N ASP A 401 -14.63 -44.88 0.66
CA ASP A 401 -14.55 -44.17 -0.63
C ASP A 401 -14.17 -42.72 -0.36
N TYR A 402 -12.86 -42.50 -0.20
CA TYR A 402 -12.32 -41.26 0.36
C TYR A 402 -12.64 -40.04 -0.51
N VAL A 403 -12.65 -40.21 -1.83
CA VAL A 403 -12.88 -39.08 -2.73
C VAL A 403 -14.29 -38.52 -2.57
N SER A 404 -15.29 -39.41 -2.44
CA SER A 404 -16.67 -38.96 -2.28
C SER A 404 -16.88 -38.26 -0.95
N PHE A 405 -16.25 -38.79 0.11
CA PHE A 405 -16.30 -38.20 1.45
C PHE A 405 -15.70 -36.79 1.44
N LYS A 406 -14.55 -36.64 0.78
CA LYS A 406 -13.87 -35.34 0.67
C LYS A 406 -14.73 -34.34 -0.11
N GLU A 407 -15.31 -34.77 -1.23
CA GLU A 407 -16.12 -33.87 -2.05
C GLU A 407 -17.37 -33.39 -1.31
N LYS A 408 -18.08 -34.32 -0.64
CA LYS A 408 -19.26 -33.94 0.11
C LYS A 408 -18.94 -32.94 1.20
N LEU A 409 -17.86 -33.18 1.96
CA LEU A 409 -17.57 -32.27 3.06
C LEU A 409 -17.14 -30.90 2.57
N TRP A 410 -16.28 -30.81 1.54
CA TRP A 410 -15.88 -29.48 1.05
C TRP A 410 -17.11 -28.71 0.56
N ASN A 411 -17.90 -29.31 -0.35
CA ASN A 411 -18.99 -28.55 -0.97
C ASN A 411 -20.12 -28.23 0.01
N LYS A 412 -20.43 -29.13 0.95
CA LYS A 412 -21.55 -28.84 1.87
C LYS A 412 -21.16 -28.08 3.12
N ILE A 413 -19.94 -28.19 3.62
CA ILE A 413 -19.55 -27.50 4.84
C ILE A 413 -18.89 -26.17 4.54
N ILE A 414 -17.93 -26.12 3.62
CA ILE A 414 -17.10 -24.93 3.50
C ILE A 414 -17.64 -23.96 2.45
N VAL A 415 -17.94 -24.45 1.25
CA VAL A 415 -18.40 -23.53 0.21
C VAL A 415 -19.86 -23.15 0.39
N LYS A 416 -20.72 -24.13 0.71
CA LYS A 416 -22.17 -24.03 0.57
C LYS A 416 -22.54 -23.56 -0.82
N ASN A 417 -22.93 -22.29 -0.99
CA ASN A 417 -23.24 -21.79 -2.32
C ASN A 417 -22.56 -20.46 -2.65
N LYS A 418 -21.58 -20.02 -1.86
CA LYS A 418 -20.96 -18.71 -2.05
C LYS A 418 -19.51 -18.83 -2.49
N PRO A 419 -19.12 -18.23 -3.63
CA PRO A 419 -17.70 -18.12 -3.97
C PRO A 419 -16.85 -17.39 -2.93
N SER A 420 -17.41 -16.35 -2.33
CA SER A 420 -16.68 -15.54 -1.37
C SER A 420 -16.25 -16.33 -0.13
N ARG A 421 -17.02 -17.35 0.28
CA ARG A 421 -16.60 -18.24 1.35
C ARG A 421 -15.33 -19.03 0.97
N GLU A 422 -15.32 -19.61 -0.23
CA GLU A 422 -14.17 -20.43 -0.65
C GLU A 422 -12.91 -19.57 -0.78
N GLN A 423 -13.05 -18.38 -1.36
CA GLN A 423 -11.91 -17.47 -1.49
C GLN A 423 -11.36 -17.07 -0.12
N CYS A 424 -12.25 -16.73 0.83
CA CYS A 424 -11.81 -16.34 2.16
C CYS A 424 -11.07 -17.46 2.88
N PHE A 425 -11.60 -18.69 2.78
CA PHE A 425 -10.96 -19.79 3.51
C PHE A 425 -9.60 -20.14 2.95
N LEU A 426 -9.47 -20.15 1.61
CA LEU A 426 -8.18 -20.44 1.01
C LEU A 426 -7.13 -19.38 1.41
N ALA A 427 -7.53 -18.10 1.40
CA ALA A 427 -6.56 -17.07 1.77
C ALA A 427 -6.14 -17.16 3.23
N THR A 428 -7.08 -17.51 4.12
CA THR A 428 -6.75 -17.62 5.54
C THR A 428 -5.74 -18.73 5.81
N ALA A 429 -5.99 -19.91 5.22
CA ALA A 429 -5.07 -21.05 5.44
C ALA A 429 -3.67 -20.75 4.91
N PHE A 430 -3.58 -20.16 3.71
CA PHE A 430 -2.25 -19.86 3.19
C PHE A 430 -1.54 -18.79 4.00
N GLN A 431 -2.27 -17.82 4.56
CA GLN A 431 -1.59 -16.79 5.36
C GLN A 431 -0.98 -17.39 6.62
N ARG A 432 -1.71 -18.31 7.28
CA ARG A 432 -1.12 -19.02 8.42
C ARG A 432 0.14 -19.78 8.01
N ALA A 433 0.08 -20.51 6.89
CA ALA A 433 1.24 -21.33 6.54
C ALA A 433 2.43 -20.48 6.06
N SER A 434 2.17 -19.27 5.56
CA SER A 434 3.24 -18.43 5.03
C SER A 434 3.93 -17.65 6.15
N GLU A 435 3.15 -17.10 7.07
CA GLU A 435 3.71 -16.28 8.14
C GLU A 435 4.26 -17.11 9.31
N GLY A 436 3.92 -18.39 9.39
CA GLY A 436 4.26 -19.19 10.56
C GLY A 436 3.52 -18.78 11.82
N GLN A 437 2.22 -18.53 11.71
CA GLN A 437 1.42 -17.95 12.79
C GLN A 437 0.16 -18.78 13.02
N PHE A 438 -0.21 -18.94 14.30
CA PHE A 438 -1.47 -19.58 14.64
C PHE A 438 -2.65 -18.60 14.54
N PHE A 439 -2.47 -17.35 14.99
CA PHE A 439 -3.49 -16.31 14.96
C PHE A 439 -3.17 -15.30 13.86
N VAL A 440 -4.15 -15.00 13.00
CA VAL A 440 -3.96 -14.04 11.90
C VAL A 440 -5.16 -13.10 11.78
N SER A 441 -4.95 -12.01 11.02
CA SER A 441 -5.98 -11.03 10.66
C SER A 441 -6.18 -11.04 9.15
N PRO A 442 -7.12 -11.83 8.63
CA PRO A 442 -7.30 -11.92 7.17
C PRO A 442 -8.00 -10.69 6.58
N ALA A 443 -7.72 -10.45 5.30
CA ALA A 443 -8.29 -9.32 4.54
C ALA A 443 -9.51 -9.74 3.72
N CYS A 444 -10.50 -10.29 4.42
CA CYS A 444 -11.71 -10.85 3.82
C CYS A 444 -12.72 -9.78 3.44
N ASP A 445 -13.80 -10.25 2.81
CA ASP A 445 -14.98 -9.42 2.59
C ASP A 445 -15.75 -9.26 3.91
N THR A 446 -16.53 -8.18 3.98
CA THR A 446 -16.81 -7.51 5.24
C THR A 446 -17.66 -8.30 6.23
N GLY A 447 -18.14 -9.50 5.90
CA GLY A 447 -18.91 -10.23 6.89
C GLY A 447 -18.71 -11.73 6.89
N ILE A 448 -17.71 -12.20 6.16
CA ILE A 448 -17.60 -13.63 5.88
C ILE A 448 -16.96 -14.37 7.06
N LEU A 449 -15.97 -13.76 7.74
CA LEU A 449 -15.36 -14.41 8.89
C LEU A 449 -16.35 -14.61 10.02
N ASP A 450 -17.28 -13.67 10.21
CA ASP A 450 -18.30 -13.84 11.23
C ASP A 450 -19.24 -15.01 10.89
N GLU A 451 -19.54 -15.18 9.60
CA GLU A 451 -20.37 -16.30 9.15
C GLU A 451 -19.64 -17.63 9.34
N LEU A 452 -18.33 -17.65 9.11
CA LEU A 452 -17.55 -18.86 9.30
C LEU A 452 -17.31 -19.16 10.78
N VAL A 453 -17.29 -18.12 11.62
CA VAL A 453 -17.19 -18.34 13.07
C VAL A 453 -18.50 -18.90 13.61
N LYS A 454 -19.64 -18.38 13.13
CA LYS A 454 -20.92 -18.95 13.56
C LYS A 454 -21.08 -20.40 13.09
N ASP A 455 -20.51 -20.75 11.93
CA ASP A 455 -20.53 -22.14 11.47
C ASP A 455 -19.58 -23.03 12.28
N GLY A 456 -18.65 -22.46 13.02
CA GLY A 456 -17.71 -23.25 13.79
C GLY A 456 -16.51 -23.77 13.04
N ILE A 457 -16.25 -23.27 11.82
CA ILE A 457 -15.07 -23.67 11.07
C ILE A 457 -13.86 -22.86 11.50
N VAL A 458 -14.04 -21.56 11.66
CA VAL A 458 -13.00 -20.63 12.10
C VAL A 458 -13.26 -20.25 13.55
N GLY A 459 -12.20 -20.11 14.33
CA GLY A 459 -12.31 -19.62 15.70
C GLY A 459 -11.77 -18.22 15.88
N TYR A 460 -12.22 -17.52 16.94
CA TYR A 460 -11.77 -16.18 17.24
C TYR A 460 -11.30 -16.04 18.69
N GLU A 461 -10.26 -15.25 18.87
CA GLU A 461 -9.78 -14.83 20.18
C GLU A 461 -9.19 -13.44 19.97
N ALA A 462 -8.93 -12.72 21.05
CA ALA A 462 -8.48 -11.33 20.98
C ALA A 462 -7.19 -11.17 20.17
N ALA A 463 -6.38 -12.22 20.08
CA ALA A 463 -5.16 -12.18 19.28
C ALA A 463 -5.43 -12.36 17.78
N GLY A 464 -6.59 -12.88 17.38
CA GLY A 464 -6.87 -13.02 15.96
C GLY A 464 -7.76 -14.24 15.70
N TYR A 465 -7.82 -14.62 14.42
CA TYR A 465 -8.59 -15.77 13.95
C TYR A 465 -7.70 -16.97 13.67
N PHE A 466 -8.27 -18.17 13.84
CA PHE A 466 -7.58 -19.43 13.63
C PHE A 466 -8.56 -20.48 13.09
N ILE A 467 -8.01 -21.59 12.59
CA ILE A 467 -8.78 -22.65 11.95
C ILE A 467 -8.92 -23.82 12.91
N THR A 468 -10.13 -24.39 13.01
CA THR A 468 -10.49 -25.30 14.10
C THR A 468 -9.96 -26.72 13.90
N HIS A 469 -10.10 -27.29 12.70
CA HIS A 469 -9.69 -28.68 12.42
C HIS A 469 -8.49 -28.70 11.47
N ASP A 470 -7.56 -29.63 11.70
CA ASP A 470 -6.34 -29.71 10.87
C ASP A 470 -6.61 -30.22 9.45
N ILE A 471 -7.55 -31.16 9.31
CA ILE A 471 -7.79 -31.83 8.03
C ILE A 471 -8.23 -30.82 6.97
N TYR A 472 -9.07 -29.86 7.35
CA TYR A 472 -9.51 -28.81 6.44
C TYR A 472 -8.34 -27.90 6.02
N GLU A 473 -7.36 -27.68 6.89
CA GLU A 473 -6.25 -26.82 6.53
C GLU A 473 -5.34 -27.49 5.49
N GLU A 474 -5.11 -28.81 5.66
CA GLU A 474 -4.41 -29.57 4.61
C GLU A 474 -5.14 -29.52 3.27
N TRP A 475 -6.45 -29.76 3.27
CA TRP A 475 -7.20 -29.72 2.03
C TRP A 475 -7.14 -28.34 1.36
N ALA A 476 -7.17 -27.27 2.16
CA ALA A 476 -7.08 -25.91 1.61
C ALA A 476 -5.75 -25.69 0.88
N LEU A 477 -4.64 -26.09 1.51
CA LEU A 477 -3.35 -25.88 0.86
C LEU A 477 -3.21 -26.68 -0.43
N GLU A 478 -3.78 -27.89 -0.48
CA GLU A 478 -3.71 -28.66 -1.72
C GLU A 478 -4.49 -27.99 -2.86
N LYS A 479 -5.67 -27.43 -2.55
CA LYS A 479 -6.40 -26.70 -3.61
C LYS A 479 -5.66 -25.46 -4.07
N LYS A 480 -5.00 -24.76 -3.14
CA LYS A 480 -4.22 -23.57 -3.49
C LYS A 480 -3.08 -23.91 -4.45
N ILE A 481 -2.42 -25.05 -4.23
CA ILE A 481 -1.38 -25.51 -5.15
C ILE A 481 -1.96 -25.82 -6.52
N SER A 482 -3.15 -26.43 -6.57
CA SER A 482 -3.78 -26.70 -7.86
C SER A 482 -4.03 -25.41 -8.64
N VAL A 483 -4.51 -24.37 -7.96
CA VAL A 483 -4.79 -23.10 -8.64
C VAL A 483 -3.51 -22.46 -9.16
N ASP A 484 -2.46 -22.42 -8.33
CA ASP A 484 -1.19 -21.85 -8.80
C ASP A 484 -0.58 -22.66 -9.94
N TYR A 485 -0.87 -23.96 -10.03
CA TYR A 485 -0.45 -24.75 -11.18
C TYR A 485 -1.24 -24.39 -12.43
N ILE A 486 -2.54 -24.14 -12.29
CA ILE A 486 -3.35 -23.77 -13.45
C ILE A 486 -2.92 -22.42 -14.01
N ARG A 487 -2.55 -21.48 -13.15
CA ARG A 487 -2.27 -20.11 -13.56
C ARG A 487 -0.81 -19.79 -13.90
N LYS A 488 0.11 -20.76 -13.85
CA LYS A 488 1.53 -20.42 -13.97
C LYS A 488 1.97 -20.22 -15.42
N ALA A 489 3.01 -19.38 -15.58
CA ALA A 489 3.62 -19.13 -16.89
C ALA A 489 4.71 -20.15 -17.22
N ASN A 490 5.47 -20.56 -16.21
CA ASN A 490 6.52 -21.57 -16.36
C ASN A 490 6.75 -22.20 -15.00
N ASN A 491 7.48 -23.33 -15.00
CA ASN A 491 7.64 -24.13 -13.78
C ASN A 491 8.42 -23.37 -12.69
N ASN A 492 9.45 -22.62 -13.09
CA ASN A 492 10.22 -21.87 -12.12
C ASN A 492 9.37 -20.79 -11.44
N GLU A 493 8.46 -20.16 -12.19
CA GLU A 493 7.55 -19.18 -11.62
C GLU A 493 6.58 -19.82 -10.64
N PHE A 494 6.17 -21.07 -10.93
CA PHE A 494 5.30 -21.83 -10.04
C PHE A 494 5.97 -22.10 -8.69
N PHE A 495 7.20 -22.64 -8.73
CA PHE A 495 7.93 -22.90 -7.49
C PHE A 495 8.29 -21.61 -6.76
N GLU A 496 8.44 -20.49 -7.47
CA GLU A 496 8.64 -19.22 -6.78
C GLU A 496 7.34 -18.74 -6.14
N LYS A 497 6.20 -19.01 -6.78
CA LYS A 497 4.91 -18.51 -6.30
C LYS A 497 4.49 -19.19 -5.01
N ILE A 498 4.65 -20.51 -4.92
CA ILE A 498 4.07 -21.20 -3.77
C ILE A 498 4.89 -21.12 -2.48
N GLY A 499 6.10 -20.56 -2.51
CA GLY A 499 6.88 -20.50 -1.29
C GLY A 499 7.58 -21.81 -0.96
N GLU A 500 8.19 -21.87 0.23
CA GLU A 500 9.07 -22.97 0.56
C GLU A 500 8.91 -23.52 1.97
N SER A 501 7.90 -23.09 2.72
CA SER A 501 7.75 -23.56 4.09
C SER A 501 7.26 -25.02 4.14
N LEU A 502 7.55 -25.67 5.27
CA LEU A 502 7.28 -27.11 5.43
C LEU A 502 5.83 -27.55 5.24
N PRO A 503 4.78 -26.83 5.73
CA PRO A 503 3.41 -27.25 5.37
C PRO A 503 3.14 -27.30 3.88
N VAL A 504 3.72 -26.36 3.11
CA VAL A 504 3.52 -26.36 1.66
C VAL A 504 4.21 -27.56 1.03
N ARG A 505 5.38 -27.95 1.53
CA ARG A 505 6.09 -29.11 0.99
C ARG A 505 5.27 -30.38 1.17
N ARG A 506 4.70 -30.55 2.37
CA ARG A 506 3.83 -31.71 2.59
C ARG A 506 2.62 -31.69 1.65
N SER A 507 2.05 -30.50 1.44
CA SER A 507 0.89 -30.39 0.56
C SER A 507 1.22 -30.75 -0.89
N PHE A 508 2.40 -30.30 -1.35
CA PHE A 508 2.87 -30.64 -2.70
C PHE A 508 3.04 -32.15 -2.86
N ARG A 509 3.59 -32.80 -1.83
CA ARG A 509 3.82 -34.25 -1.91
C ARG A 509 2.50 -35.01 -1.99
N ASN A 510 1.50 -34.60 -1.18
CA ASN A 510 0.16 -35.17 -1.27
C ASN A 510 -0.44 -34.99 -2.66
N TRP A 511 -0.29 -33.78 -3.23
CA TRP A 511 -0.91 -33.46 -4.51
C TRP A 511 -0.33 -34.31 -5.64
N ILE A 512 0.99 -34.46 -5.66
CA ILE A 512 1.64 -35.33 -6.64
C ILE A 512 1.16 -36.76 -6.51
N SER A 513 1.09 -37.27 -5.27
CA SER A 513 0.69 -38.66 -5.07
C SER A 513 -0.73 -38.90 -5.59
N GLU A 514 -1.62 -37.93 -5.39
CA GLU A 514 -2.99 -38.09 -5.86
C GLU A 514 -3.08 -38.03 -7.39
N ARG A 515 -2.30 -37.15 -8.04
CA ARG A 515 -2.30 -37.14 -9.51
C ARG A 515 -1.79 -38.45 -10.08
N LEU A 516 -0.77 -39.03 -9.44
CA LEU A 516 -0.27 -40.34 -9.87
C LEU A 516 -1.33 -41.43 -9.72
N LEU A 517 -2.06 -41.47 -8.59
CA LEU A 517 -3.07 -42.52 -8.39
C LEU A 517 -4.19 -42.41 -9.42
N LEU A 518 -4.60 -41.20 -9.77
CA LEU A 518 -5.69 -41.02 -10.71
C LEU A 518 -5.27 -41.13 -12.18
N ASP A 519 -4.01 -41.48 -12.44
CA ASP A 519 -3.44 -41.72 -13.79
C ASP A 519 -3.59 -40.51 -14.72
N ASP A 520 -3.39 -39.29 -14.22
CA ASP A 520 -3.41 -38.09 -15.05
C ASP A 520 -2.08 -38.02 -15.79
N GLN A 521 -2.11 -38.31 -17.09
CA GLN A 521 -0.88 -38.37 -17.90
C GLN A 521 -0.19 -37.02 -18.05
N SER A 522 -0.88 -35.91 -17.78
CA SER A 522 -0.24 -34.60 -17.88
C SER A 522 0.88 -34.42 -16.84
N ILE A 523 0.85 -35.20 -15.76
CA ILE A 523 1.89 -35.12 -14.75
C ILE A 523 3.22 -35.68 -15.24
N LYS A 524 3.22 -36.62 -16.21
CA LYS A 524 4.46 -37.25 -16.64
C LYS A 524 5.40 -36.28 -17.35
N PRO A 525 4.93 -35.40 -18.26
CA PRO A 525 5.86 -34.36 -18.74
C PRO A 525 6.34 -33.43 -17.65
N PHE A 526 5.48 -33.08 -16.70
CA PHE A 526 5.85 -32.21 -15.60
C PHE A 526 6.95 -32.84 -14.75
N ILE A 527 6.78 -34.12 -14.42
CA ILE A 527 7.80 -34.85 -13.69
C ILE A 527 9.10 -34.90 -14.48
N ALA A 528 9.02 -35.24 -15.78
CA ALA A 528 10.23 -35.34 -16.60
C ALA A 528 10.97 -34.01 -16.70
N GLU A 529 10.21 -32.92 -16.85
CA GLU A 529 10.79 -31.58 -16.84
C GLU A 529 11.52 -31.28 -15.54
N ILE A 530 10.95 -31.71 -14.41
CA ILE A 530 11.59 -31.44 -13.11
C ILE A 530 12.86 -32.27 -12.96
N VAL A 531 12.75 -33.58 -13.23
CA VAL A 531 13.87 -34.50 -13.03
C VAL A 531 15.03 -34.17 -13.98
N CYS A 532 14.73 -33.71 -15.19
CA CYS A 532 15.82 -33.36 -16.10
C CYS A 532 16.30 -31.91 -15.95
N GLY A 533 15.50 -31.03 -15.33
CA GLY A 533 15.74 -29.60 -15.39
C GLY A 533 16.80 -29.06 -14.44
N GLU A 534 17.10 -27.78 -14.63
CA GLU A 534 18.12 -27.07 -13.86
C GLU A 534 17.56 -25.75 -13.35
N GLY A 535 18.16 -25.27 -12.25
CA GLY A 535 17.72 -24.08 -11.56
C GLY A 535 16.74 -24.33 -10.43
N ILE A 536 16.08 -25.47 -10.46
CA ILE A 536 15.13 -25.85 -9.43
C ILE A 536 15.89 -26.38 -8.22
N SER A 537 15.53 -25.89 -7.04
CA SER A 537 16.22 -26.28 -5.81
C SER A 537 15.98 -27.75 -5.52
N ASN A 538 17.02 -28.40 -4.98
CA ASN A 538 17.06 -29.86 -4.91
C ASN A 538 15.98 -30.46 -4.01
N PHE A 539 15.51 -29.72 -3.00
CA PHE A 539 14.54 -30.29 -2.06
C PHE A 539 13.18 -30.56 -2.71
N TRP A 540 12.85 -29.81 -3.77
CA TRP A 540 11.64 -30.13 -4.53
C TRP A 540 11.78 -31.48 -5.24
N LYS A 541 12.97 -31.76 -5.80
CA LYS A 541 13.22 -33.06 -6.42
C LYS A 541 13.16 -34.18 -5.38
N ASP A 542 13.64 -33.93 -4.17
CA ASP A 542 13.55 -34.95 -3.12
C ASP A 542 12.10 -35.23 -2.72
N GLU A 543 11.27 -34.19 -2.58
CA GLU A 543 9.85 -34.42 -2.28
C GLU A 543 9.17 -35.22 -3.39
N LEU A 544 9.52 -34.93 -4.65
CA LEU A 544 8.95 -35.69 -5.77
C LEU A 544 9.38 -37.16 -5.74
N TRP A 545 10.65 -37.43 -5.44
CA TRP A 545 11.10 -38.81 -5.42
C TRP A 545 10.53 -39.58 -4.23
N VAL A 546 10.30 -38.90 -3.10
CA VAL A 546 9.60 -39.57 -2.00
C VAL A 546 8.18 -39.94 -2.41
N ALA A 547 7.49 -39.04 -3.12
CA ALA A 547 6.15 -39.36 -3.62
C ALA A 547 6.17 -40.57 -4.55
N VAL A 548 7.17 -40.64 -5.43
CA VAL A 548 7.27 -41.78 -6.34
C VAL A 548 7.56 -43.08 -5.58
N LEU A 549 8.52 -43.04 -4.66
CA LEU A 549 8.92 -44.24 -3.94
C LEU A 549 7.81 -44.76 -3.03
N LEU A 550 6.89 -43.89 -2.60
CA LEU A 550 5.76 -44.36 -1.82
C LEU A 550 4.60 -44.84 -2.68
N SER A 551 4.58 -44.51 -3.97
CA SER A 551 3.47 -44.86 -4.84
C SER A 551 3.59 -46.29 -5.37
N ASP A 552 2.43 -46.92 -5.58
CA ASP A 552 2.40 -48.27 -6.16
C ASP A 552 2.95 -48.33 -7.59
N ASN A 553 3.04 -47.18 -8.28
CA ASN A 553 3.52 -47.09 -9.65
C ASN A 553 5.04 -47.17 -9.77
N SER A 554 5.75 -47.33 -8.66
CA SER A 554 7.16 -46.92 -8.55
C SER A 554 8.07 -47.57 -9.58
N SER A 555 7.80 -48.83 -9.94
CA SER A 555 8.70 -49.58 -10.81
C SER A 555 8.76 -49.00 -12.22
N ILE A 556 7.68 -48.35 -12.66
CA ILE A 556 7.60 -47.80 -14.02
C ILE A 556 8.69 -46.76 -14.25
N PHE A 557 8.94 -45.92 -13.23
CA PHE A 557 9.87 -44.81 -13.38
C PHE A 557 11.31 -45.28 -13.51
N PHE A 558 11.65 -46.44 -12.93
CA PHE A 558 12.99 -46.97 -13.12
C PHE A 558 13.21 -47.45 -14.56
N ASN A 559 12.15 -47.91 -15.23
CA ASN A 559 12.27 -48.27 -16.63
C ASN A 559 12.47 -47.05 -17.52
N TYR A 560 11.82 -45.93 -17.18
CA TYR A 560 11.93 -44.71 -17.97
C TYR A 560 13.31 -44.06 -17.82
N PHE A 561 13.79 -43.93 -16.59
CA PHE A 561 14.99 -43.13 -16.29
C PHE A 561 16.28 -43.94 -16.14
N LYS A 562 16.36 -45.14 -16.73
CA LYS A 562 17.47 -46.07 -16.55
C LYS A 562 18.86 -45.48 -16.79
N ARG A 563 19.04 -44.84 -17.95
CA ARG A 563 20.33 -44.26 -18.29
C ARG A 563 20.68 -43.09 -17.37
N TYR A 564 19.68 -42.34 -16.90
CA TYR A 564 19.92 -41.24 -15.98
C TYR A 564 20.36 -41.73 -14.62
N LEU A 565 19.73 -42.81 -14.16
CA LEU A 565 20.11 -43.47 -12.92
C LEU A 565 21.52 -44.02 -12.98
N LEU A 566 21.87 -44.71 -14.08
CA LEU A 566 23.13 -45.44 -14.10
C LEU A 566 24.32 -44.53 -14.41
N SER A 567 24.20 -43.68 -15.44
CA SER A 567 25.40 -43.15 -16.07
C SER A 567 26.05 -42.02 -15.27
N SER A 568 25.28 -41.20 -14.56
CA SER A 568 25.84 -40.03 -13.88
C SER A 568 26.43 -40.41 -12.51
N ASP A 569 27.40 -41.32 -12.55
CA ASP A 569 28.18 -41.78 -11.39
C ASP A 569 27.27 -42.32 -10.27
N GLN A 570 26.08 -42.78 -10.66
CA GLN A 570 25.04 -43.32 -9.76
C GLN A 570 24.65 -42.36 -8.64
N ASN A 571 24.82 -41.06 -8.85
CA ASN A 571 24.63 -40.07 -7.79
C ASN A 571 23.16 -40.01 -7.32
N LEU A 572 22.23 -39.98 -8.28
CA LEU A 572 20.81 -40.00 -7.94
C LEU A 572 20.41 -41.31 -7.28
N LEU A 573 20.99 -42.43 -7.71
CA LEU A 573 20.64 -43.72 -7.12
C LEU A 573 21.05 -43.77 -5.64
N LYS A 574 22.20 -43.16 -5.32
CA LYS A 574 22.64 -43.05 -3.93
C LYS A 574 21.68 -42.19 -3.10
N ARG A 575 21.26 -41.03 -3.65
CA ARG A 575 20.27 -40.21 -2.94
C ARG A 575 18.96 -40.97 -2.71
N LEU A 576 18.57 -41.82 -3.66
CA LEU A 576 17.38 -42.64 -3.49
C LEU A 576 17.51 -43.58 -2.31
N THR A 577 18.68 -44.19 -2.11
CA THR A 577 18.80 -45.02 -0.92
C THR A 577 18.71 -44.20 0.37
N PHE A 578 19.27 -42.98 0.40
CA PHE A 578 19.17 -42.15 1.61
C PHE A 578 17.71 -41.79 1.93
N LEU A 579 16.97 -41.32 0.92
CA LEU A 579 15.57 -40.96 1.11
C LEU A 579 14.73 -42.17 1.52
N LEU A 580 15.04 -43.33 0.94
CA LEU A 580 14.33 -44.56 1.25
C LEU A 580 14.51 -44.95 2.71
N ARG A 581 15.74 -44.83 3.21
CA ARG A 581 15.97 -45.24 4.59
C ARG A 581 15.44 -44.22 5.59
N LEU A 582 15.34 -42.95 5.18
CA LEU A 582 14.87 -41.93 6.12
C LEU A 582 13.35 -41.82 6.16
N ALA A 583 12.72 -41.70 5.00
CA ALA A 583 11.30 -41.34 4.94
C ALA A 583 10.37 -42.55 4.84
N CYS A 584 10.78 -43.61 4.16
CA CYS A 584 9.84 -44.66 3.78
C CYS A 584 9.81 -45.80 4.80
N LYS A 585 9.49 -45.50 6.07
CA LYS A 585 9.45 -46.49 7.13
C LYS A 585 8.26 -46.19 8.06
N ASP A 586 7.89 -47.17 8.88
CA ASP A 586 6.66 -47.16 9.66
C ASP A 586 6.88 -47.93 10.97
N VAL A 587 6.09 -47.62 12.01
CA VAL A 587 6.26 -48.22 13.33
C VAL A 587 5.61 -49.61 13.39
N ASP A 588 6.29 -50.58 14.01
CA ASP A 588 5.88 -51.99 14.03
C ASP A 588 5.17 -52.33 15.35
N TYR A 589 3.93 -51.82 15.47
CA TYR A 589 3.15 -52.00 16.69
C TYR A 589 2.85 -53.47 17.02
N ASP A 590 2.88 -54.36 16.01
CA ASP A 590 2.75 -55.78 16.31
C ASP A 590 3.94 -56.31 17.09
N LEU A 591 5.16 -55.92 16.69
CA LEU A 591 6.35 -56.34 17.43
C LEU A 591 6.39 -55.73 18.83
N LEU A 592 5.96 -54.47 18.96
CA LEU A 592 5.82 -53.88 20.30
C LEU A 592 4.82 -54.63 21.16
N LYS A 593 3.69 -55.06 20.58
CA LYS A 593 2.73 -55.86 21.35
C LYS A 593 3.36 -57.18 21.80
N GLN A 594 4.11 -57.82 20.91
CA GLN A 594 4.75 -59.09 21.27
C GLN A 594 5.86 -58.90 22.29
N LEU A 595 6.47 -57.72 22.34
CA LEU A 595 7.43 -57.40 23.40
C LEU A 595 6.79 -56.83 24.67
N GLY A 596 5.48 -56.62 24.68
CA GLY A 596 4.79 -56.25 25.90
C GLY A 596 4.43 -54.80 26.05
N VAL A 597 4.29 -54.07 24.94
CA VAL A 597 3.90 -52.66 24.96
C VAL A 597 2.49 -52.56 24.39
N SER A 598 1.60 -51.89 25.12
CA SER A 598 0.17 -51.99 24.86
C SER A 598 -0.39 -50.82 24.03
N ASN A 599 0.18 -49.64 24.15
CA ASN A 599 -0.33 -48.44 23.50
C ASN A 599 0.22 -48.30 22.08
N SER A 600 -0.30 -47.33 21.33
CA SER A 600 0.03 -47.17 19.92
C SER A 600 0.24 -45.70 19.56
N ASP A 601 1.05 -45.00 20.35
CA ASP A 601 1.42 -43.60 20.13
C ASP A 601 2.94 -43.50 20.26
N LEU A 602 3.61 -42.99 19.21
CA LEU A 602 5.06 -42.94 19.20
C LEU A 602 5.62 -41.94 20.21
N LEU A 603 4.81 -41.02 20.70
CA LEU A 603 5.23 -40.10 21.75
C LEU A 603 5.26 -40.75 23.13
N SER A 604 4.70 -41.96 23.29
CA SER A 604 4.58 -42.57 24.61
C SER A 604 5.16 -43.97 24.73
N ILE A 605 5.43 -44.68 23.63
CA ILE A 605 5.95 -46.04 23.73
C ILE A 605 7.36 -46.07 24.31
N LYS A 606 7.70 -47.19 24.94
CA LYS A 606 8.97 -47.33 25.65
C LYS A 606 10.16 -47.32 24.68
N TYR A 607 10.05 -48.05 23.57
CA TYR A 607 11.06 -48.08 22.53
C TYR A 607 10.38 -47.81 21.19
N VAL A 608 11.13 -47.33 20.20
CA VAL A 608 10.61 -47.16 18.85
C VAL A 608 11.26 -48.20 17.93
N LEU A 609 10.43 -49.04 17.32
CA LEU A 609 10.85 -50.07 16.37
C LEU A 609 10.10 -49.90 15.06
N THR A 610 10.80 -50.06 13.93
CA THR A 610 10.25 -49.70 12.62
C THR A 610 10.51 -50.76 11.55
N LYS A 611 9.80 -50.62 10.43
CA LYS A 611 9.77 -51.57 9.32
C LYS A 611 9.56 -50.82 8.01
N PRO A 612 9.92 -51.44 6.86
CA PRO A 612 9.79 -50.76 5.56
C PRO A 612 8.36 -50.48 5.12
N LYS A 613 8.22 -49.48 4.25
CA LYS A 613 6.94 -49.04 3.69
C LYS A 613 7.07 -48.76 2.20
N GLY A 614 6.10 -49.24 1.42
CA GLY A 614 5.98 -48.86 0.03
C GLY A 614 6.79 -49.73 -0.92
N THR A 615 6.40 -49.68 -2.20
CA THR A 615 7.03 -50.51 -3.23
C THR A 615 8.37 -49.98 -3.70
N GLY A 616 8.84 -48.85 -3.18
CA GLY A 616 10.15 -48.34 -3.55
C GLY A 616 11.27 -49.28 -3.17
N TRP A 617 11.12 -49.95 -2.03
CA TRP A 617 12.14 -50.90 -1.56
C TRP A 617 12.34 -52.02 -2.58
N GLN A 618 11.24 -52.64 -3.03
CA GLN A 618 11.32 -53.71 -4.01
C GLN A 618 11.87 -53.21 -5.35
N SER A 619 11.44 -52.02 -5.79
CA SER A 619 11.89 -51.46 -7.06
C SER A 619 13.39 -51.22 -7.07
N VAL A 620 13.90 -50.61 -5.99
CA VAL A 620 15.33 -50.28 -5.92
C VAL A 620 16.18 -51.54 -5.86
N ILE A 621 15.78 -52.50 -5.01
CA ILE A 621 16.58 -53.71 -4.87
C ILE A 621 16.61 -54.51 -6.18
N GLN A 622 15.47 -54.56 -6.89
CA GLN A 622 15.44 -55.24 -8.18
C GLN A 622 16.30 -54.52 -9.22
N PHE A 623 16.25 -53.18 -9.26
CA PHE A 623 17.04 -52.45 -10.25
C PHE A 623 18.54 -52.60 -10.01
N ILE A 624 18.96 -52.63 -8.75
CA ILE A 624 20.36 -52.93 -8.45
C ILE A 624 20.74 -54.33 -8.93
N TYR A 625 19.86 -55.30 -8.70
CA TYR A 625 20.19 -56.68 -9.09
C TYR A 625 20.28 -56.86 -10.60
N GLU A 626 19.36 -56.26 -11.37
CA GLU A 626 19.33 -56.47 -12.81
C GLU A 626 20.52 -55.83 -13.52
N ASN A 627 21.04 -54.72 -12.99
CA ASN A 627 22.08 -53.97 -13.66
C ASN A 627 23.44 -54.11 -12.99
N LEU A 628 23.66 -55.19 -12.23
CA LEU A 628 24.84 -55.32 -11.39
C LEU A 628 26.13 -55.40 -12.22
N ASP A 629 26.03 -55.84 -13.48
CA ASP A 629 27.22 -55.88 -14.33
C ASP A 629 27.66 -54.49 -14.76
N GLU A 630 26.71 -53.58 -15.00
CA GLU A 630 27.06 -52.22 -15.41
C GLU A 630 27.55 -51.39 -14.22
N ILE A 631 27.00 -51.63 -13.04
CA ILE A 631 27.45 -50.92 -11.84
C ILE A 631 28.77 -51.51 -11.32
N GLY A 632 28.89 -52.84 -11.33
CA GLY A 632 30.12 -53.49 -10.89
C GLY A 632 30.20 -53.75 -9.40
N ILE A 633 30.57 -54.99 -9.03
CA ILE A 633 30.42 -55.49 -7.66
C ILE A 633 31.25 -54.72 -6.62
N ARG A 634 32.31 -54.03 -7.05
CA ARG A 634 33.11 -53.18 -6.19
C ARG A 634 32.37 -51.90 -5.78
N ASN A 635 31.47 -51.44 -6.63
CA ASN A 635 30.90 -50.11 -6.45
C ASN A 635 29.60 -50.09 -5.65
N ILE A 636 29.01 -51.25 -5.35
CA ILE A 636 27.69 -51.32 -4.72
C ILE A 636 27.73 -51.16 -3.21
N ASN A 637 28.88 -50.75 -2.65
CA ASN A 637 29.04 -50.58 -1.20
C ASN A 637 27.99 -49.66 -0.56
N PHE A 638 27.28 -48.86 -1.36
CA PHE A 638 26.21 -48.01 -0.84
C PHE A 638 24.90 -48.74 -0.57
N ILE A 639 24.67 -49.91 -1.16
CA ILE A 639 23.37 -50.58 -1.02
C ILE A 639 23.28 -51.46 0.23
N LEU A 640 24.40 -51.74 0.88
CA LEU A 640 24.44 -52.72 1.97
C LEU A 640 23.50 -52.41 3.15
N PRO A 641 23.35 -51.17 3.64
CA PRO A 641 22.31 -50.93 4.67
C PRO A 641 20.89 -51.19 4.22
N VAL A 642 20.57 -51.02 2.93
CA VAL A 642 19.20 -51.25 2.47
C VAL A 642 18.85 -52.74 2.55
N ILE A 643 19.71 -53.60 2.02
CA ILE A 643 19.46 -55.03 2.07
C ILE A 643 19.53 -55.54 3.50
N GLN A 644 20.36 -54.92 4.35
CA GLN A 644 20.40 -55.27 5.77
C GLN A 644 19.07 -54.95 6.45
N GLU A 645 18.56 -53.73 6.27
CA GLU A 645 17.34 -53.33 6.97
C GLU A 645 16.11 -54.03 6.41
N TRP A 646 16.12 -54.47 5.15
CA TRP A 646 15.02 -55.32 4.70
C TRP A 646 15.06 -56.70 5.34
N ASN A 647 16.20 -57.39 5.28
CA ASN A 647 16.21 -58.76 5.81
C ASN A 647 16.02 -58.83 7.32
N GLN A 648 16.22 -57.72 8.04
CA GLN A 648 16.01 -57.71 9.48
C GLN A 648 14.55 -57.92 9.86
N ARG A 649 13.62 -57.61 8.96
CA ARG A 649 12.20 -57.71 9.27
C ARG A 649 11.43 -58.68 8.38
N ASN A 650 11.89 -58.95 7.15
CA ASN A 650 11.14 -59.76 6.19
C ASN A 650 11.97 -60.96 5.78
N LYS A 651 11.44 -62.17 6.01
CA LYS A 651 12.25 -63.38 5.86
C LYS A 651 11.65 -64.39 4.88
N VAL A 652 10.62 -64.02 4.12
CA VAL A 652 10.12 -64.82 3.00
C VAL A 652 9.82 -63.89 1.81
N GLY A 653 9.97 -64.42 0.60
CA GLY A 653 9.58 -63.71 -0.60
C GLY A 653 10.76 -63.30 -1.47
N GLU A 654 10.42 -62.80 -2.67
CA GLU A 654 11.38 -62.56 -3.75
C GLU A 654 12.45 -61.54 -3.37
N THR A 655 12.04 -60.44 -2.74
CA THR A 655 12.99 -59.40 -2.36
C THR A 655 13.99 -59.93 -1.34
N THR A 656 13.55 -60.83 -0.47
CA THR A 656 14.45 -61.49 0.48
C THR A 656 15.41 -62.45 -0.22
N ARG A 657 15.03 -63.03 -1.36
CA ARG A 657 15.99 -63.79 -2.16
C ARG A 657 17.06 -62.87 -2.76
N LEU A 658 16.64 -61.76 -3.37
CA LEU A 658 17.58 -60.88 -4.05
C LEU A 658 18.58 -60.24 -3.09
N SER A 659 18.09 -59.81 -1.92
CA SER A 659 18.96 -59.21 -0.92
C SER A 659 20.07 -60.17 -0.47
N SER A 660 19.70 -61.43 -0.24
CA SER A 660 20.65 -62.43 0.19
C SER A 660 21.65 -62.78 -0.90
N LEU A 661 21.20 -62.84 -2.16
CA LEU A 661 22.12 -63.11 -3.27
C LEU A 661 23.14 -62.00 -3.44
N ILE A 662 22.71 -60.74 -3.28
CA ILE A 662 23.66 -59.62 -3.37
C ILE A 662 24.70 -59.70 -2.27
N ALA A 663 24.28 -60.00 -1.04
CA ALA A 663 25.25 -60.11 0.06
C ALA A 663 26.24 -61.25 -0.20
N LEU A 664 25.77 -62.38 -0.72
CA LEU A 664 26.65 -63.51 -0.98
C LEU A 664 27.67 -63.19 -2.08
N LYS A 665 27.23 -62.51 -3.15
CA LYS A 665 28.15 -62.15 -4.22
C LYS A 665 29.25 -61.21 -3.73
N TYR A 666 28.88 -60.22 -2.89
CA TYR A 666 29.88 -59.30 -2.36
C TYR A 666 30.90 -60.02 -1.46
N TYR A 667 30.43 -60.96 -0.64
CA TYR A 667 31.33 -61.75 0.21
C TYR A 667 32.32 -62.56 -0.62
N GLN A 668 31.82 -63.22 -1.67
CA GLN A 668 32.70 -64.00 -2.54
C GLN A 668 33.72 -63.10 -3.25
N TRP A 669 33.33 -61.87 -3.59
CA TRP A 669 34.29 -60.94 -4.18
C TRP A 669 35.40 -60.58 -3.20
N THR A 670 35.05 -60.31 -1.93
CA THR A 670 36.09 -60.01 -0.95
C THR A 670 37.02 -61.19 -0.75
N ILE A 671 36.48 -62.41 -0.84
CA ILE A 671 37.34 -63.60 -0.74
C ILE A 671 38.33 -63.65 -1.90
N ASP A 672 37.84 -63.44 -3.14
CA ASP A 672 38.74 -63.50 -4.29
C ASP A 672 39.80 -62.40 -4.27
N GLU A 673 39.49 -61.23 -3.71
CA GLU A 673 40.45 -60.12 -3.63
C GLU A 673 41.33 -60.14 -2.38
N ASP A 674 41.14 -61.11 -1.49
CA ASP A 674 41.83 -61.24 -0.19
C ASP A 674 41.60 -60.05 0.74
N VAL A 675 40.66 -59.15 0.46
CA VAL A 675 40.46 -58.00 1.33
C VAL A 675 39.72 -58.41 2.60
N TYR A 676 40.08 -57.76 3.71
CA TYR A 676 39.60 -58.11 5.04
C TYR A 676 38.23 -57.51 5.32
N LEU A 677 37.38 -58.30 5.96
CA LEU A 677 36.13 -57.84 6.55
C LEU A 677 36.26 -57.97 8.07
N SER A 678 36.03 -56.86 8.77
CA SER A 678 36.39 -56.75 10.18
C SER A 678 35.58 -57.69 11.08
N GLY A 679 36.26 -58.68 11.66
CA GLY A 679 35.63 -59.65 12.54
C GLY A 679 35.27 -59.08 13.90
N ARG A 680 33.98 -58.84 14.10
CA ARG A 680 33.53 -58.09 15.26
C ARG A 680 32.21 -58.54 15.86
N ASP A 681 31.57 -59.59 15.30
CA ASP A 681 30.34 -60.23 15.80
C ASP A 681 29.21 -59.20 16.02
N ASN A 682 28.84 -58.54 14.93
CA ASN A 682 27.92 -57.40 14.95
C ASN A 682 26.65 -57.78 14.20
N GLU A 683 25.50 -57.45 14.81
CA GLU A 683 24.18 -57.72 14.24
C GLU A 683 23.98 -57.08 12.86
N LYS A 684 24.68 -55.98 12.59
CA LYS A 684 24.52 -55.20 11.37
C LYS A 684 25.44 -55.66 10.23
N ASN A 685 26.21 -56.72 10.44
CA ASN A 685 27.23 -57.18 9.50
C ASN A 685 26.59 -57.88 8.29
N ILE A 686 27.39 -58.12 7.25
CA ILE A 686 26.90 -58.71 6.00
C ILE A 686 26.50 -60.18 6.16
N LEU A 687 27.22 -60.93 7.00
CA LEU A 687 26.97 -62.36 7.12
C LEU A 687 25.60 -62.62 7.75
N HIS A 688 25.16 -61.73 8.64
CA HIS A 688 23.83 -61.84 9.21
C HIS A 688 22.75 -61.61 8.16
N THR A 689 23.03 -60.73 7.19
CA THR A 689 22.11 -60.54 6.07
C THR A 689 21.99 -61.81 5.25
N ILE A 690 23.10 -62.55 5.11
CA ILE A 690 22.99 -63.84 4.42
C ILE A 690 22.14 -64.83 5.23
N LEU A 691 22.40 -64.93 6.54
CA LEU A 691 21.76 -65.95 7.36
C LEU A 691 20.26 -65.68 7.55
N HIS A 692 19.87 -64.41 7.70
CA HIS A 692 18.46 -64.07 7.85
C HIS A 692 17.59 -64.46 6.66
N GLY A 693 18.18 -64.60 5.47
CA GLY A 693 17.43 -65.01 4.31
C GLY A 693 17.67 -66.42 3.84
N ALA A 694 18.31 -67.27 4.66
CA ALA A 694 18.82 -68.57 4.20
C ALA A 694 17.72 -69.55 3.79
N ALA A 695 16.47 -69.29 4.12
CA ALA A 695 15.40 -70.14 3.65
C ALA A 695 15.13 -69.95 2.16
N MET A 696 15.48 -68.80 1.62
CA MET A 696 15.24 -68.46 0.22
C MET A 696 16.41 -68.83 -0.69
N ILE A 697 17.57 -69.20 -0.15
CA ILE A 697 18.76 -69.45 -0.96
C ILE A 697 19.38 -70.82 -0.67
N LYS A 698 18.53 -71.82 -0.41
CA LYS A 698 18.99 -73.19 -0.14
C LYS A 698 19.90 -73.81 -1.20
N PRO A 699 19.62 -73.73 -2.52
CA PRO A 699 20.60 -74.30 -3.48
C PRO A 699 21.99 -73.67 -3.41
N GLU A 700 22.05 -72.35 -3.24
CA GLU A 700 23.34 -71.66 -3.17
C GLU A 700 24.10 -72.04 -1.89
N MET A 701 23.39 -72.12 -0.76
CA MET A 701 24.00 -72.53 0.50
C MET A 701 24.55 -73.95 0.42
N GLU A 702 23.78 -74.86 -0.19
CA GLU A 702 24.22 -76.25 -0.33
C GLU A 702 25.51 -76.34 -1.13
N GLU A 703 25.61 -75.55 -2.22
CA GLU A 703 26.83 -75.55 -3.01
C GLU A 703 28.03 -75.11 -2.18
N VAL A 704 27.86 -74.06 -1.37
CA VAL A 704 28.97 -73.57 -0.55
C VAL A 704 29.45 -74.63 0.44
N LEU A 705 28.50 -75.31 1.10
CA LEU A 705 28.86 -76.34 2.09
C LEU A 705 29.56 -77.53 1.45
N VAL A 706 29.10 -77.94 0.26
CA VAL A 706 29.75 -79.04 -0.45
C VAL A 706 31.21 -78.70 -0.76
N LYS A 707 31.46 -77.47 -1.21
CA LYS A 707 32.84 -77.09 -1.54
C LYS A 707 33.74 -77.08 -0.29
N VAL A 708 33.20 -76.60 0.85
CA VAL A 708 33.98 -76.59 2.09
C VAL A 708 34.34 -78.00 2.54
N LEU A 709 33.36 -78.91 2.51
CA LEU A 709 33.63 -80.28 2.94
C LEU A 709 34.57 -81.00 1.98
N LYS A 710 34.49 -80.68 0.68
CA LYS A 710 35.39 -81.28 -0.30
C LYS A 710 36.84 -80.84 -0.08
N ASN A 711 37.06 -79.56 0.21
CA ASN A 711 38.44 -79.06 0.33
C ASN A 711 38.97 -79.10 1.77
N ARG A 712 38.13 -79.39 2.76
CA ARG A 712 38.47 -79.43 4.19
C ARG A 712 39.08 -78.11 4.68
N TRP A 713 38.44 -77.00 4.31
CA TRP A 713 38.82 -75.65 4.75
C TRP A 713 38.40 -75.37 6.19
N LYS A 714 39.09 -75.97 7.16
CA LYS A 714 38.75 -75.89 8.58
C LYS A 714 39.64 -74.97 9.40
N GLU A 715 40.49 -74.17 8.78
CA GLU A 715 41.53 -73.44 9.48
C GLU A 715 41.42 -71.95 9.18
N HIS A 716 41.84 -71.12 10.15
CA HIS A 716 41.61 -69.67 10.11
C HIS A 716 42.38 -69.06 8.96
N GLY A 717 41.66 -68.35 8.09
CA GLY A 717 42.23 -67.70 6.94
C GLY A 717 41.88 -68.34 5.62
N THR A 718 41.31 -69.55 5.65
CA THR A 718 40.80 -70.20 4.47
C THR A 718 39.42 -69.64 4.07
N PRO A 719 38.94 -69.93 2.85
CA PRO A 719 37.64 -69.40 2.43
C PRO A 719 36.48 -69.83 3.30
N TYR A 720 35.52 -68.90 3.44
CA TYR A 720 34.23 -69.06 4.10
C TYR A 720 34.27 -69.34 5.60
N PHE A 721 35.43 -69.20 6.23
CA PHE A 721 35.64 -69.68 7.60
C PHE A 721 34.72 -68.99 8.62
N ASP A 722 34.51 -67.68 8.47
CA ASP A 722 33.65 -66.94 9.39
C ASP A 722 32.20 -67.41 9.34
N LEU A 723 31.68 -67.62 8.13
CA LEU A 723 30.28 -68.03 7.97
C LEU A 723 30.04 -69.43 8.54
N MET A 724 31.00 -70.33 8.32
CA MET A 724 30.93 -71.67 8.89
C MET A 724 30.92 -71.61 10.42
N THR A 725 31.77 -70.73 10.98
CA THR A 725 31.79 -70.55 12.43
C THR A 725 30.43 -70.11 12.98
N LEU A 726 29.79 -69.16 12.30
CA LEU A 726 28.46 -68.72 12.73
C LEU A 726 27.44 -69.86 12.66
N ILE A 727 27.49 -70.67 11.59
CA ILE A 727 26.57 -71.79 11.45
C ILE A 727 26.73 -72.76 12.62
N LEU A 728 27.93 -72.87 13.17
CA LEU A 728 28.08 -73.73 14.34
C LEU A 728 27.85 -73.03 15.69
N THR A 729 27.72 -71.70 15.73
CA THR A 729 27.67 -71.03 17.04
C THR A 729 26.43 -70.15 17.30
N ASP A 730 25.76 -69.63 16.26
CA ASP A 730 24.86 -68.49 16.39
C ASP A 730 23.40 -68.89 16.12
N LEU A 731 22.48 -68.41 16.97
CA LEU A 731 21.07 -68.79 16.90
C LEU A 731 20.39 -68.32 15.61
N ASP A 732 20.92 -67.25 14.99
CA ASP A 732 20.35 -66.77 13.74
C ASP A 732 20.52 -67.77 12.60
N SER A 733 21.37 -68.80 12.78
CA SER A 733 21.61 -69.81 11.77
C SER A 733 20.51 -70.86 11.69
N TYR A 734 19.45 -70.79 12.53
CA TYR A 734 18.43 -71.83 12.58
C TYR A 734 17.70 -72.18 11.28
N PRO A 735 17.50 -71.27 10.30
CA PRO A 735 17.00 -71.75 9.00
C PRO A 735 17.92 -72.71 8.30
N VAL A 736 19.24 -72.60 8.48
CA VAL A 736 20.16 -73.58 7.93
C VAL A 736 19.98 -74.92 8.63
N TRP A 737 19.87 -74.89 9.97
CA TRP A 737 19.68 -76.12 10.73
C TRP A 737 18.37 -76.81 10.34
N ALA A 738 17.35 -76.05 9.98
CA ALA A 738 16.10 -76.66 9.55
C ALA A 738 16.17 -77.17 8.11
N SER A 739 16.95 -76.50 7.26
CA SER A 739 16.92 -76.82 5.84
C SER A 739 17.92 -77.91 5.45
N LEU A 740 19.12 -77.91 6.04
CA LEU A 740 20.20 -78.78 5.57
C LEU A 740 20.90 -79.54 6.70
N PRO A 741 20.15 -80.27 7.58
CA PRO A 741 20.79 -80.85 8.77
C PRO A 741 21.89 -81.89 8.49
N GLU A 742 21.77 -82.68 7.41
CA GLU A 742 22.77 -83.69 7.12
C GLU A 742 24.15 -83.09 6.84
N TYR A 743 24.19 -81.87 6.28
CA TYR A 743 25.46 -81.18 6.06
C TYR A 743 26.00 -80.54 7.33
N VAL A 744 25.12 -80.07 8.21
CA VAL A 744 25.56 -79.45 9.46
C VAL A 744 26.24 -80.47 10.36
N LEU A 745 25.73 -81.71 10.38
CA LEU A 745 26.39 -82.76 11.16
C LEU A 745 27.81 -83.03 10.67
N GLN A 746 27.99 -83.08 9.35
CA GLN A 746 29.33 -83.31 8.78
C GLN A 746 30.26 -82.13 9.06
N LEU A 747 29.72 -80.90 9.01
CA LEU A 747 30.52 -79.73 9.34
C LEU A 747 30.98 -79.75 10.79
N ALA A 748 30.10 -80.17 11.70
CA ALA A 748 30.49 -80.25 13.11
C ALA A 748 31.55 -81.33 13.34
N ASP A 749 31.40 -82.46 12.64
CA ASP A 749 32.40 -83.52 12.69
C ASP A 749 33.75 -83.02 12.19
N LEU A 750 33.76 -82.19 11.15
CA LEU A 750 35.01 -81.65 10.63
C LEU A 750 35.62 -80.61 11.57
N PHE A 751 34.80 -79.73 12.15
CA PHE A 751 35.34 -78.59 12.88
C PHE A 751 35.64 -78.87 14.36
N TRP A 752 34.97 -79.84 15.00
CA TRP A 752 35.16 -80.00 16.44
C TRP A 752 36.31 -80.93 16.86
N TYR A 753 36.68 -81.95 16.08
CA TYR A 753 37.58 -83.00 16.52
C TYR A 753 39.01 -82.83 15.99
N ARG A 754 39.99 -82.98 16.89
CA ARG A 754 41.43 -82.89 16.59
C ARG A 754 42.01 -84.23 17.05
N PRO A 755 42.41 -85.12 16.12
CA PRO A 755 42.99 -86.41 16.52
C PRO A 755 44.35 -86.29 17.19
N LEU A 756 44.65 -87.25 18.08
CA LEU A 756 45.94 -87.31 18.77
C LEU A 756 47.09 -87.58 17.81
N ASP A 767 45.12 -77.48 30.00
CA ASP A 767 43.73 -77.76 30.33
C ASP A 767 43.22 -79.06 29.69
N ILE A 768 42.23 -79.66 30.35
CA ILE A 768 41.79 -81.03 30.08
C ILE A 768 41.18 -81.19 28.68
N GLU A 769 40.75 -80.10 28.06
CA GLU A 769 40.19 -80.16 26.72
C GLU A 769 41.23 -80.62 25.69
N ASP A 770 42.51 -80.37 25.94
CA ASP A 770 43.56 -80.94 25.08
C ASP A 770 43.58 -82.46 25.17
N GLU A 771 43.35 -83.01 26.37
CA GLU A 771 43.36 -84.47 26.56
C GLU A 771 42.15 -85.12 25.91
N PHE A 772 40.99 -84.46 25.92
CA PHE A 772 39.81 -84.90 25.18
C PHE A 772 39.98 -84.80 23.66
N GLY A 773 40.99 -84.09 23.17
CA GLY A 773 41.24 -84.00 21.75
C GLY A 773 40.48 -82.91 21.02
N LEU A 774 40.34 -81.74 21.64
CA LEU A 774 39.47 -80.69 21.15
C LEU A 774 40.23 -79.38 20.98
N PHE A 775 39.81 -78.57 20.00
CA PHE A 775 40.40 -77.26 19.73
C PHE A 775 40.05 -76.27 20.83
N ARG A 776 40.94 -75.30 21.08
CA ARG A 776 40.69 -74.31 22.12
C ARG A 776 39.77 -73.18 21.65
N SER A 777 39.15 -73.29 20.48
CA SER A 777 37.98 -72.47 20.16
C SER A 777 36.79 -72.81 21.05
N HIS A 778 36.88 -73.96 21.74
CA HIS A 778 35.93 -74.52 22.69
C HIS A 778 35.38 -73.54 23.73
N HIS A 779 36.17 -72.59 24.20
CA HIS A 779 35.67 -71.59 25.15
C HIS A 779 34.74 -70.56 24.50
N ASP A 780 34.37 -70.72 23.22
CA ASP A 780 33.18 -70.05 22.70
C ASP A 780 31.91 -70.50 23.42
N TYR A 781 31.94 -71.71 23.96
CA TYR A 781 30.78 -72.33 24.60
C TYR A 781 30.77 -72.18 26.11
N TYR A 782 31.53 -71.21 26.67
CA TYR A 782 31.91 -71.15 28.08
C TYR A 782 30.73 -71.32 29.05
N PRO A 783 29.66 -70.47 29.09
CA PRO A 783 28.61 -70.80 30.06
C PRO A 783 27.76 -71.96 29.56
N GLU A 784 28.19 -73.19 29.88
CA GLU A 784 27.64 -74.39 29.27
C GLU A 784 26.15 -74.55 29.54
N SER A 785 25.42 -74.98 28.52
CA SER A 785 23.96 -74.83 28.45
C SER A 785 23.45 -75.64 27.25
N PRO A 786 22.19 -76.10 27.31
CA PRO A 786 21.62 -76.82 26.14
C PRO A 786 21.45 -75.96 24.89
N TYR A 787 21.52 -74.63 25.00
CA TYR A 787 21.37 -73.74 23.86
C TYR A 787 22.70 -73.27 23.25
N GLN A 788 23.82 -73.92 23.59
CA GLN A 788 25.12 -73.49 23.08
C GLN A 788 25.48 -74.02 21.70
N THR A 789 24.79 -75.03 21.20
CA THR A 789 25.14 -75.74 19.98
C THR A 789 23.88 -76.02 19.17
N PRO A 790 24.00 -76.35 17.87
CA PRO A 790 22.80 -76.71 17.09
C PRO A 790 22.15 -78.04 17.47
N ILE A 791 22.71 -78.82 18.40
CA ILE A 791 22.27 -80.21 18.62
C ILE A 791 20.80 -80.28 19.04
N TYR A 792 20.33 -79.35 19.87
CA TYR A 792 18.95 -79.39 20.34
C TYR A 792 17.94 -79.26 19.20
N TRP A 793 18.29 -78.52 18.15
CA TRP A 793 17.43 -78.38 16.99
C TRP A 793 17.63 -79.46 15.95
N LEU A 794 18.85 -80.01 15.83
CA LEU A 794 19.07 -81.15 14.93
C LEU A 794 18.36 -82.40 15.41
N LEU A 795 18.15 -82.54 16.73
CA LEU A 795 17.37 -83.65 17.26
C LEU A 795 15.91 -83.56 16.81
N GLN A 796 15.37 -82.34 16.74
CA GLN A 796 14.03 -82.16 16.20
C GLN A 796 14.00 -82.35 14.69
N SER A 797 15.09 -81.98 14.01
CA SER A 797 15.11 -81.98 12.55
C SER A 797 15.45 -83.35 11.97
N GLN A 798 16.38 -84.09 12.60
CA GLN A 798 16.88 -85.39 12.12
C GLN A 798 17.28 -86.21 13.36
N PHE A 799 16.35 -87.00 13.88
CA PHE A 799 16.56 -87.63 15.19
C PHE A 799 17.59 -88.76 15.12
N LYS A 800 17.36 -89.74 14.24
CA LYS A 800 18.18 -90.95 14.20
C LYS A 800 19.63 -90.63 13.88
N LYS A 801 19.85 -89.75 12.89
CA LYS A 801 21.21 -89.42 12.49
C LYS A 801 21.92 -88.62 13.58
N THR A 802 21.20 -87.78 14.32
CA THR A 802 21.83 -87.03 15.40
C THR A 802 22.21 -87.95 16.56
N ILE A 803 21.36 -88.94 16.87
CA ILE A 803 21.69 -89.91 17.92
C ILE A 803 22.96 -90.69 17.55
N ASP A 804 23.07 -91.13 16.28
CA ASP A 804 24.31 -91.75 15.82
C ASP A 804 25.52 -90.84 16.02
N PHE A 805 25.38 -89.56 15.67
CA PHE A 805 26.49 -88.62 15.81
C PHE A 805 26.93 -88.46 17.26
N ILE A 806 25.95 -88.34 18.18
CA ILE A 806 26.29 -88.14 19.58
C ILE A 806 27.07 -89.33 20.12
N LEU A 807 26.63 -90.55 19.77
CA LEU A 807 27.35 -91.74 20.25
C LEU A 807 28.76 -91.83 19.68
N ASP A 808 28.95 -91.58 18.38
CA ASP A 808 30.29 -91.68 17.79
C ASP A 808 31.26 -90.66 18.39
N PHE A 809 30.81 -89.39 18.51
CA PHE A 809 31.66 -88.34 19.03
C PHE A 809 32.06 -88.61 20.48
N THR A 810 31.11 -89.08 21.29
CA THR A 810 31.42 -89.38 22.69
C THR A 810 32.42 -90.52 22.82
N ASN A 811 32.29 -91.57 22.00
CA ASN A 811 33.21 -92.70 22.11
C ASN A 811 34.64 -92.28 21.77
N LYS A 812 34.82 -91.55 20.64
CA LYS A 812 36.13 -91.02 20.27
C LYS A 812 36.75 -90.21 21.41
N THR A 813 35.95 -89.29 21.96
CA THR A 813 36.48 -88.31 22.89
C THR A 813 36.86 -88.94 24.23
N THR A 814 36.01 -89.85 24.73
CA THR A 814 36.33 -90.50 26.00
C THR A 814 37.56 -91.39 25.89
N ILE A 815 37.75 -92.05 24.74
CA ILE A 815 38.93 -92.90 24.61
C ILE A 815 40.19 -92.05 24.59
N CYS A 816 40.09 -90.86 23.99
CA CYS A 816 41.21 -89.92 23.98
C CYS A 816 41.60 -89.50 25.39
N PHE A 817 40.61 -89.19 26.24
CA PHE A 817 40.91 -88.79 27.62
C PHE A 817 41.45 -89.96 28.47
N ALA A 818 40.88 -91.15 28.29
CA ALA A 818 41.16 -92.25 29.20
C ALA A 818 42.62 -92.71 29.15
N HIS A 819 43.27 -92.55 28.00
CA HIS A 819 44.67 -92.92 27.83
C HIS A 819 45.63 -91.75 28.05
N SER A 820 45.13 -90.59 28.46
CA SER A 820 45.99 -89.48 28.81
C SER A 820 46.63 -89.70 30.18
N HIS A 821 47.76 -88.99 30.39
CA HIS A 821 48.42 -88.96 31.70
C HIS A 821 47.53 -88.34 32.76
N PHE A 822 46.64 -87.45 32.33
CA PHE A 822 45.68 -86.76 33.19
C PHE A 822 44.78 -87.76 33.92
N ALA A 823 44.33 -88.81 33.21
CA ALA A 823 43.28 -89.69 33.71
C ALA A 823 43.78 -90.84 34.57
N LYS A 824 45.10 -91.07 34.61
CA LYS A 824 45.67 -92.37 34.96
C LYS A 824 45.25 -92.88 36.33
N ASN A 825 45.06 -91.98 37.29
CA ASN A 825 44.70 -92.35 38.65
C ASN A 825 43.33 -91.81 39.08
N GLU A 826 42.46 -91.46 38.13
CA GLU A 826 41.07 -91.10 38.38
C GLU A 826 40.08 -92.02 37.67
N ILE A 827 40.41 -92.51 36.49
CA ILE A 827 39.49 -93.33 35.69
C ILE A 827 39.50 -94.78 36.15
N GLU A 828 38.31 -95.36 36.33
CA GLU A 828 38.06 -96.78 36.54
C GLU A 828 37.42 -97.39 35.28
N GLU A 829 37.32 -98.74 35.26
CA GLU A 829 36.52 -99.46 34.26
C GLU A 829 35.60 -100.44 34.96
N VAL A 830 34.38 -100.59 34.46
CA VAL A 830 33.34 -101.42 35.08
C VAL A 830 32.64 -102.30 34.04
N ASP A 831 32.29 -103.53 34.46
CA ASP A 831 31.42 -104.41 33.68
C ASP A 831 29.95 -104.02 33.87
N VAL A 832 29.26 -103.76 32.76
CA VAL A 832 27.87 -103.32 32.76
C VAL A 832 26.99 -104.44 32.23
N PHE A 833 25.97 -104.82 33.02
CA PHE A 833 25.04 -105.88 32.64
C PHE A 833 24.01 -105.38 31.62
N ILE A 834 23.72 -106.21 30.62
CA ILE A 834 22.77 -105.86 29.57
C ILE A 834 21.68 -106.92 29.40
N GLU A 835 22.06 -108.19 29.39
CA GLU A 835 21.13 -109.31 29.27
C GLU A 835 21.80 -110.50 29.94
N GLU A 836 21.03 -111.57 30.16
CA GLU A 836 21.53 -112.80 30.78
C GLU A 836 22.79 -113.32 30.09
N GLY A 837 23.89 -113.28 30.83
CA GLY A 837 25.18 -113.66 30.31
C GLY A 837 25.89 -112.61 29.48
N LYS A 838 25.31 -111.42 29.33
CA LYS A 838 25.84 -110.38 28.45
C LYS A 838 26.31 -109.17 29.27
N PHE A 839 27.60 -108.87 29.16
CA PHE A 839 28.22 -107.72 29.81
C PHE A 839 29.10 -106.96 28.81
N ILE A 840 29.27 -105.65 29.06
CA ILE A 840 30.20 -104.80 28.30
C ILE A 840 30.95 -103.93 29.30
N LYS A 841 32.08 -103.36 28.87
CA LYS A 841 32.91 -102.49 29.72
C LYS A 841 32.79 -101.01 29.35
N GLN A 842 32.78 -100.17 30.38
CA GLN A 842 32.69 -98.71 30.26
C GLN A 842 33.69 -98.03 31.20
N TYR A 843 34.22 -96.90 30.75
CA TYR A 843 35.06 -96.03 31.59
C TYR A 843 34.20 -95.15 32.49
N ILE A 844 34.64 -94.93 33.74
CA ILE A 844 33.83 -94.21 34.70
C ILE A 844 34.69 -93.50 35.75
N CYS A 845 34.22 -92.32 36.17
CA CYS A 845 34.71 -91.54 37.31
C CYS A 845 33.67 -90.45 37.58
N ASN A 846 33.85 -89.72 38.69
CA ASN A 846 32.92 -88.66 39.06
C ASN A 846 32.85 -87.57 38.00
N ARG A 847 33.98 -87.27 37.36
CA ARG A 847 34.03 -86.21 36.36
C ARG A 847 33.20 -86.58 35.13
N LEU A 848 33.23 -87.85 34.72
CA LEU A 848 32.43 -88.28 33.58
C LEU A 848 30.96 -88.38 33.94
N TRP A 849 30.65 -88.91 35.12
CA TRP A 849 29.25 -89.12 35.51
C TRP A 849 28.47 -87.81 35.59
N CYS A 850 29.09 -86.75 36.11
CA CYS A 850 28.37 -85.51 36.35
C CYS A 850 28.39 -84.54 35.17
N SER A 851 28.77 -85.01 33.97
CA SER A 851 28.93 -84.14 32.81
C SER A 851 27.66 -83.39 32.45
N TYR A 852 26.51 -84.05 32.57
CA TYR A 852 25.23 -83.46 32.21
C TYR A 852 24.69 -82.46 33.22
N ARG A 853 25.36 -82.30 34.37
CA ARG A 853 24.94 -81.37 35.42
C ARG A 853 25.81 -80.12 35.51
N GLY A 854 27.07 -80.18 35.11
CA GLY A 854 27.95 -79.04 35.26
C GLY A 854 28.54 -78.86 36.63
N THR A 855 28.32 -79.81 37.53
CA THR A 855 28.83 -79.73 38.89
C THR A 855 30.31 -80.11 39.01
N GLN A 856 30.93 -80.56 37.93
CA GLN A 856 32.31 -81.01 37.94
C GLN A 856 33.08 -80.32 36.81
N VAL A 857 34.38 -80.19 37.01
CA VAL A 857 35.25 -79.51 36.05
C VAL A 857 35.46 -80.40 34.83
N SER A 858 34.72 -80.08 33.77
CA SER A 858 34.77 -80.86 32.53
C SER A 858 34.43 -79.96 31.36
N THR A 859 34.77 -80.46 30.18
CA THR A 859 34.59 -79.77 28.89
C THR A 859 33.21 -79.17 28.70
N TYR A 860 33.18 -77.86 28.43
CA TYR A 860 31.92 -77.15 28.25
C TYR A 860 31.16 -77.64 27.01
N LEU A 861 31.88 -78.04 25.95
CA LEU A 861 31.22 -78.56 24.75
C LEU A 861 30.48 -79.87 25.03
N LEU A 862 31.18 -80.83 25.64
CA LEU A 862 30.56 -82.11 25.97
C LEU A 862 29.44 -81.94 26.98
N SER A 863 29.64 -81.05 27.95
CA SER A 863 28.58 -80.72 28.89
C SER A 863 27.34 -80.23 28.16
N SER A 864 27.52 -79.31 27.21
CA SER A 864 26.38 -78.73 26.50
C SER A 864 25.66 -79.77 25.65
N ILE A 865 26.41 -80.68 25.03
CA ILE A 865 25.79 -81.75 24.24
C ILE A 865 24.93 -82.65 25.13
N HIS A 866 25.46 -83.07 26.29
CA HIS A 866 24.70 -83.96 27.15
C HIS A 866 23.50 -83.27 27.80
N MET A 867 23.61 -81.96 28.11
CA MET A 867 22.44 -81.21 28.55
C MET A 867 21.36 -81.16 27.47
N ALA A 868 21.75 -80.95 26.21
CA ALA A 868 20.74 -80.89 25.15
C ALA A 868 20.02 -82.22 25.01
N LEU A 869 20.75 -83.33 25.13
CA LEU A 869 20.11 -84.64 25.04
C LEU A 869 19.11 -84.88 26.17
N GLU A 870 19.49 -84.55 27.42
CA GLU A 870 18.57 -84.72 28.54
C GLU A 870 17.32 -83.86 28.37
N LYS A 871 17.50 -82.60 27.95
CA LYS A 871 16.35 -81.70 27.81
C LYS A 871 15.39 -82.18 26.73
N PHE A 872 15.93 -82.70 25.62
CA PHE A 872 15.05 -83.23 24.57
C PHE A 872 14.21 -84.39 25.09
N PHE A 873 14.82 -85.34 25.78
CA PHE A 873 14.02 -86.48 26.27
C PHE A 873 13.00 -86.05 27.32
N LEU A 874 13.35 -85.09 28.18
CA LEU A 874 12.39 -84.67 29.20
C LEU A 874 11.23 -83.87 28.61
N GLU A 875 11.47 -83.11 27.55
CA GLU A 875 10.40 -82.31 26.94
C GLU A 875 9.50 -83.13 26.02
N ASN A 876 10.08 -83.99 25.17
CA ASN A 876 9.33 -84.51 24.03
C ASN A 876 8.74 -85.91 24.22
N PHE A 877 9.24 -86.72 25.15
CA PHE A 877 8.69 -88.05 25.41
C PHE A 877 7.72 -88.08 26.59
N LYS A 878 7.25 -86.92 27.04
CA LYS A 878 6.49 -86.82 28.30
C LYS A 878 5.17 -87.59 28.25
N ASN A 879 4.56 -87.73 27.07
CA ASN A 879 3.32 -88.50 26.92
C ASN A 879 3.48 -89.70 26.01
N ALA A 880 4.68 -90.26 25.92
CA ALA A 880 4.97 -91.31 24.94
C ALA A 880 4.50 -92.69 25.40
N ASP A 881 4.45 -93.61 24.43
CA ASP A 881 4.21 -95.02 24.68
C ASP A 881 5.46 -95.61 25.35
N SER A 882 5.23 -96.40 26.41
CA SER A 882 6.32 -96.96 27.19
C SER A 882 7.26 -97.81 26.35
N LYS A 883 6.71 -98.50 25.35
CA LYS A 883 7.51 -99.42 24.55
C LYS A 883 8.53 -98.64 23.70
N VAL A 884 8.10 -97.51 23.12
CA VAL A 884 8.98 -96.62 22.37
C VAL A 884 10.10 -96.06 23.26
N LEU A 885 9.71 -95.50 24.41
CA LEU A 885 10.66 -94.82 25.31
C LEU A 885 11.71 -95.79 25.84
N GLU A 886 11.25 -96.95 26.32
CA GLU A 886 12.18 -97.94 26.85
C GLU A 886 13.11 -98.49 25.77
N SER A 887 12.59 -98.67 24.54
CA SER A 887 13.47 -99.14 23.48
C SER A 887 14.59 -98.15 23.19
N TRP A 888 14.30 -96.84 23.22
CA TRP A 888 15.41 -95.92 22.95
C TRP A 888 16.41 -95.85 24.10
N LEU A 889 15.94 -95.94 25.36
CA LEU A 889 16.88 -95.91 26.49
C LEU A 889 17.83 -97.11 26.46
N LEU A 890 17.28 -98.29 26.12
CA LEU A 890 18.13 -99.48 26.02
C LEU A 890 19.11 -99.38 24.85
N PHE A 891 18.67 -98.77 23.73
CA PHE A 891 19.59 -98.54 22.61
C PHE A 891 20.77 -97.67 23.01
N LEU A 892 20.52 -96.64 23.83
CA LEU A 892 21.62 -95.81 24.31
C LEU A 892 22.57 -96.58 25.21
N LEU A 893 22.03 -97.44 26.10
CA LEU A 893 22.91 -98.21 26.99
C LEU A 893 23.80 -99.18 26.23
N ARG A 894 23.26 -99.86 25.20
CA ARG A 894 24.04 -100.89 24.52
C ARG A 894 25.25 -100.34 23.78
N ASN A 895 25.18 -99.10 23.29
CA ASN A 895 26.16 -98.62 22.32
C ASN A 895 27.21 -97.67 22.90
N THR A 896 27.03 -97.14 24.11
CA THR A 896 28.01 -96.23 24.67
C THR A 896 29.21 -96.97 25.25
N LYS A 897 30.38 -96.36 25.11
CA LYS A 897 31.58 -96.78 25.83
C LYS A 897 31.90 -95.86 27.00
N SER A 898 31.03 -94.90 27.31
CA SER A 898 31.29 -93.89 28.33
C SER A 898 30.10 -93.82 29.29
N ALA A 899 30.40 -93.75 30.59
CA ALA A 899 29.35 -93.72 31.61
C ALA A 899 28.57 -92.42 31.63
N SER A 900 29.07 -91.39 30.93
CA SER A 900 28.37 -90.11 30.87
C SER A 900 27.04 -90.21 30.15
N ILE A 901 26.87 -91.18 29.25
CA ILE A 901 25.57 -91.46 28.66
C ILE A 901 24.67 -92.21 29.63
N SER A 902 25.25 -93.18 30.35
CA SER A 902 24.49 -93.97 31.32
C SER A 902 23.90 -93.09 32.40
N ALA A 903 24.59 -92.00 32.75
CA ALA A 903 24.03 -91.04 33.71
C ALA A 903 22.76 -90.39 33.19
N VAL A 904 22.75 -90.01 31.90
CA VAL A 904 21.58 -89.37 31.31
C VAL A 904 20.39 -90.34 31.29
N VAL A 905 20.68 -91.61 30.94
CA VAL A 905 19.64 -92.64 30.94
C VAL A 905 19.05 -92.80 32.33
N THR A 906 19.93 -92.85 33.34
CA THR A 906 19.48 -92.95 34.73
C THR A 906 18.60 -91.77 35.14
N SER A 907 18.96 -90.56 34.70
CA SER A 907 18.16 -89.38 35.00
C SER A 907 16.76 -89.50 34.43
N ILE A 908 16.63 -90.00 33.20
CA ILE A 908 15.30 -90.12 32.61
C ILE A 908 14.49 -91.21 33.31
N VAL A 909 15.15 -92.28 33.75
CA VAL A 909 14.43 -93.33 34.49
C VAL A 909 13.93 -92.79 35.82
N LEU A 910 14.72 -91.95 36.49
CA LEU A 910 14.26 -91.31 37.71
C LEU A 910 13.13 -90.32 37.45
N ALA A 911 13.05 -89.75 36.24
CA ALA A 911 12.00 -88.77 35.97
C ALA A 911 10.65 -89.40 35.66
N PHE A 912 10.63 -90.54 34.97
CA PHE A 912 9.39 -91.21 34.57
C PHE A 912 9.33 -92.63 35.14
N PRO A 913 9.22 -92.78 36.47
CA PRO A 913 9.50 -94.09 37.08
C PRO A 913 8.45 -95.15 36.80
N GLU A 914 7.20 -94.77 36.57
CA GLU A 914 6.17 -95.77 36.31
C GLU A 914 6.07 -96.16 34.84
N LYS A 915 6.74 -95.44 33.95
CA LYS A 915 6.82 -95.87 32.55
C LYS A 915 8.01 -96.77 32.26
N THR A 916 9.01 -96.82 33.14
CA THR A 916 10.34 -97.28 32.76
C THR A 916 10.89 -98.40 33.64
N PHE A 917 10.04 -99.24 34.24
CA PHE A 917 10.52 -100.29 35.15
C PHE A 917 11.45 -101.29 34.45
N ASN A 918 11.20 -101.59 33.18
CA ASN A 918 12.04 -102.57 32.49
C ASN A 918 13.44 -102.04 32.22
N VAL A 919 13.63 -100.72 32.23
CA VAL A 919 15.00 -100.19 32.18
C VAL A 919 15.63 -100.19 33.56
N ALA A 920 14.86 -99.79 34.58
CA ALA A 920 15.36 -99.75 35.95
C ALA A 920 15.85 -101.13 36.40
N LYS A 921 15.15 -102.17 35.94
CA LYS A 921 15.54 -103.55 36.20
C LYS A 921 16.96 -103.85 35.72
N VAL A 922 17.39 -103.23 34.62
CA VAL A 922 18.73 -103.44 34.13
C VAL A 922 19.76 -102.63 34.93
N LEU A 923 19.38 -101.42 35.34
CA LEU A 923 20.31 -100.54 36.06
C LEU A 923 20.64 -101.09 37.44
N PHE A 924 19.65 -101.68 38.13
CA PHE A 924 19.90 -102.23 39.47
C PHE A 924 20.89 -103.40 39.46
N GLN A 925 21.12 -104.05 38.33
CA GLN A 925 21.98 -105.22 38.29
C GLN A 925 23.45 -104.89 38.02
N THR A 926 23.81 -103.61 37.97
CA THR A 926 25.20 -103.17 37.90
C THR A 926 25.52 -102.41 39.18
N LYS A 927 26.57 -102.84 39.89
CA LYS A 927 26.75 -102.43 41.28
C LYS A 927 27.23 -100.99 41.40
N ASP A 928 28.19 -100.57 40.58
CA ASP A 928 28.85 -99.30 40.79
C ASP A 928 27.98 -98.08 40.50
N PHE A 929 26.89 -98.24 39.75
CA PHE A 929 25.99 -97.11 39.51
C PHE A 929 25.38 -96.56 40.79
N PHE A 930 25.19 -97.41 41.82
CA PHE A 930 24.73 -96.93 43.12
C PHE A 930 25.73 -95.98 43.77
N ARG A 931 27.03 -96.22 43.59
CA ARG A 931 28.05 -95.40 44.25
C ARG A 931 28.08 -93.98 43.67
N PHE A 932 28.12 -93.91 42.34
CA PHE A 932 28.27 -92.62 41.66
C PHE A 932 26.99 -91.79 41.69
N ASP A 933 25.82 -92.43 41.66
CA ASP A 933 24.57 -91.68 41.78
C ASP A 933 24.42 -91.03 43.15
N MET A 934 24.90 -91.71 44.20
CA MET A 934 24.84 -91.14 45.54
C MET A 934 25.80 -89.93 45.66
N ASN A 935 26.99 -90.04 45.03
CA ASN A 935 27.87 -88.86 44.95
C ASN A 935 27.18 -87.68 44.24
N ARG A 936 26.51 -87.95 43.12
CA ARG A 936 25.74 -86.90 42.43
C ARG A 936 24.70 -86.26 43.34
N MET A 937 23.97 -87.07 44.10
CA MET A 937 22.89 -86.54 44.94
C MET A 937 23.45 -85.58 45.99
N VAL A 938 24.59 -85.92 46.58
CA VAL A 938 25.18 -85.00 47.55
C VAL A 938 25.64 -83.71 46.87
N LEU A 939 26.18 -83.79 45.66
CA LEU A 939 26.57 -82.53 44.99
C LEU A 939 25.38 -81.68 44.58
N ASP A 940 24.30 -82.31 44.10
CA ASP A 940 23.10 -81.58 43.71
C ASP A 940 22.48 -80.86 44.88
N ARG A 941 22.50 -81.49 46.06
CA ARG A 941 21.92 -80.83 47.23
C ARG A 941 22.77 -79.65 47.75
N THR A 942 23.87 -79.26 47.08
CA THR A 942 24.66 -78.10 47.51
C THR A 942 24.97 -77.08 46.42
N HIS A 943 25.09 -77.55 45.17
CA HIS A 943 25.52 -76.73 44.02
C HIS A 943 24.73 -75.44 43.81
N LYS A 944 23.41 -75.52 44.03
CA LYS A 944 22.53 -74.37 43.84
C LYS A 944 22.96 -73.17 44.66
N SER A 945 23.41 -73.42 45.90
CA SER A 945 23.88 -72.35 46.77
C SER A 945 25.13 -71.69 46.20
N SER A 946 25.99 -72.47 45.54
CA SER A 946 27.21 -71.90 44.98
C SER A 946 26.94 -71.10 43.72
N LEU A 947 25.89 -71.43 42.97
CA LEU A 947 25.44 -70.50 41.94
C LEU A 947 24.80 -69.26 42.56
N ILE A 948 23.90 -69.46 43.52
CA ILE A 948 23.15 -68.40 44.15
C ILE A 948 23.84 -67.91 45.41
N ASN A 961 24.21 -63.33 28.94
CA ASN A 961 24.21 -64.78 29.15
C ASN A 961 23.01 -65.25 29.97
N SER A 962 22.08 -64.31 30.21
CA SER A 962 20.94 -64.59 31.09
C SER A 962 20.03 -65.69 30.54
N LEU A 963 20.00 -65.86 29.20
CA LEU A 963 19.31 -66.97 28.57
C LEU A 963 19.79 -68.31 29.10
N HIS A 964 21.10 -68.43 29.32
CA HIS A 964 21.69 -69.68 29.80
C HIS A 964 21.57 -69.80 31.31
N GLU A 965 21.79 -68.69 32.02
CA GLU A 965 21.85 -68.73 33.48
C GLU A 965 20.48 -68.97 34.10
N GLU A 966 19.41 -68.41 33.50
CA GLU A 966 18.07 -68.72 34.01
C GLU A 966 17.72 -70.18 33.79
N ASP A 967 18.18 -70.77 32.68
CA ASP A 967 17.95 -72.19 32.45
C ASP A 967 18.71 -73.05 33.44
N ARG A 968 19.92 -72.62 33.83
CA ARG A 968 20.64 -73.32 34.90
C ARG A 968 19.90 -73.23 36.23
N ILE A 969 19.42 -72.04 36.58
CA ILE A 969 18.74 -71.85 37.87
C ILE A 969 17.45 -72.65 37.91
N LYS A 970 16.70 -72.65 36.81
CA LYS A 970 15.46 -73.42 36.75
C LYS A 970 15.73 -74.92 36.81
N ALA A 971 16.84 -75.37 36.20
CA ALA A 971 17.18 -76.79 36.25
C ALA A 971 17.49 -77.24 37.67
N CYS A 972 18.08 -76.35 38.47
CA CYS A 972 18.32 -76.67 39.86
C CYS A 972 17.03 -76.81 40.66
N ASP A 973 15.91 -76.29 40.14
CA ASP A 973 14.61 -76.47 40.77
C ASP A 973 13.83 -77.66 40.23
N ASP A 974 14.40 -78.48 39.35
CA ASP A 974 13.72 -79.68 38.86
C ASP A 974 13.43 -80.64 40.00
N VAL A 975 12.19 -81.14 40.06
CA VAL A 975 11.76 -81.94 41.21
C VAL A 975 12.51 -83.27 41.28
N HIS A 976 12.81 -83.87 40.13
CA HIS A 976 13.40 -85.21 40.13
C HIS A 976 14.87 -85.24 40.52
N ARG A 977 15.51 -84.09 40.76
CA ARG A 977 16.91 -84.11 41.16
C ARG A 977 17.06 -84.61 42.59
N ASN A 978 15.99 -84.58 43.39
CA ASN A 978 16.07 -84.94 44.80
C ASN A 978 16.24 -86.44 45.03
N THR A 979 15.81 -87.27 44.08
CA THR A 979 15.82 -88.71 44.25
C THR A 979 17.05 -89.37 43.63
N TYR A 980 17.23 -90.65 43.96
CA TYR A 980 18.42 -91.41 43.58
C TYR A 980 18.05 -92.89 43.69
N LEU A 981 18.94 -93.75 43.19
CA LEU A 981 18.58 -95.14 42.88
C LEU A 981 18.13 -95.96 44.10
N GLU A 982 18.65 -95.65 45.30
CA GLU A 982 18.19 -96.38 46.49
C GLU A 982 16.72 -96.10 46.78
N ASN A 983 16.31 -94.82 46.69
CA ASN A 983 14.91 -94.46 46.89
C ASN A 983 14.01 -95.17 45.88
N LEU A 984 14.46 -95.28 44.64
CA LEU A 984 13.67 -95.95 43.61
C LEU A 984 13.54 -97.44 43.89
N ALA A 985 14.63 -98.09 44.32
CA ALA A 985 14.55 -99.51 44.63
C ALA A 985 13.61 -99.78 45.80
N LEU A 986 13.55 -98.87 46.77
CA LEU A 986 12.61 -99.09 47.86
C LEU A 986 11.18 -98.75 47.44
N HIS A 987 11.01 -97.75 46.59
CA HIS A 987 9.70 -97.25 46.21
C HIS A 987 8.87 -98.29 45.46
N TYR A 988 9.49 -99.05 44.54
CA TYR A 988 8.80 -100.12 43.83
C TYR A 988 8.30 -101.24 44.74
N GLN A 989 8.84 -101.37 45.95
CA GLN A 989 8.39 -102.40 46.88
C GLN A 989 7.24 -101.95 47.77
N ILE A 990 6.80 -100.68 47.67
CA ILE A 990 5.91 -100.12 48.68
C ILE A 990 4.65 -99.50 48.07
N PHE A 991 4.81 -98.76 46.98
CA PHE A 991 3.77 -97.90 46.42
C PHE A 991 3.21 -98.43 45.11
N ARG A 992 1.89 -98.28 44.94
CA ARG A 992 1.17 -98.72 43.75
C ARG A 992 0.36 -97.55 43.20
N SER A 993 0.56 -97.26 41.93
CA SER A 993 -0.13 -96.17 41.26
C SER A 993 -1.26 -96.70 40.39
N GLU A 994 -2.00 -95.77 39.78
CA GLU A 994 -3.35 -96.04 39.27
C GLU A 994 -3.41 -97.06 38.15
N ASN A 995 -2.31 -97.32 37.43
CA ASN A 995 -2.30 -98.22 36.29
C ASN A 995 -1.74 -99.61 36.61
N VAL A 996 -1.33 -99.85 37.84
CA VAL A 996 -0.55 -101.02 38.22
C VAL A 996 -1.40 -101.94 39.07
N THR A 997 -1.53 -103.20 38.63
CA THR A 997 -2.30 -104.17 39.40
C THR A 997 -1.49 -104.69 40.57
N GLU A 998 -2.20 -105.35 41.50
CA GLU A 998 -1.51 -106.02 42.60
C GLU A 998 -0.67 -107.17 42.09
N LYS A 999 -1.11 -107.82 41.01
CA LYS A 999 -0.32 -108.89 40.39
C LYS A 999 1.00 -108.35 39.84
N ASP A 1000 0.95 -107.18 39.20
CA ASP A 1000 2.16 -106.51 38.74
C ASP A 1000 3.09 -106.18 39.89
N ALA A 1001 2.53 -105.65 40.99
CA ALA A 1001 3.37 -105.23 42.10
C ALA A 1001 4.00 -106.44 42.79
N ILE A 1002 3.27 -107.54 42.87
CA ILE A 1002 3.81 -108.79 43.37
C ILE A 1002 4.97 -109.26 42.50
N GLU A 1003 4.82 -109.16 41.18
CA GLU A 1003 5.89 -109.57 40.28
C GLU A 1003 7.11 -108.67 40.40
N ARG A 1004 6.90 -107.36 40.61
CA ARG A 1004 8.00 -106.42 40.83
C ARG A 1004 8.78 -106.78 42.10
N GLN A 1005 8.05 -107.12 43.16
CA GLN A 1005 8.70 -107.55 44.40
C GLN A 1005 9.54 -108.80 44.19
N GLN A 1006 9.01 -109.78 43.45
CA GLN A 1006 9.74 -111.02 43.21
C GLN A 1006 11.02 -110.78 42.42
N VAL A 1007 10.97 -109.89 41.41
CA VAL A 1007 12.15 -109.55 40.63
C VAL A 1007 13.22 -108.92 41.52
N LEU A 1008 12.83 -107.91 42.31
CA LEU A 1008 13.80 -107.21 43.15
C LEU A 1008 14.39 -108.13 44.22
N TRP A 1009 13.59 -109.05 44.76
CA TRP A 1009 14.10 -109.98 45.76
C TRP A 1009 15.06 -111.00 45.17
N ASP A 1010 14.84 -111.44 43.92
CA ASP A 1010 15.86 -112.25 43.26
C ASP A 1010 17.17 -111.48 43.11
N ILE A 1011 17.08 -110.19 42.75
CA ILE A 1011 18.30 -109.40 42.60
C ILE A 1011 19.04 -109.23 43.92
N PHE A 1012 18.32 -108.93 45.01
CA PHE A 1012 18.94 -108.83 46.33
C PHE A 1012 19.58 -110.13 46.76
N ASP A 1013 18.88 -111.27 46.58
CA ASP A 1013 19.45 -112.56 46.97
C ASP A 1013 20.71 -112.86 46.17
N LYS A 1014 20.73 -112.52 44.88
CA LYS A 1014 21.94 -112.76 44.10
C LYS A 1014 23.08 -111.84 44.53
N TYR A 1015 22.78 -110.64 45.08
CA TYR A 1015 23.86 -109.83 45.65
C TYR A 1015 24.37 -110.38 46.99
N TYR A 1016 23.48 -110.86 47.88
CA TYR A 1016 23.92 -111.39 49.17
C TYR A 1016 24.85 -112.58 49.01
N ASN A 1017 24.54 -113.45 48.04
CA ASN A 1017 25.29 -114.67 47.77
C ASN A 1017 26.75 -114.40 47.39
N GLN A 1018 27.08 -113.19 46.95
CA GLN A 1018 28.40 -112.87 46.44
C GLN A 1018 29.32 -112.21 47.47
N LEU A 1019 28.83 -111.94 48.68
CA LEU A 1019 29.60 -111.20 49.67
C LEU A 1019 30.79 -112.03 50.17
N PRO A 1020 31.91 -111.39 50.52
CA PRO A 1020 33.08 -112.15 50.96
C PRO A 1020 32.96 -112.65 52.39
N ASP A 1021 33.86 -113.59 52.74
CA ASP A 1021 33.97 -114.05 54.11
C ASP A 1021 34.43 -112.91 55.01
N GLU A 1022 33.83 -112.85 56.20
CA GLU A 1022 33.76 -111.58 56.93
C GLU A 1022 35.12 -111.11 57.44
N ALA A 1023 36.09 -112.01 57.61
CA ALA A 1023 37.43 -111.57 57.98
C ALA A 1023 38.13 -110.81 56.85
N GLN A 1024 37.66 -110.97 55.61
CA GLN A 1024 38.29 -110.35 54.45
C GLN A 1024 37.87 -108.91 54.21
N GLU A 1025 36.85 -108.44 54.94
CA GLU A 1025 36.13 -107.23 54.54
C GLU A 1025 36.97 -105.96 54.64
N THR A 1026 36.79 -105.09 53.66
CA THR A 1026 37.20 -103.69 53.76
C THR A 1026 35.95 -102.82 53.95
N GLU A 1027 36.19 -101.57 54.33
CA GLU A 1027 35.13 -100.60 54.58
C GLU A 1027 34.23 -100.35 53.36
N ALA A 1028 34.75 -100.57 52.15
CA ALA A 1028 33.88 -100.52 50.97
C ALA A 1028 32.82 -101.63 51.04
N ASP A 1029 33.21 -102.82 51.49
CA ASP A 1029 32.24 -103.90 51.67
C ASP A 1029 31.23 -103.55 52.75
N LYS A 1030 31.68 -102.95 53.85
CA LYS A 1030 30.76 -102.58 54.92
C LYS A 1030 29.79 -101.50 54.44
N THR A 1031 30.28 -100.57 53.62
CA THR A 1031 29.43 -99.55 53.03
C THR A 1031 28.37 -100.16 52.11
N TRP A 1032 28.78 -101.11 51.27
CA TRP A 1032 27.83 -101.78 50.38
C TRP A 1032 26.80 -102.59 51.16
N ARG A 1033 27.20 -103.22 52.25
CA ARG A 1033 26.25 -103.97 53.07
C ARG A 1033 25.23 -103.03 53.73
N LEU A 1034 25.70 -101.87 54.21
CA LEU A 1034 24.76 -100.87 54.72
C LEU A 1034 23.82 -100.37 53.64
N CYS A 1035 24.34 -100.21 52.41
CA CYS A 1035 23.52 -99.80 51.27
C CYS A 1035 22.40 -100.80 50.99
N LEU A 1036 22.76 -102.09 50.96
CA LEU A 1036 21.76 -103.13 50.76
C LEU A 1036 20.73 -103.14 51.88
N ALA A 1037 21.16 -102.88 53.11
CA ALA A 1037 20.21 -102.86 54.23
C ALA A 1037 19.18 -101.76 54.10
N ARG A 1038 19.50 -100.67 53.40
CA ARG A 1038 18.54 -99.59 53.22
C ARG A 1038 17.49 -99.88 52.15
N MET A 1039 17.58 -100.99 51.43
CA MET A 1039 16.71 -101.30 50.30
C MET A 1039 15.78 -102.48 50.50
N ASP A 1040 16.19 -103.53 51.22
CA ASP A 1040 15.50 -104.82 51.23
C ASP A 1040 14.38 -104.78 52.28
N ARG A 1041 13.13 -104.70 51.79
CA ARG A 1041 11.98 -104.49 52.68
C ARG A 1041 11.71 -105.69 53.57
N ARG A 1042 12.14 -106.88 53.15
CA ARG A 1042 11.90 -108.11 53.91
C ARG A 1042 12.49 -108.04 55.32
N LYS A 1043 13.57 -107.29 55.50
CA LYS A 1043 14.30 -107.23 56.76
C LYS A 1043 14.13 -105.88 57.47
N MET A 1044 12.92 -105.31 57.45
CA MET A 1044 12.64 -104.00 58.04
C MET A 1044 11.38 -104.02 58.90
N LYS A 1045 11.40 -103.21 59.97
CA LYS A 1045 10.24 -102.85 60.77
C LYS A 1045 9.75 -101.45 60.39
N ILE A 1046 8.51 -101.14 60.78
CA ILE A 1046 7.84 -99.89 60.43
C ILE A 1046 7.33 -99.22 61.70
N THR A 1047 7.42 -97.88 61.77
CA THR A 1047 6.73 -97.08 62.77
C THR A 1047 6.42 -95.69 62.19
N THR A 1048 5.39 -95.03 62.77
CA THR A 1048 4.79 -93.84 62.16
C THR A 1048 4.39 -92.80 63.22
N LYS A 1049 4.45 -91.52 62.86
CA LYS A 1049 3.97 -90.41 63.68
C LYS A 1049 3.29 -89.32 62.86
N GLU A 1050 2.10 -88.89 63.31
CA GLU A 1050 1.38 -87.79 62.66
C GLU A 1050 1.96 -86.43 63.04
N LYS A 1051 2.04 -85.54 62.06
CA LYS A 1051 2.66 -84.22 62.23
C LYS A 1051 1.88 -83.19 61.41
N ASP A 1052 2.22 -81.90 61.61
CA ASP A 1052 1.49 -80.82 60.94
C ASP A 1052 1.56 -80.91 59.42
N GLU A 1053 2.61 -81.51 58.89
CA GLU A 1053 2.83 -81.60 57.44
C GLU A 1053 2.30 -82.88 56.81
N GLY A 1054 1.86 -83.84 57.60
CA GLY A 1054 1.45 -85.14 57.09
C GLY A 1054 1.74 -86.21 58.13
N ILE A 1055 2.05 -87.42 57.66
CA ILE A 1055 2.45 -88.52 58.53
C ILE A 1055 3.89 -88.90 58.23
N GLU A 1056 4.74 -88.82 59.27
CA GLU A 1056 6.11 -89.29 59.20
C GLU A 1056 6.16 -90.81 59.30
N ILE A 1057 7.00 -91.43 58.46
CA ILE A 1057 7.26 -92.87 58.50
C ILE A 1057 8.73 -93.07 58.82
N SER A 1058 9.03 -93.99 59.73
CA SER A 1058 10.41 -94.46 59.93
C SER A 1058 10.50 -95.93 59.54
N PHE A 1059 11.48 -96.26 58.70
CA PHE A 1059 11.73 -97.62 58.25
C PHE A 1059 13.00 -98.11 58.94
N ASN A 1060 12.91 -99.21 59.68
CA ASN A 1060 13.99 -99.62 60.59
C ASN A 1060 14.60 -100.93 60.17
N PRO A 1061 15.80 -100.95 59.59
CA PRO A 1061 16.37 -102.24 59.15
C PRO A 1061 16.91 -103.07 60.31
N GLU A 1062 16.79 -104.38 60.13
CA GLU A 1062 17.32 -105.36 61.08
C GLU A 1062 18.76 -105.68 60.68
N ILE A 1063 19.70 -105.48 61.61
CA ILE A 1063 21.10 -105.24 61.28
C ILE A 1063 22.05 -106.14 62.07
N ASP A 1064 23.13 -106.57 61.39
CA ASP A 1064 24.18 -107.44 61.94
C ASP A 1064 24.95 -106.68 63.02
N PRO A 1065 25.17 -107.29 64.20
CA PRO A 1065 25.88 -106.60 65.29
C PRO A 1065 27.29 -106.12 64.98
N LYS A 1066 28.07 -106.87 64.19
CA LYS A 1066 29.41 -106.42 63.82
C LYS A 1066 29.34 -105.12 63.01
N LEU A 1067 28.42 -105.07 62.05
CA LEU A 1067 28.27 -103.92 61.17
C LEU A 1067 27.63 -102.74 61.92
N LYS A 1068 26.69 -103.05 62.83
CA LYS A 1068 26.11 -102.04 63.70
C LYS A 1068 27.18 -101.32 64.51
N GLN A 1069 28.12 -102.09 65.08
CA GLN A 1069 29.18 -101.48 65.87
C GLN A 1069 30.10 -100.61 65.02
N TYR A 1070 30.37 -101.05 63.77
CA TYR A 1070 31.16 -100.20 62.86
C TYR A 1070 30.47 -98.84 62.62
N SER A 1071 29.15 -98.87 62.36
CA SER A 1071 28.40 -97.64 62.09
C SER A 1071 28.41 -96.71 63.30
N GLU A 1072 28.24 -97.28 64.50
CA GLU A 1072 28.22 -96.48 65.72
C GLU A 1072 29.55 -95.77 65.95
N GLU A 1073 30.67 -96.49 65.75
CA GLU A 1073 31.99 -95.88 65.93
C GLU A 1073 32.19 -94.70 64.96
N ALA A 1074 31.82 -94.87 63.70
CA ALA A 1074 32.08 -93.79 62.73
C ALA A 1074 31.23 -92.54 63.02
N ILE A 1075 29.96 -92.75 63.38
CA ILE A 1075 29.07 -91.64 63.76
C ILE A 1075 29.64 -90.87 64.95
N LYS A 1076 30.12 -91.60 65.97
CA LYS A 1076 30.71 -90.94 67.14
C LYS A 1076 31.91 -90.08 66.74
N LYS A 1077 32.79 -90.62 65.89
CA LYS A 1077 34.00 -89.90 65.49
C LYS A 1077 33.65 -88.60 64.77
N ASN A 1078 32.59 -88.62 63.95
CA ASN A 1078 32.12 -87.38 63.34
C ASN A 1078 31.70 -86.37 64.40
N SER A 1079 30.94 -86.80 65.42
CA SER A 1079 30.51 -85.83 66.43
C SER A 1079 31.70 -85.30 67.24
N GLU A 1080 32.76 -86.10 67.36
CA GLU A 1080 33.98 -85.63 68.03
C GLU A 1080 34.70 -84.55 67.21
N HIS A 1081 34.65 -84.63 65.88
CA HIS A 1081 35.29 -83.60 65.05
C HIS A 1081 34.48 -82.30 65.07
N MET A 1082 33.16 -82.38 64.91
CA MET A 1082 32.30 -81.21 64.72
C MET A 1082 31.93 -80.52 66.03
N LYS A 1083 32.78 -80.64 67.05
CA LYS A 1083 32.40 -80.33 68.43
C LYS A 1083 32.15 -78.83 68.63
N TYR A 1084 33.02 -77.97 68.09
CA TYR A 1084 32.98 -76.55 68.41
C TYR A 1084 32.37 -75.67 67.30
N VAL A 1085 31.73 -76.27 66.31
CA VAL A 1085 31.23 -75.55 65.13
C VAL A 1085 30.12 -74.56 65.50
N THR A 1086 29.29 -74.88 66.50
CA THR A 1086 28.25 -73.95 66.92
C THR A 1086 28.84 -72.70 67.57
N LEU A 1087 29.92 -72.84 68.36
CA LEU A 1087 30.57 -71.67 68.94
C LEU A 1087 31.21 -70.80 67.85
N LYS A 1088 31.81 -71.44 66.85
CA LYS A 1088 32.37 -70.73 65.70
C LYS A 1088 31.29 -69.94 64.97
N LEU A 1089 30.13 -70.57 64.75
CA LEU A 1089 28.99 -69.91 64.10
C LEU A 1089 28.51 -68.70 64.90
N TRP A 1090 28.30 -68.90 66.21
CA TRP A 1090 27.81 -67.82 67.06
C TRP A 1090 28.75 -66.63 67.06
N ALA A 1091 30.04 -66.89 67.24
CA ALA A 1091 31.01 -65.80 67.30
C ALA A 1091 31.12 -65.08 65.97
N SER A 1092 31.00 -65.81 64.85
CA SER A 1092 31.09 -65.17 63.54
C SER A 1092 29.87 -64.29 63.27
N TYR A 1093 28.66 -64.79 63.55
CA TYR A 1093 27.46 -63.97 63.39
C TYR A 1093 27.51 -62.73 64.28
N LYS A 1094 27.99 -62.90 65.52
CA LYS A 1094 28.09 -61.79 66.45
C LYS A 1094 29.09 -60.74 65.96
N ARG A 1095 30.22 -61.20 65.40
CA ARG A 1095 31.24 -60.32 64.86
C ARG A 1095 30.70 -59.50 63.69
N GLU A 1096 29.95 -60.14 62.80
CA GLU A 1096 29.40 -59.49 61.62
C GLU A 1096 28.07 -58.79 61.88
N LYS A 1097 27.60 -58.79 63.13
CA LYS A 1097 26.36 -58.11 63.54
C LYS A 1097 25.15 -58.60 62.73
N ASP A 1098 25.12 -59.91 62.49
CA ASP A 1098 24.02 -60.57 61.79
C ASP A 1098 23.15 -61.21 62.86
N GLU A 1099 21.89 -60.77 62.93
CA GLU A 1099 20.95 -61.18 63.99
C GLU A 1099 20.67 -62.69 64.01
N ARG A 1100 21.27 -63.50 63.14
CA ARG A 1100 21.11 -64.95 63.26
C ARG A 1100 21.81 -65.54 64.47
N TYR A 1101 22.61 -64.73 65.19
CA TYR A 1101 23.20 -65.18 66.45
C TYR A 1101 22.14 -65.46 67.53
N LYS A 1102 20.98 -64.79 67.46
CA LYS A 1102 19.94 -64.91 68.47
C LYS A 1102 19.40 -66.34 68.58
N ASN A 1103 19.63 -67.19 67.57
CA ASN A 1103 19.17 -68.57 67.65
C ASN A 1103 19.98 -69.40 68.65
N TYR A 1104 21.17 -68.96 69.01
CA TYR A 1104 22.12 -69.79 69.77
C TYR A 1104 22.14 -69.43 71.25
N GLY A 1105 21.00 -69.68 71.90
CA GLY A 1105 20.81 -69.36 73.31
C GLY A 1105 21.63 -70.18 74.28
N MET A 1106 22.40 -71.13 73.78
CA MET A 1106 23.31 -71.90 74.63
C MET A 1106 24.64 -71.19 74.84
N TYR A 1107 24.93 -70.16 74.05
CA TYR A 1107 26.09 -69.30 74.19
C TYR A 1107 25.72 -67.84 74.44
N GLU A 1108 24.68 -67.33 73.78
CA GLU A 1108 24.01 -66.13 74.27
C GLU A 1108 23.43 -66.44 75.64
N ASP A 1109 23.47 -65.44 76.53
CA ASP A 1109 23.14 -65.55 77.95
C ASP A 1109 24.07 -66.52 78.70
N ASN A 1110 25.19 -66.90 78.09
CA ASN A 1110 26.10 -67.86 78.71
C ASN A 1110 27.58 -67.56 78.45
N PRO A 1111 28.11 -66.38 78.82
CA PRO A 1111 29.51 -66.04 78.44
C PRO A 1111 30.57 -66.98 79.00
N GLN A 1112 30.34 -67.48 80.23
CA GLN A 1112 31.28 -68.33 80.92
C GLN A 1112 31.35 -69.74 80.33
N ILE A 1113 30.27 -70.22 79.73
CA ILE A 1113 30.32 -71.48 78.98
C ILE A 1113 31.26 -71.34 77.77
N ALA A 1114 31.13 -70.23 77.05
CA ALA A 1114 32.00 -69.97 75.91
C ALA A 1114 33.46 -69.88 76.35
N LEU A 1115 33.70 -69.26 77.51
CA LEU A 1115 35.07 -69.15 78.00
C LEU A 1115 35.64 -70.51 78.42
N GLN A 1116 34.82 -71.36 79.04
CA GLN A 1116 35.27 -72.69 79.45
C GLN A 1116 35.67 -73.54 78.24
N GLU A 1117 34.82 -73.52 77.20
CA GLU A 1117 35.14 -74.29 76.00
C GLU A 1117 36.37 -73.70 75.29
N THR A 1118 36.55 -72.39 75.37
CA THR A 1118 37.75 -71.76 74.82
C THR A 1118 39.01 -72.27 75.52
N LYS A 1119 38.93 -72.46 76.85
CA LYS A 1119 40.06 -73.03 77.56
C LYS A 1119 40.37 -74.46 77.11
N GLU A 1120 39.32 -75.25 76.79
CA GLU A 1120 39.58 -76.56 76.19
C GLU A 1120 40.35 -76.44 74.88
N ILE A 1121 39.94 -75.51 74.02
CA ILE A 1121 40.60 -75.35 72.71
C ILE A 1121 42.05 -74.91 72.87
N ILE A 1122 42.32 -73.96 73.78
CA ILE A 1122 43.68 -73.46 73.97
C ILE A 1122 44.60 -74.59 74.47
N LYS A 1123 44.09 -75.46 75.36
CA LYS A 1123 44.88 -76.60 75.82
C LYS A 1123 45.20 -77.55 74.68
N LYS A 1124 44.20 -77.85 73.84
CA LYS A 1124 44.37 -78.80 72.74
C LYS A 1124 45.38 -78.28 71.72
N LEU A 1125 45.35 -76.98 71.45
CA LEU A 1125 46.33 -76.36 70.57
C LEU A 1125 47.74 -76.45 71.15
N ASN A 1126 47.89 -76.22 72.46
CA ASN A 1126 49.22 -76.26 73.05
C ASN A 1126 49.78 -77.68 73.16
N GLU A 1127 48.91 -78.67 73.39
CA GLU A 1127 49.35 -80.05 73.60
C GLU A 1127 49.55 -80.78 72.26
N GLU A 1128 50.48 -80.23 71.47
CA GLU A 1128 50.87 -80.75 70.14
C GLU A 1128 49.67 -80.92 69.20
N GLY A 1129 48.88 -79.86 69.08
CA GLY A 1129 47.73 -79.83 68.17
C GLY A 1129 48.06 -80.05 66.72
N GLY A 1130 47.25 -80.89 66.05
CA GLY A 1130 47.53 -81.29 64.69
C GLY A 1130 47.00 -80.33 63.63
N GLU A 1131 47.38 -80.63 62.39
CA GLU A 1131 47.07 -79.75 61.26
C GLU A 1131 45.56 -79.70 60.98
N ASP A 1132 44.91 -80.88 60.97
CA ASP A 1132 43.47 -80.97 60.71
C ASP A 1132 42.67 -80.26 61.79
N PHE A 1133 43.18 -80.25 63.02
CA PHE A 1133 42.51 -79.56 64.12
C PHE A 1133 42.71 -78.04 64.02
N ARG A 1134 43.96 -77.60 63.86
CA ARG A 1134 44.29 -76.18 63.80
C ARG A 1134 43.67 -75.50 62.58
N LEU A 1135 43.48 -76.24 61.48
CA LEU A 1135 42.84 -75.69 60.30
C LEU A 1135 41.43 -75.18 60.58
N LEU A 1136 40.64 -75.96 61.30
CA LEU A 1136 39.26 -75.56 61.55
C LEU A 1136 39.09 -74.75 62.83
N ASN A 1137 39.91 -75.00 63.86
CA ASN A 1137 39.63 -74.46 65.18
C ASN A 1137 40.61 -73.40 65.66
N GLY A 1138 41.65 -73.10 64.90
CA GLY A 1138 42.79 -72.33 65.41
C GLY A 1138 42.53 -70.86 65.67
N ASN A 1139 41.39 -70.31 65.25
CA ASN A 1139 41.10 -68.90 65.43
C ASN A 1139 39.95 -68.62 66.40
N ILE A 1140 39.31 -69.67 66.93
CA ILE A 1140 38.20 -69.48 67.88
C ILE A 1140 38.57 -68.73 69.17
N PRO A 1141 39.71 -68.97 69.82
CA PRO A 1141 40.00 -68.15 71.02
C PRO A 1141 40.06 -66.65 70.75
N ALA A 1142 40.61 -66.21 69.62
CA ALA A 1142 40.69 -64.77 69.36
C ALA A 1142 39.31 -64.15 69.19
N ASP A 1143 38.42 -64.80 68.45
CA ASP A 1143 37.16 -64.15 68.15
C ASP A 1143 36.26 -64.15 69.37
N VAL A 1144 36.29 -65.26 70.13
CA VAL A 1144 35.50 -65.32 71.36
C VAL A 1144 35.97 -64.29 72.37
N CYS A 1145 37.28 -64.12 72.54
CA CYS A 1145 37.76 -63.15 73.52
C CYS A 1145 37.45 -61.71 73.10
N SER A 1146 37.59 -61.40 71.79
CA SER A 1146 37.22 -60.06 71.35
C SER A 1146 35.73 -59.80 71.52
N VAL A 1147 34.89 -60.81 71.27
CA VAL A 1147 33.44 -60.65 71.47
C VAL A 1147 33.13 -60.36 72.93
N LEU A 1148 33.77 -61.10 73.84
CA LEU A 1148 33.50 -60.89 75.26
C LEU A 1148 33.99 -59.52 75.73
N LEU A 1149 35.15 -59.06 75.25
CA LEU A 1149 35.62 -57.73 75.67
C LEU A 1149 34.79 -56.61 75.06
N LEU A 1150 34.30 -56.78 73.84
CA LEU A 1150 33.56 -55.70 73.19
C LEU A 1150 32.10 -55.65 73.60
N ASP A 1151 31.49 -56.78 73.95
CA ASP A 1151 30.05 -56.82 74.20
C ASP A 1151 29.63 -57.17 75.62
N TYR A 1152 30.48 -57.83 76.42
CA TYR A 1152 30.04 -58.36 77.70
C TYR A 1152 30.89 -57.91 78.89
N PHE A 1153 31.66 -56.84 78.75
CA PHE A 1153 32.68 -56.47 79.74
C PHE A 1153 32.10 -56.19 81.13
N ASN A 1154 30.86 -55.72 81.21
CA ASN A 1154 30.24 -55.44 82.50
C ASN A 1154 29.83 -56.70 83.25
N GLN A 1155 29.68 -57.83 82.57
CA GLN A 1155 29.20 -59.05 83.19
C GLN A 1155 30.33 -59.98 83.64
N LEU A 1156 31.51 -59.82 83.07
CA LEU A 1156 32.67 -60.61 83.44
C LEU A 1156 33.17 -60.23 84.83
N ASN A 1157 33.80 -61.20 85.51
CA ASN A 1157 34.55 -60.85 86.70
C ASN A 1157 36.01 -60.57 86.33
N ASN A 1158 36.80 -60.15 87.32
CA ASN A 1158 38.14 -59.66 87.03
C ASN A 1158 39.07 -60.78 86.55
N GLU A 1159 38.89 -62.00 87.05
CA GLU A 1159 39.65 -63.15 86.56
C GLU A 1159 39.34 -63.42 85.09
N GLU A 1160 38.05 -63.38 84.72
CA GLU A 1160 37.62 -63.59 83.34
C GLU A 1160 38.14 -62.48 82.43
N ARG A 1161 38.09 -61.22 82.90
CA ARG A 1161 38.60 -60.08 82.15
C ARG A 1161 40.09 -60.24 81.88
N GLU A 1162 40.87 -60.62 82.90
CA GLU A 1162 42.31 -60.73 82.71
C GLU A 1162 42.65 -61.88 81.75
N TYR A 1163 41.87 -62.97 81.79
CA TYR A 1163 42.12 -64.04 80.83
C TYR A 1163 41.90 -63.55 79.39
N CYS A 1164 40.79 -62.84 79.16
CA CYS A 1164 40.50 -62.30 77.82
C CYS A 1164 41.60 -61.35 77.36
N LYS A 1165 42.09 -60.51 78.28
CA LYS A 1165 43.16 -59.57 77.99
C LYS A 1165 44.44 -60.28 77.55
N ASP A 1166 44.83 -61.35 78.27
CA ASP A 1166 46.07 -62.05 77.95
C ASP A 1166 45.99 -62.68 76.56
N ILE A 1167 44.85 -63.31 76.24
CA ILE A 1167 44.69 -63.89 74.89
C ILE A 1167 44.71 -62.81 73.80
N VAL A 1168 44.01 -61.67 73.99
CA VAL A 1168 43.99 -60.67 72.92
C VAL A 1168 45.37 -60.05 72.69
N LEU A 1169 46.10 -59.77 73.77
CA LEU A 1169 47.45 -59.22 73.60
C LEU A 1169 48.42 -60.24 73.01
N ALA A 1170 48.20 -61.53 73.24
CA ALA A 1170 49.06 -62.54 72.62
C ALA A 1170 48.87 -62.59 71.10
N TYR A 1171 47.61 -62.60 70.63
CA TYR A 1171 47.34 -62.65 69.20
C TYR A 1171 47.74 -61.37 68.46
N SER A 1172 47.79 -60.24 69.16
CA SER A 1172 48.09 -58.98 68.49
C SER A 1172 49.56 -58.86 68.10
N LYS A 1173 50.44 -59.67 68.70
CA LYS A 1173 51.87 -59.55 68.46
C LYS A 1173 52.37 -60.43 67.32
N LEU A 1174 51.55 -61.37 66.85
CA LEU A 1174 51.95 -62.25 65.76
C LEU A 1174 52.41 -61.57 64.47
N PRO A 1175 51.81 -60.46 64.00
CA PRO A 1175 52.37 -59.80 62.81
C PRO A 1175 53.77 -59.20 62.99
N LEU A 1176 54.31 -59.16 64.20
CA LEU A 1176 55.66 -58.66 64.42
C LEU A 1176 56.74 -59.73 64.33
N LYS A 1177 56.36 -61.01 64.27
CA LYS A 1177 57.32 -62.10 64.12
C LYS A 1177 57.71 -62.26 62.65
N GLU A 1178 58.93 -62.72 62.42
CA GLU A 1178 59.40 -62.88 61.05
C GLU A 1178 58.72 -64.06 60.37
N GLY A 1179 58.52 -63.92 59.06
CA GLY A 1179 57.87 -64.96 58.29
C GLY A 1179 56.36 -64.98 58.35
N TYR A 1180 55.74 -63.99 58.98
CA TYR A 1180 54.29 -63.89 58.98
C TYR A 1180 53.74 -63.58 57.60
N ASN A 1181 52.64 -64.26 57.24
CA ASN A 1181 51.90 -63.94 56.02
C ASN A 1181 50.41 -63.83 56.34
N TYR A 1182 49.79 -62.76 55.84
CA TYR A 1182 48.40 -62.42 56.13
C TYR A 1182 47.41 -63.32 55.42
N GLN A 1183 46.42 -63.80 56.17
CA GLN A 1183 45.26 -64.50 55.63
C GLN A 1183 44.01 -64.05 56.39
N VAL A 1184 42.88 -64.02 55.69
CA VAL A 1184 41.75 -63.13 56.02
C VAL A 1184 41.15 -63.41 57.40
N GLN A 1185 41.17 -64.66 57.87
CA GLN A 1185 40.57 -64.98 59.16
C GLN A 1185 41.56 -65.65 60.12
N ASP A 1186 42.82 -65.20 60.12
CA ASP A 1186 43.84 -65.76 61.01
C ASP A 1186 43.68 -65.35 62.47
N GLY A 1187 42.76 -64.44 62.78
CA GLY A 1187 42.51 -64.02 64.14
C GLY A 1187 43.21 -62.77 64.59
N THR A 1188 44.21 -62.29 63.84
CA THR A 1188 44.96 -61.13 64.29
C THR A 1188 44.15 -59.85 64.19
N THR A 1189 43.36 -59.69 63.12
CA THR A 1189 42.56 -58.47 63.00
C THR A 1189 41.42 -58.44 64.01
N SER A 1190 40.88 -59.61 64.38
CA SER A 1190 39.90 -59.68 65.45
C SER A 1190 40.50 -59.21 66.77
N ALA A 1191 41.74 -59.61 67.05
CA ALA A 1191 42.40 -59.21 68.28
C ALA A 1191 42.68 -57.71 68.32
N ILE A 1192 43.21 -57.17 67.21
CA ILE A 1192 43.61 -55.77 67.15
C ILE A 1192 42.41 -54.85 67.37
N SER A 1193 41.22 -55.28 66.92
CA SER A 1193 40.04 -54.46 67.06
C SER A 1193 39.60 -54.25 68.50
N ALA A 1194 40.10 -55.04 69.45
CA ALA A 1194 39.70 -54.93 70.85
C ALA A 1194 40.69 -54.14 71.70
N LEU A 1195 41.80 -53.68 71.11
CA LEU A 1195 42.77 -52.87 71.86
C LEU A 1195 42.26 -51.56 72.46
N PRO A 1196 41.28 -50.83 71.88
CA PRO A 1196 40.78 -49.63 72.60
C PRO A 1196 40.21 -49.89 73.97
N VAL A 1197 39.49 -50.99 74.15
CA VAL A 1197 38.92 -51.32 75.46
C VAL A 1197 40.02 -51.55 76.49
N ILE A 1198 41.06 -52.29 76.10
CA ILE A 1198 42.18 -52.56 77.01
C ILE A 1198 42.92 -51.28 77.35
N TYR A 1199 43.17 -50.43 76.34
CA TYR A 1199 43.87 -49.17 76.58
C TYR A 1199 43.08 -48.27 77.53
N HIS A 1200 41.76 -48.22 77.37
CA HIS A 1200 40.93 -47.42 78.24
C HIS A 1200 40.95 -47.95 79.69
N ASN A 1201 40.87 -49.27 79.85
CA ASN A 1201 40.63 -49.79 81.20
C ASN A 1201 41.90 -50.08 81.99
N TYR A 1202 43.04 -50.30 81.34
CA TYR A 1202 44.23 -50.79 82.04
C TYR A 1202 45.45 -49.93 81.77
N PRO A 1203 45.74 -48.96 82.65
CA PRO A 1203 46.83 -48.01 82.40
C PRO A 1203 48.22 -48.64 82.34
N MET A 1204 48.41 -49.86 82.85
CA MET A 1204 49.72 -50.50 82.76
C MET A 1204 50.04 -51.04 81.37
N GLU A 1205 49.04 -51.20 80.50
CA GLU A 1205 49.26 -51.76 79.18
C GLU A 1205 49.64 -50.73 78.13
N ARG A 1206 49.58 -49.43 78.45
CA ARG A 1206 49.61 -48.40 77.41
C ARG A 1206 50.98 -48.32 76.71
N GLU A 1207 52.06 -48.59 77.45
CA GLU A 1207 53.39 -48.60 76.84
C GLU A 1207 53.48 -49.72 75.80
N THR A 1208 52.96 -50.90 76.14
CA THR A 1208 52.94 -52.03 75.22
C THR A 1208 52.11 -51.74 73.98
N ILE A 1209 50.93 -51.13 74.16
CA ILE A 1209 50.03 -50.89 73.04
C ILE A 1209 50.57 -49.80 72.12
N LYS A 1210 51.19 -48.77 72.68
CA LYS A 1210 51.83 -47.75 71.83
C LYS A 1210 52.96 -48.38 71.00
N THR A 1211 53.71 -49.31 71.60
CA THR A 1211 54.75 -49.99 70.84
C THR A 1211 54.18 -50.85 69.73
N ILE A 1212 53.11 -51.60 70.01
CA ILE A 1212 52.49 -52.48 69.01
C ILE A 1212 51.97 -51.66 67.82
N LEU A 1213 51.25 -50.57 68.11
CA LEU A 1213 50.69 -49.73 67.06
C LEU A 1213 51.78 -49.12 66.19
N LEU A 1214 52.85 -48.59 66.82
CA LEU A 1214 53.92 -47.96 66.06
C LEU A 1214 54.61 -48.95 65.13
N LEU A 1215 54.95 -50.14 65.64
CA LEU A 1215 55.62 -51.09 64.78
C LEU A 1215 54.71 -51.67 63.71
N THR A 1216 53.38 -51.65 63.91
CA THR A 1216 52.51 -52.17 62.87
C THR A 1216 52.24 -51.15 61.77
N LEU A 1217 52.34 -49.85 62.07
CA LEU A 1217 52.19 -48.84 61.02
C LEU A 1217 53.29 -48.93 59.96
N PHE A 1218 54.46 -49.50 60.30
CA PHE A 1218 55.55 -49.67 59.34
C PHE A 1218 55.31 -50.77 58.31
N ASN A 1219 54.20 -51.53 58.38
CA ASN A 1219 53.93 -52.66 57.48
C ASN A 1219 53.26 -52.16 56.21
N ASP A 1220 53.93 -52.33 55.07
CA ASP A 1220 53.45 -51.83 53.77
C ASP A 1220 52.86 -52.90 52.86
N HIS A 1221 52.61 -54.12 53.34
CA HIS A 1221 52.08 -55.15 52.46
C HIS A 1221 50.63 -54.91 52.09
N SER A 1222 50.31 -55.13 50.82
CA SER A 1222 49.00 -54.83 50.25
C SER A 1222 48.03 -55.99 50.44
N ILE A 1223 46.75 -55.65 50.44
CA ILE A 1223 45.65 -56.59 50.64
C ILE A 1223 44.55 -56.33 49.62
N GLY A 1224 44.00 -57.39 49.06
CA GLY A 1224 42.94 -57.27 48.07
C GLY A 1224 43.42 -56.79 46.71
N MET A 1225 42.46 -56.53 45.82
CA MET A 1225 42.76 -55.98 44.51
C MET A 1225 42.69 -54.47 44.46
N ALA A 1226 41.99 -53.83 45.40
CA ALA A 1226 41.68 -52.41 45.33
C ALA A 1226 42.80 -51.49 45.81
N GLY A 1227 43.92 -52.03 46.28
CA GLY A 1227 45.06 -51.23 46.62
C GLY A 1227 45.20 -50.82 48.07
N GLY A 1228 44.50 -51.51 48.99
CA GLY A 1228 44.69 -51.25 50.40
C GLY A 1228 45.94 -51.91 50.95
N ARG A 1229 46.29 -51.52 52.19
CA ARG A 1229 47.49 -52.02 52.86
C ARG A 1229 47.19 -52.35 54.32
N TYR A 1230 48.08 -53.15 54.90
CA TYR A 1230 47.86 -53.70 56.24
C TYR A 1230 47.78 -52.62 57.31
N SER A 1231 48.43 -51.48 57.07
CA SER A 1231 48.45 -50.39 58.05
C SER A 1231 47.07 -49.79 58.32
N VAL A 1232 46.03 -50.22 57.59
CA VAL A 1232 44.66 -49.81 57.86
C VAL A 1232 44.21 -50.30 59.24
N PHE A 1233 44.63 -51.51 59.62
CA PHE A 1233 44.15 -52.10 60.87
C PHE A 1233 44.58 -51.33 62.12
N PRO A 1234 45.86 -50.94 62.32
CA PRO A 1234 46.13 -50.05 63.46
C PRO A 1234 45.58 -48.64 63.28
N SER A 1235 45.32 -48.19 62.06
CA SER A 1235 44.78 -46.84 61.87
C SER A 1235 43.37 -46.72 62.42
N MET A 1236 42.58 -47.79 62.30
CA MET A 1236 41.22 -47.78 62.85
C MET A 1236 41.23 -47.70 64.37
N VAL A 1237 42.24 -48.27 65.01
CA VAL A 1237 42.37 -48.17 66.47
C VAL A 1237 42.67 -46.73 66.88
N ILE A 1238 43.60 -46.08 66.16
CA ILE A 1238 44.06 -44.74 66.54
C ILE A 1238 42.92 -43.73 66.45
N HIS A 1239 42.05 -43.88 65.46
CA HIS A 1239 40.91 -42.96 65.30
C HIS A 1239 39.92 -43.05 66.45
N LYS A 1240 39.88 -44.15 67.19
CA LYS A 1240 38.98 -44.23 68.33
C LYS A 1240 39.54 -43.60 69.60
N LEU A 1241 40.81 -43.20 69.60
CA LEU A 1241 41.47 -42.71 70.81
C LEU A 1241 41.72 -41.21 70.83
N TRP A 1242 41.56 -40.51 69.70
CA TRP A 1242 41.81 -39.07 69.61
C TRP A 1242 40.94 -38.24 70.55
N LEU A 1243 39.78 -38.76 70.95
CA LEU A 1243 38.85 -37.97 71.76
C LEU A 1243 39.33 -37.82 73.19
N ASP A 1244 39.89 -38.88 73.78
CA ASP A 1244 40.27 -38.86 75.18
C ASP A 1244 41.77 -38.82 75.43
N TYR A 1245 42.58 -39.16 74.44
CA TYR A 1245 44.02 -39.39 74.64
C TYR A 1245 44.83 -38.65 73.60
N PHE A 1246 44.56 -37.35 73.45
CA PHE A 1246 45.09 -36.54 72.34
C PHE A 1246 46.61 -36.49 72.31
N ASP A 1247 47.24 -36.26 73.48
CA ASP A 1247 48.69 -36.13 73.52
C ASP A 1247 49.39 -37.41 73.12
N ASP A 1248 48.87 -38.57 73.56
CA ASP A 1248 49.45 -39.86 73.21
C ASP A 1248 49.40 -40.09 71.69
N MET A 1249 48.25 -39.81 71.08
CA MET A 1249 48.08 -40.08 69.66
C MET A 1249 48.90 -39.12 68.80
N GLN A 1250 49.01 -37.86 69.24
CA GLN A 1250 49.88 -36.94 68.52
C GLN A 1250 51.35 -37.34 68.64
N SER A 1251 51.73 -37.95 69.76
CA SER A 1251 53.08 -38.50 69.85
C SER A 1251 53.28 -39.64 68.86
N LEU A 1252 52.26 -40.48 68.64
CA LEU A 1252 52.39 -41.49 67.59
C LEU A 1252 52.53 -40.87 66.20
N LEU A 1253 51.78 -39.80 65.92
CA LEU A 1253 51.84 -39.18 64.58
C LEU A 1253 53.23 -38.60 64.29
N PHE A 1254 53.73 -37.76 65.20
CA PHE A 1254 55.07 -37.21 65.00
C PHE A 1254 56.15 -38.29 65.05
N GLY A 1255 55.99 -39.32 65.88
CA GLY A 1255 56.96 -40.40 65.93
C GLY A 1255 57.05 -41.17 64.62
N PHE A 1256 55.90 -41.42 63.99
CA PHE A 1256 55.91 -42.06 62.68
C PHE A 1256 56.67 -41.22 61.66
N LEU A 1257 56.36 -39.93 61.60
CA LEU A 1257 57.02 -39.08 60.61
C LEU A 1257 58.53 -38.98 60.85
N ILE A 1258 58.97 -39.10 62.10
CA ILE A 1258 60.41 -39.09 62.34
C ILE A 1258 61.06 -40.44 62.03
N LEU A 1259 60.45 -41.54 62.48
CA LEU A 1259 61.14 -42.82 62.53
C LEU A 1259 60.99 -43.69 61.28
N LYS A 1260 59.87 -43.61 60.56
CA LYS A 1260 59.68 -44.45 59.37
C LYS A 1260 60.77 -44.31 58.31
N PRO A 1261 61.30 -43.12 57.97
CA PRO A 1261 62.42 -43.08 57.01
C PRO A 1261 63.71 -43.75 57.48
N LYS A 1262 63.86 -44.02 58.78
CA LYS A 1262 65.07 -44.70 59.26
C LYS A 1262 64.93 -46.22 59.19
N TYR A 1263 63.70 -46.72 59.35
CA TYR A 1263 63.43 -48.15 59.33
C TYR A 1263 63.73 -48.77 57.97
N VAL A 1264 63.49 -48.03 56.89
CA VAL A 1264 63.76 -48.56 55.55
C VAL A 1264 65.26 -48.68 55.30
N ILE A 1265 66.04 -47.70 55.78
CA ILE A 1265 67.50 -47.77 55.67
C ILE A 1265 68.05 -48.95 56.46
N LEU A 1266 67.54 -49.15 57.68
CA LEU A 1266 68.00 -50.28 58.48
C LEU A 1266 67.61 -51.62 57.85
N SER A 1267 66.45 -51.66 57.18
CA SER A 1267 66.03 -52.87 56.46
C SER A 1267 67.03 -53.20 55.37
N ARG A 1268 67.44 -52.20 54.59
CA ARG A 1268 68.40 -52.43 53.52
C ARG A 1268 69.74 -52.89 54.08
N LYS A 1269 70.16 -52.34 55.23
CA LYS A 1269 71.41 -52.77 55.86
C LYS A 1269 71.35 -54.23 56.27
N ILE A 1270 70.25 -54.66 56.89
CA ILE A 1270 70.14 -56.05 57.34
C ILE A 1270 70.12 -57.00 56.15
N ILE A 1271 69.45 -56.62 55.06
CA ILE A 1271 69.46 -57.43 53.84
C ILE A 1271 70.88 -57.55 53.27
N HIS A 1272 71.59 -56.42 53.23
CA HIS A 1272 72.95 -56.39 52.69
C HIS A 1272 73.90 -57.28 53.50
N GLU A 1273 73.82 -57.20 54.84
CA GLU A 1273 74.64 -58.06 55.68
C GLU A 1273 74.20 -59.54 55.62
N SER A 1274 72.94 -59.79 55.28
CA SER A 1274 72.55 -61.18 55.02
C SER A 1274 73.12 -61.70 53.70
N TYR A 1275 73.48 -60.80 52.78
CA TYR A 1275 74.31 -61.24 51.65
C TYR A 1275 75.79 -61.32 52.00
N ARG A 1276 76.25 -60.46 52.92
CA ARG A 1276 77.68 -60.32 53.25
C ARG A 1276 78.23 -61.58 53.89
N GLN A 1277 77.46 -62.21 54.77
CA GLN A 1277 77.89 -63.38 55.52
C GLN A 1277 77.79 -64.67 54.71
N ILE A 1282 67.86 -63.67 55.65
CA ILE A 1282 67.31 -62.41 56.12
C ILE A 1282 66.36 -62.70 57.27
N LYS A 1283 65.60 -63.79 57.12
CA LYS A 1283 64.62 -64.22 58.12
C LYS A 1283 65.32 -64.68 59.40
N LYS A 1284 66.63 -64.92 59.31
CA LYS A 1284 67.47 -65.21 60.46
C LYS A 1284 67.46 -64.09 61.49
N ILE A 1285 67.23 -62.84 61.07
CA ILE A 1285 67.42 -61.67 61.92
C ILE A 1285 66.07 -61.05 62.27
N ASN A 1286 65.84 -60.82 63.57
CA ASN A 1286 64.65 -60.12 64.07
C ASN A 1286 64.95 -58.63 63.93
N ILE A 1287 64.48 -58.05 62.81
CA ILE A 1287 64.74 -56.65 62.50
C ILE A 1287 64.14 -55.73 63.57
N ASN A 1288 62.97 -56.09 64.10
CA ASN A 1288 62.30 -55.23 65.08
C ASN A 1288 63.09 -55.17 66.39
N LYS A 1289 63.67 -56.28 66.83
CA LYS A 1289 64.48 -56.25 68.05
C LYS A 1289 65.73 -55.39 67.88
N VAL A 1290 66.38 -55.48 66.71
CA VAL A 1290 67.52 -54.62 66.40
C VAL A 1290 67.11 -53.15 66.43
N PHE A 1291 66.01 -52.82 65.74
CA PHE A 1291 65.54 -51.43 65.67
C PHE A 1291 65.21 -50.88 67.05
N LEU A 1292 64.53 -51.69 67.86
CA LEU A 1292 64.17 -51.26 69.21
C LEU A 1292 65.39 -51.06 70.08
N ASN A 1293 66.49 -51.78 69.81
CA ASN A 1293 67.71 -51.52 70.59
C ASN A 1293 68.47 -50.30 70.07
N ASN A 1294 68.41 -49.98 68.76
CA ASN A 1294 69.18 -48.84 68.29
C ASN A 1294 68.58 -47.49 68.67
N TYR A 1295 67.25 -47.35 68.62
CA TYR A 1295 66.59 -46.06 68.70
C TYR A 1295 65.83 -45.86 70.01
N LYS A 1296 66.39 -46.38 71.11
CA LYS A 1296 65.80 -46.28 72.45
C LYS A 1296 65.51 -44.85 72.89
N HIS A 1297 66.40 -43.91 72.55
CA HIS A 1297 66.22 -42.53 72.98
C HIS A 1297 64.98 -41.90 72.35
N CYS A 1298 64.85 -42.01 71.04
CA CYS A 1298 63.71 -41.41 70.33
C CYS A 1298 62.41 -42.12 70.69
N ILE A 1299 62.47 -43.45 70.85
CA ILE A 1299 61.29 -44.23 71.24
C ILE A 1299 60.83 -43.84 72.64
N SER A 1300 61.79 -43.55 73.54
CA SER A 1300 61.42 -43.03 74.85
C SER A 1300 60.72 -41.68 74.75
N ASN A 1301 61.14 -40.84 73.81
CA ASN A 1301 60.36 -39.61 73.59
C ASN A 1301 58.95 -39.89 73.08
N VAL A 1302 58.76 -40.95 72.29
CA VAL A 1302 57.39 -41.28 71.87
C VAL A 1302 56.55 -41.74 73.07
N ILE A 1303 57.11 -42.59 73.92
CA ILE A 1303 56.36 -43.12 75.06
C ILE A 1303 56.05 -42.03 76.08
N ASP A 1304 57.01 -41.14 76.35
CA ASP A 1304 56.83 -40.09 77.35
C ASP A 1304 56.16 -38.82 76.81
N ASN A 1305 55.80 -38.77 75.52
CA ASN A 1305 55.14 -37.62 74.87
C ASN A 1305 56.00 -36.35 74.91
N LYS A 1306 57.20 -36.44 74.34
CA LYS A 1306 58.11 -35.29 74.29
C LYS A 1306 58.55 -34.95 72.86
N ILE A 1307 57.61 -34.83 71.92
CA ILE A 1307 57.87 -34.49 70.52
C ILE A 1307 56.86 -33.44 70.07
N SER A 1308 57.30 -32.52 69.19
CA SER A 1308 56.46 -31.42 68.70
C SER A 1308 56.66 -31.21 67.21
N ILE A 1309 55.80 -30.37 66.62
CA ILE A 1309 55.87 -30.05 65.19
C ILE A 1309 57.12 -29.23 64.88
N ASP A 1310 57.75 -28.63 65.89
CA ASP A 1310 59.04 -27.99 65.68
C ASP A 1310 60.17 -28.99 65.48
N ASP A 1311 60.01 -30.23 65.96
CA ASP A 1311 61.06 -31.23 65.93
C ASP A 1311 61.12 -32.02 64.63
N LEU A 1312 60.12 -31.86 63.77
CA LEU A 1312 60.12 -32.50 62.45
C LEU A 1312 61.07 -31.77 61.50
N GLY A 1313 61.59 -32.50 60.53
CA GLY A 1313 62.32 -31.89 59.44
C GLY A 1313 61.37 -31.32 58.40
N SER A 1314 61.97 -30.76 57.35
CA SER A 1314 61.16 -30.30 56.23
C SER A 1314 60.82 -31.49 55.33
N MET A 1315 59.61 -31.45 54.77
CA MET A 1315 59.06 -32.58 54.04
C MET A 1315 59.55 -32.65 52.59
N ASP A 1316 60.61 -31.93 52.26
CA ASP A 1316 60.99 -31.69 50.87
C ASP A 1316 61.45 -32.96 50.15
N LYS A 1317 61.94 -33.97 50.88
CA LYS A 1317 62.41 -35.19 50.23
C LYS A 1317 61.77 -36.48 50.74
N VAL A 1318 60.79 -36.40 51.64
CA VAL A 1318 60.10 -37.59 52.11
C VAL A 1318 59.20 -38.13 51.00
N ASP A 1319 59.13 -39.45 50.89
CA ASP A 1319 58.34 -40.10 49.84
C ASP A 1319 56.84 -39.94 50.08
N LEU A 1320 56.09 -39.90 48.97
CA LEU A 1320 54.66 -39.60 49.02
C LEU A 1320 53.84 -40.71 49.69
N HIS A 1321 54.31 -41.97 49.64
CA HIS A 1321 53.60 -43.02 50.39
C HIS A 1321 53.64 -42.75 51.90
N ILE A 1322 54.78 -42.31 52.42
CA ILE A 1322 54.90 -42.01 53.84
C ILE A 1322 53.98 -40.85 54.23
N LEU A 1323 53.97 -39.80 53.40
CA LEU A 1323 53.15 -38.62 53.67
C LEU A 1323 51.66 -38.95 53.60
N ASN A 1324 51.25 -39.82 52.66
CA ASN A 1324 49.85 -40.25 52.63
C ASN A 1324 49.49 -41.05 53.87
N THR A 1325 50.39 -41.93 54.32
CA THR A 1325 50.12 -42.71 55.52
C THR A 1325 49.91 -41.81 56.73
N ALA A 1326 50.63 -40.69 56.81
CA ALA A 1326 50.35 -39.75 57.90
C ALA A 1326 49.04 -39.00 57.68
N PHE A 1327 48.73 -38.65 56.42
CA PHE A 1327 47.56 -37.85 56.06
C PHE A 1327 46.26 -38.55 56.42
N GLN A 1328 46.24 -39.89 56.37
CA GLN A 1328 45.06 -40.68 56.72
C GLN A 1328 44.85 -40.83 58.23
N LEU A 1329 45.77 -40.35 59.07
CA LEU A 1329 45.60 -40.43 60.52
C LEU A 1329 44.98 -39.19 61.13
N ILE A 1330 44.93 -38.09 60.39
CA ILE A 1330 44.44 -36.80 60.90
C ILE A 1330 42.92 -36.76 60.75
N PRO A 1331 42.17 -36.30 61.76
CA PRO A 1331 40.70 -36.27 61.65
C PRO A 1331 40.22 -35.19 60.69
N VAL A 1332 39.27 -35.55 59.84
CA VAL A 1332 38.86 -34.65 58.75
C VAL A 1332 38.12 -33.41 59.23
N ASP A 1333 37.60 -33.39 60.46
CA ASP A 1333 36.95 -32.19 60.97
C ASP A 1333 37.74 -31.52 62.10
N THR A 1334 39.05 -31.70 62.12
CA THR A 1334 39.89 -31.12 63.15
C THR A 1334 39.98 -29.60 63.05
N VAL A 1335 40.14 -28.93 64.19
CA VAL A 1335 40.33 -27.49 64.25
C VAL A 1335 41.65 -27.12 64.90
N ASN A 1336 42.54 -28.10 65.10
CA ASN A 1336 43.81 -27.90 65.78
C ASN A 1336 44.82 -27.21 64.86
N ILE A 1337 45.58 -26.26 65.44
CA ILE A 1337 46.54 -25.45 64.69
C ILE A 1337 47.63 -26.31 64.06
N GLU A 1338 48.19 -27.26 64.83
CA GLU A 1338 49.29 -28.07 64.33
C GLU A 1338 48.83 -29.02 63.23
N HIS A 1339 47.63 -29.60 63.38
CA HIS A 1339 47.04 -30.41 62.31
C HIS A 1339 46.87 -29.63 61.02
N LYS A 1340 46.32 -28.42 61.12
CA LYS A 1340 46.05 -27.61 59.93
C LYS A 1340 47.36 -27.21 59.26
N LYS A 1341 48.37 -26.87 60.07
CA LYS A 1341 49.69 -26.51 59.54
C LYS A 1341 50.35 -27.70 58.83
N LEU A 1342 50.14 -28.93 59.31
CA LEU A 1342 50.74 -30.10 58.67
C LEU A 1342 50.03 -30.46 57.36
N VAL A 1343 48.70 -30.38 57.37
CA VAL A 1343 47.90 -30.63 56.18
C VAL A 1343 48.32 -29.70 55.04
N SER A 1344 48.59 -28.42 55.40
CA SER A 1344 48.98 -27.43 54.39
C SER A 1344 50.30 -27.78 53.71
N LEU A 1345 51.20 -28.46 54.41
CA LEU A 1345 52.46 -28.88 53.79
C LEU A 1345 52.23 -30.01 52.80
N ILE A 1346 51.42 -30.99 53.22
CA ILE A 1346 51.24 -32.19 52.39
C ILE A 1346 50.57 -31.84 51.07
N VAL A 1347 49.63 -30.88 51.07
CA VAL A 1347 48.92 -30.59 49.81
C VAL A 1347 49.84 -29.96 48.77
N LYS A 1348 50.68 -29.01 49.18
CA LYS A 1348 51.61 -28.39 48.24
C LYS A 1348 52.55 -29.42 47.65
N ARG A 1349 53.07 -30.32 48.52
CA ARG A 1349 53.99 -31.36 48.08
C ARG A 1349 53.36 -32.27 47.03
N PHE A 1350 52.12 -32.71 47.25
CA PHE A 1350 51.44 -33.58 46.26
C PHE A 1350 51.14 -32.86 44.96
N SER A 1351 50.59 -31.64 45.04
CA SER A 1351 50.11 -30.96 43.84
C SER A 1351 51.26 -30.63 42.90
N THR A 1352 52.46 -30.42 43.43
CA THR A 1352 53.61 -30.21 42.56
C THR A 1352 53.86 -31.41 41.64
N SER A 1353 53.68 -32.63 42.14
CA SER A 1353 53.91 -33.81 41.31
C SER A 1353 52.72 -34.12 40.41
N LEU A 1354 51.50 -33.89 40.89
CA LEU A 1354 50.31 -34.27 40.12
C LEU A 1354 50.17 -33.46 38.84
N LEU A 1355 50.53 -32.17 38.89
CA LEU A 1355 50.31 -31.27 37.76
C LEU A 1355 51.44 -31.32 36.72
N SER A 1356 52.48 -32.12 36.95
CA SER A 1356 53.65 -32.14 36.08
C SER A 1356 53.38 -32.89 34.77
N SER A 1357 53.98 -32.39 33.69
CA SER A 1357 53.98 -33.06 32.40
C SER A 1357 55.15 -34.01 32.21
N VAL A 1358 56.15 -33.95 33.08
CA VAL A 1358 57.31 -34.83 32.98
C VAL A 1358 56.93 -36.20 33.48
N ARG A 1359 57.18 -37.24 32.68
CA ARG A 1359 56.72 -38.57 33.09
C ARG A 1359 57.41 -39.06 34.35
N GLU A 1360 58.70 -38.69 34.54
CA GLU A 1360 59.47 -39.14 35.69
C GLU A 1360 58.81 -38.78 37.01
N ASP A 1361 57.96 -37.73 37.03
CA ASP A 1361 57.24 -37.31 38.24
C ASP A 1361 55.96 -38.10 38.54
N ARG A 1362 55.53 -39.00 37.65
CA ARG A 1362 54.18 -39.58 37.66
C ARG A 1362 53.84 -40.37 38.91
N VAL A 1363 52.64 -40.12 39.47
CA VAL A 1363 52.16 -40.73 40.71
C VAL A 1363 51.32 -41.98 40.39
N ASP A 1364 51.43 -42.98 41.28
CA ASP A 1364 50.67 -44.22 41.16
C ASP A 1364 49.16 -43.98 41.29
N TYR A 1365 48.38 -44.77 40.55
CA TYR A 1365 46.93 -44.58 40.44
C TYR A 1365 46.23 -44.73 41.79
N ALA A 1366 46.56 -45.80 42.52
CA ALA A 1366 45.87 -46.07 43.79
C ALA A 1366 46.19 -44.99 44.83
N LEU A 1367 47.46 -44.59 44.90
CA LEU A 1367 47.86 -43.51 45.79
C LEU A 1367 47.15 -42.21 45.42
N ARG A 1368 46.90 -42.00 44.12
CA ARG A 1368 46.30 -40.76 43.66
C ARG A 1368 44.83 -40.70 44.06
N GLN A 1369 44.10 -41.80 43.86
CA GLN A 1369 42.72 -41.88 44.33
C GLN A 1369 42.64 -41.68 45.85
N SER A 1370 43.54 -42.35 46.58
CA SER A 1370 43.56 -42.29 48.04
C SER A 1370 43.76 -40.87 48.54
N PHE A 1371 44.66 -40.11 47.90
CA PHE A 1371 44.88 -38.71 48.31
C PHE A 1371 43.68 -37.84 48.00
N LEU A 1372 43.18 -37.91 46.75
CA LEU A 1372 42.20 -36.93 46.30
C LEU A 1372 40.89 -37.03 47.06
N GLU A 1373 40.47 -38.24 47.46
CA GLU A 1373 39.20 -38.33 48.19
C GLU A 1373 39.31 -37.69 49.59
N ARG A 1374 40.44 -37.90 50.27
CA ARG A 1374 40.66 -37.32 51.59
C ARG A 1374 40.72 -35.79 51.50
N PHE A 1375 41.36 -35.27 50.45
CA PHE A 1375 41.40 -33.84 50.24
C PHE A 1375 40.00 -33.25 50.06
N ALA A 1376 39.13 -33.97 49.35
CA ALA A 1376 37.75 -33.51 49.21
C ALA A 1376 37.04 -33.42 50.56
N TYR A 1377 37.23 -34.44 51.41
CA TYR A 1377 36.63 -34.38 52.75
C TYR A 1377 37.16 -33.21 53.58
N PHE A 1378 38.47 -32.95 53.55
CA PHE A 1378 39.02 -31.81 54.28
C PHE A 1378 38.45 -30.49 53.79
N THR A 1379 38.31 -30.34 52.47
CA THR A 1379 37.84 -29.07 51.92
C THR A 1379 36.38 -28.81 52.24
N LEU A 1380 35.53 -29.82 52.13
CA LEU A 1380 34.10 -29.55 52.34
C LEU A 1380 33.71 -29.43 53.81
N HIS A 1381 34.54 -29.88 54.75
CA HIS A 1381 34.31 -29.62 56.18
C HIS A 1381 34.83 -28.27 56.66
N ALA A 1382 35.46 -27.48 55.79
CA ALA A 1382 36.11 -26.24 56.18
C ALA A 1382 35.09 -25.10 56.31
N PRO A 1383 35.44 -24.02 57.03
CA PRO A 1383 34.60 -22.82 56.98
C PRO A 1383 34.64 -22.17 55.61
N VAL A 1384 33.56 -21.46 55.28
CA VAL A 1384 33.32 -20.97 53.92
C VAL A 1384 34.39 -19.97 53.49
N SER A 1385 34.98 -19.24 54.44
CA SER A 1385 36.00 -18.27 54.09
C SER A 1385 37.40 -18.87 53.97
N ASP A 1386 37.60 -20.11 54.43
CA ASP A 1386 38.90 -20.77 54.31
C ASP A 1386 39.07 -21.55 53.02
N ILE A 1387 37.98 -21.90 52.35
CA ILE A 1387 37.98 -22.68 51.11
C ILE A 1387 38.88 -22.09 50.02
N PRO A 1388 38.94 -20.77 49.77
CA PRO A 1388 39.90 -20.27 48.76
C PRO A 1388 41.36 -20.50 49.10
N ASP A 1389 41.71 -20.75 50.37
CA ASP A 1389 43.10 -21.07 50.68
C ASP A 1389 43.42 -22.56 50.55
N TYR A 1390 42.42 -23.43 50.70
CA TYR A 1390 42.65 -24.86 50.51
C TYR A 1390 42.96 -25.20 49.05
N ILE A 1391 42.18 -24.67 48.11
CA ILE A 1391 42.31 -25.08 46.72
C ILE A 1391 43.30 -24.26 45.92
N LYS A 1392 43.99 -23.29 46.55
CA LYS A 1392 44.90 -22.40 45.85
C LYS A 1392 46.03 -23.07 45.04
N PRO A 1393 46.71 -24.13 45.52
CA PRO A 1393 47.72 -24.77 44.65
C PRO A 1393 47.16 -25.36 43.37
N PHE A 1394 45.88 -25.71 43.32
CA PHE A 1394 45.27 -26.20 42.10
C PHE A 1394 44.68 -25.11 41.23
N LEU A 1395 44.34 -23.96 41.82
CA LEU A 1395 43.94 -22.81 41.00
C LEU A 1395 45.14 -22.18 40.31
N ASP A 1396 46.27 -22.05 41.01
CA ASP A 1396 47.43 -21.40 40.40
C ASP A 1396 48.06 -22.25 39.31
N GLY A 1397 48.10 -23.58 39.50
CA GLY A 1397 48.79 -24.47 38.60
C GLY A 1397 47.95 -25.12 37.51
N PHE A 1398 46.71 -24.66 37.33
CA PHE A 1398 45.70 -25.31 36.50
C PHE A 1398 46.17 -25.50 35.06
N ASN A 1399 46.00 -26.73 34.55
CA ASN A 1399 46.40 -27.09 33.19
C ASN A 1399 45.53 -28.26 32.72
N GLY A 1400 45.91 -28.82 31.56
CA GLY A 1400 45.15 -29.83 30.88
C GLY A 1400 45.42 -31.26 31.29
N SER A 1401 46.07 -31.48 32.43
CA SER A 1401 46.48 -32.82 32.82
C SER A 1401 45.36 -33.60 33.50
N GLU A 1402 45.44 -34.93 33.38
CA GLU A 1402 44.38 -35.85 33.83
C GLU A 1402 43.95 -35.74 35.30
N PRO A 1403 44.82 -35.53 36.30
CA PRO A 1403 44.31 -35.41 37.69
C PRO A 1403 43.35 -34.27 37.94
N ILE A 1404 43.24 -33.29 37.04
CA ILE A 1404 42.19 -32.27 37.16
C ILE A 1404 40.80 -32.90 36.98
N SER A 1405 40.69 -33.91 36.11
CA SER A 1405 39.40 -34.60 35.94
C SER A 1405 39.03 -35.41 37.18
N GLU A 1406 40.02 -36.11 37.75
CA GLU A 1406 39.80 -36.96 38.91
C GLU A 1406 39.39 -36.13 40.13
N LEU A 1407 39.94 -34.91 40.25
CA LEU A 1407 39.59 -33.99 41.33
C LEU A 1407 38.11 -33.64 41.30
N PHE A 1408 37.60 -33.26 40.12
CA PHE A 1408 36.19 -32.91 40.00
C PHE A 1408 35.29 -34.09 40.33
N LYS A 1409 35.66 -35.30 39.88
CA LYS A 1409 34.84 -36.47 40.18
C LYS A 1409 34.78 -36.74 41.69
N LYS A 1410 35.91 -36.59 42.39
CA LYS A 1410 35.89 -36.82 43.83
C LYS A 1410 35.08 -35.78 44.60
N PHE A 1411 35.11 -34.50 44.17
CA PHE A 1411 34.24 -33.51 44.81
C PHE A 1411 32.76 -33.86 44.64
N ILE A 1412 32.36 -34.31 43.45
CA ILE A 1412 30.95 -34.67 43.25
C ILE A 1412 30.54 -35.82 44.15
N LEU A 1413 31.42 -36.82 44.31
CA LEU A 1413 31.11 -37.98 45.16
C LEU A 1413 30.92 -37.57 46.63
N VAL A 1414 31.86 -36.78 47.16
CA VAL A 1414 31.77 -36.43 48.57
C VAL A 1414 30.57 -35.52 48.83
N GLU A 1415 30.22 -34.65 47.87
CA GLU A 1415 29.02 -33.83 48.03
C GLU A 1415 27.75 -34.67 48.06
N ASP A 1416 27.69 -35.72 47.25
CA ASP A 1416 26.53 -36.61 47.33
C ASP A 1416 26.43 -37.25 48.71
N ARG A 1417 27.57 -37.54 49.35
CA ARG A 1417 27.49 -38.09 50.71
C ARG A 1417 27.10 -37.02 51.75
N LEU A 1418 27.62 -35.79 51.63
CA LEU A 1418 27.56 -34.83 52.72
C LEU A 1418 26.43 -33.81 52.63
N ASN A 1419 26.01 -33.45 51.42
CA ASN A 1419 24.94 -32.47 51.16
C ASN A 1419 25.28 -31.10 51.78
N THR A 1420 26.45 -30.59 51.37
CA THR A 1420 26.94 -29.28 51.81
C THR A 1420 26.77 -28.18 50.76
N TYR A 1421 25.52 -27.78 50.48
CA TYR A 1421 25.12 -27.02 49.29
C TYR A 1421 25.98 -25.80 48.96
N ALA A 1422 26.07 -24.85 49.90
CA ALA A 1422 26.76 -23.59 49.62
C ALA A 1422 28.26 -23.78 49.43
N LYS A 1423 28.86 -24.74 50.14
CA LYS A 1423 30.30 -24.94 50.02
C LYS A 1423 30.66 -25.56 48.67
N PHE A 1424 29.85 -26.52 48.21
CA PHE A 1424 30.04 -27.09 46.88
C PHE A 1424 29.93 -26.02 45.81
N TRP A 1425 28.90 -25.20 45.90
CA TRP A 1425 28.77 -24.22 44.83
C TRP A 1425 29.83 -23.11 44.91
N LYS A 1426 30.41 -22.84 46.08
CA LYS A 1426 31.56 -21.93 46.12
C LYS A 1426 32.76 -22.53 45.40
N VAL A 1427 33.06 -23.82 45.64
CA VAL A 1427 34.18 -24.46 44.96
C VAL A 1427 33.97 -24.46 43.45
N TRP A 1428 32.74 -24.75 43.01
CA TRP A 1428 32.47 -24.77 41.57
C TRP A 1428 32.54 -23.36 40.97
N ASP A 1429 32.14 -22.33 41.72
CA ASP A 1429 32.23 -20.96 41.18
C ASP A 1429 33.67 -20.48 41.04
N LEU A 1430 34.59 -21.02 41.85
CA LEU A 1430 35.96 -20.53 41.73
C LEU A 1430 36.70 -21.06 40.50
N PHE A 1431 36.36 -22.25 39.99
CA PHE A 1431 37.04 -22.84 38.84
C PHE A 1431 36.51 -22.44 37.47
N PHE A 1432 35.40 -21.69 37.41
CA PHE A 1432 34.67 -21.46 36.16
C PHE A 1432 35.51 -20.78 35.09
N ASP A 1433 36.22 -19.71 35.46
CA ASP A 1433 36.99 -18.96 34.49
C ASP A 1433 38.16 -19.76 33.93
N LYS A 1434 38.77 -20.62 34.74
CA LYS A 1434 39.86 -21.47 34.27
C LYS A 1434 39.36 -22.45 33.21
N VAL A 1435 38.22 -23.10 33.48
CA VAL A 1435 37.65 -24.06 32.53
C VAL A 1435 37.22 -23.36 31.25
N VAL A 1436 36.64 -22.17 31.38
CA VAL A 1436 36.25 -21.38 30.20
C VAL A 1436 37.47 -21.04 29.36
N THR A 1437 38.57 -20.63 30.00
CA THR A 1437 39.80 -20.35 29.27
C THR A 1437 40.33 -21.59 28.58
N LEU A 1438 40.18 -22.76 29.20
CA LEU A 1438 40.74 -23.98 28.65
C LEU A 1438 40.05 -24.43 27.36
N CYS A 1439 38.72 -24.29 27.28
CA CYS A 1439 37.98 -24.75 26.09
C CYS A 1439 38.29 -23.91 24.84
N LYS A 1440 38.77 -22.67 25.01
CA LYS A 1440 39.12 -21.83 23.88
C LYS A 1440 40.33 -22.34 23.11
N ASP A 1441 41.11 -23.26 23.69
CA ASP A 1441 42.16 -23.92 22.93
C ASP A 1441 41.65 -25.09 22.09
N GLY A 1442 40.39 -25.46 22.24
CA GLY A 1442 39.85 -26.63 21.57
C GLY A 1442 39.98 -27.88 22.41
N ASP A 1443 38.90 -28.66 22.52
CA ASP A 1443 38.89 -29.74 23.51
C ASP A 1443 39.64 -31.00 23.07
N ARG A 1444 40.32 -30.99 21.93
CA ARG A 1444 41.04 -32.16 21.45
C ARG A 1444 42.41 -32.34 22.12
N TYR A 1445 42.93 -31.31 22.76
CA TYR A 1445 44.27 -31.36 23.36
C TYR A 1445 44.26 -32.15 24.67
N TRP A 1446 45.39 -32.87 24.92
CA TRP A 1446 45.77 -33.51 26.20
C TRP A 1446 44.61 -34.26 26.84
N TYR A 1447 44.01 -33.74 27.91
CA TYR A 1447 42.78 -34.33 28.45
C TYR A 1447 41.67 -33.30 28.62
N VAL A 1448 41.61 -32.29 27.74
CA VAL A 1448 40.71 -31.16 27.91
C VAL A 1448 39.25 -31.60 27.84
N ASP A 1449 38.91 -32.48 26.88
CA ASP A 1449 37.53 -32.94 26.75
C ASP A 1449 37.08 -33.71 27.98
N LYS A 1450 37.96 -34.53 28.56
CA LYS A 1450 37.63 -35.27 29.76
C LYS A 1450 37.42 -34.32 30.95
N ILE A 1451 38.19 -33.23 30.99
CA ILE A 1451 38.02 -32.21 32.03
C ILE A 1451 36.68 -31.50 31.90
N ILE A 1452 36.30 -31.14 30.66
CA ILE A 1452 34.99 -30.52 30.41
C ILE A 1452 33.87 -31.45 30.85
N LYS A 1453 33.93 -32.71 30.43
CA LYS A 1453 32.88 -33.67 30.75
C LYS A 1453 32.77 -33.90 32.25
N SER A 1454 33.92 -33.89 32.95
CA SER A 1454 33.89 -34.04 34.40
C SER A 1454 33.24 -32.84 35.07
N TYR A 1455 33.58 -31.62 34.62
CA TYR A 1455 33.05 -30.42 35.25
C TYR A 1455 31.54 -30.29 35.06
N LEU A 1456 31.01 -30.79 33.95
CA LEU A 1456 29.60 -30.67 33.61
C LEU A 1456 28.80 -31.93 33.94
N PHE A 1457 29.24 -32.70 34.95
CA PHE A 1457 28.52 -33.82 35.58
C PHE A 1457 28.31 -35.04 34.68
N ALA A 1458 29.01 -35.15 33.55
CA ALA A 1458 28.72 -36.22 32.60
C ALA A 1458 29.51 -37.51 32.83
N GLU A 1459 30.51 -37.51 33.70
CA GLU A 1459 31.35 -38.70 33.90
C GLU A 1459 30.96 -39.58 35.08
N SER A 1460 30.04 -39.13 35.95
CA SER A 1460 29.74 -39.86 37.18
C SER A 1460 28.65 -40.91 36.97
N PRO A 1461 28.72 -42.04 37.71
CA PRO A 1461 27.71 -43.11 37.58
C PRO A 1461 26.42 -42.92 38.39
N TRP A 1462 25.45 -42.21 37.83
CA TRP A 1462 24.18 -41.90 38.48
C TRP A 1462 23.19 -43.06 38.37
N LYS A 1463 22.21 -43.07 39.27
CA LYS A 1463 21.15 -44.05 39.25
C LYS A 1463 20.19 -43.79 38.09
N GLU A 1464 19.34 -44.78 37.80
CA GLU A 1464 18.67 -44.86 36.51
C GLU A 1464 17.45 -43.97 36.35
N ASN A 1465 16.79 -43.55 37.44
CA ASN A 1465 15.49 -42.86 37.32
C ASN A 1465 15.40 -41.70 38.29
N SER A 1466 16.42 -40.85 38.34
CA SER A 1466 16.46 -39.75 39.30
C SER A 1466 15.46 -38.64 38.96
N ASN A 1467 14.75 -38.15 39.99
CA ASN A 1467 13.87 -37.00 39.85
C ASN A 1467 14.64 -35.68 39.75
N GLY A 1468 15.92 -35.69 40.06
CA GLY A 1468 16.72 -34.50 40.31
C GLY A 1468 17.86 -34.86 41.24
N TRP A 1469 18.52 -33.83 41.78
CA TRP A 1469 19.60 -34.01 42.73
C TRP A 1469 19.40 -33.01 43.85
N HIS A 1470 19.73 -33.43 45.08
CA HIS A 1470 19.50 -32.59 46.25
C HIS A 1470 20.34 -31.32 46.26
N THR A 1471 21.34 -31.21 45.40
CA THR A 1471 22.19 -30.03 45.29
C THR A 1471 21.76 -29.10 44.14
N PHE A 1472 20.79 -29.50 43.31
CA PHE A 1472 20.22 -28.62 42.29
C PHE A 1472 18.96 -27.95 42.79
N LYS A 1473 18.86 -26.63 42.62
CA LYS A 1473 17.68 -25.86 42.97
C LYS A 1473 17.40 -24.86 41.84
N ASP A 1474 16.21 -24.21 41.90
CA ASP A 1474 15.77 -23.29 40.85
C ASP A 1474 16.81 -22.22 40.55
N SER A 1475 17.42 -21.68 41.61
CA SER A 1475 18.42 -20.63 41.50
C SER A 1475 19.61 -21.04 40.67
N ASN A 1476 19.99 -22.31 40.71
CA ASN A 1476 21.22 -22.76 40.05
C ASN A 1476 21.07 -22.93 38.55
N SER A 1477 19.90 -22.64 37.98
CA SER A 1477 19.73 -22.66 36.52
C SER A 1477 20.61 -21.66 35.82
N GLN A 1478 21.06 -20.61 36.52
CA GLN A 1478 21.97 -19.62 35.93
C GLN A 1478 23.34 -20.20 35.61
N PHE A 1479 23.75 -21.28 36.29
CA PHE A 1479 25.00 -21.95 35.95
C PHE A 1479 24.97 -22.48 34.52
N PHE A 1480 23.93 -23.24 34.18
CA PHE A 1480 23.82 -23.80 32.85
C PHE A 1480 23.60 -22.73 31.79
N CYS A 1481 22.93 -21.62 32.15
CA CYS A 1481 22.79 -20.50 31.24
C CYS A 1481 24.14 -19.89 30.87
N ASP A 1482 24.99 -19.64 31.88
CA ASP A 1482 26.32 -19.11 31.62
C ASP A 1482 27.16 -20.09 30.82
N VAL A 1483 27.06 -21.38 31.16
CA VAL A 1483 27.84 -22.41 30.45
C VAL A 1483 27.48 -22.44 28.97
N SER A 1484 26.18 -22.49 28.67
CA SER A 1484 25.76 -22.54 27.28
C SER A 1484 26.05 -21.24 26.54
N ARG A 1485 26.08 -20.11 27.27
CA ARG A 1485 26.48 -18.85 26.65
C ARG A 1485 27.97 -18.81 26.33
N THR A 1486 28.79 -19.50 27.11
CA THR A 1486 30.23 -19.25 27.07
C THR A 1486 31.05 -20.38 26.47
N MET A 1487 30.60 -21.63 26.56
CA MET A 1487 31.39 -22.79 26.14
C MET A 1487 30.73 -23.57 25.01
N GLY A 1488 29.87 -22.93 24.21
CA GLY A 1488 29.00 -23.68 23.32
C GLY A 1488 29.70 -24.38 22.18
N HIS A 1489 30.86 -23.88 21.76
CA HIS A 1489 31.52 -24.39 20.56
C HIS A 1489 32.23 -25.73 20.76
N CYS A 1490 32.65 -26.05 21.97
CA CYS A 1490 33.27 -27.35 22.22
C CYS A 1490 32.18 -28.43 22.17
N PRO A 1491 32.31 -29.45 21.31
CA PRO A 1491 31.26 -30.48 21.21
C PRO A 1491 31.02 -31.27 22.48
N SER A 1492 32.02 -31.31 23.37
CA SER A 1492 31.85 -31.93 24.67
C SER A 1492 30.75 -31.25 25.48
N THR A 1493 30.56 -29.94 25.29
CA THR A 1493 29.51 -29.21 25.97
C THR A 1493 28.13 -29.69 25.56
N LEU A 1494 27.91 -29.83 24.25
CA LEU A 1494 26.62 -30.30 23.73
C LEU A 1494 26.33 -31.71 24.23
N TYR A 1495 27.33 -32.59 24.17
CA TYR A 1495 27.17 -33.94 24.69
C TYR A 1495 26.78 -33.94 26.17
N SER A 1496 27.48 -33.13 26.96
CA SER A 1496 27.28 -33.16 28.41
C SER A 1496 25.90 -32.64 28.79
N LEU A 1497 25.46 -31.56 28.15
CA LEU A 1497 24.13 -31.02 28.44
C LEU A 1497 23.03 -32.00 28.04
N ALA A 1498 23.15 -32.63 26.86
CA ALA A 1498 22.11 -33.56 26.44
C ALA A 1498 22.04 -34.77 27.35
N LYS A 1499 23.20 -35.26 27.81
CA LYS A 1499 23.18 -36.40 28.72
C LYS A 1499 22.61 -36.02 30.08
N SER A 1500 22.91 -34.81 30.57
CA SER A 1500 22.50 -34.43 31.91
C SER A 1500 21.01 -34.16 31.99
N LEU A 1501 20.47 -33.45 30.99
CA LEU A 1501 19.04 -33.09 31.01
C LEU A 1501 18.14 -34.31 30.92
N ASN A 1502 18.68 -35.45 30.46
CA ASN A 1502 17.92 -36.67 30.31
C ASN A 1502 17.80 -37.43 31.64
N ASN A 1503 18.74 -37.27 32.57
CA ASN A 1503 18.51 -37.88 33.88
C ASN A 1503 18.70 -37.01 35.12
N ILE A 1504 19.95 -36.61 35.42
CA ILE A 1504 20.25 -36.03 36.74
C ILE A 1504 19.81 -34.58 36.83
N ALA A 1505 19.77 -33.88 35.71
CA ALA A 1505 19.34 -32.49 35.68
C ALA A 1505 17.94 -32.35 35.08
N SER A 1506 17.11 -33.39 35.22
CA SER A 1506 15.83 -33.47 34.52
C SER A 1506 14.89 -32.33 34.90
N CYS A 1507 15.07 -31.76 36.08
CA CYS A 1507 14.17 -30.74 36.58
C CYS A 1507 14.24 -29.41 35.82
N TYR A 1508 15.22 -29.24 34.93
CA TYR A 1508 15.37 -28.02 34.12
C TYR A 1508 14.96 -28.17 32.66
N LEU A 1509 14.20 -29.23 32.30
CA LEU A 1509 14.02 -29.61 30.89
C LEU A 1509 13.48 -28.50 30.00
N ASN A 1510 12.44 -27.79 30.47
CA ASN A 1510 11.82 -26.71 29.69
C ASN A 1510 12.82 -25.61 29.34
N GLN A 1511 13.78 -25.35 30.23
CA GLN A 1511 14.82 -24.35 29.96
C GLN A 1511 15.97 -24.95 29.13
N GLY A 1512 16.19 -26.26 29.28
CA GLY A 1512 17.24 -26.94 28.55
C GLY A 1512 16.98 -26.93 27.05
N ILE A 1513 15.72 -27.01 26.66
CA ILE A 1513 15.39 -26.91 25.23
C ILE A 1513 15.88 -25.58 24.65
N THR A 1514 15.72 -24.48 25.40
CA THR A 1514 16.24 -23.18 24.97
C THR A 1514 17.76 -23.19 24.84
N TRP A 1515 18.44 -23.73 25.86
CA TRP A 1515 19.91 -23.76 25.83
C TRP A 1515 20.46 -24.52 24.62
N LEU A 1516 19.90 -25.71 24.36
CA LEU A 1516 20.34 -26.53 23.23
C LEU A 1516 20.04 -25.87 21.89
N SER A 1517 18.81 -25.30 21.75
CA SER A 1517 18.42 -24.65 20.52
C SER A 1517 19.34 -23.47 20.21
N GLU A 1518 19.71 -22.70 21.23
CA GLU A 1518 20.62 -21.57 21.05
C GLU A 1518 22.00 -22.02 20.60
N ILE A 1519 22.56 -23.03 21.28
CA ILE A 1519 23.89 -23.53 20.92
C ILE A 1519 23.92 -23.96 19.45
N LEU A 1520 22.91 -24.71 19.02
CA LEU A 1520 22.89 -25.18 17.65
C LEU A 1520 22.65 -24.05 16.66
N SER A 1521 21.89 -23.01 17.05
CA SER A 1521 21.62 -21.94 16.11
C SER A 1521 22.82 -21.03 15.88
N VAL A 1522 23.66 -20.84 16.90
CA VAL A 1522 24.77 -19.91 16.75
C VAL A 1522 26.02 -20.58 16.17
N ASN A 1523 26.36 -21.78 16.65
CA ASN A 1523 27.66 -22.40 16.37
C ASN A 1523 27.55 -23.35 15.17
N LYS A 1524 27.55 -22.74 13.98
CA LYS A 1524 27.20 -23.43 12.74
C LYS A 1524 28.12 -24.61 12.41
N LYS A 1525 29.35 -24.59 12.94
CA LYS A 1525 30.34 -25.60 12.61
C LYS A 1525 30.01 -26.94 13.25
N LEU A 1526 29.17 -26.93 14.29
CA LEU A 1526 28.68 -28.17 14.91
C LEU A 1526 27.91 -29.03 13.92
N TRP A 1527 27.30 -28.41 12.90
CA TRP A 1527 26.54 -29.15 11.90
C TRP A 1527 27.45 -29.96 10.97
N GLU A 1528 28.76 -29.67 10.96
CA GLU A 1528 29.69 -30.32 10.07
C GLU A 1528 30.80 -31.10 10.78
N LYS A 1529 31.07 -30.82 12.07
CA LYS A 1529 32.10 -31.48 12.86
C LYS A 1529 31.69 -32.88 13.30
N LYS A 1530 32.62 -33.58 13.91
CA LYS A 1530 32.28 -34.92 14.39
C LYS A 1530 31.79 -34.84 15.81
N LEU A 1531 30.85 -35.71 16.15
CA LEU A 1531 30.19 -35.71 17.43
C LEU A 1531 30.63 -36.89 18.29
N GLU A 1532 30.40 -36.75 19.59
CA GLU A 1532 30.57 -37.84 20.54
C GLU A 1532 29.49 -38.90 20.33
N ASN A 1533 29.80 -40.13 20.71
CA ASN A 1533 28.83 -41.22 20.63
C ASN A 1533 27.62 -40.96 21.52
N ASP A 1534 26.46 -41.45 21.05
CA ASP A 1534 25.13 -41.30 21.65
C ASP A 1534 24.60 -39.88 21.77
N THR A 1535 25.25 -38.88 21.17
CA THR A 1535 24.72 -37.51 21.22
C THR A 1535 23.34 -37.41 20.57
N VAL A 1536 23.20 -38.04 19.41
CA VAL A 1536 21.93 -38.07 18.69
C VAL A 1536 20.87 -38.82 19.49
N TYR A 1537 21.26 -39.92 20.15
CA TYR A 1537 20.32 -40.71 20.94
C TYR A 1537 19.69 -39.89 22.07
N TYR A 1538 20.53 -39.15 22.81
CA TYR A 1538 20.02 -38.34 23.90
C TYR A 1538 19.15 -37.20 23.40
N LEU A 1539 19.53 -36.57 22.28
CA LEU A 1539 18.69 -35.50 21.75
C LEU A 1539 17.33 -36.01 21.30
N GLU A 1540 17.30 -37.20 20.69
CA GLU A 1540 16.03 -37.83 20.33
C GLU A 1540 15.14 -38.04 21.55
N CYS A 1541 15.71 -38.60 22.63
CA CYS A 1541 14.94 -38.84 23.86
C CYS A 1541 14.39 -37.54 24.43
N LEU A 1542 15.22 -36.49 24.47
CA LEU A 1542 14.81 -35.22 25.08
C LEU A 1542 13.64 -34.58 24.32
N VAL A 1543 13.80 -34.42 23.00
CA VAL A 1543 12.75 -33.72 22.24
C VAL A 1543 11.47 -34.53 22.26
N ARG A 1544 11.58 -35.86 22.21
CA ARG A 1544 10.40 -36.71 22.21
C ARG A 1544 9.69 -36.66 23.57
N ARG A 1545 10.45 -36.55 24.66
CA ARG A 1545 9.84 -36.42 25.99
C ARG A 1545 9.13 -35.09 26.17
N TYR A 1546 9.73 -34.00 25.64
CA TYR A 1546 9.18 -32.66 25.82
C TYR A 1546 7.84 -32.48 25.09
N ILE A 1547 7.77 -32.93 23.83
CA ILE A 1547 6.57 -32.73 23.00
C ILE A 1547 5.35 -33.39 23.62
N ASN A 1548 5.55 -34.58 24.21
CA ASN A 1548 4.46 -35.30 24.85
C ASN A 1548 3.86 -34.53 26.02
N ASN A 1549 4.68 -33.74 26.73
CA ASN A 1549 4.18 -32.94 27.84
C ASN A 1549 3.53 -31.64 27.39
N GLU A 1550 3.98 -31.07 26.27
CA GLU A 1550 3.86 -29.64 25.99
C GLU A 1550 3.15 -29.33 24.67
N ARG A 1551 2.52 -30.34 24.06
CA ARG A 1551 1.99 -30.31 22.70
C ARG A 1551 1.10 -29.11 22.37
N GLU A 1552 0.13 -28.81 23.24
CA GLU A 1552 -0.77 -27.68 23.00
C GLU A 1552 -0.04 -26.36 23.03
N ARG A 1553 0.86 -26.15 24.01
CA ARG A 1553 1.59 -24.88 24.08
C ARG A 1553 2.50 -24.71 22.87
N ILE A 1554 3.13 -25.79 22.40
CA ILE A 1554 3.98 -25.72 21.22
C ILE A 1554 3.15 -25.34 20.00
N ARG A 1555 1.95 -25.92 19.87
CA ARG A 1555 1.04 -25.56 18.78
C ARG A 1555 0.66 -24.08 18.81
N ARG A 1556 0.30 -23.55 19.98
CA ARG A 1556 -0.32 -22.23 20.09
C ARG A 1556 0.68 -21.08 20.14
N THR A 1557 1.98 -21.37 20.33
CA THR A 1557 2.97 -20.33 20.61
C THR A 1557 4.11 -20.40 19.60
N LYS A 1558 4.36 -19.26 18.93
CA LYS A 1558 5.29 -19.24 17.80
C LYS A 1558 6.73 -19.55 18.22
N GLN A 1559 7.19 -18.93 19.31
CA GLN A 1559 8.60 -19.01 19.71
C GLN A 1559 9.02 -20.43 20.08
N LEU A 1560 8.16 -21.12 20.84
CA LEU A 1560 8.45 -22.49 21.25
C LEU A 1560 8.59 -23.41 20.04
N LYS A 1561 7.72 -23.23 19.05
CA LYS A 1561 7.74 -24.07 17.86
C LYS A 1561 9.02 -23.85 17.06
N GLN A 1562 9.46 -22.59 16.91
CA GLN A 1562 10.73 -22.35 16.21
C GLN A 1562 11.90 -22.99 16.95
N GLU A 1563 11.93 -22.84 18.28
CA GLU A 1563 13.05 -23.36 19.06
C GLU A 1563 13.12 -24.88 18.96
N VAL A 1564 11.98 -25.57 18.94
CA VAL A 1564 12.00 -27.03 18.80
C VAL A 1564 12.43 -27.44 17.38
N LEU A 1565 11.96 -26.70 16.37
CA LEU A 1565 12.24 -27.08 14.99
C LEU A 1565 13.72 -26.98 14.65
N VAL A 1566 14.47 -26.11 15.34
CA VAL A 1566 15.93 -26.10 15.13
C VAL A 1566 16.55 -27.47 15.44
N ILE A 1567 16.20 -28.05 16.59
CA ILE A 1567 16.75 -29.34 16.99
C ILE A 1567 16.28 -30.45 16.05
N LEU A 1568 14.99 -30.41 15.68
CA LEU A 1568 14.49 -31.45 14.78
C LEU A 1568 15.14 -31.40 13.39
N ASP A 1569 15.41 -30.18 12.88
CA ASP A 1569 16.10 -30.06 11.61
C ASP A 1569 17.53 -30.58 11.69
N PHE A 1570 18.20 -30.34 12.84
CA PHE A 1570 19.53 -30.91 13.04
C PHE A 1570 19.49 -32.43 13.03
N LEU A 1571 18.50 -33.02 13.71
CA LEU A 1571 18.38 -34.48 13.75
C LEU A 1571 18.09 -35.07 12.36
N VAL A 1572 17.25 -34.39 11.57
CA VAL A 1572 16.96 -34.85 10.22
C VAL A 1572 18.19 -34.71 9.32
N GLU A 1573 18.98 -33.66 9.52
CA GLU A 1573 20.24 -33.51 8.77
C GLU A 1573 21.20 -34.67 9.03
N LYS A 1574 21.18 -35.23 10.23
CA LYS A 1574 21.95 -36.41 10.58
C LYS A 1574 21.23 -37.72 10.26
N GLY A 1575 20.04 -37.69 9.68
CA GLY A 1575 19.39 -38.91 9.23
C GLY A 1575 18.52 -39.61 10.23
N SER A 1576 18.03 -38.91 11.26
CA SER A 1576 17.23 -39.52 12.31
C SER A 1576 15.81 -39.79 11.82
N VAL A 1577 15.36 -41.04 11.95
CA VAL A 1577 13.98 -41.35 11.62
C VAL A 1577 13.03 -40.74 12.65
N VAL A 1578 13.37 -40.84 13.93
CA VAL A 1578 12.52 -40.31 15.00
C VAL A 1578 12.36 -38.80 14.86
N GLY A 1579 13.41 -38.09 14.45
CA GLY A 1579 13.29 -36.66 14.19
C GLY A 1579 12.32 -36.32 13.07
N TYR A 1580 12.39 -37.09 11.98
CA TYR A 1580 11.50 -36.89 10.83
C TYR A 1580 10.04 -37.09 11.22
N MET A 1581 9.75 -38.21 11.88
CA MET A 1581 8.38 -38.48 12.32
C MET A 1581 7.87 -37.42 13.30
N SER A 1582 8.76 -36.90 14.15
CA SER A 1582 8.33 -35.86 15.08
C SER A 1582 7.95 -34.57 14.37
N ARG A 1583 8.70 -34.18 13.31
CA ARG A 1583 8.26 -33.02 12.54
C ARG A 1583 6.89 -33.25 11.90
N GLU A 1584 6.68 -34.44 11.31
CA GLU A 1584 5.38 -34.69 10.68
C GLU A 1584 4.23 -34.69 11.69
N ASN A 1585 4.53 -34.96 12.96
CA ASN A 1585 3.52 -34.85 14.01
C ASN A 1585 3.27 -33.38 14.40
N ILE A 1586 4.34 -32.61 14.61
CA ILE A 1586 4.22 -31.24 15.14
C ILE A 1586 3.60 -30.29 14.11
N LEU A 1587 3.98 -30.41 12.85
CA LEU A 1587 3.50 -29.52 11.80
C LEU A 1587 1.99 -29.66 11.54
N VAL B 2 -72.22 -26.25 -4.42
CA VAL B 2 -73.20 -26.17 -3.34
C VAL B 2 -74.16 -27.37 -3.42
N LYS B 3 -74.67 -27.77 -2.26
CA LYS B 3 -75.54 -28.92 -2.09
C LYS B 3 -76.48 -28.65 -0.92
N PRO B 4 -77.72 -29.13 -0.99
CA PRO B 4 -78.72 -28.82 0.06
C PRO B 4 -78.39 -29.57 1.35
N ASN B 5 -78.26 -28.83 2.45
CA ASN B 5 -77.90 -29.40 3.75
C ASN B 5 -78.70 -28.62 4.79
N TRP B 6 -79.66 -29.30 5.43
CA TRP B 6 -80.51 -28.65 6.40
C TRP B 6 -79.89 -28.57 7.80
N ASP B 7 -78.83 -29.33 8.07
CA ASP B 7 -78.07 -29.11 9.31
C ASP B 7 -77.30 -27.80 9.27
N ASN B 8 -76.69 -27.48 8.12
CA ASN B 8 -76.07 -26.17 7.93
C ASN B 8 -77.09 -25.05 8.11
N PHE B 9 -78.28 -25.23 7.52
CA PHE B 9 -79.35 -24.24 7.67
C PHE B 9 -79.74 -24.05 9.13
N LYS B 10 -80.00 -25.15 9.85
CA LYS B 10 -80.45 -25.04 11.23
C LYS B 10 -79.35 -24.50 12.13
N ALA B 11 -78.08 -24.76 11.83
CA ALA B 11 -77.01 -24.16 12.61
C ALA B 11 -76.89 -22.66 12.36
N LYS B 12 -77.10 -22.24 11.11
CA LYS B 12 -76.93 -20.83 10.77
C LYS B 12 -78.09 -19.98 11.28
N PHE B 13 -79.32 -20.50 11.24
CA PHE B 13 -80.52 -19.72 11.47
C PHE B 13 -81.31 -20.20 12.68
N SER B 14 -80.60 -20.59 13.74
CA SER B 14 -81.22 -21.19 14.91
C SER B 14 -82.05 -20.20 15.72
N GLU B 15 -81.75 -18.90 15.63
CA GLU B 15 -82.57 -17.92 16.33
C GLU B 15 -83.96 -17.76 15.71
N ASN B 16 -84.13 -18.08 14.42
CA ASN B 16 -85.43 -17.95 13.76
C ASN B 16 -85.45 -18.76 12.46
N PRO B 17 -85.78 -20.06 12.50
CA PRO B 17 -85.83 -20.85 11.25
C PRO B 17 -86.97 -20.54 10.30
N GLN B 18 -88.19 -20.38 10.85
CA GLN B 18 -89.37 -20.16 10.02
C GLN B 18 -89.25 -18.87 9.22
N GLY B 19 -88.78 -17.80 9.87
CA GLY B 19 -88.69 -16.49 9.24
C GLY B 19 -87.68 -16.42 8.12
N ASN B 20 -86.58 -17.17 8.22
CA ASN B 20 -85.58 -17.19 7.16
C ASN B 20 -86.00 -18.11 6.01
N PHE B 21 -86.69 -19.21 6.30
CA PHE B 21 -87.20 -20.07 5.23
C PHE B 21 -88.22 -19.34 4.36
N GLU B 22 -89.06 -18.50 5.00
CA GLU B 22 -90.03 -17.71 4.23
C GLU B 22 -89.33 -16.78 3.22
N TRP B 23 -88.21 -16.17 3.62
CA TRP B 23 -87.49 -15.25 2.73
C TRP B 23 -86.83 -16.00 1.57
N PHE B 24 -86.27 -17.19 1.85
CA PHE B 24 -85.72 -18.04 0.79
C PHE B 24 -86.78 -18.33 -0.28
N CYS B 25 -88.01 -18.64 0.17
CA CYS B 25 -89.08 -18.92 -0.80
C CYS B 25 -89.57 -17.66 -1.53
N TYR B 26 -89.59 -16.50 -0.85
CA TYR B 26 -90.00 -15.25 -1.50
C TYR B 26 -89.06 -14.88 -2.64
N LEU B 27 -87.75 -15.01 -2.41
CA LEU B 27 -86.78 -14.73 -3.48
C LEU B 27 -86.92 -15.71 -4.64
N LEU B 28 -87.11 -17.01 -4.35
CA LEU B 28 -87.27 -17.97 -5.44
C LEU B 28 -88.57 -17.76 -6.23
N PHE B 29 -89.65 -17.38 -5.54
CA PHE B 29 -90.91 -17.07 -6.22
C PHE B 29 -90.76 -15.86 -7.13
N CYS B 30 -90.08 -14.82 -6.67
CA CYS B 30 -89.90 -13.64 -7.51
C CYS B 30 -89.01 -13.94 -8.70
N GLN B 31 -88.03 -14.83 -8.55
CA GLN B 31 -87.26 -15.26 -9.72
C GLN B 31 -88.09 -16.09 -10.69
N GLU B 32 -88.95 -16.97 -10.18
CA GLU B 32 -89.70 -17.88 -11.06
C GLU B 32 -90.75 -17.14 -11.88
N PHE B 33 -91.41 -16.14 -11.29
CA PHE B 33 -92.50 -15.44 -11.96
C PHE B 33 -92.13 -14.03 -12.38
N LYS B 34 -90.84 -13.71 -12.42
CA LYS B 34 -90.28 -12.46 -12.93
C LYS B 34 -90.94 -11.22 -12.32
N MET B 35 -90.84 -11.11 -11.00
CA MET B 35 -91.32 -9.96 -10.24
C MET B 35 -90.16 -9.33 -9.46
N PRO B 36 -89.18 -8.75 -10.16
CA PRO B 36 -87.90 -8.41 -9.49
C PRO B 36 -88.02 -7.33 -8.42
N ALA B 37 -89.04 -6.48 -8.46
CA ALA B 37 -89.20 -5.44 -7.46
C ALA B 37 -90.16 -5.81 -6.34
N GLY B 38 -90.52 -7.09 -6.22
CA GLY B 38 -91.32 -7.52 -5.10
C GLY B 38 -92.82 -7.34 -5.28
N ILE B 39 -93.54 -7.62 -4.17
CA ILE B 39 -94.99 -7.73 -4.12
C ILE B 39 -95.49 -7.05 -2.84
N PHE B 40 -96.69 -6.46 -2.90
CA PHE B 40 -97.32 -5.87 -1.73
C PHE B 40 -97.70 -6.91 -0.68
N ARG B 41 -97.64 -6.51 0.59
CA ARG B 41 -97.86 -7.40 1.72
C ARG B 41 -98.41 -6.61 2.91
N TYR B 42 -99.54 -7.07 3.46
CA TYR B 42 -100.08 -6.50 4.69
C TYR B 42 -99.37 -7.06 5.93
N LYS B 43 -99.46 -6.32 7.03
CA LYS B 43 -99.00 -6.82 8.32
C LYS B 43 -99.96 -7.89 8.84
N ASN B 44 -99.40 -9.03 9.28
CA ASN B 44 -100.17 -10.21 9.74
C ASN B 44 -101.14 -10.72 8.67
N GLN B 45 -100.66 -10.81 7.43
CA GLN B 45 -101.51 -11.19 6.30
C GLN B 45 -101.98 -12.64 6.41
N SER B 46 -103.26 -12.87 6.07
CA SER B 46 -103.92 -14.14 6.30
C SER B 46 -103.92 -15.02 5.04
N GLY B 47 -103.89 -16.33 5.27
CA GLY B 47 -104.05 -17.34 4.23
C GLY B 47 -102.80 -17.64 3.42
N ILE B 48 -102.29 -16.63 2.74
CA ILE B 48 -101.10 -16.75 1.89
C ILE B 48 -100.17 -15.60 2.22
N GLU B 49 -98.93 -15.71 1.74
CA GLU B 49 -97.84 -14.92 2.31
C GLU B 49 -97.82 -13.48 1.82
N THR B 50 -98.31 -13.24 0.60
CA THR B 50 -98.41 -11.89 0.03
C THR B 50 -99.72 -11.80 -0.75
N ASN B 51 -99.98 -10.61 -1.30
CA ASN B 51 -101.07 -10.43 -2.27
C ASN B 51 -100.80 -11.27 -3.53
N PRO B 52 -101.85 -11.68 -4.24
CA PRO B 52 -101.65 -12.54 -5.43
C PRO B 52 -101.11 -11.79 -6.64
N ILE B 53 -100.54 -12.57 -7.57
CA ILE B 53 -100.16 -12.09 -8.90
C ILE B 53 -101.18 -12.62 -9.91
N THR B 54 -101.18 -12.02 -11.10
CA THR B 54 -102.07 -12.43 -12.18
C THR B 54 -101.24 -12.73 -13.43
N LYS B 55 -101.58 -13.82 -14.12
CA LYS B 55 -100.82 -14.27 -15.29
C LYS B 55 -101.68 -15.16 -16.17
N ASP B 56 -101.86 -14.72 -17.43
CA ASP B 56 -102.67 -15.43 -18.45
C ASP B 56 -104.04 -15.83 -17.93
N ASN B 57 -104.70 -14.89 -17.24
CA ASN B 57 -106.01 -15.03 -16.59
C ASN B 57 -106.05 -16.14 -15.53
N GLU B 58 -104.90 -16.44 -14.94
CA GLU B 58 -104.79 -17.31 -13.77
C GLU B 58 -104.20 -16.50 -12.61
N ILE B 59 -104.82 -16.59 -11.43
CA ILE B 59 -104.44 -15.80 -10.26
C ILE B 59 -103.77 -16.72 -9.25
N ILE B 60 -102.56 -16.36 -8.81
CA ILE B 60 -101.63 -17.26 -8.12
C ILE B 60 -101.15 -16.66 -6.81
N GLY B 61 -101.11 -17.48 -5.75
CA GLY B 61 -100.46 -17.14 -4.50
C GLY B 61 -99.51 -18.24 -4.04
N TRP B 62 -98.93 -18.02 -2.86
CA TRP B 62 -97.93 -18.94 -2.31
C TRP B 62 -97.95 -18.99 -0.78
N GLN B 63 -97.40 -20.08 -0.24
CA GLN B 63 -97.34 -20.37 1.19
C GLN B 63 -96.14 -21.29 1.46
N SER B 64 -95.49 -21.11 2.62
CA SER B 64 -94.34 -21.90 3.02
C SER B 64 -94.42 -22.37 4.47
N LYS B 65 -93.96 -23.60 4.74
CA LYS B 65 -93.88 -24.15 6.08
C LYS B 65 -92.62 -24.98 6.28
N PHE B 66 -91.94 -24.73 7.40
CA PHE B 66 -90.73 -25.44 7.83
C PHE B 66 -91.10 -26.32 9.02
N TYR B 67 -90.92 -27.65 8.89
CA TYR B 67 -91.39 -28.61 9.88
C TYR B 67 -90.30 -29.61 10.25
N ASP B 68 -90.37 -30.10 11.49
CA ASP B 68 -89.60 -31.26 11.93
C ASP B 68 -90.34 -32.59 11.71
N THR B 69 -91.65 -32.56 11.51
CA THR B 69 -92.46 -33.76 11.33
C THR B 69 -92.69 -34.08 9.86
N LYS B 70 -92.99 -35.34 9.59
CA LYS B 70 -93.55 -35.73 8.29
C LYS B 70 -94.90 -35.03 8.08
N LEU B 71 -95.19 -34.72 6.81
CA LEU B 71 -96.34 -33.88 6.46
C LEU B 71 -97.66 -34.48 6.93
N SER B 72 -97.74 -35.80 7.07
CA SER B 72 -98.97 -36.47 7.48
C SER B 72 -99.43 -36.02 8.86
N ASP B 73 -98.49 -35.62 9.72
CA ASP B 73 -98.82 -35.13 11.05
C ASP B 73 -99.43 -33.75 11.07
N ASN B 74 -99.43 -33.04 9.94
CA ASN B 74 -99.69 -31.61 9.91
C ASN B 74 -100.95 -31.23 9.12
N LYS B 75 -101.83 -32.19 8.83
CA LYS B 75 -102.92 -32.02 7.87
C LYS B 75 -103.83 -30.84 8.22
N ALA B 76 -104.03 -30.57 9.51
CA ALA B 76 -104.98 -29.54 9.93
C ALA B 76 -104.52 -28.15 9.51
N ASP B 77 -103.21 -27.91 9.49
CA ASP B 77 -102.68 -26.65 9.00
C ASP B 77 -103.05 -26.42 7.55
N LEU B 78 -103.00 -27.48 6.75
CA LEU B 78 -103.20 -27.35 5.30
C LEU B 78 -104.67 -27.09 4.98
N ILE B 79 -105.56 -27.80 5.68
CA ILE B 79 -106.99 -27.58 5.57
C ILE B 79 -107.35 -26.15 5.97
N GLU B 80 -106.73 -25.67 7.06
CA GLU B 80 -106.94 -24.30 7.53
C GLU B 80 -106.45 -23.29 6.51
N MET B 81 -105.27 -23.55 5.91
CA MET B 81 -104.72 -22.69 4.87
C MET B 81 -105.69 -22.51 3.72
N ILE B 82 -106.17 -23.63 3.20
CA ILE B 82 -107.07 -23.60 2.04
C ILE B 82 -108.34 -22.82 2.36
N GLU B 83 -108.95 -23.09 3.52
CA GLU B 83 -110.20 -22.40 3.83
C GLU B 83 -110.00 -20.92 4.12
N LYS B 84 -108.92 -20.57 4.83
CA LYS B 84 -108.72 -19.17 5.21
C LYS B 84 -108.30 -18.31 4.02
N SER B 85 -107.78 -18.91 2.94
CA SER B 85 -107.39 -18.09 1.79
C SER B 85 -108.59 -17.56 1.02
N LYS B 86 -109.56 -18.42 0.68
CA LYS B 86 -110.66 -17.98 -0.16
C LYS B 86 -111.60 -17.02 0.54
N LYS B 87 -111.61 -17.06 1.86
CA LYS B 87 -112.33 -16.06 2.65
C LYS B 87 -111.85 -14.66 2.34
N ALA B 88 -110.55 -14.50 2.06
CA ALA B 88 -109.97 -13.18 1.93
C ALA B 88 -109.79 -12.73 0.48
N TYR B 89 -109.52 -13.65 -0.43
CA TYR B 89 -109.16 -13.31 -1.82
C TYR B 89 -110.02 -14.15 -2.75
N PRO B 90 -111.25 -13.71 -3.02
CA PRO B 90 -112.28 -14.60 -3.60
C PRO B 90 -111.96 -15.18 -4.98
N GLY B 91 -111.20 -14.48 -5.82
CA GLY B 91 -110.95 -14.98 -7.17
C GLY B 91 -109.80 -15.94 -7.33
N LEU B 92 -109.14 -16.31 -6.23
CA LEU B 92 -107.88 -17.05 -6.26
C LEU B 92 -108.01 -18.40 -6.94
N SER B 93 -107.01 -18.74 -7.75
CA SER B 93 -107.04 -19.91 -8.62
C SER B 93 -106.02 -20.99 -8.27
N LYS B 94 -104.81 -20.61 -7.84
CA LYS B 94 -103.70 -21.53 -7.60
C LYS B 94 -102.94 -21.10 -6.36
N ILE B 95 -102.49 -22.07 -5.55
CA ILE B 95 -101.54 -21.83 -4.46
C ILE B 95 -100.34 -22.75 -4.65
N ILE B 96 -99.12 -22.20 -4.50
CA ILE B 96 -97.88 -22.97 -4.53
C ILE B 96 -97.34 -23.11 -3.10
N PHE B 97 -97.03 -24.34 -2.69
CA PHE B 97 -96.68 -24.68 -1.32
C PHE B 97 -95.24 -25.18 -1.25
N TYR B 98 -94.43 -24.56 -0.38
CA TYR B 98 -93.01 -24.88 -0.19
C TYR B 98 -92.78 -25.51 1.18
N THR B 99 -91.98 -26.58 1.22
CA THR B 99 -91.61 -27.18 2.50
C THR B 99 -90.30 -27.96 2.39
N ASN B 100 -89.66 -28.15 3.54
CA ASN B 100 -88.42 -28.92 3.68
C ASN B 100 -88.67 -30.42 3.82
N GLN B 101 -89.92 -30.85 3.84
CA GLN B 101 -90.31 -32.23 4.08
C GLN B 101 -90.63 -32.98 2.78
N GLU B 102 -90.94 -34.27 2.95
CA GLU B 102 -91.32 -35.19 1.88
C GLU B 102 -92.52 -36.02 2.32
N TRP B 103 -93.39 -36.36 1.36
CA TRP B 103 -94.54 -37.22 1.64
C TRP B 103 -94.10 -38.64 1.96
N ASP B 130 -99.68 -42.95 -4.69
CA ASP B 130 -99.34 -41.86 -3.77
C ASP B 130 -100.09 -41.99 -2.43
N PRO B 131 -99.59 -41.34 -1.38
CA PRO B 131 -100.21 -41.49 -0.06
C PRO B 131 -101.58 -40.85 0.05
N LYS B 132 -102.21 -41.17 1.19
CA LYS B 132 -103.64 -40.93 1.45
C LYS B 132 -103.93 -39.48 1.83
N ILE B 133 -103.10 -38.92 2.74
CA ILE B 133 -103.35 -37.57 3.29
C ILE B 133 -103.31 -36.53 2.18
N LYS B 134 -102.43 -36.74 1.19
CA LYS B 134 -102.38 -35.85 0.03
C LYS B 134 -103.71 -35.86 -0.73
N ILE B 135 -104.34 -37.03 -0.85
CA ILE B 135 -105.64 -37.10 -1.52
C ILE B 135 -106.69 -36.33 -0.72
N GLU B 136 -106.66 -36.44 0.61
CA GLU B 136 -107.63 -35.71 1.43
C GLU B 136 -107.49 -34.19 1.28
N VAL B 137 -106.26 -33.68 1.39
CA VAL B 137 -106.06 -32.23 1.31
C VAL B 137 -106.33 -31.73 -0.12
N ASP B 138 -105.97 -32.54 -1.13
CA ASP B 138 -106.32 -32.19 -2.51
C ASP B 138 -107.82 -32.09 -2.70
N GLN B 139 -108.60 -32.95 -2.03
CA GLN B 139 -110.05 -32.87 -2.18
C GLN B 139 -110.61 -31.59 -1.56
N LYS B 140 -110.07 -31.18 -0.41
CA LYS B 140 -110.50 -29.90 0.17
C LYS B 140 -110.23 -28.76 -0.80
N ALA B 141 -109.05 -28.75 -1.42
CA ALA B 141 -108.73 -27.74 -2.42
C ALA B 141 -109.64 -27.83 -3.64
N TYR B 142 -109.90 -29.05 -4.12
CA TYR B 142 -110.69 -29.26 -5.33
C TYR B 142 -112.11 -28.75 -5.16
N GLU B 143 -112.74 -29.08 -4.02
CA GLU B 143 -114.08 -28.55 -3.78
C GLU B 143 -114.02 -27.05 -3.65
N SER B 144 -112.92 -26.51 -3.12
CA SER B 144 -112.80 -25.06 -3.15
C SER B 144 -112.50 -24.52 -4.54
N GLY B 145 -112.15 -25.37 -5.51
CA GLY B 145 -111.82 -24.85 -6.82
C GLY B 145 -110.41 -24.33 -6.95
N ILE B 146 -109.56 -24.62 -5.97
CA ILE B 146 -108.20 -24.10 -5.91
C ILE B 146 -107.22 -25.23 -6.23
N GLU B 147 -106.28 -24.96 -7.12
CA GLU B 147 -105.18 -25.89 -7.40
C GLU B 147 -104.00 -25.67 -6.45
N ILE B 148 -103.39 -26.78 -6.01
CA ILE B 148 -102.21 -26.77 -5.14
C ILE B 148 -101.05 -27.42 -5.88
N VAL B 149 -99.90 -26.74 -5.87
CA VAL B 149 -98.64 -27.25 -6.40
C VAL B 149 -97.69 -27.47 -5.23
N TRP B 150 -97.05 -28.63 -5.19
CA TRP B 150 -96.26 -29.03 -4.03
C TRP B 150 -94.77 -28.94 -4.34
N ARG B 151 -94.03 -28.13 -3.56
CA ARG B 151 -92.57 -28.03 -3.68
C ARG B 151 -91.97 -28.61 -2.39
N VAL B 152 -91.83 -29.92 -2.39
CA VAL B 152 -91.18 -30.73 -1.36
C VAL B 152 -89.66 -30.69 -1.48
N ALA B 153 -88.97 -31.38 -0.57
CA ALA B 153 -87.51 -31.31 -0.44
C ALA B 153 -86.77 -31.56 -1.76
N SER B 154 -87.33 -32.42 -2.61
CA SER B 154 -86.71 -32.71 -3.89
C SER B 154 -86.65 -31.50 -4.83
N PHE B 155 -87.47 -30.48 -4.57
CA PHE B 155 -87.37 -29.24 -5.33
C PHE B 155 -86.03 -28.56 -5.13
N PHE B 156 -85.50 -28.59 -3.91
CA PHE B 156 -84.24 -27.92 -3.66
C PHE B 156 -83.04 -28.69 -4.20
N GLU B 157 -83.23 -29.93 -4.66
CA GLU B 157 -82.23 -30.67 -5.42
C GLU B 157 -82.17 -30.25 -6.89
N SER B 158 -83.13 -29.43 -7.35
CA SER B 158 -83.25 -29.09 -8.76
C SER B 158 -82.13 -28.14 -9.21
N PRO B 159 -81.69 -28.24 -10.46
CA PRO B 159 -80.74 -27.23 -10.99
C PRO B 159 -81.30 -25.82 -11.09
N PHE B 160 -82.63 -25.62 -11.04
CA PHE B 160 -83.17 -24.26 -10.95
C PHE B 160 -82.72 -23.59 -9.67
N VAL B 161 -82.68 -24.34 -8.57
CA VAL B 161 -82.15 -23.81 -7.33
C VAL B 161 -80.62 -23.85 -7.33
N ILE B 162 -80.04 -25.01 -7.62
CA ILE B 162 -78.62 -25.22 -7.37
C ILE B 162 -77.75 -24.53 -8.41
N VAL B 163 -78.11 -24.61 -9.68
CA VAL B 163 -77.23 -24.21 -10.77
C VAL B 163 -77.56 -22.81 -11.28
N GLU B 164 -78.84 -22.50 -11.49
CA GLU B 164 -79.21 -21.19 -12.03
C GLU B 164 -79.15 -20.11 -10.95
N ASN B 165 -79.86 -20.32 -9.84
CA ASN B 165 -79.93 -19.36 -8.74
C ASN B 165 -78.87 -19.59 -7.68
N GLU B 166 -77.67 -20.01 -8.11
CA GLU B 166 -76.59 -20.43 -7.22
C GLU B 166 -76.22 -19.38 -6.17
N LYS B 167 -76.26 -18.10 -6.54
CA LYS B 167 -75.89 -17.04 -5.60
C LYS B 167 -76.87 -16.94 -4.44
N ILE B 168 -78.14 -17.22 -4.67
CA ILE B 168 -79.11 -17.23 -3.60
C ILE B 168 -78.97 -18.49 -2.75
N ALA B 169 -78.76 -19.63 -3.39
CA ALA B 169 -78.64 -20.90 -2.67
C ALA B 169 -77.42 -20.92 -1.77
N LYS B 170 -76.36 -20.22 -2.19
CA LYS B 170 -75.11 -20.23 -1.43
C LYS B 170 -75.26 -19.55 -0.08
N HIS B 171 -76.16 -18.56 0.02
CA HIS B 171 -76.48 -17.92 1.30
C HIS B 171 -77.08 -18.86 2.32
N PHE B 172 -77.92 -19.77 1.89
CA PHE B 172 -78.66 -20.53 2.87
C PHE B 172 -78.01 -21.86 3.22
N PHE B 173 -77.26 -22.46 2.31
CA PHE B 173 -76.67 -23.78 2.54
C PHE B 173 -75.18 -23.79 2.89
N SER B 174 -74.45 -22.67 2.84
CA SER B 174 -73.01 -22.66 3.09
C SER B 174 -72.68 -22.12 4.47
N LEU B 175 -71.81 -22.82 5.20
CA LEU B 175 -71.37 -22.34 6.50
C LEU B 175 -70.39 -21.17 6.40
N ASN B 176 -69.66 -21.05 5.28
CA ASN B 176 -68.55 -20.10 5.12
C ASN B 176 -68.59 -19.41 3.76
N GLU B 177 -69.69 -18.69 3.48
CA GLU B 177 -69.97 -18.14 2.14
C GLU B 177 -68.83 -17.30 1.58
N SER B 178 -68.01 -16.69 2.44
CA SER B 178 -66.91 -15.86 1.98
C SER B 178 -65.81 -16.64 1.26
N ILE B 179 -65.78 -17.98 1.37
CA ILE B 179 -64.76 -18.77 0.68
C ILE B 179 -64.88 -18.63 -0.83
N PHE B 180 -66.09 -18.34 -1.33
CA PHE B 180 -66.28 -18.22 -2.76
C PHE B 180 -65.78 -16.88 -3.30
N ASP B 181 -65.47 -15.92 -2.42
CA ASP B 181 -64.76 -14.71 -2.86
C ASP B 181 -63.27 -14.97 -3.06
N LEU B 182 -62.68 -15.83 -2.21
CA LEU B 182 -61.27 -16.15 -2.30
C LEU B 182 -60.95 -16.86 -3.62
N LEU B 183 -61.86 -17.73 -4.06
CA LEU B 183 -61.72 -18.41 -5.33
C LEU B 183 -61.96 -17.49 -6.53
N GLU B 184 -62.40 -16.25 -6.29
CA GLU B 184 -62.43 -15.24 -7.36
C GLU B 184 -61.15 -14.40 -7.35
N GLU B 185 -60.66 -14.11 -6.15
CA GLU B 185 -59.45 -13.30 -6.00
C GLU B 185 -58.23 -13.99 -6.60
N LYS B 186 -58.05 -15.29 -6.32
CA LYS B 186 -56.89 -15.97 -6.89
C LYS B 186 -56.98 -16.06 -8.42
N ARG B 187 -58.19 -16.17 -8.96
CA ARG B 187 -58.40 -16.30 -10.39
C ARG B 187 -58.03 -15.00 -11.12
N LYS B 188 -58.43 -13.86 -10.55
CA LYS B 188 -58.08 -12.58 -11.17
C LYS B 188 -56.59 -12.26 -11.00
N HIS B 189 -56.00 -12.67 -9.86
CA HIS B 189 -54.55 -12.60 -9.69
C HIS B 189 -53.81 -13.34 -10.80
N THR B 190 -54.28 -14.54 -11.13
CA THR B 190 -53.64 -15.32 -12.18
C THR B 190 -53.76 -14.60 -13.53
N GLU B 191 -54.90 -13.99 -13.80
CA GLU B 191 -55.00 -13.22 -15.04
C GLU B 191 -54.09 -11.98 -15.05
N ASN B 192 -53.86 -11.36 -13.89
CA ASN B 192 -52.97 -10.19 -13.86
C ASN B 192 -51.51 -10.59 -14.08
N VAL B 193 -51.10 -11.77 -13.58
CA VAL B 193 -49.71 -12.17 -13.69
C VAL B 193 -49.32 -12.47 -15.14
N LEU B 194 -50.20 -13.13 -15.89
CA LEU B 194 -49.86 -13.57 -17.23
C LEU B 194 -50.05 -12.48 -18.29
N TYR B 195 -50.59 -11.33 -17.92
CA TYR B 195 -50.76 -10.23 -18.88
C TYR B 195 -49.42 -9.67 -19.34
N GLU B 196 -48.39 -9.76 -18.49
CA GLU B 196 -47.08 -9.19 -18.79
C GLU B 196 -46.33 -10.00 -19.84
N ILE B 197 -46.65 -11.29 -19.96
CA ILE B 197 -45.85 -12.25 -20.71
C ILE B 197 -46.14 -12.13 -22.20
N GLN B 198 -45.08 -12.11 -23.02
CA GLN B 198 -45.19 -11.98 -24.46
C GLN B 198 -44.87 -13.31 -25.14
N THR B 199 -45.75 -13.74 -26.06
CA THR B 199 -45.59 -15.02 -26.75
C THR B 199 -45.02 -14.92 -28.16
N ASN B 200 -44.75 -13.71 -28.65
CA ASN B 200 -44.32 -13.51 -30.03
C ASN B 200 -43.66 -12.14 -30.18
N ILE B 201 -42.98 -11.96 -31.32
CA ILE B 201 -42.22 -10.74 -31.64
C ILE B 201 -42.93 -10.03 -32.79
N GLU B 202 -42.99 -8.69 -32.73
CA GLU B 202 -43.63 -7.89 -33.77
C GLU B 202 -42.60 -7.09 -34.54
N PHE B 203 -42.60 -7.26 -35.87
CA PHE B 203 -41.65 -6.67 -36.79
C PHE B 203 -42.39 -6.26 -38.05
N LYS B 204 -42.04 -5.06 -38.58
CA LYS B 204 -42.83 -4.35 -39.57
C LYS B 204 -44.27 -4.26 -39.08
N ASP B 205 -45.22 -4.79 -39.83
CA ASP B 205 -46.58 -4.90 -39.33
C ASP B 205 -46.99 -6.35 -39.10
N ARG B 206 -46.03 -7.26 -38.95
CA ARG B 206 -46.21 -8.70 -38.84
C ARG B 206 -45.82 -9.23 -37.46
N SER B 207 -46.15 -10.50 -37.23
CA SER B 207 -45.84 -11.21 -35.99
C SER B 207 -44.97 -12.41 -36.28
N ILE B 208 -43.84 -12.52 -35.59
CA ILE B 208 -42.90 -13.61 -35.74
C ILE B 208 -43.00 -14.52 -34.51
N GLU B 209 -43.08 -15.83 -34.73
CA GLU B 209 -43.34 -16.75 -33.61
C GLU B 209 -42.67 -18.10 -33.84
N ILE B 210 -41.88 -18.53 -32.86
CA ILE B 210 -41.22 -19.84 -32.87
C ILE B 210 -42.21 -20.92 -32.46
N ASP B 211 -42.17 -22.06 -33.16
CA ASP B 211 -43.09 -23.17 -32.96
C ASP B 211 -42.64 -24.01 -31.76
N ARG B 212 -43.60 -24.31 -30.86
CA ARG B 212 -43.31 -25.06 -29.64
C ARG B 212 -44.30 -26.20 -29.40
N ARG B 213 -44.99 -26.69 -30.44
CA ARG B 213 -45.97 -27.77 -30.30
C ARG B 213 -45.38 -29.08 -29.80
N HIS B 214 -44.08 -29.29 -29.95
CA HIS B 214 -43.42 -30.45 -29.36
C HIS B 214 -43.47 -30.41 -27.82
N CYS B 215 -42.94 -29.34 -27.25
CA CYS B 215 -42.76 -29.26 -25.81
C CYS B 215 -44.08 -29.20 -25.06
N ILE B 216 -45.10 -28.59 -25.67
CA ILE B 216 -46.43 -28.51 -25.05
C ILE B 216 -47.03 -29.91 -24.85
N GLU B 217 -46.97 -30.73 -25.89
CA GLU B 217 -47.56 -32.06 -25.79
C GLU B 217 -46.72 -33.00 -24.93
N LEU B 218 -45.39 -32.81 -24.91
CA LEU B 218 -44.59 -33.54 -23.92
C LEU B 218 -44.97 -33.15 -22.50
N LEU B 219 -45.32 -31.87 -22.26
CA LEU B 219 -45.72 -31.46 -20.92
C LEU B 219 -47.03 -32.12 -20.51
N HIS B 220 -48.00 -32.19 -21.45
CA HIS B 220 -49.24 -32.89 -21.13
C HIS B 220 -49.00 -34.37 -20.82
N GLU B 221 -48.14 -35.02 -21.61
CA GLU B 221 -47.79 -36.42 -21.40
C GLU B 221 -47.21 -36.65 -20.01
N ASN B 222 -46.23 -35.83 -19.63
CA ASN B 222 -45.56 -36.00 -18.35
C ASN B 222 -46.53 -35.70 -17.20
N LEU B 223 -47.44 -34.74 -17.41
CA LEU B 223 -48.34 -34.36 -16.34
C LEU B 223 -49.42 -35.41 -16.09
N VAL B 224 -49.73 -36.25 -17.07
CA VAL B 224 -50.56 -37.39 -16.70
C VAL B 224 -49.74 -38.61 -16.28
N GLN B 225 -48.49 -38.72 -16.73
CA GLN B 225 -47.70 -39.91 -16.44
C GLN B 225 -46.97 -39.82 -15.09
N LYS B 226 -46.75 -38.61 -14.58
CA LYS B 226 -46.15 -38.39 -13.27
C LYS B 226 -46.82 -37.18 -12.62
N LYS B 227 -46.76 -37.12 -11.29
CA LYS B 227 -47.58 -36.16 -10.55
C LYS B 227 -47.06 -34.73 -10.68
N ILE B 228 -45.75 -34.56 -10.74
CA ILE B 228 -45.11 -33.26 -10.63
C ILE B 228 -44.00 -33.12 -11.66
N VAL B 229 -43.91 -31.95 -12.28
CA VAL B 229 -43.06 -31.71 -13.45
C VAL B 229 -42.21 -30.47 -13.22
N ILE B 230 -40.95 -30.52 -13.67
CA ILE B 230 -40.04 -29.36 -13.69
C ILE B 230 -39.69 -29.01 -15.14
N VAL B 231 -39.84 -27.73 -15.49
CA VAL B 231 -39.44 -27.16 -16.79
C VAL B 231 -38.22 -26.28 -16.58
N SER B 232 -37.21 -26.43 -17.45
CA SER B 232 -35.89 -25.86 -17.15
C SER B 232 -35.21 -25.29 -18.40
N GLY B 233 -34.26 -24.40 -18.15
CA GLY B 233 -33.52 -23.71 -19.19
C GLY B 233 -32.87 -22.47 -18.62
N GLU B 234 -32.04 -21.83 -19.45
CA GLU B 234 -31.43 -20.57 -19.04
C GLU B 234 -32.39 -19.41 -19.31
N GLY B 235 -31.91 -18.19 -19.07
CA GLY B 235 -32.78 -17.03 -19.10
C GLY B 235 -33.20 -16.62 -20.50
N GLY B 236 -34.41 -16.08 -20.59
CA GLY B 236 -34.90 -15.52 -21.84
C GLY B 236 -35.31 -16.54 -22.88
N VAL B 237 -35.44 -17.80 -22.48
CA VAL B 237 -35.56 -18.89 -23.42
C VAL B 237 -37.02 -19.13 -23.84
N GLY B 238 -37.98 -18.81 -22.98
CA GLY B 238 -39.38 -18.96 -23.31
C GLY B 238 -40.16 -19.88 -22.40
N LYS B 239 -39.70 -20.11 -21.16
CA LYS B 239 -40.35 -21.08 -20.29
C LYS B 239 -41.73 -20.61 -19.84
N THR B 240 -41.87 -19.33 -19.51
CA THR B 240 -43.18 -18.83 -19.06
C THR B 240 -44.18 -18.76 -20.21
N ALA B 241 -43.72 -18.56 -21.43
CA ALA B 241 -44.63 -18.44 -22.57
C ALA B 241 -45.31 -19.76 -22.87
N VAL B 242 -44.60 -20.87 -22.69
CA VAL B 242 -45.18 -22.21 -22.86
C VAL B 242 -46.34 -22.40 -21.89
N ILE B 243 -46.12 -22.04 -20.62
CA ILE B 243 -47.15 -22.16 -19.60
C ILE B 243 -48.34 -21.26 -19.91
N LYS B 244 -48.08 -20.06 -20.44
CA LYS B 244 -49.19 -19.20 -20.84
C LYS B 244 -50.01 -19.86 -21.94
N LYS B 245 -49.36 -20.57 -22.87
CA LYS B 245 -50.11 -21.26 -23.93
C LYS B 245 -50.98 -22.38 -23.39
N ILE B 246 -50.44 -23.18 -22.46
CA ILE B 246 -51.24 -24.25 -21.87
C ILE B 246 -52.43 -23.67 -21.11
N TYR B 247 -52.22 -22.52 -20.45
CA TYR B 247 -53.29 -21.85 -19.73
C TYR B 247 -54.41 -21.39 -20.65
N GLU B 248 -54.07 -20.76 -21.79
CA GLU B 248 -55.15 -20.24 -22.64
C GLU B 248 -55.95 -21.38 -23.25
N ALA B 249 -55.36 -22.59 -23.31
CA ALA B 249 -56.19 -23.73 -23.69
C ALA B 249 -57.11 -24.19 -22.56
N GLU B 250 -56.58 -24.49 -21.36
CA GLU B 250 -57.38 -25.23 -20.37
C GLU B 250 -58.26 -24.38 -19.45
N LYS B 251 -58.24 -23.06 -19.62
CA LYS B 251 -58.82 -22.08 -18.70
C LYS B 251 -60.27 -22.31 -18.32
N GLN B 252 -61.12 -22.67 -19.30
CA GLN B 252 -62.56 -22.73 -19.07
C GLN B 252 -62.95 -23.90 -18.17
N TYR B 253 -62.13 -24.93 -18.13
CA TYR B 253 -62.56 -26.22 -17.60
C TYR B 253 -61.89 -26.59 -16.28
N THR B 254 -60.87 -25.84 -15.86
CA THR B 254 -59.90 -26.31 -14.90
C THR B 254 -59.53 -25.25 -13.86
N PRO B 255 -59.45 -25.61 -12.58
CA PRO B 255 -58.73 -24.74 -11.64
C PRO B 255 -57.24 -24.70 -11.96
N PHE B 256 -56.77 -23.51 -12.34
CA PHE B 256 -55.40 -23.27 -12.82
C PHE B 256 -54.94 -21.98 -12.15
N TYR B 257 -53.98 -22.08 -11.23
CA TYR B 257 -53.52 -20.96 -10.41
C TYR B 257 -52.01 -20.81 -10.52
N VAL B 258 -51.54 -19.57 -10.64
CA VAL B 258 -50.13 -19.26 -10.79
C VAL B 258 -49.63 -18.44 -9.61
N PHE B 259 -48.56 -18.92 -8.98
CA PHE B 259 -47.94 -18.28 -7.83
C PHE B 259 -46.49 -17.95 -8.16
N LYS B 260 -46.10 -16.70 -7.92
CA LYS B 260 -44.71 -16.30 -8.06
C LYS B 260 -43.93 -16.64 -6.80
N ALA B 261 -42.65 -16.99 -6.98
CA ALA B 261 -41.86 -17.51 -5.86
C ALA B 261 -41.62 -16.48 -4.77
N SER B 262 -41.82 -15.19 -5.08
CA SER B 262 -41.72 -14.14 -4.09
C SER B 262 -42.88 -14.19 -3.09
N GLU B 263 -43.96 -14.89 -3.42
CA GLU B 263 -45.15 -14.87 -2.57
C GLU B 263 -44.98 -15.69 -1.28
N PHE B 264 -43.97 -16.54 -1.18
CA PHE B 264 -43.86 -17.43 -0.03
C PHE B 264 -43.00 -16.90 1.10
N LYS B 265 -42.54 -15.64 1.05
CA LYS B 265 -41.71 -15.04 2.11
C LYS B 265 -42.61 -14.53 3.25
N LYS B 266 -43.16 -15.48 4.02
CA LYS B 266 -44.06 -15.14 5.13
C LYS B 266 -43.75 -16.04 6.32
N ASP B 267 -44.34 -15.69 7.48
CA ASP B 267 -44.19 -16.51 8.68
C ASP B 267 -44.97 -17.81 8.58
N SER B 268 -46.16 -17.77 8.00
CA SER B 268 -47.06 -18.92 8.03
C SER B 268 -47.77 -19.04 6.69
N ILE B 269 -47.97 -20.27 6.23
CA ILE B 269 -48.60 -20.49 4.93
C ILE B 269 -50.06 -20.06 4.94
N ASN B 270 -50.70 -20.00 6.11
CA ASN B 270 -52.09 -19.52 6.18
C ASN B 270 -52.21 -18.01 6.02
N GLU B 271 -51.12 -17.25 6.06
CA GLU B 271 -51.19 -15.83 5.75
C GLU B 271 -51.24 -15.54 4.26
N LEU B 272 -51.18 -16.57 3.40
CA LEU B 272 -51.40 -16.40 1.97
C LEU B 272 -52.88 -16.51 1.60
N PHE B 273 -53.77 -16.76 2.56
CA PHE B 273 -55.18 -17.01 2.26
C PHE B 273 -56.12 -16.21 3.15
N GLY B 274 -55.66 -15.15 3.78
CA GLY B 274 -56.57 -14.21 4.43
C GLY B 274 -57.10 -14.69 5.77
N ALA B 275 -58.41 -14.60 5.95
CA ALA B 275 -59.04 -15.12 7.16
C ALA B 275 -59.19 -16.63 7.11
N HIS B 276 -59.39 -17.17 5.92
CA HIS B 276 -59.40 -18.61 5.72
C HIS B 276 -57.98 -19.15 5.75
N GLY B 277 -57.87 -20.47 5.57
CA GLY B 277 -56.60 -21.16 5.60
C GLY B 277 -56.36 -21.96 4.33
N LEU B 278 -55.15 -22.52 4.24
CA LEU B 278 -54.80 -23.39 3.13
C LEU B 278 -55.65 -24.66 3.13
N ASP B 279 -55.97 -25.17 4.32
CA ASP B 279 -56.86 -26.32 4.42
C ASP B 279 -58.21 -26.03 3.79
N ASP B 280 -58.77 -24.86 4.09
CA ASP B 280 -60.07 -24.48 3.56
C ASP B 280 -60.04 -24.28 2.04
N PHE B 281 -58.99 -23.60 1.55
CA PHE B 281 -58.84 -23.39 0.11
C PHE B 281 -58.72 -24.71 -0.65
N SER B 282 -57.93 -25.64 -0.10
CA SER B 282 -57.75 -26.93 -0.76
C SER B 282 -59.01 -27.76 -0.70
N ASN B 283 -59.67 -27.80 0.47
CA ASN B 283 -60.91 -28.56 0.63
C ASN B 283 -62.01 -28.06 -0.30
N ALA B 284 -62.01 -26.77 -0.63
CA ALA B 284 -63.04 -26.21 -1.50
C ALA B 284 -62.98 -26.76 -2.93
N HIS B 285 -61.90 -27.44 -3.32
CA HIS B 285 -61.75 -28.00 -4.67
C HIS B 285 -61.83 -29.51 -4.75
N GLN B 286 -62.30 -30.20 -3.69
CA GLN B 286 -62.15 -31.65 -3.52
C GLN B 286 -62.78 -32.45 -4.67
N ASP B 287 -63.82 -31.90 -5.32
CA ASP B 287 -64.55 -32.62 -6.37
C ASP B 287 -63.67 -32.74 -7.62
N GLU B 288 -62.79 -31.76 -7.86
CA GLU B 288 -62.09 -31.62 -9.12
C GLU B 288 -60.95 -32.65 -9.24
N LEU B 289 -60.98 -33.41 -10.34
CA LEU B 289 -59.93 -34.36 -10.68
C LEU B 289 -58.75 -33.69 -11.38
N ARG B 290 -59.00 -32.60 -12.11
CA ARG B 290 -57.95 -31.80 -12.73
C ARG B 290 -57.75 -30.54 -11.89
N LYS B 291 -56.52 -30.32 -11.43
CA LYS B 291 -56.21 -29.28 -10.43
C LYS B 291 -54.74 -28.89 -10.61
N VAL B 292 -54.48 -27.68 -11.12
CA VAL B 292 -53.12 -27.26 -11.46
C VAL B 292 -52.72 -26.06 -10.60
N ILE B 293 -51.55 -26.16 -9.97
CA ILE B 293 -50.84 -25.04 -9.36
C ILE B 293 -49.45 -24.93 -9.98
N VAL B 294 -49.09 -23.73 -10.43
CA VAL B 294 -47.79 -23.43 -11.02
C VAL B 294 -47.01 -22.57 -10.03
N VAL B 295 -45.78 -22.95 -9.75
CA VAL B 295 -44.83 -22.14 -8.99
C VAL B 295 -43.77 -21.65 -9.96
N ASP B 296 -43.64 -20.33 -10.06
CA ASP B 296 -42.88 -19.69 -11.12
C ASP B 296 -41.61 -19.05 -10.59
N SER B 297 -40.51 -19.22 -11.33
CA SER B 297 -39.18 -18.70 -11.01
C SER B 297 -38.66 -19.31 -9.71
N ALA B 298 -38.60 -20.65 -9.68
CA ALA B 298 -38.33 -21.39 -8.46
C ALA B 298 -36.91 -21.22 -7.96
N GLU B 299 -35.98 -20.77 -8.80
CA GLU B 299 -34.62 -20.54 -8.36
C GLU B 299 -34.52 -19.47 -7.28
N LYS B 300 -35.54 -18.61 -7.15
CA LYS B 300 -35.54 -17.59 -6.12
C LYS B 300 -35.89 -18.14 -4.73
N LEU B 301 -36.44 -19.36 -4.65
CA LEU B 301 -36.73 -19.98 -3.35
C LEU B 301 -35.47 -20.22 -2.54
N LEU B 302 -34.30 -20.25 -3.16
CA LEU B 302 -33.06 -20.47 -2.44
C LEU B 302 -32.49 -19.26 -1.75
N GLU B 303 -33.08 -18.09 -1.93
CA GLU B 303 -32.65 -16.94 -1.17
C GLU B 303 -33.37 -16.82 0.16
N LEU B 304 -34.39 -17.64 0.39
CA LEU B 304 -35.21 -17.55 1.59
C LEU B 304 -34.47 -18.09 2.81
N THR B 305 -34.57 -17.36 3.93
CA THR B 305 -33.98 -17.85 5.16
C THR B 305 -34.85 -18.90 5.85
N ASN B 306 -36.16 -18.79 5.71
CA ASN B 306 -37.11 -19.76 6.25
C ASN B 306 -37.78 -20.43 5.06
N ILE B 307 -37.66 -21.76 4.97
CA ILE B 307 -38.24 -22.50 3.86
C ILE B 307 -39.47 -23.29 4.28
N ASP B 308 -39.77 -23.37 5.59
CA ASP B 308 -40.85 -24.19 6.15
C ASP B 308 -42.27 -23.95 5.61
N PRO B 309 -42.74 -22.70 5.41
CA PRO B 309 -44.09 -22.55 4.83
C PRO B 309 -44.24 -23.15 3.45
N PHE B 310 -43.19 -23.16 2.63
CA PHE B 310 -43.29 -23.83 1.34
C PHE B 310 -43.37 -25.35 1.50
N LYS B 311 -42.66 -25.91 2.47
CA LYS B 311 -42.73 -27.35 2.68
C LYS B 311 -44.13 -27.75 3.16
N GLU B 312 -44.74 -26.93 4.03
CA GLU B 312 -46.12 -27.15 4.45
C GLU B 312 -47.09 -27.12 3.27
N PHE B 313 -46.96 -26.07 2.44
CA PHE B 313 -47.74 -25.92 1.21
C PHE B 313 -47.65 -27.16 0.32
N LEU B 314 -46.42 -27.59 0.03
CA LEU B 314 -46.21 -28.72 -0.88
C LEU B 314 -46.74 -30.02 -0.28
N THR B 315 -46.64 -30.16 1.04
CA THR B 315 -47.19 -31.33 1.71
C THR B 315 -48.70 -31.42 1.50
N VAL B 316 -49.40 -30.29 1.66
CA VAL B 316 -50.86 -30.32 1.44
C VAL B 316 -51.18 -30.61 -0.02
N LEU B 317 -50.41 -30.02 -0.95
CA LEU B 317 -50.68 -30.23 -2.37
C LEU B 317 -50.52 -31.69 -2.77
N ILE B 318 -49.52 -32.36 -2.21
CA ILE B 318 -49.33 -33.78 -2.49
C ILE B 318 -50.42 -34.61 -1.83
N LYS B 319 -50.74 -34.28 -0.56
CA LYS B 319 -51.74 -35.04 0.20
C LYS B 319 -53.11 -35.01 -0.45
N ASP B 320 -53.51 -33.86 -0.99
CA ASP B 320 -54.83 -33.69 -1.57
C ASP B 320 -54.85 -33.93 -3.08
N LYS B 321 -53.72 -34.34 -3.66
CA LYS B 321 -53.58 -34.79 -5.06
C LYS B 321 -53.85 -33.67 -6.07
N TRP B 322 -52.98 -32.66 -6.03
CA TRP B 322 -52.90 -31.61 -7.04
C TRP B 322 -51.79 -31.94 -8.05
N GLN B 323 -51.98 -31.48 -9.30
CA GLN B 323 -50.91 -31.47 -10.28
C GLN B 323 -50.10 -30.17 -10.14
N VAL B 324 -48.77 -30.28 -10.10
CA VAL B 324 -47.89 -29.16 -9.80
C VAL B 324 -46.79 -29.04 -10.85
N VAL B 325 -46.57 -27.82 -11.35
CA VAL B 325 -45.51 -27.49 -12.32
C VAL B 325 -44.55 -26.48 -11.69
N PHE B 326 -43.25 -26.73 -11.87
CA PHE B 326 -42.16 -25.82 -11.49
C PHE B 326 -41.45 -25.29 -12.73
N THR B 327 -41.06 -24.02 -12.70
CA THR B 327 -40.23 -23.40 -13.73
C THR B 327 -38.95 -22.89 -13.08
N THR B 328 -37.80 -23.30 -13.62
CA THR B 328 -36.53 -23.05 -12.96
C THR B 328 -35.41 -22.76 -13.96
N ARG B 329 -34.38 -22.08 -13.46
CA ARG B 329 -33.10 -21.96 -14.18
C ARG B 329 -32.30 -23.25 -14.04
N ASN B 330 -31.43 -23.50 -15.05
CA ASN B 330 -30.73 -24.78 -15.15
C ASN B 330 -29.82 -25.08 -13.97
N ASN B 331 -29.19 -24.05 -13.38
CA ASN B 331 -28.20 -24.29 -12.33
C ASN B 331 -28.79 -24.88 -11.05
N TYR B 332 -30.10 -24.81 -10.88
CA TYR B 332 -30.77 -25.33 -9.69
C TYR B 332 -31.73 -26.50 -9.97
N LEU B 333 -31.74 -27.05 -11.19
CA LEU B 333 -32.53 -28.25 -11.49
C LEU B 333 -32.11 -29.45 -10.63
N ALA B 334 -30.81 -29.59 -10.37
CA ALA B 334 -30.29 -30.74 -9.62
C ALA B 334 -30.78 -30.76 -8.18
N ASP B 335 -30.56 -29.67 -7.45
CA ASP B 335 -30.93 -29.58 -6.03
C ASP B 335 -32.45 -29.68 -5.84
N LEU B 336 -33.21 -28.97 -6.69
CA LEU B 336 -34.66 -29.01 -6.61
C LEU B 336 -35.19 -30.42 -6.88
N ASN B 337 -34.50 -31.17 -7.75
CA ASN B 337 -34.89 -32.56 -7.99
C ASN B 337 -34.53 -33.45 -6.80
N TYR B 338 -33.32 -33.25 -6.27
CA TYR B 338 -32.73 -34.13 -5.25
C TYR B 338 -33.53 -34.08 -3.97
N ALA B 339 -33.68 -32.87 -3.40
CA ALA B 339 -34.31 -32.73 -2.09
C ALA B 339 -35.75 -33.19 -2.16
N PHE B 340 -36.41 -32.87 -3.27
CA PHE B 340 -37.77 -33.32 -3.47
C PHE B 340 -37.90 -34.84 -3.43
N ILE B 341 -37.08 -35.55 -4.22
CA ILE B 341 -37.27 -37.00 -4.27
C ILE B 341 -36.87 -37.65 -2.94
N ASP B 342 -35.83 -37.14 -2.25
CA ASP B 342 -35.42 -37.89 -1.05
C ASP B 342 -36.32 -37.60 0.13
N ILE B 343 -37.01 -36.46 0.16
CA ILE B 343 -37.93 -36.24 1.27
C ILE B 343 -39.28 -36.84 0.95
N TYR B 344 -39.85 -36.49 -0.20
CA TYR B 344 -41.24 -36.86 -0.46
C TYR B 344 -41.40 -38.19 -1.17
N LYS B 345 -40.29 -38.77 -1.66
CA LYS B 345 -40.26 -40.09 -2.31
C LYS B 345 -41.14 -40.17 -3.56
N ILE B 346 -41.24 -39.05 -4.28
CA ILE B 346 -41.88 -38.98 -5.60
C ILE B 346 -40.79 -38.71 -6.63
N THR B 347 -40.81 -39.44 -7.74
CA THR B 347 -39.94 -39.12 -8.86
C THR B 347 -40.61 -38.13 -9.81
N PRO B 348 -40.05 -36.96 -10.04
CA PRO B 348 -40.69 -35.98 -10.91
C PRO B 348 -40.23 -36.12 -12.35
N GLY B 349 -40.99 -35.48 -13.24
CA GLY B 349 -40.65 -35.43 -14.64
C GLY B 349 -39.94 -34.15 -15.03
N ASN B 350 -39.22 -34.21 -16.16
CA ASN B 350 -38.35 -33.13 -16.63
C ASN B 350 -38.69 -32.71 -18.06
N LEU B 351 -38.47 -31.42 -18.34
CA LEU B 351 -38.49 -30.85 -19.68
C LEU B 351 -37.46 -29.74 -19.77
N VAL B 352 -36.86 -29.59 -20.96
CA VAL B 352 -35.81 -28.60 -21.22
C VAL B 352 -36.10 -27.84 -22.51
N ILE B 353 -35.97 -26.50 -22.46
CA ILE B 353 -36.14 -25.59 -23.60
C ILE B 353 -34.79 -24.97 -23.92
N LYS B 354 -34.54 -24.62 -25.19
CA LYS B 354 -33.19 -24.29 -25.65
C LYS B 354 -33.18 -23.15 -26.67
N ASN B 355 -31.99 -22.57 -26.87
CA ASN B 355 -31.76 -21.56 -27.89
C ASN B 355 -31.89 -22.13 -29.30
N LEU B 356 -32.04 -21.21 -30.25
CA LEU B 356 -32.09 -21.58 -31.67
C LEU B 356 -30.74 -22.12 -32.12
N GLU B 357 -30.79 -23.17 -32.93
CA GLU B 357 -29.62 -23.52 -33.71
C GLU B 357 -29.56 -22.68 -34.98
N ARG B 358 -28.36 -22.63 -35.58
CA ARG B 358 -28.06 -21.63 -36.60
C ARG B 358 -28.92 -21.82 -37.83
N GLY B 359 -29.20 -23.07 -38.21
CA GLY B 359 -30.09 -23.30 -39.33
C GLY B 359 -31.51 -22.82 -39.07
N GLU B 360 -31.95 -22.85 -37.81
CA GLU B 360 -33.26 -22.32 -37.47
C GLU B 360 -33.30 -20.81 -37.64
N LEU B 361 -32.22 -20.11 -37.24
CA LEU B 361 -32.16 -18.67 -37.41
C LEU B 361 -32.06 -18.29 -38.88
N ILE B 362 -31.31 -19.08 -39.65
CA ILE B 362 -31.30 -18.91 -41.11
C ILE B 362 -32.70 -19.04 -41.68
N GLU B 363 -33.43 -20.06 -41.23
CA GLU B 363 -34.79 -20.28 -41.70
C GLU B 363 -35.69 -19.10 -41.35
N LEU B 364 -35.60 -18.61 -40.11
CA LEU B 364 -36.40 -17.47 -39.68
C LEU B 364 -36.11 -16.23 -40.53
N SER B 365 -34.83 -15.97 -40.76
CA SER B 365 -34.42 -14.80 -41.56
C SER B 365 -34.93 -14.91 -42.99
N ASP B 366 -34.82 -16.10 -43.60
CA ASP B 366 -35.31 -16.29 -44.97
C ASP B 366 -36.82 -16.11 -45.05
N ASN B 367 -37.57 -16.76 -44.16
CA ASN B 367 -39.03 -16.71 -44.22
C ASN B 367 -39.62 -15.35 -43.85
N ASN B 368 -38.97 -14.56 -42.98
CA ASN B 368 -39.66 -13.38 -42.46
C ASN B 368 -39.12 -12.04 -42.93
N GLY B 369 -38.08 -12.00 -43.75
CA GLY B 369 -37.65 -10.77 -44.39
C GLY B 369 -36.79 -9.82 -43.58
N PHE B 370 -35.92 -10.35 -42.73
CA PHE B 370 -34.91 -9.56 -42.04
C PHE B 370 -33.53 -10.15 -42.27
N SER B 371 -32.52 -9.28 -42.28
CA SER B 371 -31.14 -9.69 -42.55
C SER B 371 -30.38 -9.89 -41.25
N LEU B 372 -29.35 -10.85 -41.28
CA LEU B 372 -28.52 -11.24 -40.14
C LEU B 372 -27.25 -10.39 -40.05
N PRO B 373 -26.69 -10.23 -38.85
CA PRO B 373 -25.48 -9.43 -38.72
C PRO B 373 -24.23 -10.12 -39.25
N GLN B 374 -23.21 -9.32 -39.51
CA GLN B 374 -21.91 -9.81 -39.98
C GLN B 374 -21.04 -10.35 -38.84
N ASP B 375 -21.13 -9.75 -37.65
CA ASP B 375 -20.27 -10.14 -36.52
C ASP B 375 -20.77 -11.46 -35.95
N VAL B 376 -19.88 -12.46 -35.92
CA VAL B 376 -20.22 -13.79 -35.43
C VAL B 376 -20.55 -13.78 -33.94
N ARG B 377 -19.94 -12.87 -33.18
CA ARG B 377 -20.22 -12.80 -31.74
C ARG B 377 -21.61 -12.23 -31.49
N LEU B 378 -22.04 -11.28 -32.32
CA LEU B 378 -23.41 -10.78 -32.24
C LEU B 378 -24.41 -11.81 -32.75
N LEU B 379 -24.00 -12.61 -33.73
CA LEU B 379 -24.88 -13.68 -34.22
C LEU B 379 -25.05 -14.77 -33.17
N GLU B 380 -24.01 -15.04 -32.39
CA GLU B 380 -24.15 -15.95 -31.27
C GLU B 380 -25.14 -15.41 -30.23
N LEU B 381 -25.16 -14.08 -30.04
CA LEU B 381 -26.01 -13.48 -29.02
C LEU B 381 -27.50 -13.64 -29.35
N ILE B 382 -27.87 -13.39 -30.60
CA ILE B 382 -29.29 -13.32 -30.97
C ILE B 382 -29.90 -14.68 -31.21
N LYS B 383 -29.19 -15.76 -30.90
CA LYS B 383 -29.80 -17.10 -30.92
C LYS B 383 -30.75 -17.30 -29.74
N ASN B 384 -30.61 -16.51 -28.69
CA ASN B 384 -31.52 -16.46 -27.54
C ASN B 384 -32.70 -15.56 -27.89
N PRO B 385 -33.96 -16.02 -27.69
CA PRO B 385 -35.12 -15.24 -28.17
C PRO B 385 -35.29 -13.86 -27.54
N PHE B 386 -34.85 -13.65 -26.30
CA PHE B 386 -34.91 -12.31 -25.71
C PHE B 386 -34.03 -11.32 -26.49
N TYR B 387 -32.82 -11.75 -26.82
CA TYR B 387 -31.91 -10.89 -27.56
C TYR B 387 -32.35 -10.69 -29.01
N LEU B 388 -33.00 -11.69 -29.62
CA LEU B 388 -33.63 -11.47 -30.92
C LEU B 388 -34.74 -10.44 -30.83
N SER B 389 -35.49 -10.45 -29.72
CA SER B 389 -36.58 -9.48 -29.55
C SER B 389 -36.04 -8.06 -29.48
N GLU B 390 -34.97 -7.84 -28.71
CA GLU B 390 -34.40 -6.49 -28.70
C GLU B 390 -33.70 -6.13 -30.01
N TYR B 391 -33.13 -7.11 -30.72
CA TYR B 391 -32.46 -6.82 -31.99
C TYR B 391 -33.43 -6.25 -33.03
N LEU B 392 -34.59 -6.89 -33.20
CA LEU B 392 -35.56 -6.42 -34.18
C LEU B 392 -36.27 -5.15 -33.74
N ARG B 393 -36.16 -4.77 -32.45
CA ARG B 393 -36.77 -3.52 -32.00
C ARG B 393 -36.06 -2.31 -32.60
N PHE B 394 -34.74 -2.40 -32.79
CA PHE B 394 -33.96 -1.29 -33.32
C PHE B 394 -33.65 -1.43 -34.81
N TYR B 395 -34.22 -2.44 -35.47
CA TYR B 395 -34.16 -2.61 -36.92
C TYR B 395 -35.20 -1.71 -37.59
N THR B 396 -34.75 -0.92 -38.57
CA THR B 396 -35.64 -0.01 -39.26
C THR B 396 -35.07 0.26 -40.64
N GLY B 397 -35.94 0.30 -41.65
CA GLY B 397 -35.52 0.35 -43.03
C GLY B 397 -34.93 -0.99 -43.40
N GLU B 398 -33.62 -1.02 -43.61
CA GLU B 398 -32.91 -2.28 -43.86
C GLU B 398 -31.66 -2.43 -43.00
N SER B 399 -31.62 -1.83 -41.81
CA SER B 399 -30.46 -1.89 -40.94
C SER B 399 -30.88 -1.65 -39.49
N ILE B 400 -29.97 -2.04 -38.52
CA ILE B 400 -30.19 -1.73 -37.10
C ILE B 400 -29.46 -0.44 -36.75
N ASP B 401 -30.04 0.28 -35.78
CA ASP B 401 -29.46 1.47 -35.15
C ASP B 401 -28.59 1.00 -33.97
N TYR B 402 -27.32 0.73 -34.30
CA TYR B 402 -26.45 -0.07 -33.43
C TYR B 402 -26.09 0.67 -32.15
N VAL B 403 -25.90 2.00 -32.21
CA VAL B 403 -25.51 2.71 -31.00
C VAL B 403 -26.65 2.71 -29.96
N SER B 404 -27.91 2.78 -30.42
CA SER B 404 -29.04 2.68 -29.51
C SER B 404 -29.17 1.27 -28.93
N PHE B 405 -28.93 0.25 -29.76
CA PHE B 405 -28.99 -1.14 -29.31
C PHE B 405 -28.00 -1.39 -28.18
N LYS B 406 -26.74 -0.98 -28.37
CA LYS B 406 -25.76 -1.23 -27.32
C LYS B 406 -25.97 -0.34 -26.11
N GLU B 407 -26.50 0.88 -26.28
CA GLU B 407 -26.76 1.71 -25.11
C GLU B 407 -27.84 1.10 -24.22
N LYS B 408 -28.94 0.63 -24.82
CA LYS B 408 -30.00 -0.01 -24.03
C LYS B 408 -29.48 -1.26 -23.35
N LEU B 409 -28.69 -2.06 -24.07
CA LEU B 409 -28.21 -3.31 -23.45
C LEU B 409 -27.22 -3.05 -22.32
N TRP B 410 -26.29 -2.11 -22.48
CA TRP B 410 -25.35 -1.81 -21.40
C TRP B 410 -26.08 -1.35 -20.15
N ASN B 411 -26.98 -0.36 -20.30
CA ASN B 411 -27.67 0.17 -19.12
C ASN B 411 -28.60 -0.87 -18.48
N LYS B 412 -29.29 -1.69 -19.29
CA LYS B 412 -30.27 -2.61 -18.71
C LYS B 412 -29.61 -3.84 -18.10
N ILE B 413 -28.60 -4.40 -18.75
CA ILE B 413 -28.03 -5.66 -18.30
C ILE B 413 -26.88 -5.43 -17.33
N ILE B 414 -25.93 -4.55 -17.62
CA ILE B 414 -24.72 -4.52 -16.82
C ILE B 414 -24.82 -3.54 -15.66
N VAL B 415 -25.21 -2.30 -15.94
CA VAL B 415 -25.25 -1.28 -14.89
C VAL B 415 -26.43 -1.51 -13.95
N LYS B 416 -27.60 -1.83 -14.50
CA LYS B 416 -28.90 -1.68 -13.82
C LYS B 416 -29.02 -0.29 -13.22
N ASN B 417 -28.89 -0.14 -11.90
CA ASN B 417 -28.93 1.19 -11.30
C ASN B 417 -27.87 1.39 -10.22
N LYS B 418 -26.79 0.60 -10.25
CA LYS B 418 -25.72 0.68 -9.24
C LYS B 418 -24.42 1.12 -9.88
N PRO B 419 -23.82 2.24 -9.43
CA PRO B 419 -22.48 2.62 -9.94
C PRO B 419 -21.39 1.60 -9.67
N SER B 420 -21.52 0.88 -8.55
CA SER B 420 -20.52 -0.11 -8.15
C SER B 420 -20.43 -1.27 -9.15
N ARG B 421 -21.57 -1.68 -9.73
CA ARG B 421 -21.55 -2.74 -10.74
C ARG B 421 -20.72 -2.34 -11.97
N GLU B 422 -20.91 -1.10 -12.44
CA GLU B 422 -20.17 -0.64 -13.63
C GLU B 422 -18.68 -0.55 -13.35
N GLN B 423 -18.30 0.00 -12.19
CA GLN B 423 -16.87 0.07 -11.87
C GLN B 423 -16.27 -1.33 -11.72
N CYS B 424 -17.01 -2.26 -11.11
CA CYS B 424 -16.57 -3.65 -10.97
C CYS B 424 -16.32 -4.33 -12.32
N PHE B 425 -17.26 -4.18 -13.25
CA PHE B 425 -17.14 -4.88 -14.52
C PHE B 425 -16.00 -4.31 -15.36
N LEU B 426 -15.84 -2.99 -15.35
CA LEU B 426 -14.72 -2.39 -16.07
C LEU B 426 -13.37 -2.85 -15.51
N ALA B 427 -13.26 -2.90 -14.18
CA ALA B 427 -12.01 -3.38 -13.57
C ALA B 427 -11.73 -4.84 -13.94
N THR B 428 -12.76 -5.67 -13.92
CA THR B 428 -12.58 -7.09 -14.24
C THR B 428 -12.11 -7.30 -15.67
N ALA B 429 -12.67 -6.56 -16.63
CA ALA B 429 -12.24 -6.75 -18.01
C ALA B 429 -10.80 -6.27 -18.22
N PHE B 430 -10.44 -5.12 -17.63
CA PHE B 430 -9.10 -4.61 -17.84
C PHE B 430 -8.03 -5.50 -17.22
N GLN B 431 -8.32 -6.14 -16.07
CA GLN B 431 -7.28 -6.94 -15.43
C GLN B 431 -6.92 -8.18 -16.25
N ARG B 432 -7.93 -8.84 -16.83
CA ARG B 432 -7.69 -9.91 -17.80
C ARG B 432 -6.87 -9.40 -18.99
N ALA B 433 -7.25 -8.26 -19.57
CA ALA B 433 -6.50 -7.82 -20.75
C ALA B 433 -5.07 -7.39 -20.41
N SER B 434 -4.81 -6.99 -19.17
CA SER B 434 -3.51 -6.47 -18.77
C SER B 434 -2.54 -7.55 -18.32
N GLU B 435 -3.03 -8.52 -17.54
CA GLU B 435 -2.18 -9.59 -17.02
C GLU B 435 -2.04 -10.78 -17.96
N GLY B 436 -2.93 -10.91 -18.95
CA GLY B 436 -2.92 -12.06 -19.83
C GLY B 436 -3.60 -13.29 -19.28
N GLN B 437 -4.20 -13.21 -18.10
CA GLN B 437 -4.82 -14.35 -17.44
C GLN B 437 -6.27 -14.53 -17.87
N PHE B 438 -6.71 -15.79 -17.86
CA PHE B 438 -8.12 -16.09 -18.09
C PHE B 438 -8.94 -15.93 -16.82
N PHE B 439 -8.40 -16.39 -15.69
CA PHE B 439 -9.05 -16.30 -14.38
C PHE B 439 -8.41 -15.19 -13.55
N VAL B 440 -9.23 -14.31 -12.97
CA VAL B 440 -8.74 -13.21 -12.13
C VAL B 440 -9.54 -13.12 -10.83
N SER B 441 -8.97 -12.37 -9.87
CA SER B 441 -9.59 -12.10 -8.56
C SER B 441 -9.58 -10.60 -8.26
N PRO B 442 -10.65 -9.88 -8.62
CA PRO B 442 -10.62 -8.41 -8.56
C PRO B 442 -10.89 -7.86 -7.16
N ALA B 443 -10.61 -6.56 -7.01
CA ALA B 443 -10.88 -5.81 -5.79
C ALA B 443 -12.18 -5.03 -5.95
N CYS B 444 -13.16 -5.31 -5.10
CA CYS B 444 -14.54 -4.89 -5.34
C CYS B 444 -15.26 -4.70 -4.01
N ASP B 445 -16.41 -4.04 -4.08
CA ASP B 445 -17.27 -3.87 -2.91
C ASP B 445 -18.04 -5.15 -2.61
N THR B 446 -18.57 -5.21 -1.38
CA THR B 446 -19.19 -6.42 -0.85
C THR B 446 -20.36 -6.89 -1.70
N GLY B 447 -20.27 -8.13 -2.17
CA GLY B 447 -21.37 -8.82 -2.82
C GLY B 447 -21.54 -8.58 -4.30
N ILE B 448 -20.80 -7.63 -4.90
CA ILE B 448 -21.04 -7.25 -6.29
C ILE B 448 -20.73 -8.40 -7.24
N LEU B 449 -19.61 -9.10 -7.01
CA LEU B 449 -19.24 -10.20 -7.89
C LEU B 449 -20.20 -11.38 -7.77
N ASP B 450 -20.67 -11.68 -6.56
CA ASP B 450 -21.67 -12.75 -6.40
C ASP B 450 -22.98 -12.37 -7.10
N GLU B 451 -23.35 -11.09 -7.05
CA GLU B 451 -24.54 -10.62 -7.75
C GLU B 451 -24.38 -10.76 -9.26
N LEU B 452 -23.19 -10.44 -9.78
CA LEU B 452 -22.95 -10.59 -11.22
C LEU B 452 -22.92 -12.05 -11.63
N VAL B 453 -22.47 -12.94 -10.75
CA VAL B 453 -22.51 -14.38 -11.06
C VAL B 453 -23.95 -14.87 -11.11
N LYS B 454 -24.81 -14.40 -10.19
CA LYS B 454 -26.20 -14.83 -10.26
C LYS B 454 -26.93 -14.26 -11.48
N ASP B 455 -26.46 -13.13 -12.03
CA ASP B 455 -26.98 -12.65 -13.31
C ASP B 455 -26.47 -13.44 -14.52
N GLY B 456 -25.45 -14.27 -14.34
CA GLY B 456 -24.86 -15.01 -15.44
C GLY B 456 -23.88 -14.23 -16.28
N ILE B 457 -23.66 -12.95 -15.96
CA ILE B 457 -22.75 -12.11 -16.71
C ILE B 457 -21.30 -12.53 -16.48
N VAL B 458 -20.98 -12.92 -15.25
CA VAL B 458 -19.65 -13.36 -14.86
C VAL B 458 -19.73 -14.82 -14.45
N GLY B 459 -18.66 -15.58 -14.70
CA GLY B 459 -18.57 -16.96 -14.27
C GLY B 459 -17.48 -17.22 -13.26
N TYR B 460 -17.59 -18.31 -12.49
CA TYR B 460 -16.68 -18.59 -11.39
C TYR B 460 -16.24 -20.05 -11.35
N GLU B 461 -14.95 -20.24 -11.12
CA GLU B 461 -14.35 -21.51 -10.72
C GLU B 461 -13.30 -21.19 -9.66
N ALA B 462 -12.76 -22.24 -9.02
CA ALA B 462 -11.88 -22.07 -7.87
C ALA B 462 -10.63 -21.26 -8.18
N ALA B 463 -10.24 -21.19 -9.45
CA ALA B 463 -9.11 -20.36 -9.85
C ALA B 463 -9.44 -18.88 -9.94
N GLY B 464 -10.71 -18.51 -10.08
CA GLY B 464 -11.09 -17.12 -10.15
C GLY B 464 -12.28 -16.90 -11.05
N TYR B 465 -12.48 -15.63 -11.42
CA TYR B 465 -13.62 -15.18 -12.20
C TYR B 465 -13.26 -14.93 -13.66
N PHE B 466 -14.25 -15.13 -14.54
CA PHE B 466 -14.12 -14.90 -15.97
C PHE B 466 -15.44 -14.36 -16.53
N ILE B 467 -15.38 -13.79 -17.74
CA ILE B 467 -16.52 -13.11 -18.36
C ILE B 467 -17.17 -14.03 -19.39
N THR B 468 -18.51 -14.12 -19.33
CA THR B 468 -19.22 -15.17 -20.06
C THR B 468 -19.26 -14.93 -21.57
N HIS B 469 -19.53 -13.69 -22.01
CA HIS B 469 -19.72 -13.38 -23.43
C HIS B 469 -18.59 -12.47 -23.95
N ASP B 470 -18.03 -12.82 -25.11
CA ASP B 470 -16.94 -12.01 -25.69
C ASP B 470 -17.40 -10.60 -26.09
N ILE B 471 -18.66 -10.45 -26.52
CA ILE B 471 -19.15 -9.16 -27.01
C ILE B 471 -19.15 -8.11 -25.89
N TYR B 472 -19.54 -8.52 -24.68
CA TYR B 472 -19.53 -7.59 -23.55
C TYR B 472 -18.11 -7.22 -23.12
N GLU B 473 -17.15 -8.14 -23.22
CA GLU B 473 -15.77 -7.79 -22.88
C GLU B 473 -15.20 -6.75 -23.83
N GLU B 474 -15.55 -6.87 -25.13
CA GLU B 474 -15.13 -5.84 -26.09
C GLU B 474 -15.72 -4.47 -25.76
N TRP B 475 -17.03 -4.43 -25.45
CA TRP B 475 -17.65 -3.16 -25.07
C TRP B 475 -16.98 -2.55 -23.83
N ALA B 476 -16.61 -3.39 -22.86
CA ALA B 476 -15.97 -2.89 -21.64
C ALA B 476 -14.61 -2.25 -21.92
N LEU B 477 -13.79 -2.90 -22.75
CA LEU B 477 -12.47 -2.33 -23.04
C LEU B 477 -12.57 -0.99 -23.78
N GLU B 478 -13.51 -0.88 -24.72
CA GLU B 478 -13.69 0.38 -25.43
C GLU B 478 -14.11 1.51 -24.47
N LYS B 479 -14.99 1.20 -23.51
CA LYS B 479 -15.42 2.22 -22.55
C LYS B 479 -14.28 2.65 -21.62
N LYS B 480 -13.41 1.71 -21.22
CA LYS B 480 -12.27 2.07 -20.36
C LYS B 480 -11.31 3.01 -21.08
N ILE B 481 -11.10 2.77 -22.38
CA ILE B 481 -10.28 3.69 -23.18
C ILE B 481 -10.89 5.09 -23.22
N SER B 482 -12.22 5.17 -23.36
CA SER B 482 -12.89 6.48 -23.38
C SER B 482 -12.67 7.25 -22.07
N VAL B 483 -12.77 6.54 -20.94
CA VAL B 483 -12.58 7.18 -19.62
C VAL B 483 -11.16 7.76 -19.50
N ASP B 484 -10.15 6.95 -19.85
CA ASP B 484 -8.77 7.46 -19.75
C ASP B 484 -8.51 8.62 -20.69
N TYR B 485 -9.19 8.67 -21.84
CA TYR B 485 -9.05 9.82 -22.73
C TYR B 485 -9.60 11.08 -22.08
N ILE B 486 -10.71 10.96 -21.35
CA ILE B 486 -11.25 12.16 -20.69
C ILE B 486 -10.30 12.67 -19.61
N ARG B 487 -9.65 11.77 -18.87
CA ARG B 487 -8.93 12.22 -17.67
C ARG B 487 -7.45 12.58 -17.86
N LYS B 488 -6.93 12.58 -19.08
CA LYS B 488 -5.49 12.73 -19.31
C LYS B 488 -4.98 14.16 -19.10
N ALA B 489 -3.69 14.27 -18.78
CA ALA B 489 -2.98 15.55 -18.79
C ALA B 489 -2.32 15.83 -20.14
N ASN B 490 -1.83 14.79 -20.80
CA ASN B 490 -1.19 14.89 -22.10
C ASN B 490 -1.28 13.54 -22.78
N ASN B 491 -0.92 13.51 -24.07
CA ASN B 491 -1.09 12.31 -24.88
C ASN B 491 -0.13 11.19 -24.47
N ASN B 492 1.09 11.54 -24.09
CA ASN B 492 2.09 10.54 -23.71
C ASN B 492 1.62 9.77 -22.46
N GLU B 493 0.98 10.47 -21.52
CA GLU B 493 0.39 9.82 -20.35
C GLU B 493 -0.73 8.87 -20.74
N PHE B 494 -1.57 9.25 -21.71
CA PHE B 494 -2.68 8.41 -22.16
C PHE B 494 -2.18 7.09 -22.72
N PHE B 495 -1.21 7.16 -23.63
CA PHE B 495 -0.63 5.94 -24.17
C PHE B 495 0.18 5.15 -23.15
N GLU B 496 0.66 5.78 -22.06
CA GLU B 496 1.22 4.95 -21.00
C GLU B 496 0.12 4.25 -20.21
N LYS B 497 -0.95 4.97 -19.85
CA LYS B 497 -1.95 4.43 -18.93
C LYS B 497 -2.68 3.23 -19.53
N ILE B 498 -3.06 3.30 -20.81
CA ILE B 498 -3.87 2.21 -21.34
C ILE B 498 -3.11 0.92 -21.58
N GLY B 499 -1.78 0.93 -21.51
CA GLY B 499 -1.01 -0.29 -21.72
C GLY B 499 -0.84 -0.62 -23.20
N GLU B 500 -0.16 -1.74 -23.46
CA GLU B 500 0.28 -2.05 -24.80
C GLU B 500 -0.05 -3.48 -25.24
N SER B 501 -0.87 -4.20 -24.48
CA SER B 501 -1.26 -5.55 -24.88
C SER B 501 -2.24 -5.53 -26.06
N LEU B 502 -2.29 -6.64 -26.80
CA LEU B 502 -3.04 -6.72 -28.04
C LEU B 502 -4.56 -6.50 -27.94
N PRO B 503 -5.30 -7.03 -26.93
CA PRO B 503 -6.73 -6.66 -26.84
C PRO B 503 -6.99 -5.17 -26.71
N VAL B 504 -6.11 -4.44 -26.02
CA VAL B 504 -6.24 -2.98 -25.92
C VAL B 504 -6.07 -2.33 -27.30
N ARG B 505 -5.10 -2.81 -28.09
CA ARG B 505 -4.86 -2.24 -29.42
C ARG B 505 -6.07 -2.42 -30.32
N ARG B 506 -6.68 -3.61 -30.28
CA ARG B 506 -7.91 -3.84 -31.04
C ARG B 506 -9.03 -2.89 -30.59
N SER B 507 -9.16 -2.69 -29.27
CA SER B 507 -10.22 -1.82 -28.79
C SER B 507 -9.99 -0.35 -29.16
N PHE B 508 -8.72 0.08 -29.14
CA PHE B 508 -8.36 1.44 -29.58
C PHE B 508 -8.70 1.65 -31.04
N ARG B 509 -8.39 0.65 -31.87
CA ARG B 509 -8.65 0.75 -33.30
C ARG B 509 -10.16 0.85 -33.57
N ASN B 510 -10.95 0.06 -32.84
CA ASN B 510 -12.41 0.17 -32.92
C ASN B 510 -12.89 1.56 -32.50
N TRP B 511 -12.33 2.10 -31.41
CA TRP B 511 -12.78 3.38 -30.86
C TRP B 511 -12.54 4.53 -31.84
N ILE B 512 -11.35 4.56 -32.46
CA ILE B 512 -11.06 5.54 -33.50
C ILE B 512 -12.02 5.40 -34.67
N SER B 513 -12.26 4.14 -35.10
CA SER B 513 -13.17 3.92 -36.22
C SER B 513 -14.58 4.41 -35.93
N GLU B 514 -15.00 4.38 -34.66
CA GLU B 514 -16.32 4.93 -34.32
C GLU B 514 -16.32 6.46 -34.29
N ARG B 515 -15.26 7.08 -33.74
CA ARG B 515 -15.21 8.55 -33.71
C ARG B 515 -15.22 9.13 -35.12
N LEU B 516 -14.54 8.47 -36.06
CA LEU B 516 -14.55 8.96 -37.44
C LEU B 516 -15.90 8.78 -38.12
N LEU B 517 -16.79 7.95 -37.58
CA LEU B 517 -18.12 7.78 -38.15
C LEU B 517 -19.12 8.80 -37.62
N LEU B 518 -19.04 9.12 -36.33
CA LEU B 518 -20.02 9.98 -35.68
C LEU B 518 -19.60 11.45 -35.64
N ASP B 519 -18.62 11.84 -36.46
CA ASP B 519 -18.28 13.25 -36.78
C ASP B 519 -17.90 14.10 -35.56
N ASP B 520 -17.23 13.54 -34.55
CA ASP B 520 -16.72 14.31 -33.42
C ASP B 520 -15.46 15.03 -33.89
N GLN B 521 -15.58 16.32 -34.21
CA GLN B 521 -14.45 17.09 -34.76
C GLN B 521 -13.32 17.33 -33.77
N SER B 522 -13.49 16.99 -32.49
CA SER B 522 -12.36 17.05 -31.56
C SER B 522 -11.30 16.00 -31.88
N ILE B 523 -11.63 14.98 -32.68
CA ILE B 523 -10.68 13.89 -32.95
C ILE B 523 -9.58 14.31 -33.93
N LYS B 524 -9.89 15.21 -34.86
CA LYS B 524 -8.91 15.59 -35.88
C LYS B 524 -7.70 16.31 -35.29
N PRO B 525 -7.82 17.25 -34.33
CA PRO B 525 -6.61 17.73 -33.63
C PRO B 525 -5.83 16.64 -32.92
N PHE B 526 -6.51 15.66 -32.30
CA PHE B 526 -5.80 14.58 -31.63
C PHE B 526 -5.00 13.75 -32.63
N ILE B 527 -5.62 13.42 -33.77
CA ILE B 527 -4.96 12.66 -34.83
C ILE B 527 -3.77 13.44 -35.37
N ALA B 528 -3.92 14.74 -35.57
CA ALA B 528 -2.81 15.56 -36.04
C ALA B 528 -1.67 15.60 -35.02
N GLU B 529 -2.01 15.68 -33.73
CA GLU B 529 -1.00 15.67 -32.67
C GLU B 529 -0.20 14.37 -32.66
N ILE B 530 -0.86 13.23 -32.93
CA ILE B 530 -0.10 11.97 -33.07
C ILE B 530 0.74 11.97 -34.34
N VAL B 531 0.14 12.30 -35.49
CA VAL B 531 0.82 12.12 -36.77
C VAL B 531 2.02 13.06 -36.90
N CYS B 532 1.96 14.24 -36.30
CA CYS B 532 3.10 15.14 -36.30
C CYS B 532 3.95 15.04 -35.03
N GLY B 533 3.61 14.13 -34.10
CA GLY B 533 4.25 14.13 -32.81
C GLY B 533 5.51 13.28 -32.74
N GLU B 534 6.27 13.53 -31.67
CA GLU B 534 7.47 12.77 -31.35
C GLU B 534 7.39 12.24 -29.92
N GLY B 535 8.05 11.11 -29.70
CA GLY B 535 7.99 10.41 -28.44
C GLY B 535 6.94 9.34 -28.37
N ILE B 536 5.96 9.37 -29.28
CA ILE B 536 4.94 8.33 -29.39
C ILE B 536 5.57 7.10 -30.03
N SER B 537 5.40 5.95 -29.39
CA SER B 537 5.94 4.70 -29.94
C SER B 537 5.22 4.34 -31.24
N ASN B 538 6.02 3.88 -32.23
CA ASN B 538 5.57 3.86 -33.62
C ASN B 538 4.40 2.92 -33.87
N PHE B 539 4.22 1.88 -33.06
CA PHE B 539 3.11 0.96 -33.30
C PHE B 539 1.75 1.60 -33.04
N TRP B 540 1.69 2.65 -32.23
CA TRP B 540 0.45 3.39 -32.09
C TRP B 540 0.12 4.17 -33.36
N LYS B 541 1.14 4.76 -34.01
CA LYS B 541 0.94 5.43 -35.28
C LYS B 541 0.47 4.43 -36.34
N ASP B 542 1.01 3.21 -36.32
CA ASP B 542 0.57 2.19 -37.27
C ASP B 542 -0.87 1.77 -37.04
N GLU B 543 -1.28 1.55 -35.78
CA GLU B 543 -2.67 1.22 -35.49
C GLU B 543 -3.62 2.33 -35.95
N LEU B 544 -3.22 3.59 -35.74
CA LEU B 544 -4.04 4.72 -36.19
C LEU B 544 -4.19 4.73 -37.72
N TRP B 545 -3.09 4.53 -38.45
CA TRP B 545 -3.21 4.54 -39.91
C TRP B 545 -4.01 3.36 -40.44
N VAL B 546 -3.98 2.21 -39.76
CA VAL B 546 -4.86 1.11 -40.16
C VAL B 546 -6.31 1.49 -39.96
N ALA B 547 -6.63 2.18 -38.85
CA ALA B 547 -8.00 2.66 -38.65
C ALA B 547 -8.43 3.63 -39.75
N VAL B 548 -7.52 4.52 -40.16
CA VAL B 548 -7.84 5.46 -41.23
C VAL B 548 -8.07 4.74 -42.56
N LEU B 549 -7.16 3.81 -42.89
CA LEU B 549 -7.24 3.12 -44.18
C LEU B 549 -8.46 2.22 -44.27
N LEU B 550 -9.00 1.78 -43.14
CA LEU B 550 -10.22 0.97 -43.16
C LEU B 550 -11.49 1.81 -43.16
N SER B 551 -11.40 3.12 -42.97
CA SER B 551 -12.56 3.99 -42.88
C SER B 551 -12.95 4.58 -44.23
N ASP B 552 -14.25 4.85 -44.39
CA ASP B 552 -14.76 5.43 -45.63
C ASP B 552 -14.24 6.85 -45.88
N ASN B 553 -13.83 7.56 -44.82
CA ASN B 553 -13.33 8.93 -44.87
C ASN B 553 -11.94 9.07 -45.48
N SER B 554 -11.31 7.96 -45.91
CA SER B 554 -9.86 7.85 -46.01
C SER B 554 -9.22 8.92 -46.90
N SER B 555 -9.89 9.28 -48.00
CA SER B 555 -9.30 10.19 -48.98
C SER B 555 -9.09 11.59 -48.42
N ILE B 556 -9.90 11.98 -47.43
CA ILE B 556 -9.80 13.31 -46.82
C ILE B 556 -8.43 13.51 -46.19
N PHE B 557 -7.92 12.47 -45.54
CA PHE B 557 -6.65 12.59 -44.84
C PHE B 557 -5.48 12.70 -45.81
N PHE B 558 -5.59 12.11 -47.00
CA PHE B 558 -4.55 12.31 -48.00
C PHE B 558 -4.55 13.74 -48.53
N ASN B 559 -5.73 14.37 -48.61
CA ASN B 559 -5.80 15.79 -48.98
C ASN B 559 -5.13 16.62 -47.88
N TYR B 560 -5.38 16.27 -46.62
CA TYR B 560 -4.96 17.09 -45.49
C TYR B 560 -3.45 17.00 -45.24
N PHE B 561 -2.85 15.84 -45.46
CA PHE B 561 -1.44 15.59 -45.14
C PHE B 561 -0.55 15.47 -46.39
N LYS B 562 -0.93 16.13 -47.50
CA LYS B 562 -0.27 15.97 -48.79
C LYS B 562 1.22 16.29 -48.73
N ARG B 563 1.58 17.47 -48.21
CA ARG B 563 2.97 17.89 -48.20
C ARG B 563 3.80 17.07 -47.22
N TYR B 564 3.17 16.56 -46.17
CA TYR B 564 3.85 15.66 -45.24
C TYR B 564 4.17 14.32 -45.89
N LEU B 565 3.22 13.77 -46.64
CA LEU B 565 3.44 12.50 -47.32
C LEU B 565 4.51 12.64 -48.38
N LEU B 566 4.48 13.73 -49.15
CA LEU B 566 5.43 13.87 -50.25
C LEU B 566 6.83 14.17 -49.75
N SER B 567 6.98 15.18 -48.89
CA SER B 567 8.31 15.71 -48.63
C SER B 567 9.15 14.85 -47.71
N SER B 568 8.56 13.90 -46.98
CA SER B 568 9.34 13.15 -46.00
C SER B 568 10.08 11.97 -46.62
N ASP B 569 10.78 12.19 -47.74
CA ASP B 569 11.47 11.15 -48.52
C ASP B 569 10.55 9.95 -48.82
N GLN B 570 9.23 10.20 -48.84
CA GLN B 570 8.16 9.21 -49.00
C GLN B 570 8.20 8.08 -47.97
N ASN B 571 8.82 8.31 -46.80
CA ASN B 571 9.03 7.27 -45.79
C ASN B 571 7.69 6.76 -45.25
N LEU B 572 6.81 7.69 -44.86
CA LEU B 572 5.48 7.32 -44.38
C LEU B 572 4.66 6.66 -45.48
N LEU B 573 4.79 7.15 -46.71
CA LEU B 573 4.02 6.62 -47.83
C LEU B 573 4.42 5.18 -48.14
N LYS B 574 5.67 4.80 -47.83
CA LYS B 574 6.10 3.41 -47.99
C LYS B 574 5.51 2.52 -46.90
N ARG B 575 5.55 3.01 -45.64
CA ARG B 575 4.91 2.28 -44.53
C ARG B 575 3.43 1.99 -44.82
N LEU B 576 2.74 2.95 -45.44
CA LEU B 576 1.32 2.76 -45.73
C LEU B 576 1.06 1.58 -46.67
N THR B 577 1.92 1.37 -47.66
CA THR B 577 1.75 0.20 -48.53
C THR B 577 1.98 -1.09 -47.76
N PHE B 578 2.99 -1.11 -46.85
CA PHE B 578 3.20 -2.33 -46.05
C PHE B 578 1.97 -2.66 -45.20
N LEU B 579 1.44 -1.65 -44.49
CA LEU B 579 0.26 -1.86 -43.65
C LEU B 579 -0.95 -2.26 -44.46
N LEU B 580 -1.10 -1.66 -45.65
CA LEU B 580 -2.21 -1.99 -46.53
C LEU B 580 -2.16 -3.44 -46.99
N ARG B 581 -0.96 -3.93 -47.30
CA ARG B 581 -0.85 -5.31 -47.77
C ARG B 581 -1.00 -6.31 -46.64
N LEU B 582 -0.64 -5.93 -45.41
CA LEU B 582 -0.72 -6.87 -44.30
C LEU B 582 -2.10 -6.92 -43.67
N ALA B 583 -2.69 -5.76 -43.38
CA ALA B 583 -3.89 -5.70 -42.56
C ALA B 583 -5.18 -5.63 -43.37
N CYS B 584 -5.17 -4.91 -44.49
CA CYS B 584 -6.41 -4.53 -45.15
C CYS B 584 -6.84 -5.54 -46.22
N LYS B 585 -7.01 -6.81 -45.84
CA LYS B 585 -7.37 -7.88 -46.76
C LYS B 585 -8.38 -8.81 -46.07
N ASP B 586 -9.03 -9.66 -46.86
CA ASP B 586 -10.12 -10.53 -46.41
C ASP B 586 -10.16 -11.79 -47.27
N VAL B 587 -10.77 -12.86 -46.74
CA VAL B 587 -10.80 -14.15 -47.45
C VAL B 587 -11.86 -14.13 -48.55
N ASP B 588 -11.52 -14.69 -49.72
CA ASP B 588 -12.35 -14.65 -50.93
C ASP B 588 -13.19 -15.92 -51.07
N TYR B 589 -14.18 -16.04 -50.18
CA TYR B 589 -14.98 -17.26 -50.07
C TYR B 589 -15.75 -17.59 -51.34
N ASP B 590 -16.11 -16.58 -52.13
CA ASP B 590 -16.73 -16.86 -53.43
C ASP B 590 -15.82 -17.72 -54.30
N LEU B 591 -14.55 -17.34 -54.41
CA LEU B 591 -13.60 -18.08 -55.24
C LEU B 591 -13.33 -19.48 -54.71
N LEU B 592 -13.26 -19.64 -53.38
CA LEU B 592 -13.17 -20.98 -52.78
C LEU B 592 -14.37 -21.85 -53.16
N LYS B 593 -15.57 -21.27 -53.12
CA LYS B 593 -16.77 -22.03 -53.50
C LYS B 593 -16.74 -22.44 -54.97
N GLN B 594 -16.28 -21.56 -55.84
CA GLN B 594 -16.15 -21.95 -57.25
C GLN B 594 -15.05 -22.98 -57.48
N LEU B 595 -14.03 -23.01 -56.63
CA LEU B 595 -13.04 -24.09 -56.70
C LEU B 595 -13.47 -25.33 -55.93
N GLY B 596 -14.63 -25.31 -55.26
CA GLY B 596 -15.19 -26.50 -54.67
C GLY B 596 -14.96 -26.69 -53.19
N VAL B 597 -14.70 -25.62 -52.46
CA VAL B 597 -14.53 -25.69 -51.01
C VAL B 597 -15.76 -25.06 -50.36
N SER B 598 -16.41 -25.79 -49.45
CA SER B 598 -17.76 -25.47 -49.04
C SER B 598 -17.89 -24.89 -47.64
N ASN B 599 -16.88 -25.04 -46.78
CA ASN B 599 -16.94 -24.48 -45.43
C ASN B 599 -16.25 -23.11 -45.39
N SER B 600 -16.32 -22.45 -44.22
CA SER B 600 -15.90 -21.05 -44.15
C SER B 600 -15.00 -20.69 -42.97
N ASP B 601 -14.66 -21.64 -42.09
CA ASP B 601 -13.70 -21.36 -41.03
C ASP B 601 -12.31 -21.36 -41.63
N LEU B 602 -11.58 -20.24 -41.48
CA LEU B 602 -10.25 -20.11 -42.04
C LEU B 602 -9.24 -21.08 -41.44
N LEU B 603 -9.55 -21.64 -40.27
CA LEU B 603 -8.73 -22.70 -39.70
C LEU B 603 -8.96 -24.05 -40.37
N SER B 604 -10.07 -24.22 -41.11
CA SER B 604 -10.43 -25.52 -41.63
C SER B 604 -10.43 -25.62 -43.15
N ILE B 605 -10.47 -24.50 -43.87
CA ILE B 605 -10.53 -24.55 -45.33
C ILE B 605 -9.23 -25.11 -45.94
N LYS B 606 -9.38 -25.72 -47.12
CA LYS B 606 -8.28 -26.46 -47.77
C LYS B 606 -7.14 -25.54 -48.19
N TYR B 607 -7.48 -24.35 -48.70
CA TYR B 607 -6.53 -23.35 -49.16
C TYR B 607 -6.98 -22.00 -48.61
N VAL B 608 -6.09 -21.01 -48.62
CA VAL B 608 -6.45 -19.65 -48.22
C VAL B 608 -6.22 -18.70 -49.39
N LEU B 609 -7.29 -18.06 -49.86
CA LEU B 609 -7.28 -17.07 -50.93
C LEU B 609 -7.88 -15.76 -50.42
N THR B 610 -7.33 -14.62 -50.83
CA THR B 610 -7.67 -13.33 -50.23
C THR B 610 -7.84 -12.22 -51.27
N LYS B 611 -8.43 -11.10 -50.83
CA LYS B 611 -8.82 -9.96 -51.66
C LYS B 611 -8.78 -8.67 -50.86
N PRO B 612 -8.69 -7.50 -51.52
CA PRO B 612 -8.61 -6.22 -50.80
C PRO B 612 -9.85 -5.83 -50.01
N LYS B 613 -9.64 -4.99 -48.99
CA LYS B 613 -10.69 -4.47 -48.12
C LYS B 613 -10.50 -2.99 -47.85
N GLY B 614 -11.57 -2.21 -47.97
CA GLY B 614 -11.59 -0.83 -47.53
C GLY B 614 -11.13 0.15 -48.61
N THR B 615 -11.51 1.42 -48.41
CA THR B 615 -11.24 2.47 -49.40
C THR B 615 -9.81 2.97 -49.38
N GLY B 616 -8.95 2.45 -48.51
CA GLY B 616 -7.56 2.88 -48.49
C GLY B 616 -6.82 2.53 -49.77
N TRP B 617 -7.17 1.39 -50.39
CA TRP B 617 -6.55 0.97 -51.63
C TRP B 617 -6.76 2.00 -52.74
N GLN B 618 -8.01 2.44 -52.92
CA GLN B 618 -8.30 3.47 -53.92
C GLN B 618 -7.60 4.79 -53.59
N SER B 619 -7.59 5.17 -52.31
CA SER B 619 -7.00 6.43 -51.90
C SER B 619 -5.50 6.47 -52.21
N VAL B 620 -4.79 5.39 -51.87
CA VAL B 620 -3.34 5.34 -52.08
C VAL B 620 -3.01 5.33 -53.57
N ILE B 621 -3.71 4.48 -54.35
CA ILE B 621 -3.39 4.37 -55.76
C ILE B 621 -3.65 5.70 -56.48
N GLN B 622 -4.75 6.38 -56.10
CA GLN B 622 -5.03 7.69 -56.70
C GLN B 622 -3.99 8.74 -56.31
N PHE B 623 -3.58 8.76 -55.03
CA PHE B 623 -2.60 9.76 -54.58
C PHE B 623 -1.25 9.56 -55.26
N ILE B 624 -0.84 8.31 -55.46
CA ILE B 624 0.38 8.04 -56.21
C ILE B 624 0.26 8.57 -57.63
N TYR B 625 -0.88 8.30 -58.28
CA TYR B 625 -1.05 8.71 -59.68
C TYR B 625 -1.05 10.23 -59.85
N GLU B 626 -1.72 10.94 -58.96
CA GLU B 626 -1.84 12.39 -59.12
C GLU B 626 -0.53 13.13 -58.91
N ASN B 627 0.36 12.59 -58.08
CA ASN B 627 1.61 13.26 -57.73
C ASN B 627 2.83 12.61 -58.36
N LEU B 628 2.65 11.89 -59.47
CA LEU B 628 3.73 11.10 -60.06
C LEU B 628 4.87 11.98 -60.57
N ASP B 629 4.59 13.25 -60.88
CA ASP B 629 5.67 14.15 -61.30
C ASP B 629 6.49 14.66 -60.12
N GLU B 630 5.92 14.74 -58.91
CA GLU B 630 6.72 15.09 -57.74
C GLU B 630 7.57 13.91 -57.28
N ILE B 631 7.02 12.69 -57.36
CA ILE B 631 7.73 11.51 -56.88
C ILE B 631 8.73 11.00 -57.92
N GLY B 632 8.35 11.03 -59.20
CA GLY B 632 9.26 10.62 -60.27
C GLY B 632 9.24 9.13 -60.56
N ILE B 633 9.13 8.77 -61.85
CA ILE B 633 8.82 7.41 -62.27
C ILE B 633 9.88 6.38 -61.87
N ARG B 634 11.11 6.83 -61.66
CA ARG B 634 12.21 5.99 -61.18
C ARG B 634 11.99 5.51 -59.75
N ASN B 635 11.27 6.28 -58.95
CA ASN B 635 11.23 6.06 -57.51
C ASN B 635 10.04 5.25 -57.04
N ILE B 636 9.08 4.92 -57.90
CA ILE B 636 7.83 4.30 -57.50
C ILE B 636 7.93 2.77 -57.40
N ASN B 637 9.16 2.24 -57.40
CA ASN B 637 9.42 0.81 -57.31
C ASN B 637 8.75 0.12 -56.10
N PHE B 638 8.30 0.89 -55.11
CA PHE B 638 7.60 0.35 -53.95
C PHE B 638 6.11 0.09 -54.15
N ILE B 639 5.48 0.67 -55.18
CA ILE B 639 4.02 0.53 -55.37
C ILE B 639 3.65 -0.68 -56.21
N LEU B 640 4.61 -1.34 -56.86
CA LEU B 640 4.31 -2.41 -57.80
C LEU B 640 3.56 -3.61 -57.19
N PRO B 641 3.89 -4.12 -55.99
CA PRO B 641 3.03 -5.18 -55.40
C PRO B 641 1.59 -4.75 -55.13
N VAL B 642 1.34 -3.47 -54.83
CA VAL B 642 -0.03 -3.03 -54.54
C VAL B 642 -0.90 -3.08 -55.80
N ILE B 643 -0.40 -2.52 -56.90
CA ILE B 643 -1.16 -2.54 -58.14
C ILE B 643 -1.29 -3.96 -58.68
N GLN B 644 -0.27 -4.81 -58.43
CA GLN B 644 -0.35 -6.21 -58.82
C GLN B 644 -1.46 -6.93 -58.06
N GLU B 645 -1.51 -6.76 -56.74
CA GLU B 645 -2.52 -7.47 -55.95
C GLU B 645 -3.92 -6.90 -56.14
N TRP B 646 -4.06 -5.64 -56.57
CA TRP B 646 -5.38 -5.18 -56.96
C TRP B 646 -5.85 -5.80 -58.27
N ASN B 647 -5.04 -5.70 -59.33
CA ASN B 647 -5.52 -6.19 -60.63
C ASN B 647 -5.75 -7.70 -60.66
N GLN B 648 -5.12 -8.44 -59.74
CA GLN B 648 -5.32 -9.89 -59.67
C GLN B 648 -6.76 -10.27 -59.31
N ARG B 649 -7.51 -9.38 -58.69
CA ARG B 649 -8.88 -9.68 -58.28
C ARG B 649 -9.93 -8.79 -58.93
N ASN B 650 -9.64 -7.52 -59.22
CA ASN B 650 -10.64 -6.58 -59.72
C ASN B 650 -10.28 -6.16 -61.14
N LYS B 651 -11.18 -6.38 -62.09
CA LYS B 651 -10.87 -6.21 -63.50
C LYS B 651 -11.76 -5.22 -64.22
N VAL B 652 -12.59 -4.46 -63.50
CA VAL B 652 -13.35 -3.35 -64.06
C VAL B 652 -13.36 -2.21 -63.05
N GLY B 653 -13.34 -0.98 -63.56
CA GLY B 653 -13.46 0.19 -62.70
C GLY B 653 -12.22 1.08 -62.74
N GLU B 654 -12.39 2.25 -62.12
CA GLU B 654 -11.42 3.34 -62.23
C GLU B 654 -10.05 2.98 -61.65
N THR B 655 -10.05 2.30 -60.50
CA THR B 655 -8.79 1.93 -59.88
C THR B 655 -8.02 0.93 -60.73
N THR B 656 -8.74 0.07 -61.46
CA THR B 656 -8.07 -0.84 -62.38
C THR B 656 -7.44 -0.09 -63.55
N ARG B 657 -8.09 0.97 -64.06
CA ARG B 657 -7.49 1.84 -65.08
C ARG B 657 -6.21 2.50 -64.56
N LEU B 658 -6.26 3.07 -63.35
CA LEU B 658 -5.09 3.78 -62.82
C LEU B 658 -3.91 2.82 -62.60
N SER B 659 -4.19 1.63 -62.04
CA SER B 659 -3.15 0.64 -61.83
C SER B 659 -2.49 0.24 -63.13
N SER B 660 -3.30 -0.01 -64.17
CA SER B 660 -2.72 -0.43 -65.44
C SER B 660 -1.91 0.67 -66.08
N LEU B 661 -2.36 1.93 -65.94
CA LEU B 661 -1.61 3.05 -66.52
C LEU B 661 -0.25 3.24 -65.85
N ILE B 662 -0.19 3.06 -64.52
CA ILE B 662 1.09 3.13 -63.82
C ILE B 662 2.05 2.05 -64.31
N ALA B 663 1.55 0.81 -64.46
CA ALA B 663 2.42 -0.27 -64.93
C ALA B 663 2.96 0.02 -66.33
N LEU B 664 2.11 0.54 -67.22
CA LEU B 664 2.55 0.85 -68.59
C LEU B 664 3.60 1.95 -68.61
N LYS B 665 3.43 3.00 -67.79
CA LYS B 665 4.41 4.08 -67.75
C LYS B 665 5.77 3.59 -67.27
N TYR B 666 5.79 2.72 -66.24
CA TYR B 666 7.06 2.19 -65.75
C TYR B 666 7.75 1.32 -66.80
N TYR B 667 6.99 0.50 -67.53
CA TYR B 667 7.56 -0.34 -68.60
C TYR B 667 8.19 0.52 -69.70
N GLN B 668 7.46 1.56 -70.13
CA GLN B 668 8.00 2.46 -71.16
C GLN B 668 9.28 3.16 -70.68
N TRP B 669 9.34 3.49 -69.38
CA TRP B 669 10.56 4.08 -68.85
C TRP B 669 11.74 3.12 -68.93
N THR B 670 11.52 1.84 -68.59
CA THR B 670 12.63 0.88 -68.70
C THR B 670 13.07 0.72 -70.15
N ILE B 671 12.14 0.81 -71.10
CA ILE B 671 12.52 0.75 -72.51
C ILE B 671 13.40 1.93 -72.89
N ASP B 672 12.99 3.14 -72.52
CA ASP B 672 13.78 4.33 -72.88
C ASP B 672 15.18 4.33 -72.24
N GLU B 673 15.32 3.77 -71.05
CA GLU B 673 16.61 3.70 -70.35
C GLU B 673 17.43 2.47 -70.70
N ASP B 674 16.93 1.54 -71.52
CA ASP B 674 17.54 0.26 -71.88
C ASP B 674 17.81 -0.67 -70.69
N VAL B 675 17.22 -0.40 -69.53
CA VAL B 675 17.47 -1.21 -68.33
C VAL B 675 16.70 -2.54 -68.40
N TYR B 676 17.33 -3.59 -67.89
CA TYR B 676 16.84 -4.96 -67.94
C TYR B 676 15.64 -5.19 -67.02
N LEU B 677 14.66 -5.96 -67.52
CA LEU B 677 13.60 -6.56 -66.71
C LEU B 677 13.73 -8.08 -66.80
N SER B 678 13.69 -8.75 -65.65
CA SER B 678 14.03 -10.17 -65.57
C SER B 678 12.93 -11.00 -66.21
N GLY B 679 13.20 -11.51 -67.40
CA GLY B 679 12.23 -12.30 -68.15
C GLY B 679 12.04 -13.69 -67.58
N ARG B 680 10.90 -13.90 -66.91
CA ARG B 680 10.73 -15.09 -66.08
C ARG B 680 9.32 -15.66 -66.08
N ASP B 681 8.39 -15.09 -66.86
CA ASP B 681 7.03 -15.59 -67.12
C ASP B 681 6.29 -15.90 -65.82
N ASN B 682 6.21 -14.88 -64.96
CA ASN B 682 5.74 -15.04 -63.59
C ASN B 682 4.44 -14.26 -63.44
N GLU B 683 3.48 -14.85 -62.72
CA GLU B 683 2.18 -14.23 -62.44
C GLU B 683 2.31 -12.87 -61.78
N LYS B 684 3.37 -12.66 -61.01
CA LYS B 684 3.60 -11.46 -60.23
C LYS B 684 4.27 -10.33 -61.02
N ASN B 685 4.60 -10.56 -62.29
CA ASN B 685 5.38 -9.64 -63.11
C ASN B 685 4.52 -8.46 -63.57
N ILE B 686 5.20 -7.40 -64.07
CA ILE B 686 4.53 -6.16 -64.44
C ILE B 686 3.64 -6.33 -65.68
N LEU B 687 4.08 -7.16 -66.63
CA LEU B 687 3.35 -7.31 -67.89
C LEU B 687 2.00 -7.97 -67.65
N HIS B 688 1.93 -8.87 -66.66
CA HIS B 688 0.65 -9.47 -66.29
C HIS B 688 -0.29 -8.46 -65.66
N THR B 689 0.26 -7.48 -64.95
CA THR B 689 -0.56 -6.40 -64.40
C THR B 689 -1.17 -5.57 -65.51
N ILE B 690 -0.40 -5.34 -66.59
CA ILE B 690 -0.97 -4.63 -67.74
C ILE B 690 -2.10 -5.43 -68.38
N LEU B 691 -1.89 -6.72 -68.60
CA LEU B 691 -2.86 -7.54 -69.34
C LEU B 691 -4.15 -7.76 -68.55
N HIS B 692 -4.04 -7.94 -67.23
CA HIS B 692 -5.24 -8.15 -66.42
C HIS B 692 -6.19 -6.96 -66.42
N GLY B 693 -5.73 -5.76 -66.76
CA GLY B 693 -6.58 -4.60 -66.82
C GLY B 693 -6.87 -4.08 -68.21
N ALA B 694 -6.57 -4.85 -69.26
CA ALA B 694 -6.53 -4.34 -70.63
C ALA B 694 -7.87 -3.86 -71.15
N ALA B 695 -8.98 -4.31 -70.55
CA ALA B 695 -10.29 -3.82 -70.96
C ALA B 695 -10.49 -2.35 -70.64
N MET B 696 -9.75 -1.82 -69.67
CA MET B 696 -9.85 -0.43 -69.24
C MET B 696 -8.89 0.51 -69.96
N ILE B 697 -7.95 -0.01 -70.75
CA ILE B 697 -6.93 0.81 -71.40
C ILE B 697 -6.85 0.57 -72.90
N LYS B 698 -8.00 0.32 -73.53
CA LYS B 698 -8.08 0.08 -74.97
C LYS B 698 -7.46 1.16 -75.86
N PRO B 699 -7.67 2.48 -75.65
CA PRO B 699 -6.97 3.47 -76.51
C PRO B 699 -5.45 3.40 -76.41
N GLU B 700 -4.93 3.20 -75.20
CA GLU B 700 -3.48 3.11 -75.02
C GLU B 700 -2.89 1.85 -75.66
N MET B 701 -3.59 0.72 -75.51
CA MET B 701 -3.17 -0.53 -76.14
C MET B 701 -3.16 -0.41 -77.66
N GLU B 702 -4.19 0.23 -78.22
CA GLU B 702 -4.26 0.43 -79.67
C GLU B 702 -3.12 1.28 -80.16
N GLU B 703 -2.76 2.33 -79.41
CA GLU B 703 -1.64 3.17 -79.82
C GLU B 703 -0.33 2.39 -79.86
N VAL B 704 -0.11 1.53 -78.85
CA VAL B 704 1.10 0.71 -78.85
C VAL B 704 1.14 -0.23 -80.06
N LEU B 705 0.02 -0.90 -80.35
CA LEU B 705 -0.01 -1.86 -81.45
C LEU B 705 0.20 -1.19 -82.80
N VAL B 706 -0.38 0.00 -82.98
CA VAL B 706 -0.17 0.77 -84.21
C VAL B 706 1.31 1.08 -84.40
N LYS B 707 1.98 1.51 -83.34
CA LYS B 707 3.40 1.83 -83.44
C LYS B 707 4.25 0.60 -83.78
N VAL B 708 3.93 -0.55 -83.17
CA VAL B 708 4.69 -1.77 -83.45
C VAL B 708 4.52 -2.19 -84.91
N LEU B 709 3.29 -2.17 -85.41
CA LEU B 709 3.06 -2.57 -86.80
C LEU B 709 3.69 -1.59 -87.78
N LYS B 710 3.71 -0.30 -87.43
CA LYS B 710 4.31 0.71 -88.30
C LYS B 710 5.83 0.50 -88.41
N ASN B 711 6.49 0.23 -87.28
CA ASN B 711 7.95 0.11 -87.30
C ASN B 711 8.44 -1.32 -87.57
N ARG B 712 7.54 -2.32 -87.54
CA ARG B 712 7.85 -3.73 -87.77
C ARG B 712 8.93 -4.26 -86.81
N TRP B 713 8.77 -3.94 -85.52
CA TRP B 713 9.62 -4.44 -84.44
C TRP B 713 9.32 -5.90 -84.09
N LYS B 714 9.76 -6.83 -84.93
CA LYS B 714 9.45 -8.25 -84.81
C LYS B 714 10.60 -9.10 -84.27
N GLU B 715 11.67 -8.48 -83.77
CA GLU B 715 12.90 -9.20 -83.45
C GLU B 715 13.32 -8.95 -82.00
N HIS B 716 14.01 -9.95 -81.43
CA HIS B 716 14.37 -9.93 -80.02
C HIS B 716 15.28 -8.76 -79.69
N GLY B 717 14.90 -8.00 -78.66
CA GLY B 717 15.63 -6.84 -78.23
C GLY B 717 15.07 -5.52 -78.71
N THR B 718 14.13 -5.54 -79.64
CA THR B 718 13.42 -4.34 -80.08
C THR B 718 12.32 -3.98 -79.09
N PRO B 719 11.77 -2.75 -79.14
CA PRO B 719 10.74 -2.36 -78.15
C PRO B 719 9.49 -3.23 -78.15
N TYR B 720 8.92 -3.38 -76.94
CA TYR B 720 7.66 -4.06 -76.63
C TYR B 720 7.60 -5.55 -76.96
N PHE B 721 8.75 -6.15 -77.30
CA PHE B 721 8.78 -7.52 -77.83
C PHE B 721 8.20 -8.55 -76.86
N ASP B 722 8.44 -8.37 -75.56
CA ASP B 722 7.94 -9.30 -74.55
C ASP B 722 6.41 -9.29 -74.47
N LEU B 723 5.82 -8.09 -74.45
CA LEU B 723 4.36 -7.96 -74.32
C LEU B 723 3.66 -8.50 -75.57
N MET B 724 4.25 -8.26 -76.74
CA MET B 724 3.71 -8.80 -77.99
C MET B 724 3.74 -10.32 -77.98
N THR B 725 4.84 -10.89 -77.48
CA THR B 725 4.94 -12.35 -77.35
C THR B 725 3.82 -12.92 -76.49
N LEU B 726 3.55 -12.27 -75.34
CA LEU B 726 2.44 -12.72 -74.50
C LEU B 726 1.10 -12.64 -75.20
N ILE B 727 0.86 -11.55 -75.94
CA ILE B 727 -0.41 -11.41 -76.67
C ILE B 727 -0.61 -12.56 -77.66
N LEU B 728 0.48 -13.06 -78.23
CA LEU B 728 0.32 -14.21 -79.12
C LEU B 728 0.34 -15.56 -78.41
N THR B 729 0.69 -15.64 -77.14
CA THR B 729 0.88 -16.96 -76.54
C THR B 729 0.07 -17.26 -75.27
N ASP B 730 -0.42 -16.26 -74.54
CA ASP B 730 -0.85 -16.41 -73.16
C ASP B 730 -2.35 -16.14 -72.97
N LEU B 731 -3.03 -17.04 -72.23
CA LEU B 731 -4.50 -16.97 -72.10
C LEU B 731 -4.97 -15.72 -71.35
N ASP B 732 -4.11 -15.15 -70.50
CA ASP B 732 -4.46 -13.91 -69.81
C ASP B 732 -4.67 -12.74 -70.77
N SER B 733 -4.23 -12.86 -72.02
CA SER B 733 -4.37 -11.82 -73.04
C SER B 733 -5.77 -11.73 -73.62
N TYR B 734 -6.72 -12.58 -73.22
CA TYR B 734 -8.05 -12.63 -73.83
C TYR B 734 -8.87 -11.33 -73.86
N PRO B 735 -8.73 -10.38 -72.91
CA PRO B 735 -9.38 -9.07 -73.15
C PRO B 735 -8.86 -8.33 -74.37
N VAL B 736 -7.58 -8.50 -74.73
CA VAL B 736 -7.08 -7.93 -75.97
C VAL B 736 -7.73 -8.61 -77.18
N TRP B 737 -7.80 -9.95 -77.13
CA TRP B 737 -8.43 -10.70 -78.21
C TRP B 737 -9.89 -10.32 -78.38
N ALA B 738 -10.57 -9.96 -77.29
CA ALA B 738 -11.95 -9.53 -77.40
C ALA B 738 -12.08 -8.08 -77.88
N SER B 739 -11.12 -7.23 -77.52
CA SER B 739 -11.28 -5.81 -77.78
C SER B 739 -10.70 -5.37 -79.13
N LEU B 740 -9.57 -5.96 -79.55
CA LEU B 740 -8.87 -5.46 -80.73
C LEU B 740 -8.49 -6.55 -81.72
N PRO B 741 -9.43 -7.39 -82.20
CA PRO B 741 -9.03 -8.59 -82.97
C PRO B 741 -8.37 -8.30 -84.31
N GLU B 742 -8.78 -7.22 -84.96
CA GLU B 742 -8.23 -6.84 -86.27
C GLU B 742 -6.74 -6.54 -86.19
N TYR B 743 -6.26 -6.03 -85.06
CA TYR B 743 -4.83 -5.80 -84.86
C TYR B 743 -4.08 -7.08 -84.51
N VAL B 744 -4.73 -7.99 -83.76
CA VAL B 744 -4.08 -9.23 -83.35
C VAL B 744 -3.79 -10.11 -84.57
N LEU B 745 -4.70 -10.10 -85.55
CA LEU B 745 -4.44 -10.85 -86.78
C LEU B 745 -3.22 -10.32 -87.52
N GLN B 746 -3.07 -9.01 -87.60
CA GLN B 746 -1.90 -8.41 -88.27
C GLN B 746 -0.62 -8.69 -87.49
N LEU B 747 -0.70 -8.70 -86.16
CA LEU B 747 0.46 -9.04 -85.34
C LEU B 747 0.89 -10.49 -85.57
N ALA B 748 -0.08 -11.41 -85.67
CA ALA B 748 0.25 -12.81 -85.92
C ALA B 748 0.86 -12.99 -87.30
N ASP B 749 0.32 -12.28 -88.29
CA ASP B 749 0.89 -12.31 -89.63
C ASP B 749 2.33 -11.79 -89.64
N LEU B 750 2.61 -10.75 -88.84
CA LEU B 750 3.97 -10.22 -88.77
C LEU B 750 4.91 -11.18 -88.06
N PHE B 751 4.46 -11.79 -86.97
CA PHE B 751 5.39 -12.54 -86.11
C PHE B 751 5.58 -14.00 -86.52
N TRP B 752 4.60 -14.64 -87.17
CA TRP B 752 4.72 -16.08 -87.42
C TRP B 752 5.47 -16.46 -88.71
N TYR B 753 5.40 -15.67 -89.77
CA TYR B 753 5.86 -16.09 -91.09
C TYR B 753 7.26 -15.57 -91.44
N ARG B 754 8.12 -16.48 -91.93
CA ARG B 754 9.48 -16.19 -92.36
C ARG B 754 9.67 -16.68 -93.79
N PRO B 755 9.65 -15.79 -94.78
CA PRO B 755 9.73 -16.22 -96.19
C PRO B 755 11.04 -16.94 -96.52
N LEU B 756 10.96 -17.91 -97.43
CA LEU B 756 12.14 -18.67 -97.85
C LEU B 756 13.09 -17.78 -98.65
N ASP B 767 15.04 -29.52 -89.49
CA ASP B 767 13.66 -29.70 -89.07
C ASP B 767 12.68 -29.04 -90.04
N ILE B 768 11.50 -29.64 -90.15
CA ILE B 768 10.53 -29.32 -91.20
C ILE B 768 9.98 -27.90 -91.07
N GLU B 769 10.13 -27.28 -89.89
CA GLU B 769 9.78 -25.88 -89.70
C GLU B 769 10.50 -24.97 -90.70
N ASP B 770 11.76 -25.30 -91.02
CA ASP B 770 12.52 -24.52 -91.99
C ASP B 770 11.93 -24.64 -93.39
N GLU B 771 11.30 -25.76 -93.70
CA GLU B 771 10.69 -25.96 -95.02
C GLU B 771 9.34 -25.26 -95.13
N PHE B 772 8.56 -25.26 -94.04
CA PHE B 772 7.32 -24.50 -93.98
C PHE B 772 7.55 -23.00 -93.92
N GLY B 773 8.73 -22.56 -93.48
CA GLY B 773 9.04 -21.15 -93.40
C GLY B 773 8.64 -20.51 -92.09
N LEU B 774 9.01 -21.14 -90.97
CA LEU B 774 8.54 -20.74 -89.65
C LEU B 774 9.72 -20.65 -88.67
N PHE B 775 9.61 -19.74 -87.70
CA PHE B 775 10.68 -19.49 -86.73
C PHE B 775 10.79 -20.62 -85.70
N ARG B 776 12.02 -20.89 -85.25
CA ARG B 776 12.28 -22.04 -84.39
C ARG B 776 11.91 -21.83 -82.93
N SER B 777 11.29 -20.70 -82.55
CA SER B 777 10.64 -20.58 -81.24
C SER B 777 9.33 -21.36 -81.17
N HIS B 778 9.06 -22.12 -82.22
CA HIS B 778 7.84 -22.88 -82.46
C HIS B 778 7.47 -23.82 -81.31
N HIS B 779 8.44 -24.29 -80.54
CA HIS B 779 8.13 -25.13 -79.39
C HIS B 779 7.47 -24.39 -78.23
N ASP B 780 7.17 -23.09 -78.37
CA ASP B 780 6.18 -22.46 -77.49
C ASP B 780 4.83 -23.15 -77.61
N TYR B 781 4.56 -23.82 -78.73
CA TYR B 781 3.29 -24.48 -78.99
C TYR B 781 3.36 -26.00 -78.92
N TYR B 782 4.44 -26.57 -78.31
CA TYR B 782 4.83 -27.98 -78.45
C TYR B 782 3.68 -28.99 -78.24
N PRO B 783 2.98 -29.09 -77.05
CA PRO B 783 1.89 -30.07 -77.02
C PRO B 783 0.67 -29.55 -77.77
N GLU B 784 0.64 -29.82 -79.07
CA GLU B 784 -0.29 -29.18 -80.00
C GLU B 784 -1.74 -29.44 -79.61
N SER B 785 -2.56 -28.39 -79.67
CA SER B 785 -3.87 -28.31 -79.03
C SER B 785 -4.67 -27.10 -79.52
N PRO B 786 -6.01 -27.14 -79.50
CA PRO B 786 -6.78 -25.96 -79.94
C PRO B 786 -6.63 -24.74 -79.04
N TYR B 787 -6.09 -24.89 -77.84
CA TYR B 787 -5.89 -23.78 -76.91
C TYR B 787 -4.48 -23.19 -76.94
N GLN B 788 -3.67 -23.51 -77.95
CA GLN B 788 -2.30 -23.01 -78.01
C GLN B 788 -2.17 -21.58 -78.55
N THR B 789 -3.19 -21.09 -79.25
CA THR B 789 -3.12 -19.85 -80.01
C THR B 789 -4.43 -19.08 -79.84
N PRO B 790 -4.45 -17.78 -80.17
CA PRO B 790 -5.71 -17.01 -80.04
C PRO B 790 -6.79 -17.36 -81.07
N ILE B 791 -6.55 -18.26 -82.03
CA ILE B 791 -7.44 -18.45 -83.18
C ILE B 791 -8.85 -18.88 -82.75
N TYR B 792 -8.94 -19.75 -81.73
CA TYR B 792 -10.25 -20.24 -81.28
C TYR B 792 -11.14 -19.13 -80.77
N TRP B 793 -10.57 -18.11 -80.14
CA TRP B 793 -11.32 -16.97 -79.66
C TRP B 793 -11.54 -15.89 -80.73
N LEU B 794 -10.59 -15.73 -81.65
CA LEU B 794 -10.78 -14.79 -82.76
C LEU B 794 -11.89 -15.24 -83.70
N LEU B 795 -12.13 -16.55 -83.81
CA LEU B 795 -13.27 -17.03 -84.59
C LEU B 795 -14.60 -16.62 -83.97
N GLN B 796 -14.67 -16.56 -82.64
CA GLN B 796 -15.85 -16.05 -81.97
C GLN B 796 -15.95 -14.54 -82.07
N SER B 797 -14.80 -13.86 -82.11
CA SER B 797 -14.78 -12.40 -82.09
C SER B 797 -14.95 -11.79 -83.49
N GLN B 798 -14.24 -12.33 -84.50
CA GLN B 798 -14.26 -11.86 -85.88
C GLN B 798 -14.16 -13.08 -86.81
N PHE B 799 -15.32 -13.63 -87.18
CA PHE B 799 -15.35 -14.92 -87.89
C PHE B 799 -14.78 -14.84 -89.30
N LYS B 800 -15.36 -13.96 -90.13
CA LYS B 800 -15.02 -13.89 -91.55
C LYS B 800 -13.55 -13.57 -91.77
N LYS B 801 -13.03 -12.59 -91.02
CA LYS B 801 -11.64 -12.18 -91.20
C LYS B 801 -10.68 -13.27 -90.72
N THR B 802 -11.08 -14.04 -89.69
CA THR B 802 -10.23 -15.14 -89.24
C THR B 802 -10.20 -16.27 -90.26
N ILE B 803 -11.33 -16.55 -90.91
CA ILE B 803 -11.37 -17.54 -91.98
C ILE B 803 -10.45 -17.14 -93.12
N ASP B 804 -10.50 -15.86 -93.53
CA ASP B 804 -9.60 -15.37 -94.56
C ASP B 804 -8.14 -15.56 -94.16
N PHE B 805 -7.80 -15.24 -92.90
CA PHE B 805 -6.43 -15.39 -92.42
C PHE B 805 -5.97 -16.84 -92.47
N ILE B 806 -6.82 -17.77 -92.01
CA ILE B 806 -6.44 -19.17 -91.98
C ILE B 806 -6.14 -19.68 -93.38
N LEU B 807 -6.99 -19.33 -94.35
CA LEU B 807 -6.78 -19.77 -95.73
C LEU B 807 -5.48 -19.21 -96.32
N ASP B 808 -5.23 -17.90 -96.15
CA ASP B 808 -4.02 -17.31 -96.73
C ASP B 808 -2.74 -17.92 -96.13
N PHE B 809 -2.71 -18.05 -94.80
CA PHE B 809 -1.52 -18.56 -94.13
C PHE B 809 -1.24 -20.00 -94.53
N THR B 810 -2.31 -20.81 -94.64
CA THR B 810 -2.14 -22.20 -95.06
C THR B 810 -1.63 -22.31 -96.49
N ASN B 811 -2.15 -21.48 -97.41
CA ASN B 811 -1.70 -21.56 -98.81
C ASN B 811 -0.22 -21.23 -98.94
N LYS B 812 0.20 -20.12 -98.30
CA LYS B 812 1.62 -19.73 -98.30
C LYS B 812 2.50 -20.86 -97.76
N THR B 813 2.11 -21.39 -96.61
CA THR B 813 2.97 -22.34 -95.90
C THR B 813 3.08 -23.67 -96.66
N THR B 814 1.96 -24.15 -97.22
CA THR B 814 2.03 -25.40 -97.96
C THR B 814 2.85 -25.27 -99.24
N ILE B 815 2.79 -24.10 -99.90
CA ILE B 815 3.61 -23.92 -101.11
C ILE B 815 5.07 -23.92 -100.74
N CYS B 816 5.38 -23.37 -99.56
CA CYS B 816 6.76 -23.35 -99.07
C CYS B 816 7.31 -24.76 -98.88
N PHE B 817 6.51 -25.63 -98.25
CA PHE B 817 6.96 -27.02 -98.05
C PHE B 817 7.03 -27.82 -99.34
N ALA B 818 6.07 -27.60 -100.25
CA ALA B 818 5.94 -28.46 -101.42
C ALA B 818 7.14 -28.37 -102.35
N HIS B 819 7.75 -27.20 -102.44
CA HIS B 819 8.93 -26.98 -103.26
C HIS B 819 10.25 -27.18 -102.52
N SER B 820 10.19 -27.73 -101.31
CA SER B 820 11.40 -28.08 -100.59
C SER B 820 12.03 -29.37 -101.13
N HIS B 821 13.32 -29.55 -100.81
CA HIS B 821 14.02 -30.81 -101.06
C HIS B 821 13.48 -31.94 -100.19
N PHE B 822 12.97 -31.58 -99.01
CA PHE B 822 12.36 -32.51 -98.07
C PHE B 822 11.19 -33.24 -98.73
N ALA B 823 10.39 -32.50 -99.50
CA ALA B 823 9.08 -32.93 -99.96
C ALA B 823 9.11 -33.85 -101.17
N LYS B 824 10.25 -33.90 -101.87
CA LYS B 824 10.27 -34.25 -103.30
C LYS B 824 9.67 -35.60 -103.60
N ASN B 825 9.79 -36.56 -102.67
CA ASN B 825 9.32 -37.92 -102.88
C ASN B 825 8.27 -38.36 -101.86
N GLU B 826 7.54 -37.42 -101.26
CA GLU B 826 6.35 -37.67 -100.46
C GLU B 826 5.11 -36.98 -100.99
N ILE B 827 5.26 -35.81 -101.60
CA ILE B 827 4.10 -34.99 -102.01
C ILE B 827 3.60 -35.36 -103.39
N GLU B 828 2.28 -35.55 -103.49
CA GLU B 828 1.52 -35.72 -104.71
C GLU B 828 0.70 -34.46 -105.00
N GLU B 829 0.14 -34.39 -106.21
CA GLU B 829 -0.86 -33.39 -106.58
C GLU B 829 -2.07 -34.11 -107.18
N VAL B 830 -3.27 -33.62 -106.85
CA VAL B 830 -4.51 -34.25 -107.29
C VAL B 830 -5.48 -33.20 -107.84
N ASP B 831 -6.22 -33.57 -108.89
CA ASP B 831 -7.33 -32.77 -109.41
C ASP B 831 -8.59 -33.02 -108.57
N VAL B 832 -9.18 -31.95 -108.05
CA VAL B 832 -10.33 -32.02 -107.15
C VAL B 832 -11.56 -31.48 -107.87
N PHE B 833 -12.64 -32.27 -107.86
CA PHE B 833 -13.90 -31.87 -108.49
C PHE B 833 -14.66 -30.88 -107.62
N ILE B 834 -15.23 -29.85 -108.26
CA ILE B 834 -16.00 -28.83 -107.54
C ILE B 834 -17.40 -28.66 -108.11
N GLU B 835 -17.52 -28.64 -109.45
CA GLU B 835 -18.82 -28.54 -110.12
C GLU B 835 -18.64 -29.17 -111.50
N GLU B 836 -19.76 -29.38 -112.20
CA GLU B 836 -19.78 -29.94 -113.54
C GLU B 836 -18.87 -29.16 -114.48
N GLY B 837 -17.77 -29.79 -114.87
CA GLY B 837 -16.76 -29.15 -115.69
C GLY B 837 -15.74 -28.30 -114.94
N LYS B 838 -15.76 -28.31 -113.61
CA LYS B 838 -14.89 -27.46 -112.80
C LYS B 838 -13.99 -28.30 -111.90
N PHE B 839 -12.67 -28.17 -112.09
CA PHE B 839 -11.66 -28.86 -111.28
C PHE B 839 -10.58 -27.87 -110.85
N ILE B 840 -9.95 -28.15 -109.70
CA ILE B 840 -8.78 -27.43 -109.22
C ILE B 840 -7.79 -28.46 -108.67
N LYS B 841 -6.52 -28.04 -108.50
CA LYS B 841 -5.47 -28.92 -108.01
C LYS B 841 -4.97 -28.53 -106.62
N GLN B 842 -4.69 -29.56 -105.82
CA GLN B 842 -4.25 -29.46 -104.43
C GLN B 842 -3.07 -30.40 -104.18
N TYR B 843 -2.18 -30.00 -103.26
CA TYR B 843 -1.09 -30.84 -102.79
C TYR B 843 -1.58 -31.78 -101.68
N ILE B 844 -1.05 -33.01 -101.67
CA ILE B 844 -1.55 -34.02 -100.73
C ILE B 844 -0.48 -35.06 -100.41
N CYS B 845 -0.51 -35.53 -99.17
CA CYS B 845 0.22 -36.69 -98.65
C CYS B 845 -0.33 -37.00 -97.26
N ASN B 846 0.12 -38.12 -96.68
CA ASN B 846 -0.35 -38.52 -95.35
C ASN B 846 0.01 -37.50 -94.28
N ARG B 847 1.14 -36.81 -94.43
CA ARG B 847 1.56 -35.84 -93.43
C ARG B 847 0.65 -34.61 -93.43
N LEU B 848 0.21 -34.18 -94.60
CA LEU B 848 -0.71 -33.05 -94.70
C LEU B 848 -2.12 -33.43 -94.27
N TRP B 849 -2.59 -34.61 -94.68
CA TRP B 849 -3.97 -35.02 -94.39
C TRP B 849 -4.23 -35.14 -92.89
N CYS B 850 -3.27 -35.61 -92.12
CA CYS B 850 -3.50 -35.92 -90.72
C CYS B 850 -3.14 -34.77 -89.77
N SER B 851 -2.98 -33.55 -90.31
CA SER B 851 -2.53 -32.40 -89.50
C SER B 851 -3.46 -32.12 -88.34
N TYR B 852 -4.76 -32.16 -88.58
CA TYR B 852 -5.76 -31.86 -87.55
C TYR B 852 -5.90 -32.93 -86.47
N ARG B 853 -5.22 -34.07 -86.61
CA ARG B 853 -5.24 -35.15 -85.63
C ARG B 853 -3.99 -35.24 -84.78
N GLY B 854 -2.84 -34.82 -85.29
CA GLY B 854 -1.60 -34.98 -84.55
C GLY B 854 -0.99 -36.35 -84.59
N THR B 855 -1.53 -37.25 -85.41
CA THR B 855 -1.02 -38.60 -85.54
C THR B 855 0.22 -38.72 -86.41
N GLN B 856 0.64 -37.63 -87.05
CA GLN B 856 1.79 -37.61 -87.94
C GLN B 856 2.74 -36.50 -87.54
N VAL B 857 4.01 -36.67 -87.93
CA VAL B 857 5.04 -35.70 -87.56
C VAL B 857 4.89 -34.46 -88.44
N SER B 858 4.28 -33.42 -87.86
CA SER B 858 4.02 -32.17 -88.57
C SER B 858 3.98 -31.04 -87.55
N THR B 859 4.06 -29.82 -88.07
CA THR B 859 4.21 -28.60 -87.30
C THR B 859 3.11 -28.40 -86.26
N TYR B 860 3.54 -28.18 -85.01
CA TYR B 860 2.60 -28.00 -83.90
C TYR B 860 1.72 -26.76 -84.09
N LEU B 861 2.27 -25.69 -84.67
CA LEU B 861 1.49 -24.47 -84.91
C LEU B 861 0.35 -24.72 -85.89
N LEU B 862 0.67 -25.30 -87.05
CA LEU B 862 -0.34 -25.61 -88.05
C LEU B 862 -1.34 -26.64 -87.53
N SER B 863 -0.83 -27.63 -86.79
CA SER B 863 -1.72 -28.61 -86.16
C SER B 863 -2.70 -27.92 -85.23
N SER B 864 -2.21 -26.98 -84.41
CA SER B 864 -3.07 -26.30 -83.45
C SER B 864 -4.12 -25.44 -84.13
N ILE B 865 -3.75 -24.79 -85.25
CA ILE B 865 -4.71 -23.99 -86.01
C ILE B 865 -5.83 -24.87 -86.56
N HIS B 866 -5.46 -26.02 -87.14
CA HIS B 866 -6.49 -26.88 -87.72
C HIS B 866 -7.36 -27.57 -86.66
N MET B 867 -6.79 -27.91 -85.49
CA MET B 867 -7.62 -28.36 -84.37
C MET B 867 -8.60 -27.28 -83.92
N ALA B 868 -8.16 -26.02 -83.83
CA ALA B 868 -9.07 -24.97 -83.39
C ALA B 868 -10.23 -24.82 -84.37
N LEU B 869 -9.94 -24.89 -85.68
CA LEU B 869 -11.01 -24.76 -86.67
C LEU B 869 -12.02 -25.90 -86.57
N GLU B 870 -11.53 -27.15 -86.42
CA GLU B 870 -12.46 -28.27 -86.30
C GLU B 870 -13.31 -28.16 -85.03
N LYS B 871 -12.70 -27.76 -83.92
CA LYS B 871 -13.44 -27.64 -82.66
C LYS B 871 -14.52 -26.56 -82.74
N PHE B 872 -14.21 -25.44 -83.39
CA PHE B 872 -15.23 -24.40 -83.56
C PHE B 872 -16.42 -24.89 -84.36
N PHE B 873 -16.16 -25.57 -85.48
CA PHE B 873 -17.30 -26.05 -86.27
C PHE B 873 -18.11 -27.11 -85.54
N LEU B 874 -17.45 -28.01 -84.80
CA LEU B 874 -18.20 -29.03 -84.09
C LEU B 874 -19.01 -28.47 -82.92
N GLU B 875 -18.52 -27.41 -82.28
CA GLU B 875 -19.24 -26.83 -81.14
C GLU B 875 -20.37 -25.88 -81.57
N ASN B 876 -20.11 -24.99 -82.53
CA ASN B 876 -21.00 -23.86 -82.73
C ASN B 876 -22.04 -24.02 -83.84
N PHE B 877 -21.85 -24.93 -84.79
CA PHE B 877 -22.83 -25.16 -85.86
C PHE B 877 -23.76 -26.34 -85.58
N LYS B 878 -23.80 -26.83 -84.33
CA LYS B 878 -24.48 -28.07 -83.97
C LYS B 878 -25.99 -27.99 -84.19
N ASN B 879 -26.57 -26.79 -84.13
CA ASN B 879 -28.00 -26.59 -84.35
C ASN B 879 -28.30 -25.69 -85.53
N ALA B 880 -27.38 -25.60 -86.49
CA ALA B 880 -27.50 -24.64 -87.58
C ALA B 880 -28.48 -25.09 -88.66
N ASP B 881 -28.93 -24.10 -89.44
CA ASP B 881 -29.71 -24.35 -90.64
C ASP B 881 -28.78 -24.91 -91.71
N SER B 882 -29.25 -25.96 -92.40
CA SER B 882 -28.37 -26.79 -93.24
C SER B 882 -27.71 -25.97 -94.34
N LYS B 883 -28.44 -24.98 -94.87
CA LYS B 883 -27.93 -24.19 -95.98
C LYS B 883 -26.70 -23.39 -95.57
N VAL B 884 -26.72 -22.85 -94.35
CA VAL B 884 -25.60 -22.07 -93.81
C VAL B 884 -24.34 -22.95 -93.70
N LEU B 885 -24.48 -24.12 -93.08
CA LEU B 885 -23.36 -25.02 -92.85
C LEU B 885 -22.76 -25.50 -94.16
N GLU B 886 -23.62 -25.93 -95.09
CA GLU B 886 -23.12 -26.43 -96.37
C GLU B 886 -22.45 -25.32 -97.18
N SER B 887 -22.99 -24.10 -97.12
CA SER B 887 -22.37 -23.00 -97.85
C SER B 887 -20.98 -22.70 -97.33
N TRP B 888 -20.76 -22.72 -96.01
CA TRP B 888 -19.41 -22.47 -95.52
C TRP B 888 -18.45 -23.61 -95.85
N LEU B 889 -18.91 -24.86 -95.78
CA LEU B 889 -18.01 -25.99 -96.12
C LEU B 889 -17.57 -25.94 -97.57
N LEU B 890 -18.50 -25.61 -98.48
CA LEU B 890 -18.14 -25.48 -99.89
C LEU B 890 -17.21 -24.29 -100.13
N PHE B 891 -17.40 -23.19 -99.37
CA PHE B 891 -16.47 -22.07 -99.46
C PHE B 891 -15.06 -22.47 -99.09
N LEU B 892 -14.92 -23.29 -98.03
CA LEU B 892 -13.58 -23.76 -97.66
C LEU B 892 -12.96 -24.63 -98.75
N LEU B 893 -13.75 -25.52 -99.36
CA LEU B 893 -13.19 -26.37 -100.42
C LEU B 893 -12.71 -25.56 -101.62
N ARG B 894 -13.47 -24.53 -102.02
CA ARG B 894 -13.12 -23.79 -103.25
C ARG B 894 -11.79 -23.04 -103.14
N ASN B 895 -11.39 -22.64 -101.93
CA ASN B 895 -10.31 -21.66 -101.79
C ASN B 895 -8.98 -22.24 -101.29
N THR B 896 -8.96 -23.48 -100.80
CA THR B 896 -7.71 -24.05 -100.32
C THR B 896 -6.85 -24.61 -101.45
N LYS B 897 -5.54 -24.47 -101.30
CA LYS B 897 -4.58 -25.18 -102.13
C LYS B 897 -3.96 -26.38 -101.40
N SER B 898 -4.34 -26.62 -100.15
CA SER B 898 -3.77 -27.66 -99.32
C SER B 898 -4.86 -28.64 -98.91
N ALA B 899 -4.58 -29.94 -99.04
CA ALA B 899 -5.55 -30.98 -98.66
C ALA B 899 -5.80 -31.04 -97.16
N SER B 900 -4.97 -30.37 -96.36
CA SER B 900 -5.15 -30.36 -94.92
C SER B 900 -6.43 -29.64 -94.52
N ILE B 901 -6.95 -28.73 -95.35
CA ILE B 901 -8.27 -28.14 -95.12
C ILE B 901 -9.37 -29.12 -95.53
N SER B 902 -9.17 -29.80 -96.67
CA SER B 902 -10.15 -30.75 -97.16
C SER B 902 -10.38 -31.88 -96.17
N ALA B 903 -9.35 -32.26 -95.41
CA ALA B 903 -9.53 -33.26 -94.36
C ALA B 903 -10.47 -32.77 -93.26
N VAL B 904 -10.34 -31.50 -92.86
CA VAL B 904 -11.22 -30.94 -91.83
C VAL B 904 -12.66 -30.90 -92.32
N VAL B 905 -12.86 -30.51 -93.58
CA VAL B 905 -14.20 -30.49 -94.17
C VAL B 905 -14.80 -31.90 -94.16
N THR B 906 -13.99 -32.89 -94.54
CA THR B 906 -14.42 -34.28 -94.51
C THR B 906 -14.83 -34.72 -93.10
N SER B 907 -14.06 -34.31 -92.09
CA SER B 907 -14.40 -34.64 -90.71
C SER B 907 -15.76 -34.09 -90.31
N ILE B 908 -16.05 -32.85 -90.71
CA ILE B 908 -17.35 -32.27 -90.35
C ILE B 908 -18.49 -32.95 -91.10
N VAL B 909 -18.26 -33.37 -92.35
CA VAL B 909 -19.29 -34.10 -93.08
C VAL B 909 -19.57 -35.45 -92.42
N LEU B 910 -18.52 -36.10 -91.92
CA LEU B 910 -18.72 -37.35 -91.18
C LEU B 910 -19.43 -37.12 -89.85
N ALA B 911 -19.33 -35.91 -89.28
CA ALA B 911 -19.96 -35.68 -87.99
C ALA B 911 -21.45 -35.38 -88.08
N PHE B 912 -21.89 -34.67 -89.12
CA PHE B 912 -23.30 -34.28 -89.30
C PHE B 912 -23.84 -34.82 -90.61
N PRO B 913 -23.97 -36.15 -90.76
CA PRO B 913 -24.15 -36.72 -92.12
C PRO B 913 -25.50 -36.46 -92.75
N GLU B 914 -26.56 -36.29 -91.96
CA GLU B 914 -27.89 -36.00 -92.50
C GLU B 914 -28.15 -34.52 -92.78
N LYS B 915 -27.30 -33.63 -92.28
CA LYS B 915 -27.38 -32.23 -92.66
C LYS B 915 -26.59 -31.91 -93.92
N THR B 916 -25.62 -32.75 -94.30
CA THR B 916 -24.57 -32.32 -95.21
C THR B 916 -24.45 -33.17 -96.48
N PHE B 917 -25.54 -33.76 -96.97
CA PHE B 917 -25.47 -34.63 -98.14
C PHE B 917 -24.97 -33.92 -99.39
N ASN B 918 -25.31 -32.64 -99.56
CA ASN B 918 -24.88 -31.93 -100.75
C ASN B 918 -23.38 -31.65 -100.75
N VAL B 919 -22.72 -31.69 -99.60
CA VAL B 919 -21.27 -31.62 -99.59
C VAL B 919 -20.66 -33.00 -99.82
N ALA B 920 -21.24 -34.03 -99.21
CA ALA B 920 -20.76 -35.40 -99.39
C ALA B 920 -20.80 -35.81 -100.85
N LYS B 921 -21.82 -35.35 -101.57
CA LYS B 921 -21.94 -35.56 -103.01
C LYS B 921 -20.70 -35.07 -103.76
N VAL B 922 -20.12 -33.96 -103.31
CA VAL B 922 -18.93 -33.44 -103.98
C VAL B 922 -17.69 -34.25 -103.61
N LEU B 923 -17.60 -34.68 -102.35
CA LEU B 923 -16.41 -35.42 -101.89
C LEU B 923 -16.30 -36.79 -102.54
N PHE B 924 -17.43 -37.48 -102.75
CA PHE B 924 -17.39 -38.80 -103.38
C PHE B 924 -16.89 -38.77 -104.83
N GLN B 925 -16.88 -37.61 -105.48
CA GLN B 925 -16.47 -37.52 -106.88
C GLN B 925 -14.98 -37.26 -107.07
N THR B 926 -14.19 -37.24 -105.99
CA THR B 926 -12.73 -37.18 -106.06
C THR B 926 -12.17 -38.48 -105.52
N LYS B 927 -11.37 -39.17 -106.33
CA LYS B 927 -11.04 -40.56 -106.06
C LYS B 927 -10.07 -40.71 -104.89
N ASP B 928 -9.04 -39.86 -104.83
CA ASP B 928 -7.95 -40.07 -103.88
C ASP B 928 -8.34 -39.83 -102.43
N PHE B 929 -9.43 -39.10 -102.16
CA PHE B 929 -9.86 -38.89 -100.77
C PHE B 929 -10.23 -40.20 -100.08
N PHE B 930 -10.68 -41.21 -100.84
CA PHE B 930 -10.94 -42.53 -100.26
C PHE B 930 -9.66 -43.19 -99.73
N ARG B 931 -8.53 -42.99 -100.42
CA ARG B 931 -7.27 -43.62 -100.04
C ARG B 931 -6.76 -43.07 -98.70
N PHE B 932 -6.71 -41.74 -98.61
CA PHE B 932 -6.10 -41.09 -97.45
C PHE B 932 -7.00 -41.16 -96.22
N ASP B 933 -8.32 -41.12 -96.41
CA ASP B 933 -9.23 -41.27 -95.27
C ASP B 933 -9.13 -42.67 -94.66
N MET B 934 -8.92 -43.69 -95.48
CA MET B 934 -8.74 -45.04 -94.96
C MET B 934 -7.43 -45.16 -94.18
N ASN B 935 -6.35 -44.52 -94.68
CA ASN B 935 -5.11 -44.47 -93.89
C ASN B 935 -5.33 -43.81 -92.54
N ARG B 936 -6.06 -42.68 -92.51
CA ARG B 936 -6.42 -42.03 -91.24
C ARG B 936 -7.17 -42.97 -90.29
N MET B 937 -8.15 -43.70 -90.82
CA MET B 937 -8.97 -44.57 -89.98
C MET B 937 -8.12 -45.64 -89.30
N VAL B 938 -7.18 -46.23 -90.06
CA VAL B 938 -6.30 -47.22 -89.45
C VAL B 938 -5.42 -46.60 -88.38
N LEU B 939 -4.92 -45.37 -88.59
CA LEU B 939 -4.08 -44.75 -87.56
C LEU B 939 -4.87 -44.40 -86.30
N ASP B 940 -6.08 -43.82 -86.49
CA ASP B 940 -6.95 -43.43 -85.37
C ASP B 940 -7.29 -44.63 -84.51
N ARG B 941 -7.48 -45.79 -85.12
CA ARG B 941 -7.82 -46.95 -84.32
C ARG B 941 -6.67 -47.51 -83.49
N THR B 942 -5.48 -46.85 -83.43
CA THR B 942 -4.34 -47.28 -82.61
C THR B 942 -3.75 -46.17 -81.75
N HIS B 943 -3.78 -44.92 -82.22
CA HIS B 943 -3.09 -43.78 -81.59
C HIS B 943 -3.40 -43.57 -80.11
N LYS B 944 -4.65 -43.83 -79.70
CA LYS B 944 -5.06 -43.60 -78.32
C LYS B 944 -4.23 -44.41 -77.34
N SER B 945 -3.91 -45.66 -77.69
CA SER B 945 -3.07 -46.49 -76.84
C SER B 945 -1.67 -45.92 -76.70
N SER B 946 -1.15 -45.28 -77.74
CA SER B 946 0.20 -44.72 -77.67
C SER B 946 0.23 -43.44 -76.85
N LEU B 947 -0.89 -42.72 -76.78
CA LEU B 947 -1.00 -41.67 -75.76
C LEU B 947 -1.09 -42.28 -74.37
N ILE B 948 -1.97 -43.26 -74.19
CA ILE B 948 -2.26 -43.86 -72.90
C ILE B 948 -1.40 -45.09 -72.65
N ASN B 961 0.49 -29.15 -68.36
CA ASN B 961 -0.04 -29.24 -69.72
C ASN B 961 -1.35 -30.04 -69.78
N SER B 962 -1.90 -30.35 -68.60
CA SER B 962 -3.06 -31.23 -68.51
C SER B 962 -4.29 -30.64 -69.21
N LEU B 963 -4.37 -29.32 -69.33
CA LEU B 963 -5.41 -28.65 -70.10
C LEU B 963 -5.43 -29.16 -71.54
N HIS B 964 -4.25 -29.35 -72.12
CA HIS B 964 -4.13 -29.77 -73.51
C HIS B 964 -4.28 -31.28 -73.64
N GLU B 965 -3.68 -32.02 -72.70
CA GLU B 965 -3.65 -33.47 -72.78
C GLU B 965 -5.02 -34.08 -72.53
N GLU B 966 -5.81 -33.49 -71.62
CA GLU B 966 -7.17 -34.01 -71.41
C GLU B 966 -8.04 -33.77 -72.63
N ASP B 967 -7.82 -32.67 -73.35
CA ASP B 967 -8.55 -32.43 -74.59
C ASP B 967 -8.15 -33.43 -75.67
N ARG B 968 -6.87 -33.79 -75.73
CA ARG B 968 -6.45 -34.84 -76.66
C ARG B 968 -7.05 -36.19 -76.31
N ILE B 969 -7.07 -36.53 -75.02
CA ILE B 969 -7.61 -37.81 -74.58
C ILE B 969 -9.11 -37.89 -74.87
N LYS B 970 -9.82 -36.79 -74.59
CA LYS B 970 -11.26 -36.74 -74.86
C LYS B 970 -11.55 -36.81 -76.35
N ALA B 971 -10.69 -36.19 -77.18
CA ALA B 971 -10.90 -36.21 -78.62
C ALA B 971 -10.78 -37.62 -79.18
N CYS B 972 -9.96 -38.46 -78.55
CA CYS B 972 -9.86 -39.85 -78.98
C CYS B 972 -11.13 -40.63 -78.69
N ASP B 973 -12.00 -40.10 -77.82
CA ASP B 973 -13.30 -40.73 -77.55
C ASP B 973 -14.45 -40.15 -78.37
N ASP B 974 -14.17 -39.24 -79.31
CA ASP B 974 -15.19 -38.72 -80.21
C ASP B 974 -15.78 -39.87 -81.03
N VAL B 975 -17.12 -39.96 -81.06
CA VAL B 975 -17.79 -41.12 -81.67
C VAL B 975 -17.53 -41.18 -83.18
N HIS B 976 -17.50 -40.03 -83.84
CA HIS B 976 -17.39 -40.03 -85.30
C HIS B 976 -16.01 -40.38 -85.83
N ARG B 977 -15.01 -40.56 -84.97
CA ARG B 977 -13.68 -40.93 -85.45
C ARG B 977 -13.67 -42.35 -86.02
N ASN B 978 -14.66 -43.18 -85.64
CA ASN B 978 -14.70 -44.58 -86.04
C ASN B 978 -15.08 -44.80 -87.50
N THR B 979 -15.75 -43.83 -88.13
CA THR B 979 -16.25 -43.99 -89.48
C THR B 979 -15.37 -43.31 -90.52
N TYR B 980 -15.67 -43.60 -91.80
CA TYR B 980 -14.87 -43.17 -92.93
C TYR B 980 -15.75 -43.26 -94.17
N LEU B 981 -15.25 -42.70 -95.29
CA LEU B 981 -16.10 -42.37 -96.43
C LEU B 981 -16.79 -43.57 -97.07
N GLU B 982 -16.19 -44.77 -97.01
CA GLU B 982 -16.86 -45.95 -97.56
C GLU B 982 -18.13 -46.29 -96.79
N ASN B 983 -18.05 -46.25 -95.45
CA ASN B 983 -19.23 -46.48 -94.61
C ASN B 983 -20.32 -45.47 -94.91
N LEU B 984 -19.95 -44.21 -95.13
CA LEU B 984 -20.93 -43.19 -95.44
C LEU B 984 -21.58 -43.42 -96.80
N ALA B 985 -20.80 -43.84 -97.80
CA ALA B 985 -21.36 -44.10 -99.11
C ALA B 985 -22.33 -45.27 -99.08
N LEU B 986 -22.04 -46.28 -98.26
CA LEU B 986 -23.00 -47.38 -98.14
C LEU B 986 -24.22 -46.94 -97.35
N HIS B 987 -23.99 -46.14 -96.32
CA HIS B 987 -25.06 -45.82 -95.38
C HIS B 987 -26.22 -45.06 -96.01
N TYR B 988 -25.93 -44.09 -96.88
CA TYR B 988 -26.98 -43.36 -97.59
C TYR B 988 -27.85 -44.23 -98.50
N GLN B 989 -27.39 -45.43 -98.86
CA GLN B 989 -28.17 -46.32 -99.73
C GLN B 989 -29.11 -47.23 -98.97
N ILE B 990 -29.06 -47.25 -97.64
CA ILE B 990 -29.75 -48.26 -96.86
C ILE B 990 -30.65 -47.65 -95.77
N PHE B 991 -30.17 -46.64 -95.06
CA PHE B 991 -30.88 -46.17 -93.87
C PHE B 991 -31.57 -44.84 -94.08
N ARG B 992 -32.76 -44.71 -93.48
CA ARG B 992 -33.60 -43.51 -93.55
C ARG B 992 -33.96 -43.06 -92.14
N SER B 993 -33.65 -41.81 -91.84
CA SER B 993 -33.92 -41.21 -90.54
C SER B 993 -35.26 -40.47 -90.54
N GLU B 994 -35.63 -39.97 -89.35
CA GLU B 994 -36.96 -39.44 -89.12
C GLU B 994 -37.29 -38.22 -89.98
N ASN B 995 -36.29 -37.53 -90.52
CA ASN B 995 -36.45 -36.27 -91.25
C ASN B 995 -36.49 -36.45 -92.76
N VAL B 996 -36.26 -37.66 -93.26
CA VAL B 996 -35.97 -37.90 -94.68
C VAL B 996 -37.11 -38.71 -95.29
N THR B 997 -37.63 -38.25 -96.43
CA THR B 997 -38.70 -38.95 -97.10
C THR B 997 -38.15 -40.08 -97.97
N GLU B 998 -39.06 -40.98 -98.38
CA GLU B 998 -38.68 -42.02 -99.32
C GLU B 998 -38.31 -41.43 -100.68
N LYS B 999 -38.93 -40.30 -101.04
CA LYS B 999 -38.57 -39.63 -102.29
C LYS B 999 -37.14 -39.10 -102.22
N ASP B 1000 -36.74 -38.52 -101.08
CA ASP B 1000 -35.36 -38.09 -100.89
C ASP B 1000 -34.40 -39.27 -100.98
N ALA B 1001 -34.78 -40.40 -100.39
CA ALA B 1001 -33.87 -41.55 -100.35
C ALA B 1001 -33.71 -42.18 -101.73
N ILE B 1002 -34.79 -42.19 -102.52
CA ILE B 1002 -34.71 -42.65 -103.91
C ILE B 1002 -33.77 -41.76 -104.72
N GLU B 1003 -33.85 -40.46 -104.49
CA GLU B 1003 -32.97 -39.53 -105.19
C GLU B 1003 -31.50 -39.71 -104.78
N ARG B 1004 -31.25 -39.97 -103.49
CA ARG B 1004 -29.90 -40.26 -103.02
C ARG B 1004 -29.33 -41.50 -103.70
N GLN B 1005 -30.16 -42.55 -103.82
CA GLN B 1005 -29.74 -43.77 -104.51
C GLN B 1005 -29.39 -43.49 -105.98
N GLN B 1006 -30.24 -42.73 -106.68
CA GLN B 1006 -30.00 -42.46 -108.10
C GLN B 1006 -28.72 -41.67 -108.31
N VAL B 1007 -28.46 -40.68 -107.44
CA VAL B 1007 -27.23 -39.88 -107.53
C VAL B 1007 -25.99 -40.76 -107.34
N LEU B 1008 -26.01 -41.57 -106.27
CA LEU B 1008 -24.84 -42.41 -105.97
C LEU B 1008 -24.60 -43.45 -107.06
N TRP B 1009 -25.68 -43.99 -107.64
CA TRP B 1009 -25.52 -44.98 -108.71
C TRP B 1009 -25.00 -44.35 -109.99
N ASP B 1010 -25.37 -43.10 -110.30
CA ASP B 1010 -24.70 -42.42 -111.42
C ASP B 1010 -23.21 -42.25 -111.15
N ILE B 1011 -22.83 -41.93 -109.91
CA ILE B 1011 -21.41 -41.77 -109.60
C ILE B 1011 -20.65 -43.10 -109.75
N PHE B 1012 -21.22 -44.20 -109.23
CA PHE B 1012 -20.59 -45.50 -109.37
C PHE B 1012 -20.44 -45.90 -110.84
N ASP B 1013 -21.50 -45.72 -111.64
CA ASP B 1013 -21.43 -46.07 -113.06
C ASP B 1013 -20.37 -45.24 -113.78
N LYS B 1014 -20.24 -43.96 -113.41
CA LYS B 1014 -19.20 -43.14 -114.04
C LYS B 1014 -17.81 -43.60 -113.61
N TYR B 1015 -17.68 -44.23 -112.44
CA TYR B 1015 -16.37 -44.76 -112.11
C TYR B 1015 -16.05 -46.07 -112.83
N TYR B 1016 -17.04 -46.97 -112.95
CA TYR B 1016 -16.83 -48.26 -113.64
C TYR B 1016 -16.39 -48.06 -115.09
N ASN B 1017 -16.98 -47.07 -115.75
CA ASN B 1017 -16.72 -46.76 -117.16
C ASN B 1017 -15.25 -46.38 -117.42
N GLN B 1018 -14.51 -45.97 -116.40
CA GLN B 1018 -13.16 -45.46 -116.56
C GLN B 1018 -12.06 -46.49 -116.29
N LEU B 1019 -12.42 -47.71 -115.89
CA LEU B 1019 -11.43 -48.72 -115.51
C LEU B 1019 -10.66 -49.19 -116.75
N PRO B 1020 -9.38 -49.54 -116.61
CA PRO B 1020 -8.56 -49.90 -117.78
C PRO B 1020 -8.81 -51.32 -118.25
N ASP B 1021 -8.26 -51.63 -119.43
CA ASP B 1021 -8.23 -53.00 -119.93
C ASP B 1021 -7.47 -53.88 -118.96
N GLU B 1022 -8.00 -55.08 -118.71
CA GLU B 1022 -7.64 -55.83 -117.51
C GLU B 1022 -6.19 -56.31 -117.52
N ALA B 1023 -5.59 -56.47 -118.70
CA ALA B 1023 -4.17 -56.82 -118.75
C ALA B 1023 -3.26 -55.69 -118.28
N GLN B 1024 -3.77 -54.46 -118.23
CA GLN B 1024 -2.99 -53.30 -117.84
C GLN B 1024 -2.90 -53.09 -116.33
N GLU B 1025 -3.69 -53.83 -115.55
CA GLU B 1025 -3.91 -53.50 -114.14
C GLU B 1025 -2.67 -53.67 -113.28
N THR B 1026 -2.46 -52.74 -112.36
CA THR B 1026 -1.58 -52.90 -111.22
C THR B 1026 -2.41 -53.12 -109.97
N GLU B 1027 -1.72 -53.45 -108.86
CA GLU B 1027 -2.42 -53.79 -107.63
C GLU B 1027 -3.20 -52.60 -107.05
N ALA B 1028 -2.84 -51.37 -107.41
CA ALA B 1028 -3.65 -50.22 -107.04
C ALA B 1028 -5.03 -50.28 -107.70
N ASP B 1029 -5.07 -50.70 -108.98
CA ASP B 1029 -6.35 -50.85 -109.66
C ASP B 1029 -7.19 -51.95 -109.03
N LYS B 1030 -6.56 -53.05 -108.64
CA LYS B 1030 -7.30 -54.14 -107.99
C LYS B 1030 -7.82 -53.69 -106.63
N THR B 1031 -7.03 -52.89 -105.91
CA THR B 1031 -7.47 -52.33 -104.64
C THR B 1031 -8.66 -51.40 -104.82
N TRP B 1032 -8.63 -50.53 -105.84
CA TRP B 1032 -9.75 -49.64 -106.11
C TRP B 1032 -11.00 -50.40 -106.52
N ARG B 1033 -10.84 -51.48 -107.29
CA ARG B 1033 -12.01 -52.29 -107.67
C ARG B 1033 -12.62 -52.96 -106.45
N LEU B 1034 -11.78 -53.46 -105.53
CA LEU B 1034 -12.29 -54.01 -104.28
C LEU B 1034 -13.00 -52.94 -103.45
N CYS B 1035 -12.46 -51.71 -103.46
CA CYS B 1035 -13.08 -50.58 -102.77
C CYS B 1035 -14.48 -50.30 -103.29
N LEU B 1036 -14.61 -50.23 -104.62
CA LEU B 1036 -15.92 -50.01 -105.23
C LEU B 1036 -16.88 -51.15 -104.90
N ALA B 1037 -16.37 -52.39 -104.83
CA ALA B 1037 -17.24 -53.53 -104.51
C ALA B 1037 -17.82 -53.44 -103.11
N ARG B 1038 -17.14 -52.75 -102.19
CA ARG B 1038 -17.66 -52.61 -100.83
C ARG B 1038 -18.76 -51.56 -100.70
N MET B 1039 -19.01 -50.77 -101.74
CA MET B 1039 -19.93 -49.63 -101.67
C MET B 1039 -21.23 -49.81 -102.44
N ASP B 1040 -21.23 -50.51 -103.58
CA ASP B 1040 -22.35 -50.50 -104.52
C ASP B 1040 -23.37 -51.54 -104.07
N ARG B 1041 -24.54 -51.08 -103.61
CA ARG B 1041 -25.56 -51.97 -103.07
C ARG B 1041 -26.21 -52.86 -104.12
N ARG B 1042 -26.19 -52.45 -105.39
CA ARG B 1042 -26.87 -53.19 -106.45
C ARG B 1042 -26.32 -54.60 -106.62
N LYS B 1043 -25.05 -54.82 -106.28
CA LYS B 1043 -24.35 -56.07 -106.55
C LYS B 1043 -24.03 -56.84 -105.27
N MET B 1044 -24.98 -56.90 -104.32
CA MET B 1044 -24.76 -57.53 -103.01
C MET B 1044 -25.92 -58.46 -102.62
N LYS B 1045 -25.57 -59.55 -101.94
CA LYS B 1045 -26.48 -60.41 -101.18
C LYS B 1045 -26.42 -60.05 -99.70
N ILE B 1046 -27.46 -60.47 -98.95
CA ILE B 1046 -27.60 -60.12 -97.54
C ILE B 1046 -27.92 -61.38 -96.72
N THR B 1047 -27.33 -61.46 -95.51
CA THR B 1047 -27.68 -62.50 -94.54
C THR B 1047 -27.44 -61.97 -93.12
N THR B 1048 -28.12 -62.58 -92.14
CA THR B 1048 -28.26 -62.02 -90.79
C THR B 1048 -28.23 -63.11 -89.70
N LYS B 1049 -27.76 -62.73 -88.49
CA LYS B 1049 -27.84 -63.56 -87.29
C LYS B 1049 -28.11 -62.72 -86.05
N GLU B 1050 -29.08 -63.17 -85.22
CA GLU B 1050 -29.42 -62.49 -83.97
C GLU B 1050 -28.47 -62.85 -82.84
N LYS B 1051 -28.19 -61.87 -81.97
CA LYS B 1051 -27.24 -62.01 -80.87
C LYS B 1051 -27.73 -61.18 -79.69
N ASP B 1052 -27.05 -61.33 -78.53
CA ASP B 1052 -27.40 -60.56 -77.34
C ASP B 1052 -27.27 -59.05 -77.55
N GLU B 1053 -26.37 -58.63 -78.45
CA GLU B 1053 -26.14 -57.23 -78.75
C GLU B 1053 -27.07 -56.68 -79.82
N GLY B 1054 -27.98 -57.50 -80.36
CA GLY B 1054 -28.86 -57.04 -81.42
C GLY B 1054 -28.91 -58.02 -82.58
N ILE B 1055 -28.73 -57.52 -83.80
CA ILE B 1055 -28.67 -58.38 -84.99
C ILE B 1055 -27.39 -58.06 -85.74
N GLU B 1056 -26.61 -59.10 -86.02
CA GLU B 1056 -25.45 -58.99 -86.88
C GLU B 1056 -25.85 -59.16 -88.33
N ILE B 1057 -25.34 -58.29 -89.20
CA ILE B 1057 -25.68 -58.28 -90.62
C ILE B 1057 -24.39 -58.52 -91.41
N SER B 1058 -24.45 -59.42 -92.39
CA SER B 1058 -23.35 -59.59 -93.33
C SER B 1058 -23.78 -59.14 -94.71
N PHE B 1059 -22.99 -58.25 -95.33
CA PHE B 1059 -23.23 -57.75 -96.67
C PHE B 1059 -22.22 -58.39 -97.61
N ASN B 1060 -22.70 -59.10 -98.63
CA ASN B 1060 -21.86 -59.99 -99.43
C ASN B 1060 -21.76 -59.54 -100.87
N PRO B 1061 -20.64 -58.95 -101.30
CA PRO B 1061 -20.54 -58.48 -102.70
C PRO B 1061 -20.36 -59.62 -103.70
N GLU B 1062 -20.98 -59.43 -104.86
CA GLU B 1062 -20.86 -60.35 -105.98
C GLU B 1062 -19.64 -59.96 -106.82
N ILE B 1063 -18.67 -60.87 -106.93
CA ILE B 1063 -17.27 -60.50 -107.20
C ILE B 1063 -16.73 -61.25 -108.41
N ASP B 1064 -15.86 -60.55 -109.17
CA ASP B 1064 -15.19 -61.09 -110.35
C ASP B 1064 -14.21 -62.18 -109.94
N PRO B 1065 -14.23 -63.35 -110.59
CA PRO B 1065 -13.33 -64.45 -110.19
C PRO B 1065 -11.84 -64.13 -110.29
N LYS B 1066 -11.42 -63.36 -111.31
CA LYS B 1066 -10.01 -63.00 -111.44
C LYS B 1066 -9.56 -62.11 -110.28
N LEU B 1067 -10.46 -61.29 -109.73
CA LEU B 1067 -10.13 -60.42 -108.61
C LEU B 1067 -10.23 -61.16 -107.28
N LYS B 1068 -11.20 -62.07 -107.18
CA LYS B 1068 -11.35 -62.93 -106.00
C LYS B 1068 -10.09 -63.73 -105.75
N GLN B 1069 -9.48 -64.25 -106.82
CA GLN B 1069 -8.27 -65.06 -106.67
C GLN B 1069 -7.11 -64.23 -106.11
N TYR B 1070 -6.97 -62.98 -106.55
CA TYR B 1070 -5.96 -62.08 -106.01
C TYR B 1070 -6.15 -61.86 -104.51
N SER B 1071 -7.40 -61.62 -104.10
CA SER B 1071 -7.69 -61.41 -102.68
C SER B 1071 -7.31 -62.64 -101.85
N GLU B 1072 -7.67 -63.84 -102.33
CA GLU B 1072 -7.35 -65.07 -101.61
C GLU B 1072 -5.85 -65.30 -101.48
N GLU B 1073 -5.09 -65.06 -102.55
CA GLU B 1073 -3.64 -65.23 -102.48
C GLU B 1073 -3.01 -64.30 -101.43
N ALA B 1074 -3.43 -63.03 -101.42
CA ALA B 1074 -2.82 -62.11 -100.46
C ALA B 1074 -3.18 -62.45 -99.01
N ILE B 1075 -4.43 -62.87 -98.78
CA ILE B 1075 -4.86 -63.25 -97.44
C ILE B 1075 -4.07 -64.47 -96.94
N LYS B 1076 -3.85 -65.45 -97.82
CA LYS B 1076 -3.02 -66.60 -97.48
C LYS B 1076 -1.60 -66.17 -97.08
N LYS B 1077 -1.00 -65.28 -97.87
CA LYS B 1077 0.38 -64.86 -97.62
C LYS B 1077 0.50 -64.18 -96.25
N ASN B 1078 -0.51 -63.38 -95.89
CA ASN B 1078 -0.54 -62.79 -94.54
C ASN B 1078 -0.56 -63.87 -93.47
N SER B 1079 -1.42 -64.88 -93.62
CA SER B 1079 -1.47 -65.92 -92.58
C SER B 1079 -0.19 -66.75 -92.54
N GLU B 1080 0.52 -66.85 -93.67
CA GLU B 1080 1.81 -67.51 -93.71
C GLU B 1080 2.86 -66.73 -92.94
N HIS B 1081 2.78 -65.40 -92.95
CA HIS B 1081 3.75 -64.60 -92.20
C HIS B 1081 3.48 -64.62 -90.69
N MET B 1082 2.22 -64.51 -90.28
CA MET B 1082 1.81 -64.39 -88.87
C MET B 1082 1.74 -65.74 -88.14
N LYS B 1083 2.48 -66.74 -88.61
CA LYS B 1083 2.25 -68.13 -88.23
C LYS B 1083 2.56 -68.41 -86.76
N TYR B 1084 3.64 -67.84 -86.23
CA TYR B 1084 4.11 -68.20 -84.89
C TYR B 1084 3.85 -67.13 -83.83
N VAL B 1085 3.03 -66.12 -84.13
CA VAL B 1085 2.84 -64.98 -83.23
C VAL B 1085 2.18 -65.37 -81.92
N THR B 1086 1.26 -66.34 -81.94
CA THR B 1086 0.62 -66.77 -80.70
C THR B 1086 1.61 -67.45 -79.76
N LEU B 1087 2.57 -68.21 -80.29
CA LEU B 1087 3.61 -68.80 -79.45
C LEU B 1087 4.50 -67.73 -78.83
N LYS B 1088 4.83 -66.70 -79.63
CA LYS B 1088 5.60 -65.57 -79.12
C LYS B 1088 4.87 -64.86 -77.99
N LEU B 1089 3.56 -64.64 -78.16
CA LEU B 1089 2.74 -64.01 -77.12
C LEU B 1089 2.71 -64.84 -75.85
N TRP B 1090 2.46 -66.15 -75.98
CA TRP B 1090 2.38 -67.03 -74.83
C TRP B 1090 3.69 -67.06 -74.05
N ALA B 1091 4.80 -67.23 -74.77
CA ALA B 1091 6.11 -67.30 -74.11
C ALA B 1091 6.45 -65.98 -73.43
N SER B 1092 6.06 -64.85 -74.03
CA SER B 1092 6.37 -63.57 -73.42
C SER B 1092 5.55 -63.33 -72.15
N TYR B 1093 4.23 -63.60 -72.20
CA TYR B 1093 3.39 -63.47 -71.00
C TYR B 1093 3.88 -64.39 -69.89
N LYS B 1094 4.28 -65.62 -70.25
CA LYS B 1094 4.79 -66.57 -69.26
C LYS B 1094 6.11 -66.09 -68.65
N ARG B 1095 6.98 -65.51 -69.48
CA ARG B 1095 8.26 -64.96 -69.01
C ARG B 1095 8.06 -63.81 -68.03
N GLU B 1096 7.12 -62.92 -68.34
CA GLU B 1096 6.82 -61.75 -67.52
C GLU B 1096 5.87 -62.05 -66.37
N LYS B 1097 5.43 -63.30 -66.22
CA LYS B 1097 4.52 -63.75 -65.17
C LYS B 1097 3.20 -62.96 -65.16
N ASP B 1098 2.65 -62.75 -66.36
CA ASP B 1098 1.38 -62.07 -66.56
C ASP B 1098 0.35 -63.16 -66.87
N GLU B 1099 -0.70 -63.25 -66.04
CA GLU B 1099 -1.68 -64.32 -66.10
C GLU B 1099 -2.47 -64.41 -67.42
N ARG B 1100 -2.27 -63.46 -68.34
CA ARG B 1100 -2.92 -63.52 -69.65
C ARG B 1100 -2.45 -64.67 -70.52
N TYR B 1101 -1.38 -65.37 -70.11
CA TYR B 1101 -0.99 -66.61 -70.77
C TYR B 1101 -2.09 -67.67 -70.69
N LYS B 1102 -2.94 -67.59 -69.66
CA LYS B 1102 -3.93 -68.62 -69.39
C LYS B 1102 -4.94 -68.76 -70.53
N ASN B 1103 -5.08 -67.74 -71.37
CA ASN B 1103 -5.98 -67.80 -72.52
C ASN B 1103 -5.49 -68.76 -73.59
N TYR B 1104 -4.22 -69.11 -73.59
CA TYR B 1104 -3.62 -69.85 -74.71
C TYR B 1104 -3.46 -71.34 -74.39
N GLY B 1105 -4.61 -71.99 -74.22
CA GLY B 1105 -4.67 -73.40 -73.88
C GLY B 1105 -4.25 -74.36 -74.97
N MET B 1106 -3.89 -73.83 -76.14
CA MET B 1106 -3.27 -74.64 -77.19
C MET B 1106 -1.77 -74.85 -76.97
N TYR B 1107 -1.15 -74.06 -76.11
CA TYR B 1107 0.25 -74.20 -75.74
C TYR B 1107 0.45 -74.52 -74.27
N GLU B 1108 -0.34 -73.92 -73.38
CA GLU B 1108 -0.52 -74.48 -72.05
C GLU B 1108 -1.14 -75.87 -72.18
N ASP B 1109 -0.73 -76.78 -71.30
CA ASP B 1109 -1.05 -78.21 -71.33
C ASP B 1109 -0.51 -78.90 -72.58
N ASN B 1110 0.36 -78.23 -73.34
CA ASN B 1110 0.87 -78.79 -74.58
C ASN B 1110 2.35 -78.51 -74.82
N PRO B 1111 3.29 -78.91 -73.92
CA PRO B 1111 4.71 -78.57 -74.12
C PRO B 1111 5.31 -79.12 -75.41
N GLN B 1112 4.90 -80.34 -75.79
CA GLN B 1112 5.46 -80.95 -76.97
C GLN B 1112 5.12 -80.18 -78.24
N ILE B 1113 3.89 -79.65 -78.34
CA ILE B 1113 3.50 -78.86 -79.52
C ILE B 1113 4.40 -77.64 -79.68
N ALA B 1114 4.68 -76.96 -78.57
CA ALA B 1114 5.59 -75.82 -78.59
C ALA B 1114 6.99 -76.24 -79.05
N LEU B 1115 7.44 -77.42 -78.63
CA LEU B 1115 8.78 -77.87 -79.03
C LEU B 1115 8.86 -78.24 -80.51
N GLN B 1116 7.81 -78.88 -81.04
CA GLN B 1116 7.74 -79.18 -82.48
C GLN B 1116 7.81 -77.90 -83.31
N GLU B 1117 7.02 -76.89 -82.94
CA GLU B 1117 7.05 -75.64 -83.71
C GLU B 1117 8.40 -74.93 -83.55
N THR B 1118 9.04 -75.08 -82.38
CA THR B 1118 10.39 -74.54 -82.19
C THR B 1118 11.39 -75.19 -83.15
N LYS B 1119 11.25 -76.50 -83.36
CA LYS B 1119 12.14 -77.17 -84.32
C LYS B 1119 11.90 -76.67 -85.75
N GLU B 1120 10.64 -76.37 -86.10
CA GLU B 1120 10.39 -75.72 -87.40
C GLU B 1120 11.13 -74.39 -87.51
N ILE B 1121 11.06 -73.57 -86.45
CA ILE B 1121 11.69 -72.24 -86.50
C ILE B 1121 13.21 -72.37 -86.63
N ILE B 1122 13.80 -73.32 -85.90
CA ILE B 1122 15.25 -73.52 -85.93
C ILE B 1122 15.70 -73.95 -87.33
N LYS B 1123 14.92 -74.85 -87.96
CA LYS B 1123 15.22 -75.28 -89.33
C LYS B 1123 15.19 -74.10 -90.30
N LYS B 1124 14.15 -73.26 -90.21
CA LYS B 1124 14.04 -72.09 -91.08
C LYS B 1124 15.20 -71.12 -90.90
N LEU B 1125 15.61 -70.91 -89.64
CA LEU B 1125 16.71 -70.00 -89.36
C LEU B 1125 18.02 -70.52 -89.95
N ASN B 1126 18.21 -71.84 -89.94
CA ASN B 1126 19.41 -72.39 -90.56
C ASN B 1126 19.32 -72.41 -92.09
N GLU B 1127 18.12 -72.59 -92.64
CA GLU B 1127 17.95 -72.81 -94.07
C GLU B 1127 17.86 -71.49 -94.84
N GLU B 1128 18.87 -70.62 -94.65
CA GLU B 1128 19.05 -69.34 -95.35
C GLU B 1128 17.82 -68.43 -95.25
N GLY B 1129 17.21 -68.40 -94.08
CA GLY B 1129 16.02 -67.59 -93.88
C GLY B 1129 16.31 -66.10 -93.95
N GLY B 1130 15.35 -65.35 -94.48
CA GLY B 1130 15.52 -63.93 -94.70
C GLY B 1130 15.40 -63.11 -93.42
N GLU B 1131 15.85 -61.86 -93.55
CA GLU B 1131 15.98 -60.97 -92.40
C GLU B 1131 14.63 -60.45 -91.95
N ASP B 1132 13.65 -60.40 -92.85
CA ASP B 1132 12.27 -60.12 -92.49
C ASP B 1132 11.68 -61.22 -91.61
N PHE B 1133 12.06 -62.47 -91.87
CA PHE B 1133 11.68 -63.57 -91.00
C PHE B 1133 12.43 -63.52 -89.67
N ARG B 1134 13.76 -63.36 -89.74
CA ARG B 1134 14.61 -63.40 -88.55
C ARG B 1134 14.35 -62.24 -87.61
N LEU B 1135 13.91 -61.11 -88.14
CA LEU B 1135 13.55 -59.96 -87.32
C LEU B 1135 12.44 -60.30 -86.34
N LEU B 1136 11.39 -60.96 -86.82
CA LEU B 1136 10.24 -61.24 -85.97
C LEU B 1136 10.38 -62.54 -85.20
N ASN B 1137 11.05 -63.54 -85.75
CA ASN B 1137 11.00 -64.88 -85.19
C ASN B 1137 12.31 -65.39 -84.58
N GLY B 1138 13.40 -64.62 -84.70
CA GLY B 1138 14.72 -65.13 -84.40
C GLY B 1138 15.04 -65.40 -82.94
N ASN B 1139 14.18 -64.96 -82.02
CA ASN B 1139 14.45 -65.15 -80.59
C ASN B 1139 13.47 -66.10 -79.90
N ILE B 1140 12.48 -66.61 -80.64
CA ILE B 1140 11.49 -67.53 -80.04
C ILE B 1140 12.09 -68.80 -79.44
N PRO B 1141 13.06 -69.50 -80.08
CA PRO B 1141 13.56 -70.74 -79.47
C PRO B 1141 14.18 -70.56 -78.09
N ALA B 1142 14.90 -69.47 -77.85
CA ALA B 1142 15.52 -69.26 -76.54
C ALA B 1142 14.46 -69.11 -75.44
N ASP B 1143 13.43 -68.30 -75.70
CA ASP B 1143 12.38 -68.10 -74.70
C ASP B 1143 11.61 -69.39 -74.45
N VAL B 1144 11.26 -70.13 -75.51
CA VAL B 1144 10.49 -71.35 -75.32
C VAL B 1144 11.29 -72.39 -74.52
N CYS B 1145 12.58 -72.53 -74.84
CA CYS B 1145 13.39 -73.52 -74.12
C CYS B 1145 13.59 -73.12 -72.65
N SER B 1146 13.80 -71.82 -72.38
CA SER B 1146 13.93 -71.41 -70.98
C SER B 1146 12.63 -71.60 -70.22
N VAL B 1147 11.49 -71.33 -70.86
CA VAL B 1147 10.19 -71.55 -70.22
C VAL B 1147 10.01 -73.01 -69.87
N LEU B 1148 10.34 -73.91 -70.81
CA LEU B 1148 10.19 -75.34 -70.56
C LEU B 1148 11.12 -75.82 -69.44
N LEU B 1149 12.37 -75.36 -69.42
CA LEU B 1149 13.29 -75.80 -68.36
C LEU B 1149 12.90 -75.23 -67.00
N LEU B 1150 12.38 -74.01 -66.96
CA LEU B 1150 12.06 -73.40 -65.67
C LEU B 1150 10.70 -73.84 -65.12
N ASP B 1151 9.74 -74.17 -65.98
CA ASP B 1151 8.39 -74.45 -65.53
C ASP B 1151 7.89 -75.87 -65.74
N TYR B 1152 8.43 -76.62 -66.70
CA TYR B 1152 7.84 -77.91 -67.09
C TYR B 1152 8.80 -79.09 -67.00
N PHE B 1153 9.93 -78.95 -66.28
CA PHE B 1153 11.03 -79.92 -66.34
C PHE B 1153 10.61 -81.33 -65.93
N ASN B 1154 9.67 -81.46 -65.00
CA ASN B 1154 9.22 -82.76 -64.54
C ASN B 1154 8.37 -83.49 -65.57
N GLN B 1155 7.80 -82.78 -66.54
CA GLN B 1155 6.90 -83.39 -67.52
C GLN B 1155 7.62 -83.81 -68.79
N LEU B 1156 8.84 -83.31 -69.01
CA LEU B 1156 9.64 -83.64 -70.18
C LEU B 1156 10.26 -85.03 -70.05
N ASN B 1157 10.56 -85.64 -71.19
CA ASN B 1157 11.39 -86.83 -71.20
C ASN B 1157 12.84 -86.46 -71.47
N ASN B 1158 13.72 -87.47 -71.42
CA ASN B 1158 15.16 -87.22 -71.49
C ASN B 1158 15.56 -86.60 -72.83
N GLU B 1159 14.95 -87.06 -73.92
CA GLU B 1159 15.24 -86.50 -75.24
C GLU B 1159 14.85 -85.03 -75.32
N GLU B 1160 13.67 -84.68 -74.81
CA GLU B 1160 13.19 -83.30 -74.86
C GLU B 1160 14.00 -82.39 -73.94
N ARG B 1161 14.36 -82.90 -72.75
CA ARG B 1161 15.25 -82.18 -71.84
C ARG B 1161 16.59 -81.88 -72.49
N GLU B 1162 17.17 -82.88 -73.15
CA GLU B 1162 18.49 -82.67 -73.75
C GLU B 1162 18.42 -81.67 -74.89
N TYR B 1163 17.34 -81.69 -75.69
CA TYR B 1163 17.19 -80.69 -76.75
C TYR B 1163 17.12 -79.27 -76.19
N CYS B 1164 16.34 -79.09 -75.12
CA CYS B 1164 16.28 -77.77 -74.49
C CYS B 1164 17.64 -77.34 -73.96
N LYS B 1165 18.39 -78.28 -73.37
CA LYS B 1165 19.72 -77.99 -72.86
C LYS B 1165 20.66 -77.52 -73.97
N ASP B 1166 20.65 -78.22 -75.11
CA ASP B 1166 21.58 -77.84 -76.17
C ASP B 1166 21.25 -76.47 -76.74
N ILE B 1167 19.96 -76.14 -76.86
CA ILE B 1167 19.60 -74.81 -77.36
C ILE B 1167 20.03 -73.72 -76.37
N VAL B 1168 19.79 -73.93 -75.08
CA VAL B 1168 20.11 -72.89 -74.09
C VAL B 1168 21.62 -72.67 -74.00
N LEU B 1169 22.40 -73.76 -74.02
CA LEU B 1169 23.85 -73.59 -73.98
C LEU B 1169 24.39 -72.97 -75.27
N ALA B 1170 23.69 -73.14 -76.40
CA ALA B 1170 24.14 -72.47 -77.63
C ALA B 1170 23.95 -70.95 -77.54
N TYR B 1171 22.77 -70.50 -77.11
CA TYR B 1171 22.49 -69.07 -77.01
C TYR B 1171 23.33 -68.37 -75.96
N SER B 1172 23.74 -69.08 -74.90
CA SER B 1172 24.47 -68.44 -73.82
C SER B 1172 25.88 -68.05 -74.22
N LYS B 1173 26.42 -68.62 -75.30
CA LYS B 1173 27.80 -68.35 -75.70
C LYS B 1173 27.95 -67.18 -76.66
N LEU B 1174 26.85 -66.70 -77.23
CA LEU B 1174 26.89 -65.57 -78.17
C LEU B 1174 27.57 -64.30 -77.65
N PRO B 1175 27.42 -63.86 -76.39
CA PRO B 1175 28.17 -62.67 -75.94
C PRO B 1175 29.69 -62.84 -75.90
N LEU B 1176 30.22 -64.04 -76.10
CA LEU B 1176 31.66 -64.25 -76.10
C LEU B 1176 32.31 -64.06 -77.47
N LYS B 1177 31.51 -63.95 -78.53
CA LYS B 1177 32.02 -63.76 -79.87
C LYS B 1177 32.30 -62.29 -80.14
N GLU B 1178 33.26 -62.01 -81.00
CA GLU B 1178 33.54 -60.63 -81.38
C GLU B 1178 32.46 -60.06 -82.29
N GLY B 1179 32.24 -58.76 -82.16
CA GLY B 1179 31.20 -58.07 -82.89
C GLY B 1179 29.82 -58.16 -82.28
N TYR B 1180 29.70 -58.73 -81.09
CA TYR B 1180 28.41 -58.74 -80.39
C TYR B 1180 28.04 -57.35 -79.89
N ASN B 1181 26.78 -56.98 -80.05
CA ASN B 1181 26.23 -55.79 -79.43
C ASN B 1181 24.88 -56.11 -78.80
N TYR B 1182 24.68 -55.66 -77.57
CA TYR B 1182 23.50 -55.97 -76.77
C TYR B 1182 22.26 -55.24 -77.26
N GLN B 1183 21.17 -55.98 -77.44
CA GLN B 1183 19.85 -55.43 -77.68
C GLN B 1183 18.85 -56.21 -76.85
N VAL B 1184 17.80 -55.53 -76.38
CA VAL B 1184 17.07 -55.90 -75.16
C VAL B 1184 16.44 -57.29 -75.25
N GLN B 1185 15.98 -57.71 -76.42
CA GLN B 1185 15.35 -59.03 -76.54
C GLN B 1185 16.08 -59.95 -77.52
N ASP B 1186 17.42 -59.91 -77.51
CA ASP B 1186 18.21 -60.77 -78.40
C ASP B 1186 18.19 -62.25 -78.03
N GLY B 1187 17.65 -62.60 -76.86
CA GLY B 1187 17.56 -63.98 -76.45
C GLY B 1187 18.66 -64.47 -75.53
N THR B 1188 19.76 -63.71 -75.40
CA THR B 1188 20.88 -64.20 -74.58
C THR B 1188 20.54 -64.17 -73.09
N THR B 1189 19.86 -63.13 -72.62
CA THR B 1189 19.56 -63.06 -71.19
C THR B 1189 18.52 -64.09 -70.79
N SER B 1190 17.59 -64.43 -71.69
CA SER B 1190 16.66 -65.51 -71.44
C SER B 1190 17.38 -66.83 -71.27
N ALA B 1191 18.40 -67.08 -72.09
CA ALA B 1191 19.17 -68.31 -71.99
C ALA B 1191 19.96 -68.36 -70.70
N ILE B 1192 20.64 -67.25 -70.35
CA ILE B 1192 21.49 -67.20 -69.17
C ILE B 1192 20.69 -67.48 -67.90
N SER B 1193 19.44 -67.02 -67.87
CA SER B 1193 18.60 -67.20 -66.68
C SER B 1193 18.28 -68.66 -66.39
N ALA B 1194 18.47 -69.58 -67.34
CA ALA B 1194 18.14 -70.98 -67.14
C ALA B 1194 19.33 -71.84 -66.74
N LEU B 1195 20.53 -71.27 -66.71
CA LEU B 1195 21.73 -72.01 -66.32
C LEU B 1195 21.71 -72.67 -64.92
N PRO B 1196 21.06 -72.12 -63.87
CA PRO B 1196 21.03 -72.87 -62.60
C PRO B 1196 20.39 -74.26 -62.68
N VAL B 1197 19.33 -74.42 -63.47
CA VAL B 1197 18.70 -75.72 -63.61
C VAL B 1197 19.67 -76.73 -64.22
N ILE B 1198 20.40 -76.30 -65.26
CA ILE B 1198 21.36 -77.18 -65.92
C ILE B 1198 22.52 -77.52 -64.99
N TYR B 1199 23.02 -76.53 -64.25
CA TYR B 1199 24.13 -76.79 -63.31
C TYR B 1199 23.71 -77.78 -62.23
N HIS B 1200 22.48 -77.65 -61.74
CA HIS B 1200 21.98 -78.57 -60.73
C HIS B 1200 21.84 -79.99 -61.27
N ASN B 1201 21.27 -80.13 -62.48
CA ASN B 1201 20.88 -81.47 -62.92
C ASN B 1201 21.95 -82.23 -63.71
N TYR B 1202 22.94 -81.55 -64.28
CA TYR B 1202 23.89 -82.20 -65.20
C TYR B 1202 25.33 -81.94 -64.80
N PRO B 1203 25.94 -82.83 -64.03
CA PRO B 1203 27.31 -82.59 -63.51
C PRO B 1203 28.38 -82.47 -64.57
N MET B 1204 28.15 -82.98 -65.79
CA MET B 1204 29.15 -82.85 -66.85
C MET B 1204 29.25 -81.45 -67.41
N GLU B 1205 28.23 -80.60 -67.21
CA GLU B 1205 28.24 -79.26 -67.78
C GLU B 1205 28.98 -78.23 -66.94
N ARG B 1206 29.40 -78.58 -65.72
CA ARG B 1206 29.78 -77.56 -64.74
C ARG B 1206 31.05 -76.82 -65.12
N GLU B 1207 32.00 -77.51 -65.78
CA GLU B 1207 33.20 -76.82 -66.27
C GLU B 1207 32.84 -75.76 -67.30
N THR B 1208 31.94 -76.11 -68.23
CA THR B 1208 31.51 -75.18 -69.26
C THR B 1208 30.79 -73.96 -68.66
N ILE B 1209 29.93 -74.21 -67.67
CA ILE B 1209 29.16 -73.11 -67.08
C ILE B 1209 30.07 -72.20 -66.24
N LYS B 1210 31.04 -72.77 -65.52
CA LYS B 1210 31.98 -71.92 -64.78
C LYS B 1210 32.80 -71.06 -65.74
N THR B 1211 33.17 -71.63 -66.89
CA THR B 1211 33.89 -70.84 -67.89
C THR B 1211 33.04 -69.71 -68.46
N ILE B 1212 31.78 -70.01 -68.80
CA ILE B 1212 30.87 -68.99 -69.35
C ILE B 1212 30.67 -67.84 -68.36
N LEU B 1213 30.40 -68.18 -67.10
CA LEU B 1213 30.17 -67.17 -66.07
C LEU B 1213 31.40 -66.29 -65.87
N LEU B 1214 32.58 -66.89 -65.75
CA LEU B 1214 33.79 -66.11 -65.49
C LEU B 1214 34.10 -65.17 -66.65
N LEU B 1215 33.99 -65.66 -67.90
CA LEU B 1215 34.29 -64.77 -69.01
C LEU B 1215 33.23 -63.70 -69.21
N THR B 1216 31.99 -63.93 -68.74
CA THR B 1216 30.99 -62.89 -68.89
C THR B 1216 31.12 -61.81 -67.81
N LEU B 1217 31.67 -62.15 -66.64
CA LEU B 1217 31.89 -61.13 -65.62
C LEU B 1217 32.90 -60.06 -66.07
N PHE B 1218 33.79 -60.39 -67.01
CA PHE B 1218 34.75 -59.41 -67.53
C PHE B 1218 34.13 -58.36 -68.43
N ASN B 1219 32.84 -58.45 -68.79
CA ASN B 1219 32.19 -57.56 -69.74
C ASN B 1219 31.74 -56.28 -69.02
N ASP B 1220 32.31 -55.14 -69.41
CA ASP B 1220 32.03 -53.86 -68.77
C ASP B 1220 31.08 -52.94 -69.53
N HIS B 1221 30.41 -53.43 -70.57
CA HIS B 1221 29.52 -52.57 -71.34
C HIS B 1221 28.29 -52.15 -70.54
N SER B 1222 27.96 -50.86 -70.61
CA SER B 1222 26.86 -50.31 -69.84
C SER B 1222 25.54 -50.46 -70.57
N ILE B 1223 24.45 -50.50 -69.79
CA ILE B 1223 23.10 -50.70 -70.29
C ILE B 1223 22.15 -49.71 -69.61
N GLY B 1224 21.26 -49.12 -70.40
CA GLY B 1224 20.31 -48.14 -69.90
C GLY B 1224 20.94 -46.79 -69.58
N MET B 1225 20.10 -45.91 -69.01
CA MET B 1225 20.57 -44.61 -68.55
C MET B 1225 21.05 -44.61 -67.11
N ALA B 1226 20.67 -45.60 -66.31
CA ALA B 1226 20.90 -45.60 -64.88
C ALA B 1226 22.29 -46.06 -64.45
N GLY B 1227 23.12 -46.52 -65.37
CA GLY B 1227 24.49 -46.88 -65.04
C GLY B 1227 24.73 -48.34 -64.73
N GLY B 1228 23.83 -49.24 -65.09
CA GLY B 1228 24.08 -50.66 -64.96
C GLY B 1228 24.99 -51.19 -66.06
N ARG B 1229 25.44 -52.43 -65.88
CA ARG B 1229 26.38 -53.06 -66.81
C ARG B 1229 25.97 -54.51 -67.05
N TYR B 1230 26.50 -55.10 -68.14
CA TYR B 1230 26.08 -56.43 -68.57
C TYR B 1230 26.44 -57.51 -67.56
N SER B 1231 27.41 -57.25 -66.68
CA SER B 1231 27.84 -58.20 -65.67
C SER B 1231 26.74 -58.50 -64.65
N VAL B 1232 25.64 -57.77 -64.67
CA VAL B 1232 24.50 -58.05 -63.80
C VAL B 1232 23.90 -59.42 -64.11
N PHE B 1233 23.87 -59.80 -65.40
CA PHE B 1233 23.22 -61.04 -65.79
C PHE B 1233 23.91 -62.29 -65.25
N PRO B 1234 25.24 -62.48 -65.35
CA PRO B 1234 25.84 -63.62 -64.65
C PRO B 1234 25.82 -63.49 -63.14
N SER B 1235 25.74 -62.27 -62.59
CA SER B 1235 25.71 -62.10 -61.14
C SER B 1235 24.45 -62.69 -60.53
N MET B 1236 23.32 -62.56 -61.24
CA MET B 1236 22.07 -63.12 -60.74
C MET B 1236 22.09 -64.65 -60.73
N VAL B 1237 22.85 -65.26 -61.63
CA VAL B 1237 22.99 -66.71 -61.63
C VAL B 1237 23.78 -67.17 -60.41
N ILE B 1238 24.88 -66.47 -60.11
CA ILE B 1238 25.78 -66.88 -59.03
C ILE B 1238 25.08 -66.82 -57.68
N HIS B 1239 24.22 -65.83 -57.47
CA HIS B 1239 23.48 -65.69 -56.22
C HIS B 1239 22.52 -66.84 -55.95
N LYS B 1240 22.11 -67.58 -56.97
CA LYS B 1240 21.24 -68.73 -56.74
C LYS B 1240 22.01 -70.00 -56.41
N LEU B 1241 23.34 -69.99 -56.53
CA LEU B 1241 24.13 -71.20 -56.34
C LEU B 1241 24.88 -71.26 -55.02
N TRP B 1242 25.00 -70.15 -54.30
CA TRP B 1242 25.73 -70.10 -53.03
C TRP B 1242 25.20 -71.07 -51.98
N LEU B 1243 23.91 -71.44 -52.06
CA LEU B 1243 23.31 -72.27 -51.02
C LEU B 1243 23.81 -73.71 -51.08
N ASP B 1244 24.00 -74.25 -52.28
CA ASP B 1244 24.36 -75.65 -52.44
C ASP B 1244 25.78 -75.88 -52.93
N TYR B 1245 26.41 -74.88 -53.53
CA TYR B 1245 27.67 -75.05 -54.24
C TYR B 1245 28.68 -74.01 -53.81
N PHE B 1246 28.90 -73.90 -52.50
CA PHE B 1246 29.65 -72.80 -51.90
C PHE B 1246 31.09 -72.72 -52.40
N ASP B 1247 31.78 -73.85 -52.45
CA ASP B 1247 33.20 -73.83 -52.81
C ASP B 1247 33.41 -73.45 -54.28
N ASP B 1248 32.53 -73.89 -55.17
CA ASP B 1248 32.60 -73.50 -56.58
C ASP B 1248 32.46 -71.99 -56.74
N MET B 1249 31.46 -71.41 -56.07
CA MET B 1249 31.20 -69.98 -56.20
C MET B 1249 32.32 -69.15 -55.55
N GLN B 1250 32.86 -69.62 -54.43
CA GLN B 1250 33.99 -68.92 -53.83
C GLN B 1250 35.23 -68.98 -54.72
N SER B 1251 35.38 -70.08 -55.47
CA SER B 1251 36.46 -70.13 -56.45
C SER B 1251 36.24 -69.12 -57.56
N LEU B 1252 34.99 -68.90 -57.99
CA LEU B 1252 34.75 -67.83 -58.96
C LEU B 1252 35.08 -66.45 -58.40
N LEU B 1253 34.76 -66.20 -57.12
CA LEU B 1253 35.03 -64.89 -56.52
C LEU B 1253 36.54 -64.60 -56.47
N PHE B 1254 37.32 -65.54 -55.90
CA PHE B 1254 38.76 -65.34 -55.86
C PHE B 1254 39.38 -65.32 -57.26
N GLY B 1255 38.84 -66.12 -58.19
CA GLY B 1255 39.36 -66.12 -59.54
C GLY B 1255 39.18 -64.81 -60.26
N PHE B 1256 38.01 -64.19 -60.07
CA PHE B 1256 37.78 -62.87 -60.65
C PHE B 1256 38.78 -61.85 -60.12
N LEU B 1257 38.95 -61.83 -58.79
CA LEU B 1257 39.87 -60.85 -58.21
C LEU B 1257 41.30 -61.07 -58.65
N ILE B 1258 41.68 -62.30 -58.97
CA ILE B 1258 43.04 -62.53 -59.48
C ILE B 1258 43.17 -62.16 -60.95
N LEU B 1259 42.20 -62.58 -61.78
CA LEU B 1259 42.41 -62.60 -63.23
C LEU B 1259 41.95 -61.34 -63.96
N LYS B 1260 40.92 -60.63 -63.47
CA LYS B 1260 40.43 -59.45 -64.17
C LYS B 1260 41.49 -58.36 -64.42
N PRO B 1261 42.42 -58.03 -63.49
CA PRO B 1261 43.48 -57.07 -63.85
C PRO B 1261 44.43 -57.53 -64.94
N LYS B 1262 44.51 -58.82 -65.26
CA LYS B 1262 45.41 -59.26 -66.32
C LYS B 1262 44.75 -59.14 -67.70
N TYR B 1263 43.42 -59.31 -67.73
CA TYR B 1263 42.66 -59.26 -68.97
C TYR B 1263 42.71 -57.87 -69.61
N VAL B 1264 42.70 -56.81 -68.81
CA VAL B 1264 42.77 -55.47 -69.37
C VAL B 1264 44.15 -55.19 -69.98
N ILE B 1265 45.21 -55.73 -69.36
CA ILE B 1265 46.55 -55.58 -69.91
C ILE B 1265 46.67 -56.32 -71.24
N LEU B 1266 46.14 -57.55 -71.29
CA LEU B 1266 46.17 -58.30 -72.55
C LEU B 1266 45.33 -57.61 -73.63
N SER B 1267 44.23 -56.97 -73.23
CA SER B 1267 43.43 -56.21 -74.18
C SER B 1267 44.24 -55.07 -74.78
N ARG B 1268 44.96 -54.34 -73.93
CA ARG B 1268 45.78 -53.22 -74.43
C ARG B 1268 46.87 -53.72 -75.36
N LYS B 1269 47.46 -54.88 -75.04
CA LYS B 1269 48.48 -55.47 -75.91
C LYS B 1269 47.91 -55.82 -77.28
N ILE B 1270 46.72 -56.44 -77.31
CA ILE B 1270 46.12 -56.83 -78.59
C ILE B 1270 45.72 -55.61 -79.41
N ILE B 1271 45.22 -54.56 -78.74
CA ILE B 1271 44.89 -53.30 -79.43
C ILE B 1271 46.14 -52.68 -80.06
N HIS B 1272 47.24 -52.64 -79.30
CA HIS B 1272 48.50 -52.09 -79.81
C HIS B 1272 48.98 -52.89 -81.01
N GLU B 1273 48.99 -54.22 -80.91
CA GLU B 1273 49.47 -55.03 -82.03
C GLU B 1273 48.53 -54.94 -83.23
N SER B 1274 47.25 -54.64 -83.01
CA SER B 1274 46.35 -54.34 -84.12
C SER B 1274 46.71 -53.03 -84.81
N TYR B 1275 47.34 -52.10 -84.09
CA TYR B 1275 47.89 -50.93 -84.78
C TYR B 1275 49.30 -51.16 -85.33
N ARG B 1276 50.06 -52.09 -84.73
CA ARG B 1276 51.45 -52.36 -85.11
C ARG B 1276 51.56 -52.91 -86.52
N GLN B 1277 50.66 -53.83 -86.88
CA GLN B 1277 50.68 -54.52 -88.16
C GLN B 1277 50.17 -53.65 -89.32
N ILE B 1282 40.76 -54.32 -84.24
CA ILE B 1282 40.81 -54.98 -82.95
C ILE B 1282 39.92 -56.22 -83.00
N LYS B 1283 38.78 -56.07 -83.67
CA LYS B 1283 37.77 -57.12 -83.82
C LYS B 1283 38.31 -58.37 -84.52
N LYS B 1284 39.44 -58.22 -85.22
CA LYS B 1284 40.08 -59.31 -85.95
C LYS B 1284 40.47 -60.49 -85.05
N ILE B 1285 40.84 -60.22 -83.80
CA ILE B 1285 41.47 -61.21 -82.93
C ILE B 1285 40.48 -61.67 -81.86
N ASN B 1286 40.36 -62.99 -81.69
CA ASN B 1286 39.56 -63.58 -80.60
C ASN B 1286 40.41 -63.51 -79.34
N ILE B 1287 40.21 -62.43 -78.58
CA ILE B 1287 40.90 -62.20 -77.31
C ILE B 1287 40.59 -63.27 -76.25
N ASN B 1288 39.38 -63.82 -76.22
CA ASN B 1288 39.10 -64.88 -75.24
C ASN B 1288 39.88 -66.19 -75.51
N LYS B 1289 40.04 -66.57 -76.78
CA LYS B 1289 40.78 -67.81 -77.07
C LYS B 1289 42.26 -67.66 -76.71
N VAL B 1290 42.83 -66.47 -77.01
CA VAL B 1290 44.20 -66.17 -76.63
C VAL B 1290 44.35 -66.23 -75.12
N PHE B 1291 43.45 -65.56 -74.38
CA PHE B 1291 43.51 -65.52 -72.92
C PHE B 1291 43.41 -66.92 -72.32
N LEU B 1292 42.48 -67.72 -72.83
CA LEU B 1292 42.29 -69.08 -72.33
C LEU B 1292 43.50 -69.95 -72.63
N ASN B 1293 44.26 -69.64 -73.67
CA ASN B 1293 45.48 -70.41 -73.90
C ASN B 1293 46.63 -69.92 -73.02
N ASN B 1294 46.70 -68.63 -72.68
CA ASN B 1294 47.82 -68.14 -71.89
C ASN B 1294 47.76 -68.57 -70.43
N TYR B 1295 46.58 -68.53 -69.81
CA TYR B 1295 46.45 -68.66 -68.36
C TYR B 1295 45.83 -69.97 -67.92
N LYS B 1296 46.14 -71.06 -68.64
CA LYS B 1296 45.61 -72.40 -68.37
C LYS B 1296 45.85 -72.87 -66.93
N HIS B 1297 47.01 -72.56 -66.36
CA HIS B 1297 47.34 -73.01 -65.01
C HIS B 1297 46.37 -72.43 -63.97
N CYS B 1298 46.18 -71.12 -64.02
CA CYS B 1298 45.31 -70.45 -63.05
C CYS B 1298 43.84 -70.80 -63.30
N ILE B 1299 43.44 -70.92 -64.57
CA ILE B 1299 42.08 -71.33 -64.90
C ILE B 1299 41.79 -72.73 -64.37
N SER B 1300 42.79 -73.62 -64.44
CA SER B 1300 42.65 -74.95 -63.86
C SER B 1300 42.44 -74.87 -62.35
N ASN B 1301 43.12 -73.94 -61.69
CA ASN B 1301 42.83 -73.77 -60.26
C ASN B 1301 41.40 -73.29 -60.01
N VAL B 1302 40.83 -72.49 -60.91
CA VAL B 1302 39.43 -72.10 -60.73
C VAL B 1302 38.50 -73.29 -60.89
N ILE B 1303 38.76 -74.14 -61.90
CA ILE B 1303 37.88 -75.30 -62.12
C ILE B 1303 38.03 -76.32 -61.00
N ASP B 1304 39.25 -76.55 -60.52
CA ASP B 1304 39.52 -77.54 -59.48
C ASP B 1304 39.24 -77.06 -58.06
N ASN B 1305 38.93 -75.77 -57.88
CA ASN B 1305 38.72 -75.14 -56.55
C ASN B 1305 39.96 -75.21 -55.66
N LYS B 1306 41.07 -74.66 -56.16
CA LYS B 1306 42.32 -74.62 -55.42
C LYS B 1306 42.84 -73.20 -55.21
N ILE B 1307 41.98 -72.29 -54.74
CA ILE B 1307 42.34 -70.89 -54.46
C ILE B 1307 41.79 -70.49 -53.10
N SER B 1308 42.52 -69.64 -52.38
CA SER B 1308 42.15 -69.18 -51.04
C SER B 1308 42.37 -67.68 -50.91
N ILE B 1309 41.86 -67.10 -49.82
CA ILE B 1309 41.99 -65.66 -49.58
C ILE B 1309 43.45 -65.27 -49.38
N ASP B 1310 44.27 -66.20 -48.91
CA ASP B 1310 45.70 -65.93 -48.75
C ASP B 1310 46.42 -65.85 -50.09
N ASP B 1311 45.83 -66.38 -51.16
CA ASP B 1311 46.45 -66.34 -52.48
C ASP B 1311 46.21 -65.02 -53.21
N LEU B 1312 45.32 -64.17 -52.69
CA LEU B 1312 45.06 -62.87 -53.30
C LEU B 1312 46.19 -61.90 -53.01
N GLY B 1313 46.44 -61.00 -53.96
CA GLY B 1313 47.26 -59.85 -53.67
C GLY B 1313 46.50 -58.81 -52.87
N SER B 1314 47.25 -57.89 -52.26
CA SER B 1314 46.61 -56.85 -51.47
C SER B 1314 46.04 -55.76 -52.38
N MET B 1315 44.93 -55.17 -51.94
CA MET B 1315 44.03 -54.41 -52.80
C MET B 1315 44.45 -52.95 -53.00
N ASP B 1316 45.66 -52.55 -52.60
CA ASP B 1316 46.01 -51.14 -52.50
C ASP B 1316 45.99 -50.41 -53.84
N LYS B 1317 46.16 -51.11 -54.94
CA LYS B 1317 46.20 -50.46 -56.25
C LYS B 1317 45.22 -51.03 -57.27
N VAL B 1318 44.31 -51.91 -56.85
CA VAL B 1318 43.23 -52.39 -57.72
C VAL B 1318 42.20 -51.28 -57.90
N ASP B 1319 41.65 -51.17 -59.11
CA ASP B 1319 40.67 -50.14 -59.43
C ASP B 1319 39.34 -50.38 -58.71
N LEU B 1320 38.67 -49.28 -58.38
CA LEU B 1320 37.43 -49.34 -57.60
C LEU B 1320 36.28 -49.99 -58.35
N HIS B 1321 36.26 -49.92 -59.68
CA HIS B 1321 35.24 -50.66 -60.43
C HIS B 1321 35.37 -52.17 -60.22
N ILE B 1322 36.60 -52.68 -60.22
CA ILE B 1322 36.83 -54.11 -60.02
C ILE B 1322 36.40 -54.53 -58.61
N LEU B 1323 36.78 -53.72 -57.61
CA LEU B 1323 36.42 -54.03 -56.22
C LEU B 1323 34.92 -53.96 -55.99
N ASN B 1324 34.23 -53.01 -56.63
CA ASN B 1324 32.78 -52.98 -56.53
C ASN B 1324 32.14 -54.19 -57.18
N THR B 1325 32.67 -54.61 -58.34
CA THR B 1325 32.12 -55.79 -59.01
C THR B 1325 32.25 -57.03 -58.13
N ALA B 1326 33.32 -57.14 -57.36
CA ALA B 1326 33.40 -58.26 -56.41
C ALA B 1326 32.45 -58.07 -55.22
N PHE B 1327 32.29 -56.83 -54.78
CA PHE B 1327 31.46 -56.49 -53.61
C PHE B 1327 30.00 -56.86 -53.82
N GLN B 1328 29.51 -56.80 -55.06
CA GLN B 1328 28.14 -57.17 -55.40
C GLN B 1328 27.90 -58.67 -55.47
N LEU B 1329 28.94 -59.50 -55.36
CA LEU B 1329 28.76 -60.96 -55.41
C LEU B 1329 28.64 -61.60 -54.04
N ILE B 1330 28.95 -60.88 -52.97
CA ILE B 1330 28.97 -61.43 -51.62
C ILE B 1330 27.56 -61.29 -51.02
N PRO B 1331 27.03 -62.34 -50.35
CA PRO B 1331 25.67 -62.26 -49.80
C PRO B 1331 25.60 -61.32 -48.59
N VAL B 1332 24.56 -60.50 -48.53
CA VAL B 1332 24.48 -59.46 -47.51
C VAL B 1332 24.24 -60.00 -46.10
N ASP B 1333 23.74 -61.23 -45.96
CA ASP B 1333 23.56 -61.80 -44.63
C ASP B 1333 24.62 -62.86 -44.29
N THR B 1334 25.78 -62.81 -44.94
CA THR B 1334 26.79 -63.84 -44.75
C THR B 1334 27.42 -63.76 -43.36
N VAL B 1335 27.77 -64.92 -42.82
CA VAL B 1335 28.48 -65.03 -41.54
C VAL B 1335 29.86 -65.65 -41.70
N ASN B 1336 30.31 -65.85 -42.93
CA ASN B 1336 31.58 -66.52 -43.21
C ASN B 1336 32.77 -65.60 -42.90
N ILE B 1337 33.82 -66.19 -42.32
CA ILE B 1337 35.00 -65.43 -41.88
C ILE B 1337 35.71 -64.78 -43.07
N GLU B 1338 35.88 -65.52 -44.16
CA GLU B 1338 36.61 -64.99 -45.30
C GLU B 1338 35.84 -63.86 -45.99
N HIS B 1339 34.51 -63.99 -46.08
CA HIS B 1339 33.68 -62.91 -46.61
C HIS B 1339 33.79 -61.64 -45.75
N LYS B 1340 33.71 -61.80 -44.43
CA LYS B 1340 33.76 -60.64 -43.53
C LYS B 1340 35.12 -59.95 -43.63
N LYS B 1341 36.19 -60.76 -43.71
CA LYS B 1341 37.54 -60.21 -43.83
C LYS B 1341 37.73 -59.47 -45.15
N LEU B 1342 37.11 -59.93 -46.23
CA LEU B 1342 37.23 -59.24 -47.52
C LEU B 1342 36.43 -57.93 -47.56
N VAL B 1343 35.24 -57.96 -46.97
CA VAL B 1343 34.39 -56.78 -46.91
C VAL B 1343 35.11 -55.64 -46.17
N SER B 1344 35.83 -56.00 -45.10
CA SER B 1344 36.56 -54.99 -44.34
C SER B 1344 37.63 -54.28 -45.17
N LEU B 1345 38.27 -54.99 -46.09
CA LEU B 1345 39.28 -54.35 -46.94
C LEU B 1345 38.64 -53.36 -47.90
N ILE B 1346 37.52 -53.77 -48.51
CA ILE B 1346 36.90 -52.92 -49.52
C ILE B 1346 36.39 -51.61 -48.93
N VAL B 1347 35.87 -51.65 -47.69
CA VAL B 1347 35.31 -50.41 -47.13
C VAL B 1347 36.39 -49.37 -46.84
N LYS B 1348 37.52 -49.79 -46.27
CA LYS B 1348 38.61 -48.86 -46.00
C LYS B 1348 39.11 -48.22 -47.29
N ARG B 1349 39.27 -49.05 -48.33
CA ARG B 1349 39.74 -48.56 -49.63
C ARG B 1349 38.81 -47.47 -50.20
N PHE B 1350 37.49 -47.72 -50.17
CA PHE B 1350 36.55 -46.74 -50.73
C PHE B 1350 36.50 -45.45 -49.90
N SER B 1351 36.42 -45.57 -48.57
CA SER B 1351 36.21 -44.39 -47.73
C SER B 1351 37.39 -43.44 -47.80
N THR B 1352 38.60 -43.97 -48.05
CA THR B 1352 39.74 -43.08 -48.23
C THR B 1352 39.55 -42.14 -49.43
N SER B 1353 38.94 -42.63 -50.51
CA SER B 1353 38.75 -41.78 -51.68
C SER B 1353 37.54 -40.87 -51.55
N LEU B 1354 36.48 -41.35 -50.88
CA LEU B 1354 35.24 -40.58 -50.82
C LEU B 1354 35.39 -39.31 -49.99
N LEU B 1355 36.20 -39.36 -48.93
CA LEU B 1355 36.32 -38.26 -47.98
C LEU B 1355 37.36 -37.23 -48.38
N SER B 1356 38.08 -37.43 -49.49
CA SER B 1356 39.17 -36.55 -49.89
C SER B 1356 38.67 -35.26 -50.52
N SER B 1357 39.36 -34.17 -50.22
CA SER B 1357 39.10 -32.86 -50.81
C SER B 1357 39.83 -32.65 -52.13
N VAL B 1358 40.80 -33.52 -52.45
CA VAL B 1358 41.56 -33.41 -53.69
C VAL B 1358 40.69 -33.90 -54.83
N ARG B 1359 40.50 -33.04 -55.86
CA ARG B 1359 39.62 -33.38 -56.97
C ARG B 1359 40.08 -34.62 -57.72
N GLU B 1360 41.39 -34.84 -57.83
CA GLU B 1360 41.93 -35.98 -58.57
C GLU B 1360 41.49 -37.33 -57.99
N ASP B 1361 41.09 -37.38 -56.72
CA ASP B 1361 40.58 -38.59 -56.08
C ASP B 1361 39.11 -38.89 -56.34
N ARG B 1362 38.37 -38.00 -57.01
CA ARG B 1362 36.90 -38.04 -57.06
C ARG B 1362 36.33 -39.28 -57.70
N VAL B 1363 35.33 -39.88 -57.02
CA VAL B 1363 34.67 -41.10 -57.47
C VAL B 1363 33.46 -40.77 -58.34
N ASP B 1364 33.24 -41.62 -59.35
CA ASP B 1364 32.10 -41.48 -60.26
C ASP B 1364 30.78 -41.64 -59.50
N TYR B 1365 29.77 -40.87 -59.95
CA TYR B 1365 28.49 -40.77 -59.24
C TYR B 1365 27.76 -42.11 -59.16
N ALA B 1366 27.65 -42.81 -60.29
CA ALA B 1366 26.92 -44.06 -60.30
C ALA B 1366 27.62 -45.14 -59.47
N LEU B 1367 28.94 -45.17 -59.54
CA LEU B 1367 29.73 -46.07 -58.70
C LEU B 1367 29.50 -45.75 -57.22
N ARG B 1368 29.38 -44.47 -56.89
CA ARG B 1368 29.24 -44.04 -55.51
C ARG B 1368 27.89 -44.47 -54.94
N GLN B 1369 26.82 -44.26 -55.71
CA GLN B 1369 25.50 -44.73 -55.31
C GLN B 1369 25.48 -46.25 -55.13
N SER B 1370 26.09 -46.96 -56.10
CA SER B 1370 26.13 -48.42 -56.10
C SER B 1370 26.84 -48.96 -54.85
N PHE B 1371 27.94 -48.32 -54.44
CA PHE B 1371 28.64 -48.77 -53.23
C PHE B 1371 27.83 -48.48 -51.97
N LEU B 1372 27.34 -47.24 -51.84
CA LEU B 1372 26.79 -46.83 -50.55
C LEU B 1372 25.51 -47.60 -50.20
N GLU B 1373 24.69 -47.98 -51.19
CA GLU B 1373 23.49 -48.73 -50.84
C GLU B 1373 23.83 -50.13 -50.31
N ARG B 1374 24.81 -50.80 -50.94
CA ARG B 1374 25.22 -52.13 -50.50
C ARG B 1374 25.84 -52.08 -49.10
N PHE B 1375 26.61 -51.02 -48.82
CA PHE B 1375 27.16 -50.85 -47.48
C PHE B 1375 26.07 -50.71 -46.43
N ALA B 1376 24.99 -49.99 -46.76
CA ALA B 1376 23.88 -49.88 -45.82
C ALA B 1376 23.24 -51.24 -45.53
N TYR B 1377 23.06 -52.07 -46.58
CA TYR B 1377 22.53 -53.42 -46.34
C TYR B 1377 23.45 -54.27 -45.46
N PHE B 1378 24.77 -54.23 -45.71
CA PHE B 1378 25.68 -54.99 -44.86
C PHE B 1378 25.64 -54.52 -43.41
N THR B 1379 25.51 -53.22 -43.18
CA THR B 1379 25.53 -52.72 -41.81
C THR B 1379 24.25 -53.07 -41.06
N LEU B 1380 23.08 -52.93 -41.69
CA LEU B 1380 21.86 -53.17 -40.94
C LEU B 1380 21.52 -54.64 -40.75
N HIS B 1381 22.16 -55.56 -41.49
CA HIS B 1381 22.04 -56.99 -41.21
C HIS B 1381 23.02 -57.50 -40.15
N ALA B 1382 23.90 -56.64 -39.64
CA ALA B 1382 24.94 -57.04 -38.71
C ALA B 1382 24.40 -57.21 -37.29
N PRO B 1383 25.12 -57.92 -36.42
CA PRO B 1383 24.76 -57.89 -34.99
C PRO B 1383 25.02 -56.52 -34.39
N VAL B 1384 24.25 -56.23 -33.33
CA VAL B 1384 24.18 -54.87 -32.77
C VAL B 1384 25.54 -54.41 -32.27
N SER B 1385 26.31 -55.32 -31.66
CA SER B 1385 27.61 -54.95 -31.12
C SER B 1385 28.72 -54.90 -32.17
N ASP B 1386 28.47 -55.33 -33.41
CA ASP B 1386 29.46 -55.18 -34.47
C ASP B 1386 29.33 -53.89 -35.27
N ILE B 1387 28.18 -53.24 -35.19
CA ILE B 1387 27.90 -51.97 -35.89
C ILE B 1387 28.95 -50.88 -35.62
N PRO B 1388 29.46 -50.66 -34.39
CA PRO B 1388 30.55 -49.68 -34.23
C PRO B 1388 31.83 -50.01 -34.98
N ASP B 1389 32.08 -51.27 -35.34
CA ASP B 1389 33.24 -51.58 -36.16
C ASP B 1389 33.01 -51.37 -37.65
N TYR B 1390 31.78 -51.53 -38.12
CA TYR B 1390 31.48 -51.31 -39.54
C TYR B 1390 31.64 -49.85 -39.93
N ILE B 1391 31.10 -48.92 -39.12
CA ILE B 1391 31.07 -47.52 -39.52
C ILE B 1391 32.28 -46.72 -39.08
N LYS B 1392 33.27 -47.37 -38.44
CA LYS B 1392 34.44 -46.67 -37.89
C LYS B 1392 35.25 -45.82 -38.88
N PRO B 1393 35.52 -46.24 -40.14
CA PRO B 1393 36.22 -45.31 -41.06
C PRO B 1393 35.49 -44.02 -41.34
N PHE B 1394 34.15 -44.03 -41.32
CA PHE B 1394 33.40 -42.80 -41.53
C PHE B 1394 33.27 -41.97 -40.25
N LEU B 1395 33.31 -42.61 -39.09
CA LEU B 1395 33.36 -41.85 -37.84
C LEU B 1395 34.71 -41.15 -37.66
N ASP B 1396 35.80 -41.83 -37.99
CA ASP B 1396 37.12 -41.24 -37.77
C ASP B 1396 37.41 -40.12 -38.77
N GLY B 1397 36.95 -40.26 -40.01
CA GLY B 1397 37.27 -39.31 -41.06
C GLY B 1397 36.27 -38.22 -41.33
N PHE B 1398 35.29 -38.05 -40.45
CA PHE B 1398 34.11 -37.21 -40.68
C PHE B 1398 34.48 -35.75 -40.99
N ASN B 1399 33.88 -35.23 -42.06
CA ASN B 1399 34.11 -33.86 -42.51
C ASN B 1399 32.89 -33.37 -43.30
N GLY B 1400 33.03 -32.21 -43.92
CA GLY B 1400 31.95 -31.53 -44.60
C GLY B 1400 31.71 -31.92 -46.04
N SER B 1401 32.28 -33.02 -46.50
CA SER B 1401 32.19 -33.39 -47.91
C SER B 1401 30.86 -34.05 -48.25
N GLU B 1402 30.48 -33.93 -49.53
CA GLU B 1402 29.15 -34.35 -50.01
C GLU B 1402 28.76 -35.82 -49.75
N PRO B 1403 29.63 -36.84 -49.89
CA PRO B 1403 29.17 -38.21 -49.64
C PRO B 1403 28.66 -38.50 -48.24
N ILE B 1404 28.97 -37.66 -47.25
CA ILE B 1404 28.37 -37.79 -45.92
C ILE B 1404 26.86 -37.60 -45.98
N SER B 1405 26.38 -36.74 -46.88
CA SER B 1405 24.94 -36.56 -47.07
C SER B 1405 24.29 -37.80 -47.71
N GLU B 1406 24.95 -38.34 -48.74
CA GLU B 1406 24.43 -39.48 -49.47
C GLU B 1406 24.35 -40.73 -48.59
N LEU B 1407 25.31 -40.88 -47.67
CA LEU B 1407 25.31 -41.97 -46.71
C LEU B 1407 24.05 -41.98 -45.85
N PHE B 1408 23.71 -40.81 -45.29
CA PHE B 1408 22.51 -40.71 -44.45
C PHE B 1408 21.25 -41.03 -45.24
N LYS B 1409 21.17 -40.54 -46.49
CA LYS B 1409 19.98 -40.84 -47.30
C LYS B 1409 19.84 -42.35 -47.57
N LYS B 1410 20.96 -43.03 -47.87
CA LYS B 1410 20.89 -44.46 -48.13
C LYS B 1410 20.49 -45.26 -46.90
N PHE B 1411 20.99 -44.87 -45.71
CA PHE B 1411 20.53 -45.55 -44.48
C PHE B 1411 19.03 -45.39 -44.27
N ILE B 1412 18.49 -44.20 -44.52
CA ILE B 1412 17.04 -44.01 -44.34
C ILE B 1412 16.24 -44.89 -45.31
N LEU B 1413 16.70 -44.99 -46.56
CA LEU B 1413 16.00 -45.82 -47.55
C LEU B 1413 15.98 -47.30 -47.15
N VAL B 1414 17.16 -47.83 -46.80
CA VAL B 1414 17.21 -49.25 -46.45
C VAL B 1414 16.43 -49.54 -45.16
N GLU B 1415 16.40 -48.60 -44.22
CA GLU B 1415 15.58 -48.79 -43.02
C GLU B 1415 14.09 -48.83 -43.35
N ASP B 1416 13.64 -47.99 -44.29
CA ASP B 1416 12.24 -48.07 -44.69
C ASP B 1416 11.91 -49.43 -45.31
N ARG B 1417 12.88 -50.04 -46.00
CA ARG B 1417 12.62 -51.39 -46.51
C ARG B 1417 12.64 -52.45 -45.41
N LEU B 1418 13.61 -52.38 -44.49
CA LEU B 1418 13.90 -53.50 -43.58
C LEU B 1418 13.20 -53.44 -42.23
N ASN B 1419 12.90 -52.25 -41.73
CA ASN B 1419 12.24 -52.02 -40.43
C ASN B 1419 13.07 -52.63 -39.28
N THR B 1420 14.32 -52.17 -39.19
CA THR B 1420 15.27 -52.60 -38.17
C THR B 1420 15.48 -51.56 -37.06
N TYR B 1421 14.47 -51.37 -36.19
CA TYR B 1421 14.35 -50.21 -35.29
C TYR B 1421 15.62 -49.92 -34.46
N ALA B 1422 16.03 -50.88 -33.62
CA ALA B 1422 17.11 -50.62 -32.68
C ALA B 1422 18.44 -50.38 -33.39
N LYS B 1423 18.68 -51.09 -34.49
CA LYS B 1423 19.94 -50.93 -35.21
C LYS B 1423 20.04 -49.57 -35.87
N PHE B 1424 18.92 -49.10 -36.46
CA PHE B 1424 18.90 -47.75 -37.05
C PHE B 1424 19.17 -46.69 -35.99
N TRP B 1425 18.52 -46.82 -34.84
CA TRP B 1425 18.74 -45.76 -33.86
C TRP B 1425 20.13 -45.84 -33.23
N LYS B 1426 20.76 -47.03 -33.19
CA LYS B 1426 22.16 -47.08 -32.76
C LYS B 1426 23.08 -46.34 -33.73
N VAL B 1427 22.89 -46.56 -35.03
CA VAL B 1427 23.70 -45.84 -36.02
C VAL B 1427 23.50 -44.34 -35.89
N TRP B 1428 22.25 -43.91 -35.73
CA TRP B 1428 21.97 -42.47 -35.59
C TRP B 1428 22.55 -41.90 -34.30
N ASP B 1429 22.55 -42.68 -33.21
CA ASP B 1429 23.13 -42.17 -31.96
C ASP B 1429 24.64 -42.03 -32.03
N LEU B 1430 25.31 -42.83 -32.85
CA LEU B 1430 26.77 -42.72 -32.90
C LEU B 1430 27.26 -41.46 -33.62
N PHE B 1431 26.51 -40.92 -34.58
CA PHE B 1431 26.93 -39.74 -35.35
C PHE B 1431 26.54 -38.40 -34.73
N PHE B 1432 25.81 -38.38 -33.61
CA PHE B 1432 25.20 -37.14 -33.09
C PHE B 1432 26.23 -36.08 -32.74
N ASP B 1433 27.28 -36.47 -31.99
CA ASP B 1433 28.26 -35.49 -31.55
C ASP B 1433 29.03 -34.89 -32.71
N LYS B 1434 29.30 -35.68 -33.75
CA LYS B 1434 29.99 -35.18 -34.94
C LYS B 1434 29.19 -34.10 -35.63
N VAL B 1435 27.90 -34.36 -35.85
CA VAL B 1435 27.03 -33.40 -36.53
C VAL B 1435 26.86 -32.14 -35.69
N VAL B 1436 26.76 -32.30 -34.37
CA VAL B 1436 26.67 -31.14 -33.47
C VAL B 1436 27.93 -30.28 -33.59
N THR B 1437 29.10 -30.93 -33.60
CA THR B 1437 30.36 -30.19 -33.76
C THR B 1437 30.43 -29.50 -35.12
N LEU B 1438 29.83 -30.07 -36.16
CA LEU B 1438 29.94 -29.51 -37.50
C LEU B 1438 29.14 -28.22 -37.66
N CYS B 1439 27.94 -28.14 -37.06
CA CYS B 1439 27.08 -26.97 -37.22
C CYS B 1439 27.70 -25.72 -36.59
N LYS B 1440 28.60 -25.90 -35.62
CA LYS B 1440 29.19 -24.76 -34.92
C LYS B 1440 30.17 -24.00 -35.79
N ASP B 1441 30.62 -24.58 -36.89
CA ASP B 1441 31.41 -23.85 -37.87
C ASP B 1441 30.57 -22.94 -38.75
N GLY B 1442 29.24 -23.04 -38.68
CA GLY B 1442 28.36 -22.30 -39.55
C GLY B 1442 28.04 -23.08 -40.80
N ASP B 1443 26.76 -23.19 -41.16
CA ASP B 1443 26.38 -24.11 -42.21
C ASP B 1443 26.61 -23.57 -43.63
N ARG B 1444 27.35 -22.46 -43.78
CA ARG B 1444 27.70 -21.97 -45.12
C ARG B 1444 28.85 -22.74 -45.75
N TYR B 1445 29.68 -23.41 -44.95
CA TYR B 1445 30.87 -24.08 -45.47
C TYR B 1445 30.52 -25.34 -46.26
N TRP B 1446 31.28 -25.57 -47.35
CA TRP B 1446 31.36 -26.83 -48.10
C TRP B 1446 29.98 -27.40 -48.41
N TYR B 1447 29.60 -28.50 -47.75
CA TYR B 1447 28.23 -29.00 -47.90
C TYR B 1447 27.53 -29.19 -46.56
N VAL B 1448 27.86 -28.35 -45.55
CA VAL B 1448 27.41 -28.57 -44.18
C VAL B 1448 25.88 -28.49 -44.05
N ASP B 1449 25.26 -27.52 -44.73
CA ASP B 1449 23.81 -27.38 -44.64
C ASP B 1449 23.09 -28.63 -45.18
N LYS B 1450 23.60 -29.17 -46.29
CA LYS B 1450 23.00 -30.37 -46.87
C LYS B 1450 23.16 -31.57 -45.95
N ILE B 1451 24.28 -31.64 -45.22
CA ILE B 1451 24.48 -32.71 -44.24
C ILE B 1451 23.49 -32.60 -43.09
N ILE B 1452 23.25 -31.37 -42.60
CA ILE B 1452 22.25 -31.16 -41.55
C ILE B 1452 20.87 -31.60 -42.02
N LYS B 1453 20.48 -31.17 -43.23
CA LYS B 1453 19.15 -31.49 -43.74
C LYS B 1453 18.99 -33.00 -43.95
N SER B 1454 20.06 -33.67 -44.39
CA SER B 1454 20.00 -35.12 -44.56
C SER B 1454 19.84 -35.83 -43.23
N TYR B 1455 20.55 -35.38 -42.20
CA TYR B 1455 20.48 -36.04 -40.90
C TYR B 1455 19.12 -35.87 -40.25
N LEU B 1456 18.44 -34.76 -40.51
CA LEU B 1456 17.15 -34.43 -39.90
C LEU B 1456 15.97 -34.73 -40.83
N PHE B 1457 16.10 -35.74 -41.69
CA PHE B 1457 15.03 -36.35 -42.49
C PHE B 1457 14.41 -35.43 -43.54
N ALA B 1458 15.03 -34.31 -43.88
CA ALA B 1458 14.38 -33.33 -44.74
C ALA B 1458 14.64 -33.52 -46.24
N GLU B 1459 15.59 -34.38 -46.64
CA GLU B 1459 15.95 -34.53 -48.04
C GLU B 1459 15.30 -35.72 -48.75
N SER B 1460 14.52 -36.59 -48.02
CA SER B 1460 14.00 -37.82 -48.62
C SER B 1460 12.60 -37.60 -49.22
N PRO B 1461 12.27 -38.32 -50.31
CA PRO B 1461 10.94 -38.18 -50.94
C PRO B 1461 9.82 -39.01 -50.31
N TRP B 1462 9.18 -38.48 -49.27
CA TRP B 1462 8.10 -39.15 -48.54
C TRP B 1462 6.74 -38.97 -49.22
N LYS B 1463 5.84 -39.91 -48.97
CA LYS B 1463 4.49 -39.85 -49.50
C LYS B 1463 3.70 -38.72 -48.83
N GLU B 1464 2.56 -38.38 -49.45
CA GLU B 1464 1.85 -37.13 -49.24
C GLU B 1464 1.05 -37.00 -47.94
N ASN B 1465 0.61 -38.09 -47.34
CA ASN B 1465 -0.35 -38.02 -46.23
C ASN B 1465 -0.02 -39.05 -45.16
N SER B 1466 1.26 -39.13 -44.77
CA SER B 1466 1.69 -40.11 -43.80
C SER B 1466 1.17 -39.78 -42.41
N ASN B 1467 0.68 -40.79 -41.70
CA ASN B 1467 0.27 -40.64 -40.32
C ASN B 1467 1.46 -40.63 -39.35
N GLY B 1468 2.64 -40.96 -39.84
CA GLY B 1468 3.80 -41.23 -39.01
C GLY B 1468 4.77 -42.10 -39.79
N TRP B 1469 5.72 -42.68 -39.06
CA TRP B 1469 6.66 -43.62 -39.67
C TRP B 1469 6.88 -44.75 -38.69
N HIS B 1470 7.04 -45.95 -39.21
CA HIS B 1470 7.12 -47.15 -38.38
C HIS B 1470 8.37 -47.17 -37.49
N THR B 1471 9.35 -46.31 -37.75
CA THR B 1471 10.55 -46.20 -36.94
C THR B 1471 10.46 -45.10 -35.87
N PHE B 1472 9.38 -44.29 -35.87
CA PHE B 1472 9.14 -43.29 -34.82
C PHE B 1472 8.19 -43.84 -33.75
N LYS B 1473 8.57 -43.67 -32.49
CA LYS B 1473 7.72 -44.04 -31.35
C LYS B 1473 7.79 -42.93 -30.30
N ASP B 1474 6.91 -43.03 -29.27
CA ASP B 1474 6.84 -42.01 -28.23
C ASP B 1474 8.18 -41.78 -27.55
N SER B 1475 8.95 -42.85 -27.35
CA SER B 1475 10.25 -42.78 -26.72
C SER B 1475 11.24 -41.92 -27.50
N ASN B 1476 11.11 -41.87 -28.82
CA ASN B 1476 12.09 -41.18 -29.64
C ASN B 1476 11.90 -39.67 -29.71
N SER B 1477 10.93 -39.13 -28.98
CA SER B 1477 10.75 -37.68 -28.93
C SER B 1477 11.94 -36.97 -28.29
N GLN B 1478 12.73 -37.67 -27.48
CA GLN B 1478 13.93 -37.08 -26.88
C GLN B 1478 15.03 -36.79 -27.89
N PHE B 1479 15.00 -37.42 -29.07
CA PHE B 1479 15.94 -37.05 -30.13
C PHE B 1479 15.75 -35.62 -30.58
N PHE B 1480 14.50 -35.26 -30.89
CA PHE B 1480 14.20 -33.92 -31.35
C PHE B 1480 14.39 -32.88 -30.26
N CYS B 1481 14.19 -33.28 -28.99
CA CYS B 1481 14.49 -32.40 -27.86
C CYS B 1481 15.97 -32.04 -27.81
N ASP B 1482 16.85 -33.05 -27.90
CA ASP B 1482 18.28 -32.80 -27.88
C ASP B 1482 18.70 -31.97 -29.09
N VAL B 1483 18.14 -32.27 -30.26
CA VAL B 1483 18.48 -31.52 -31.47
C VAL B 1483 18.11 -30.05 -31.31
N SER B 1484 16.88 -29.76 -30.90
CA SER B 1484 16.44 -28.37 -30.78
C SER B 1484 17.16 -27.65 -29.65
N ARG B 1485 17.60 -28.37 -28.63
CA ARG B 1485 18.39 -27.75 -27.57
C ARG B 1485 19.80 -27.41 -28.04
N THR B 1486 20.36 -28.20 -28.95
CA THR B 1486 21.79 -28.12 -29.22
C THR B 1486 22.15 -27.49 -30.55
N MET B 1487 21.30 -27.60 -31.57
CA MET B 1487 21.61 -27.14 -32.91
C MET B 1487 20.71 -26.00 -33.38
N GLY B 1488 20.13 -25.24 -32.45
CA GLY B 1488 19.05 -24.32 -32.81
C GLY B 1488 19.46 -23.16 -33.68
N HIS B 1489 20.74 -22.77 -33.63
CA HIS B 1489 21.19 -21.56 -34.30
C HIS B 1489 21.39 -21.71 -35.81
N CYS B 1490 21.63 -22.91 -36.32
CA CYS B 1490 21.71 -23.12 -37.76
C CYS B 1490 20.30 -23.03 -38.35
N PRO B 1491 20.05 -22.13 -39.32
CA PRO B 1491 18.69 -22.00 -39.89
C PRO B 1491 18.19 -23.26 -40.57
N SER B 1492 19.11 -24.12 -41.02
CA SER B 1492 18.75 -25.41 -41.60
C SER B 1492 17.97 -26.26 -40.60
N THR B 1493 18.28 -26.12 -39.30
CA THR B 1493 17.56 -26.85 -38.27
C THR B 1493 16.08 -26.47 -38.22
N LEU B 1494 15.81 -25.16 -38.20
CA LEU B 1494 14.43 -24.67 -38.17
C LEU B 1494 13.66 -25.11 -39.39
N TYR B 1495 14.29 -24.99 -40.57
CA TYR B 1495 13.67 -25.48 -41.81
C TYR B 1495 13.32 -26.96 -41.71
N SER B 1496 14.27 -27.77 -41.25
CA SER B 1496 14.09 -29.22 -41.23
C SER B 1496 12.97 -29.62 -40.28
N LEU B 1497 12.93 -29.02 -39.09
CA LEU B 1497 11.87 -29.34 -38.14
C LEU B 1497 10.50 -28.93 -38.65
N ALA B 1498 10.40 -27.73 -39.25
CA ALA B 1498 9.12 -27.27 -39.75
C ALA B 1498 8.61 -28.16 -40.88
N LYS B 1499 9.52 -28.61 -41.75
CA LYS B 1499 9.10 -29.50 -42.83
C LYS B 1499 8.71 -30.88 -42.30
N SER B 1500 9.44 -31.38 -41.29
CA SER B 1500 9.20 -32.74 -40.83
C SER B 1500 7.91 -32.85 -40.04
N LEU B 1501 7.64 -31.88 -39.16
CA LEU B 1501 6.45 -31.93 -38.31
C LEU B 1501 5.16 -31.84 -39.11
N ASN B 1502 5.24 -31.37 -40.35
CA ASN B 1502 4.08 -31.20 -41.21
C ASN B 1502 3.68 -32.50 -41.90
N ASN B 1503 4.62 -33.42 -42.14
CA ASN B 1503 4.20 -34.71 -42.67
C ASN B 1503 4.70 -35.98 -41.96
N ILE B 1504 6.01 -36.27 -42.04
CA ILE B 1504 6.52 -37.59 -41.63
C ILE B 1504 6.62 -37.71 -40.13
N ALA B 1505 6.81 -36.60 -39.43
CA ALA B 1505 6.88 -36.60 -37.98
C ALA B 1505 5.64 -36.00 -37.34
N SER B 1506 4.49 -36.09 -38.03
CA SER B 1506 3.27 -35.38 -37.63
C SER B 1506 2.77 -35.82 -36.26
N CYS B 1507 3.14 -37.03 -35.83
CA CYS B 1507 2.65 -37.58 -34.57
C CYS B 1507 3.21 -36.86 -33.34
N TYR B 1508 4.18 -35.95 -33.49
CA TYR B 1508 4.75 -35.19 -32.38
C TYR B 1508 4.30 -33.72 -32.30
N LEU B 1509 3.23 -33.34 -33.01
CA LEU B 1509 2.90 -31.92 -33.24
C LEU B 1509 2.80 -31.09 -31.95
N ASN B 1510 2.11 -31.64 -30.95
CA ASN B 1510 1.91 -30.94 -29.67
C ASN B 1510 3.23 -30.58 -29.00
N GLN B 1511 4.23 -31.46 -29.13
CA GLN B 1511 5.55 -31.20 -28.55
C GLN B 1511 6.40 -30.31 -29.47
N GLY B 1512 6.14 -30.41 -30.79
CA GLY B 1512 6.87 -29.62 -31.76
C GLY B 1512 6.64 -28.14 -31.59
N ILE B 1513 5.43 -27.76 -31.16
CA ILE B 1513 5.18 -26.35 -30.86
C ILE B 1513 6.14 -25.83 -29.79
N THR B 1514 6.39 -26.63 -28.75
CA THR B 1514 7.37 -26.24 -27.72
C THR B 1514 8.78 -26.11 -28.29
N TRP B 1515 9.19 -27.10 -29.08
CA TRP B 1515 10.55 -27.05 -29.65
C TRP B 1515 10.77 -25.81 -30.52
N LEU B 1516 9.80 -25.50 -31.39
CA LEU B 1516 9.92 -24.34 -32.28
C LEU B 1516 9.87 -23.02 -31.50
N SER B 1517 8.95 -22.92 -30.53
CA SER B 1517 8.83 -21.70 -29.74
C SER B 1517 10.11 -21.41 -28.97
N GLU B 1518 10.74 -22.47 -28.42
CA GLU B 1518 12.04 -22.35 -27.78
C GLU B 1518 13.10 -21.81 -28.73
N ILE B 1519 13.24 -22.45 -29.90
CA ILE B 1519 14.27 -22.06 -30.86
C ILE B 1519 14.14 -20.59 -31.24
N LEU B 1520 12.91 -20.17 -31.52
CA LEU B 1520 12.70 -18.78 -31.93
C LEU B 1520 12.89 -17.80 -30.78
N SER B 1521 12.58 -18.19 -29.54
CA SER B 1521 12.67 -17.22 -28.45
C SER B 1521 14.10 -17.08 -27.91
N VAL B 1522 14.95 -18.09 -28.07
CA VAL B 1522 16.32 -17.98 -27.58
C VAL B 1522 17.30 -17.43 -28.62
N ASN B 1523 17.18 -17.83 -29.88
CA ASN B 1523 18.20 -17.52 -30.90
C ASN B 1523 17.77 -16.28 -31.70
N LYS B 1524 18.04 -15.10 -31.09
CA LYS B 1524 17.48 -13.82 -31.56
C LYS B 1524 17.91 -13.44 -32.98
N LYS B 1525 19.05 -13.95 -33.43
CA LYS B 1525 19.61 -13.57 -34.73
C LYS B 1525 18.84 -14.21 -35.89
N LEU B 1526 18.08 -15.28 -35.61
CA LEU B 1526 17.18 -15.87 -36.61
C LEU B 1526 16.12 -14.87 -37.08
N TRP B 1527 15.83 -13.85 -36.29
CA TRP B 1527 14.87 -12.83 -36.69
C TRP B 1527 15.45 -11.89 -37.76
N GLU B 1528 16.76 -11.91 -37.98
CA GLU B 1528 17.41 -11.01 -38.92
C GLU B 1528 18.12 -11.72 -40.08
N LYS B 1529 18.50 -12.99 -39.91
CA LYS B 1529 19.18 -13.73 -40.95
C LYS B 1529 18.23 -14.11 -42.08
N LYS B 1530 18.81 -14.44 -43.23
CA LYS B 1530 18.06 -14.93 -44.38
C LYS B 1530 17.63 -16.39 -44.15
N LEU B 1531 16.37 -16.69 -44.45
CA LEU B 1531 15.82 -18.02 -44.26
C LEU B 1531 15.87 -18.85 -45.53
N GLU B 1532 15.78 -20.16 -45.36
CA GLU B 1532 15.59 -21.09 -46.46
C GLU B 1532 14.19 -20.92 -47.07
N ASN B 1533 14.08 -21.29 -48.35
CA ASN B 1533 12.79 -21.23 -49.04
C ASN B 1533 11.75 -22.13 -48.39
N ASP B 1534 10.50 -21.67 -48.43
CA ASP B 1534 9.29 -22.30 -47.88
C ASP B 1534 9.25 -22.45 -46.36
N THR B 1535 10.21 -21.89 -45.63
CA THR B 1535 10.19 -22.00 -44.16
C THR B 1535 8.92 -21.39 -43.55
N VAL B 1536 8.57 -20.19 -44.02
CA VAL B 1536 7.40 -19.49 -43.52
C VAL B 1536 6.12 -20.25 -43.88
N TYR B 1537 6.08 -20.84 -45.08
CA TYR B 1537 4.90 -21.59 -45.52
C TYR B 1537 4.62 -22.79 -44.59
N TYR B 1538 5.67 -23.55 -44.26
CA TYR B 1538 5.48 -24.69 -43.37
C TYR B 1538 5.08 -24.26 -41.96
N LEU B 1539 5.65 -23.14 -41.46
CA LEU B 1539 5.26 -22.67 -40.14
C LEU B 1539 3.78 -22.24 -40.10
N GLU B 1540 3.32 -21.58 -41.17
CA GLU B 1540 1.90 -21.23 -41.27
C GLU B 1540 1.03 -22.47 -41.18
N CYS B 1541 1.39 -23.52 -41.91
CA CYS B 1541 0.60 -24.77 -41.88
C CYS B 1541 0.55 -25.37 -40.48
N LEU B 1542 1.71 -25.45 -39.80
CA LEU B 1542 1.77 -26.07 -38.48
C LEU B 1542 0.90 -25.35 -37.46
N VAL B 1543 1.08 -24.02 -37.35
CA VAL B 1543 0.35 -23.29 -36.31
C VAL B 1543 -1.14 -23.30 -36.61
N ARG B 1544 -1.52 -23.19 -37.89
CA ARG B 1544 -2.94 -23.20 -38.23
C ARG B 1544 -3.57 -24.55 -37.96
N ARG B 1545 -2.82 -25.65 -38.15
CA ARG B 1545 -3.36 -26.98 -37.85
C ARG B 1545 -3.52 -27.20 -36.34
N TYR B 1546 -2.57 -26.70 -35.55
CA TYR B 1546 -2.60 -26.88 -34.09
C TYR B 1546 -3.79 -26.18 -33.45
N ILE B 1547 -4.01 -24.90 -33.81
CA ILE B 1547 -5.06 -24.08 -33.20
C ILE B 1547 -6.44 -24.67 -33.49
N ASN B 1548 -6.59 -25.27 -34.68
CA ASN B 1548 -7.86 -25.90 -35.06
C ASN B 1548 -8.24 -27.04 -34.13
N ASN B 1549 -7.25 -27.73 -33.55
CA ASN B 1549 -7.51 -28.82 -32.60
C ASN B 1549 -7.61 -28.34 -31.15
N GLU B 1550 -6.81 -27.36 -30.75
CA GLU B 1550 -6.50 -27.11 -29.34
C GLU B 1550 -7.08 -25.81 -28.81
N ARG B 1551 -8.08 -25.24 -29.51
CA ARG B 1551 -8.58 -23.87 -29.30
C ARG B 1551 -8.97 -23.59 -27.86
N GLU B 1552 -9.82 -24.45 -27.28
CA GLU B 1552 -10.29 -24.23 -25.91
C GLU B 1552 -9.13 -24.29 -24.91
N ARG B 1553 -8.24 -25.27 -25.05
CA ARG B 1553 -7.14 -25.39 -24.11
C ARG B 1553 -6.20 -24.21 -24.20
N ILE B 1554 -5.97 -23.69 -25.41
CA ILE B 1554 -5.14 -22.49 -25.56
C ILE B 1554 -5.77 -21.30 -24.86
N ARG B 1555 -7.08 -21.10 -25.06
CA ARG B 1555 -7.77 -19.98 -24.42
C ARG B 1555 -7.72 -20.07 -22.90
N ARG B 1556 -7.85 -21.29 -22.35
CA ARG B 1556 -7.95 -21.49 -20.90
C ARG B 1556 -6.61 -21.64 -20.19
N THR B 1557 -5.47 -21.61 -20.88
CA THR B 1557 -4.17 -21.95 -20.28
C THR B 1557 -3.09 -21.00 -20.73
N LYS B 1558 -2.51 -20.25 -19.79
CA LYS B 1558 -1.59 -19.14 -20.10
C LYS B 1558 -0.33 -19.60 -20.85
N GLN B 1559 0.28 -20.70 -20.41
CA GLN B 1559 1.57 -21.12 -20.97
C GLN B 1559 1.44 -21.50 -22.45
N LEU B 1560 0.38 -22.22 -22.80
CA LEU B 1560 0.16 -22.60 -24.20
C LEU B 1560 -0.03 -21.38 -25.08
N LYS B 1561 -0.77 -20.38 -24.58
CA LYS B 1561 -1.03 -19.17 -25.35
C LYS B 1561 0.25 -18.39 -25.59
N GLN B 1562 1.12 -18.30 -24.58
CA GLN B 1562 2.39 -17.60 -24.76
C GLN B 1562 3.28 -18.33 -25.78
N GLU B 1563 3.33 -19.67 -25.68
CA GLU B 1563 4.15 -20.46 -26.59
C GLU B 1563 3.69 -20.30 -28.04
N VAL B 1564 2.38 -20.28 -28.26
CA VAL B 1564 1.87 -20.09 -29.62
C VAL B 1564 2.14 -18.67 -30.13
N LEU B 1565 1.96 -17.67 -29.26
CA LEU B 1565 2.10 -16.29 -29.72
C LEU B 1565 3.53 -15.99 -30.14
N VAL B 1566 4.54 -16.71 -29.61
CA VAL B 1566 5.91 -16.54 -30.12
C VAL B 1566 6.04 -16.91 -31.63
N ILE B 1567 5.35 -17.95 -32.07
CA ILE B 1567 5.45 -18.26 -33.48
C ILE B 1567 4.65 -17.25 -34.30
N LEU B 1568 3.49 -16.84 -33.79
CA LEU B 1568 2.65 -15.92 -34.56
C LEU B 1568 3.26 -14.52 -34.73
N ASP B 1569 3.95 -14.02 -33.71
CA ASP B 1569 4.55 -12.69 -33.91
C ASP B 1569 5.77 -12.79 -34.83
N PHE B 1570 6.48 -13.93 -34.80
CA PHE B 1570 7.51 -14.12 -35.81
C PHE B 1570 6.93 -14.11 -37.22
N LEU B 1571 5.79 -14.77 -37.44
CA LEU B 1571 5.17 -14.77 -38.77
C LEU B 1571 4.68 -13.38 -39.18
N VAL B 1572 4.10 -12.64 -38.25
CA VAL B 1572 3.63 -11.28 -38.54
C VAL B 1572 4.81 -10.35 -38.82
N GLU B 1573 5.94 -10.57 -38.14
CA GLU B 1573 7.14 -9.77 -38.40
C GLU B 1573 7.62 -9.97 -39.83
N LYS B 1574 7.49 -11.18 -40.36
CA LYS B 1574 7.81 -11.48 -41.74
C LYS B 1574 6.67 -11.16 -42.71
N GLY B 1575 5.56 -10.59 -42.23
CA GLY B 1575 4.52 -10.10 -43.12
C GLY B 1575 3.44 -11.09 -43.49
N SER B 1576 3.23 -12.13 -42.71
CA SER B 1576 2.25 -13.16 -43.05
C SER B 1576 0.84 -12.67 -42.76
N VAL B 1577 -0.02 -12.72 -43.78
CA VAL B 1577 -1.44 -12.43 -43.55
C VAL B 1577 -2.07 -13.52 -42.69
N VAL B 1578 -1.73 -14.78 -42.97
CA VAL B 1578 -2.31 -15.91 -42.23
C VAL B 1578 -1.96 -15.81 -40.74
N GLY B 1579 -0.71 -15.43 -40.42
CA GLY B 1579 -0.33 -15.23 -39.02
C GLY B 1579 -1.12 -14.13 -38.34
N TYR B 1580 -1.32 -13.02 -39.05
CA TYR B 1580 -2.06 -11.87 -38.52
C TYR B 1580 -3.50 -12.26 -38.19
N MET B 1581 -4.21 -12.86 -39.16
CA MET B 1581 -5.59 -13.27 -38.93
C MET B 1581 -5.67 -14.33 -37.82
N SER B 1582 -4.65 -15.18 -37.69
CA SER B 1582 -4.68 -16.17 -36.62
C SER B 1582 -4.58 -15.52 -35.24
N ARG B 1583 -3.74 -14.48 -35.10
CA ARG B 1583 -3.72 -13.74 -33.83
C ARG B 1583 -5.09 -13.13 -33.54
N GLU B 1584 -5.69 -12.48 -34.54
CA GLU B 1584 -7.00 -11.86 -34.30
C GLU B 1584 -8.08 -12.88 -33.94
N ASN B 1585 -7.92 -14.14 -34.37
CA ASN B 1585 -8.82 -15.20 -33.93
C ASN B 1585 -8.55 -15.63 -32.49
N ILE B 1586 -7.27 -15.80 -32.13
CA ILE B 1586 -6.91 -16.32 -30.80
C ILE B 1586 -7.31 -15.35 -29.69
N LEU B 1587 -7.12 -14.05 -29.91
CA LEU B 1587 -7.40 -13.04 -28.89
C LEU B 1587 -8.88 -12.93 -28.53
N FME C 1 -75.44 -12.10 0.15
CN FME C 1 -75.81 -13.10 1.01
O1 FME C 1 -75.45 -14.21 1.25
CA FME C 1 -76.20 -10.88 0.30
CB FME C 1 -77.65 -11.10 -0.23
CG FME C 1 -77.82 -11.95 -1.47
SD FME C 1 -79.37 -12.83 -1.38
CE FME C 1 -79.55 -13.24 0.32
C FME C 1 -76.20 -10.42 1.77
O FME C 1 -75.26 -10.60 2.57
N VAL C 2 -77.35 -9.85 2.14
CA VAL C 2 -77.59 -9.24 3.45
C VAL C 2 -79.05 -8.81 3.65
N LYS C 3 -79.62 -9.20 4.79
CA LYS C 3 -81.02 -8.94 5.10
C LYS C 3 -81.22 -7.50 5.57
N PRO C 4 -82.38 -6.90 5.28
CA PRO C 4 -82.71 -5.59 5.86
C PRO C 4 -82.81 -5.65 7.38
N ASN C 5 -82.39 -4.57 8.03
CA ASN C 5 -82.37 -4.50 9.49
C ASN C 5 -82.49 -3.02 9.85
N TRP C 6 -83.70 -2.59 10.17
CA TRP C 6 -83.92 -1.17 10.47
C TRP C 6 -83.44 -0.79 11.87
N ASP C 7 -83.17 -1.77 12.74
CA ASP C 7 -82.52 -1.46 14.02
C ASP C 7 -81.06 -1.07 13.83
N ASN C 8 -80.35 -1.74 12.91
CA ASN C 8 -79.02 -1.28 12.50
C ASN C 8 -79.08 0.15 11.95
N PHE C 9 -80.07 0.43 11.10
CA PHE C 9 -80.21 1.76 10.52
C PHE C 9 -80.42 2.81 11.59
N LYS C 10 -81.31 2.54 12.56
CA LYS C 10 -81.60 3.55 13.55
C LYS C 10 -80.43 3.72 14.53
N ALA C 11 -79.71 2.64 14.83
CA ALA C 11 -78.54 2.78 15.70
C ALA C 11 -77.42 3.53 15.00
N LYS C 12 -77.27 3.34 13.69
CA LYS C 12 -76.13 3.88 12.96
C LYS C 12 -76.30 5.36 12.64
N PHE C 13 -77.47 5.75 12.15
CA PHE C 13 -77.72 7.11 11.67
C PHE C 13 -78.54 7.94 12.65
N SER C 14 -78.26 7.79 13.96
CA SER C 14 -79.20 8.23 14.99
C SER C 14 -79.42 9.73 15.02
N GLU C 15 -78.48 10.53 14.50
CA GLU C 15 -78.64 11.98 14.57
C GLU C 15 -79.54 12.55 13.49
N ASN C 16 -79.82 11.83 12.41
CA ASN C 16 -80.70 12.31 11.34
C ASN C 16 -81.26 11.14 10.55
N PRO C 17 -82.21 10.38 11.14
CA PRO C 17 -82.77 9.23 10.40
C PRO C 17 -83.54 9.62 9.15
N GLN C 18 -84.25 10.74 9.16
CA GLN C 18 -85.07 11.15 8.02
C GLN C 18 -84.22 11.52 6.81
N GLY C 19 -83.18 12.33 7.02
CA GLY C 19 -82.35 12.76 5.90
C GLY C 19 -81.60 11.63 5.24
N ASN C 20 -81.11 10.68 6.04
CA ASN C 20 -80.43 9.52 5.48
C ASN C 20 -81.41 8.61 4.75
N PHE C 21 -82.64 8.46 5.26
CA PHE C 21 -83.64 7.68 4.54
C PHE C 21 -83.98 8.33 3.20
N GLU C 22 -84.00 9.67 3.15
CA GLU C 22 -84.25 10.38 1.89
C GLU C 22 -83.13 10.15 0.89
N TRP C 23 -81.87 10.14 1.35
CA TRP C 23 -80.72 9.83 0.49
C TRP C 23 -80.86 8.44 -0.13
N PHE C 24 -81.18 7.44 0.71
CA PHE C 24 -81.31 6.06 0.25
C PHE C 24 -82.40 5.91 -0.81
N CYS C 25 -83.56 6.54 -0.58
CA CYS C 25 -84.67 6.42 -1.53
C CYS C 25 -84.36 7.12 -2.85
N TYR C 26 -83.66 8.26 -2.81
CA TYR C 26 -83.25 8.92 -4.05
C TYR C 26 -82.36 8.02 -4.90
N LEU C 27 -81.42 7.33 -4.26
CA LEU C 27 -80.52 6.44 -5.01
C LEU C 27 -81.29 5.31 -5.69
N LEU C 28 -82.24 4.70 -4.97
CA LEU C 28 -83.02 3.61 -5.60
C LEU C 28 -83.90 4.12 -6.75
N PHE C 29 -84.48 5.33 -6.60
CA PHE C 29 -85.27 5.93 -7.69
C PHE C 29 -84.43 6.16 -8.93
N CYS C 30 -83.19 6.63 -8.77
CA CYS C 30 -82.32 6.83 -9.93
C CYS C 30 -81.98 5.51 -10.59
N GLN C 31 -81.76 4.46 -9.80
CA GLN C 31 -81.47 3.17 -10.41
C GLN C 31 -82.64 2.59 -11.18
N GLU C 32 -83.88 2.98 -10.87
CA GLU C 32 -85.00 2.39 -11.60
C GLU C 32 -85.57 3.28 -12.71
N PHE C 33 -85.69 4.59 -12.51
CA PHE C 33 -86.42 5.46 -13.42
C PHE C 33 -85.55 6.41 -14.23
N LYS C 34 -84.52 7.02 -13.64
CA LYS C 34 -83.60 7.87 -14.38
C LYS C 34 -82.53 7.01 -15.05
N MET C 35 -81.42 7.65 -15.50
CA MET C 35 -80.33 7.03 -16.25
C MET C 35 -79.15 6.77 -15.33
N PRO C 36 -78.63 5.54 -15.25
CA PRO C 36 -77.72 5.17 -14.14
C PRO C 36 -76.34 5.79 -14.14
N ALA C 37 -76.08 6.64 -13.15
CA ALA C 37 -74.73 7.00 -12.75
C ALA C 37 -74.14 5.92 -11.84
N GLY C 38 -72.87 6.11 -11.48
CA GLY C 38 -72.15 5.16 -10.67
C GLY C 38 -71.94 5.61 -9.23
N ILE C 39 -71.18 4.79 -8.50
CA ILE C 39 -70.92 4.99 -7.08
C ILE C 39 -70.27 6.35 -6.81
N PHE C 40 -69.35 6.79 -7.67
CA PHE C 40 -68.64 8.04 -7.43
C PHE C 40 -69.58 9.24 -7.41
N ARG C 41 -70.61 9.24 -8.24
CA ARG C 41 -71.56 10.33 -8.20
C ARG C 41 -72.55 10.19 -7.03
N TYR C 42 -72.99 8.97 -6.74
CA TYR C 42 -73.98 8.75 -5.67
C TYR C 42 -73.44 9.05 -4.27
N LYS C 43 -72.12 9.11 -4.09
CA LYS C 43 -71.54 9.30 -2.77
C LYS C 43 -71.83 10.68 -2.18
N ASN C 44 -72.21 11.66 -2.99
CA ASN C 44 -72.49 13.02 -2.53
C ASN C 44 -73.89 13.08 -1.94
N GLN C 45 -73.96 13.14 -0.60
CA GLN C 45 -75.26 13.25 0.07
C GLN C 45 -75.96 14.57 -0.27
N SER C 46 -75.19 15.58 -0.67
CA SER C 46 -75.75 16.88 -1.04
C SER C 46 -76.47 16.88 -2.39
N GLY C 47 -76.35 15.81 -3.17
CA GLY C 47 -76.82 15.79 -4.55
C GLY C 47 -78.27 15.42 -4.80
N ILE C 48 -79.12 15.43 -3.76
CA ILE C 48 -80.52 15.05 -3.92
C ILE C 48 -81.26 16.11 -4.73
N GLU C 49 -82.08 15.65 -5.69
CA GLU C 49 -82.99 16.55 -6.39
C GLU C 49 -84.35 15.90 -6.58
N THR C 50 -85.41 16.69 -6.40
CA THR C 50 -86.78 16.20 -6.35
C THR C 50 -87.53 16.39 -7.67
N ASN C 51 -86.82 16.64 -8.76
CA ASN C 51 -87.45 16.86 -10.07
C ASN C 51 -88.17 15.60 -10.55
N PRO C 52 -89.38 15.73 -11.10
CA PRO C 52 -90.05 14.57 -11.69
C PRO C 52 -89.49 14.23 -13.07
N ILE C 53 -89.92 13.09 -13.59
CA ILE C 53 -89.47 12.57 -14.88
C ILE C 53 -90.68 12.28 -15.76
N THR C 54 -90.50 12.46 -17.06
CA THR C 54 -91.55 12.22 -18.05
C THR C 54 -91.26 10.91 -18.80
N LYS C 55 -92.27 10.04 -18.83
CA LYS C 55 -92.19 8.78 -19.56
C LYS C 55 -93.56 8.42 -20.10
N ASP C 56 -93.60 8.01 -21.37
CA ASP C 56 -94.78 7.42 -22.02
C ASP C 56 -96.00 8.33 -21.89
N ASN C 57 -95.77 9.64 -22.09
CA ASN C 57 -96.75 10.71 -21.97
C ASN C 57 -97.41 10.76 -20.58
N GLU C 58 -96.63 10.43 -19.54
CA GLU C 58 -97.04 10.50 -18.14
C GLU C 58 -95.92 11.15 -17.34
N ILE C 59 -96.27 11.76 -16.20
CA ILE C 59 -95.30 12.48 -15.35
C ILE C 59 -95.23 11.80 -13.99
N ILE C 60 -94.03 11.39 -13.59
CA ILE C 60 -93.80 10.53 -12.42
C ILE C 60 -92.86 11.21 -11.42
N GLY C 61 -93.28 11.24 -10.15
CA GLY C 61 -92.45 11.78 -9.08
C GLY C 61 -92.38 10.82 -7.88
N TRP C 62 -91.78 11.32 -6.80
CA TRP C 62 -91.49 10.48 -5.62
C TRP C 62 -91.47 11.28 -4.32
N GLN C 63 -91.62 10.55 -3.19
CA GLN C 63 -91.50 11.08 -1.84
C GLN C 63 -91.36 9.88 -0.87
N SER C 64 -90.89 10.14 0.37
CA SER C 64 -90.60 9.08 1.33
C SER C 64 -90.64 9.59 2.78
N LYS C 65 -90.96 8.69 3.72
CA LYS C 65 -90.92 9.04 5.14
C LYS C 65 -90.68 7.81 6.03
N PHE C 66 -89.94 8.05 7.12
CA PHE C 66 -89.48 7.05 8.09
C PHE C 66 -90.27 7.20 9.37
N TYR C 67 -90.82 6.10 9.88
CA TYR C 67 -91.74 6.13 11.01
C TYR C 67 -91.47 5.01 12.01
N ASP C 68 -91.76 5.30 13.27
CA ASP C 68 -91.66 4.33 14.36
C ASP C 68 -92.97 3.63 14.71
N THR C 69 -94.09 4.03 14.11
CA THR C 69 -95.40 3.48 14.47
C THR C 69 -96.22 3.23 13.21
N LYS C 70 -97.40 2.65 13.42
CA LYS C 70 -98.29 2.20 12.36
C LYS C 70 -98.72 3.41 11.52
N LEU C 71 -98.82 3.21 10.21
CA LEU C 71 -99.25 4.22 9.26
C LEU C 71 -100.66 4.74 9.54
N SER C 72 -101.46 4.03 10.35
CA SER C 72 -102.74 4.57 10.78
C SER C 72 -102.59 5.85 11.57
N ASP C 73 -101.46 6.03 12.25
CA ASP C 73 -101.29 7.11 13.21
C ASP C 73 -100.83 8.41 12.59
N ASN C 74 -100.46 8.43 11.31
CA ASN C 74 -99.79 9.58 10.71
C ASN C 74 -100.55 10.17 9.53
N LYS C 75 -101.89 10.01 9.52
CA LYS C 75 -102.73 10.46 8.39
C LYS C 75 -102.51 11.92 8.03
N ALA C 76 -102.35 12.78 9.05
CA ALA C 76 -102.12 14.20 8.79
C ALA C 76 -100.85 14.42 7.99
N ASP C 77 -99.80 13.65 8.28
CA ASP C 77 -98.55 13.80 7.56
C ASP C 77 -98.66 13.32 6.12
N LEU C 78 -99.38 12.21 5.89
CA LEU C 78 -99.56 11.70 4.54
C LEU C 78 -100.34 12.68 3.67
N ILE C 79 -101.39 13.30 4.25
CA ILE C 79 -102.18 14.30 3.54
C ILE C 79 -101.32 15.53 3.21
N GLU C 80 -100.56 16.02 4.20
CA GLU C 80 -99.62 17.13 4.01
C GLU C 80 -98.64 16.84 2.87
N MET C 81 -98.13 15.60 2.81
CA MET C 81 -97.19 15.20 1.77
C MET C 81 -97.81 15.29 0.39
N ILE C 82 -99.04 14.76 0.24
CA ILE C 82 -99.68 14.75 -1.09
C ILE C 82 -99.91 16.18 -1.59
N GLU C 83 -100.44 17.04 -0.71
CA GLU C 83 -100.77 18.40 -1.18
C GLU C 83 -99.52 19.22 -1.47
N LYS C 84 -98.46 19.04 -0.66
CA LYS C 84 -97.20 19.73 -0.95
C LYS C 84 -96.62 19.27 -2.28
N SER C 85 -96.75 17.97 -2.60
CA SER C 85 -96.19 17.45 -3.84
C SER C 85 -96.84 18.09 -5.05
N LYS C 86 -98.17 18.21 -5.04
CA LYS C 86 -98.82 18.86 -6.19
C LYS C 86 -98.50 20.35 -6.23
N LYS C 87 -98.43 21.00 -5.05
CA LYS C 87 -98.09 22.42 -4.97
C LYS C 87 -96.71 22.70 -5.57
N ALA C 88 -95.75 21.79 -5.36
CA ALA C 88 -94.38 22.05 -5.78
C ALA C 88 -94.25 22.06 -7.30
N TYR C 89 -94.98 21.14 -8.02
CA TYR C 89 -95.00 21.11 -9.48
C TYR C 89 -96.35 20.63 -10.01
N PRO C 90 -97.11 21.50 -10.70
CA PRO C 90 -98.53 21.20 -10.97
C PRO C 90 -98.80 20.15 -12.04
N GLY C 91 -97.82 19.74 -12.84
CA GLY C 91 -98.10 18.77 -13.89
C GLY C 91 -98.07 17.31 -13.46
N LEU C 92 -97.79 17.06 -12.18
CA LEU C 92 -97.53 15.71 -11.67
C LEU C 92 -98.75 14.82 -11.75
N SER C 93 -98.51 13.53 -12.04
CA SER C 93 -99.61 12.58 -12.26
C SER C 93 -99.48 11.23 -11.52
N LYS C 94 -98.25 10.78 -11.21
CA LYS C 94 -98.01 9.55 -10.46
C LYS C 94 -96.94 9.82 -9.41
N ILE C 95 -97.09 9.24 -8.22
CA ILE C 95 -96.11 9.41 -7.15
C ILE C 95 -95.73 8.04 -6.58
N ILE C 96 -94.42 7.77 -6.53
CA ILE C 96 -93.87 6.61 -5.84
C ILE C 96 -93.60 7.00 -4.39
N PHE C 97 -94.20 6.28 -3.44
CA PHE C 97 -94.01 6.56 -2.01
C PHE C 97 -93.29 5.42 -1.32
N TYR C 98 -92.21 5.75 -0.60
CA TYR C 98 -91.36 4.81 0.11
C TYR C 98 -91.50 4.98 1.63
N THR C 99 -91.58 3.88 2.36
CA THR C 99 -91.57 3.93 3.81
C THR C 99 -91.08 2.60 4.39
N ASN C 100 -90.65 2.65 5.65
CA ASN C 100 -90.14 1.47 6.34
C ASN C 100 -91.22 0.61 7.00
N GLN C 101 -92.48 1.08 7.00
CA GLN C 101 -93.61 0.46 7.68
C GLN C 101 -94.49 -0.36 6.73
N GLU C 102 -95.54 -0.95 7.30
CA GLU C 102 -96.53 -1.75 6.57
C GLU C 102 -97.94 -1.40 7.04
N TRP C 103 -98.92 -1.60 6.15
CA TRP C 103 -100.32 -1.42 6.51
C TRP C 103 -100.91 -2.72 7.07
N GLY C 104 -101.89 -2.57 7.95
CA GLY C 104 -102.57 -3.72 8.53
C GLY C 104 -103.81 -4.07 7.73
N GLN C 105 -104.10 -5.37 7.68
CA GLN C 105 -105.16 -5.86 6.80
C GLN C 105 -106.53 -5.51 7.35
N GLY C 106 -107.40 -5.01 6.48
CA GLY C 106 -108.72 -4.57 6.88
C GLY C 106 -109.73 -5.70 6.96
N ASN C 127 -107.45 -1.79 -3.27
CA ASN C 127 -107.59 -3.24 -3.13
C ASN C 127 -108.63 -3.51 -2.06
N SER C 128 -109.32 -4.64 -2.20
CA SER C 128 -110.52 -4.92 -1.41
C SER C 128 -110.20 -5.06 0.08
N ASN C 129 -108.97 -5.41 0.42
CA ASN C 129 -108.59 -5.67 1.81
C ASN C 129 -108.03 -4.44 2.52
N ASP C 130 -108.01 -3.28 1.87
CA ASP C 130 -107.33 -2.10 2.42
C ASP C 130 -108.09 -1.50 3.60
N PRO C 131 -107.38 -0.98 4.60
CA PRO C 131 -108.05 -0.31 5.73
C PRO C 131 -108.50 1.10 5.38
N LYS C 132 -109.35 1.64 6.26
CA LYS C 132 -110.10 2.86 5.96
C LYS C 132 -109.20 4.08 5.74
N ILE C 133 -108.13 4.23 6.51
CA ILE C 133 -107.25 5.38 6.34
C ILE C 133 -106.57 5.34 4.97
N LYS C 134 -106.21 4.15 4.49
CA LYS C 134 -105.55 4.03 3.19
C LYS C 134 -106.50 4.43 2.06
N ILE C 135 -107.76 4.00 2.15
CA ILE C 135 -108.69 4.37 1.09
C ILE C 135 -109.08 5.84 1.19
N GLU C 136 -109.00 6.44 2.38
CA GLU C 136 -109.20 7.89 2.51
C GLU C 136 -108.08 8.67 1.81
N VAL C 137 -106.82 8.31 2.07
CA VAL C 137 -105.72 9.03 1.42
C VAL C 137 -105.69 8.75 -0.09
N ASP C 138 -106.02 7.51 -0.50
CA ASP C 138 -106.11 7.21 -1.94
C ASP C 138 -107.21 8.01 -2.61
N GLN C 139 -108.33 8.25 -1.92
CA GLN C 139 -109.39 9.07 -2.49
C GLN C 139 -108.94 10.50 -2.69
N LYS C 140 -108.24 11.07 -1.69
CA LYS C 140 -107.76 12.45 -1.87
C LYS C 140 -106.71 12.54 -2.97
N ALA C 141 -105.89 11.49 -3.14
CA ALA C 141 -104.92 11.47 -4.23
C ALA C 141 -105.61 11.55 -5.59
N TYR C 142 -106.63 10.70 -5.80
CA TYR C 142 -107.36 10.71 -7.06
C TYR C 142 -108.05 12.04 -7.30
N GLU C 143 -108.67 12.61 -6.27
CA GLU C 143 -109.37 13.87 -6.42
C GLU C 143 -108.41 15.02 -6.73
N SER C 144 -107.12 14.87 -6.43
CA SER C 144 -106.11 15.81 -6.85
C SER C 144 -105.48 15.44 -8.19
N GLY C 145 -105.96 14.37 -8.83
CA GLY C 145 -105.47 13.95 -10.13
C GLY C 145 -104.32 12.97 -10.12
N ILE C 146 -104.01 12.36 -8.98
CA ILE C 146 -102.76 11.65 -8.74
C ILE C 146 -103.02 10.19 -8.42
N GLU C 147 -102.15 9.30 -8.92
CA GLU C 147 -102.05 7.92 -8.49
C GLU C 147 -100.84 7.73 -7.58
N ILE C 148 -101.02 7.00 -6.49
CA ILE C 148 -99.94 6.66 -5.56
C ILE C 148 -99.57 5.20 -5.68
N VAL C 149 -98.27 4.94 -5.83
CA VAL C 149 -97.69 3.60 -5.81
C VAL C 149 -97.05 3.40 -4.44
N TRP C 150 -97.48 2.38 -3.72
CA TRP C 150 -97.07 2.20 -2.32
C TRP C 150 -95.95 1.16 -2.25
N ARG C 151 -94.78 1.58 -1.77
CA ARG C 151 -93.66 0.66 -1.58
C ARG C 151 -93.29 0.58 -0.10
N VAL C 152 -93.94 -0.38 0.56
CA VAL C 152 -93.80 -0.78 1.96
C VAL C 152 -92.62 -1.73 2.13
N ALA C 153 -92.43 -2.22 3.37
CA ALA C 153 -91.25 -2.98 3.79
C ALA C 153 -90.89 -4.15 2.88
N SER C 154 -91.87 -4.78 2.23
CA SER C 154 -91.59 -5.92 1.39
C SER C 154 -90.85 -5.55 0.10
N PHE C 155 -90.78 -4.26 -0.23
CA PHE C 155 -89.96 -3.80 -1.35
C PHE C 155 -88.47 -4.00 -1.06
N PHE C 156 -88.04 -3.61 0.12
CA PHE C 156 -86.63 -3.66 0.48
C PHE C 156 -86.11 -5.09 0.64
N GLU C 157 -87.01 -6.09 0.72
CA GLU C 157 -86.64 -7.49 0.80
C GLU C 157 -86.44 -8.15 -0.55
N SER C 158 -86.68 -7.43 -1.65
CA SER C 158 -86.82 -7.99 -2.99
C SER C 158 -85.48 -8.10 -3.71
N PRO C 159 -85.39 -8.91 -4.79
CA PRO C 159 -84.11 -9.04 -5.52
C PRO C 159 -83.53 -7.75 -6.07
N PHE C 160 -84.38 -6.79 -6.48
CA PHE C 160 -83.89 -5.51 -6.98
C PHE C 160 -83.04 -4.77 -5.95
N VAL C 161 -83.47 -4.79 -4.68
CA VAL C 161 -82.72 -4.08 -3.66
C VAL C 161 -81.58 -4.95 -3.11
N ILE C 162 -81.83 -6.24 -2.94
CA ILE C 162 -80.94 -7.10 -2.16
C ILE C 162 -79.86 -7.74 -3.02
N VAL C 163 -80.16 -8.16 -4.24
CA VAL C 163 -79.21 -8.87 -5.08
C VAL C 163 -78.56 -7.94 -6.10
N GLU C 164 -79.36 -7.10 -6.76
CA GLU C 164 -78.84 -6.25 -7.82
C GLU C 164 -78.09 -5.03 -7.29
N ASN C 165 -78.56 -4.42 -6.19
CA ASN C 165 -77.97 -3.20 -5.65
C ASN C 165 -77.35 -3.40 -4.27
N GLU C 166 -76.68 -4.54 -4.08
CA GLU C 166 -76.19 -4.94 -2.75
C GLU C 166 -75.13 -3.99 -2.21
N LYS C 167 -74.35 -3.35 -3.08
CA LYS C 167 -73.29 -2.45 -2.61
C LYS C 167 -73.87 -1.20 -1.97
N ILE C 168 -75.03 -0.75 -2.43
CA ILE C 168 -75.70 0.39 -1.83
C ILE C 168 -76.42 -0.01 -0.56
N ALA C 169 -77.12 -1.14 -0.60
CA ALA C 169 -77.91 -1.61 0.55
C ALA C 169 -77.02 -1.87 1.76
N LYS C 170 -75.79 -2.32 1.52
CA LYS C 170 -74.89 -2.68 2.61
C LYS C 170 -74.44 -1.46 3.41
N HIS C 171 -74.47 -0.27 2.80
CA HIS C 171 -74.16 0.95 3.56
C HIS C 171 -75.17 1.20 4.66
N PHE C 172 -76.43 0.95 4.37
CA PHE C 172 -77.51 1.35 5.28
C PHE C 172 -77.92 0.23 6.24
N PHE C 173 -77.86 -1.04 5.83
CA PHE C 173 -78.29 -2.13 6.69
C PHE C 173 -77.18 -2.79 7.51
N SER C 174 -75.91 -2.40 7.37
CA SER C 174 -74.81 -3.06 8.06
C SER C 174 -73.94 -2.07 8.84
N LEU C 175 -73.37 -2.54 9.95
CA LEU C 175 -72.48 -1.72 10.75
C LEU C 175 -71.00 -1.84 10.34
N ASN C 176 -70.67 -2.75 9.42
CA ASN C 176 -69.34 -2.85 8.85
C ASN C 176 -69.08 -1.72 7.85
N GLU C 177 -67.82 -1.61 7.43
CA GLU C 177 -67.41 -0.61 6.45
C GLU C 177 -67.86 -0.98 5.02
N SER C 178 -68.05 0.04 4.19
CA SER C 178 -68.68 -0.05 2.88
C SER C 178 -67.85 0.73 1.84
N ILE C 179 -68.26 0.62 0.56
CA ILE C 179 -67.50 1.22 -0.54
C ILE C 179 -67.50 2.75 -0.45
N PHE C 180 -68.59 3.36 0.04
CA PHE C 180 -68.60 4.79 0.31
C PHE C 180 -67.54 5.16 1.35
N ASP C 181 -67.37 4.33 2.39
CA ASP C 181 -66.36 4.62 3.41
C ASP C 181 -64.94 4.52 2.85
N LEU C 182 -64.70 3.60 1.91
CA LEU C 182 -63.38 3.47 1.28
C LEU C 182 -63.03 4.71 0.47
N LEU C 183 -63.98 5.20 -0.34
CA LEU C 183 -63.70 6.40 -1.11
C LEU C 183 -63.43 7.60 -0.19
N GLU C 184 -64.14 7.68 0.93
CA GLU C 184 -63.90 8.76 1.87
C GLU C 184 -62.49 8.70 2.48
N GLU C 185 -62.04 7.49 2.85
CA GLU C 185 -60.71 7.33 3.44
C GLU C 185 -59.61 7.73 2.46
N LYS C 186 -59.77 7.39 1.18
CA LYS C 186 -58.74 7.76 0.22
C LYS C 186 -58.74 9.27 -0.07
N ARG C 187 -59.90 9.93 -0.05
CA ARG C 187 -59.91 11.38 -0.24
C ARG C 187 -59.21 12.10 0.91
N LYS C 188 -59.44 11.64 2.15
CA LYS C 188 -58.74 12.20 3.31
C LYS C 188 -57.23 12.05 3.18
N HIS C 189 -56.79 10.86 2.74
CA HIS C 189 -55.36 10.63 2.49
C HIS C 189 -54.77 11.62 1.49
N THR C 190 -55.51 11.89 0.41
CA THR C 190 -55.01 12.84 -0.59
C THR C 190 -54.88 14.24 0.00
N GLU C 191 -55.86 14.67 0.79
CA GLU C 191 -55.75 16.00 1.41
C GLU C 191 -54.61 16.08 2.42
N ASN C 192 -54.31 14.98 3.12
CA ASN C 192 -53.20 15.01 4.07
C ASN C 192 -51.84 15.05 3.37
N VAL C 193 -51.69 14.32 2.26
CA VAL C 193 -50.37 14.25 1.61
C VAL C 193 -49.95 15.62 1.04
N LEU C 194 -50.89 16.39 0.54
CA LEU C 194 -50.58 17.68 -0.07
C LEU C 194 -50.60 18.85 0.89
N TYR C 195 -50.77 18.61 2.19
CA TYR C 195 -50.90 19.71 3.15
C TYR C 195 -49.60 20.50 3.31
N GLU C 196 -48.46 19.81 3.38
CA GLU C 196 -47.20 20.48 3.69
C GLU C 196 -46.56 21.15 2.48
N ILE C 197 -47.01 20.81 1.26
CA ILE C 197 -46.41 21.33 0.04
C ILE C 197 -46.66 22.83 -0.07
N GLN C 198 -45.60 23.58 -0.35
CA GLN C 198 -45.64 25.04 -0.44
C GLN C 198 -45.63 25.48 -1.91
N THR C 199 -46.47 26.46 -2.23
CA THR C 199 -46.59 26.94 -3.61
C THR C 199 -46.10 28.37 -3.81
N ASN C 200 -45.59 29.03 -2.77
CA ASN C 200 -45.02 30.37 -2.89
C ASN C 200 -44.11 30.64 -1.71
N ILE C 201 -43.37 31.74 -1.80
CA ILE C 201 -42.45 32.20 -0.75
C ILE C 201 -43.03 33.48 -0.14
N GLU C 202 -43.07 33.53 1.20
CA GLU C 202 -43.63 34.67 1.92
C GLU C 202 -42.54 35.41 2.69
N PHE C 203 -42.52 36.74 2.53
CA PHE C 203 -41.36 37.57 2.83
C PHE C 203 -41.82 39.01 3.02
N LYS C 204 -41.56 39.58 4.20
CA LYS C 204 -41.94 40.95 4.59
C LYS C 204 -43.41 41.26 4.25
N ASP C 205 -44.29 40.39 4.76
CA ASP C 205 -45.75 40.41 4.64
C ASP C 205 -46.27 40.39 3.20
N ARG C 206 -45.46 39.89 2.26
CA ARG C 206 -45.78 39.81 0.83
C ARG C 206 -45.44 38.42 0.29
N SER C 207 -46.20 37.96 -0.71
CA SER C 207 -46.06 36.63 -1.29
C SER C 207 -45.46 36.68 -2.69
N ILE C 208 -44.45 35.82 -2.94
CA ILE C 208 -43.68 35.80 -4.17
C ILE C 208 -43.97 34.48 -4.91
N GLU C 209 -44.37 34.58 -6.17
CA GLU C 209 -44.72 33.41 -6.99
C GLU C 209 -43.99 33.45 -8.33
N ILE C 210 -43.38 32.32 -8.70
CA ILE C 210 -42.93 32.08 -10.07
C ILE C 210 -44.12 31.62 -10.90
N ASP C 211 -44.28 32.19 -12.10
CA ASP C 211 -45.39 31.83 -12.97
C ASP C 211 -45.16 30.45 -13.59
N ARG C 212 -46.15 29.57 -13.43
CA ARG C 212 -46.08 28.21 -13.96
C ARG C 212 -47.19 27.86 -14.94
N ARG C 213 -47.96 28.85 -15.41
CA ARG C 213 -49.15 28.58 -16.23
C ARG C 213 -48.83 27.88 -17.56
N HIS C 214 -47.65 28.13 -18.13
CA HIS C 214 -47.22 27.43 -19.33
C HIS C 214 -47.10 25.93 -19.11
N CYS C 215 -46.45 25.54 -18.00
CA CYS C 215 -46.28 24.14 -17.68
C CYS C 215 -47.62 23.48 -17.38
N ILE C 216 -48.49 24.21 -16.68
CA ILE C 216 -49.80 23.69 -16.31
C ILE C 216 -50.67 23.43 -17.54
N GLU C 217 -50.59 24.34 -18.52
CA GLU C 217 -51.33 24.13 -19.77
C GLU C 217 -50.77 22.96 -20.57
N LEU C 218 -49.44 22.80 -20.59
CA LEU C 218 -48.87 21.63 -21.26
C LEU C 218 -49.32 20.32 -20.62
N LEU C 219 -49.46 20.31 -19.28
CA LEU C 219 -49.92 19.09 -18.61
C LEU C 219 -51.38 18.78 -18.93
N HIS C 220 -52.25 19.80 -18.88
CA HIS C 220 -53.65 19.61 -19.29
C HIS C 220 -53.77 19.07 -20.71
N GLU C 221 -52.90 19.52 -21.61
CA GLU C 221 -52.96 19.09 -23.00
C GLU C 221 -52.48 17.64 -23.18
N ASN C 222 -51.36 17.30 -22.53
CA ASN C 222 -50.81 15.95 -22.62
C ASN C 222 -51.79 14.91 -22.11
N LEU C 223 -52.53 15.23 -21.04
CA LEU C 223 -53.48 14.25 -20.53
C LEU C 223 -54.66 14.00 -21.46
N VAL C 224 -54.95 14.91 -22.40
CA VAL C 224 -55.95 14.61 -23.41
C VAL C 224 -55.37 13.73 -24.50
N GLN C 225 -54.16 14.03 -24.96
CA GLN C 225 -53.64 13.22 -26.07
C GLN C 225 -53.13 11.84 -25.64
N LYS C 226 -52.66 11.68 -24.40
CA LYS C 226 -51.94 10.49 -24.00
C LYS C 226 -52.43 10.01 -22.65
N LYS C 227 -52.13 8.74 -22.35
CA LYS C 227 -52.62 8.12 -21.13
C LYS C 227 -51.68 8.33 -19.95
N ILE C 228 -50.36 8.41 -20.19
CA ILE C 228 -49.35 8.49 -19.14
C ILE C 228 -48.45 9.69 -19.40
N VAL C 229 -48.17 10.45 -18.34
CA VAL C 229 -47.27 11.62 -18.39
C VAL C 229 -46.22 11.48 -17.29
N ILE C 230 -44.96 11.80 -17.62
CA ILE C 230 -43.87 11.84 -16.64
C ILE C 230 -43.36 13.28 -16.51
N VAL C 231 -43.39 13.80 -15.28
CA VAL C 231 -42.90 15.14 -14.96
C VAL C 231 -41.56 14.98 -14.23
N SER C 232 -40.53 15.68 -14.71
CA SER C 232 -39.17 15.37 -14.28
C SER C 232 -38.32 16.62 -14.12
N GLY C 233 -37.28 16.47 -13.32
CA GLY C 233 -36.37 17.55 -13.01
C GLY C 233 -35.59 17.28 -11.74
N GLU C 234 -34.64 18.17 -11.48
CA GLU C 234 -33.78 18.10 -10.30
C GLU C 234 -34.58 18.40 -9.03
N GLY C 235 -33.94 18.14 -7.89
CA GLY C 235 -34.62 18.28 -6.62
C GLY C 235 -34.87 19.73 -6.24
N GLY C 236 -36.00 19.95 -5.56
CA GLY C 236 -36.33 21.27 -5.06
C GLY C 236 -36.81 22.25 -6.10
N VAL C 237 -37.08 21.79 -7.32
CA VAL C 237 -37.38 22.69 -8.42
C VAL C 237 -38.86 23.03 -8.56
N GLY C 238 -39.74 22.29 -7.90
CA GLY C 238 -41.14 22.60 -7.87
C GLY C 238 -42.09 21.59 -8.52
N LYS C 239 -41.68 20.33 -8.65
CA LYS C 239 -42.51 19.34 -9.37
C LYS C 239 -43.83 19.05 -8.64
N THR C 240 -43.80 19.00 -7.31
CA THR C 240 -45.02 18.70 -6.56
C THR C 240 -45.96 19.89 -6.45
N ALA C 241 -45.42 21.11 -6.45
CA ALA C 241 -46.27 22.29 -6.35
C ALA C 241 -47.16 22.46 -7.57
N VAL C 242 -46.66 22.06 -8.75
CA VAL C 242 -47.47 22.06 -9.96
C VAL C 242 -48.65 21.11 -9.81
N ILE C 243 -48.41 19.91 -9.28
CA ILE C 243 -49.48 18.95 -9.02
C ILE C 243 -50.50 19.55 -8.05
N LYS C 244 -50.04 20.28 -7.04
CA LYS C 244 -50.97 20.94 -6.12
C LYS C 244 -51.83 21.97 -6.83
N LYS C 245 -51.26 22.70 -7.80
CA LYS C 245 -52.10 23.66 -8.52
C LYS C 245 -53.07 23.00 -9.49
N ILE C 246 -52.73 21.82 -10.05
CA ILE C 246 -53.70 21.08 -10.84
C ILE C 246 -54.87 20.61 -9.99
N TYR C 247 -54.56 20.07 -8.80
CA TYR C 247 -55.57 19.46 -7.92
C TYR C 247 -56.62 20.46 -7.46
N GLU C 248 -56.18 21.68 -7.09
CA GLU C 248 -57.09 22.74 -6.65
C GLU C 248 -58.03 23.23 -7.74
N ALA C 249 -57.78 22.91 -9.00
CA ALA C 249 -58.69 23.29 -10.06
C ALA C 249 -59.70 22.21 -10.42
N GLU C 250 -59.55 20.98 -9.90
CA GLU C 250 -60.34 19.86 -10.37
C GLU C 250 -60.99 19.00 -9.29
N LYS C 251 -60.70 19.22 -8.01
CA LYS C 251 -61.10 18.28 -6.96
C LYS C 251 -62.62 18.05 -6.87
N GLN C 252 -63.41 19.01 -7.33
CA GLN C 252 -64.86 18.87 -7.21
C GLN C 252 -65.47 18.01 -8.32
N TYR C 253 -65.01 18.19 -9.56
CA TYR C 253 -65.68 17.58 -10.70
C TYR C 253 -65.20 16.16 -11.01
N THR C 254 -63.98 15.80 -10.62
CA THR C 254 -63.26 14.68 -11.20
C THR C 254 -62.57 13.85 -10.12
N PRO C 255 -62.46 12.53 -10.29
CA PRO C 255 -61.64 11.72 -9.38
C PRO C 255 -60.14 12.02 -9.53
N PHE C 256 -59.47 12.24 -8.40
CA PHE C 256 -58.07 12.67 -8.38
C PHE C 256 -57.43 12.20 -7.08
N TYR C 257 -56.46 11.27 -7.17
CA TYR C 257 -55.85 10.64 -6.00
C TYR C 257 -54.32 10.68 -6.10
N VAL C 258 -53.65 10.83 -4.95
CA VAL C 258 -52.19 10.90 -4.85
C VAL C 258 -51.69 9.84 -3.89
N PHE C 259 -50.69 9.06 -4.34
CA PHE C 259 -50.04 8.02 -3.56
C PHE C 259 -48.53 8.26 -3.53
N LYS C 260 -47.92 8.11 -2.34
CA LYS C 260 -46.46 8.15 -2.24
C LYS C 260 -45.85 6.82 -2.65
N ALA C 261 -44.67 6.90 -3.28
CA ALA C 261 -43.97 5.68 -3.70
C ALA C 261 -43.54 4.81 -2.52
N SER C 262 -43.48 5.39 -1.33
CA SER C 262 -43.15 4.65 -0.13
C SER C 262 -44.22 3.63 0.26
N GLU C 263 -45.44 3.79 -0.26
CA GLU C 263 -46.57 2.99 0.25
C GLU C 263 -46.57 1.56 -0.29
N PHE C 264 -45.91 1.30 -1.42
CA PHE C 264 -45.99 -0.01 -2.05
C PHE C 264 -45.11 -1.07 -1.41
N LYS C 265 -44.48 -0.79 -0.27
CA LYS C 265 -43.81 -1.79 0.56
C LYS C 265 -44.86 -2.61 1.31
N LYS C 266 -45.40 -3.61 0.62
CA LYS C 266 -46.46 -4.46 1.14
C LYS C 266 -46.27 -5.87 0.61
N ASP C 267 -46.92 -6.84 1.27
CA ASP C 267 -46.93 -8.20 0.73
C ASP C 267 -47.93 -8.38 -0.41
N SER C 268 -48.98 -7.56 -0.46
CA SER C 268 -50.01 -7.65 -1.48
C SER C 268 -50.56 -6.25 -1.72
N ILE C 269 -51.00 -5.99 -2.97
CA ILE C 269 -51.52 -4.67 -3.29
C ILE C 269 -52.87 -4.43 -2.62
N ASN C 270 -53.63 -5.51 -2.34
CA ASN C 270 -54.93 -5.37 -1.70
C ASN C 270 -54.84 -4.89 -0.26
N GLU C 271 -53.65 -4.91 0.36
CA GLU C 271 -53.50 -4.41 1.72
C GLU C 271 -53.61 -2.88 1.81
N LEU C 272 -53.58 -2.17 0.67
CA LEU C 272 -53.83 -0.73 0.69
C LEU C 272 -55.31 -0.37 0.77
N PHE C 273 -56.21 -1.30 0.53
CA PHE C 273 -57.61 -0.99 0.33
C PHE C 273 -58.53 -1.66 1.34
N GLY C 274 -58.01 -2.02 2.51
CA GLY C 274 -58.85 -2.52 3.58
C GLY C 274 -59.35 -3.92 3.31
N ALA C 275 -60.63 -4.16 3.61
CA ALA C 275 -61.26 -5.45 3.34
C ALA C 275 -61.74 -5.58 1.91
N HIS C 276 -61.81 -4.47 1.18
CA HIS C 276 -62.02 -4.49 -0.25
C HIS C 276 -60.70 -4.64 -0.97
N GLY C 277 -60.79 -4.89 -2.28
CA GLY C 277 -59.62 -5.06 -3.11
C GLY C 277 -59.35 -3.85 -3.98
N LEU C 278 -58.29 -3.95 -4.78
CA LEU C 278 -58.01 -2.94 -5.79
C LEU C 278 -59.10 -2.91 -6.85
N ASP C 279 -59.59 -4.09 -7.24
CA ASP C 279 -60.62 -4.18 -8.28
C ASP C 279 -61.94 -3.59 -7.80
N ASP C 280 -62.23 -3.64 -6.49
CA ASP C 280 -63.43 -2.98 -5.97
C ASP C 280 -63.32 -1.47 -6.09
N PHE C 281 -62.18 -0.91 -5.67
CA PHE C 281 -61.94 0.52 -5.75
C PHE C 281 -61.99 1.01 -7.19
N SER C 282 -61.42 0.24 -8.11
CA SER C 282 -61.45 0.60 -9.52
C SER C 282 -62.87 0.55 -10.09
N ASN C 283 -63.66 -0.47 -9.72
CA ASN C 283 -65.02 -0.60 -10.25
C ASN C 283 -65.94 0.52 -9.77
N ALA C 284 -65.63 1.14 -8.64
CA ALA C 284 -66.46 2.24 -8.15
C ALA C 284 -66.39 3.48 -9.05
N HIS C 285 -65.45 3.55 -9.98
CA HIS C 285 -65.27 4.67 -10.89
C HIS C 285 -65.47 4.29 -12.36
N GLN C 286 -66.17 3.20 -12.65
CA GLN C 286 -66.22 2.69 -14.02
C GLN C 286 -67.03 3.56 -14.97
N ASP C 287 -67.89 4.45 -14.47
CA ASP C 287 -68.71 5.31 -15.32
C ASP C 287 -68.08 6.68 -15.60
N GLU C 288 -66.83 6.90 -15.21
CA GLU C 288 -66.13 8.17 -15.38
C GLU C 288 -65.07 8.04 -16.48
N LEU C 289 -65.06 9.00 -17.41
CA LEU C 289 -64.08 8.96 -18.49
C LEU C 289 -62.77 9.65 -18.11
N ARG C 290 -62.82 10.82 -17.48
CA ARG C 290 -61.65 11.50 -16.95
C ARG C 290 -61.46 11.11 -15.47
N LYS C 291 -60.28 10.58 -15.13
CA LYS C 291 -59.96 10.14 -13.78
C LYS C 291 -58.44 9.93 -13.66
N VAL C 292 -57.84 10.46 -12.59
CA VAL C 292 -56.39 10.65 -12.50
C VAL C 292 -55.84 10.01 -11.22
N ILE C 293 -54.69 9.34 -11.35
CA ILE C 293 -53.87 8.89 -10.22
C ILE C 293 -52.45 9.44 -10.38
N VAL C 294 -51.91 9.99 -9.29
CA VAL C 294 -50.54 10.51 -9.23
C VAL C 294 -49.70 9.59 -8.35
N VAL C 295 -48.54 9.17 -8.86
CA VAL C 295 -47.52 8.48 -8.08
C VAL C 295 -46.37 9.44 -7.87
N ASP C 296 -46.06 9.75 -6.61
CA ASP C 296 -45.20 10.86 -6.26
C ASP C 296 -43.85 10.37 -5.72
N SER C 297 -42.76 11.00 -6.20
CA SER C 297 -41.36 10.65 -5.92
C SER C 297 -41.04 9.23 -6.39
N ALA C 298 -41.24 9.00 -7.70
CA ALA C 298 -41.16 7.66 -8.27
C ALA C 298 -39.78 7.04 -8.14
N GLU C 299 -38.73 7.86 -8.02
CA GLU C 299 -37.38 7.31 -7.91
C GLU C 299 -37.15 6.56 -6.61
N LYS C 300 -38.01 6.73 -5.60
CA LYS C 300 -37.95 5.93 -4.39
C LYS C 300 -38.38 4.48 -4.60
N LEU C 301 -38.95 4.12 -5.76
CA LEU C 301 -39.25 2.73 -6.06
C LEU C 301 -38.00 1.87 -6.14
N LEU C 302 -36.85 2.50 -6.41
CA LEU C 302 -35.57 1.80 -6.43
C LEU C 302 -35.17 1.27 -5.06
N GLU C 303 -35.81 1.73 -3.98
CA GLU C 303 -35.50 1.25 -2.64
C GLU C 303 -36.22 -0.04 -2.28
N LEU C 304 -37.20 -0.46 -3.08
CA LEU C 304 -38.01 -1.63 -2.75
C LEU C 304 -37.30 -2.93 -3.10
N THR C 305 -37.28 -3.88 -2.16
CA THR C 305 -36.72 -5.19 -2.45
C THR C 305 -37.69 -6.10 -3.19
N ASN C 306 -38.99 -5.82 -3.14
CA ASN C 306 -40.00 -6.57 -3.89
C ASN C 306 -40.83 -5.57 -4.69
N ILE C 307 -40.86 -5.75 -6.01
CA ILE C 307 -41.52 -4.81 -6.93
C ILE C 307 -42.83 -5.38 -7.50
N ASP C 308 -43.17 -6.61 -7.13
CA ASP C 308 -44.35 -7.27 -7.70
C ASP C 308 -45.69 -6.59 -7.39
N PRO C 309 -45.98 -6.10 -6.16
CA PRO C 309 -47.26 -5.38 -5.96
C PRO C 309 -47.46 -4.16 -6.84
N PHE C 310 -46.40 -3.40 -7.11
CA PHE C 310 -46.53 -2.21 -7.95
C PHE C 310 -46.85 -2.57 -9.39
N LYS C 311 -46.27 -3.65 -9.89
CA LYS C 311 -46.56 -4.09 -11.24
C LYS C 311 -48.01 -4.52 -11.38
N GLU C 312 -48.56 -5.20 -10.36
CA GLU C 312 -49.98 -5.55 -10.44
C GLU C 312 -50.88 -4.30 -10.40
N PHE C 313 -50.49 -3.31 -9.58
CA PHE C 313 -51.19 -2.03 -9.53
C PHE C 313 -51.31 -1.38 -10.92
N LEU C 314 -50.18 -1.27 -11.63
CA LEU C 314 -50.21 -0.69 -12.96
C LEU C 314 -51.02 -1.52 -13.95
N THR C 315 -50.98 -2.85 -13.83
CA THR C 315 -51.74 -3.68 -14.77
C THR C 315 -53.24 -3.43 -14.65
N VAL C 316 -53.75 -3.34 -13.42
CA VAL C 316 -55.17 -3.06 -13.26
C VAL C 316 -55.52 -1.66 -13.77
N LEU C 317 -54.66 -0.67 -13.50
CA LEU C 317 -54.99 0.70 -13.94
C LEU C 317 -54.97 0.83 -15.47
N ILE C 318 -54.04 0.15 -16.13
CA ILE C 318 -53.99 0.19 -17.60
C ILE C 318 -55.21 -0.49 -18.20
N LYS C 319 -55.65 -1.62 -17.62
CA LYS C 319 -56.81 -2.32 -18.16
C LYS C 319 -58.10 -1.50 -18.02
N ASP C 320 -58.26 -0.79 -16.91
CA ASP C 320 -59.49 -0.04 -16.66
C ASP C 320 -59.45 1.39 -17.18
N LYS C 321 -58.37 1.78 -17.88
CA LYS C 321 -58.25 3.03 -18.65
C LYS C 321 -58.28 4.28 -17.79
N TRP C 322 -57.47 4.30 -16.74
CA TRP C 322 -57.15 5.49 -15.97
C TRP C 322 -56.07 6.31 -16.67
N GLN C 323 -55.98 7.59 -16.32
CA GLN C 323 -54.84 8.44 -16.69
C GLN C 323 -53.89 8.56 -15.49
N VAL C 324 -52.58 8.43 -15.75
CA VAL C 324 -51.58 8.30 -14.70
C VAL C 324 -50.47 9.33 -14.90
N VAL C 325 -50.03 9.96 -13.81
CA VAL C 325 -48.95 10.95 -13.78
C VAL C 325 -47.89 10.51 -12.77
N PHE C 326 -46.62 10.72 -13.14
CA PHE C 326 -45.45 10.45 -12.30
C PHE C 326 -44.66 11.74 -12.07
N THR C 327 -44.12 11.90 -10.86
CA THR C 327 -43.07 12.88 -10.58
C THR C 327 -41.79 12.13 -10.22
N THR C 328 -40.68 12.53 -10.82
CA THR C 328 -39.43 11.79 -10.68
C THR C 328 -38.24 12.72 -10.82
N ARG C 329 -37.12 12.32 -10.20
CA ARG C 329 -35.83 12.92 -10.50
C ARG C 329 -35.19 12.20 -11.70
N ASN C 330 -34.08 12.75 -12.19
CA ASN C 330 -33.56 12.37 -13.49
C ASN C 330 -32.92 10.98 -13.52
N ASN C 331 -32.62 10.38 -12.37
CA ASN C 331 -31.88 9.12 -12.39
C ASN C 331 -32.75 7.93 -12.78
N TYR C 332 -34.07 8.02 -12.62
CA TYR C 332 -34.99 6.92 -12.88
C TYR C 332 -35.80 7.10 -14.17
N LEU C 333 -35.47 8.10 -15.00
CA LEU C 333 -36.34 8.48 -16.11
C LEU C 333 -36.35 7.43 -17.22
N ALA C 334 -35.17 6.90 -17.57
CA ALA C 334 -35.09 5.94 -18.67
C ALA C 334 -35.76 4.62 -18.29
N ASP C 335 -35.69 4.23 -17.03
CA ASP C 335 -36.32 3.00 -16.59
C ASP C 335 -37.84 3.05 -16.78
N LEU C 336 -38.45 4.17 -16.41
CA LEU C 336 -39.89 4.36 -16.61
C LEU C 336 -40.26 4.30 -18.08
N ASN C 337 -39.49 5.00 -18.93
CA ASN C 337 -39.81 5.02 -20.36
C ASN C 337 -39.68 3.62 -20.97
N TYR C 338 -38.61 2.88 -20.61
CA TYR C 338 -38.46 1.51 -21.09
C TYR C 338 -39.61 0.62 -20.66
N ALA C 339 -40.04 0.71 -19.39
CA ALA C 339 -41.09 -0.19 -18.91
C ALA C 339 -42.40 0.05 -19.65
N PHE C 340 -42.76 1.31 -19.90
CA PHE C 340 -44.01 1.52 -20.63
C PHE C 340 -43.91 1.12 -22.09
N ILE C 341 -42.74 1.27 -22.72
CA ILE C 341 -42.67 0.89 -24.12
C ILE C 341 -42.58 -0.63 -24.30
N ASP C 342 -41.79 -1.32 -23.46
CA ASP C 342 -41.57 -2.75 -23.65
C ASP C 342 -42.79 -3.58 -23.24
N ILE C 343 -43.42 -3.28 -22.11
CA ILE C 343 -44.48 -4.14 -21.58
C ILE C 343 -45.85 -3.72 -22.08
N TYR C 344 -46.23 -2.48 -21.83
CA TYR C 344 -47.60 -2.06 -22.10
C TYR C 344 -47.79 -1.46 -23.49
N LYS C 345 -46.71 -1.29 -24.25
CA LYS C 345 -46.73 -0.77 -25.63
C LYS C 345 -47.37 0.61 -25.73
N ILE C 346 -46.98 1.49 -24.80
CA ILE C 346 -47.41 2.89 -24.77
C ILE C 346 -46.17 3.78 -24.80
N THR C 347 -46.22 4.86 -25.58
CA THR C 347 -45.19 5.89 -25.55
C THR C 347 -45.66 7.05 -24.70
N PRO C 348 -45.09 7.26 -23.51
CA PRO C 348 -45.62 8.29 -22.61
C PRO C 348 -45.16 9.69 -22.99
N GLY C 349 -45.93 10.67 -22.52
CA GLY C 349 -45.50 12.06 -22.64
C GLY C 349 -44.49 12.43 -21.57
N ASN C 350 -43.56 13.31 -21.93
CA ASN C 350 -42.48 13.73 -21.03
C ASN C 350 -42.46 15.26 -20.90
N LEU C 351 -42.28 15.77 -19.67
CA LEU C 351 -42.19 17.20 -19.36
C LEU C 351 -41.06 17.44 -18.35
N VAL C 352 -40.37 18.57 -18.53
CA VAL C 352 -39.17 18.93 -17.78
C VAL C 352 -39.37 20.32 -17.18
N ILE C 353 -39.02 20.45 -15.90
CA ILE C 353 -39.07 21.71 -15.15
C ILE C 353 -37.65 22.08 -14.72
N LYS C 354 -37.31 23.39 -14.78
CA LYS C 354 -35.94 23.87 -14.66
C LYS C 354 -35.79 25.01 -13.65
N ASN C 355 -34.53 25.24 -13.27
CA ASN C 355 -34.13 26.41 -12.47
C ASN C 355 -34.34 27.72 -13.23
N LEU C 356 -34.21 28.82 -12.50
CA LEU C 356 -34.38 30.16 -13.06
C LEU C 356 -33.18 30.56 -13.93
N GLU C 357 -33.44 31.46 -14.89
CA GLU C 357 -32.40 32.18 -15.59
C GLU C 357 -32.06 33.49 -14.86
N ARG C 358 -30.92 34.08 -15.23
CA ARG C 358 -30.43 35.27 -14.53
C ARG C 358 -31.37 36.46 -14.70
N GLY C 359 -31.90 36.65 -15.91
CA GLY C 359 -32.82 37.75 -16.14
C GLY C 359 -34.10 37.62 -15.35
N GLU C 360 -34.61 36.38 -15.24
CA GLU C 360 -35.79 36.12 -14.44
C GLU C 360 -35.55 36.43 -12.96
N LEU C 361 -34.37 36.07 -12.46
CA LEU C 361 -34.05 36.34 -11.06
C LEU C 361 -33.84 37.83 -10.82
N ILE C 362 -33.30 38.55 -11.82
CA ILE C 362 -33.19 40.00 -11.71
C ILE C 362 -34.57 40.64 -11.62
N GLU C 363 -35.52 40.17 -12.45
CA GLU C 363 -36.86 40.76 -12.39
C GLU C 363 -37.59 40.40 -11.10
N LEU C 364 -37.37 39.19 -10.58
CA LEU C 364 -37.91 38.85 -9.26
C LEU C 364 -37.38 39.82 -8.19
N SER C 365 -36.07 40.08 -8.22
CA SER C 365 -35.45 40.98 -7.26
C SER C 365 -35.99 42.40 -7.38
N ASP C 366 -36.13 42.91 -8.61
CA ASP C 366 -36.62 44.28 -8.80
C ASP C 366 -38.09 44.41 -8.40
N ASN C 367 -38.94 43.50 -8.90
CA ASN C 367 -40.38 43.65 -8.68
C ASN C 367 -40.76 43.41 -7.23
N ASN C 368 -40.17 42.43 -6.58
CA ASN C 368 -40.58 42.09 -5.22
C ASN C 368 -39.77 42.81 -4.13
N GLY C 369 -38.69 43.49 -4.49
CA GLY C 369 -37.97 44.32 -3.53
C GLY C 369 -37.02 43.60 -2.58
N PHE C 370 -36.08 42.84 -3.14
CA PHE C 370 -34.99 42.28 -2.36
C PHE C 370 -33.70 42.37 -3.17
N SER C 371 -32.57 42.33 -2.48
CA SER C 371 -31.26 42.54 -3.08
C SER C 371 -30.51 41.23 -3.21
N LEU C 372 -29.89 41.02 -4.38
CA LEU C 372 -29.17 39.80 -4.74
C LEU C 372 -27.77 39.78 -4.11
N PRO C 373 -27.22 38.58 -3.85
CA PRO C 373 -25.89 38.51 -3.23
C PRO C 373 -24.77 38.90 -4.18
N GLN C 374 -23.67 39.34 -3.58
CA GLN C 374 -22.49 39.76 -4.33
C GLN C 374 -21.61 38.59 -4.76
N ASP C 375 -21.66 37.48 -4.01
CA ASP C 375 -20.83 36.31 -4.28
C ASP C 375 -21.41 35.50 -5.43
N VAL C 376 -20.61 35.34 -6.49
CA VAL C 376 -21.04 34.65 -7.70
C VAL C 376 -21.47 33.21 -7.40
N ARG C 377 -20.77 32.54 -6.50
CA ARG C 377 -21.08 31.15 -6.22
C ARG C 377 -22.34 30.98 -5.37
N LEU C 378 -22.77 32.02 -4.64
CA LEU C 378 -24.05 31.96 -3.96
C LEU C 378 -25.21 32.30 -4.89
N LEU C 379 -24.96 33.21 -5.84
CA LEU C 379 -25.94 33.54 -6.86
C LEU C 379 -26.30 32.32 -7.69
N GLU C 380 -25.32 31.48 -8.01
CA GLU C 380 -25.66 30.24 -8.69
C GLU C 380 -26.49 29.30 -7.84
N LEU C 381 -26.42 29.38 -6.51
CA LEU C 381 -27.23 28.49 -5.67
C LEU C 381 -28.68 28.93 -5.61
N ILE C 382 -28.93 30.24 -5.48
CA ILE C 382 -30.32 30.65 -5.27
C ILE C 382 -31.17 30.70 -6.54
N LYS C 383 -30.65 30.25 -7.68
CA LYS C 383 -31.48 30.07 -8.87
C LYS C 383 -32.45 28.90 -8.76
N ASN C 384 -32.33 28.09 -7.70
CA ASN C 384 -33.18 26.95 -7.42
C ASN C 384 -34.20 27.36 -6.36
N PRO C 385 -35.51 27.18 -6.58
CA PRO C 385 -36.51 27.79 -5.68
C PRO C 385 -36.44 27.38 -4.21
N PHE C 386 -36.05 26.14 -3.92
CA PHE C 386 -35.86 25.71 -2.53
C PHE C 386 -34.80 26.55 -1.81
N TYR C 387 -33.67 26.79 -2.46
CA TYR C 387 -32.61 27.58 -1.82
C TYR C 387 -32.93 29.07 -1.79
N LEU C 388 -33.65 29.60 -2.78
CA LEU C 388 -34.15 30.97 -2.66
C LEU C 388 -35.10 31.10 -1.48
N SER C 389 -35.90 30.05 -1.23
CA SER C 389 -36.74 30.04 -0.03
C SER C 389 -35.92 30.05 1.24
N GLU C 390 -34.74 29.41 1.25
CA GLU C 390 -33.91 29.51 2.46
C GLU C 390 -33.22 30.86 2.61
N TYR C 391 -32.77 31.46 1.50
CA TYR C 391 -32.10 32.76 1.53
C TYR C 391 -32.97 33.84 2.16
N LEU C 392 -34.23 33.90 1.75
CA LEU C 392 -35.17 34.88 2.28
C LEU C 392 -35.69 34.53 3.66
N ARG C 393 -35.20 33.47 4.30
CA ARG C 393 -35.53 33.17 5.69
C ARG C 393 -34.56 33.83 6.67
N PHE C 394 -33.38 34.25 6.20
CA PHE C 394 -32.34 34.83 7.03
C PHE C 394 -32.01 36.27 6.64
N TYR C 395 -32.98 37.00 6.09
CA TYR C 395 -32.81 38.31 5.48
C TYR C 395 -33.49 39.38 6.32
N THR C 396 -32.76 40.46 6.62
CA THR C 396 -33.29 41.56 7.41
C THR C 396 -32.42 42.79 7.19
N GLY C 397 -33.05 43.95 7.03
CA GLY C 397 -32.31 45.20 6.91
C GLY C 397 -31.51 45.30 5.64
N GLU C 398 -31.97 44.63 4.57
CA GLU C 398 -31.34 44.55 3.26
C GLU C 398 -29.97 43.86 3.31
N SER C 399 -29.84 42.84 4.17
CA SER C 399 -28.67 41.95 4.17
C SER C 399 -29.08 40.65 4.85
N ILE C 400 -28.24 39.60 4.66
CA ILE C 400 -28.50 38.28 5.26
C ILE C 400 -27.53 37.98 6.39
N ASP C 401 -28.04 37.25 7.39
CA ASP C 401 -27.27 36.70 8.52
C ASP C 401 -26.55 35.44 8.04
N TYR C 402 -25.38 35.67 7.42
CA TYR C 402 -24.68 34.65 6.64
C TYR C 402 -24.25 33.44 7.48
N VAL C 403 -23.86 33.67 8.74
CA VAL C 403 -23.36 32.59 9.57
C VAL C 403 -24.48 31.59 9.89
N SER C 404 -25.68 32.08 10.18
CA SER C 404 -26.79 31.18 10.49
C SER C 404 -27.22 30.38 9.28
N PHE C 405 -27.22 31.02 8.10
CA PHE C 405 -27.52 30.36 6.84
C PHE C 405 -26.53 29.23 6.55
N LYS C 406 -25.23 29.52 6.74
CA LYS C 406 -24.18 28.54 6.53
C LYS C 406 -24.30 27.36 7.49
N GLU C 407 -24.55 27.64 8.78
CA GLU C 407 -24.68 26.58 9.77
C GLU C 407 -25.86 25.66 9.48
N LYS C 408 -27.03 26.26 9.17
CA LYS C 408 -28.22 25.46 8.88
C LYS C 408 -27.98 24.56 7.68
N LEU C 409 -27.40 25.10 6.61
CA LEU C 409 -27.22 24.27 5.42
C LEU C 409 -26.21 23.15 5.63
N TRP C 410 -25.07 23.43 6.29
CA TRP C 410 -24.11 22.34 6.52
C TRP C 410 -24.74 21.23 7.37
N ASN C 411 -25.32 21.59 8.53
CA ASN C 411 -25.78 20.55 9.44
C ASN C 411 -27.02 19.81 8.92
N LYS C 412 -27.93 20.49 8.20
CA LYS C 412 -29.13 19.79 7.74
C LYS C 412 -28.98 19.11 6.38
N ILE C 413 -28.12 19.60 5.49
CA ILE C 413 -27.99 18.99 4.18
C ILE C 413 -26.86 17.99 4.14
N ILE C 414 -25.67 18.33 4.65
CA ILE C 414 -24.52 17.48 4.38
C ILE C 414 -24.28 16.46 5.48
N VAL C 415 -24.30 16.88 6.74
CA VAL C 415 -24.01 15.94 7.82
C VAL C 415 -25.21 15.08 8.16
N LYS C 416 -26.41 15.69 8.21
CA LYS C 416 -27.59 15.12 8.84
C LYS C 416 -27.27 14.65 10.26
N ASN C 417 -27.14 13.34 10.47
CA ASN C 417 -26.76 12.85 11.80
C ASN C 417 -25.61 11.85 11.78
N LYS C 418 -24.88 11.72 10.67
CA LYS C 418 -23.85 10.70 10.53
C LYS C 418 -22.46 11.33 10.43
N PRO C 419 -21.52 10.96 11.32
CA PRO C 419 -20.11 11.36 11.12
C PRO C 419 -19.49 10.89 9.82
N SER C 420 -19.86 9.68 9.39
CA SER C 420 -19.29 9.10 8.18
C SER C 420 -19.61 9.91 6.93
N ARG C 421 -20.77 10.59 6.89
CA ARG C 421 -21.07 11.51 5.78
C ARG C 421 -20.10 12.69 5.74
N GLU C 422 -19.86 13.33 6.89
CA GLU C 422 -18.98 14.49 6.93
C GLU C 422 -17.55 14.12 6.54
N GLN C 423 -17.06 12.99 7.06
CA GLN C 423 -15.72 12.53 6.72
C GLN C 423 -15.59 12.24 5.22
N CYS C 424 -16.59 11.56 4.64
CA CYS C 424 -16.55 11.26 3.21
C CYS C 424 -16.54 12.52 2.35
N PHE C 425 -17.37 13.51 2.70
CA PHE C 425 -17.45 14.71 1.85
C PHE C 425 -16.17 15.54 1.92
N LEU C 426 -15.60 15.66 3.12
CA LEU C 426 -14.34 16.40 3.24
C LEU C 426 -13.23 15.74 2.44
N ALA C 427 -13.14 14.39 2.50
CA ALA C 427 -12.08 13.72 1.76
C ALA C 427 -12.27 13.87 0.24
N THR C 428 -13.52 13.82 -0.24
CA THR C 428 -13.77 13.94 -1.67
C THR C 428 -13.35 15.32 -2.20
N ALA C 429 -13.75 16.38 -1.49
CA ALA C 429 -13.41 17.73 -1.94
C ALA C 429 -11.91 17.96 -1.97
N PHE C 430 -11.20 17.51 -0.92
CA PHE C 430 -9.75 17.71 -0.91
C PHE C 430 -9.07 16.90 -2.00
N GLN C 431 -9.57 15.70 -2.32
CA GLN C 431 -8.93 14.91 -3.37
C GLN C 431 -9.04 15.60 -4.73
N ARG C 432 -10.21 16.18 -5.02
CA ARG C 432 -10.35 16.97 -6.25
C ARG C 432 -9.35 18.13 -6.27
N ALA C 433 -9.26 18.88 -5.16
CA ALA C 433 -8.38 20.05 -5.19
C ALA C 433 -6.90 19.67 -5.23
N SER C 434 -6.54 18.48 -4.74
CA SER C 434 -5.15 18.07 -4.68
C SER C 434 -4.66 17.50 -6.01
N GLU C 435 -5.49 16.66 -6.64
CA GLU C 435 -5.11 16.02 -7.89
C GLU C 435 -5.32 16.90 -9.11
N GLY C 436 -6.06 17.99 -8.99
CA GLY C 436 -6.44 18.79 -10.14
C GLY C 436 -7.40 18.09 -11.09
N GLN C 437 -8.41 17.42 -10.55
CA GLN C 437 -9.30 16.56 -11.31
C GLN C 437 -10.77 16.90 -11.03
N PHE C 438 -11.59 16.83 -12.08
CA PHE C 438 -13.03 16.98 -11.91
C PHE C 438 -13.69 15.67 -11.46
N PHE C 439 -13.28 14.55 -12.04
CA PHE C 439 -13.81 13.22 -11.72
C PHE C 439 -12.81 12.44 -10.86
N VAL C 440 -13.26 11.90 -9.74
CA VAL C 440 -12.39 11.13 -8.84
C VAL C 440 -13.08 9.86 -8.34
N SER C 441 -12.26 8.95 -7.78
CA SER C 441 -12.72 7.71 -7.14
C SER C 441 -12.35 7.74 -5.65
N PRO C 442 -13.24 8.20 -4.78
CA PRO C 442 -12.91 8.31 -3.35
C PRO C 442 -12.90 6.96 -2.64
N ALA C 443 -12.12 6.89 -1.56
CA ALA C 443 -11.97 5.68 -0.73
C ALA C 443 -12.88 5.72 0.50
N CYS C 444 -14.18 5.84 0.26
CA CYS C 444 -15.18 6.02 1.29
C CYS C 444 -15.60 4.71 1.93
N ASP C 445 -16.48 4.83 2.92
CA ASP C 445 -17.17 3.69 3.50
C ASP C 445 -18.24 3.20 2.54
N THR C 446 -18.61 1.92 2.69
CA THR C 446 -19.08 1.12 1.57
C THR C 446 -20.42 1.54 0.96
N GLY C 447 -21.14 2.49 1.55
CA GLY C 447 -22.41 2.85 0.94
C GLY C 447 -22.71 4.33 0.95
N ILE C 448 -21.74 5.15 1.32
CA ILE C 448 -22.01 6.55 1.63
C ILE C 448 -22.12 7.39 0.35
N LEU C 449 -21.30 7.10 -0.67
CA LEU C 449 -21.38 7.85 -1.92
C LEU C 449 -22.73 7.62 -2.62
N ASP C 450 -23.28 6.42 -2.52
CA ASP C 450 -24.60 6.18 -3.11
C ASP C 450 -25.68 6.99 -2.38
N GLU C 451 -25.55 7.11 -1.06
CA GLU C 451 -26.48 7.92 -0.29
C GLU C 451 -26.35 9.41 -0.64
N LEU C 452 -25.12 9.86 -0.89
CA LEU C 452 -24.91 11.27 -1.27
C LEU C 452 -25.33 11.53 -2.71
N VAL C 453 -25.29 10.50 -3.57
CA VAL C 453 -25.79 10.65 -4.93
C VAL C 453 -27.31 10.70 -4.95
N LYS C 454 -27.97 9.87 -4.13
CA LYS C 454 -29.43 9.96 -4.05
C LYS C 454 -29.88 11.29 -3.45
N ASP C 455 -29.09 11.88 -2.55
CA ASP C 455 -29.40 13.22 -2.04
C ASP C 455 -29.16 14.32 -3.06
N GLY C 456 -28.40 14.05 -4.11
CA GLY C 456 -28.12 15.06 -5.11
C GLY C 456 -26.97 15.98 -4.82
N ILE C 457 -26.15 15.67 -3.81
CA ILE C 457 -24.99 16.49 -3.50
C ILE C 457 -23.81 16.10 -4.38
N VAL C 458 -23.59 14.81 -4.54
CA VAL C 458 -22.53 14.26 -5.38
C VAL C 458 -23.15 13.75 -6.66
N GLY C 459 -22.45 13.91 -7.79
CA GLY C 459 -22.88 13.34 -9.05
C GLY C 459 -22.01 12.18 -9.51
N TYR C 460 -22.54 11.33 -10.39
CA TYR C 460 -21.81 10.18 -10.91
C TYR C 460 -21.87 10.12 -12.43
N GLU C 461 -20.76 9.69 -13.02
CA GLU C 461 -20.64 9.36 -14.43
C GLU C 461 -19.60 8.27 -14.51
N ALA C 462 -19.51 7.60 -15.68
CA ALA C 462 -18.61 6.45 -15.85
C ALA C 462 -17.15 6.80 -15.56
N ALA C 463 -16.77 8.06 -15.69
CA ALA C 463 -15.42 8.49 -15.38
C ALA C 463 -15.18 8.68 -13.88
N GLY C 464 -16.21 8.79 -13.07
CA GLY C 464 -16.03 8.94 -11.64
C GLY C 464 -17.10 9.78 -11.00
N TYR C 465 -16.83 10.21 -9.76
CA TYR C 465 -17.73 11.05 -8.97
C TYR C 465 -17.25 12.50 -8.95
N PHE C 466 -18.22 13.42 -8.82
CA PHE C 466 -17.95 14.86 -8.80
C PHE C 466 -18.97 15.54 -7.88
N ILE C 467 -18.67 16.80 -7.51
CA ILE C 467 -19.48 17.59 -6.59
C ILE C 467 -20.33 18.60 -7.38
N THR C 468 -21.61 18.71 -7.00
CA THR C 468 -22.61 19.38 -7.84
C THR C 468 -22.55 20.90 -7.76
N HIS C 469 -22.44 21.47 -6.55
CA HIS C 469 -22.46 22.92 -6.35
C HIS C 469 -21.07 23.41 -5.89
N ASP C 470 -20.66 24.60 -6.36
CA ASP C 470 -19.34 25.12 -6.01
C ASP C 470 -19.24 25.62 -4.57
N ILE C 471 -20.34 26.18 -4.04
CA ILE C 471 -20.32 26.80 -2.71
C ILE C 471 -20.00 25.76 -1.63
N TYR C 472 -20.54 24.55 -1.77
CA TYR C 472 -20.24 23.49 -0.82
C TYR C 472 -18.78 23.04 -0.89
N GLU C 473 -18.16 23.12 -2.08
CA GLU C 473 -16.76 22.71 -2.18
C GLU C 473 -15.83 23.72 -1.50
N GLU C 474 -16.12 25.02 -1.65
CA GLU C 474 -15.38 26.02 -0.85
C GLU C 474 -15.54 25.80 0.65
N TRP C 475 -16.78 25.61 1.11
CA TRP C 475 -16.98 25.40 2.54
C TRP C 475 -16.23 24.17 3.06
N ALA C 476 -16.16 23.10 2.26
CA ALA C 476 -15.43 21.89 2.65
C ALA C 476 -13.94 22.18 2.83
N LEU C 477 -13.33 22.88 1.88
CA LEU C 477 -11.89 23.15 2.02
C LEU C 477 -11.59 24.03 3.23
N GLU C 478 -12.48 24.98 3.55
CA GLU C 478 -12.23 25.80 4.73
C GLU C 478 -12.28 24.98 6.02
N LYS C 479 -13.24 24.04 6.13
CA LYS C 479 -13.26 23.18 7.32
C LYS C 479 -12.02 22.28 7.41
N LYS C 480 -11.53 21.81 6.26
CA LYS C 480 -10.34 20.98 6.23
C LYS C 480 -9.11 21.74 6.76
N ILE C 481 -9.01 23.02 6.39
CA ILE C 481 -7.93 23.85 6.92
C ILE C 481 -8.06 24.03 8.42
N SER C 482 -9.29 24.22 8.92
CA SER C 482 -9.47 24.32 10.38
C SER C 482 -8.98 23.08 11.11
N VAL C 483 -9.29 21.90 10.58
CA VAL C 483 -8.88 20.65 11.22
C VAL C 483 -7.35 20.51 11.22
N ASP C 484 -6.71 20.78 10.07
CA ASP C 484 -5.25 20.70 10.01
C ASP C 484 -4.58 21.72 10.93
N TYR C 485 -5.23 22.86 11.17
CA TYR C 485 -4.73 23.82 12.16
C TYR C 485 -4.85 23.29 13.58
N ILE C 486 -5.97 22.62 13.90
CA ILE C 486 -6.14 22.07 15.25
C ILE C 486 -5.12 20.99 15.54
N ARG C 487 -4.78 20.17 14.54
CA ARG C 487 -3.92 19.01 14.74
C ARG C 487 -2.42 19.25 14.51
N LYS C 488 -1.97 20.47 14.21
CA LYS C 488 -0.57 20.64 13.81
C LYS C 488 0.40 20.68 14.98
N ALA C 489 1.64 20.24 14.70
CA ALA C 489 2.73 20.27 15.68
C ALA C 489 3.45 21.62 15.66
N ASN C 490 3.66 22.19 14.48
CA ASN C 490 4.28 23.48 14.31
C ASN C 490 3.78 24.08 13.00
N ASN C 491 4.04 25.39 12.82
CA ASN C 491 3.49 26.11 11.68
C ASN C 491 4.02 25.59 10.35
N ASN C 492 5.32 25.26 10.29
CA ASN C 492 5.90 24.75 9.06
C ASN C 492 5.29 23.42 8.66
N GLU C 493 4.97 22.57 9.65
CA GLU C 493 4.28 21.30 9.38
C GLU C 493 2.87 21.53 8.87
N PHE C 494 2.20 22.58 9.35
CA PHE C 494 0.87 22.96 8.87
C PHE C 494 0.90 23.35 7.40
N PHE C 495 1.80 24.26 7.04
CA PHE C 495 1.92 24.66 5.63
C PHE C 495 2.41 23.52 4.74
N GLU C 496 3.17 22.57 5.29
CA GLU C 496 3.51 21.39 4.49
C GLU C 496 2.30 20.47 4.33
N LYS C 497 1.44 20.38 5.35
CA LYS C 497 0.32 19.46 5.33
C LYS C 497 -0.74 19.87 4.31
N ILE C 498 -1.05 21.17 4.25
CA ILE C 498 -2.21 21.56 3.43
C ILE C 498 -1.92 21.67 1.93
N GLY C 499 -0.67 21.55 1.50
CA GLY C 499 -0.41 21.67 0.07
C GLY C 499 -0.35 23.11 -0.40
N GLU C 500 -0.24 23.29 -1.72
CA GLU C 500 0.06 24.60 -2.28
C GLU C 500 -0.76 24.98 -3.50
N SER C 501 -1.78 24.20 -3.87
CA SER C 501 -2.55 24.50 -5.06
C SER C 501 -3.48 25.69 -4.85
N LEU C 502 -3.86 26.33 -5.97
CA LEU C 502 -4.62 27.57 -5.94
C LEU C 502 -5.97 27.52 -5.20
N PRO C 503 -6.82 26.47 -5.34
CA PRO C 503 -8.03 26.43 -4.50
C PRO C 503 -7.75 26.46 -3.00
N VAL C 504 -6.67 25.82 -2.55
CA VAL C 504 -6.33 25.85 -1.13
C VAL C 504 -5.90 27.25 -0.70
N ARG C 505 -5.19 27.98 -1.58
CA ARG C 505 -4.76 29.34 -1.24
C ARG C 505 -5.96 30.25 -1.04
N ARG C 506 -6.96 30.14 -1.95
CA ARG C 506 -8.18 30.92 -1.78
C ARG C 506 -8.90 30.56 -0.47
N SER C 507 -8.92 29.27 -0.14
CA SER C 507 -9.60 28.83 1.08
C SER C 507 -8.92 29.37 2.33
N PHE C 508 -7.58 29.38 2.33
CA PHE C 508 -6.80 29.94 3.43
C PHE C 508 -7.10 31.43 3.61
N ARG C 509 -7.19 32.15 2.50
CA ARG C 509 -7.44 33.58 2.58
C ARG C 509 -8.83 33.87 3.18
N ASN C 510 -9.84 33.10 2.75
CA ASN C 510 -11.18 33.20 3.34
C ASN C 510 -11.14 32.91 4.84
N TRP C 511 -10.42 31.87 5.24
CA TRP C 511 -10.39 31.43 6.64
C TRP C 511 -9.78 32.50 7.53
N ILE C 512 -8.66 33.09 7.09
CA ILE C 512 -8.03 34.18 7.83
C ILE C 512 -8.98 35.36 7.98
N SER C 513 -9.65 35.74 6.88
CA SER C 513 -10.54 36.90 6.92
C SER C 513 -11.67 36.69 7.92
N GLU C 514 -12.19 35.46 7.99
CA GLU C 514 -13.29 35.17 8.91
C GLU C 514 -12.82 35.16 10.36
N ARG C 515 -11.62 34.63 10.65
CA ARG C 515 -11.10 34.69 12.01
C ARG C 515 -10.89 36.13 12.46
N LEU C 516 -10.39 36.98 11.55
CA LEU C 516 -10.24 38.40 11.86
C LEU C 516 -11.57 39.08 12.17
N LEU C 517 -12.62 38.82 11.37
CA LEU C 517 -13.92 39.45 11.60
C LEU C 517 -14.49 39.06 12.97
N LEU C 518 -14.31 37.80 13.35
CA LEU C 518 -14.90 37.33 14.61
C LEU C 518 -14.05 37.66 15.83
N ASP C 519 -12.96 38.44 15.67
CA ASP C 519 -12.09 38.91 16.76
C ASP C 519 -11.49 37.78 17.60
N ASP C 520 -11.13 36.65 16.97
CA ASP C 520 -10.45 35.56 17.68
C ASP C 520 -8.99 35.99 17.90
N GLN C 521 -8.65 36.31 19.14
CA GLN C 521 -7.33 36.82 19.47
C GLN C 521 -6.21 35.82 19.25
N SER C 522 -6.52 34.52 19.13
CA SER C 522 -5.47 33.54 18.86
C SER C 522 -4.83 33.73 17.49
N ILE C 523 -5.51 34.42 16.58
CA ILE C 523 -4.95 34.65 15.26
C ILE C 523 -3.78 35.63 15.30
N LYS C 524 -3.76 36.55 16.29
CA LYS C 524 -2.73 37.60 16.31
C LYS C 524 -1.33 37.03 16.56
N PRO C 525 -1.11 36.09 17.51
CA PRO C 525 0.21 35.46 17.57
C PRO C 525 0.57 34.69 16.32
N PHE C 526 -0.40 34.01 15.71
CA PHE C 526 -0.16 33.26 14.48
C PHE C 526 0.28 34.16 13.36
N ILE C 527 -0.41 35.30 13.20
CA ILE C 527 -0.02 36.29 12.20
C ILE C 527 1.37 36.84 12.49
N ALA C 528 1.67 37.17 13.76
CA ALA C 528 2.98 37.70 14.10
C ALA C 528 4.09 36.69 13.82
N GLU C 529 3.84 35.42 14.15
CA GLU C 529 4.78 34.34 13.85
C GLU C 529 5.05 34.23 12.36
N ILE C 530 4.00 34.38 11.55
CA ILE C 530 4.17 34.27 10.09
C ILE C 530 4.99 35.44 9.56
N VAL C 531 4.58 36.66 9.93
CA VAL C 531 5.18 37.88 9.41
C VAL C 531 6.65 38.00 9.84
N CYS C 532 6.97 37.56 11.05
CA CYS C 532 8.36 37.63 11.48
C CYS C 532 9.18 36.41 11.10
N GLY C 533 8.55 35.28 10.72
CA GLY C 533 9.25 34.02 10.61
C GLY C 533 10.05 33.82 9.33
N GLU C 534 10.82 32.72 9.32
CA GLU C 534 11.68 32.36 8.21
C GLU C 534 11.45 30.90 7.82
N GLY C 535 11.74 30.59 6.56
CA GLY C 535 11.51 29.28 5.98
C GLY C 535 10.17 29.13 5.29
N ILE C 536 9.22 29.98 5.64
CA ILE C 536 7.90 29.96 5.04
C ILE C 536 7.94 30.65 3.68
N SER C 537 7.38 30.00 2.67
CA SER C 537 7.41 30.52 1.32
C SER C 537 6.62 31.81 1.22
N ASN C 538 7.11 32.74 0.40
CA ASN C 538 6.64 34.12 0.41
C ASN C 538 5.17 34.26 -0.01
N PHE C 539 4.65 33.35 -0.83
CA PHE C 539 3.28 33.51 -1.31
C PHE C 539 2.24 33.32 -0.21
N TRP C 540 2.58 32.57 0.85
CA TRP C 540 1.70 32.51 2.02
C TRP C 540 1.61 33.87 2.71
N LYS C 541 2.75 34.58 2.83
CA LYS C 541 2.74 35.92 3.40
C LYS C 541 1.95 36.89 2.53
N ASP C 542 2.03 36.73 1.20
CA ASP C 542 1.23 37.59 0.32
C ASP C 542 -0.27 37.35 0.48
N GLU C 543 -0.70 36.08 0.57
CA GLU C 543 -2.11 35.80 0.82
C GLU C 543 -2.57 36.40 2.14
N LEU C 544 -1.73 36.32 3.18
CA LEU C 544 -2.08 36.92 4.47
C LEU C 544 -2.21 38.44 4.38
N TRP C 545 -1.30 39.09 3.67
CA TRP C 545 -1.38 40.55 3.59
C TRP C 545 -2.55 41.01 2.72
N VAL C 546 -2.93 40.22 1.72
CA VAL C 546 -4.15 40.53 0.97
C VAL C 546 -5.38 40.44 1.88
N ALA C 547 -5.42 39.41 2.74
CA ALA C 547 -6.52 39.29 3.70
C ALA C 547 -6.57 40.49 4.65
N VAL C 548 -5.41 40.96 5.11
CA VAL C 548 -5.38 42.12 6.01
C VAL C 548 -5.82 43.38 5.27
N LEU C 549 -5.30 43.60 4.06
CA LEU C 549 -5.61 44.82 3.32
C LEU C 549 -7.08 44.88 2.91
N LEU C 550 -7.73 43.73 2.77
CA LEU C 550 -9.16 43.75 2.46
C LEU C 550 -10.03 43.88 3.70
N SER C 551 -9.48 43.63 4.89
CA SER C 551 -10.27 43.64 6.12
C SER C 551 -10.46 45.05 6.66
N ASP C 552 -11.61 45.27 7.31
CA ASP C 552 -11.90 46.56 7.94
C ASP C 552 -10.93 46.91 9.07
N ASN C 553 -10.24 45.91 9.62
CA ASN C 553 -9.30 46.09 10.74
C ASN C 553 -7.96 46.68 10.33
N SER C 554 -7.77 46.99 9.04
CA SER C 554 -6.44 47.06 8.44
C SER C 554 -5.50 48.06 9.11
N SER C 555 -6.04 49.16 9.62
CA SER C 555 -5.20 50.23 10.15
C SER C 555 -4.48 49.82 11.43
N ILE C 556 -5.03 48.84 12.17
CA ILE C 556 -4.42 48.40 13.43
C ILE C 556 -3.05 47.80 13.19
N PHE C 557 -2.91 47.03 12.10
CA PHE C 557 -1.67 46.31 11.84
C PHE C 557 -0.52 47.23 11.48
N PHE C 558 -0.81 48.40 10.91
CA PHE C 558 0.26 49.36 10.66
C PHE C 558 0.79 49.97 11.95
N ASN C 559 -0.04 50.06 12.98
CA ASN C 559 0.44 50.52 14.29
C ASN C 559 1.35 49.48 14.94
N TYR C 560 1.02 48.20 14.78
CA TYR C 560 1.82 47.13 15.38
C TYR C 560 3.17 46.96 14.70
N PHE C 561 3.19 46.90 13.37
CA PHE C 561 4.38 46.52 12.61
C PHE C 561 5.19 47.69 12.06
N LYS C 562 5.11 48.87 12.69
CA LYS C 562 5.71 50.12 12.17
C LYS C 562 7.22 50.00 11.90
N ARG C 563 7.95 49.46 12.87
CA ARG C 563 9.39 49.25 12.76
C ARG C 563 9.73 48.33 11.59
N TYR C 564 8.97 47.24 11.43
CA TYR C 564 9.21 46.30 10.35
C TYR C 564 8.94 46.92 8.98
N LEU C 565 7.88 47.72 8.90
CA LEU C 565 7.54 48.43 7.68
C LEU C 565 8.61 49.45 7.30
N LEU C 566 9.08 50.25 8.26
CA LEU C 566 9.98 51.35 7.91
C LEU C 566 11.43 50.89 7.74
N SER C 567 11.96 50.12 8.69
CA SER C 567 13.41 50.03 8.83
C SER C 567 14.07 49.14 7.79
N SER C 568 13.41 48.08 7.32
CA SER C 568 14.06 47.13 6.41
C SER C 568 13.95 47.61 4.95
N ASP C 569 14.51 48.81 4.72
CA ASP C 569 14.63 49.44 3.39
C ASP C 569 13.28 49.57 2.69
N GLN C 570 12.20 49.63 3.49
CA GLN C 570 10.81 49.74 3.04
C GLN C 570 10.40 48.64 2.06
N ASN C 571 11.06 47.48 2.12
CA ASN C 571 10.85 46.42 1.12
C ASN C 571 9.42 45.85 1.20
N LEU C 572 8.95 45.57 2.41
CA LEU C 572 7.59 45.09 2.57
C LEU C 572 6.56 46.15 2.18
N LEU C 573 6.86 47.42 2.44
CA LEU C 573 5.91 48.48 2.08
C LEU C 573 5.73 48.56 0.56
N LYS C 574 6.83 48.35 -0.18
CA LYS C 574 6.76 48.30 -1.64
C LYS C 574 5.90 47.12 -2.12
N ARG C 575 6.13 45.92 -1.54
CA ARG C 575 5.28 44.78 -1.89
C ARG C 575 3.80 45.04 -1.60
N LEU C 576 3.51 45.77 -0.51
CA LEU C 576 2.14 46.13 -0.20
C LEU C 576 1.50 46.98 -1.29
N THR C 577 2.25 47.94 -1.84
CA THR C 577 1.65 48.69 -2.95
C THR C 577 1.38 47.80 -4.17
N PHE C 578 2.29 46.85 -4.47
CA PHE C 578 2.04 45.95 -5.61
C PHE C 578 0.78 45.11 -5.42
N LEU C 579 0.65 44.47 -4.25
CA LEU C 579 -0.52 43.65 -3.96
C LEU C 579 -1.80 44.47 -3.95
N LEU C 580 -1.72 45.71 -3.45
CA LEU C 580 -2.87 46.59 -3.41
C LEU C 580 -3.36 46.93 -4.82
N ARG C 581 -2.43 47.21 -5.72
CA ARG C 581 -2.85 47.58 -7.07
C ARG C 581 -3.32 46.39 -7.88
N LEU C 582 -2.83 45.19 -7.55
CA LEU C 582 -3.21 44.01 -8.33
C LEU C 582 -4.52 43.39 -7.84
N ALA C 583 -4.64 43.15 -6.53
CA ALA C 583 -5.74 42.35 -6.01
C ALA C 583 -6.92 43.17 -5.52
N CYS C 584 -6.67 44.35 -4.94
CA CYS C 584 -7.71 45.04 -4.19
C CYS C 584 -8.48 46.03 -5.06
N LYS C 585 -9.10 45.56 -6.14
CA LYS C 585 -9.86 46.41 -7.06
C LYS C 585 -11.11 45.67 -7.51
N ASP C 586 -12.07 46.43 -8.07
CA ASP C 586 -13.42 45.95 -8.37
C ASP C 586 -13.95 46.66 -9.62
N VAL C 587 -14.91 46.04 -10.32
CA VAL C 587 -15.42 46.57 -11.58
C VAL C 587 -16.48 47.64 -11.32
N ASP C 588 -16.45 48.73 -12.10
CA ASP C 588 -17.29 49.93 -11.90
C ASP C 588 -18.49 49.93 -12.84
N TYR C 589 -19.45 49.05 -12.56
CA TYR C 589 -20.64 48.90 -13.40
C TYR C 589 -21.46 50.18 -13.51
N ASP C 590 -21.38 51.09 -12.53
CA ASP C 590 -22.05 52.38 -12.65
C ASP C 590 -21.47 53.21 -13.79
N LEU C 591 -20.13 53.28 -13.87
CA LEU C 591 -19.50 54.02 -14.94
C LEU C 591 -19.75 53.37 -16.30
N LEU C 592 -19.75 52.03 -16.37
CA LEU C 592 -20.14 51.34 -17.60
C LEU C 592 -21.58 51.65 -18.00
N LYS C 593 -22.51 51.73 -17.03
CA LYS C 593 -23.89 52.11 -17.35
C LYS C 593 -23.94 53.53 -17.91
N GLN C 594 -23.17 54.44 -17.32
CA GLN C 594 -23.18 55.82 -17.79
C GLN C 594 -22.50 55.95 -19.15
N LEU C 595 -21.59 55.05 -19.50
CA LEU C 595 -21.02 54.99 -20.84
C LEU C 595 -21.84 54.14 -21.82
N GLY C 596 -22.92 53.51 -21.36
CA GLY C 596 -23.84 52.86 -22.27
C GLY C 596 -23.73 51.36 -22.38
N VAL C 597 -23.22 50.69 -21.36
CA VAL C 597 -23.10 49.24 -21.32
C VAL C 597 -24.11 48.70 -20.31
N SER C 598 -24.91 47.72 -20.73
CA SER C 598 -26.09 47.33 -19.96
C SER C 598 -25.88 46.12 -19.06
N ASN C 599 -25.01 45.19 -19.44
CA ASN C 599 -24.81 43.95 -18.71
C ASN C 599 -23.78 44.10 -17.59
N SER C 600 -23.68 43.06 -16.76
CA SER C 600 -22.85 43.09 -15.54
C SER C 600 -22.03 41.80 -15.40
N ASP C 601 -21.25 41.48 -16.43
CA ASP C 601 -20.41 40.28 -16.45
C ASP C 601 -19.10 40.63 -17.15
N LEU C 602 -17.97 40.45 -16.46
CA LEU C 602 -16.68 40.86 -17.00
C LEU C 602 -16.24 40.03 -18.21
N LEU C 603 -16.84 38.87 -18.43
CA LEU C 603 -16.55 38.09 -19.62
C LEU C 603 -17.24 38.62 -20.86
N SER C 604 -18.17 39.58 -20.72
CA SER C 604 -18.97 40.04 -21.86
C SER C 604 -18.98 41.55 -22.08
N ILE C 605 -18.58 42.36 -21.10
CA ILE C 605 -18.61 43.81 -21.29
C ILE C 605 -17.60 44.27 -22.34
N LYS C 606 -17.90 45.43 -22.95
CA LYS C 606 -17.08 45.97 -24.05
C LYS C 606 -15.69 46.35 -23.57
N TYR C 607 -15.60 47.05 -22.45
CA TYR C 607 -14.35 47.47 -21.83
C TYR C 607 -14.41 47.10 -20.35
N VAL C 608 -13.24 46.90 -19.74
CA VAL C 608 -13.17 46.66 -18.30
C VAL C 608 -12.64 47.90 -17.61
N LEU C 609 -13.45 48.49 -16.73
CA LEU C 609 -13.10 49.67 -15.94
C LEU C 609 -13.23 49.33 -14.46
N THR C 610 -12.26 49.78 -13.65
CA THR C 610 -12.16 49.33 -12.25
C THR C 610 -11.90 50.49 -11.28
N LYS C 611 -12.09 50.19 -9.99
CA LYS C 611 -12.03 51.14 -8.89
C LYS C 611 -11.50 50.47 -7.63
N PRO C 612 -10.98 51.24 -6.66
CA PRO C 612 -10.42 50.63 -5.44
C PRO C 612 -11.42 49.92 -4.54
N LYS C 613 -10.90 48.98 -3.74
CA LYS C 613 -11.68 48.19 -2.80
C LYS C 613 -10.94 48.06 -1.47
N GLY C 614 -11.68 48.24 -0.37
CA GLY C 614 -11.16 47.93 0.96
C GLY C 614 -10.42 49.09 1.61
N THR C 615 -10.27 48.99 2.93
CA THR C 615 -9.63 50.04 3.73
C THR C 615 -8.12 50.03 3.64
N GLY C 616 -7.52 49.09 2.92
CA GLY C 616 -6.07 49.07 2.78
C GLY C 616 -5.54 50.30 2.08
N TRP C 617 -6.29 50.82 1.10
CA TRP C 617 -5.89 52.02 0.38
C TRP C 617 -5.72 53.21 1.32
N GLN C 618 -6.74 53.45 2.17
CA GLN C 618 -6.69 54.53 3.14
C GLN C 618 -5.56 54.34 4.15
N SER C 619 -5.39 53.10 4.64
CA SER C 619 -4.36 52.81 5.64
C SER C 619 -2.96 53.08 5.09
N VAL C 620 -2.69 52.62 3.88
CA VAL C 620 -1.36 52.77 3.30
C VAL C 620 -1.05 54.24 3.00
N ILE C 621 -2.02 54.95 2.41
CA ILE C 621 -1.77 56.36 2.07
C ILE C 621 -1.55 57.18 3.33
N GLN C 622 -2.32 56.90 4.39
CA GLN C 622 -2.14 57.62 5.66
C GLN C 622 -0.78 57.30 6.30
N PHE C 623 -0.35 56.02 6.25
CA PHE C 623 0.93 55.66 6.85
C PHE C 623 2.10 56.30 6.12
N ILE C 624 2.02 56.40 4.79
CA ILE C 624 3.05 57.14 4.05
C ILE C 624 3.07 58.60 4.47
N TYR C 625 1.90 59.21 4.66
CA TYR C 625 1.87 60.63 5.01
C TYR C 625 2.40 60.90 6.42
N GLU C 626 2.05 60.06 7.39
CA GLU C 626 2.45 60.31 8.78
C GLU C 626 3.94 60.09 9.03
N ASN C 627 4.64 59.42 8.13
CA ASN C 627 6.04 59.08 8.32
C ASN C 627 6.94 59.62 7.22
N LEU C 628 6.49 60.64 6.48
CA LEU C 628 7.16 61.08 5.27
C LEU C 628 8.56 61.62 5.56
N ASP C 629 8.80 62.07 6.77
CA ASP C 629 10.10 62.64 7.09
C ASP C 629 11.14 61.54 7.25
N GLU C 630 10.73 60.39 7.78
CA GLU C 630 11.63 59.25 7.98
C GLU C 630 11.92 58.51 6.67
N ILE C 631 10.91 58.40 5.80
CA ILE C 631 11.12 57.80 4.48
C ILE C 631 11.89 58.76 3.58
N GLY C 632 11.56 60.05 3.63
CA GLY C 632 12.26 61.05 2.84
C GLY C 632 11.70 61.25 1.45
N ILE C 633 11.47 62.50 1.05
CA ILE C 633 10.69 62.85 -0.14
C ILE C 633 11.31 62.34 -1.45
N ARG C 634 12.60 62.07 -1.46
CA ARG C 634 13.30 61.48 -2.60
C ARG C 634 12.93 60.02 -2.81
N ASN C 635 12.58 59.32 -1.73
CA ASN C 635 12.47 57.88 -1.78
C ASN C 635 11.07 57.36 -2.06
N ILE C 636 10.06 58.23 -2.06
CA ILE C 636 8.65 57.81 -2.17
C ILE C 636 8.20 57.56 -3.60
N ASN C 637 9.15 57.52 -4.55
CA ASN C 637 8.83 57.33 -5.97
C ASN C 637 7.98 56.08 -6.26
N PHE C 638 7.92 55.13 -5.31
CA PHE C 638 7.09 53.94 -5.47
C PHE C 638 5.60 54.18 -5.21
N ILE C 639 5.22 55.24 -4.50
CA ILE C 639 3.81 55.44 -4.13
C ILE C 639 2.99 56.15 -5.20
N LEU C 640 3.65 56.75 -6.20
CA LEU C 640 2.97 57.61 -7.16
C LEU C 640 1.84 56.93 -7.95
N PRO C 641 1.95 55.68 -8.44
CA PRO C 641 0.76 55.04 -9.05
C PRO C 641 -0.41 54.84 -8.10
N VAL C 642 -0.17 54.67 -6.80
CA VAL C 642 -1.28 54.46 -5.86
C VAL C 642 -2.12 55.73 -5.72
N ILE C 643 -1.46 56.86 -5.48
CA ILE C 643 -2.18 58.12 -5.35
C ILE C 643 -2.81 58.53 -6.68
N GLN C 644 -2.17 58.16 -7.81
CA GLN C 644 -2.75 58.41 -9.12
C GLN C 644 -4.05 57.62 -9.30
N GLU C 645 -4.02 56.31 -9.03
CA GLU C 645 -5.20 55.49 -9.27
C GLU C 645 -6.31 55.78 -8.27
N TRP C 646 -5.99 56.28 -7.08
CA TRP C 646 -7.07 56.74 -6.21
C TRP C 646 -7.74 58.01 -6.75
N ASN C 647 -6.95 59.05 -7.05
CA ASN C 647 -7.59 60.31 -7.45
C ASN C 647 -8.31 60.21 -8.78
N GLN C 648 -8.02 59.19 -9.59
CA GLN C 648 -8.71 59.00 -10.87
C GLN C 648 -10.19 58.69 -10.69
N ARG C 649 -10.57 58.14 -9.54
CA ARG C 649 -11.96 57.75 -9.30
C ARG C 649 -12.64 58.45 -8.15
N ASN C 650 -11.89 58.94 -7.15
CA ASN C 650 -12.48 59.50 -5.94
C ASN C 650 -12.01 60.94 -5.76
N LYS C 651 -12.96 61.88 -5.72
CA LYS C 651 -12.61 63.30 -5.79
C LYS C 651 -13.12 64.11 -4.60
N VAL C 652 -13.63 63.46 -3.55
CA VAL C 652 -13.96 64.12 -2.28
C VAL C 652 -13.48 63.23 -1.13
N GLY C 653 -13.10 63.86 -0.01
CA GLY C 653 -12.77 63.15 1.20
C GLY C 653 -11.29 63.22 1.56
N GLU C 654 -11.00 62.69 2.77
CA GLU C 654 -9.70 62.86 3.42
C GLU C 654 -8.55 62.24 2.63
N THR C 655 -8.77 61.03 2.11
CA THR C 655 -7.72 60.35 1.36
C THR C 655 -7.38 61.11 0.08
N THR C 656 -8.37 61.76 -0.51
CA THR C 656 -8.15 62.62 -1.67
C THR C 656 -7.37 63.89 -1.30
N ARG C 657 -7.50 64.38 -0.06
CA ARG C 657 -6.63 65.47 0.39
C ARG C 657 -5.17 65.00 0.51
N LEU C 658 -4.96 63.84 1.17
CA LEU C 658 -3.60 63.37 1.41
C LEU C 658 -2.85 63.05 0.12
N SER C 659 -3.55 62.41 -0.83
CA SER C 659 -2.94 62.07 -2.12
C SER C 659 -2.46 63.32 -2.85
N SER C 660 -3.29 64.36 -2.85
CA SER C 660 -2.96 65.59 -3.54
C SER C 660 -1.80 66.33 -2.86
N LEU C 661 -1.77 66.31 -1.52
CA LEU C 661 -0.67 66.95 -0.80
C LEU C 661 0.66 66.26 -1.07
N ILE C 662 0.65 64.92 -1.15
CA ILE C 662 1.88 64.19 -1.46
C ILE C 662 2.39 64.54 -2.85
N ALA C 663 1.47 64.60 -3.84
CA ALA C 663 1.90 64.97 -5.19
C ALA C 663 2.48 66.39 -5.24
N LEU C 664 1.86 67.32 -4.51
CA LEU C 664 2.36 68.70 -4.51
C LEU C 664 3.73 68.81 -3.86
N LYS C 665 3.96 68.09 -2.76
CA LYS C 665 5.26 68.13 -2.10
C LYS C 665 6.36 67.57 -3.01
N TYR C 666 6.07 66.48 -3.73
CA TYR C 666 7.06 65.91 -4.64
C TYR C 666 7.38 66.88 -5.79
N TYR C 667 6.37 67.56 -6.33
CA TYR C 667 6.60 68.54 -7.39
C TYR C 667 7.48 69.70 -6.91
N GLN C 668 7.20 70.20 -5.71
CA GLN C 668 8.01 71.29 -5.15
C GLN C 668 9.45 70.84 -4.91
N TRP C 669 9.64 69.57 -4.53
CA TRP C 669 11.00 69.05 -4.38
C TRP C 669 11.75 69.02 -5.72
N THR C 670 11.08 68.56 -6.78
CA THR C 670 11.74 68.56 -8.09
C THR C 670 12.08 69.98 -8.54
N ILE C 671 11.25 70.96 -8.18
CA ILE C 671 11.57 72.35 -8.50
C ILE C 671 12.82 72.80 -7.75
N ASP C 672 12.90 72.52 -6.44
CA ASP C 672 14.07 72.95 -5.67
C ASP C 672 15.37 72.28 -6.13
N GLU C 673 15.30 71.04 -6.61
CA GLU C 673 16.48 70.31 -7.08
C GLU C 673 16.80 70.53 -8.56
N ASP C 674 16.00 71.33 -9.28
CA ASP C 674 16.11 71.58 -10.72
C ASP C 674 15.99 70.33 -11.59
N VAL C 675 15.53 69.20 -11.04
CA VAL C 675 15.44 67.99 -11.86
C VAL C 675 14.22 68.05 -12.77
N TYR C 676 14.38 67.49 -13.97
CA TYR C 676 13.38 67.56 -15.02
C TYR C 676 12.29 66.51 -14.84
N LEU C 677 11.05 66.93 -15.09
CA LEU C 677 9.91 66.03 -15.24
C LEU C 677 9.46 66.09 -16.69
N SER C 678 9.37 64.92 -17.33
CA SER C 678 9.22 64.83 -18.78
C SER C 678 7.89 65.39 -19.27
N GLY C 679 7.95 66.51 -20.00
CA GLY C 679 6.77 67.18 -20.52
C GLY C 679 6.15 66.46 -21.70
N ARG C 680 5.04 65.79 -21.45
CA ARG C 680 4.47 64.88 -22.43
C ARG C 680 2.95 64.84 -22.48
N ASP C 681 2.24 65.63 -21.66
CA ASP C 681 0.78 65.79 -21.64
C ASP C 681 0.05 64.43 -21.54
N ASN C 682 0.33 63.74 -20.44
CA ASN C 682 -0.11 62.36 -20.23
C ASN C 682 -1.11 62.34 -19.08
N GLU C 683 -2.22 61.61 -19.28
CA GLU C 683 -3.28 61.46 -18.29
C GLU C 683 -2.78 60.86 -16.97
N LYS C 684 -1.72 60.06 -17.02
CA LYS C 684 -1.20 59.34 -15.87
C LYS C 684 -0.12 60.11 -15.09
N ASN C 685 0.13 61.37 -15.45
CA ASN C 685 1.21 62.19 -14.91
C ASN C 685 0.85 62.72 -13.51
N ILE C 686 1.85 63.32 -12.84
CA ILE C 686 1.69 63.79 -11.46
C ILE C 686 0.79 65.03 -11.38
N LEU C 687 0.87 65.93 -12.36
CA LEU C 687 0.14 67.18 -12.28
C LEU C 687 -1.36 66.94 -12.37
N HIS C 688 -1.77 65.90 -13.08
CA HIS C 688 -3.18 65.52 -13.12
C HIS C 688 -3.66 65.00 -11.77
N THR C 689 -2.78 64.35 -11.03
CA THR C 689 -3.12 63.93 -9.68
C THR C 689 -3.35 65.13 -8.79
N ILE C 690 -2.59 66.21 -9.00
CA ILE C 690 -2.88 67.43 -8.25
C ILE C 690 -4.23 68.02 -8.64
N LEU C 691 -4.50 68.11 -9.94
CA LEU C 691 -5.70 68.81 -10.41
C LEU C 691 -6.98 68.05 -10.07
N HIS C 692 -6.95 66.71 -10.14
CA HIS C 692 -8.13 65.92 -9.81
C HIS C 692 -8.57 66.06 -8.36
N GLY C 693 -7.71 66.50 -7.47
CA GLY C 693 -8.07 66.70 -6.08
C GLY C 693 -8.18 68.13 -5.64
N ALA C 694 -8.20 69.09 -6.57
CA ALA C 694 -8.03 70.51 -6.25
C ALA C 694 -9.16 71.09 -5.42
N ALA C 695 -10.30 70.39 -5.29
CA ALA C 695 -11.35 70.87 -4.42
C ALA C 695 -10.98 70.71 -2.95
N MET C 696 -10.09 69.76 -2.64
CA MET C 696 -9.70 69.47 -1.27
C MET C 696 -8.48 70.26 -0.81
N ILE C 697 -7.79 70.97 -1.70
CA ILE C 697 -6.54 71.65 -1.36
C ILE C 697 -6.56 73.13 -1.76
N LYS C 698 -7.73 73.77 -1.64
CA LYS C 698 -7.89 75.20 -1.96
C LYS C 698 -6.92 76.15 -1.25
N PRO C 699 -6.66 76.06 0.07
CA PRO C 699 -5.65 76.98 0.65
C PRO C 699 -4.26 76.85 0.06
N GLU C 700 -3.82 75.62 -0.21
CA GLU C 700 -2.49 75.39 -0.78
C GLU C 700 -2.41 75.92 -2.22
N MET C 701 -3.45 75.69 -3.01
CA MET C 701 -3.51 76.18 -4.38
C MET C 701 -3.48 77.71 -4.42
N GLU C 702 -4.24 78.36 -3.52
CA GLU C 702 -4.26 79.81 -3.45
C GLU C 702 -2.89 80.37 -3.14
N GLU C 703 -2.16 79.74 -2.23
CA GLU C 703 -0.81 80.19 -1.90
C GLU C 703 0.10 80.12 -3.13
N VAL C 704 0.01 79.03 -3.90
CA VAL C 704 0.86 78.89 -5.09
C VAL C 704 0.56 80.01 -6.11
N LEU C 705 -0.73 80.28 -6.35
CA LEU C 705 -1.11 81.29 -7.33
C LEU C 705 -0.67 82.69 -6.90
N VAL C 706 -0.79 82.99 -5.61
CA VAL C 706 -0.33 84.29 -5.10
C VAL C 706 1.16 84.48 -5.35
N LYS C 707 1.96 83.43 -5.12
CA LYS C 707 3.40 83.57 -5.32
C LYS C 707 3.74 83.78 -6.80
N VAL C 708 3.02 83.09 -7.70
CA VAL C 708 3.27 83.26 -9.13
C VAL C 708 2.94 84.68 -9.58
N LEU C 709 1.79 85.22 -9.14
CA LEU C 709 1.43 86.57 -9.54
C LEU C 709 2.36 87.61 -8.93
N LYS C 710 2.87 87.36 -7.72
CA LYS C 710 3.79 88.29 -7.09
C LYS C 710 5.12 88.35 -7.83
N ASN C 711 5.66 87.20 -8.24
CA ASN C 711 6.97 87.18 -8.90
C ASN C 711 6.90 87.30 -10.42
N ARG C 712 5.70 87.22 -11.01
CA ARG C 712 5.47 87.31 -12.46
C ARG C 712 6.28 86.26 -13.23
N TRP C 713 6.24 85.01 -12.75
CA TRP C 713 6.87 83.87 -13.40
C TRP C 713 6.08 83.36 -14.62
N LYS C 714 6.13 84.11 -15.72
CA LYS C 714 5.35 83.83 -16.92
C LYS C 714 6.16 83.19 -18.05
N GLU C 715 7.40 82.77 -17.79
CA GLU C 715 8.32 82.37 -18.86
C GLU C 715 8.81 80.94 -18.64
N HIS C 716 9.11 80.26 -19.75
CA HIS C 716 9.42 78.83 -19.75
C HIS C 716 10.71 78.58 -18.98
N GLY C 717 10.61 77.71 -17.98
CA GLY C 717 11.72 77.35 -17.14
C GLY C 717 11.67 77.93 -15.75
N THR C 718 10.79 78.89 -15.50
CA THR C 718 10.55 79.44 -14.19
C THR C 718 9.68 78.49 -13.37
N PRO C 719 9.60 78.66 -12.04
CA PRO C 719 8.80 77.73 -11.22
C PRO C 719 7.32 77.67 -11.58
N TYR C 720 6.75 76.47 -11.42
CA TYR C 720 5.33 76.13 -11.56
C TYR C 720 4.73 76.31 -12.95
N PHE C 721 5.57 76.51 -13.97
CA PHE C 721 5.10 76.96 -15.28
C PHE C 721 4.17 75.94 -15.95
N ASP C 722 4.47 74.65 -15.83
CA ASP C 722 3.64 73.61 -16.45
C ASP C 722 2.23 73.58 -15.85
N LEU C 723 2.14 73.67 -14.52
CA LEU C 723 0.84 73.59 -13.85
C LEU C 723 -0.04 74.80 -14.21
N MET C 724 0.56 75.98 -14.28
CA MET C 724 -0.16 77.18 -14.71
C MET C 724 -0.68 77.01 -16.14
N THR C 725 0.16 76.45 -17.02
CA THR C 725 -0.25 76.20 -18.39
C THR C 725 -1.49 75.30 -18.45
N LEU C 726 -1.50 74.23 -17.65
CA LEU C 726 -2.67 73.34 -17.61
C LEU C 726 -3.91 74.07 -17.10
N ILE C 727 -3.75 74.92 -16.07
CA ILE C 727 -4.89 75.68 -15.55
C ILE C 727 -5.50 76.55 -16.63
N LEU C 728 -4.69 77.03 -17.57
CA LEU C 728 -5.27 77.82 -18.66
C LEU C 728 -5.71 77.00 -19.87
N THR C 729 -5.38 75.71 -19.96
CA THR C 729 -5.67 74.98 -21.20
C THR C 729 -6.56 73.73 -21.05
N ASP C 730 -6.60 73.07 -19.89
CA ASP C 730 -7.06 71.69 -19.75
C ASP C 730 -8.36 71.59 -18.95
N LEU C 731 -9.31 70.79 -19.47
CA LEU C 731 -10.65 70.67 -18.86
C LEU C 731 -10.61 70.07 -17.46
N ASP C 732 -9.58 69.29 -17.14
CA ASP C 732 -9.45 68.73 -15.80
C ASP C 732 -9.25 69.80 -14.73
N SER C 733 -8.91 71.03 -15.12
CA SER C 733 -8.70 72.13 -14.21
C SER C 733 -9.99 72.75 -13.68
N TYR C 734 -11.16 72.26 -14.10
CA TYR C 734 -12.41 72.91 -13.72
C TYR C 734 -12.69 73.06 -12.21
N PRO C 735 -12.23 72.20 -11.28
CA PRO C 735 -12.37 72.57 -9.87
C PRO C 735 -11.62 73.83 -9.47
N VAL C 736 -10.50 74.14 -10.13
CA VAL C 736 -9.83 75.42 -9.88
C VAL C 736 -10.69 76.57 -10.38
N TRP C 737 -11.25 76.43 -11.59
CA TRP C 737 -12.11 77.47 -12.16
C TRP C 737 -13.34 77.70 -11.29
N ALA C 738 -13.85 76.65 -10.63
CA ALA C 738 -15.00 76.83 -9.75
C ALA C 738 -14.58 77.45 -8.41
N SER C 739 -13.39 77.11 -7.92
CA SER C 739 -13.01 77.50 -6.57
C SER C 739 -12.37 78.89 -6.50
N LEU C 740 -11.53 79.24 -7.48
CA LEU C 740 -10.71 80.46 -7.38
C LEU C 740 -10.77 81.33 -8.64
N PRO C 741 -11.97 81.68 -9.15
CA PRO C 741 -12.01 82.39 -10.45
C PRO C 741 -11.32 83.75 -10.50
N GLU C 742 -11.31 84.52 -9.39
CA GLU C 742 -10.67 85.84 -9.42
C GLU C 742 -9.17 85.75 -9.66
N TYR C 743 -8.53 84.64 -9.25
CA TYR C 743 -7.11 84.45 -9.54
C TYR C 743 -6.87 83.96 -10.97
N VAL C 744 -7.79 83.16 -11.51
CA VAL C 744 -7.64 82.64 -12.87
C VAL C 744 -7.70 83.77 -13.88
N LEU C 745 -8.56 84.77 -13.63
CA LEU C 745 -8.62 85.92 -14.54
C LEU C 745 -7.29 86.68 -14.57
N GLN C 746 -6.69 86.90 -13.39
CA GLN C 746 -5.40 87.58 -13.31
C GLN C 746 -4.30 86.78 -13.98
N LEU C 747 -4.33 85.45 -13.82
CA LEU C 747 -3.36 84.59 -14.47
C LEU C 747 -3.47 84.67 -15.99
N ALA C 748 -4.70 84.71 -16.52
CA ALA C 748 -4.88 84.82 -17.96
C ALA C 748 -4.40 86.17 -18.47
N ASP C 749 -4.66 87.23 -17.71
CA ASP C 749 -4.15 88.56 -18.05
C ASP C 749 -2.62 88.56 -18.09
N LEU C 750 -1.98 87.86 -17.16
CA LEU C 750 -0.52 87.80 -17.15
C LEU C 750 0.03 86.97 -18.30
N PHE C 751 -0.59 85.84 -18.61
CA PHE C 751 -0.01 84.88 -19.56
C PHE C 751 -0.37 85.14 -21.02
N TRP C 752 -1.49 85.79 -21.33
CA TRP C 752 -1.89 85.92 -22.74
C TRP C 752 -1.36 87.16 -23.47
N TYR C 753 -1.14 88.29 -22.79
CA TYR C 753 -0.86 89.57 -23.47
C TYR C 753 0.64 89.91 -23.50
N ARG C 754 1.11 90.35 -24.67
CA ARG C 754 2.50 90.74 -24.91
C ARG C 754 2.40 92.17 -25.45
N PRO C 755 2.80 93.19 -24.67
CA PRO C 755 2.73 94.57 -25.17
C PRO C 755 3.70 94.87 -26.30
N LEU C 756 3.31 95.81 -27.16
CA LEU C 756 4.15 96.32 -28.25
C LEU C 756 5.43 96.99 -27.78
N ASP C 767 2.87 85.94 -39.07
CA ASP C 767 1.46 85.71 -38.80
C ASP C 767 0.85 86.83 -37.95
N ILE C 768 -0.46 87.01 -38.12
CA ILE C 768 -1.17 88.20 -37.64
C ILE C 768 -1.23 88.29 -36.11
N GLU C 769 -0.95 87.19 -35.40
CA GLU C 769 -0.94 87.19 -33.94
C GLU C 769 0.10 88.16 -33.38
N ASP C 770 1.22 88.34 -34.08
CA ASP C 770 2.19 89.35 -33.66
C ASP C 770 1.65 90.76 -33.77
N GLU C 771 0.71 90.99 -34.72
CA GLU C 771 0.07 92.30 -34.89
C GLU C 771 -1.03 92.52 -33.86
N PHE C 772 -1.65 91.44 -33.37
CA PHE C 772 -2.54 91.55 -32.22
C PHE C 772 -1.81 91.65 -30.88
N GLY C 773 -0.55 91.23 -30.81
CA GLY C 773 0.22 91.31 -29.57
C GLY C 773 0.14 90.06 -28.71
N LEU C 774 0.22 88.89 -29.35
CA LEU C 774 -0.05 87.62 -28.68
C LEU C 774 1.08 86.62 -28.96
N PHE C 775 1.33 85.73 -27.98
CA PHE C 775 2.41 84.75 -28.05
C PHE C 775 2.10 83.64 -29.07
N ARG C 776 3.16 83.09 -29.66
CA ARG C 776 3.02 82.12 -30.74
C ARG C 776 2.72 80.69 -30.27
N SER C 777 2.61 80.44 -28.96
CA SER C 777 2.06 79.17 -28.47
C SER C 777 0.56 79.06 -28.70
N HIS C 778 -0.01 80.04 -29.38
CA HIS C 778 -1.41 80.24 -29.74
C HIS C 778 -2.08 79.04 -30.38
N HIS C 779 -1.32 78.19 -31.10
CA HIS C 779 -1.89 76.95 -31.62
C HIS C 779 -2.20 75.91 -30.55
N ASP C 780 -2.00 76.20 -29.26
CA ASP C 780 -2.69 75.44 -28.21
C ASP C 780 -4.20 75.50 -28.38
N TYR C 781 -4.70 76.55 -29.01
CA TYR C 781 -6.12 76.77 -29.21
C TYR C 781 -6.59 76.53 -30.63
N TYR C 782 -5.77 75.86 -31.48
CA TYR C 782 -5.90 75.86 -32.94
C TYR C 782 -7.33 75.57 -33.45
N PRO C 783 -7.99 74.40 -33.18
CA PRO C 783 -9.35 74.29 -33.71
C PRO C 783 -10.33 75.10 -32.86
N GLU C 784 -10.50 76.37 -33.23
CA GLU C 784 -11.18 77.34 -32.38
C GLU C 784 -12.63 76.94 -32.09
N SER C 785 -13.05 77.17 -30.85
CA SER C 785 -14.23 76.55 -30.28
C SER C 785 -14.53 77.23 -28.93
N PRO C 786 -15.81 77.24 -28.51
CA PRO C 786 -16.13 77.80 -27.18
C PRO C 786 -15.56 77.01 -26.00
N TYR C 787 -15.08 75.80 -26.21
CA TYR C 787 -14.50 74.97 -25.16
C TYR C 787 -12.97 75.01 -25.11
N GLN C 788 -12.33 75.98 -25.78
CA GLN C 788 -10.88 76.03 -25.81
C GLN C 788 -10.24 76.71 -24.59
N THR C 789 -11.01 77.48 -23.82
CA THR C 789 -10.49 78.34 -22.76
C THR C 789 -11.41 78.25 -21.55
N PRO C 790 -10.94 78.69 -20.37
CA PRO C 790 -11.83 78.67 -19.19
C PRO C 790 -12.99 79.67 -19.21
N ILE C 791 -13.10 80.54 -20.22
CA ILE C 791 -14.02 81.68 -20.19
C ILE C 791 -15.48 81.23 -20.03
N TYR C 792 -15.85 80.14 -20.71
CA TYR C 792 -17.25 79.68 -20.65
C TYR C 792 -17.68 79.30 -19.25
N TRP C 793 -16.76 78.80 -18.44
CA TRP C 793 -17.05 78.44 -17.06
C TRP C 793 -16.87 79.60 -16.09
N LEU C 794 -15.95 80.52 -16.37
CA LEU C 794 -15.81 81.72 -15.54
C LEU C 794 -17.03 82.63 -15.66
N LEU C 795 -17.72 82.61 -16.81
CA LEU C 795 -18.96 83.37 -16.94
C LEU C 795 -20.04 82.82 -16.01
N GLN C 796 -20.09 81.50 -15.83
CA GLN C 796 -21.02 80.91 -14.87
C GLN C 796 -20.58 81.19 -13.44
N SER C 797 -19.26 81.24 -13.21
CA SER C 797 -18.72 81.35 -11.85
C SER C 797 -18.69 82.79 -11.35
N GLN C 798 -18.28 83.75 -12.20
CA GLN C 798 -18.13 85.17 -11.88
C GLN C 798 -18.50 85.99 -13.12
N PHE C 799 -19.78 86.36 -13.23
CA PHE C 799 -20.28 86.96 -14.48
C PHE C 799 -19.72 88.36 -14.71
N LYS C 800 -19.94 89.26 -13.76
CA LYS C 800 -19.61 90.69 -13.93
C LYS C 800 -18.12 90.89 -14.16
N LYS C 801 -17.29 90.20 -13.38
CA LYS C 801 -15.85 90.36 -13.50
C LYS C 801 -15.34 89.79 -14.82
N THR C 802 -15.95 88.71 -15.31
CA THR C 802 -15.54 88.15 -16.59
C THR C 802 -15.93 89.06 -17.74
N ILE C 803 -17.10 89.69 -17.66
CA ILE C 803 -17.52 90.66 -18.69
C ILE C 803 -16.54 91.83 -18.76
N ASP C 804 -16.14 92.35 -17.59
CA ASP C 804 -15.11 93.39 -17.56
C ASP C 804 -13.82 92.93 -18.24
N PHE C 805 -13.38 91.70 -17.94
CA PHE C 805 -12.15 91.18 -18.53
C PHE C 805 -12.23 91.09 -20.05
N ILE C 806 -13.35 90.59 -20.56
CA ILE C 806 -13.51 90.43 -22.00
C ILE C 806 -13.40 91.78 -22.71
N LEU C 807 -14.07 92.80 -22.15
CA LEU C 807 -14.02 94.12 -22.77
C LEU C 807 -12.61 94.71 -22.74
N ASP C 808 -11.91 94.62 -21.61
CA ASP C 808 -10.56 95.20 -21.53
C ASP C 808 -9.59 94.52 -22.50
N PHE C 809 -9.60 93.19 -22.54
CA PHE C 809 -8.68 92.45 -23.39
C PHE C 809 -8.94 92.75 -24.86
N THR C 810 -10.23 92.80 -25.25
CA THR C 810 -10.55 93.10 -26.64
C THR C 810 -10.12 94.50 -27.05
N ASN C 811 -10.28 95.50 -26.18
CA ASN C 811 -9.89 96.86 -26.53
C ASN C 811 -8.38 96.96 -26.75
N LYS C 812 -7.59 96.41 -25.81
CA LYS C 812 -6.13 96.38 -25.95
C LYS C 812 -5.72 95.76 -27.29
N THR C 813 -6.29 94.59 -27.58
CA THR C 813 -5.82 93.78 -28.69
C THR C 813 -6.19 94.41 -30.03
N THR C 814 -7.42 94.94 -30.15
CA THR C 814 -7.81 95.57 -31.40
C THR C 814 -7.00 96.84 -31.67
N ILE C 815 -6.64 97.60 -30.62
CA ILE C 815 -5.88 98.83 -30.87
C ILE C 815 -4.49 98.49 -31.37
N CYS C 816 -3.91 97.41 -30.84
CA CYS C 816 -2.58 97.00 -31.28
C CYS C 816 -2.63 96.52 -32.75
N PHE C 817 -3.71 95.84 -33.17
CA PHE C 817 -3.80 95.47 -34.60
C PHE C 817 -4.05 96.67 -35.53
N ALA C 818 -4.88 97.62 -35.09
CA ALA C 818 -5.33 98.70 -35.98
C ALA C 818 -4.19 99.62 -36.42
N HIS C 819 -3.17 99.77 -35.60
CA HIS C 819 -2.00 100.59 -35.92
C HIS C 819 -0.85 99.80 -36.52
N SER C 820 -1.06 98.52 -36.83
CA SER C 820 -0.05 97.74 -37.52
C SER C 820 -0.02 98.07 -39.01
N HIS C 821 1.14 97.78 -39.64
CA HIS C 821 1.28 97.87 -41.09
C HIS C 821 0.34 96.91 -41.81
N PHE C 822 0.03 95.80 -41.14
CA PHE C 822 -0.89 94.79 -41.66
C PHE C 822 -2.26 95.38 -41.95
N ALA C 823 -2.76 96.25 -41.07
CA ALA C 823 -4.14 96.72 -41.12
C ALA C 823 -4.38 97.92 -42.02
N LYS C 824 -3.31 98.58 -42.48
CA LYS C 824 -3.36 99.97 -42.95
C LYS C 824 -4.37 100.21 -44.06
N ASN C 825 -4.61 99.21 -44.92
CA ASN C 825 -5.54 99.37 -46.04
C ASN C 825 -6.66 98.32 -46.02
N GLU C 826 -7.02 97.83 -44.84
CA GLU C 826 -8.20 97.01 -44.60
C GLU C 826 -9.13 97.57 -43.54
N ILE C 827 -8.60 98.21 -42.50
CA ILE C 827 -9.39 98.71 -41.38
C ILE C 827 -10.04 100.05 -41.72
N GLU C 828 -11.34 100.17 -41.42
CA GLU C 828 -12.11 101.41 -41.44
C GLU C 828 -12.42 101.85 -40.01
N GLU C 829 -12.96 103.07 -39.86
CA GLU C 829 -13.54 103.55 -38.61
C GLU C 829 -14.93 104.12 -38.87
N VAL C 830 -15.87 103.88 -37.95
CA VAL C 830 -17.27 104.27 -38.13
C VAL C 830 -17.81 104.93 -36.86
N ASP C 831 -18.67 105.94 -37.04
CA ASP C 831 -19.43 106.54 -35.95
C ASP C 831 -20.66 105.69 -35.62
N VAL C 832 -20.79 105.29 -34.36
CA VAL C 832 -21.86 104.41 -33.90
C VAL C 832 -22.83 105.19 -33.03
N PHE C 833 -24.12 105.16 -33.36
CA PHE C 833 -25.16 105.85 -32.62
C PHE C 833 -25.54 105.10 -31.36
N ILE C 834 -25.70 105.82 -30.25
CA ILE C 834 -26.06 105.24 -28.96
C ILE C 834 -27.31 105.86 -28.35
N GLU C 835 -27.40 107.19 -28.40
CA GLU C 835 -28.54 107.93 -27.88
C GLU C 835 -28.60 109.24 -28.67
N GLU C 836 -29.72 109.95 -28.58
CA GLU C 836 -29.89 111.24 -29.23
C GLU C 836 -28.77 112.20 -28.87
N GLY C 837 -27.97 112.55 -29.87
CA GLY C 837 -26.80 113.38 -29.69
C GLY C 837 -25.56 112.66 -29.22
N LYS C 838 -25.58 111.32 -29.16
CA LYS C 838 -24.46 110.55 -28.62
C LYS C 838 -23.96 109.57 -29.67
N PHE C 839 -22.69 109.74 -30.07
CA PHE C 839 -22.00 108.83 -30.98
C PHE C 839 -20.63 108.47 -30.41
N ILE C 840 -20.11 107.29 -30.79
CA ILE C 840 -18.75 106.86 -30.49
C ILE C 840 -18.16 106.21 -31.73
N LYS C 841 -16.82 106.10 -31.77
CA LYS C 841 -16.11 105.49 -32.90
C LYS C 841 -15.59 104.08 -32.61
N GLN C 842 -15.67 103.21 -33.62
CA GLN C 842 -15.22 101.83 -33.56
C GLN C 842 -14.45 101.46 -34.84
N TYR C 843 -13.44 100.60 -34.69
CA TYR C 843 -12.72 100.02 -35.82
C TYR C 843 -13.50 98.84 -36.41
N ILE C 844 -13.46 98.68 -37.73
CA ILE C 844 -14.30 97.68 -38.39
C ILE C 844 -13.67 97.23 -39.72
N CYS C 845 -13.85 95.94 -40.03
CA CYS C 845 -13.59 95.30 -41.32
C CYS C 845 -14.21 93.91 -41.27
N ASN C 846 -14.19 93.22 -42.42
CA ASN C 846 -14.78 91.88 -42.49
C ASN C 846 -14.08 90.90 -41.56
N ARG C 847 -12.77 91.05 -41.37
CA ARG C 847 -12.02 90.15 -40.52
C ARG C 847 -12.43 90.29 -39.06
N LEU C 848 -12.70 91.51 -38.61
CA LEU C 848 -13.14 91.72 -37.24
C LEU C 848 -14.59 91.30 -37.03
N TRP C 849 -15.46 91.62 -38.00
CA TRP C 849 -16.88 91.32 -37.85
C TRP C 849 -17.16 89.82 -37.74
N CYS C 850 -16.45 88.99 -38.50
CA CYS C 850 -16.75 87.57 -38.55
C CYS C 850 -15.99 86.75 -37.51
N SER C 851 -15.40 87.41 -36.50
CA SER C 851 -14.54 86.72 -35.52
C SER C 851 -15.27 85.61 -34.78
N TYR C 852 -16.54 85.83 -34.45
CA TYR C 852 -17.32 84.87 -33.68
C TYR C 852 -17.82 83.69 -34.51
N ARG C 853 -17.60 83.68 -35.83
CA ARG C 853 -18.02 82.61 -36.72
C ARG C 853 -16.89 81.72 -37.19
N GLY C 854 -15.66 82.23 -37.26
CA GLY C 854 -14.55 81.44 -37.77
C GLY C 854 -14.45 81.38 -39.27
N THR C 855 -15.26 82.15 -39.99
CA THR C 855 -15.27 82.14 -41.44
C THR C 855 -14.16 82.99 -42.05
N GLN C 856 -13.36 83.68 -41.24
CA GLN C 856 -12.30 84.56 -41.70
C GLN C 856 -11.00 84.25 -40.98
N VAL C 857 -9.89 84.60 -41.63
CA VAL C 857 -8.56 84.32 -41.09
C VAL C 857 -8.28 85.30 -39.95
N SER C 858 -8.46 84.83 -38.72
CA SER C 858 -8.27 85.64 -37.53
C SER C 858 -7.86 84.73 -36.39
N THR C 859 -7.37 85.37 -35.33
CA THR C 859 -6.80 84.70 -34.16
C THR C 859 -7.75 83.70 -33.52
N TYR C 860 -7.26 82.47 -33.34
CA TYR C 860 -8.07 81.41 -32.75
C TYR C 860 -8.46 81.72 -31.30
N LEU C 861 -7.56 82.37 -30.55
CA LEU C 861 -7.87 82.72 -29.16
C LEU C 861 -9.04 83.70 -29.06
N LEU C 862 -8.96 84.81 -29.83
CA LEU C 862 -10.04 85.79 -29.85
C LEU C 862 -11.34 85.20 -30.39
N SER C 863 -11.22 84.34 -31.41
CA SER C 863 -12.38 83.64 -31.93
C SER C 863 -13.04 82.78 -30.87
N SER C 864 -12.24 82.08 -30.08
CA SER C 864 -12.78 81.20 -29.05
C SER C 864 -13.45 81.99 -27.94
N ILE C 865 -12.87 83.15 -27.57
CA ILE C 865 -13.49 84.00 -26.56
C ILE C 865 -14.85 84.50 -27.02
N HIS C 866 -14.93 84.99 -28.27
CA HIS C 866 -16.20 85.51 -28.75
C HIS C 866 -17.24 84.41 -28.98
N MET C 867 -16.81 83.21 -29.39
CA MET C 867 -17.72 82.06 -29.44
C MET C 867 -18.29 81.73 -28.07
N ALA C 868 -17.43 81.73 -27.04
CA ALA C 868 -17.91 81.40 -25.69
C ALA C 868 -18.95 82.42 -25.23
N LEU C 869 -18.71 83.71 -25.52
CA LEU C 869 -19.68 84.73 -25.11
C LEU C 869 -21.04 84.54 -25.80
N GLU C 870 -21.02 84.28 -27.12
CA GLU C 870 -22.28 84.06 -27.83
C GLU C 870 -23.03 82.84 -27.30
N LYS C 871 -22.30 81.75 -27.05
CA LYS C 871 -22.94 80.52 -26.57
C LYS C 871 -23.55 80.72 -25.19
N PHE C 872 -22.88 81.46 -24.30
CA PHE C 872 -23.45 81.72 -22.98
C PHE C 872 -24.75 82.49 -23.09
N PHE C 873 -24.79 83.55 -23.91
CA PHE C 873 -26.03 84.31 -24.00
C PHE C 873 -27.15 83.50 -24.65
N LEU C 874 -26.84 82.66 -25.63
CA LEU C 874 -27.90 81.87 -26.26
C LEU C 874 -28.42 80.77 -25.35
N GLU C 875 -27.57 80.21 -24.50
CA GLU C 875 -28.00 79.14 -23.61
C GLU C 875 -28.73 79.65 -22.36
N ASN C 876 -28.23 80.72 -21.72
CA ASN C 876 -28.66 81.03 -20.37
C ASN C 876 -29.71 82.13 -20.25
N PHE C 877 -29.86 83.02 -21.24
CA PHE C 877 -30.88 84.07 -21.20
C PHE C 877 -32.15 83.70 -21.94
N LYS C 878 -32.35 82.42 -22.26
CA LYS C 878 -33.42 82.00 -23.17
C LYS C 878 -34.82 82.27 -22.61
N ASN C 879 -34.97 82.30 -21.28
CA ASN C 879 -36.26 82.61 -20.65
C ASN C 879 -36.20 83.86 -19.77
N ALA C 880 -35.30 84.80 -20.09
CA ALA C 880 -35.06 85.94 -19.23
C ALA C 880 -36.11 87.05 -19.40
N ASP C 881 -36.12 87.95 -18.42
CA ASP C 881 -36.89 89.19 -18.48
C ASP C 881 -36.25 90.10 -19.53
N SER C 882 -37.08 90.71 -20.37
CA SER C 882 -36.61 91.55 -21.47
C SER C 882 -35.78 92.72 -20.96
N LYS C 883 -36.14 93.26 -19.79
CA LYS C 883 -35.45 94.43 -19.28
C LYS C 883 -34.00 94.08 -18.90
N VAL C 884 -33.79 92.93 -18.28
CA VAL C 884 -32.45 92.42 -17.95
C VAL C 884 -31.61 92.22 -19.21
N LEU C 885 -32.17 91.49 -20.19
CA LEU C 885 -31.43 91.12 -21.40
C LEU C 885 -31.03 92.34 -22.21
N GLU C 886 -31.99 93.25 -22.42
CA GLU C 886 -31.70 94.46 -23.18
C GLU C 886 -30.69 95.35 -22.46
N SER C 887 -30.76 95.42 -21.12
CA SER C 887 -29.78 96.23 -20.40
C SER C 887 -28.37 95.69 -20.60
N TRP C 888 -28.18 94.37 -20.59
CA TRP C 888 -26.81 93.88 -20.78
C TRP C 888 -26.32 94.08 -22.23
N LEU C 889 -27.21 93.93 -23.22
CA LEU C 889 -26.77 94.14 -24.60
C LEU C 889 -26.34 95.59 -24.84
N LEU C 890 -27.09 96.55 -24.26
CA LEU C 890 -26.71 97.95 -24.39
C LEU C 890 -25.42 98.26 -23.65
N PHE C 891 -25.20 97.61 -22.49
CA PHE C 891 -23.92 97.77 -21.79
C PHE C 891 -22.74 97.32 -22.64
N LEU C 892 -22.90 96.22 -23.36
CA LEU C 892 -21.83 95.77 -24.24
C LEU C 892 -21.58 96.76 -25.38
N LEU C 893 -22.65 97.32 -25.97
CA LEU C 893 -22.46 98.27 -27.07
C LEU C 893 -21.72 99.53 -26.61
N ARG C 894 -22.06 100.06 -25.43
CA ARG C 894 -21.50 101.34 -25.00
C ARG C 894 -20.00 101.29 -24.77
N ASN C 895 -19.47 100.12 -24.37
CA ASN C 895 -18.12 100.06 -23.85
C ASN C 895 -17.08 99.50 -24.82
N THR C 896 -17.49 98.86 -25.92
CA THR C 896 -16.52 98.29 -26.84
C THR C 896 -15.92 99.35 -27.76
N LYS C 897 -14.64 99.18 -28.07
CA LYS C 897 -13.98 99.94 -29.13
C LYS C 897 -13.80 99.12 -30.40
N SER C 898 -14.38 97.91 -30.47
CA SER C 898 -14.17 96.98 -31.57
C SER C 898 -15.51 96.46 -32.05
N ALA C 899 -15.69 96.39 -33.38
CA ALA C 899 -16.96 95.95 -33.96
C ALA C 899 -17.22 94.46 -33.76
N SER C 900 -16.19 93.71 -33.35
CA SER C 900 -16.35 92.28 -33.14
C SER C 900 -17.29 91.97 -31.99
N ILE C 901 -17.45 92.89 -31.03
CA ILE C 901 -18.47 92.75 -30.00
C ILE C 901 -19.86 93.09 -30.55
N SER C 902 -19.93 94.15 -31.36
CA SER C 902 -21.20 94.57 -31.95
C SER C 902 -21.80 93.46 -32.81
N ALA C 903 -20.95 92.65 -33.45
CA ALA C 903 -21.44 91.51 -34.21
C ALA C 903 -22.16 90.49 -33.32
N VAL C 904 -21.59 90.21 -32.15
CA VAL C 904 -22.19 89.25 -31.22
C VAL C 904 -23.54 89.78 -30.71
N VAL C 905 -23.59 91.08 -30.39
CA VAL C 905 -24.85 91.69 -29.95
C VAL C 905 -25.91 91.56 -31.04
N THR C 906 -25.51 91.83 -32.29
CA THR C 906 -26.42 91.69 -33.42
C THR C 906 -26.94 90.26 -33.57
N SER C 907 -26.06 89.27 -33.36
CA SER C 907 -26.46 87.87 -33.44
C SER C 907 -27.55 87.54 -32.41
N ILE C 908 -27.38 88.05 -31.19
CA ILE C 908 -28.38 87.77 -30.16
C ILE C 908 -29.70 88.48 -30.45
N VAL C 909 -29.64 89.69 -31.01
CA VAL C 909 -30.87 90.39 -31.40
C VAL C 909 -31.60 89.63 -32.50
N LEU C 910 -30.85 89.06 -33.44
CA LEU C 910 -31.48 88.23 -34.47
C LEU C 910 -32.04 86.93 -33.90
N ALA C 911 -31.52 86.47 -32.76
CA ALA C 911 -32.01 85.20 -32.20
C ALA C 911 -33.28 85.36 -31.38
N PHE C 912 -33.43 86.46 -30.65
CA PHE C 912 -34.60 86.70 -29.80
C PHE C 912 -35.34 87.97 -30.22
N PRO C 913 -35.95 87.99 -31.41
CA PRO C 913 -36.36 89.28 -32.00
C PRO C 913 -37.53 89.96 -31.30
N GLU C 914 -38.42 89.20 -30.67
CA GLU C 914 -39.56 89.81 -29.99
C GLU C 914 -39.27 90.23 -28.55
N LYS C 915 -38.12 89.84 -28.00
CA LYS C 915 -37.68 90.35 -26.71
C LYS C 915 -36.83 91.60 -26.80
N THR C 916 -36.29 91.93 -27.97
CA THR C 916 -35.15 92.84 -28.06
C THR C 916 -35.36 94.03 -29.00
N PHE C 917 -36.60 94.48 -29.21
CA PHE C 917 -36.85 95.58 -30.15
C PHE C 917 -36.13 96.87 -29.78
N ASN C 918 -36.00 97.17 -28.48
CA ASN C 918 -35.37 98.41 -28.08
C ASN C 918 -33.86 98.41 -28.35
N VAL C 919 -33.25 97.24 -28.52
CA VAL C 919 -31.86 97.19 -28.97
C VAL C 919 -31.79 97.29 -30.50
N ALA C 920 -32.69 96.60 -31.20
CA ALA C 920 -32.72 96.64 -32.65
C ALA C 920 -32.91 98.06 -33.16
N LYS C 921 -33.72 98.84 -32.44
CA LYS C 921 -33.94 100.25 -32.73
C LYS C 921 -32.63 101.04 -32.78
N VAL C 922 -31.66 100.68 -31.92
CA VAL C 922 -30.38 101.37 -31.93
C VAL C 922 -29.50 100.90 -33.09
N LEU C 923 -29.55 99.61 -33.41
CA LEU C 923 -28.70 99.06 -34.46
C LEU C 923 -29.09 99.58 -35.84
N PHE C 924 -30.39 99.75 -36.09
CA PHE C 924 -30.85 100.27 -37.39
C PHE C 924 -30.39 101.70 -37.66
N GLN C 925 -29.99 102.46 -36.65
CA GLN C 925 -29.62 103.86 -36.84
C GLN C 925 -28.12 104.05 -37.13
N THR C 926 -27.36 102.97 -37.29
CA THR C 926 -25.98 103.02 -37.75
C THR C 926 -25.91 102.33 -39.11
N LYS C 927 -25.39 103.04 -40.11
CA LYS C 927 -25.58 102.63 -41.50
C LYS C 927 -24.74 101.43 -41.88
N ASP C 928 -23.46 101.40 -41.47
CA ASP C 928 -22.52 100.42 -41.99
C ASP C 928 -22.78 99.00 -41.48
N PHE C 929 -23.52 98.83 -40.38
CA PHE C 929 -23.85 97.49 -39.90
C PHE C 929 -24.65 96.69 -40.93
N PHE C 930 -25.45 97.37 -41.77
CA PHE C 930 -26.16 96.68 -42.85
C PHE C 930 -25.19 96.07 -43.87
N ARG C 931 -24.08 96.75 -44.15
CA ARG C 931 -23.14 96.29 -45.17
C ARG C 931 -22.44 95.00 -44.73
N PHE C 932 -21.90 95.02 -43.52
CA PHE C 932 -21.09 93.91 -43.03
C PHE C 932 -21.94 92.70 -42.66
N ASP C 933 -23.17 92.90 -42.17
CA ASP C 933 -24.05 91.77 -41.88
C ASP C 933 -24.44 91.02 -43.15
N MET C 934 -24.63 91.75 -44.26
CA MET C 934 -24.95 91.11 -45.53
C MET C 934 -23.77 90.30 -46.04
N ASN C 935 -22.54 90.82 -45.87
CA ASN C 935 -21.35 90.01 -46.20
C ASN C 935 -21.30 88.72 -45.37
N ARG C 936 -21.57 88.82 -44.06
CA ARG C 936 -21.66 87.63 -43.21
C ARG C 936 -22.67 86.62 -43.74
N MET C 937 -23.84 87.12 -44.14
CA MET C 937 -24.92 86.24 -44.55
C MET C 937 -24.51 85.41 -45.78
N VAL C 938 -23.82 86.07 -46.72
CA VAL C 938 -23.33 85.33 -47.90
C VAL C 938 -22.28 84.29 -47.50
N LEU C 939 -21.38 84.62 -46.56
CA LEU C 939 -20.38 83.61 -46.17
C LEU C 939 -20.99 82.44 -45.40
N ASP C 940 -21.98 82.71 -44.54
CA ASP C 940 -22.65 81.67 -43.77
C ASP C 940 -23.36 80.69 -44.70
N ARG C 941 -23.96 81.20 -45.77
CA ARG C 941 -24.62 80.28 -46.69
C ARG C 941 -23.66 79.43 -47.53
N THR C 942 -22.34 79.49 -47.33
CA THR C 942 -21.42 78.66 -48.11
C THR C 942 -20.41 77.88 -47.27
N HIS C 943 -20.05 78.43 -46.10
CA HIS C 943 -18.99 77.88 -45.23
C HIS C 943 -19.20 76.41 -44.84
N LYS C 944 -20.45 76.03 -44.59
CA LYS C 944 -20.77 74.66 -44.18
C LYS C 944 -20.28 73.64 -45.19
N SER C 945 -20.41 73.96 -46.48
CA SER C 945 -19.94 73.06 -47.52
C SER C 945 -18.43 72.89 -47.47
N SER C 946 -17.70 73.95 -47.11
CA SER C 946 -16.25 73.85 -47.05
C SER C 946 -15.78 73.08 -45.83
N LEU C 947 -16.56 73.08 -44.74
CA LEU C 947 -16.29 72.11 -43.68
C LEU C 947 -16.64 70.69 -44.14
N ILE C 948 -17.82 70.52 -44.72
CA ILE C 948 -18.34 69.23 -45.12
C ILE C 948 -17.99 68.92 -46.57
N ASN C 961 -10.34 65.84 -31.57
CA ASN C 961 -10.88 67.19 -31.68
C ASN C 961 -12.38 67.17 -31.99
N SER C 962 -12.98 65.98 -31.95
CA SER C 962 -14.38 65.81 -32.35
C SER C 962 -15.34 66.56 -31.43
N LEU C 963 -14.94 66.77 -30.17
CA LEU C 963 -15.70 67.63 -29.25
C LEU C 963 -15.92 69.01 -29.83
N HIS C 964 -14.90 69.56 -30.50
CA HIS C 964 -14.98 70.88 -31.07
C HIS C 964 -15.66 70.87 -32.43
N GLU C 965 -15.35 69.85 -33.24
CA GLU C 965 -15.83 69.82 -34.62
C GLU C 965 -17.33 69.54 -34.70
N GLU C 966 -17.86 68.71 -33.79
CA GLU C 966 -19.31 68.51 -33.78
C GLU C 966 -20.03 69.79 -33.35
N ASP C 967 -19.43 70.56 -32.45
CA ASP C 967 -20.02 71.84 -32.05
C ASP C 967 -19.99 72.85 -33.19
N ARG C 968 -18.94 72.82 -34.01
CA ARG C 968 -18.92 73.65 -35.22
C ARG C 968 -19.99 73.24 -36.22
N ILE C 969 -20.14 71.93 -36.44
CA ILE C 969 -21.13 71.44 -37.40
C ILE C 969 -22.54 71.77 -36.94
N LYS C 970 -22.81 71.58 -35.65
CA LYS C 970 -24.12 71.90 -35.10
C LYS C 970 -24.41 73.39 -35.16
N ALA C 971 -23.39 74.23 -34.95
CA ALA C 971 -23.58 75.67 -35.03
C ALA C 971 -23.97 76.10 -36.44
N CYS C 972 -23.45 75.42 -37.46
CA CYS C 972 -23.85 75.72 -38.83
C CYS C 972 -25.32 75.38 -39.08
N ASP C 973 -25.93 74.53 -38.24
CA ASP C 973 -27.35 74.21 -38.35
C ASP C 973 -28.24 75.12 -37.51
N ASP C 974 -27.69 76.13 -36.83
CA ASP C 974 -28.51 77.07 -36.05
C ASP C 974 -29.48 77.80 -36.97
N VAL C 975 -30.75 77.86 -36.57
CA VAL C 975 -31.80 78.39 -37.43
C VAL C 975 -31.60 79.89 -37.68
N HIS C 976 -31.13 80.62 -36.67
CA HIS C 976 -31.05 82.08 -36.81
C HIS C 976 -29.90 82.56 -37.69
N ARG C 977 -29.06 81.67 -38.20
CA ARG C 977 -27.98 82.12 -39.07
C ARG C 977 -28.53 82.57 -40.43
N ASN C 978 -29.74 82.13 -40.79
CA ASN C 978 -30.29 82.41 -42.11
C ASN C 978 -30.75 83.86 -42.28
N THR C 979 -31.04 84.55 -41.19
CA THR C 979 -31.58 85.90 -41.27
C THR C 979 -30.51 86.98 -41.07
N TYR C 980 -30.90 88.22 -41.37
CA TYR C 980 -29.98 89.35 -41.38
C TYR C 980 -30.84 90.62 -41.27
N LEU C 981 -30.17 91.76 -41.07
CA LEU C 981 -30.84 92.96 -40.57
C LEU C 981 -31.94 93.49 -41.50
N GLU C 982 -31.81 93.31 -42.82
CA GLU C 982 -32.87 93.77 -43.73
C GLU C 982 -34.17 92.99 -43.49
N ASN C 983 -34.07 91.66 -43.34
CA ASN C 983 -35.24 90.84 -43.04
C ASN C 983 -35.90 91.27 -41.75
N LEU C 984 -35.09 91.59 -40.74
CA LEU C 984 -35.65 92.02 -39.46
C LEU C 984 -36.37 93.36 -39.58
N ALA C 985 -35.78 94.31 -40.32
CA ALA C 985 -36.44 95.60 -40.50
C ALA C 985 -37.75 95.47 -41.23
N LEU C 986 -37.85 94.53 -42.17
CA LEU C 986 -39.14 94.34 -42.85
C LEU C 986 -40.12 93.57 -41.97
N HIS C 987 -39.64 92.61 -41.18
CA HIS C 987 -40.49 91.72 -40.40
C HIS C 987 -41.29 92.48 -39.33
N TYR C 988 -40.68 93.46 -38.66
CA TYR C 988 -41.39 94.28 -37.67
C TYR C 988 -42.52 95.11 -38.29
N GLN C 989 -42.52 95.33 -39.59
CA GLN C 989 -43.59 96.09 -40.23
C GLN C 989 -44.76 95.23 -40.68
N ILE C 990 -44.70 93.91 -40.51
CA ILE C 990 -45.63 93.00 -41.19
C ILE C 990 -46.30 92.04 -40.21
N PHE C 991 -45.52 91.47 -39.29
CA PHE C 991 -45.94 90.36 -38.46
C PHE C 991 -46.16 90.75 -37.00
N ARG C 992 -47.20 90.17 -36.39
CA ARG C 992 -47.57 90.41 -34.99
C ARG C 992 -47.70 89.07 -34.29
N SER C 993 -46.98 88.92 -33.18
CA SER C 993 -46.99 87.71 -32.38
C SER C 993 -47.88 87.87 -31.16
N GLU C 994 -48.00 86.78 -30.40
CA GLU C 994 -49.11 86.62 -29.45
C GLU C 994 -49.10 87.61 -28.29
N ASN C 995 -47.96 88.27 -28.01
CA ASN C 995 -47.85 89.18 -26.88
C ASN C 995 -47.92 90.65 -27.28
N VAL C 996 -48.05 90.94 -28.56
CA VAL C 996 -47.88 92.30 -29.10
C VAL C 996 -49.23 92.83 -29.53
N THR C 997 -49.61 93.99 -29.01
CA THR C 997 -50.87 94.61 -29.38
C THR C 997 -50.75 95.31 -30.72
N GLU C 998 -51.91 95.65 -31.29
CA GLU C 998 -51.92 96.46 -32.50
C GLU C 998 -51.39 97.86 -32.23
N LYS C 999 -51.59 98.38 -31.02
CA LYS C 999 -51.04 99.68 -30.66
C LYS C 999 -49.51 99.65 -30.64
N ASP C 1000 -48.94 98.57 -30.10
CA ASP C 1000 -47.50 98.37 -30.15
C ASP C 1000 -46.99 98.30 -31.58
N ALA C 1001 -47.68 97.56 -32.44
CA ALA C 1001 -47.22 97.38 -33.81
C ALA C 1001 -47.32 98.68 -34.60
N ILE C 1002 -48.36 99.47 -34.33
CA ILE C 1002 -48.48 100.81 -34.91
C ILE C 1002 -47.31 101.69 -34.49
N GLU C 1003 -46.94 101.63 -33.20
CA GLU C 1003 -45.83 102.44 -32.71
C GLU C 1003 -44.50 101.99 -33.33
N ARG C 1004 -44.33 100.67 -33.52
CA ARG C 1004 -43.13 100.15 -34.19
C ARG C 1004 -43.02 100.66 -35.62
N GLN C 1005 -44.15 100.67 -36.34
CA GLN C 1005 -44.16 101.21 -37.70
C GLN C 1005 -43.77 102.69 -37.72
N GLN C 1006 -44.31 103.47 -36.78
CA GLN C 1006 -44.00 104.90 -36.73
C GLN C 1006 -42.52 105.15 -36.48
N VAL C 1007 -41.92 104.37 -35.57
CA VAL C 1007 -40.48 104.50 -35.29
C VAL C 1007 -39.65 104.19 -36.54
N LEU C 1008 -39.95 103.06 -37.20
CA LEU C 1008 -39.17 102.67 -38.37
C LEU C 1008 -39.32 103.66 -39.51
N TRP C 1009 -40.53 104.22 -39.68
CA TRP C 1009 -40.74 105.20 -40.74
C TRP C 1009 -40.03 106.53 -40.45
N ASP C 1010 -39.94 106.95 -39.19
CA ASP C 1010 -39.08 108.10 -38.88
C ASP C 1010 -37.63 107.82 -39.25
N ILE C 1011 -37.14 106.61 -38.97
CA ILE C 1011 -35.75 106.27 -39.31
C ILE C 1011 -35.53 106.29 -40.83
N PHE C 1012 -36.45 105.69 -41.59
CA PHE C 1012 -36.34 105.70 -43.05
C PHE C 1012 -36.36 107.13 -43.61
N ASP C 1013 -37.28 107.96 -43.13
CA ASP C 1013 -37.36 109.34 -43.60
C ASP C 1013 -36.09 110.11 -43.29
N LYS C 1014 -35.50 109.87 -42.12
CA LYS C 1014 -34.25 110.56 -41.79
C LYS C 1014 -33.09 110.05 -42.64
N TYR C 1015 -33.13 108.80 -43.13
CA TYR C 1015 -32.12 108.35 -44.08
C TYR C 1015 -32.32 108.95 -45.48
N TYR C 1016 -33.56 109.05 -45.96
CA TYR C 1016 -33.81 109.61 -47.30
C TYR C 1016 -33.35 111.06 -47.39
N ASN C 1017 -33.57 111.83 -46.33
CA ASN C 1017 -33.23 113.24 -46.27
C ASN C 1017 -31.73 113.51 -46.46
N GLN C 1018 -30.89 112.51 -46.21
CA GLN C 1018 -29.44 112.67 -46.22
C GLN C 1018 -28.78 112.30 -47.55
N LEU C 1019 -29.54 111.82 -48.53
CA LEU C 1019 -28.98 111.32 -49.78
C LEU C 1019 -28.40 112.47 -50.62
N PRO C 1020 -27.34 112.22 -51.38
CA PRO C 1020 -26.70 113.29 -52.15
C PRO C 1020 -27.46 113.66 -53.42
N ASP C 1021 -27.08 114.80 -53.99
CA ASP C 1021 -27.59 115.21 -55.30
C ASP C 1021 -27.15 114.21 -56.35
N GLU C 1022 -28.07 113.89 -57.27
CA GLU C 1022 -28.00 112.63 -58.01
C GLU C 1022 -26.82 112.59 -58.97
N ALA C 1023 -26.33 113.74 -59.43
CA ALA C 1023 -25.13 113.73 -60.27
C ALA C 1023 -23.87 113.33 -59.51
N GLN C 1024 -23.90 113.40 -58.17
CA GLN C 1024 -22.74 113.08 -57.34
C GLN C 1024 -22.58 111.59 -57.08
N GLU C 1025 -23.58 110.77 -57.44
CA GLU C 1025 -23.69 109.42 -56.92
C GLU C 1025 -22.58 108.49 -57.39
N THR C 1026 -22.12 107.66 -56.47
CA THR C 1026 -21.28 106.52 -56.77
C THR C 1026 -22.12 105.26 -56.55
N GLU C 1027 -21.62 104.13 -57.08
CA GLU C 1027 -22.34 102.86 -56.99
C GLU C 1027 -22.64 102.42 -55.56
N ALA C 1028 -21.85 102.89 -54.60
CA ALA C 1028 -22.16 102.62 -53.20
C ALA C 1028 -23.46 103.30 -52.81
N ASP C 1029 -23.68 104.52 -53.30
CA ASP C 1029 -24.95 105.21 -53.06
C ASP C 1029 -26.11 104.47 -53.71
N LYS C 1030 -25.90 103.97 -54.94
CA LYS C 1030 -26.96 103.25 -55.64
C LYS C 1030 -27.28 101.95 -54.92
N THR C 1031 -26.25 101.28 -54.38
CA THR C 1031 -26.44 100.07 -53.59
C THR C 1031 -27.25 100.35 -52.32
N TRP C 1032 -26.91 101.44 -51.62
CA TRP C 1032 -27.65 101.81 -50.41
C TRP C 1032 -29.10 102.19 -50.72
N ARG C 1033 -29.34 102.84 -51.86
CA ARG C 1033 -30.71 103.17 -52.24
C ARG C 1033 -31.51 101.91 -52.54
N LEU C 1034 -30.90 100.94 -53.21
CA LEU C 1034 -31.57 99.66 -53.43
C LEU C 1034 -31.83 98.94 -52.11
N CYS C 1035 -30.90 99.04 -51.16
CA CYS C 1035 -31.07 98.45 -49.83
C CYS C 1035 -32.27 99.04 -49.12
N LEU C 1036 -32.38 100.37 -49.14
CA LEU C 1036 -33.53 101.04 -48.54
C LEU C 1036 -34.83 100.62 -49.22
N ALA C 1037 -34.80 100.44 -50.54
CA ALA C 1037 -36.01 100.04 -51.26
C ALA C 1037 -36.51 98.66 -50.83
N ARG C 1038 -35.61 97.79 -50.35
CA ARG C 1038 -36.02 96.47 -49.92
C ARG C 1038 -36.66 96.45 -48.53
N MET C 1039 -36.69 97.57 -47.82
CA MET C 1039 -37.15 97.64 -46.43
C MET C 1039 -38.44 98.43 -46.21
N ASP C 1040 -38.68 99.51 -46.97
CA ASP C 1040 -39.72 100.49 -46.64
C ASP C 1040 -41.05 100.00 -47.23
N ARG C 1041 -41.95 99.53 -46.35
CA ARG C 1041 -43.19 98.89 -46.78
C ARG C 1041 -44.15 99.87 -47.44
N ARG C 1042 -44.03 101.16 -47.13
CA ARG C 1042 -44.91 102.19 -47.67
C ARG C 1042 -44.88 102.23 -49.19
N LYS C 1043 -43.76 101.86 -49.80
CA LYS C 1043 -43.55 101.99 -51.23
C LYS C 1043 -43.51 100.63 -51.93
N MET C 1044 -44.37 99.69 -51.53
CA MET C 1044 -44.38 98.33 -52.07
C MET C 1044 -45.81 97.88 -52.42
N LYS C 1045 -45.89 97.04 -53.45
CA LYS C 1045 -47.07 96.26 -53.81
C LYS C 1045 -46.89 94.81 -53.36
N ILE C 1046 -48.01 94.05 -53.33
CA ILE C 1046 -48.04 92.67 -52.84
C ILE C 1046 -48.72 91.79 -53.90
N THR C 1047 -48.20 90.57 -54.10
CA THR C 1047 -48.87 89.53 -54.86
C THR C 1047 -48.46 88.16 -54.31
N THR C 1048 -49.32 87.15 -54.54
CA THR C 1048 -49.25 85.86 -53.83
C THR C 1048 -49.63 84.69 -54.73
N LYS C 1049 -49.03 83.51 -54.46
CA LYS C 1049 -49.38 82.25 -55.14
C LYS C 1049 -49.32 81.06 -54.18
N GLU C 1050 -50.38 80.23 -54.20
CA GLU C 1050 -50.41 79.01 -53.41
C GLU C 1050 -49.60 77.88 -54.06
N LYS C 1051 -48.86 77.14 -53.22
CA LYS C 1051 -47.95 76.10 -53.69
C LYS C 1051 -47.98 74.93 -52.71
N ASP C 1052 -47.31 73.83 -53.09
CA ASP C 1052 -47.34 72.61 -52.28
C ASP C 1052 -46.76 72.82 -50.88
N GLU C 1053 -45.86 73.78 -50.72
CA GLU C 1053 -45.20 74.04 -49.45
C GLU C 1053 -45.89 75.11 -48.59
N GLY C 1054 -46.87 75.80 -49.13
CA GLY C 1054 -47.52 76.90 -48.43
C GLY C 1054 -48.01 77.94 -49.42
N ILE C 1055 -47.94 79.21 -49.02
CA ILE C 1055 -48.26 80.32 -49.90
C ILE C 1055 -47.01 81.17 -50.12
N GLU C 1056 -46.62 81.32 -51.38
CA GLU C 1056 -45.56 82.24 -51.78
C GLU C 1056 -46.06 83.68 -51.76
N ILE C 1057 -45.24 84.59 -51.22
CA ILE C 1057 -45.52 86.02 -51.24
C ILE C 1057 -44.40 86.69 -52.02
N SER C 1058 -44.77 87.59 -52.94
CA SER C 1058 -43.80 88.47 -53.59
C SER C 1058 -44.07 89.91 -53.18
N PHE C 1059 -43.03 90.59 -52.70
CA PHE C 1059 -43.11 91.99 -52.29
C PHE C 1059 -42.42 92.83 -53.35
N ASN C 1060 -43.15 93.79 -53.94
CA ASN C 1060 -42.67 94.47 -55.13
C ASN C 1060 -42.43 95.95 -54.88
N PRO C 1061 -41.17 96.40 -54.78
CA PRO C 1061 -40.93 97.82 -54.51
C PRO C 1061 -41.19 98.70 -55.73
N GLU C 1062 -41.51 99.95 -55.45
CA GLU C 1062 -41.75 100.98 -56.45
C GLU C 1062 -40.48 101.83 -56.58
N ILE C 1063 -39.94 101.91 -57.79
CA ILE C 1063 -38.51 102.16 -58.00
C ILE C 1063 -38.27 103.29 -59.01
N ASP C 1064 -37.23 104.10 -58.73
CA ASP C 1064 -36.80 105.22 -59.56
C ASP C 1064 -36.25 104.69 -60.90
N PRO C 1065 -36.67 105.25 -62.04
CA PRO C 1065 -36.20 104.75 -63.35
C PRO C 1065 -34.69 104.79 -63.58
N LYS C 1066 -33.98 105.80 -63.06
CA LYS C 1066 -32.53 105.85 -63.21
C LYS C 1066 -31.88 104.66 -62.51
N LEU C 1067 -32.33 104.37 -61.29
CA LEU C 1067 -31.78 103.29 -60.48
C LEU C 1067 -32.20 101.93 -61.03
N LYS C 1068 -33.44 101.84 -61.53
CA LYS C 1068 -33.93 100.65 -62.20
C LYS C 1068 -33.03 100.27 -63.38
N GLN C 1069 -32.68 101.27 -64.19
CA GLN C 1069 -31.83 101.00 -65.34
C GLN C 1069 -30.43 100.54 -64.92
N TYR C 1070 -29.89 101.13 -63.85
CA TYR C 1070 -28.60 100.63 -63.32
C TYR C 1070 -28.67 99.15 -62.94
N SER C 1071 -29.74 98.77 -62.23
CA SER C 1071 -29.90 97.37 -61.80
C SER C 1071 -30.00 96.42 -63.00
N GLU C 1072 -30.77 96.83 -64.02
CA GLU C 1072 -30.95 96.00 -65.21
C GLU C 1072 -29.62 95.76 -65.94
N GLU C 1073 -28.82 96.82 -66.10
CA GLU C 1073 -27.52 96.68 -66.76
C GLU C 1073 -26.62 95.70 -66.02
N ALA C 1074 -26.54 95.81 -64.69
CA ALA C 1074 -25.62 94.94 -63.96
C ALA C 1074 -26.06 93.46 -64.01
N ILE C 1075 -27.36 93.21 -63.88
CA ILE C 1075 -27.90 91.85 -63.97
C ILE C 1075 -27.59 91.22 -65.32
N LYS C 1076 -27.78 91.99 -66.40
CA LYS C 1076 -27.45 91.51 -67.75
C LYS C 1076 -25.97 91.13 -67.86
N LYS C 1077 -25.08 92.00 -67.34
CA LYS C 1077 -23.64 91.75 -67.45
C LYS C 1077 -23.26 90.45 -66.74
N ASN C 1078 -23.88 90.17 -65.59
CA ASN C 1078 -23.66 88.88 -64.94
C ASN C 1078 -24.06 87.73 -65.85
N SER C 1079 -25.23 87.81 -66.48
CA SER C 1079 -25.63 86.70 -67.34
C SER C 1079 -24.72 86.55 -68.55
N GLU C 1080 -24.10 87.65 -69.00
CA GLU C 1080 -23.12 87.57 -70.08
C GLU C 1080 -21.84 86.86 -69.65
N HIS C 1081 -21.43 87.00 -68.39
CA HIS C 1081 -20.23 86.30 -67.92
C HIS C 1081 -20.51 84.81 -67.73
N MET C 1082 -21.63 84.47 -67.11
CA MET C 1082 -21.94 83.10 -66.68
C MET C 1082 -22.50 82.22 -67.81
N LYS C 1083 -22.17 82.56 -69.06
CA LYS C 1083 -22.88 82.04 -70.22
C LYS C 1083 -22.66 80.53 -70.42
N TYR C 1084 -21.43 80.06 -70.29
CA TYR C 1084 -21.09 78.69 -70.66
C TYR C 1084 -20.92 77.74 -69.48
N VAL C 1085 -21.33 78.16 -68.27
CA VAL C 1085 -21.10 77.37 -67.05
C VAL C 1085 -21.87 76.05 -67.06
N THR C 1086 -23.04 76.01 -67.69
CA THR C 1086 -23.78 74.75 -67.76
C THR C 1086 -23.10 73.73 -68.66
N LEU C 1087 -22.49 74.17 -69.77
CA LEU C 1087 -21.74 73.26 -70.62
C LEU C 1087 -20.51 72.71 -69.89
N LYS C 1088 -19.83 73.58 -69.14
CA LYS C 1088 -18.70 73.16 -68.31
C LYS C 1088 -19.13 72.11 -67.29
N LEU C 1089 -20.27 72.33 -66.63
CA LEU C 1089 -20.81 71.37 -65.67
C LEU C 1089 -21.10 70.03 -66.31
N TRP C 1090 -21.82 70.06 -67.45
CA TRP C 1090 -22.20 68.82 -68.12
C TRP C 1090 -20.98 68.02 -68.54
N ALA C 1091 -20.00 68.68 -69.15
CA ALA C 1091 -18.81 67.97 -69.61
C ALA C 1091 -18.00 67.42 -68.44
N SER C 1092 -17.96 68.15 -67.32
CA SER C 1092 -17.20 67.66 -66.16
C SER C 1092 -17.87 66.45 -65.52
N TYR C 1093 -19.20 66.50 -65.33
CA TYR C 1093 -19.91 65.32 -64.80
C TYR C 1093 -19.77 64.12 -65.73
N LYS C 1094 -19.86 64.36 -67.04
CA LYS C 1094 -19.73 63.28 -68.02
C LYS C 1094 -18.33 62.68 -67.99
N ARG C 1095 -17.31 63.52 -67.84
CA ARG C 1095 -15.93 63.05 -67.76
C ARG C 1095 -15.69 62.18 -66.53
N GLU C 1096 -16.24 62.59 -65.38
CA GLU C 1096 -16.09 61.87 -64.13
C GLU C 1096 -17.11 60.76 -63.94
N LYS C 1097 -17.97 60.52 -64.94
CA LYS C 1097 -18.97 59.44 -64.93
C LYS C 1097 -19.91 59.55 -63.72
N ASP C 1098 -20.28 60.78 -63.40
CA ASP C 1098 -21.22 61.08 -62.32
C ASP C 1098 -22.57 61.32 -62.96
N GLU C 1099 -23.55 60.48 -62.61
CA GLU C 1099 -24.88 60.50 -63.23
C GLU C 1099 -25.64 61.81 -63.07
N ARG C 1100 -25.08 62.84 -62.43
CA ARG C 1100 -25.76 64.13 -62.38
C ARG C 1100 -25.76 64.84 -63.74
N TYR C 1101 -25.04 64.30 -64.74
CA TYR C 1101 -25.14 64.84 -66.10
C TYR C 1101 -26.53 64.67 -66.72
N LYS C 1102 -27.29 63.67 -66.28
CA LYS C 1102 -28.60 63.37 -66.84
C LYS C 1102 -29.59 64.53 -66.67
N ASN C 1103 -29.33 65.46 -65.76
CA ASN C 1103 -30.20 66.62 -65.59
C ASN C 1103 -30.13 67.59 -66.75
N TYR C 1104 -29.07 67.56 -67.54
CA TYR C 1104 -28.78 68.61 -68.51
C TYR C 1104 -29.15 68.18 -69.93
N GLY C 1105 -30.46 68.02 -70.13
CA GLY C 1105 -31.01 67.55 -71.38
C GLY C 1105 -30.92 68.53 -72.53
N MET C 1106 -30.38 69.72 -72.29
CA MET C 1106 -30.15 70.68 -73.36
C MET C 1106 -28.83 70.43 -74.07
N TYR C 1107 -27.96 69.62 -73.48
CA TYR C 1107 -26.70 69.18 -74.06
C TYR C 1107 -26.62 67.67 -74.26
N GLU C 1108 -27.11 66.89 -73.30
CA GLU C 1108 -27.48 65.50 -73.59
C GLU C 1108 -28.57 65.51 -74.65
N ASP C 1109 -28.50 64.52 -75.55
CA ASP C 1109 -29.32 64.40 -76.76
C ASP C 1109 -29.08 65.56 -77.73
N ASN C 1110 -28.03 66.36 -77.53
CA ASN C 1110 -27.78 67.52 -78.38
C ASN C 1110 -26.31 67.75 -78.69
N PRO C 1111 -25.60 66.80 -79.35
CA PRO C 1111 -24.15 67.00 -79.58
C PRO C 1111 -23.79 68.22 -80.42
N GLN C 1112 -24.60 68.54 -81.44
CA GLN C 1112 -24.27 69.63 -82.34
C GLN C 1112 -24.44 71.00 -81.67
N ILE C 1113 -25.34 71.10 -80.68
CA ILE C 1113 -25.43 72.34 -79.91
C ILE C 1113 -24.15 72.60 -79.12
N ALA C 1114 -23.63 71.56 -78.48
CA ALA C 1114 -22.37 71.68 -77.74
C ALA C 1114 -21.24 72.06 -78.69
N LEU C 1115 -21.23 71.49 -79.89
CA LEU C 1115 -20.18 71.83 -80.85
C LEU C 1115 -20.28 73.27 -81.34
N GLN C 1116 -21.51 73.76 -81.55
CA GLN C 1116 -21.70 75.14 -82.00
C GLN C 1116 -21.21 76.14 -80.95
N GLU C 1117 -21.57 75.90 -79.69
CA GLU C 1117 -21.10 76.80 -78.63
C GLU C 1117 -19.58 76.70 -78.45
N THR C 1118 -19.02 75.52 -78.68
CA THR C 1118 -17.56 75.36 -78.65
C THR C 1118 -16.89 76.21 -79.73
N LYS C 1119 -17.51 76.29 -80.91
CA LYS C 1119 -16.96 77.16 -81.95
C LYS C 1119 -17.02 78.64 -81.54
N GLU C 1120 -18.07 79.04 -80.83
CA GLU C 1120 -18.09 80.40 -80.27
C GLU C 1120 -16.91 80.63 -79.33
N ILE C 1121 -16.65 79.67 -78.43
CA ILE C 1121 -15.57 79.82 -77.45
C ILE C 1121 -14.20 79.89 -78.14
N ILE C 1122 -13.98 79.03 -79.15
CA ILE C 1122 -12.68 79.01 -79.83
C ILE C 1122 -12.44 80.34 -80.56
N LYS C 1123 -13.49 80.93 -81.15
CA LYS C 1123 -13.36 82.25 -81.78
C LYS C 1123 -12.99 83.31 -80.77
N LYS C 1124 -13.67 83.30 -79.61
CA LYS C 1124 -13.46 84.33 -78.59
C LYS C 1124 -12.04 84.24 -78.02
N LEU C 1125 -11.54 83.02 -77.85
CA LEU C 1125 -10.16 82.84 -77.40
C LEU C 1125 -9.16 83.35 -78.43
N ASN C 1126 -9.42 83.12 -79.72
CA ASN C 1126 -8.47 83.56 -80.73
C ASN C 1126 -8.49 85.08 -80.92
N GLU C 1127 -9.66 85.72 -80.77
CA GLU C 1127 -9.79 87.15 -81.04
C GLU C 1127 -9.37 87.97 -79.82
N GLU C 1128 -8.09 87.82 -79.46
CA GLU C 1128 -7.44 88.53 -78.34
C GLU C 1128 -8.19 88.36 -77.02
N GLY C 1129 -8.52 87.11 -76.69
CA GLY C 1129 -9.21 86.77 -75.45
C GLY C 1129 -8.47 87.16 -74.18
N GLY C 1130 -9.23 87.71 -73.22
CA GLY C 1130 -8.64 88.25 -72.02
C GLY C 1130 -8.40 87.23 -70.92
N GLU C 1131 -7.72 87.69 -69.86
CA GLU C 1131 -7.31 86.82 -68.76
C GLU C 1131 -8.52 86.30 -67.97
N ASP C 1132 -9.48 87.19 -67.67
CA ASP C 1132 -10.67 86.82 -66.91
C ASP C 1132 -11.51 85.81 -67.70
N PHE C 1133 -11.53 85.92 -69.02
CA PHE C 1133 -12.26 84.97 -69.85
C PHE C 1133 -11.56 83.62 -69.90
N ARG C 1134 -10.25 83.64 -70.22
CA ARG C 1134 -9.47 82.41 -70.37
C ARG C 1134 -9.34 81.64 -69.06
N LEU C 1135 -9.38 82.33 -67.93
CA LEU C 1135 -9.33 81.68 -66.62
C LEU C 1135 -10.49 80.71 -66.42
N LEU C 1136 -11.70 81.14 -66.79
CA LEU C 1136 -12.86 80.29 -66.55
C LEU C 1136 -13.19 79.39 -67.74
N ASN C 1137 -12.91 79.83 -68.97
CA ASN C 1137 -13.45 79.15 -70.14
C ASN C 1137 -12.41 78.47 -71.02
N GLY C 1138 -11.11 78.59 -70.69
CA GLY C 1138 -10.05 78.22 -71.62
C GLY C 1138 -9.87 76.74 -71.88
N ASN C 1139 -10.52 75.87 -71.10
CA ASN C 1139 -10.37 74.43 -71.27
C ASN C 1139 -11.62 73.71 -71.76
N ILE C 1140 -12.72 74.45 -71.96
CA ILE C 1140 -13.97 73.82 -72.46
C ILE C 1140 -13.86 73.18 -73.84
N PRO C 1141 -13.16 73.74 -74.84
CA PRO C 1141 -13.07 72.98 -76.10
C PRO C 1141 -12.44 71.60 -75.98
N ALA C 1142 -11.40 71.45 -75.15
CA ALA C 1142 -10.76 70.14 -75.03
C ALA C 1142 -11.68 69.09 -74.42
N ASP C 1143 -12.42 69.46 -73.36
CA ASP C 1143 -13.19 68.43 -72.68
C ASP C 1143 -14.42 68.07 -73.51
N VAL C 1144 -15.03 69.07 -74.16
CA VAL C 1144 -16.17 68.79 -75.01
C VAL C 1144 -15.77 67.90 -76.19
N CYS C 1145 -14.63 68.19 -76.83
CA CYS C 1145 -14.24 67.36 -77.98
C CYS C 1145 -13.87 65.94 -77.55
N SER C 1146 -13.21 65.77 -76.40
CA SER C 1146 -12.91 64.42 -75.94
C SER C 1146 -14.19 63.66 -75.59
N VAL C 1147 -15.17 64.34 -74.99
CA VAL C 1147 -16.45 63.69 -74.67
C VAL C 1147 -17.14 63.23 -75.94
N LEU C 1148 -17.16 64.08 -76.96
CA LEU C 1148 -17.81 63.70 -78.22
C LEU C 1148 -17.11 62.54 -78.92
N LEU C 1149 -15.77 62.53 -78.91
CA LEU C 1149 -15.06 61.42 -79.54
C LEU C 1149 -15.20 60.12 -78.76
N LEU C 1150 -15.23 60.20 -77.42
CA LEU C 1150 -15.27 58.98 -76.63
C LEU C 1150 -16.68 58.41 -76.49
N ASP C 1151 -17.72 59.25 -76.55
CA ASP C 1151 -19.07 58.78 -76.26
C ASP C 1151 -20.07 58.88 -77.42
N TYR C 1152 -19.84 59.72 -78.42
CA TYR C 1152 -20.85 59.99 -79.43
C TYR C 1152 -20.38 59.78 -80.88
N PHE C 1153 -19.30 59.03 -81.10
CA PHE C 1153 -18.64 58.96 -82.40
C PHE C 1153 -19.53 58.42 -83.51
N ASN C 1154 -20.49 57.56 -83.17
CA ASN C 1154 -21.39 57.01 -84.18
C ASN C 1154 -22.44 58.01 -84.66
N GLN C 1155 -22.70 59.07 -83.89
CA GLN C 1155 -23.75 60.02 -84.21
C GLN C 1155 -23.24 61.23 -84.98
N LEU C 1156 -21.96 61.52 -84.86
CA LEU C 1156 -21.33 62.64 -85.57
C LEU C 1156 -21.27 62.35 -87.06
N ASN C 1157 -21.28 63.43 -87.86
CA ASN C 1157 -20.95 63.29 -89.27
C ASN C 1157 -19.44 63.53 -89.45
N ASN C 1158 -18.97 63.33 -90.69
CA ASN C 1158 -17.54 63.36 -90.95
C ASN C 1158 -16.93 64.74 -90.75
N GLU C 1159 -17.68 65.80 -91.08
CA GLU C 1159 -17.21 67.16 -90.81
C GLU C 1159 -17.05 67.40 -89.30
N GLU C 1160 -18.03 66.96 -88.51
CA GLU C 1160 -17.99 67.10 -87.06
C GLU C 1160 -16.84 66.29 -86.46
N ARG C 1161 -16.64 65.05 -86.96
CA ARG C 1161 -15.54 64.20 -86.52
C ARG C 1161 -14.19 64.86 -86.78
N GLU C 1162 -14.01 65.42 -87.98
CA GLU C 1162 -12.72 66.02 -88.31
C GLU C 1162 -12.46 67.28 -87.47
N TYR C 1163 -13.52 68.03 -87.15
CA TYR C 1163 -13.30 69.18 -86.27
C TYR C 1163 -12.84 68.74 -84.88
N CYS C 1164 -13.48 67.71 -84.32
CA CYS C 1164 -13.08 67.20 -83.00
C CYS C 1164 -11.64 66.69 -83.03
N LYS C 1165 -11.25 66.02 -84.13
CA LYS C 1165 -9.89 65.51 -84.29
C LYS C 1165 -8.87 66.64 -84.28
N ASP C 1166 -9.15 67.72 -85.03
CA ASP C 1166 -8.19 68.82 -85.11
C ASP C 1166 -7.98 69.47 -83.76
N ILE C 1167 -9.07 69.70 -83.01
CA ILE C 1167 -8.92 70.28 -81.67
C ILE C 1167 -8.14 69.34 -80.72
N VAL C 1168 -8.44 68.03 -80.72
CA VAL C 1168 -7.75 67.13 -79.78
C VAL C 1168 -6.25 67.04 -80.10
N LEU C 1169 -5.90 66.96 -81.38
CA LEU C 1169 -4.49 66.89 -81.74
C LEU C 1169 -3.78 68.21 -81.47
N ALA C 1170 -4.48 69.34 -81.51
CA ALA C 1170 -3.84 70.62 -81.17
C ALA C 1170 -3.48 70.70 -79.69
N TYR C 1171 -4.41 70.32 -78.81
CA TYR C 1171 -4.16 70.38 -77.36
C TYR C 1171 -3.13 69.36 -76.91
N SER C 1172 -2.97 68.25 -77.64
CA SER C 1172 -2.05 67.21 -77.20
C SER C 1172 -0.59 67.60 -77.37
N LYS C 1173 -0.31 68.63 -78.19
CA LYS C 1173 1.07 69.02 -78.48
C LYS C 1173 1.62 70.07 -77.54
N LEU C 1174 0.76 70.72 -76.74
CA LEU C 1174 1.20 71.75 -75.81
C LEU C 1174 2.28 71.32 -74.81
N PRO C 1175 2.30 70.11 -74.23
CA PRO C 1175 3.43 69.75 -73.35
C PRO C 1175 4.78 69.66 -74.04
N LEU C 1176 4.85 69.73 -75.36
CA LEU C 1176 6.12 69.68 -76.06
C LEU C 1176 6.75 71.06 -76.30
N LYS C 1177 6.01 72.14 -76.04
CA LYS C 1177 6.54 73.49 -76.18
C LYS C 1177 7.33 73.88 -74.94
N GLU C 1178 8.33 74.74 -75.12
CA GLU C 1178 9.15 75.13 -73.99
C GLU C 1178 8.41 76.05 -73.03
N GLY C 1179 8.73 75.94 -71.75
CA GLY C 1179 8.11 76.74 -70.73
C GLY C 1179 6.76 76.25 -70.24
N TYR C 1180 6.33 75.07 -70.68
CA TYR C 1180 5.09 74.49 -70.18
C TYR C 1180 5.19 74.10 -68.71
N ASN C 1181 4.15 74.41 -67.95
CA ASN C 1181 4.03 73.94 -66.57
C ASN C 1181 2.66 73.31 -66.36
N TYR C 1182 2.65 72.11 -65.77
CA TYR C 1182 1.44 71.32 -65.58
C TYR C 1182 0.54 71.88 -64.50
N GLN C 1183 -0.76 71.96 -64.81
CA GLN C 1183 -1.81 72.27 -63.84
C GLN C 1183 -3.01 71.38 -64.14
N VAL C 1184 -3.74 71.00 -63.08
CA VAL C 1184 -4.55 69.78 -63.06
C VAL C 1184 -5.66 69.77 -64.12
N GLN C 1185 -6.21 70.93 -64.49
CA GLN C 1185 -7.28 70.97 -65.47
C GLN C 1185 -6.95 71.84 -66.68
N ASP C 1186 -5.69 71.83 -67.14
CA ASP C 1186 -5.29 72.64 -68.29
C ASP C 1186 -5.81 72.11 -69.62
N GLY C 1187 -6.40 70.92 -69.65
CA GLY C 1187 -6.97 70.36 -70.86
C GLY C 1187 -6.11 69.38 -71.60
N THR C 1188 -4.80 69.30 -71.29
CA THR C 1188 -3.93 68.41 -72.04
C THR C 1188 -4.21 66.94 -71.75
N THR C 1189 -4.48 66.60 -70.49
CA THR C 1189 -4.73 65.20 -70.17
C THR C 1189 -6.08 64.73 -70.71
N SER C 1190 -7.06 65.63 -70.77
CA SER C 1190 -8.32 65.31 -71.43
C SER C 1190 -8.12 64.99 -72.90
N ALA C 1191 -7.26 65.77 -73.57
CA ALA C 1191 -6.99 65.54 -74.99
C ALA C 1191 -6.26 64.23 -75.21
N ILE C 1192 -5.23 63.96 -74.40
CA ILE C 1192 -4.40 62.77 -74.57
C ILE C 1192 -5.22 61.50 -74.42
N SER C 1193 -6.24 61.53 -73.55
CA SER C 1193 -7.06 60.36 -73.32
C SER C 1193 -7.88 59.92 -74.53
N ALA C 1194 -8.04 60.79 -75.54
CA ALA C 1194 -8.84 60.46 -76.72
C ALA C 1194 -8.01 59.99 -77.91
N LEU C 1195 -6.68 59.97 -77.78
CA LEU C 1195 -5.82 59.49 -78.86
C LEU C 1195 -6.05 58.04 -79.33
N PRO C 1196 -6.44 57.05 -78.49
CA PRO C 1196 -6.72 55.72 -79.06
C PRO C 1196 -7.80 55.68 -80.11
N VAL C 1197 -8.86 56.48 -79.96
CA VAL C 1197 -9.94 56.50 -80.94
C VAL C 1197 -9.43 57.02 -82.28
N ILE C 1198 -8.63 58.08 -82.25
CA ILE C 1198 -8.07 58.65 -83.47
C ILE C 1198 -7.11 57.67 -84.13
N TYR C 1199 -6.24 57.03 -83.33
CA TYR C 1199 -5.29 56.06 -83.88
C TYR C 1199 -6.02 54.89 -84.55
N HIS C 1200 -7.10 54.42 -83.94
CA HIS C 1200 -7.87 53.32 -84.51
C HIS C 1200 -8.54 53.75 -85.83
N ASN C 1201 -9.13 54.94 -85.86
CA ASN C 1201 -9.98 55.28 -87.00
C ASN C 1201 -9.26 55.94 -88.17
N TYR C 1202 -8.10 56.55 -87.96
CA TYR C 1202 -7.48 57.37 -88.99
C TYR C 1202 -6.03 56.99 -89.22
N PRO C 1203 -5.77 56.11 -90.20
CA PRO C 1203 -4.40 55.59 -90.41
C PRO C 1203 -3.37 56.65 -90.81
N MET C 1204 -3.80 57.82 -91.29
CA MET C 1204 -2.85 58.86 -91.64
C MET C 1204 -2.26 59.57 -90.42
N GLU C 1205 -2.88 59.45 -89.25
CA GLU C 1205 -2.41 60.14 -88.06
C GLU C 1205 -1.36 59.37 -87.26
N ARG C 1206 -1.08 58.11 -87.62
CA ARG C 1206 -0.34 57.21 -86.73
C ARG C 1206 1.12 57.64 -86.57
N GLU C 1207 1.72 58.20 -87.62
CA GLU C 1207 3.10 58.69 -87.51
C GLU C 1207 3.17 59.84 -86.50
N THR C 1208 2.20 60.76 -86.57
CA THR C 1208 2.14 61.88 -85.63
C THR C 1208 1.95 61.40 -84.19
N ILE C 1209 1.05 60.43 -83.99
CA ILE C 1209 0.75 59.97 -82.63
C ILE C 1209 1.92 59.19 -82.03
N LYS C 1210 2.62 58.39 -82.85
CA LYS C 1210 3.81 57.72 -82.34
C LYS C 1210 4.88 58.73 -81.94
N THR C 1211 5.01 59.81 -82.71
CA THR C 1211 5.96 60.86 -82.32
C THR C 1211 5.56 61.55 -81.02
N ILE C 1212 4.26 61.87 -80.86
CA ILE C 1212 3.79 62.54 -79.64
C ILE C 1212 4.03 61.68 -78.40
N LEU C 1213 3.66 60.39 -78.50
CA LEU C 1213 3.83 59.48 -77.37
C LEU C 1213 5.30 59.32 -76.99
N LEU C 1214 6.17 59.14 -77.98
CA LEU C 1214 7.59 58.96 -77.68
C LEU C 1214 8.20 60.17 -77.01
N LEU C 1215 7.91 61.37 -77.53
CA LEU C 1215 8.49 62.56 -76.89
C LEU C 1215 7.87 62.86 -75.54
N THR C 1216 6.65 62.39 -75.27
CA THR C 1216 6.08 62.65 -73.95
C THR C 1216 6.59 61.68 -72.90
N LEU C 1217 7.00 60.47 -73.30
CA LEU C 1217 7.57 59.55 -72.32
C LEU C 1217 8.89 60.06 -71.72
N PHE C 1218 9.59 60.95 -72.42
CA PHE C 1218 10.83 61.55 -71.91
C PHE C 1218 10.61 62.57 -70.79
N ASN C 1219 9.37 62.90 -70.43
CA ASN C 1219 9.06 63.94 -69.44
C ASN C 1219 9.10 63.33 -68.03
N ASP C 1220 10.02 63.82 -67.20
CA ASP C 1220 10.22 63.30 -65.83
C ASP C 1220 9.67 64.20 -64.71
N HIS C 1221 8.87 65.23 -65.03
CA HIS C 1221 8.28 66.06 -63.98
C HIS C 1221 7.32 65.29 -63.09
N SER C 1222 7.46 65.48 -61.78
CA SER C 1222 6.64 64.79 -60.80
C SER C 1222 5.33 65.53 -60.55
N ILE C 1223 4.32 64.79 -60.11
CA ILE C 1223 2.97 65.30 -59.85
C ILE C 1223 2.47 64.75 -58.52
N GLY C 1224 1.81 65.61 -57.75
CA GLY C 1224 1.28 65.22 -56.45
C GLY C 1224 2.35 65.00 -55.39
N MET C 1225 1.91 64.49 -54.24
CA MET C 1225 2.83 64.16 -53.15
C MET C 1225 3.30 62.71 -53.19
N ALA C 1226 2.58 61.81 -53.86
CA ALA C 1226 2.84 60.38 -53.78
C ALA C 1226 3.95 59.89 -54.71
N GLY C 1227 4.53 60.75 -55.53
CA GLY C 1227 5.68 60.38 -56.33
C GLY C 1227 5.41 59.92 -57.73
N GLY C 1228 4.25 60.22 -58.29
CA GLY C 1228 4.00 59.94 -59.69
C GLY C 1228 4.65 60.96 -60.61
N ARG C 1229 4.62 60.66 -61.91
CA ARG C 1229 5.25 61.49 -62.93
C ARG C 1229 4.36 61.62 -64.15
N TYR C 1230 4.65 62.63 -64.97
CA TYR C 1230 3.80 62.97 -66.11
C TYR C 1230 3.75 61.86 -67.15
N SER C 1231 4.77 61.00 -67.19
CA SER C 1231 4.82 59.91 -68.16
C SER C 1231 3.72 58.87 -67.96
N VAL C 1232 2.95 58.97 -66.88
CA VAL C 1232 1.79 58.10 -66.67
C VAL C 1232 0.74 58.33 -67.76
N PHE C 1233 0.57 59.59 -68.18
CA PHE C 1233 -0.49 59.90 -69.14
C PHE C 1233 -0.30 59.25 -70.50
N PRO C 1234 0.87 59.30 -71.17
CA PRO C 1234 1.01 58.49 -72.39
C PRO C 1234 1.07 57.00 -72.13
N SER C 1235 1.43 56.56 -70.92
CA SER C 1235 1.48 55.13 -70.64
C SER C 1235 0.09 54.50 -70.64
N MET C 1236 -0.91 55.25 -70.18
CA MET C 1236 -2.29 54.74 -70.21
C MET C 1236 -2.80 54.58 -71.63
N VAL C 1237 -2.33 55.43 -72.56
CA VAL C 1237 -2.70 55.28 -73.96
C VAL C 1237 -2.10 54.01 -74.55
N ILE C 1238 -0.82 53.75 -74.26
CA ILE C 1238 -0.11 52.61 -74.86
C ILE C 1238 -0.73 51.29 -74.44
N HIS C 1239 -1.18 51.20 -73.18
CA HIS C 1239 -1.81 49.97 -72.70
C HIS C 1239 -3.11 49.63 -73.41
N LYS C 1240 -3.78 50.61 -74.02
CA LYS C 1240 -5.00 50.31 -74.75
C LYS C 1240 -4.75 49.83 -76.18
N LEU C 1241 -3.50 49.87 -76.66
CA LEU C 1241 -3.20 49.55 -78.05
C LEU C 1241 -2.47 48.23 -78.25
N TRP C 1242 -1.99 47.60 -77.17
CA TRP C 1242 -1.25 46.33 -77.28
C TRP C 1242 -2.08 45.21 -77.91
N LEU C 1243 -3.41 45.29 -77.83
CA LEU C 1243 -4.24 44.18 -78.30
C LEU C 1243 -4.28 44.10 -79.83
N ASP C 1244 -4.33 45.24 -80.50
CA ASP C 1244 -4.50 45.27 -81.94
C ASP C 1244 -3.27 45.73 -82.71
N TYR C 1245 -2.31 46.37 -82.06
CA TYR C 1245 -1.21 47.04 -82.74
C TYR C 1245 0.13 46.69 -82.11
N PHE C 1246 0.37 45.38 -81.95
CA PHE C 1246 1.49 44.87 -81.16
C PHE C 1246 2.85 45.33 -81.68
N ASP C 1247 3.05 45.25 -82.99
CA ASP C 1247 4.34 45.60 -83.57
C ASP C 1247 4.68 47.09 -83.35
N ASP C 1248 3.68 47.96 -83.50
CA ASP C 1248 3.88 49.40 -83.30
C ASP C 1248 4.30 49.69 -81.85
N MET C 1249 3.59 49.10 -80.89
CA MET C 1249 3.85 49.37 -79.49
C MET C 1249 5.20 48.80 -79.04
N GLN C 1250 5.56 47.63 -79.57
CA GLN C 1250 6.89 47.10 -79.26
C GLN C 1250 7.99 47.96 -79.86
N SER C 1251 7.72 48.59 -81.02
CA SER C 1251 8.69 49.54 -81.53
C SER C 1251 8.83 50.75 -80.60
N LEU C 1252 7.74 51.21 -79.98
CA LEU C 1252 7.89 52.27 -78.99
C LEU C 1252 8.72 51.82 -77.77
N LEU C 1253 8.51 50.58 -77.31
CA LEU C 1253 9.25 50.08 -76.13
C LEU C 1253 10.76 50.02 -76.39
N PHE C 1254 11.15 49.35 -77.47
CA PHE C 1254 12.58 49.29 -77.80
C PHE C 1254 13.14 50.67 -78.15
N GLY C 1255 12.36 51.52 -78.80
CA GLY C 1255 12.83 52.86 -79.12
C GLY C 1255 13.11 53.70 -77.90
N PHE C 1256 12.26 53.60 -76.88
CA PHE C 1256 12.51 54.28 -75.62
C PHE C 1256 13.81 53.82 -74.99
N LEU C 1257 14.00 52.50 -74.90
CA LEU C 1257 15.21 51.99 -74.27
C LEU C 1257 16.47 52.38 -75.04
N ILE C 1258 16.38 52.56 -76.35
CA ILE C 1258 17.55 53.02 -77.09
C ILE C 1258 17.77 54.52 -76.93
N LEU C 1259 16.71 55.32 -77.06
CA LEU C 1259 16.87 56.76 -77.28
C LEU C 1259 16.90 57.61 -76.00
N LYS C 1260 16.20 57.19 -74.94
CA LYS C 1260 16.17 58.01 -73.72
C LYS C 1260 17.55 58.32 -73.12
N PRO C 1261 18.53 57.40 -73.06
CA PRO C 1261 19.87 57.80 -72.57
C PRO C 1261 20.58 58.83 -73.44
N LYS C 1262 20.17 59.05 -74.69
CA LYS C 1262 20.85 60.05 -75.51
C LYS C 1262 20.24 61.44 -75.30
N TYR C 1263 18.95 61.48 -74.97
CA TYR C 1263 18.23 62.74 -74.78
C TYR C 1263 18.77 63.51 -73.58
N VAL C 1264 19.18 62.80 -72.52
CA VAL C 1264 19.71 63.49 -71.34
C VAL C 1264 21.08 64.11 -71.63
N ILE C 1265 21.90 63.43 -72.43
CA ILE C 1265 23.20 63.98 -72.83
C ILE C 1265 23.01 65.23 -73.69
N LEU C 1266 22.05 65.17 -74.64
CA LEU C 1266 21.79 66.34 -75.47
C LEU C 1266 21.22 67.50 -74.64
N SER C 1267 20.43 67.19 -73.61
CA SER C 1267 19.91 68.24 -72.73
C SER C 1267 21.05 68.96 -72.03
N ARG C 1268 22.02 68.19 -71.51
CA ARG C 1268 23.17 68.79 -70.84
C ARG C 1268 23.99 69.65 -71.81
N LYS C 1269 24.13 69.19 -73.05
CA LYS C 1269 24.85 69.97 -74.05
C LYS C 1269 24.18 71.31 -74.33
N ILE C 1270 22.84 71.29 -74.50
CA ILE C 1270 22.13 72.54 -74.81
C ILE C 1270 22.21 73.52 -73.63
N ILE C 1271 22.13 73.00 -72.39
CA ILE C 1271 22.30 73.85 -71.21
C ILE C 1271 23.70 74.47 -71.17
N HIS C 1272 24.72 73.64 -71.45
CA HIS C 1272 26.10 74.09 -71.41
C HIS C 1272 26.37 75.18 -72.45
N GLU C 1273 25.86 75.00 -73.67
CA GLU C 1273 26.02 76.03 -74.70
C GLU C 1273 25.17 77.26 -74.42
N SER C 1274 24.09 77.12 -73.64
CA SER C 1274 23.38 78.31 -73.18
C SER C 1274 24.17 79.07 -72.12
N TYR C 1275 25.11 78.40 -71.44
CA TYR C 1275 26.09 79.17 -70.67
C TYR C 1275 27.23 79.72 -71.52
N ARG C 1276 27.60 78.99 -72.58
CA ARG C 1276 28.77 79.32 -73.41
C ARG C 1276 28.60 80.65 -74.14
N GLN C 1277 27.39 80.90 -74.64
CA GLN C 1277 27.11 82.08 -75.45
C GLN C 1277 26.84 83.32 -74.61
N ILE C 1282 18.21 79.10 -71.94
CA ILE C 1282 17.98 77.69 -72.26
C ILE C 1282 16.65 77.59 -72.97
N LYS C 1283 15.67 78.36 -72.48
CA LYS C 1283 14.33 78.38 -73.04
C LYS C 1283 14.33 78.98 -74.45
N LYS C 1284 15.43 79.63 -74.82
CA LYS C 1284 15.67 80.10 -76.18
C LYS C 1284 15.65 78.96 -77.21
N ILE C 1285 16.00 77.74 -76.80
CA ILE C 1285 16.26 76.64 -77.74
C ILE C 1285 15.16 75.59 -77.62
N ASN C 1286 14.58 75.20 -78.76
CA ASN C 1286 13.61 74.11 -78.84
C ASN C 1286 14.42 72.82 -78.92
N ILE C 1287 14.59 72.17 -77.76
CA ILE C 1287 15.40 70.96 -77.65
C ILE C 1287 14.81 69.84 -78.50
N ASN C 1288 13.48 69.74 -78.55
CA ASN C 1288 12.83 68.66 -79.30
C ASN C 1288 13.08 68.78 -80.79
N LYS C 1289 13.06 69.99 -81.34
CA LYS C 1289 13.35 70.17 -82.76
C LYS C 1289 14.79 69.78 -83.11
N VAL C 1290 15.74 70.16 -82.24
CA VAL C 1290 17.13 69.74 -82.42
C VAL C 1290 17.24 68.22 -82.39
N PHE C 1291 16.64 67.58 -81.38
CA PHE C 1291 16.72 66.13 -81.23
C PHE C 1291 16.12 65.42 -82.44
N LEU C 1292 14.97 65.90 -82.91
CA LEU C 1292 14.32 65.30 -84.07
C LEU C 1292 15.14 65.47 -85.33
N ASN C 1293 15.96 66.52 -85.41
CA ASN C 1293 16.84 66.62 -86.58
C ASN C 1293 18.09 65.76 -86.44
N ASN C 1294 18.61 65.53 -85.23
CA ASN C 1294 19.85 64.74 -85.13
C ASN C 1294 19.62 63.25 -85.37
N TYR C 1295 18.53 62.69 -84.86
CA TYR C 1295 18.34 61.25 -84.78
C TYR C 1295 17.29 60.72 -85.76
N LYS C 1296 17.22 61.31 -86.95
CA LYS C 1296 16.27 60.93 -87.99
C LYS C 1296 16.35 59.47 -88.38
N HIS C 1297 17.55 58.91 -88.45
CA HIS C 1297 17.72 57.52 -88.88
C HIS C 1297 17.07 56.54 -87.90
N CYS C 1298 17.39 56.69 -86.62
CA CYS C 1298 16.84 55.79 -85.60
C CYS C 1298 15.34 56.00 -85.42
N ILE C 1299 14.89 57.25 -85.50
CA ILE C 1299 13.47 57.55 -85.39
C ILE C 1299 12.69 56.96 -86.57
N SER C 1300 13.30 56.96 -87.76
CA SER C 1300 12.69 56.27 -88.89
C SER C 1300 12.56 54.78 -88.64
N ASN C 1301 13.54 54.18 -87.95
CA ASN C 1301 13.35 52.78 -87.56
C ASN C 1301 12.21 52.61 -86.57
N VAL C 1302 11.97 53.59 -85.69
CA VAL C 1302 10.83 53.48 -84.78
C VAL C 1302 9.51 53.55 -85.56
N ILE C 1303 9.41 54.47 -86.52
CA ILE C 1303 8.16 54.65 -87.27
C ILE C 1303 7.91 53.45 -88.18
N ASP C 1304 8.94 52.92 -88.84
CA ASP C 1304 8.79 51.81 -89.77
C ASP C 1304 8.80 50.43 -89.11
N ASN C 1305 8.97 50.34 -87.78
CA ASN C 1305 9.01 49.09 -87.01
C ASN C 1305 10.16 48.17 -87.44
N LYS C 1306 11.39 48.69 -87.33
CA LYS C 1306 12.58 47.92 -87.67
C LYS C 1306 13.58 47.84 -86.52
N ILE C 1307 13.12 47.47 -85.31
CA ILE C 1307 13.97 47.34 -84.11
C ILE C 1307 13.60 46.04 -83.40
N SER C 1308 14.61 45.37 -82.80
CA SER C 1308 14.42 44.09 -82.12
C SER C 1308 15.20 44.05 -80.81
N ILE C 1309 14.94 43.01 -80.00
CA ILE C 1309 15.62 42.84 -78.72
C ILE C 1309 17.10 42.51 -78.93
N ASP C 1310 17.48 42.07 -80.13
CA ASP C 1310 18.89 41.92 -80.44
C ASP C 1310 19.61 43.26 -80.59
N ASP C 1311 18.87 44.33 -80.90
CA ASP C 1311 19.47 45.63 -81.19
C ASP C 1311 19.73 46.47 -79.94
N LEU C 1312 19.23 46.04 -78.78
CA LEU C 1312 19.49 46.73 -77.53
C LEU C 1312 20.89 46.41 -77.03
N GLY C 1313 21.46 47.34 -76.26
CA GLY C 1313 22.68 47.08 -75.54
C GLY C 1313 22.41 46.30 -74.26
N SER C 1314 23.47 46.04 -73.52
CA SER C 1314 23.33 45.41 -72.22
C SER C 1314 22.93 46.45 -71.19
N MET C 1315 22.10 46.05 -70.24
CA MET C 1315 21.49 46.97 -69.29
C MET C 1315 22.39 47.28 -68.09
N ASP C 1316 23.68 46.98 -68.21
CA ASP C 1316 24.58 46.96 -67.06
C ASP C 1316 24.81 48.35 -66.47
N LYS C 1317 24.63 49.43 -67.25
CA LYS C 1317 24.88 50.77 -66.74
C LYS C 1317 23.71 51.74 -66.90
N VAL C 1318 22.57 51.29 -67.41
CA VAL C 1318 21.39 52.15 -67.54
C VAL C 1318 20.83 52.42 -66.15
N ASP C 1319 20.36 53.66 -65.93
CA ASP C 1319 19.83 54.07 -64.64
C ASP C 1319 18.49 53.41 -64.34
N LEU C 1320 18.24 53.18 -63.04
CA LEU C 1320 17.07 52.43 -62.60
C LEU C 1320 15.76 53.16 -62.86
N HIS C 1321 15.76 54.50 -62.90
CA HIS C 1321 14.53 55.21 -63.28
C HIS C 1321 14.11 54.87 -64.70
N ILE C 1322 15.07 54.79 -65.63
CA ILE C 1322 14.77 54.46 -67.01
C ILE C 1322 14.22 53.04 -67.13
N LEU C 1323 14.85 52.10 -66.42
CA LEU C 1323 14.42 50.70 -66.46
C LEU C 1323 13.04 50.53 -65.84
N ASN C 1324 12.73 51.27 -64.77
CA ASN C 1324 11.38 51.22 -64.21
C ASN C 1324 10.37 51.77 -65.19
N THR C 1325 10.70 52.86 -65.88
CA THR C 1325 9.77 53.44 -66.85
C THR C 1325 9.46 52.44 -67.96
N ALA C 1326 10.44 51.62 -68.37
CA ALA C 1326 10.12 50.59 -69.34
C ALA C 1326 9.31 49.45 -68.72
N PHE C 1327 9.61 49.10 -67.46
CA PHE C 1327 8.98 47.99 -66.75
C PHE C 1327 7.48 48.18 -66.59
N GLN C 1328 7.02 49.42 -66.46
CA GLN C 1328 5.61 49.74 -66.32
C GLN C 1328 4.83 49.72 -67.64
N LEU C 1329 5.50 49.52 -68.77
CA LEU C 1329 4.82 49.45 -70.07
C LEU C 1329 4.47 48.03 -70.49
N ILE C 1330 5.06 47.02 -69.85
CA ILE C 1330 4.89 45.62 -70.24
C ILE C 1330 3.63 45.08 -69.55
N PRO C 1331 2.77 44.33 -70.26
CA PRO C 1331 1.54 43.81 -69.63
C PRO C 1331 1.84 42.70 -68.63
N VAL C 1332 1.18 42.77 -67.46
CA VAL C 1332 1.51 41.86 -66.36
C VAL C 1332 1.12 40.41 -66.63
N ASP C 1333 0.23 40.15 -67.59
CA ASP C 1333 -0.13 38.77 -67.92
C ASP C 1333 0.37 38.35 -69.31
N THR C 1334 1.47 38.95 -69.78
CA THR C 1334 2.02 38.62 -71.09
C THR C 1334 2.63 37.22 -71.10
N VAL C 1335 2.58 36.57 -72.27
CA VAL C 1335 3.20 35.27 -72.49
C VAL C 1335 4.28 35.33 -73.57
N ASN C 1336 4.64 36.54 -74.00
CA ASN C 1336 5.59 36.72 -75.11
C ASN C 1336 7.02 36.48 -74.66
N ILE C 1337 7.80 35.82 -75.54
CA ILE C 1337 9.17 35.41 -75.21
C ILE C 1337 10.07 36.63 -74.98
N GLU C 1338 9.96 37.65 -75.83
CA GLU C 1338 10.83 38.82 -75.71
C GLU C 1338 10.49 39.63 -74.46
N HIS C 1339 9.20 39.75 -74.12
CA HIS C 1339 8.81 40.39 -72.87
C HIS C 1339 9.37 39.67 -71.66
N LYS C 1340 9.25 38.34 -71.63
CA LYS C 1340 9.72 37.58 -70.48
C LYS C 1340 11.24 37.68 -70.34
N LYS C 1341 11.95 37.66 -71.48
CA LYS C 1341 13.40 37.80 -71.48
C LYS C 1341 13.83 39.17 -70.97
N LEU C 1342 13.06 40.23 -71.27
CA LEU C 1342 13.42 41.57 -70.81
C LEU C 1342 13.13 41.76 -69.31
N VAL C 1343 11.99 41.24 -68.86
CA VAL C 1343 11.63 41.28 -67.44
C VAL C 1343 12.72 40.61 -66.59
N SER C 1344 13.26 39.49 -67.10
CA SER C 1344 14.30 38.76 -66.38
C SER C 1344 15.57 39.57 -66.18
N LEU C 1345 15.88 40.48 -67.11
CA LEU C 1345 17.06 41.33 -66.94
C LEU C 1345 16.82 42.38 -65.87
N ILE C 1346 15.64 43.00 -65.91
CA ILE C 1346 15.37 44.11 -65.00
C ILE C 1346 15.37 43.65 -63.53
N VAL C 1347 14.88 42.42 -63.27
CA VAL C 1347 14.80 41.98 -61.87
C VAL C 1347 16.18 41.78 -61.25
N LYS C 1348 17.11 41.14 -61.99
CA LYS C 1348 18.46 40.93 -61.49
C LYS C 1348 19.14 42.26 -61.20
N ARG C 1349 18.98 43.21 -62.15
CA ARG C 1349 19.60 44.54 -62.01
C ARG C 1349 19.12 45.23 -60.74
N PHE C 1350 17.80 45.22 -60.47
CA PHE C 1350 17.28 45.88 -59.27
C PHE C 1350 17.72 45.19 -57.98
N SER C 1351 17.62 43.84 -57.94
CA SER C 1351 17.86 43.14 -56.69
C SER C 1351 19.30 43.26 -56.24
N THR C 1352 20.23 43.43 -57.19
CA THR C 1352 21.62 43.67 -56.79
C THR C 1352 21.77 44.94 -55.95
N SER C 1353 21.00 45.99 -56.27
CA SER C 1353 21.11 47.23 -55.51
C SER C 1353 20.29 47.18 -54.23
N LEU C 1354 19.13 46.53 -54.26
CA LEU C 1354 18.24 46.55 -53.08
C LEU C 1354 18.84 45.80 -51.90
N LEU C 1355 19.56 44.72 -52.15
CA LEU C 1355 20.07 43.86 -51.09
C LEU C 1355 21.40 44.35 -50.51
N SER C 1356 21.96 45.43 -51.05
CA SER C 1356 23.29 45.89 -50.65
C SER C 1356 23.29 46.58 -49.30
N SER C 1357 24.36 46.33 -48.53
CA SER C 1357 24.61 47.03 -47.27
C SER C 1357 25.38 48.33 -47.46
N VAL C 1358 25.97 48.56 -48.62
CA VAL C 1358 26.72 49.77 -48.90
C VAL C 1358 25.74 50.90 -49.14
N ARG C 1359 25.88 52.01 -48.39
CA ARG C 1359 24.88 53.07 -48.52
C ARG C 1359 24.87 53.69 -49.90
N GLU C 1360 26.03 53.78 -50.56
CA GLU C 1360 26.16 54.41 -51.87
C GLU C 1360 25.22 53.77 -52.90
N ASP C 1361 24.82 52.50 -52.70
CA ASP C 1361 23.91 51.79 -53.60
C ASP C 1361 22.43 52.06 -53.38
N ARG C 1362 22.05 52.84 -52.35
CA ARG C 1362 20.67 52.93 -51.85
C ARG C 1362 19.68 53.47 -52.87
N VAL C 1363 18.47 52.87 -52.89
CA VAL C 1363 17.41 53.19 -53.85
C VAL C 1363 16.35 54.06 -53.20
N ASP C 1364 15.84 55.03 -53.97
CA ASP C 1364 14.80 55.95 -53.52
C ASP C 1364 13.52 55.21 -53.15
N TYR C 1365 12.83 55.73 -52.12
CA TYR C 1365 11.66 55.06 -51.52
C TYR C 1365 10.53 54.90 -52.53
N ALA C 1366 10.20 55.96 -53.27
CA ALA C 1366 9.08 55.91 -54.19
C ALA C 1366 9.35 54.95 -55.35
N LEU C 1367 10.58 55.00 -55.89
CA LEU C 1367 10.98 54.05 -56.92
C LEU C 1367 10.92 52.62 -56.42
N ARG C 1368 11.24 52.42 -55.14
CA ARG C 1368 11.30 51.09 -54.56
C ARG C 1368 9.90 50.50 -54.42
N GLN C 1369 8.96 51.30 -53.90
CA GLN C 1369 7.57 50.87 -53.83
C GLN C 1369 7.02 50.56 -55.23
N SER C 1370 7.32 51.45 -56.19
CA SER C 1370 6.85 51.31 -57.56
C SER C 1370 7.33 50.00 -58.20
N PHE C 1371 8.59 49.63 -57.97
CA PHE C 1371 9.09 48.37 -58.52
C PHE C 1371 8.46 47.16 -57.85
N LEU C 1372 8.43 47.15 -56.51
CA LEU C 1372 8.07 45.92 -55.81
C LEU C 1372 6.62 45.53 -56.05
N GLU C 1373 5.70 46.51 -56.19
CA GLU C 1373 4.31 46.11 -56.42
C GLU C 1373 4.13 45.46 -57.81
N ARG C 1374 4.81 45.99 -58.83
CA ARG C 1374 4.73 45.42 -60.18
C ARG C 1374 5.32 44.03 -60.22
N PHE C 1375 6.43 43.82 -59.49
CA PHE C 1375 7.02 42.48 -59.41
C PHE C 1375 6.06 41.48 -58.77
N ALA C 1376 5.31 41.91 -57.75
CA ALA C 1376 4.30 41.02 -57.16
C ALA C 1376 3.24 40.62 -58.18
N TYR C 1377 2.75 41.58 -58.97
CA TYR C 1377 1.78 41.25 -60.02
C TYR C 1377 2.33 40.27 -61.05
N PHE C 1378 3.57 40.48 -61.51
CA PHE C 1378 4.17 39.54 -62.47
C PHE C 1378 4.29 38.14 -61.88
N THR C 1379 4.69 38.04 -60.61
CA THR C 1379 4.90 36.72 -60.02
C THR C 1379 3.60 35.96 -59.81
N LEU C 1380 2.55 36.63 -59.33
CA LEU C 1380 1.33 35.89 -59.04
C LEU C 1380 0.50 35.54 -60.29
N HIS C 1381 0.74 36.20 -61.43
CA HIS C 1381 0.12 35.79 -62.69
C HIS C 1381 0.86 34.66 -63.40
N ALA C 1382 1.98 34.19 -62.87
CA ALA C 1382 2.82 33.21 -63.53
C ALA C 1382 2.25 31.79 -63.38
N PRO C 1383 2.67 30.86 -64.23
CA PRO C 1383 2.36 29.45 -63.97
C PRO C 1383 3.11 28.93 -62.76
N VAL C 1384 2.52 27.91 -62.12
CA VAL C 1384 2.97 27.46 -60.80
C VAL C 1384 4.40 26.91 -60.84
N SER C 1385 4.82 26.36 -61.98
CA SER C 1385 6.16 25.82 -62.07
C SER C 1385 7.21 26.86 -62.42
N ASP C 1386 6.81 28.05 -62.85
CA ASP C 1386 7.76 29.13 -63.15
C ASP C 1386 8.10 30.00 -61.95
N ILE C 1387 7.26 30.01 -60.92
CA ILE C 1387 7.46 30.82 -59.72
C ILE C 1387 8.83 30.64 -59.05
N PRO C 1388 9.40 29.42 -58.92
CA PRO C 1388 10.76 29.33 -58.36
C PRO C 1388 11.85 30.01 -59.17
N ASP C 1389 11.63 30.27 -60.47
CA ASP C 1389 12.62 31.02 -61.24
C ASP C 1389 12.46 32.52 -61.13
N TYR C 1390 11.24 33.01 -60.86
CA TYR C 1390 11.03 34.45 -60.69
C TYR C 1390 11.70 34.96 -59.42
N ILE C 1391 11.52 34.27 -58.29
CA ILE C 1391 11.99 34.79 -57.01
C ILE C 1391 13.41 34.39 -56.65
N LYS C 1392 14.10 33.66 -57.54
CA LYS C 1392 15.46 33.17 -57.26
C LYS C 1392 16.50 34.23 -56.88
N PRO C 1393 16.56 35.43 -57.50
CA PRO C 1393 17.54 36.42 -57.01
C PRO C 1393 17.31 36.88 -55.57
N PHE C 1394 16.08 36.78 -55.05
CA PHE C 1394 15.82 37.13 -53.67
C PHE C 1394 16.00 35.96 -52.72
N LEU C 1395 15.88 34.73 -53.21
CA LEU C 1395 16.20 33.57 -52.38
C LEU C 1395 17.70 33.43 -52.20
N ASP C 1396 18.48 33.63 -53.26
CA ASP C 1396 19.93 33.44 -53.15
C ASP C 1396 20.59 34.52 -52.31
N GLY C 1397 20.12 35.76 -52.41
CA GLY C 1397 20.74 36.88 -51.75
C GLY C 1397 20.16 37.29 -50.40
N PHE C 1398 19.30 36.45 -49.82
CA PHE C 1398 18.50 36.79 -48.64
C PHE C 1398 19.33 37.21 -47.44
N ASN C 1399 18.96 38.34 -46.85
CA ASN C 1399 19.67 38.91 -45.70
C ASN C 1399 18.69 39.75 -44.88
N GLY C 1400 19.23 40.47 -43.91
CA GLY C 1400 18.46 41.22 -42.94
C GLY C 1400 18.08 42.63 -43.32
N SER C 1401 18.19 42.99 -44.60
CA SER C 1401 17.96 44.36 -45.01
C SER C 1401 16.47 44.67 -45.20
N GLU C 1402 16.14 45.96 -45.03
CA GLU C 1402 14.75 46.44 -45.02
C GLU C 1402 13.89 46.09 -46.25
N PRO C 1403 14.37 46.11 -47.50
CA PRO C 1403 13.48 45.75 -48.63
C PRO C 1403 12.94 44.32 -48.60
N ILE C 1404 13.49 43.43 -47.77
CA ILE C 1404 12.87 42.12 -47.57
C ILE C 1404 11.52 42.25 -46.87
N SER C 1405 11.38 43.21 -45.96
CA SER C 1405 10.10 43.45 -45.30
C SER C 1405 9.06 44.01 -46.27
N GLU C 1406 9.49 44.97 -47.10
CA GLU C 1406 8.59 45.62 -48.05
C GLU C 1406 8.08 44.62 -49.10
N LEU C 1407 8.93 43.66 -49.48
CA LEU C 1407 8.55 42.61 -50.42
C LEU C 1407 7.37 41.77 -49.90
N PHE C 1408 7.47 41.33 -48.64
CA PHE C 1408 6.40 40.53 -48.05
C PHE C 1408 5.10 41.32 -47.96
N LYS C 1409 5.18 42.61 -47.60
CA LYS C 1409 3.96 43.40 -47.53
C LYS C 1409 3.29 43.55 -48.89
N LYS C 1410 4.08 43.74 -49.95
CA LYS C 1410 3.48 43.87 -51.28
C LYS C 1410 2.84 42.57 -51.77
N PHE C 1411 3.45 41.41 -51.46
CA PHE C 1411 2.80 40.14 -51.82
C PHE C 1411 1.46 39.98 -51.12
N ILE C 1412 1.36 40.35 -49.83
CA ILE C 1412 0.09 40.22 -49.12
C ILE C 1412 -0.98 41.12 -49.76
N LEU C 1413 -0.60 42.34 -50.14
CA LEU C 1413 -1.56 43.27 -50.74
C LEU C 1413 -2.11 42.73 -52.07
N VAL C 1414 -1.21 42.27 -52.95
CA VAL C 1414 -1.68 41.82 -54.26
C VAL C 1414 -2.51 40.54 -54.13
N GLU C 1415 -2.18 39.67 -53.17
CA GLU C 1415 -3.02 38.47 -52.96
C GLU C 1415 -4.42 38.84 -52.48
N ASP C 1416 -4.53 39.87 -51.62
CA ASP C 1416 -5.87 40.31 -51.23
C ASP C 1416 -6.66 40.80 -52.43
N ARG C 1417 -5.98 41.41 -53.41
CA ARG C 1417 -6.72 41.80 -54.61
C ARG C 1417 -7.08 40.61 -55.52
N LEU C 1418 -6.17 39.65 -55.69
CA LEU C 1418 -6.30 38.64 -56.75
C LEU C 1418 -6.90 37.31 -56.33
N ASN C 1419 -6.72 36.91 -55.07
CA ASN C 1419 -7.24 35.65 -54.51
C ASN C 1419 -6.70 34.44 -55.29
N THR C 1420 -5.38 34.35 -55.35
CA THR C 1420 -4.67 33.25 -56.01
C THR C 1420 -4.07 32.23 -55.04
N TYR C 1421 -4.93 31.47 -54.36
CA TYR C 1421 -4.60 30.68 -53.16
C TYR C 1421 -3.31 29.84 -53.23
N ALA C 1422 -3.25 28.92 -54.20
CA ALA C 1422 -2.13 27.98 -54.26
C ALA C 1422 -0.81 28.68 -54.61
N LYS C 1423 -0.87 29.73 -55.43
CA LYS C 1423 0.36 30.42 -55.83
C LYS C 1423 0.95 31.20 -54.66
N PHE C 1424 0.09 31.86 -53.88
CA PHE C 1424 0.55 32.55 -52.67
C PHE C 1424 1.18 31.59 -51.70
N TRP C 1425 0.53 30.45 -51.46
CA TRP C 1425 1.12 29.55 -50.47
C TRP C 1425 2.39 28.87 -51.00
N LYS C 1426 2.55 28.74 -52.32
CA LYS C 1426 3.85 28.28 -52.83
C LYS C 1426 4.97 29.29 -52.54
N VAL C 1427 4.70 30.58 -52.80
CA VAL C 1427 5.72 31.60 -52.50
C VAL C 1427 6.07 31.61 -51.02
N TRP C 1428 5.06 31.51 -50.15
CA TRP C 1428 5.33 31.52 -48.72
C TRP C 1428 6.09 30.26 -48.28
N ASP C 1429 5.81 29.11 -48.89
CA ASP C 1429 6.54 27.90 -48.51
C ASP C 1429 8.00 27.94 -48.94
N LEU C 1430 8.34 28.69 -49.98
CA LEU C 1430 9.74 28.70 -50.38
C LEU C 1430 10.65 29.53 -49.47
N PHE C 1431 10.12 30.55 -48.78
CA PHE C 1431 10.93 31.42 -47.92
C PHE C 1431 11.07 30.94 -46.47
N PHE C 1432 10.38 29.87 -46.08
CA PHE C 1432 10.27 29.48 -44.66
C PHE C 1432 11.61 29.20 -44.01
N ASP C 1433 12.45 28.41 -44.68
CA ASP C 1433 13.73 28.01 -44.08
C ASP C 1433 14.67 29.20 -43.93
N LYS C 1434 14.64 30.15 -44.86
CA LYS C 1434 15.47 31.35 -44.74
C LYS C 1434 15.09 32.18 -43.52
N VAL C 1435 13.78 32.38 -43.32
CA VAL C 1435 13.29 33.16 -42.18
C VAL C 1435 13.60 32.44 -40.87
N VAL C 1436 13.46 31.11 -40.86
CA VAL C 1436 13.79 30.32 -39.68
C VAL C 1436 15.27 30.46 -39.34
N THR C 1437 16.13 30.41 -40.36
CA THR C 1437 17.56 30.59 -40.13
C THR C 1437 17.86 32.00 -39.60
N LEU C 1438 17.10 32.99 -40.05
CA LEU C 1438 17.39 34.38 -39.66
C LEU C 1438 17.09 34.64 -38.18
N CYS C 1439 16.02 34.07 -37.63
CA CYS C 1439 15.62 34.33 -36.24
C CYS C 1439 16.63 33.76 -35.24
N LYS C 1440 17.39 32.74 -35.64
CA LYS C 1440 18.38 32.14 -34.76
C LYS C 1440 19.56 33.06 -34.45
N ASP C 1441 19.73 34.14 -35.23
CA ASP C 1441 20.69 35.17 -34.86
C ASP C 1441 20.17 36.15 -33.81
N GLY C 1442 18.88 36.07 -33.47
CA GLY C 1442 18.26 37.03 -32.58
C GLY C 1442 17.64 38.18 -33.33
N ASP C 1443 16.41 38.57 -32.99
CA ASP C 1443 15.68 39.50 -33.83
C ASP C 1443 16.05 40.96 -33.62
N ARG C 1444 17.05 41.26 -32.79
CA ARG C 1444 17.46 42.64 -32.53
C ARG C 1444 18.35 43.23 -33.61
N TYR C 1445 18.95 42.39 -34.47
CA TYR C 1445 19.88 42.86 -35.49
C TYR C 1445 19.16 43.50 -36.67
N TRP C 1446 19.81 44.53 -37.27
CA TRP C 1446 19.47 45.17 -38.54
C TRP C 1446 17.98 45.46 -38.68
N TYR C 1447 17.25 44.70 -39.49
CA TYR C 1447 15.79 44.81 -39.52
C TYR C 1447 15.09 43.46 -39.34
N VAL C 1448 15.70 42.56 -38.56
CA VAL C 1448 15.22 41.17 -38.48
C VAL C 1448 13.82 41.10 -37.86
N ASP C 1449 13.57 41.86 -36.79
CA ASP C 1449 12.26 41.84 -36.15
C ASP C 1449 11.16 42.32 -37.09
N LYS C 1450 11.47 43.35 -37.88
CA LYS C 1450 10.49 43.87 -38.84
C LYS C 1450 10.20 42.84 -39.93
N ILE C 1451 11.23 42.06 -40.32
CA ILE C 1451 11.04 40.98 -41.30
C ILE C 1451 10.16 39.87 -40.73
N ILE C 1452 10.39 39.48 -39.47
CA ILE C 1452 9.55 38.47 -38.82
C ILE C 1452 8.10 38.94 -38.76
N LYS C 1453 7.89 40.19 -38.33
CA LYS C 1453 6.54 40.71 -38.19
C LYS C 1453 5.83 40.79 -39.55
N SER C 1454 6.59 41.12 -40.60
CA SER C 1454 6.00 41.16 -41.95
C SER C 1454 5.60 39.77 -42.42
N TYR C 1455 6.45 38.77 -42.19
CA TYR C 1455 6.17 37.42 -42.67
C TYR C 1455 4.96 36.81 -41.96
N LEU C 1456 4.73 37.17 -40.70
CA LEU C 1456 3.65 36.62 -39.90
C LEU C 1456 2.43 37.52 -39.84
N PHE C 1457 2.19 38.32 -40.90
CA PHE C 1457 0.98 39.09 -41.16
C PHE C 1457 0.70 40.23 -40.18
N ALA C 1458 1.68 40.65 -39.38
CA ALA C 1458 1.40 41.61 -38.32
C ALA C 1458 1.56 43.08 -38.73
N GLU C 1459 2.14 43.36 -39.89
CA GLU C 1459 2.39 44.75 -40.30
C GLU C 1459 1.34 45.36 -41.22
N SER C 1460 0.38 44.58 -41.73
CA SER C 1460 -0.56 45.08 -42.73
C SER C 1460 -1.79 45.73 -42.07
N PRO C 1461 -2.37 46.76 -42.72
CA PRO C 1461 -3.57 47.42 -42.17
C PRO C 1461 -4.91 46.74 -42.47
N TRP C 1462 -5.30 45.79 -41.65
CA TRP C 1462 -6.54 45.03 -41.84
C TRP C 1462 -7.75 45.79 -41.31
N LYS C 1463 -8.94 45.42 -41.81
CA LYS C 1463 -10.18 46.00 -41.35
C LYS C 1463 -10.52 45.52 -39.93
N GLU C 1464 -11.47 46.21 -39.30
CA GLU C 1464 -11.61 46.17 -37.85
C GLU C 1464 -12.33 44.93 -37.31
N ASN C 1465 -13.17 44.25 -38.09
CA ASN C 1465 -14.02 43.19 -37.55
C ASN C 1465 -14.09 41.98 -38.49
N SER C 1466 -12.94 41.51 -38.97
CA SER C 1466 -12.91 40.43 -39.95
C SER C 1466 -13.29 39.09 -39.33
N ASN C 1467 -14.08 38.31 -40.08
CA ASN C 1467 -14.41 36.94 -39.72
C ASN C 1467 -13.28 35.95 -40.00
N GLY C 1468 -12.27 36.37 -40.74
CA GLY C 1468 -11.27 35.50 -41.32
C GLY C 1468 -10.71 36.15 -42.57
N TRP C 1469 -9.97 35.37 -43.36
CA TRP C 1469 -9.42 35.84 -44.63
C TRP C 1469 -9.65 34.76 -45.67
N HIS C 1470 -9.94 35.19 -46.89
CA HIS C 1470 -10.28 34.27 -47.97
C HIS C 1470 -9.14 33.35 -48.37
N THR C 1471 -7.91 33.63 -47.93
CA THR C 1471 -6.75 32.80 -48.20
C THR C 1471 -6.40 31.85 -47.05
N PHE C 1472 -7.08 31.94 -45.90
CA PHE C 1472 -6.91 30.99 -44.80
C PHE C 1472 -7.97 29.90 -44.87
N LYS C 1473 -7.55 28.64 -44.76
CA LYS C 1473 -8.46 27.49 -44.71
C LYS C 1473 -7.97 26.53 -43.61
N ASP C 1474 -8.81 25.52 -43.29
CA ASP C 1474 -8.51 24.57 -42.23
C ASP C 1474 -7.14 23.93 -42.40
N SER C 1475 -6.79 23.59 -43.64
CA SER C 1475 -5.53 22.93 -43.95
C SER C 1475 -4.32 23.77 -43.55
N ASN C 1476 -4.44 25.08 -43.64
CA ASN C 1476 -3.29 25.96 -43.43
C ASN C 1476 -2.94 26.16 -41.96
N SER C 1477 -3.66 25.52 -41.04
CA SER C 1477 -3.31 25.60 -39.62
C SER C 1477 -1.95 25.00 -39.34
N GLN C 1478 -1.46 24.10 -40.21
CA GLN C 1478 -0.13 23.52 -40.06
C GLN C 1478 0.99 24.55 -40.21
N PHE C 1479 0.74 25.66 -40.91
CA PHE C 1479 1.73 26.73 -41.00
C PHE C 1479 2.04 27.30 -39.63
N PHE C 1480 1.00 27.68 -38.90
CA PHE C 1480 1.18 28.27 -37.57
C PHE C 1480 1.73 27.25 -36.58
N CYS C 1481 1.41 25.97 -36.77
CA CYS C 1481 1.97 24.91 -35.93
C CYS C 1481 3.49 24.83 -36.11
N ASP C 1482 3.95 24.80 -37.37
CA ASP C 1482 5.39 24.77 -37.64
C ASP C 1482 6.07 26.03 -37.12
N VAL C 1483 5.43 27.19 -37.32
CA VAL C 1483 6.00 28.46 -36.87
C VAL C 1483 6.21 28.45 -35.35
N SER C 1484 5.16 28.08 -34.61
CA SER C 1484 5.27 28.08 -33.16
C SER C 1484 6.22 26.99 -32.66
N ARG C 1485 6.37 25.91 -33.42
CA ARG C 1485 7.35 24.89 -33.06
C ARG C 1485 8.78 25.37 -33.29
N THR C 1486 9.00 26.25 -34.25
CA THR C 1486 10.35 26.50 -34.74
C THR C 1486 10.91 27.87 -34.40
N MET C 1487 10.05 28.90 -34.25
CA MET C 1487 10.51 30.26 -34.07
C MET C 1487 10.09 30.86 -32.74
N GLY C 1488 9.81 30.03 -31.72
CA GLY C 1488 9.11 30.50 -30.54
C GLY C 1488 9.89 31.48 -29.67
N HIS C 1489 11.23 31.42 -29.73
CA HIS C 1489 12.05 32.18 -28.81
C HIS C 1489 12.16 33.66 -29.16
N CYS C 1490 12.00 34.04 -30.42
CA CYS C 1490 12.02 35.45 -30.79
C CYS C 1490 10.74 36.10 -30.29
N PRO C 1491 10.82 37.16 -29.47
CA PRO C 1491 9.58 37.78 -28.92
C PRO C 1491 8.66 38.36 -29.99
N SER C 1492 9.20 38.68 -31.17
CA SER C 1492 8.37 39.12 -32.29
C SER C 1492 7.36 38.06 -32.68
N THR C 1493 7.71 36.78 -32.52
CA THR C 1493 6.79 35.69 -32.83
C THR C 1493 5.56 35.71 -31.92
N LEU C 1494 5.79 35.85 -30.62
CA LEU C 1494 4.70 35.90 -29.65
C LEU C 1494 3.78 37.09 -29.91
N TYR C 1495 4.39 38.27 -30.16
CA TYR C 1495 3.61 39.45 -30.51
C TYR C 1495 2.76 39.21 -31.75
N SER C 1496 3.35 38.65 -32.80
CA SER C 1496 2.66 38.51 -34.07
C SER C 1496 1.49 37.54 -33.96
N LEU C 1497 1.69 36.41 -33.27
CA LEU C 1497 0.60 35.46 -33.10
C LEU C 1497 -0.55 36.04 -32.29
N ALA C 1498 -0.23 36.73 -31.19
CA ALA C 1498 -1.29 37.29 -30.36
C ALA C 1498 -2.08 38.34 -31.10
N LYS C 1499 -1.40 39.17 -31.91
CA LYS C 1499 -2.12 40.18 -32.68
C LYS C 1499 -2.97 39.54 -33.78
N SER C 1500 -2.46 38.48 -34.41
CA SER C 1500 -3.17 37.90 -35.55
C SER C 1500 -4.42 37.15 -35.11
N LEU C 1501 -4.32 36.36 -34.03
CA LEU C 1501 -5.44 35.55 -33.58
C LEU C 1501 -6.60 36.39 -33.09
N ASN C 1502 -6.36 37.66 -32.78
CA ASN C 1502 -7.38 38.57 -32.30
C ASN C 1502 -8.22 39.15 -33.44
N ASN C 1503 -7.67 39.26 -34.65
CA ASN C 1503 -8.53 39.68 -35.76
C ASN C 1503 -8.52 38.84 -37.04
N ILE C 1504 -7.40 38.85 -37.78
CA ILE C 1504 -7.42 38.33 -39.16
C ILE C 1504 -7.35 36.82 -39.19
N ALA C 1505 -6.75 36.20 -38.17
CA ALA C 1505 -6.64 34.76 -38.07
C ALA C 1505 -7.61 34.20 -37.03
N SER C 1506 -8.73 34.89 -36.80
CA SER C 1506 -9.63 34.58 -35.68
C SER C 1506 -10.21 33.17 -35.78
N CYS C 1507 -10.28 32.62 -36.99
CA CYS C 1507 -10.91 31.32 -37.19
C CYS C 1507 -10.13 30.16 -36.59
N TYR C 1508 -8.89 30.37 -36.12
CA TYR C 1508 -8.08 29.32 -35.50
C TYR C 1508 -7.96 29.42 -33.98
N LEU C 1509 -8.84 30.18 -33.30
CA LEU C 1509 -8.65 30.57 -31.91
C LEU C 1509 -8.41 29.39 -30.96
N ASN C 1510 -9.24 28.34 -31.08
CA ASN C 1510 -9.14 27.18 -30.20
C ASN C 1510 -7.78 26.50 -30.30
N GLN C 1511 -7.17 26.51 -31.48
CA GLN C 1511 -5.83 25.95 -31.67
C GLN C 1511 -4.75 26.96 -31.27
N GLY C 1512 -5.05 28.24 -31.40
CA GLY C 1512 -4.11 29.28 -31.03
C GLY C 1512 -3.79 29.29 -29.56
N ILE C 1513 -4.78 28.98 -28.73
CA ILE C 1513 -4.52 28.87 -27.29
C ILE C 1513 -3.45 27.82 -27.00
N THR C 1514 -3.49 26.68 -27.72
CA THR C 1514 -2.45 25.66 -27.58
C THR C 1514 -1.09 26.17 -28.01
N TRP C 1515 -1.02 26.85 -29.16
CA TRP C 1515 0.26 27.35 -29.66
C TRP C 1515 0.91 28.33 -28.66
N LEU C 1516 0.12 29.28 -28.14
CA LEU C 1516 0.64 30.27 -27.20
C LEU C 1516 1.06 29.62 -25.89
N SER C 1517 0.24 28.70 -25.36
CA SER C 1517 0.56 28.02 -24.11
C SER C 1517 1.87 27.24 -24.22
N GLU C 1518 2.07 26.57 -25.36
CA GLU C 1518 3.31 25.83 -25.59
C GLU C 1518 4.52 26.74 -25.62
N ILE C 1519 4.44 27.83 -26.38
CA ILE C 1519 5.56 28.78 -26.49
C ILE C 1519 5.97 29.28 -25.12
N LEU C 1520 4.98 29.68 -24.31
CA LEU C 1520 5.30 30.21 -22.99
C LEU C 1520 5.82 29.13 -22.04
N SER C 1521 5.38 27.88 -22.22
CA SER C 1521 5.83 26.83 -21.31
C SER C 1521 7.26 26.40 -21.58
N VAL C 1522 7.71 26.44 -22.84
CA VAL C 1522 9.05 25.95 -23.15
C VAL C 1522 10.11 27.05 -22.99
N ASN C 1523 9.82 28.26 -23.48
CA ASN C 1523 10.84 29.31 -23.65
C ASN C 1523 10.85 30.23 -22.44
N LYS C 1524 11.48 29.74 -21.36
CA LYS C 1524 11.39 30.36 -20.03
C LYS C 1524 11.92 31.79 -19.98
N LYS C 1525 12.80 32.15 -20.91
CA LYS C 1525 13.44 33.46 -20.90
C LYS C 1525 12.48 34.57 -21.29
N LEU C 1526 11.38 34.20 -21.98
CA LEU C 1526 10.32 35.16 -22.30
C LEU C 1526 9.70 35.76 -21.05
N TRP C 1527 9.74 35.04 -19.93
CA TRP C 1527 9.19 35.55 -18.67
C TRP C 1527 10.03 36.67 -18.08
N GLU C 1528 11.27 36.85 -18.55
CA GLU C 1528 12.19 37.84 -18.00
C GLU C 1528 12.62 38.90 -19.01
N LYS C 1529 12.52 38.63 -20.31
CA LYS C 1529 12.93 39.55 -21.36
C LYS C 1529 11.94 40.69 -21.55
N LYS C 1530 12.32 41.63 -22.40
CA LYS C 1530 11.41 42.74 -22.65
C LYS C 1530 10.50 42.43 -23.81
N LEU C 1531 9.27 42.90 -23.74
CA LEU C 1531 8.24 42.60 -24.71
C LEU C 1531 7.93 43.80 -25.59
N GLU C 1532 7.30 43.50 -26.73
CA GLU C 1532 6.74 44.51 -27.60
C GLU C 1532 5.51 45.16 -26.96
N ASN C 1533 5.25 46.41 -27.35
CA ASN C 1533 4.07 47.11 -26.86
C ASN C 1533 2.77 46.40 -27.26
N ASP C 1534 1.78 46.49 -26.39
CA ASP C 1534 0.44 45.87 -26.48
C ASP C 1534 0.41 44.35 -26.50
N THR C 1535 1.53 43.66 -26.23
CA THR C 1535 1.50 42.20 -26.19
C THR C 1535 0.54 41.69 -25.10
N VAL C 1536 0.61 42.32 -23.93
CA VAL C 1536 -0.26 41.97 -22.81
C VAL C 1536 -1.72 42.27 -23.13
N TYR C 1537 -1.98 43.39 -23.82
CA TYR C 1537 -3.34 43.76 -24.18
C TYR C 1537 -4.00 42.70 -25.07
N TYR C 1538 -3.28 42.23 -26.08
CA TYR C 1538 -3.84 41.22 -26.98
C TYR C 1538 -4.03 39.89 -26.26
N LEU C 1539 -3.09 39.50 -25.38
CA LEU C 1539 -3.27 38.25 -24.66
C LEU C 1539 -4.49 38.30 -23.73
N GLU C 1540 -4.70 39.46 -23.08
CA GLU C 1540 -5.89 39.65 -22.25
C GLU C 1540 -7.17 39.46 -23.07
N CYS C 1541 -7.24 40.11 -24.24
CA CYS C 1541 -8.41 40.00 -25.09
C CYS C 1541 -8.67 38.55 -25.52
N LEU C 1542 -7.60 37.84 -25.92
CA LEU C 1542 -7.76 36.47 -26.41
C LEU C 1542 -8.30 35.54 -25.33
N VAL C 1543 -7.64 35.52 -24.17
CA VAL C 1543 -8.05 34.57 -23.12
C VAL C 1543 -9.45 34.90 -22.63
N ARG C 1544 -9.78 36.20 -22.55
CA ARG C 1544 -11.10 36.59 -22.09
C ARG C 1544 -12.19 36.23 -23.11
N ARG C 1545 -11.87 36.30 -24.40
CA ARG C 1545 -12.83 35.90 -25.44
C ARG C 1545 -13.06 34.39 -25.44
N TYR C 1546 -12.00 33.61 -25.22
CA TYR C 1546 -12.08 32.15 -25.27
C TYR C 1546 -12.93 31.58 -24.14
N ILE C 1547 -12.72 32.06 -22.90
CA ILE C 1547 -13.39 31.50 -21.73
C ILE C 1547 -14.90 31.68 -21.82
N ASN C 1548 -15.33 32.83 -22.35
CA ASN C 1548 -16.76 33.10 -22.52
C ASN C 1548 -17.42 32.10 -23.45
N ASN C 1549 -16.70 31.61 -24.46
CA ASN C 1549 -17.25 30.60 -25.36
C ASN C 1549 -17.22 29.18 -24.78
N GLU C 1550 -16.23 28.88 -23.94
CA GLU C 1550 -15.77 27.51 -23.72
C GLU C 1550 -15.81 27.05 -22.27
N ARG C 1551 -16.48 27.83 -21.40
CA ARG C 1551 -16.44 27.71 -19.95
C ARG C 1551 -16.70 26.31 -19.41
N GLU C 1552 -17.76 25.66 -19.90
CA GLU C 1552 -18.10 24.33 -19.43
C GLU C 1552 -17.03 23.31 -19.80
N ARG C 1553 -16.53 23.34 -21.05
CA ARG C 1553 -15.50 22.39 -21.46
C ARG C 1553 -14.22 22.59 -20.66
N ILE C 1554 -13.86 23.85 -20.38
CA ILE C 1554 -12.67 24.12 -19.57
C ILE C 1554 -12.83 23.55 -18.17
N ARG C 1555 -14.02 23.71 -17.58
CA ARG C 1555 -14.31 23.13 -16.26
C ARG C 1555 -14.17 21.61 -16.26
N ARG C 1556 -14.70 20.93 -17.28
CA ARG C 1556 -14.86 19.48 -17.28
C ARG C 1556 -13.64 18.73 -17.84
N THR C 1557 -12.57 19.42 -18.24
CA THR C 1557 -11.48 18.79 -18.98
C THR C 1557 -10.14 19.30 -18.49
N LYS C 1558 -9.33 18.39 -17.94
CA LYS C 1558 -8.10 18.74 -17.24
C LYS C 1558 -7.09 19.48 -18.13
N GLN C 1559 -6.88 18.97 -19.35
CA GLN C 1559 -5.83 19.49 -20.23
C GLN C 1559 -6.08 20.94 -20.63
N LEU C 1560 -7.33 21.26 -20.99
CA LEU C 1560 -7.69 22.61 -21.39
C LEU C 1560 -7.44 23.61 -20.26
N LYS C 1561 -7.79 23.22 -19.04
CA LYS C 1561 -7.63 24.09 -17.89
C LYS C 1561 -6.16 24.38 -17.60
N GLN C 1562 -5.30 23.34 -17.69
CA GLN C 1562 -3.87 23.60 -17.50
C GLN C 1562 -3.32 24.53 -18.57
N GLU C 1563 -3.71 24.30 -19.84
CA GLU C 1563 -3.20 25.11 -20.94
C GLU C 1563 -3.59 26.57 -20.77
N VAL C 1564 -4.81 26.84 -20.30
CA VAL C 1564 -5.23 28.24 -20.08
C VAL C 1564 -4.49 28.85 -18.89
N LEU C 1565 -4.29 28.07 -17.82
CA LEU C 1565 -3.69 28.61 -16.61
C LEU C 1565 -2.24 29.02 -16.82
N VAL C 1566 -1.55 28.41 -17.79
CA VAL C 1566 -0.19 28.90 -18.10
C VAL C 1566 -0.22 30.37 -18.52
N ILE C 1567 -1.13 30.74 -19.44
CA ILE C 1567 -1.22 32.11 -19.93
C ILE C 1567 -1.67 33.05 -18.82
N LEU C 1568 -2.64 32.62 -18.01
CA LEU C 1568 -3.12 33.48 -16.93
C LEU C 1568 -2.04 33.72 -15.87
N ASP C 1569 -1.21 32.71 -15.56
CA ASP C 1569 -0.12 32.92 -14.62
C ASP C 1569 0.92 33.87 -15.18
N PHE C 1570 1.19 33.79 -16.49
CA PHE C 1570 2.09 34.76 -17.13
C PHE C 1570 1.55 36.18 -17.01
N LEU C 1571 0.24 36.36 -17.25
CA LEU C 1571 -0.36 37.69 -17.15
C LEU C 1571 -0.33 38.23 -15.72
N VAL C 1572 -0.55 37.36 -14.74
CA VAL C 1572 -0.47 37.79 -13.34
C VAL C 1572 0.96 38.13 -12.95
N GLU C 1573 1.95 37.40 -13.49
CA GLU C 1573 3.35 37.72 -13.25
C GLU C 1573 3.71 39.12 -13.74
N LYS C 1574 3.06 39.57 -14.83
CA LYS C 1574 3.22 40.92 -15.35
C LYS C 1574 2.27 41.93 -14.71
N GLY C 1575 1.45 41.53 -13.75
CA GLY C 1575 0.63 42.48 -13.02
C GLY C 1575 -0.73 42.79 -13.61
N SER C 1576 -1.28 41.89 -14.43
CA SER C 1576 -2.55 42.14 -15.09
C SER C 1576 -3.71 41.96 -14.11
N VAL C 1577 -4.57 42.97 -14.00
CA VAL C 1577 -5.76 42.82 -13.18
C VAL C 1577 -6.75 41.86 -13.83
N VAL C 1578 -6.94 41.99 -15.15
CA VAL C 1578 -7.89 41.14 -15.86
C VAL C 1578 -7.48 39.66 -15.77
N GLY C 1579 -6.16 39.38 -15.81
CA GLY C 1579 -5.70 38.01 -15.63
C GLY C 1579 -6.05 37.44 -14.27
N TYR C 1580 -5.86 38.24 -13.22
CA TYR C 1580 -6.16 37.83 -11.86
C TYR C 1580 -7.64 37.51 -11.68
N MET C 1581 -8.51 38.43 -12.12
CA MET C 1581 -9.95 38.20 -12.03
C MET C 1581 -10.39 36.98 -12.82
N SER C 1582 -9.74 36.72 -13.97
CA SER C 1582 -10.09 35.54 -14.76
C SER C 1582 -9.73 34.25 -14.02
N ARG C 1583 -8.58 34.21 -13.33
CA ARG C 1583 -8.29 33.02 -12.52
C ARG C 1583 -9.34 32.82 -11.43
N GLU C 1584 -9.72 33.90 -10.73
CA GLU C 1584 -10.73 33.74 -9.68
C GLU C 1584 -12.09 33.28 -10.23
N ASN C 1585 -12.35 33.53 -11.51
CA ASN C 1585 -13.57 33.00 -12.14
C ASN C 1585 -13.41 31.52 -12.49
N ILE C 1586 -12.29 31.15 -13.12
CA ILE C 1586 -12.12 29.79 -13.64
C ILE C 1586 -11.97 28.76 -12.53
N LEU C 1587 -11.24 29.09 -11.47
CA LEU C 1587 -10.99 28.15 -10.37
C LEU C 1587 -12.24 27.79 -9.60
N VAL D 2 -70.28 0.76 31.38
CA VAL D 2 -71.49 0.29 30.71
C VAL D 2 -72.69 1.08 31.22
N LYS D 3 -73.69 1.23 30.35
CA LYS D 3 -74.90 2.01 30.57
C LYS D 3 -76.04 1.36 29.80
N PRO D 4 -77.27 1.39 30.32
CA PRO D 4 -78.40 0.71 29.66
C PRO D 4 -78.81 1.45 28.39
N ASN D 5 -78.84 0.73 27.27
CA ASN D 5 -79.17 1.31 25.97
C ASN D 5 -79.99 0.25 25.23
N TRP D 6 -81.28 0.54 25.03
CA TRP D 6 -82.15 -0.44 24.37
C TRP D 6 -82.07 -0.37 22.84
N ASP D 7 -81.50 0.69 22.25
CA ASP D 7 -81.20 0.65 20.82
C ASP D 7 -80.08 -0.33 20.51
N ASN D 8 -79.03 -0.35 21.34
CA ASN D 8 -77.97 -1.35 21.20
C ASN D 8 -78.56 -2.75 21.33
N PHE D 9 -79.44 -2.96 22.30
CA PHE D 9 -80.09 -4.25 22.49
C PHE D 9 -80.89 -4.67 21.26
N LYS D 10 -81.74 -3.76 20.76
CA LYS D 10 -82.59 -4.10 19.62
C LYS D 10 -81.77 -4.31 18.35
N ALA D 11 -80.64 -3.60 18.20
CA ALA D 11 -79.78 -3.86 17.05
C ALA D 11 -79.08 -5.21 17.15
N LYS D 12 -78.68 -5.60 18.36
CA LYS D 12 -77.96 -6.86 18.53
C LYS D 12 -78.87 -8.08 18.41
N PHE D 13 -80.09 -7.99 18.92
CA PHE D 13 -80.96 -9.15 19.08
C PHE D 13 -82.24 -9.04 18.26
N SER D 14 -82.12 -8.50 17.04
CA SER D 14 -83.29 -8.21 16.21
C SER D 14 -83.97 -9.49 15.70
N GLU D 15 -83.24 -10.60 15.60
CA GLU D 15 -83.89 -11.83 15.17
C GLU D 15 -84.82 -12.42 16.23
N ASN D 16 -84.61 -12.09 17.52
CA ASN D 16 -85.47 -12.60 18.60
C ASN D 16 -85.31 -11.77 19.86
N PRO D 17 -86.07 -10.67 20.02
CA PRO D 17 -85.90 -9.86 21.25
C PRO D 17 -86.47 -10.49 22.51
N GLN D 18 -87.67 -11.10 22.43
CA GLN D 18 -88.33 -11.64 23.61
C GLN D 18 -87.50 -12.76 24.24
N GLY D 19 -86.95 -13.65 23.40
CA GLY D 19 -86.20 -14.79 23.89
C GLY D 19 -84.90 -14.43 24.56
N ASN D 20 -84.23 -13.37 24.12
CA ASN D 20 -82.99 -12.95 24.75
C ASN D 20 -83.25 -12.15 26.03
N PHE D 21 -84.35 -11.36 26.07
CA PHE D 21 -84.69 -10.65 27.29
C PHE D 21 -85.03 -11.63 28.42
N GLU D 22 -85.70 -12.73 28.08
CA GLU D 22 -86.01 -13.75 29.09
C GLU D 22 -84.75 -14.33 29.73
N TRP D 23 -83.70 -14.56 28.93
CA TRP D 23 -82.45 -15.11 29.44
C TRP D 23 -81.71 -14.13 30.33
N PHE D 24 -81.72 -12.85 29.95
CA PHE D 24 -81.15 -11.79 30.79
C PHE D 24 -81.81 -11.81 32.19
N CYS D 25 -83.14 -11.97 32.22
CA CYS D 25 -83.83 -11.99 33.52
C CYS D 25 -83.57 -13.29 34.29
N TYR D 26 -83.44 -14.43 33.59
CA TYR D 26 -83.16 -15.70 34.26
C TYR D 26 -81.80 -15.67 34.98
N LEU D 27 -80.78 -15.12 34.31
CA LEU D 27 -79.47 -14.99 34.94
C LEU D 27 -79.50 -14.03 36.14
N LEU D 28 -80.21 -12.90 36.01
CA LEU D 28 -80.27 -11.98 37.15
C LEU D 28 -81.07 -12.56 38.33
N PHE D 29 -82.13 -13.33 38.04
CA PHE D 29 -82.88 -14.00 39.11
C PHE D 29 -82.03 -15.03 39.83
N CYS D 30 -81.24 -15.82 39.08
CA CYS D 30 -80.39 -16.82 39.72
C CYS D 30 -79.29 -16.17 40.55
N GLN D 31 -78.80 -14.99 40.12
CA GLN D 31 -77.85 -14.26 40.95
C GLN D 31 -78.50 -13.71 42.22
N GLU D 32 -79.73 -13.18 42.10
CA GLU D 32 -80.37 -12.52 43.24
C GLU D 32 -80.76 -13.52 44.34
N PHE D 33 -81.20 -14.72 43.95
CA PHE D 33 -81.68 -15.69 44.90
C PHE D 33 -80.75 -16.87 45.08
N LYS D 34 -79.49 -16.74 44.63
CA LYS D 34 -78.39 -17.69 44.83
C LYS D 34 -78.77 -19.12 44.43
N MET D 35 -79.12 -19.28 43.15
CA MET D 35 -79.43 -20.57 42.55
C MET D 35 -78.49 -20.82 41.37
N PRO D 36 -77.19 -21.01 41.64
CA PRO D 36 -76.20 -20.94 40.54
C PRO D 36 -76.30 -22.05 39.52
N ALA D 37 -76.91 -23.19 39.86
CA ALA D 37 -77.05 -24.30 38.92
C ALA D 37 -78.41 -24.33 38.24
N GLY D 38 -79.19 -23.26 38.32
CA GLY D 38 -80.43 -23.18 37.60
C GLY D 38 -81.62 -23.84 38.28
N ILE D 39 -82.73 -23.88 37.53
CA ILE D 39 -84.06 -24.27 37.99
C ILE D 39 -84.71 -25.15 36.93
N PHE D 40 -85.53 -26.11 37.38
CA PHE D 40 -86.30 -26.97 36.48
C PHE D 40 -87.36 -26.19 35.71
N ARG D 41 -87.61 -26.62 34.47
CA ARG D 41 -88.52 -25.93 33.55
C ARG D 41 -89.17 -26.95 32.61
N TYR D 42 -90.49 -26.90 32.49
CA TYR D 42 -91.21 -27.70 31.50
C TYR D 42 -91.22 -27.01 30.13
N LYS D 43 -91.44 -27.81 29.09
CA LYS D 43 -91.66 -27.27 27.76
C LYS D 43 -93.04 -26.63 27.68
N ASN D 44 -93.10 -25.39 27.13
CA ASN D 44 -94.33 -24.58 27.06
C ASN D 44 -94.96 -24.35 28.43
N GLN D 45 -94.14 -24.01 29.42
CA GLN D 45 -94.60 -23.86 30.80
C GLN D 45 -95.55 -22.66 30.95
N SER D 46 -96.60 -22.85 31.75
CA SER D 46 -97.69 -21.90 31.86
C SER D 46 -97.54 -20.98 33.07
N GLY D 47 -98.05 -19.76 32.93
CA GLY D 47 -98.15 -18.80 34.01
C GLY D 47 -96.88 -18.05 34.34
N ILE D 48 -95.85 -18.78 34.74
CA ILE D 48 -94.56 -18.21 35.12
C ILE D 48 -93.47 -19.00 34.42
N GLU D 49 -92.25 -18.45 34.43
CA GLU D 49 -91.24 -18.87 33.46
C GLU D 49 -90.57 -20.19 33.82
N THR D 50 -90.47 -20.51 35.12
CA THR D 50 -89.91 -21.77 35.59
C THR D 50 -90.73 -22.25 36.79
N ASN D 51 -90.38 -23.43 37.32
CA ASN D 51 -90.93 -23.89 38.59
C ASN D 51 -90.52 -22.94 39.72
N PRO D 52 -91.33 -22.86 40.79
CA PRO D 52 -91.02 -21.91 41.87
C PRO D 52 -89.88 -22.36 42.79
N ILE D 53 -89.29 -21.38 43.48
CA ILE D 53 -88.35 -21.62 44.56
C ILE D 53 -89.04 -21.39 45.90
N THR D 54 -88.43 -21.88 46.98
CA THR D 54 -88.96 -21.69 48.32
C THR D 54 -87.89 -21.07 49.21
N LYS D 55 -88.30 -20.12 50.06
CA LYS D 55 -87.37 -19.38 50.90
C LYS D 55 -88.11 -18.77 52.09
N ASP D 56 -87.67 -19.13 53.30
CA ASP D 56 -88.25 -18.67 54.59
C ASP D 56 -89.77 -18.79 54.61
N ASN D 57 -90.27 -19.95 54.15
CA ASN D 57 -91.69 -20.29 54.02
C ASN D 57 -92.47 -19.34 53.11
N GLU D 58 -91.79 -18.73 52.14
CA GLU D 58 -92.39 -17.95 51.08
C GLU D 58 -92.03 -18.59 49.75
N ILE D 59 -93.02 -18.78 48.87
CA ILE D 59 -92.83 -19.46 47.58
C ILE D 59 -92.91 -18.43 46.45
N ILE D 60 -91.88 -18.40 45.60
CA ILE D 60 -91.62 -17.28 44.69
C ILE D 60 -91.46 -17.78 43.25
N GLY D 61 -92.08 -17.05 42.30
CA GLY D 61 -91.84 -17.23 40.89
C GLY D 61 -91.54 -15.92 40.19
N TRP D 62 -91.40 -15.99 38.86
CA TRP D 62 -91.04 -14.83 38.06
C TRP D 62 -91.60 -14.90 36.64
N GLN D 63 -91.68 -13.72 36.01
CA GLN D 63 -92.23 -13.50 34.68
C GLN D 63 -91.58 -12.27 34.06
N SER D 64 -91.36 -12.29 32.72
CA SER D 64 -90.75 -11.19 32.00
C SER D 64 -91.50 -10.87 30.71
N LYS D 65 -91.61 -9.58 30.38
CA LYS D 65 -92.20 -9.12 29.12
C LYS D 65 -91.46 -7.93 28.54
N PHE D 66 -91.16 -8.00 27.24
CA PHE D 66 -90.50 -6.96 26.46
C PHE D 66 -91.55 -6.33 25.55
N TYR D 67 -91.79 -5.02 25.68
CA TYR D 67 -92.87 -4.33 24.98
C TYR D 67 -92.38 -3.06 24.31
N ASP D 68 -93.07 -2.69 23.22
CA ASP D 68 -92.95 -1.36 22.61
C ASP D 68 -93.94 -0.34 23.17
N THR D 69 -95.01 -0.80 23.82
CA THR D 69 -96.05 0.08 24.36
C THR D 69 -95.83 0.37 25.84
N LYS D 70 -96.42 1.48 26.30
CA LYS D 70 -96.56 1.72 27.74
C LYS D 70 -97.44 0.62 28.35
N LEU D 71 -97.15 0.31 29.62
CA LEU D 71 -97.75 -0.84 30.29
C LEU D 71 -99.27 -0.75 30.37
N SER D 72 -99.81 0.48 30.34
CA SER D 72 -101.26 0.68 30.43
C SER D 72 -101.99 0.03 29.27
N ASP D 73 -101.35 -0.09 28.12
CA ASP D 73 -101.95 -0.74 26.96
C ASP D 73 -102.03 -2.25 27.08
N ASN D 74 -101.39 -2.85 28.08
CA ASN D 74 -101.15 -4.29 28.11
C ASN D 74 -101.82 -5.01 29.26
N LYS D 75 -102.83 -4.38 29.90
CA LYS D 75 -103.38 -4.85 31.17
C LYS D 75 -103.89 -6.29 31.11
N ALA D 76 -104.44 -6.70 29.96
CA ALA D 76 -105.05 -8.02 29.84
C ALA D 76 -104.03 -9.15 29.98
N ASP D 77 -102.79 -8.92 29.52
CA ASP D 77 -101.73 -9.90 29.71
C ASP D 77 -101.48 -10.14 31.19
N LEU D 78 -101.51 -9.08 31.99
CA LEU D 78 -101.14 -9.18 33.40
C LEU D 78 -102.23 -9.90 34.19
N ILE D 79 -103.49 -9.58 33.89
CA ILE D 79 -104.63 -10.26 34.49
C ILE D 79 -104.59 -11.75 34.14
N GLU D 80 -104.29 -12.07 32.88
CA GLU D 80 -104.17 -13.44 32.42
C GLU D 80 -103.03 -14.17 33.13
N MET D 81 -101.89 -13.49 33.30
CA MET D 81 -100.75 -14.04 34.01
C MET D 81 -101.12 -14.47 35.42
N ILE D 82 -101.74 -13.55 36.16
CA ILE D 82 -102.10 -13.80 37.54
C ILE D 82 -103.05 -14.98 37.65
N GLU D 83 -104.09 -15.00 36.80
CA GLU D 83 -105.06 -16.08 36.92
C GLU D 83 -104.49 -17.43 36.47
N LYS D 84 -103.70 -17.45 35.40
CA LYS D 84 -103.19 -18.71 34.89
C LYS D 84 -102.11 -19.32 35.80
N SER D 85 -101.47 -18.51 36.65
CA SER D 85 -100.45 -19.06 37.53
C SER D 85 -101.05 -19.92 38.64
N LYS D 86 -102.06 -19.40 39.35
CA LYS D 86 -102.59 -20.12 40.52
C LYS D 86 -103.33 -21.39 40.13
N LYS D 87 -103.83 -21.45 38.90
CA LYS D 87 -104.41 -22.66 38.37
C LYS D 87 -103.40 -23.81 38.39
N ALA D 88 -102.12 -23.51 38.18
CA ALA D 88 -101.12 -24.56 38.02
C ALA D 88 -100.30 -24.83 39.26
N TYR D 89 -100.03 -23.81 40.07
CA TYR D 89 -99.12 -23.92 41.21
C TYR D 89 -99.82 -23.36 42.45
N PRO D 90 -100.65 -24.18 43.11
CA PRO D 90 -101.63 -23.64 44.08
C PRO D 90 -101.06 -22.90 45.29
N GLY D 91 -99.85 -23.25 45.75
CA GLY D 91 -99.33 -22.61 46.96
C GLY D 91 -98.59 -21.32 46.75
N LEU D 92 -98.53 -20.82 45.52
CA LEU D 92 -97.67 -19.70 45.15
C LEU D 92 -97.99 -18.43 45.92
N SER D 93 -96.94 -17.72 46.34
CA SER D 93 -97.05 -16.58 47.24
C SER D 93 -96.64 -15.25 46.62
N LYS D 94 -95.62 -15.23 45.75
CA LYS D 94 -95.05 -13.99 45.19
C LYS D 94 -94.67 -14.22 43.74
N ILE D 95 -94.89 -13.22 42.89
CA ILE D 95 -94.37 -13.19 41.53
C ILE D 95 -93.56 -11.90 41.33
N ILE D 96 -92.37 -12.03 40.74
CA ILE D 96 -91.54 -10.88 40.38
C ILE D 96 -91.62 -10.67 38.87
N PHE D 97 -91.90 -9.43 38.45
CA PHE D 97 -92.20 -9.10 37.07
C PHE D 97 -91.14 -8.14 36.52
N TYR D 98 -90.52 -8.50 35.39
CA TYR D 98 -89.46 -7.74 34.73
C TYR D 98 -89.96 -7.16 33.41
N THR D 99 -89.63 -5.89 33.15
CA THR D 99 -89.96 -5.27 31.87
C THR D 99 -89.04 -4.10 31.56
N ASN D 100 -88.95 -3.78 30.27
CA ASN D 100 -88.19 -2.65 29.75
C ASN D 100 -88.96 -1.33 29.79
N GLN D 101 -90.21 -1.36 30.25
CA GLN D 101 -91.10 -0.20 30.25
C GLN D 101 -91.16 0.49 31.61
N GLU D 102 -91.93 1.58 31.66
CA GLU D 102 -92.18 2.40 32.84
C GLU D 102 -93.66 2.74 32.90
N TRP D 103 -94.20 2.84 34.12
CA TRP D 103 -95.60 3.24 34.31
C TRP D 103 -95.79 4.71 33.95
N ASP D 130 -99.74 7.28 42.45
CA ASP D 130 -99.40 6.31 41.40
C ASP D 130 -100.57 6.10 40.42
N PRO D 131 -100.28 5.61 39.20
CA PRO D 131 -101.34 5.48 38.20
C PRO D 131 -102.36 4.40 38.52
N LYS D 132 -103.43 4.43 37.71
CA LYS D 132 -104.68 3.70 37.97
C LYS D 132 -104.57 2.20 37.63
N ILE D 133 -103.99 1.89 36.46
CA ILE D 133 -103.97 0.50 35.97
C ILE D 133 -103.18 -0.40 36.92
N LYS D 134 -102.13 0.16 37.54
CA LYS D 134 -101.37 -0.57 38.54
C LYS D 134 -102.27 -0.96 39.71
N ILE D 135 -103.15 -0.05 40.15
CA ILE D 135 -104.08 -0.37 41.23
C ILE D 135 -105.03 -1.50 40.82
N GLU D 136 -105.52 -1.48 39.57
CA GLU D 136 -106.43 -2.53 39.11
C GLU D 136 -105.75 -3.91 39.11
N VAL D 137 -104.55 -3.99 38.53
CA VAL D 137 -103.86 -5.28 38.47
C VAL D 137 -103.41 -5.75 39.86
N ASP D 138 -103.03 -4.80 40.74
CA ASP D 138 -102.73 -5.15 42.12
C ASP D 138 -103.93 -5.74 42.83
N GLN D 139 -105.13 -5.22 42.55
CA GLN D 139 -106.33 -5.78 43.17
C GLN D 139 -106.60 -7.21 42.71
N LYS D 140 -106.39 -7.48 41.42
CA LYS D 140 -106.54 -8.87 40.95
C LYS D 140 -105.56 -9.80 41.68
N ALA D 141 -104.31 -9.37 41.82
CA ALA D 141 -103.34 -10.16 42.57
C ALA D 141 -103.73 -10.32 44.04
N TYR D 142 -104.19 -9.22 44.66
CA TYR D 142 -104.52 -9.22 46.08
C TYR D 142 -105.66 -10.18 46.39
N GLU D 143 -106.72 -10.16 45.58
CA GLU D 143 -107.81 -11.11 45.79
C GLU D 143 -107.30 -12.51 45.55
N SER D 144 -106.35 -12.69 44.62
CA SER D 144 -105.75 -14.00 44.52
C SER D 144 -104.81 -14.32 45.69
N GLY D 145 -104.43 -13.35 46.51
CA GLY D 145 -103.51 -13.65 47.58
C GLY D 145 -102.06 -13.65 47.17
N ILE D 146 -101.75 -13.18 45.97
CA ILE D 146 -100.42 -13.21 45.39
C ILE D 146 -99.83 -11.79 45.41
N GLU D 147 -98.60 -11.67 45.91
CA GLU D 147 -97.85 -10.41 45.82
C GLU D 147 -97.09 -10.29 44.49
N ILE D 148 -97.09 -9.06 43.95
CA ILE D 148 -96.38 -8.72 42.72
C ILE D 148 -95.32 -7.68 43.02
N VAL D 149 -94.09 -7.94 42.57
CA VAL D 149 -92.98 -7.01 42.66
C VAL D 149 -92.62 -6.56 41.25
N TRP D 150 -92.46 -5.25 41.06
CA TRP D 150 -92.32 -4.69 39.72
C TRP D 150 -90.87 -4.27 39.47
N ARG D 151 -90.24 -4.83 38.43
CA ARG D 151 -88.91 -4.42 38.01
C ARG D 151 -89.00 -3.77 36.63
N VAL D 152 -89.34 -2.49 36.66
CA VAL D 152 -89.41 -1.57 35.53
C VAL D 152 -88.03 -1.09 35.10
N ALA D 153 -87.99 -0.25 34.05
CA ALA D 153 -86.73 0.16 33.41
C ALA D 153 -85.72 0.73 34.39
N SER D 154 -86.18 1.39 35.45
CA SER D 154 -85.28 1.97 36.44
C SER D 154 -84.50 0.90 37.21
N PHE D 155 -84.95 -0.35 37.19
CA PHE D 155 -84.18 -1.44 37.79
C PHE D 155 -82.85 -1.64 37.08
N PHE D 156 -82.84 -1.53 35.76
CA PHE D 156 -81.61 -1.74 35.03
C PHE D 156 -80.63 -0.58 35.16
N GLU D 157 -81.05 0.55 35.73
CA GLU D 157 -80.16 1.63 36.12
C GLU D 157 -79.43 1.36 37.45
N SER D 158 -79.83 0.30 38.18
CA SER D 158 -79.30 0.03 39.52
C SER D 158 -77.85 -0.45 39.46
N PRO D 159 -77.06 -0.13 40.49
CA PRO D 159 -75.71 -0.72 40.60
C PRO D 159 -75.69 -2.24 40.79
N PHE D 160 -76.80 -2.86 41.20
CA PHE D 160 -76.84 -4.33 41.22
C PHE D 160 -76.68 -4.90 39.82
N VAL D 161 -77.27 -4.24 38.83
CA VAL D 161 -77.08 -4.65 37.45
C VAL D 161 -75.75 -4.11 36.92
N ILE D 162 -75.53 -2.80 37.05
CA ILE D 162 -74.44 -2.14 36.33
C ILE D 162 -73.08 -2.43 36.96
N VAL D 163 -72.98 -2.40 38.29
CA VAL D 163 -71.69 -2.42 38.97
C VAL D 163 -71.35 -3.81 39.48
N GLU D 164 -72.31 -4.50 40.10
CA GLU D 164 -72.01 -5.83 40.64
C GLU D 164 -71.96 -6.89 39.56
N ASN D 165 -73.04 -7.01 38.77
CA ASN D 165 -73.16 -8.01 37.71
C ASN D 165 -72.69 -7.50 36.36
N GLU D 166 -71.63 -6.68 36.36
CA GLU D 166 -71.15 -5.98 35.17
C GLU D 166 -70.85 -6.91 34.00
N LYS D 167 -70.32 -8.10 34.29
CA LYS D 167 -69.97 -9.04 33.21
C LYS D 167 -71.20 -9.51 32.45
N ILE D 168 -72.32 -9.69 33.16
CA ILE D 168 -73.56 -10.07 32.49
C ILE D 168 -74.14 -8.89 31.72
N ALA D 169 -74.11 -7.70 32.33
CA ALA D 169 -74.70 -6.53 31.69
C ALA D 169 -73.97 -6.15 30.41
N LYS D 170 -72.67 -6.42 30.37
CA LYS D 170 -71.84 -6.04 29.24
C LYS D 170 -72.23 -6.81 27.98
N HIS D 171 -72.72 -8.05 28.14
CA HIS D 171 -73.23 -8.84 27.02
C HIS D 171 -74.44 -8.23 26.33
N PHE D 172 -75.33 -7.63 27.09
CA PHE D 172 -76.58 -7.23 26.48
C PHE D 172 -76.57 -5.78 26.01
N PHE D 173 -75.79 -4.90 26.65
CA PHE D 173 -75.82 -3.48 26.30
C PHE D 173 -74.64 -2.98 25.46
N SER D 174 -73.62 -3.79 25.17
CA SER D 174 -72.46 -3.32 24.43
C SER D 174 -72.46 -3.82 22.98
N LEU D 175 -72.17 -2.92 22.05
CA LEU D 175 -72.08 -3.32 20.64
C LEU D 175 -70.79 -4.08 20.33
N ASN D 176 -69.73 -3.87 21.10
CA ASN D 176 -68.39 -4.37 20.78
C ASN D 176 -67.70 -4.95 22.02
N GLU D 177 -68.32 -5.98 22.62
CA GLU D 177 -67.91 -6.51 23.93
C GLU D 177 -66.43 -6.89 24.01
N SER D 178 -65.82 -7.23 22.87
CA SER D 178 -64.41 -7.61 22.85
C SER D 178 -63.45 -6.48 23.19
N ILE D 179 -63.91 -5.22 23.16
CA ILE D 179 -63.05 -4.09 23.49
C ILE D 179 -62.57 -4.17 24.95
N PHE D 180 -63.36 -4.81 25.82
CA PHE D 180 -62.98 -4.91 27.21
C PHE D 180 -61.92 -5.98 27.45
N ASP D 181 -61.63 -6.83 26.46
CA ASP D 181 -60.45 -7.70 26.55
C ASP D 181 -59.17 -6.95 26.22
N LEU D 182 -59.24 -6.01 25.27
CA LEU D 182 -58.08 -5.22 24.88
C LEU D 182 -57.58 -4.35 26.04
N LEU D 183 -58.52 -3.81 26.82
CA LEU D 183 -58.19 -3.03 28.00
C LEU D 183 -57.66 -3.89 29.15
N GLU D 184 -57.69 -5.21 29.02
CA GLU D 184 -57.00 -6.11 29.95
C GLU D 184 -55.61 -6.49 29.44
N GLU D 185 -55.50 -6.66 28.12
CA GLU D 185 -54.23 -7.03 27.50
C GLU D 185 -53.19 -5.94 27.68
N LYS D 186 -53.57 -4.68 27.44
CA LYS D 186 -52.58 -3.61 27.60
C LYS D 186 -52.15 -3.45 29.07
N ARG D 187 -53.06 -3.72 30.00
CA ARG D 187 -52.77 -3.57 31.42
C ARG D 187 -51.75 -4.62 31.88
N LYS D 188 -51.92 -5.86 31.42
CA LYS D 188 -50.97 -6.91 31.80
C LYS D 188 -49.62 -6.72 31.08
N HIS D 189 -49.65 -6.20 29.85
CA HIS D 189 -48.41 -5.79 29.17
C HIS D 189 -47.62 -4.78 29.99
N THR D 190 -48.31 -3.79 30.55
CA THR D 190 -47.64 -2.78 31.36
C THR D 190 -47.03 -3.41 32.60
N GLU D 191 -47.73 -4.36 33.22
CA GLU D 191 -47.11 -5.04 34.37
C GLU D 191 -45.90 -5.89 33.97
N ASN D 192 -45.90 -6.48 32.78
CA ASN D 192 -44.74 -7.27 32.34
C ASN D 192 -43.53 -6.38 32.06
N VAL D 193 -43.75 -5.18 31.52
CA VAL D 193 -42.62 -4.33 31.15
C VAL D 193 -41.87 -3.83 32.39
N LEU D 194 -42.59 -3.46 33.43
CA LEU D 194 -41.96 -2.85 34.60
C LEU D 194 -41.38 -3.87 35.58
N TYR D 195 -41.60 -5.16 35.36
CA TYR D 195 -41.04 -6.19 36.24
C TYR D 195 -39.52 -6.24 36.16
N GLU D 196 -38.96 -5.86 35.01
CA GLU D 196 -37.52 -5.93 34.79
C GLU D 196 -36.77 -4.86 35.57
N ILE D 197 -37.43 -3.74 35.87
CA ILE D 197 -36.78 -2.52 36.35
C ILE D 197 -36.48 -2.63 37.84
N GLN D 198 -35.25 -2.25 38.23
CA GLN D 198 -34.78 -2.31 39.61
C GLN D 198 -34.71 -0.91 40.22
N THR D 199 -35.28 -0.74 41.41
CA THR D 199 -35.33 0.57 42.07
C THR D 199 -34.29 0.74 43.17
N ASN D 200 -33.49 -0.27 43.46
CA ASN D 200 -32.55 -0.23 44.58
C ASN D 200 -31.48 -1.28 44.42
N ILE D 201 -30.41 -1.15 45.21
CA ILE D 201 -29.23 -2.02 45.16
C ILE D 201 -29.20 -2.85 46.44
N GLU D 202 -28.84 -4.13 46.32
CA GLU D 202 -28.77 -5.04 47.46
C GLU D 202 -27.31 -5.42 47.77
N PHE D 203 -26.91 -5.16 49.02
CA PHE D 203 -25.55 -5.33 49.51
C PHE D 203 -25.61 -5.90 50.92
N LYS D 204 -24.71 -6.86 51.20
CA LYS D 204 -24.80 -7.74 52.37
C LYS D 204 -26.20 -8.34 52.42
N ASP D 205 -26.94 -8.11 53.48
CA ASP D 205 -28.34 -8.50 53.50
C ASP D 205 -29.28 -7.30 53.52
N ARG D 206 -28.80 -6.13 53.10
CA ARG D 206 -29.51 -4.85 53.15
C ARG D 206 -29.82 -4.31 51.76
N SER D 207 -30.66 -3.26 51.73
CA SER D 207 -31.04 -2.56 50.52
C SER D 207 -30.58 -1.11 50.58
N ILE D 208 -29.87 -0.67 49.55
CA ILE D 208 -29.35 0.69 49.43
C ILE D 208 -30.17 1.42 48.38
N GLU D 209 -30.63 2.64 48.71
CA GLU D 209 -31.54 3.36 47.82
C GLU D 209 -31.31 4.86 47.87
N ILE D 210 -31.13 5.46 46.69
CA ILE D 210 -30.98 6.91 46.55
C ILE D 210 -32.35 7.58 46.58
N ASP D 211 -32.45 8.70 47.29
CA ASP D 211 -33.70 9.43 47.49
C ASP D 211 -34.01 10.31 46.28
N ARG D 212 -35.25 10.22 45.79
CA ARG D 212 -35.68 10.94 44.60
C ARG D 212 -37.01 11.67 44.80
N ARG D 213 -37.41 11.97 46.04
CA ARG D 213 -38.68 12.63 46.33
C ARG D 213 -38.79 14.03 45.74
N HIS D 214 -37.67 14.68 45.42
CA HIS D 214 -37.71 15.96 44.71
C HIS D 214 -38.28 15.81 43.30
N CYS D 215 -37.67 14.92 42.51
CA CYS D 215 -37.99 14.82 41.08
C CYS D 215 -39.40 14.28 40.87
N ILE D 216 -39.87 13.40 41.77
CA ILE D 216 -41.21 12.83 41.65
C ILE D 216 -42.28 13.93 41.77
N GLU D 217 -42.13 14.80 42.77
CA GLU D 217 -43.14 15.84 42.95
C GLU D 217 -43.01 16.95 41.92
N LEU D 218 -41.80 17.21 41.41
CA LEU D 218 -41.71 18.10 40.24
C LEU D 218 -42.42 17.51 39.02
N LEU D 219 -42.36 16.19 38.84
CA LEU D 219 -43.06 15.59 37.71
C LEU D 219 -44.57 15.72 37.86
N HIS D 220 -45.09 15.52 39.07
CA HIS D 220 -46.54 15.73 39.28
C HIS D 220 -46.93 17.19 39.00
N GLU D 221 -46.12 18.15 39.46
CA GLU D 221 -46.38 19.56 39.23
C GLU D 221 -46.45 19.87 37.74
N ASN D 222 -45.46 19.40 36.97
CA ASN D 222 -45.40 19.70 35.55
C ASN D 222 -46.54 19.01 34.81
N LEU D 223 -46.94 17.83 35.28
CA LEU D 223 -47.99 17.09 34.59
C LEU D 223 -49.37 17.70 34.81
N VAL D 224 -49.56 18.46 35.89
CA VAL D 224 -50.81 19.21 35.91
C VAL D 224 -50.67 20.62 35.31
N GLN D 225 -49.46 21.19 35.31
CA GLN D 225 -49.28 22.56 34.84
C GLN D 225 -49.11 22.62 33.32
N LYS D 226 -48.69 21.51 32.70
CA LYS D 226 -48.55 21.43 31.24
C LYS D 226 -48.97 20.04 30.79
N LYS D 227 -49.30 19.92 29.50
CA LYS D 227 -49.95 18.70 29.02
C LYS D 227 -48.97 17.55 28.85
N ILE D 228 -47.73 17.84 28.45
CA ILE D 228 -46.78 16.83 28.03
C ILE D 228 -45.40 17.15 28.59
N VAL D 229 -44.70 16.12 29.06
CA VAL D 229 -43.47 16.25 29.83
C VAL D 229 -42.37 15.35 29.23
N ILE D 230 -41.13 15.84 29.23
CA ILE D 230 -39.95 15.07 28.85
C ILE D 230 -39.01 14.94 30.05
N VAL D 231 -38.58 13.71 30.34
CA VAL D 231 -37.58 13.39 31.37
C VAL D 231 -36.29 12.96 30.68
N SER D 232 -35.15 13.49 31.14
CA SER D 232 -33.91 13.37 30.36
C SER D 232 -32.69 13.14 31.25
N GLY D 233 -31.64 12.62 30.62
CA GLY D 233 -30.39 12.28 31.27
C GLY D 233 -29.60 11.31 30.43
N GLU D 234 -28.38 11.03 30.88
CA GLU D 234 -27.57 10.03 30.21
C GLU D 234 -27.94 8.64 30.71
N GLY D 235 -27.19 7.63 30.26
CA GLY D 235 -27.57 6.26 30.50
C GLY D 235 -27.29 5.81 31.93
N GLY D 236 -28.13 4.89 32.42
CA GLY D 236 -27.92 4.29 33.72
C GLY D 236 -28.25 5.17 34.90
N VAL D 237 -28.92 6.29 34.65
CA VAL D 237 -29.05 7.34 35.65
C VAL D 237 -30.25 7.10 36.58
N GLY D 238 -31.29 6.42 36.09
CA GLY D 238 -32.44 6.10 36.90
C GLY D 238 -33.76 6.65 36.40
N LYS D 239 -33.87 6.95 35.10
CA LYS D 239 -35.08 7.59 34.58
C LYS D 239 -36.29 6.67 34.62
N THR D 240 -36.10 5.39 34.28
CA THR D 240 -37.24 4.47 34.28
C THR D 240 -37.70 4.12 35.70
N ALA D 241 -36.79 4.15 36.66
CA ALA D 241 -37.14 3.80 38.04
C ALA D 241 -38.08 4.84 38.65
N VAL D 242 -37.87 6.12 38.31
CA VAL D 242 -38.77 7.18 38.76
C VAL D 242 -40.19 6.92 38.27
N ILE D 243 -40.33 6.55 36.99
CA ILE D 243 -41.64 6.27 36.42
C ILE D 243 -42.28 5.05 37.08
N LYS D 244 -41.47 4.04 37.41
CA LYS D 244 -42.02 2.89 38.13
C LYS D 244 -42.53 3.30 39.52
N LYS D 245 -41.87 4.28 40.16
CA LYS D 245 -42.38 4.75 41.46
C LYS D 245 -43.73 5.47 41.31
N ILE D 246 -43.84 6.34 40.30
CA ILE D 246 -45.10 7.05 40.09
C ILE D 246 -46.23 6.07 39.76
N TYR D 247 -45.91 5.03 38.97
CA TYR D 247 -46.86 3.98 38.64
C TYR D 247 -47.36 3.25 39.87
N GLU D 248 -46.44 2.85 40.76
CA GLU D 248 -46.90 2.04 41.88
C GLU D 248 -47.76 2.88 42.83
N ALA D 249 -47.64 4.21 42.77
CA ALA D 249 -48.61 5.02 43.51
C ALA D 249 -49.98 5.07 42.82
N GLU D 250 -50.05 5.42 41.52
CA GLU D 250 -51.35 5.79 40.92
C GLU D 250 -52.16 4.62 40.35
N LYS D 251 -51.65 3.39 40.47
CA LYS D 251 -52.11 2.21 39.74
C LYS D 251 -53.60 1.93 39.90
N GLN D 252 -54.11 2.05 41.14
CA GLN D 252 -55.48 1.62 41.43
C GLN D 252 -56.53 2.52 40.79
N TYR D 253 -56.18 3.78 40.52
CA TYR D 253 -57.17 4.79 40.26
C TYR D 253 -57.18 5.29 38.82
N THR D 254 -56.18 4.91 38.02
CA THR D 254 -55.85 5.60 36.80
C THR D 254 -55.52 4.67 35.63
N PRO D 255 -56.03 4.96 34.43
CA PRO D 255 -55.45 4.33 33.24
C PRO D 255 -54.01 4.81 33.01
N PHE D 256 -53.08 3.87 33.10
CA PHE D 256 -51.64 4.14 33.05
C PHE D 256 -51.02 3.03 32.19
N TYR D 257 -50.53 3.39 31.00
CA TYR D 257 -50.05 2.44 30.01
C TYR D 257 -48.64 2.81 29.57
N VAL D 258 -47.77 1.81 29.42
CA VAL D 258 -46.38 1.99 29.05
C VAL D 258 -46.11 1.32 27.71
N PHE D 259 -45.54 2.09 26.78
CA PHE D 259 -45.19 1.62 25.44
C PHE D 259 -43.70 1.82 25.21
N LYS D 260 -43.03 0.76 24.78
CA LYS D 260 -41.63 0.85 24.39
C LYS D 260 -41.50 1.34 22.96
N ALA D 261 -40.45 2.12 22.68
CA ALA D 261 -40.33 2.80 21.41
C ALA D 261 -40.17 1.84 20.23
N SER D 262 -39.80 0.60 20.51
CA SER D 262 -39.72 -0.43 19.48
C SER D 262 -41.09 -0.84 18.96
N GLU D 263 -42.16 -0.52 19.70
CA GLU D 263 -43.49 -0.99 19.33
C GLU D 263 -44.08 -0.26 18.13
N PHE D 264 -43.54 0.88 17.73
CA PHE D 264 -44.13 1.70 16.68
C PHE D 264 -43.60 1.42 15.28
N LYS D 265 -42.75 0.41 15.09
CA LYS D 265 -42.22 0.04 13.76
C LYS D 265 -43.25 -0.81 13.00
N LYS D 266 -44.30 -0.14 12.51
CA LYS D 266 -45.38 -0.81 11.79
C LYS D 266 -45.84 0.04 10.62
N ASP D 267 -46.64 -0.57 9.74
CA ASP D 267 -47.20 0.17 8.60
C ASP D 267 -48.29 1.16 9.04
N SER D 268 -49.11 0.77 10.01
CA SER D 268 -50.27 1.55 10.38
C SER D 268 -50.44 1.50 11.89
N ILE D 269 -50.88 2.61 12.47
CA ILE D 269 -51.04 2.68 13.93
C ILE D 269 -52.17 1.78 14.41
N ASN D 270 -53.13 1.44 13.54
CA ASN D 270 -54.19 0.52 13.93
C ASN D 270 -53.74 -0.94 14.01
N GLU D 271 -52.55 -1.28 13.53
CA GLU D 271 -52.03 -2.63 13.75
C GLU D 271 -51.45 -2.83 15.15
N LEU D 272 -51.46 -1.80 15.99
CA LEU D 272 -51.08 -1.94 17.39
C LEU D 272 -52.28 -2.30 18.28
N PHE D 273 -53.48 -2.40 17.71
CA PHE D 273 -54.68 -2.63 18.51
C PHE D 273 -55.56 -3.76 17.97
N GLY D 274 -55.01 -4.63 17.14
CA GLY D 274 -55.71 -5.86 16.80
C GLY D 274 -56.82 -5.67 15.77
N ALA D 275 -58.00 -6.21 16.07
CA ALA D 275 -59.16 -6.00 15.20
C ALA D 275 -59.77 -4.63 15.40
N HIS D 276 -59.71 -4.11 16.62
CA HIS D 276 -60.11 -2.75 16.90
C HIS D 276 -59.06 -1.76 16.41
N GLY D 277 -59.34 -0.48 16.62
CA GLY D 277 -58.48 0.59 16.19
C GLY D 277 -58.09 1.51 17.34
N LEU D 278 -57.19 2.45 17.02
CA LEU D 278 -56.79 3.46 18.00
C LEU D 278 -57.96 4.37 18.37
N ASP D 279 -58.83 4.65 17.40
CA ASP D 279 -60.03 5.43 17.69
C ASP D 279 -60.89 4.73 18.73
N ASP D 280 -61.09 3.43 18.58
CA ASP D 280 -61.91 2.66 19.51
C ASP D 280 -61.27 2.59 20.90
N PHE D 281 -59.96 2.34 20.95
CA PHE D 281 -59.24 2.27 22.22
C PHE D 281 -59.31 3.60 22.97
N SER D 282 -59.12 4.70 22.26
CA SER D 282 -59.17 6.02 22.89
C SER D 282 -60.59 6.37 23.33
N ASN D 283 -61.59 6.10 22.47
CA ASN D 283 -62.98 6.39 22.81
C ASN D 283 -63.45 5.62 24.03
N ALA D 284 -62.90 4.42 24.25
CA ALA D 284 -63.29 3.61 25.40
C ALA D 284 -62.92 4.23 26.75
N HIS D 285 -62.09 5.28 26.77
CA HIS D 285 -61.66 5.93 28.01
C HIS D 285 -62.21 7.33 28.22
N GLN D 286 -63.23 7.75 27.43
CA GLN D 286 -63.64 9.15 27.32
C GLN D 286 -64.05 9.77 28.67
N ASP D 287 -64.55 8.96 29.61
CA ASP D 287 -65.04 9.45 30.90
C ASP D 287 -63.87 9.95 31.75
N GLU D 288 -62.70 9.32 31.60
CA GLU D 288 -61.58 9.51 32.52
C GLU D 288 -60.90 10.87 32.29
N LEU D 289 -60.78 11.64 33.36
CA LEU D 289 -60.06 12.90 33.36
C LEU D 289 -58.56 12.70 33.57
N ARG D 290 -58.16 11.63 34.26
CA ARG D 290 -56.75 11.26 34.42
C ARG D 290 -56.45 10.10 33.47
N LYS D 291 -55.46 10.28 32.61
CA LYS D 291 -55.19 9.34 31.50
C LYS D 291 -53.72 9.49 31.13
N VAL D 292 -52.90 8.48 31.44
CA VAL D 292 -51.44 8.56 31.25
C VAL D 292 -50.99 7.52 30.23
N ILE D 293 -50.22 7.97 29.24
CA ILE D 293 -49.45 7.11 28.36
C ILE D 293 -47.97 7.51 28.45
N VAL D 294 -47.11 6.52 28.64
CA VAL D 294 -45.66 6.71 28.70
C VAL D 294 -45.04 6.10 27.46
N VAL D 295 -44.21 6.87 26.77
CA VAL D 295 -43.38 6.38 25.67
C VAL D 295 -41.94 6.33 26.16
N ASP D 296 -41.35 5.14 26.14
CA ASP D 296 -40.10 4.87 26.82
C ASP D 296 -38.97 4.65 25.82
N SER D 297 -37.80 5.23 26.15
CA SER D 297 -36.58 5.16 25.33
C SER D 297 -36.79 5.83 23.98
N ALA D 298 -37.21 7.10 24.02
CA ALA D 298 -37.64 7.83 22.84
C ALA D 298 -36.53 8.10 21.84
N GLU D 299 -35.27 8.04 22.27
CA GLU D 299 -34.15 8.25 21.37
C GLU D 299 -34.09 7.21 20.26
N LYS D 300 -34.73 6.04 20.45
CA LYS D 300 -34.75 5.01 19.42
C LYS D 300 -35.73 5.32 18.30
N LEU D 301 -36.65 6.28 18.49
CA LEU D 301 -37.57 6.67 17.42
C LEU D 301 -36.84 7.25 16.21
N LEU D 302 -35.61 7.73 16.38
CA LEU D 302 -34.86 8.31 15.27
C LEU D 302 -34.24 7.30 14.34
N GLU D 303 -34.28 6.03 14.67
CA GLU D 303 -33.79 5.04 13.72
C GLU D 303 -34.86 4.58 12.74
N LEU D 304 -36.10 5.00 12.95
CA LEU D 304 -37.21 4.56 12.12
C LEU D 304 -37.18 5.25 10.75
N THR D 305 -37.38 4.47 9.69
CA THR D 305 -37.46 5.07 8.36
C THR D 305 -38.83 5.71 8.09
N ASN D 306 -39.88 5.18 8.71
CA ASN D 306 -41.23 5.74 8.59
C ASN D 306 -41.64 6.22 9.98
N ILE D 307 -41.98 7.50 10.09
CA ILE D 307 -42.34 8.13 11.36
C ILE D 307 -43.82 8.51 11.42
N ASP D 308 -44.56 8.31 10.32
CA ASP D 308 -45.97 8.70 10.27
C ASP D 308 -46.93 8.03 11.26
N PRO D 309 -46.86 6.71 11.52
CA PRO D 309 -47.76 6.14 12.55
C PRO D 309 -47.60 6.74 13.93
N PHE D 310 -46.39 7.13 14.33
CA PHE D 310 -46.25 7.81 15.61
C PHE D 310 -46.88 9.19 15.58
N LYS D 311 -46.78 9.90 14.46
CA LYS D 311 -47.40 11.21 14.35
C LYS D 311 -48.91 11.12 14.43
N GLU D 312 -49.50 10.09 13.79
CA GLU D 312 -50.93 9.81 13.90
C GLU D 312 -51.34 9.53 15.36
N PHE D 313 -50.58 8.64 16.01
CA PHE D 313 -50.78 8.31 17.43
C PHE D 313 -50.81 9.56 18.31
N LEU D 314 -49.78 10.40 18.18
CA LEU D 314 -49.66 11.58 19.01
C LEU D 314 -50.76 12.60 18.72
N THR D 315 -51.19 12.68 17.46
CA THR D 315 -52.31 13.55 17.11
C THR D 315 -53.58 13.14 17.84
N VAL D 316 -53.88 11.83 17.88
CA VAL D 316 -55.08 11.39 18.60
C VAL D 316 -54.93 11.64 20.09
N LEU D 317 -53.74 11.39 20.65
CA LEU D 317 -53.54 11.59 22.09
C LEU D 317 -53.76 13.04 22.49
N ILE D 318 -53.29 13.98 21.66
CA ILE D 318 -53.50 15.39 21.96
C ILE D 318 -54.97 15.77 21.78
N LYS D 319 -55.58 15.28 20.69
CA LYS D 319 -56.97 15.61 20.37
C LYS D 319 -57.94 15.16 21.46
N ASP D 320 -57.70 13.98 22.01
CA ASP D 320 -58.59 13.41 23.03
C ASP D 320 -58.14 13.73 24.46
N LYS D 321 -57.07 14.53 24.62
CA LYS D 321 -56.62 15.10 25.89
C LYS D 321 -56.13 14.03 26.88
N TRP D 322 -55.05 13.35 26.47
CA TRP D 322 -54.29 12.46 27.33
C TRP D 322 -53.07 13.18 27.89
N GLN D 323 -52.64 12.78 29.09
CA GLN D 323 -51.34 13.19 29.63
C GLN D 323 -50.26 12.22 29.12
N VAL D 324 -49.13 12.78 28.65
CA VAL D 324 -48.10 11.99 27.98
C VAL D 324 -46.72 12.32 28.57
N VAL D 325 -45.95 11.28 28.89
CA VAL D 325 -44.57 11.38 29.38
C VAL D 325 -43.62 10.72 28.39
N PHE D 326 -42.51 11.41 28.10
CA PHE D 326 -41.39 10.90 27.29
C PHE D 326 -40.16 10.72 28.17
N THR D 327 -39.40 9.64 27.92
CA THR D 327 -38.11 9.40 28.55
C THR D 327 -37.04 9.30 27.47
N THR D 328 -35.98 10.11 27.58
CA THR D 328 -35.03 10.27 26.50
C THR D 328 -33.61 10.43 27.02
N ARG D 329 -32.64 10.12 26.15
CA ARG D 329 -31.25 10.46 26.36
C ARG D 329 -31.01 11.94 26.07
N ASN D 330 -29.99 12.52 26.74
CA ASN D 330 -29.72 13.96 26.61
C ASN D 330 -29.36 14.38 25.19
N ASN D 331 -28.75 13.48 24.41
CA ASN D 331 -28.27 13.84 23.07
C ASN D 331 -29.39 14.20 22.10
N TYR D 332 -30.62 13.80 22.40
CA TYR D 332 -31.75 14.03 21.51
C TYR D 332 -32.91 14.83 22.16
N LEU D 333 -32.68 15.44 23.33
CA LEU D 333 -33.70 16.30 23.96
C LEU D 333 -34.07 17.50 23.07
N ALA D 334 -33.08 18.08 22.37
CA ALA D 334 -33.31 19.30 21.58
C ALA D 334 -34.26 19.06 20.40
N ASP D 335 -33.97 18.05 19.58
CA ASP D 335 -34.77 17.78 18.39
C ASP D 335 -36.18 17.34 18.75
N LEU D 336 -36.31 16.50 19.78
CA LEU D 336 -37.62 16.04 20.23
C LEU D 336 -38.45 17.20 20.76
N ASN D 337 -37.80 18.19 21.38
CA ASN D 337 -38.50 19.38 21.84
C ASN D 337 -38.91 20.26 20.65
N TYR D 338 -38.00 20.42 19.69
CA TYR D 338 -38.14 21.39 18.59
C TYR D 338 -39.29 20.99 17.67
N ALA D 339 -39.23 19.74 17.17
CA ALA D 339 -40.23 19.29 16.19
C ALA D 339 -41.61 19.28 16.81
N PHE D 340 -41.69 18.86 18.05
CA PHE D 340 -42.94 18.88 18.77
C PHE D 340 -43.53 20.27 18.87
N ILE D 341 -42.76 21.25 19.35
CA ILE D 341 -43.36 22.56 19.55
C ILE D 341 -43.71 23.24 18.22
N ASP D 342 -42.91 23.03 17.17
CA ASP D 342 -43.21 23.81 15.97
C ASP D 342 -44.34 23.18 15.15
N ILE D 343 -44.56 21.87 15.28
CA ILE D 343 -45.66 21.27 14.55
C ILE D 343 -46.94 21.41 15.36
N TYR D 344 -46.90 20.97 16.62
CA TYR D 344 -48.16 20.87 17.37
C TYR D 344 -48.48 22.12 18.16
N LYS D 345 -47.54 23.06 18.27
CA LYS D 345 -47.72 24.36 18.94
C LYS D 345 -48.07 24.23 20.43
N ILE D 346 -47.54 23.18 21.07
CA ILE D 346 -47.62 23.00 22.52
C ILE D 346 -46.21 23.16 23.09
N THR D 347 -46.08 23.92 24.18
CA THR D 347 -44.81 23.98 24.89
C THR D 347 -44.74 22.89 25.96
N PRO D 348 -43.78 21.97 25.89
CA PRO D 348 -43.71 20.87 26.85
C PRO D 348 -42.88 21.25 28.07
N GLY D 349 -42.99 20.42 29.11
CA GLY D 349 -42.19 20.58 30.29
C GLY D 349 -40.97 19.67 30.31
N ASN D 350 -40.01 20.03 31.17
CA ASN D 350 -38.72 19.34 31.24
C ASN D 350 -38.36 18.92 32.66
N LEU D 351 -37.63 17.81 32.76
CA LEU D 351 -36.99 17.35 33.98
C LEU D 351 -35.67 16.66 33.63
N VAL D 352 -34.68 16.79 34.52
CA VAL D 352 -33.34 16.23 34.31
C VAL D 352 -32.87 15.50 35.57
N ILE D 353 -32.33 14.28 35.38
CA ILE D 353 -31.76 13.45 36.45
C ILE D 353 -30.26 13.34 36.22
N LYS D 354 -29.48 13.18 37.30
CA LYS D 354 -28.03 13.36 37.24
C LYS D 354 -27.28 12.35 38.11
N ASN D 355 -25.98 12.22 37.84
CA ASN D 355 -25.08 11.39 38.64
C ASN D 355 -24.88 11.95 40.05
N LEU D 356 -24.38 11.09 40.93
CA LEU D 356 -24.03 11.50 42.29
C LEU D 356 -22.89 12.51 42.28
N GLU D 357 -23.00 13.53 43.12
CA GLU D 357 -21.83 14.31 43.46
C GLU D 357 -21.04 13.62 44.57
N ARG D 358 -19.77 14.02 44.69
CA ARG D 358 -18.80 13.26 45.48
C ARG D 358 -19.17 13.22 46.95
N GLY D 359 -19.73 14.31 47.47
CA GLY D 359 -20.20 14.31 48.84
C GLY D 359 -21.35 13.35 49.07
N GLU D 360 -22.19 13.17 48.06
CA GLU D 360 -23.28 12.19 48.16
C GLU D 360 -22.73 10.77 48.23
N LEU D 361 -21.70 10.46 47.44
CA LEU D 361 -21.08 9.13 47.48
C LEU D 361 -20.35 8.92 48.79
N ILE D 362 -19.69 9.95 49.31
CA ILE D 362 -19.10 9.89 50.65
C ILE D 362 -20.17 9.58 51.69
N GLU D 363 -21.31 10.26 51.60
CA GLU D 363 -22.39 10.04 52.55
C GLU D 363 -22.91 8.61 52.45
N LEU D 364 -23.10 8.10 51.23
CA LEU D 364 -23.59 6.74 51.03
C LEU D 364 -22.62 5.72 51.62
N SER D 365 -21.32 5.92 51.38
CA SER D 365 -20.31 5.02 51.90
C SER D 365 -20.27 5.03 53.42
N ASP D 366 -20.34 6.22 54.04
CA ASP D 366 -20.35 6.31 55.50
C ASP D 366 -21.58 5.64 56.11
N ASN D 367 -22.76 5.97 55.58
CA ASN D 367 -24.01 5.43 56.15
C ASN D 367 -24.19 3.93 55.93
N ASN D 368 -23.69 3.35 54.83
CA ASN D 368 -24.07 1.98 54.51
C ASN D 368 -22.97 0.94 54.67
N GLY D 369 -21.76 1.31 55.07
CA GLY D 369 -20.76 0.33 55.44
C GLY D 369 -19.96 -0.32 54.33
N PHE D 370 -19.68 0.42 53.26
CA PHE D 370 -18.77 -0.03 52.21
C PHE D 370 -17.68 1.00 51.97
N SER D 371 -16.50 0.53 51.59
CA SER D 371 -15.35 1.39 51.35
C SER D 371 -15.23 1.75 49.88
N LEU D 372 -14.62 2.99 49.60
CA LEU D 372 -14.44 3.56 48.27
C LEU D 372 -13.09 3.18 47.69
N PRO D 373 -12.97 3.14 46.36
CA PRO D 373 -11.69 2.77 45.73
C PRO D 373 -10.65 3.88 45.83
N GLN D 374 -9.39 3.46 45.65
CA GLN D 374 -8.26 4.40 45.68
C GLN D 374 -8.08 5.13 44.35
N ASP D 375 -8.37 4.47 43.23
CA ASP D 375 -8.14 5.06 41.91
C ASP D 375 -9.22 6.11 41.63
N VAL D 376 -8.78 7.34 41.34
CA VAL D 376 -9.70 8.45 41.09
C VAL D 376 -10.53 8.23 39.83
N ARG D 377 -9.96 7.54 38.84
CA ARG D 377 -10.70 7.28 37.60
C ARG D 377 -11.80 6.26 37.83
N LEU D 378 -11.55 5.26 38.68
CA LEU D 378 -12.60 4.32 39.05
C LEU D 378 -13.63 4.97 39.96
N LEU D 379 -13.20 5.91 40.80
CA LEU D 379 -14.15 6.65 41.64
C LEU D 379 -15.04 7.54 40.80
N GLU D 380 -14.51 8.12 39.73
CA GLU D 380 -15.36 8.87 38.81
C GLU D 380 -16.40 7.97 38.15
N LEU D 381 -16.02 6.73 37.84
CA LEU D 381 -16.91 5.81 37.14
C LEU D 381 -18.15 5.47 37.97
N ILE D 382 -17.97 5.20 39.26
CA ILE D 382 -19.05 4.68 40.09
C ILE D 382 -19.97 5.77 40.62
N LYS D 383 -19.81 7.01 40.14
CA LYS D 383 -20.77 8.06 40.45
C LYS D 383 -22.11 7.84 39.73
N ASN D 384 -22.09 7.09 38.64
CA ASN D 384 -23.28 6.67 37.90
C ASN D 384 -23.89 5.45 38.58
N PRO D 385 -25.20 5.45 38.87
CA PRO D 385 -25.79 4.35 39.68
C PRO D 385 -25.69 2.95 39.07
N PHE D 386 -25.69 2.82 37.75
CA PHE D 386 -25.50 1.50 37.13
C PHE D 386 -24.12 0.93 37.48
N TYR D 387 -23.09 1.77 37.39
CA TYR D 387 -21.74 1.31 37.70
C TYR D 387 -21.55 1.05 39.19
N LEU D 388 -22.23 1.82 40.05
CA LEU D 388 -22.23 1.48 41.48
C LEU D 388 -22.91 0.13 41.72
N SER D 389 -23.96 -0.18 40.96
CA SER D 389 -24.64 -1.46 41.12
C SER D 389 -23.72 -2.62 40.78
N GLU D 390 -22.99 -2.52 39.66
CA GLU D 390 -22.04 -3.60 39.37
C GLU D 390 -20.85 -3.62 40.33
N TYR D 391 -20.43 -2.47 40.85
CA TYR D 391 -19.30 -2.43 41.79
C TYR D 391 -19.57 -3.23 43.06
N LEU D 392 -20.73 -3.00 43.67
CA LEU D 392 -21.07 -3.69 44.91
C LEU D 392 -21.42 -5.15 44.67
N ARG D 393 -21.67 -5.56 43.43
CA ARG D 393 -21.94 -6.97 43.13
C ARG D 393 -20.70 -7.83 43.36
N PHE D 394 -19.52 -7.30 43.06
CA PHE D 394 -18.26 -8.04 43.20
C PHE D 394 -17.52 -7.71 44.50
N TYR D 395 -18.11 -6.91 45.38
CA TYR D 395 -17.60 -6.64 46.72
C TYR D 395 -17.95 -7.80 47.64
N THR D 396 -16.95 -8.31 48.36
CA THR D 396 -17.16 -9.44 49.26
C THR D 396 -16.10 -9.39 50.35
N GLY D 397 -16.51 -9.67 51.58
CA GLY D 397 -15.66 -9.47 52.73
C GLY D 397 -15.46 -7.99 52.94
N GLU D 398 -14.26 -7.49 52.66
CA GLU D 398 -13.97 -6.06 52.73
C GLU D 398 -13.25 -5.55 51.48
N SER D 399 -13.43 -6.20 50.33
CA SER D 399 -12.73 -5.80 49.11
C SER D 399 -13.51 -6.27 47.88
N ILE D 400 -13.21 -5.67 46.70
CA ILE D 400 -13.79 -6.13 45.44
C ILE D 400 -12.86 -7.14 44.77
N ASP D 401 -13.47 -8.04 44.01
CA ASP D 401 -12.79 -9.01 43.14
C ASP D 401 -12.60 -8.35 41.77
N TYR D 402 -11.46 -7.65 41.64
CA TYR D 402 -11.27 -6.67 40.57
C TYR D 402 -11.16 -7.33 39.19
N VAL D 403 -10.53 -8.50 39.11
CA VAL D 403 -10.38 -9.14 37.81
C VAL D 403 -11.74 -9.57 37.24
N SER D 404 -12.65 -10.02 38.11
CA SER D 404 -14.00 -10.37 37.66
C SER D 404 -14.79 -9.14 37.25
N PHE D 405 -14.64 -8.04 38.01
CA PHE D 405 -15.30 -6.78 37.70
C PHE D 405 -14.93 -6.29 36.31
N LYS D 406 -13.62 -6.24 36.01
CA LYS D 406 -13.22 -5.74 34.71
C LYS D 406 -13.55 -6.73 33.59
N GLU D 407 -13.54 -8.05 33.86
CA GLU D 407 -13.90 -8.98 32.80
C GLU D 407 -15.36 -8.82 32.40
N LYS D 408 -16.28 -8.73 33.38
CA LYS D 408 -17.69 -8.53 33.05
C LYS D 408 -17.90 -7.22 32.31
N LEU D 409 -17.22 -6.14 32.75
CA LEU D 409 -17.43 -4.86 32.09
C LEU D 409 -16.89 -4.84 30.66
N TRP D 410 -15.70 -5.40 30.43
CA TRP D 410 -15.17 -5.42 29.06
C TRP D 410 -16.09 -6.18 28.14
N ASN D 411 -16.49 -7.41 28.52
CA ASN D 411 -17.33 -8.20 27.63
C ASN D 411 -18.72 -7.60 27.43
N LYS D 412 -19.30 -6.99 28.48
CA LYS D 412 -20.67 -6.50 28.33
C LYS D 412 -20.73 -5.16 27.61
N ILE D 413 -19.81 -4.25 27.91
CA ILE D 413 -19.88 -2.91 27.35
C ILE D 413 -19.14 -2.79 26.02
N ILE D 414 -17.91 -3.29 25.91
CA ILE D 414 -17.14 -2.96 24.73
C ILE D 414 -17.29 -4.00 23.63
N VAL D 415 -17.12 -5.28 23.97
CA VAL D 415 -17.18 -6.32 22.94
C VAL D 415 -18.61 -6.56 22.48
N LYS D 416 -19.56 -6.61 23.43
CA LYS D 416 -20.89 -7.21 23.23
C LYS D 416 -20.74 -8.60 22.63
N ASN D 417 -21.08 -8.78 21.36
CA ASN D 417 -20.88 -10.08 20.72
C ASN D 417 -20.26 -9.98 19.33
N LYS D 418 -19.58 -8.88 19.01
CA LYS D 418 -18.98 -8.67 17.70
C LYS D 418 -17.46 -8.61 17.80
N PRO D 419 -16.71 -9.48 17.10
CA PRO D 419 -15.24 -9.36 17.07
C PRO D 419 -14.74 -8.04 16.50
N SER D 420 -15.49 -7.47 15.56
CA SER D 420 -15.10 -6.23 14.89
C SER D 420 -15.04 -5.05 15.87
N ARG D 421 -15.96 -5.00 16.85
CA ARG D 421 -15.94 -3.95 17.85
C ARG D 421 -14.64 -3.97 18.67
N GLU D 422 -14.21 -5.16 19.10
CA GLU D 422 -13.01 -5.28 19.90
C GLU D 422 -11.77 -4.88 19.11
N GLN D 423 -11.67 -5.34 17.86
CA GLN D 423 -10.52 -4.96 17.03
C GLN D 423 -10.51 -3.45 16.77
N CYS D 424 -11.68 -2.86 16.53
CA CYS D 424 -11.80 -1.41 16.32
C CYS D 424 -11.35 -0.61 17.53
N PHE D 425 -11.78 -1.01 18.73
CA PHE D 425 -11.45 -0.22 19.92
C PHE D 425 -9.97 -0.32 20.27
N LEU D 426 -9.39 -1.51 20.11
CA LEU D 426 -7.97 -1.66 20.36
C LEU D 426 -7.13 -0.82 19.39
N ALA D 427 -7.52 -0.81 18.10
CA ALA D 427 -6.81 0.02 17.13
C ALA D 427 -6.92 1.50 17.47
N THR D 428 -8.11 1.95 17.86
CA THR D 428 -8.32 3.36 18.18
C THR D 428 -7.46 3.80 19.37
N ALA D 429 -7.37 2.97 20.41
CA ALA D 429 -6.57 3.39 21.56
C ALA D 429 -5.08 3.43 21.22
N PHE D 430 -4.59 2.44 20.47
CA PHE D 430 -3.16 2.42 20.15
C PHE D 430 -2.75 3.58 19.25
N GLN D 431 -3.62 4.01 18.33
CA GLN D 431 -3.21 5.07 17.40
C GLN D 431 -3.02 6.41 18.13
N ARG D 432 -3.93 6.74 19.06
CA ARG D 432 -3.73 7.86 19.96
C ARG D 432 -2.42 7.74 20.75
N ALA D 433 -2.17 6.57 21.36
CA ALA D 433 -0.96 6.48 22.16
C ALA D 433 0.32 6.53 21.34
N SER D 434 0.24 6.19 20.05
CA SER D 434 1.42 6.10 19.19
C SER D 434 1.75 7.41 18.50
N GLU D 435 0.72 8.11 17.99
CA GLU D 435 0.93 9.37 17.27
C GLU D 435 0.97 10.59 18.18
N GLY D 436 0.49 10.48 19.41
CA GLY D 436 0.43 11.62 20.31
C GLY D 436 -0.78 12.51 20.12
N GLN D 437 -1.67 12.17 19.19
CA GLN D 437 -2.84 12.98 18.86
C GLN D 437 -4.01 12.69 19.79
N PHE D 438 -4.81 13.73 20.05
CA PHE D 438 -6.05 13.54 20.79
C PHE D 438 -7.17 13.05 19.88
N PHE D 439 -7.25 13.58 18.65
CA PHE D 439 -8.26 13.20 17.67
C PHE D 439 -7.62 12.32 16.59
N VAL D 440 -8.27 11.18 16.28
CA VAL D 440 -7.77 10.27 15.25
C VAL D 440 -8.89 9.83 14.31
N SER D 441 -8.49 9.27 13.16
CA SER D 441 -9.39 8.73 12.14
C SER D 441 -9.01 7.30 11.76
N PRO D 442 -9.57 6.29 12.44
CA PRO D 442 -9.10 4.91 12.28
C PRO D 442 -9.65 4.22 11.03
N ALA D 443 -9.01 3.09 10.70
CA ALA D 443 -9.44 2.23 9.60
C ALA D 443 -10.24 1.06 10.16
N CYS D 444 -11.51 0.97 9.78
CA CYS D 444 -12.46 0.09 10.46
C CYS D 444 -13.52 -0.38 9.48
N ASP D 445 -14.27 -1.41 9.89
CA ASP D 445 -15.38 -1.91 9.09
C ASP D 445 -16.59 -0.99 9.17
N THR D 446 -17.49 -1.18 8.20
CA THR D 446 -18.65 -0.30 8.00
C THR D 446 -19.52 -0.19 9.24
N GLY D 447 -19.67 1.03 9.74
CA GLY D 447 -20.62 1.34 10.79
C GLY D 447 -20.16 1.15 12.21
N ILE D 448 -18.98 0.54 12.43
CA ILE D 448 -18.56 0.18 13.79
C ILE D 448 -18.32 1.43 14.64
N LEU D 449 -17.67 2.45 14.07
CA LEU D 449 -17.40 3.67 14.84
C LEU D 449 -18.68 4.44 15.14
N ASP D 450 -19.63 4.49 14.20
CA ASP D 450 -20.91 5.14 14.47
C ASP D 450 -21.68 4.40 15.56
N GLU D 451 -21.60 3.07 15.55
CA GLU D 451 -22.25 2.28 16.61
C GLU D 451 -21.61 2.55 17.96
N LEU D 452 -20.28 2.66 18.01
CA LEU D 452 -19.60 2.97 19.26
C LEU D 452 -19.92 4.38 19.75
N VAL D 453 -20.15 5.32 18.82
CA VAL D 453 -20.54 6.66 19.21
C VAL D 453 -21.95 6.66 19.80
N LYS D 454 -22.87 5.89 19.21
CA LYS D 454 -24.21 5.84 19.80
C LYS D 454 -24.23 5.13 21.16
N ASP D 455 -23.25 4.26 21.43
CA ASP D 455 -23.10 3.71 22.79
C ASP D 455 -22.48 4.70 23.77
N GLY D 456 -21.92 5.81 23.31
CA GLY D 456 -21.27 6.76 24.17
C GLY D 456 -19.85 6.40 24.55
N ILE D 457 -19.35 5.26 24.09
CA ILE D 457 -18.01 4.81 24.42
C ILE D 457 -16.96 5.68 23.72
N VAL D 458 -17.24 6.08 22.49
CA VAL D 458 -16.36 6.92 21.68
C VAL D 458 -17.07 8.24 21.42
N GLY D 459 -16.30 9.33 21.33
CA GLY D 459 -16.84 10.64 20.98
C GLY D 459 -16.33 11.19 19.66
N TYR D 460 -17.06 12.11 19.06
CA TYR D 460 -16.75 12.61 17.73
C TYR D 460 -16.87 14.13 17.63
N GLU D 461 -15.88 14.73 16.95
CA GLU D 461 -15.93 16.09 16.45
C GLU D 461 -15.30 16.08 15.06
N ALA D 462 -15.40 17.21 14.36
CA ALA D 462 -14.99 17.28 12.95
C ALA D 462 -13.51 16.96 12.74
N ALA D 463 -12.70 17.10 13.78
CA ALA D 463 -11.29 16.73 13.71
C ALA D 463 -11.05 15.23 13.84
N GLY D 464 -12.00 14.47 14.38
CA GLY D 464 -11.83 13.04 14.48
C GLY D 464 -12.48 12.48 15.73
N TYR D 465 -12.10 11.25 16.07
CA TYR D 465 -12.66 10.49 17.18
C TYR D 465 -11.74 10.46 18.39
N PHE D 466 -12.35 10.37 19.58
CA PHE D 466 -11.65 10.27 20.86
C PHE D 466 -12.44 9.37 21.79
N ILE D 467 -11.76 8.92 22.87
CA ILE D 467 -12.32 7.94 23.81
C ILE D 467 -12.83 8.66 25.06
N THR D 468 -14.05 8.31 25.49
CA THR D 468 -14.75 9.10 26.50
C THR D 468 -14.16 8.96 27.89
N HIS D 469 -13.85 7.73 28.33
CA HIS D 469 -13.41 7.45 29.71
C HIS D 469 -11.94 7.01 29.73
N ASP D 470 -11.13 7.60 30.62
CA ASP D 470 -9.71 7.24 30.71
C ASP D 470 -9.50 5.79 31.17
N ILE D 471 -10.39 5.26 32.00
CA ILE D 471 -10.22 3.92 32.56
C ILE D 471 -10.26 2.86 31.45
N TYR D 472 -11.18 3.03 30.49
CA TYR D 472 -11.26 2.10 29.36
C TYR D 472 -10.05 2.19 28.44
N GLU D 473 -9.47 3.38 28.26
CA GLU D 473 -8.27 3.48 27.42
C GLU D 473 -7.09 2.76 28.06
N GLU D 474 -6.98 2.83 29.39
CA GLU D 474 -5.93 2.08 30.08
C GLU D 474 -6.10 0.57 29.88
N TRP D 475 -7.34 0.07 30.07
CA TRP D 475 -7.58 -1.35 29.85
C TRP D 475 -7.24 -1.78 28.41
N ALA D 476 -7.54 -0.93 27.42
CA ALA D 476 -7.24 -1.26 26.03
C ALA D 476 -5.74 -1.40 25.77
N LEU D 477 -4.95 -0.46 26.30
CA LEU D 477 -3.50 -0.53 26.07
C LEU D 477 -2.89 -1.78 26.71
N GLU D 478 -3.34 -2.14 27.92
CA GLU D 478 -2.81 -3.35 28.55
C GLU D 478 -3.15 -4.61 27.74
N LYS D 479 -4.36 -4.67 27.17
CA LYS D 479 -4.73 -5.84 26.36
C LYS D 479 -3.93 -5.92 25.07
N LYS D 480 -3.62 -4.76 24.45
CA LYS D 480 -2.81 -4.76 23.22
C LYS D 480 -1.40 -5.29 23.49
N ILE D 481 -0.83 -4.92 24.64
CA ILE D 481 0.47 -5.46 25.03
C ILE D 481 0.42 -6.97 25.19
N SER D 482 -0.67 -7.49 25.78
CA SER D 482 -0.81 -8.95 25.95
C SER D 482 -0.82 -9.68 24.60
N VAL D 483 -1.55 -9.11 23.62
CA VAL D 483 -1.62 -9.72 22.30
C VAL D 483 -0.24 -9.79 21.64
N ASP D 484 0.50 -8.68 21.68
CA ASP D 484 1.84 -8.69 21.07
C ASP D 484 2.79 -9.64 21.78
N TYR D 485 2.62 -9.84 23.09
CA TYR D 485 3.44 -10.82 23.79
C TYR D 485 3.17 -12.24 23.29
N ILE D 486 1.90 -12.55 23.02
CA ILE D 486 1.58 -13.89 22.52
C ILE D 486 2.20 -14.13 21.14
N ARG D 487 2.21 -13.10 20.28
CA ARG D 487 2.56 -13.37 18.88
C ARG D 487 4.04 -13.19 18.51
N LYS D 488 4.93 -12.96 19.47
CA LYS D 488 6.32 -12.59 19.16
C LYS D 488 7.17 -13.78 18.70
N ALA D 489 8.21 -13.47 17.92
CA ALA D 489 9.26 -14.44 17.62
C ALA D 489 10.42 -14.38 18.60
N ASN D 490 10.73 -13.20 19.12
CA ASN D 490 11.78 -13.00 20.10
C ASN D 490 11.48 -11.71 20.86
N ASN D 491 12.26 -11.47 21.92
CA ASN D 491 11.99 -10.34 22.82
C ASN D 491 12.28 -9.00 22.15
N ASN D 492 13.35 -8.94 21.33
CA ASN D 492 13.73 -7.70 20.69
C ASN D 492 12.62 -7.21 19.74
N GLU D 493 11.96 -8.15 19.05
CA GLU D 493 10.81 -7.81 18.21
C GLU D 493 9.65 -7.26 19.04
N PHE D 494 9.39 -7.84 20.20
CA PHE D 494 8.30 -7.40 21.08
C PHE D 494 8.51 -5.95 21.50
N PHE D 495 9.70 -5.64 22.01
CA PHE D 495 9.99 -4.26 22.39
C PHE D 495 10.05 -3.31 21.20
N GLU D 496 10.34 -3.80 19.99
CA GLU D 496 10.19 -2.90 18.84
C GLU D 496 8.71 -2.64 18.55
N LYS D 497 7.88 -3.68 18.55
CA LYS D 497 6.50 -3.54 18.10
C LYS D 497 5.70 -2.62 19.01
N ILE D 498 5.87 -2.73 20.33
CA ILE D 498 4.99 -1.93 21.19
C ILE D 498 5.35 -0.45 21.22
N GLY D 499 6.54 -0.06 20.77
CA GLY D 499 6.87 1.36 20.70
C GLY D 499 7.38 1.94 22.00
N GLU D 500 7.80 3.20 21.93
CA GLU D 500 8.56 3.84 23.00
C GLU D 500 7.78 4.88 23.80
N SER D 501 6.56 5.19 23.41
CA SER D 501 5.85 6.32 24.01
C SER D 501 5.41 6.04 25.44
N LEU D 502 5.27 7.13 26.21
CA LEU D 502 5.02 7.04 27.65
C LEU D 502 3.73 6.33 28.09
N PRO D 503 2.56 6.51 27.45
CA PRO D 503 1.40 5.69 27.84
C PRO D 503 1.64 4.19 27.72
N VAL D 504 2.42 3.75 26.72
CA VAL D 504 2.76 2.34 26.59
C VAL D 504 3.61 1.87 27.77
N ARG D 505 4.58 2.70 28.20
CA ARG D 505 5.44 2.33 29.32
C ARG D 505 4.62 2.14 30.59
N ARG D 506 3.68 3.06 30.84
CA ARG D 506 2.81 2.91 32.00
C ARG D 506 1.99 1.62 31.92
N SER D 507 1.48 1.30 30.72
CA SER D 507 0.66 0.10 30.60
C SER D 507 1.50 -1.17 30.77
N PHE D 508 2.74 -1.16 30.28
CA PHE D 508 3.66 -2.28 30.48
C PHE D 508 3.96 -2.51 31.95
N ARG D 509 4.19 -1.41 32.68
CA ARG D 509 4.51 -1.51 34.10
C ARG D 509 3.32 -2.09 34.88
N ASN D 510 2.10 -1.65 34.52
CA ASN D 510 0.89 -2.23 35.09
C ASN D 510 0.79 -3.73 34.80
N TRP D 511 1.08 -4.11 33.55
CA TRP D 511 0.91 -5.51 33.12
C TRP D 511 1.85 -6.44 33.87
N ILE D 512 3.12 -6.04 34.02
CA ILE D 512 4.07 -6.80 34.83
C ILE D 512 3.60 -6.91 36.27
N SER D 513 3.12 -5.78 36.83
CA SER D 513 2.65 -5.79 38.21
C SER D 513 1.48 -6.74 38.41
N GLU D 514 0.66 -6.94 37.38
CA GLU D 514 -0.42 -7.91 37.49
C GLU D 514 0.07 -9.35 37.37
N ARG D 515 1.00 -9.63 36.44
CA ARG D 515 1.52 -11.00 36.30
C ARG D 515 2.18 -11.46 37.59
N LEU D 516 2.90 -10.57 38.26
CA LEU D 516 3.55 -10.94 39.52
C LEU D 516 2.56 -11.19 40.66
N LEU D 517 1.31 -10.71 40.54
CA LEU D 517 0.30 -10.98 41.55
C LEU D 517 -0.41 -12.31 41.33
N LEU D 518 -0.68 -12.65 40.07
CA LEU D 518 -1.46 -13.84 39.73
C LEU D 518 -0.61 -15.08 39.48
N ASP D 519 0.67 -15.05 39.87
CA ASP D 519 1.57 -16.22 39.96
C ASP D 519 1.74 -16.98 38.64
N ASP D 520 1.79 -16.29 37.50
CA ASP D 520 2.10 -16.95 36.22
C ASP D 520 3.61 -17.17 36.18
N GLN D 521 4.03 -18.42 36.37
CA GLN D 521 5.45 -18.75 36.43
C GLN D 521 6.17 -18.64 35.09
N SER D 522 5.45 -18.43 33.99
CA SER D 522 6.13 -18.15 32.73
C SER D 522 6.82 -16.79 32.73
N ILE D 523 6.48 -15.90 33.67
CA ILE D 523 7.02 -14.55 33.67
C ILE D 523 8.47 -14.52 34.17
N LYS D 524 8.84 -15.41 35.09
CA LYS D 524 10.20 -15.40 35.66
C LYS D 524 11.28 -15.67 34.62
N PRO D 525 11.13 -16.65 33.69
CA PRO D 525 12.10 -16.74 32.59
C PRO D 525 12.16 -15.50 31.72
N PHE D 526 11.02 -14.85 31.45
CA PHE D 526 11.03 -13.63 30.63
C PHE D 526 11.81 -12.53 31.34
N ILE D 527 11.56 -12.35 32.64
CA ILE D 527 12.25 -11.36 33.45
C ILE D 527 13.75 -11.63 33.49
N ALA D 528 14.12 -12.90 33.65
CA ALA D 528 15.54 -13.26 33.63
C ALA D 528 16.19 -12.98 32.28
N GLU D 529 15.47 -13.26 31.19
CA GLU D 529 15.98 -12.97 29.85
C GLU D 529 16.22 -11.48 29.65
N ILE D 530 15.35 -10.61 30.19
CA ILE D 530 15.63 -9.17 30.12
C ILE D 530 16.81 -8.79 31.02
N VAL D 531 16.81 -9.24 32.28
CA VAL D 531 17.79 -8.75 33.24
C VAL D 531 19.21 -9.21 32.88
N CYS D 532 19.33 -10.37 32.26
CA CYS D 532 20.64 -10.83 31.80
C CYS D 532 20.90 -10.54 30.33
N GLY D 533 19.97 -9.87 29.64
CA GLY D 533 20.07 -9.75 28.19
C GLY D 533 20.86 -8.55 27.71
N GLU D 534 21.24 -8.62 26.44
CA GLU D 534 21.91 -7.53 25.73
C GLU D 534 21.14 -7.19 24.46
N GLY D 535 21.25 -5.93 24.05
CA GLY D 535 20.48 -5.39 22.96
C GLY D 535 19.18 -4.74 23.37
N ILE D 536 18.72 -5.02 24.59
CA ILE D 536 17.54 -4.37 25.14
C ILE D 536 17.90 -2.96 25.60
N SER D 537 17.13 -1.97 25.15
CA SER D 537 17.40 -0.59 25.56
C SER D 537 17.13 -0.40 27.04
N ASN D 538 18.00 0.37 27.70
CA ASN D 538 18.11 0.37 29.16
C ASN D 538 16.85 0.86 29.86
N PHE D 539 16.07 1.73 29.23
CA PHE D 539 14.88 2.24 29.91
C PHE D 539 13.80 1.18 30.10
N TRP D 540 13.79 0.12 29.29
CA TRP D 540 12.90 -1.01 29.57
C TRP D 540 13.33 -1.77 30.82
N LYS D 541 14.65 -1.94 31.02
CA LYS D 541 15.15 -2.55 32.24
C LYS D 541 14.78 -1.70 33.46
N ASP D 542 14.85 -0.38 33.33
CA ASP D 542 14.46 0.50 34.44
C ASP D 542 12.98 0.40 34.76
N GLU D 543 12.11 0.40 33.73
CA GLU D 543 10.68 0.23 33.97
C GLU D 543 10.36 -1.11 34.64
N LEU D 544 11.07 -2.18 34.24
CA LEU D 544 10.89 -3.48 34.90
C LEU D 544 11.28 -3.43 36.38
N TRP D 545 12.43 -2.82 36.69
CA TRP D 545 12.84 -2.78 38.09
C TRP D 545 11.93 -1.91 38.93
N VAL D 546 11.33 -0.86 38.35
CA VAL D 546 10.33 -0.10 39.10
C VAL D 546 9.11 -0.97 39.41
N ALA D 547 8.68 -1.78 38.43
CA ALA D 547 7.58 -2.72 38.68
C ALA D 547 7.92 -3.69 39.80
N VAL D 548 9.16 -4.18 39.85
CA VAL D 548 9.56 -5.11 40.90
C VAL D 548 9.57 -4.41 42.26
N LEU D 549 10.21 -3.24 42.32
CA LEU D 549 10.37 -2.53 43.59
C LEU D 549 9.05 -2.05 44.17
N LEU D 550 8.02 -1.90 43.34
CA LEU D 550 6.71 -1.54 43.85
C LEU D 550 5.84 -2.73 44.25
N SER D 551 6.36 -3.95 44.14
CA SER D 551 5.56 -5.16 44.33
C SER D 551 5.98 -5.92 45.59
N ASP D 552 4.99 -6.52 46.28
CA ASP D 552 5.23 -7.20 47.55
C ASP D 552 6.22 -8.36 47.45
N ASN D 553 6.40 -8.94 46.26
CA ASN D 553 7.30 -10.07 46.04
C ASN D 553 8.77 -9.69 46.09
N SER D 554 9.11 -8.42 46.32
CA SER D 554 10.39 -7.84 45.89
C SER D 554 11.61 -8.57 46.45
N SER D 555 11.52 -9.05 47.69
CA SER D 555 12.67 -9.66 48.36
C SER D 555 13.12 -10.94 47.67
N ILE D 556 12.20 -11.63 46.98
CA ILE D 556 12.53 -12.87 46.28
C ILE D 556 13.57 -12.62 45.19
N PHE D 557 13.42 -11.51 44.47
CA PHE D 557 14.33 -11.21 43.37
C PHE D 557 15.72 -10.87 43.86
N PHE D 558 15.84 -10.27 45.04
CA PHE D 558 17.17 -10.05 45.61
C PHE D 558 17.85 -11.35 46.01
N ASN D 559 17.07 -12.36 46.44
CA ASN D 559 17.62 -13.69 46.69
C ASN D 559 18.09 -14.30 45.37
N TYR D 560 17.30 -14.13 44.31
CA TYR D 560 17.55 -14.82 43.05
C TYR D 560 18.76 -14.25 42.31
N PHE D 561 18.98 -12.94 42.39
CA PHE D 561 20.01 -12.26 41.62
C PHE D 561 21.18 -11.78 42.48
N LYS D 562 21.47 -12.45 43.61
CA LYS D 562 22.45 -12.00 44.59
C LYS D 562 23.84 -11.79 43.99
N ARG D 563 24.36 -12.82 43.30
CA ARG D 563 25.71 -12.75 42.76
C ARG D 563 25.81 -11.77 41.61
N TYR D 564 24.72 -11.57 40.87
CA TYR D 564 24.69 -10.56 39.83
C TYR D 564 24.73 -9.15 40.40
N LEU D 565 23.99 -8.91 41.48
CA LEU D 565 23.98 -7.60 42.12
C LEU D 565 25.35 -7.29 42.73
N LEU D 566 25.95 -8.28 43.39
CA LEU D 566 27.21 -8.04 44.08
C LEU D 566 28.38 -7.88 43.10
N SER D 567 28.54 -8.83 42.19
CA SER D 567 29.80 -8.91 41.47
C SER D 567 29.93 -7.88 40.35
N SER D 568 28.84 -7.25 39.91
CA SER D 568 28.93 -6.34 38.77
C SER D 568 29.39 -4.94 39.15
N ASP D 569 30.45 -4.83 39.96
CA ASP D 569 30.99 -3.56 40.50
C ASP D 569 29.87 -2.71 41.16
N GLN D 570 28.81 -3.39 41.62
CA GLN D 570 27.60 -2.80 42.21
C GLN D 570 26.89 -1.79 41.30
N ASN D 571 27.10 -1.89 39.99
CA ASN D 571 26.58 -0.90 39.04
C ASN D 571 25.04 -0.89 39.02
N LEU D 572 24.44 -2.08 38.92
CA LEU D 572 22.98 -2.21 38.97
C LEU D 572 22.44 -1.80 40.34
N LEU D 573 23.17 -2.16 41.41
CA LEU D 573 22.71 -1.83 42.76
C LEU D 573 22.67 -0.33 42.99
N LYS D 574 23.53 0.42 42.30
CA LYS D 574 23.50 1.89 42.38
C LYS D 574 22.29 2.45 41.63
N ARG D 575 22.04 1.92 40.41
CA ARG D 575 20.84 2.34 39.66
C ARG D 575 19.56 2.12 40.45
N LEU D 576 19.50 1.02 41.22
CA LEU D 576 18.30 0.74 42.01
C LEU D 576 18.00 1.82 43.05
N THR D 577 19.04 2.37 43.69
CA THR D 577 18.80 3.48 44.62
C THR D 577 18.31 4.72 43.89
N PHE D 578 18.85 5.01 42.70
CA PHE D 578 18.35 6.17 41.96
C PHE D 578 16.86 6.02 41.60
N LEU D 579 16.49 4.85 41.08
CA LEU D 579 15.09 4.60 40.74
C LEU D 579 14.19 4.62 41.96
N LEU D 580 14.68 4.10 43.09
CA LEU D 580 13.91 4.09 44.33
C LEU D 580 13.63 5.49 44.81
N ARG D 581 14.63 6.37 44.72
CA ARG D 581 14.43 7.74 45.20
C ARG D 581 13.56 8.55 44.26
N LEU D 582 13.57 8.24 42.97
CA LEU D 582 12.79 9.03 42.02
C LEU D 582 11.34 8.57 41.94
N ALA D 583 11.12 7.26 41.79
CA ALA D 583 9.79 6.77 41.44
C ALA D 583 8.97 6.31 42.64
N CYS D 584 9.60 5.74 43.65
CA CYS D 584 8.88 5.00 44.68
C CYS D 584 8.54 5.87 45.90
N LYS D 585 7.83 6.99 45.68
CA LYS D 585 7.48 7.93 46.74
C LYS D 585 6.06 8.44 46.51
N ASP D 586 5.48 9.06 47.54
CA ASP D 586 4.07 9.49 47.56
C ASP D 586 3.93 10.71 48.46
N VAL D 587 2.86 11.49 48.24
CA VAL D 587 2.65 12.73 49.00
C VAL D 587 2.15 12.41 50.41
N ASP D 588 2.70 13.11 51.41
CA ASP D 588 2.41 12.88 52.83
C ASP D 588 1.31 13.82 53.31
N TYR D 589 0.07 13.52 52.89
CA TYR D 589 -1.06 14.40 53.14
C TYR D 589 -1.37 14.54 54.63
N ASP D 590 -1.05 13.53 55.45
CA ASP D 590 -1.24 13.66 56.89
C ASP D 590 -0.42 14.80 57.48
N LEU D 591 0.84 14.91 57.07
CA LEU D 591 1.71 15.98 57.58
C LEU D 591 1.25 17.35 57.07
N LEU D 592 0.80 17.41 55.81
CA LEU D 592 0.23 18.66 55.30
C LEU D 592 -0.99 19.09 56.10
N LYS D 593 -1.85 18.12 56.45
CA LYS D 593 -3.04 18.44 57.24
C LYS D 593 -2.67 18.91 58.66
N GLN D 594 -1.68 18.26 59.27
CA GLN D 594 -1.16 18.73 60.56
C GLN D 594 -0.56 20.12 60.47
N LEU D 595 -0.02 20.50 59.31
CA LEU D 595 0.45 21.86 59.11
C LEU D 595 -0.61 22.79 58.53
N GLY D 596 -1.84 22.32 58.34
CA GLY D 596 -2.96 23.19 58.03
C GLY D 596 -3.37 23.27 56.58
N VAL D 597 -2.77 22.47 55.71
CA VAL D 597 -3.12 22.48 54.29
C VAL D 597 -4.23 21.44 54.07
N SER D 598 -5.41 21.92 53.66
CA SER D 598 -6.62 21.13 53.74
C SER D 598 -7.01 20.42 52.45
N ASN D 599 -6.50 20.86 51.29
CA ASN D 599 -6.86 20.24 50.02
C ASN D 599 -5.83 19.17 49.63
N SER D 600 -6.12 18.44 48.53
CA SER D 600 -5.33 17.27 48.21
C SER D 600 -4.84 17.18 46.76
N ASP D 601 -5.16 18.14 45.90
CA ASP D 601 -4.61 18.15 44.54
C ASP D 601 -3.16 18.63 44.61
N LEU D 602 -2.23 17.81 44.12
CA LEU D 602 -0.80 18.13 44.16
C LEU D 602 -0.46 19.35 43.30
N LEU D 603 -1.33 19.72 42.36
CA LEU D 603 -1.16 20.95 41.62
C LEU D 603 -1.54 22.19 42.42
N SER D 604 -2.26 22.03 43.53
CA SER D 604 -2.82 23.17 44.25
C SER D 604 -2.33 23.32 45.68
N ILE D 605 -1.73 22.30 46.28
CA ILE D 605 -1.27 22.40 47.66
C ILE D 605 -0.12 23.42 47.80
N LYS D 606 -0.04 24.04 48.98
CA LYS D 606 0.88 25.15 49.23
C LYS D 606 2.34 24.72 49.18
N TYR D 607 2.64 23.53 49.71
CA TYR D 607 3.98 22.94 49.72
C TYR D 607 3.85 21.50 49.26
N VAL D 608 4.97 20.87 48.91
CA VAL D 608 4.99 19.45 48.57
C VAL D 608 5.93 18.73 49.52
N LEU D 609 5.38 17.75 50.26
CA LEU D 609 6.11 16.89 51.19
C LEU D 609 5.77 15.43 50.89
N THR D 610 6.77 14.55 50.97
CA THR D 610 6.64 13.18 50.45
C THR D 610 7.23 12.13 51.40
N LYS D 611 6.91 10.86 51.12
CA LYS D 611 7.25 9.72 51.96
C LYS D 611 7.44 8.46 51.10
N PRO D 612 8.14 7.44 51.63
CA PRO D 612 8.41 6.22 50.84
C PRO D 612 7.17 5.38 50.52
N LYS D 613 7.28 4.59 49.45
CA LYS D 613 6.23 3.70 48.96
C LYS D 613 6.81 2.36 48.54
N GLY D 614 6.18 1.27 48.97
CA GLY D 614 6.48 -0.06 48.47
C GLY D 614 7.56 -0.78 49.25
N THR D 615 7.60 -2.11 49.08
CA THR D 615 8.52 -2.95 49.85
C THR D 615 9.94 -2.93 49.32
N GLY D 616 10.22 -2.21 48.24
CA GLY D 616 11.58 -2.13 47.73
C GLY D 616 12.54 -1.49 48.70
N TRP D 617 12.06 -0.52 49.47
CA TRP D 617 12.90 0.19 50.44
C TRP D 617 13.45 -0.80 51.48
N GLN D 618 12.58 -1.62 52.07
CA GLN D 618 13.01 -2.62 53.03
C GLN D 618 13.95 -3.65 52.40
N SER D 619 13.64 -4.08 51.17
CA SER D 619 14.44 -5.09 50.50
C SER D 619 15.87 -4.60 50.25
N VAL D 620 16.01 -3.38 49.76
CA VAL D 620 17.33 -2.84 49.45
C VAL D 620 18.14 -2.62 50.71
N ILE D 621 17.51 -2.01 51.74
CA ILE D 621 18.27 -1.71 52.95
C ILE D 621 18.74 -3.00 53.63
N GLN D 622 17.89 -4.03 53.62
CA GLN D 622 18.29 -5.33 54.17
C GLN D 622 19.41 -5.97 53.37
N PHE D 623 19.32 -5.94 52.02
CA PHE D 623 20.34 -6.57 51.20
C PHE D 623 21.70 -5.89 51.35
N ILE D 624 21.70 -4.56 51.49
CA ILE D 624 22.95 -3.86 51.78
C ILE D 624 23.52 -4.30 53.12
N TYR D 625 22.67 -4.40 54.15
CA TYR D 625 23.16 -4.75 55.47
C TYR D 625 23.74 -6.16 55.54
N GLU D 626 23.07 -7.13 54.92
CA GLU D 626 23.49 -8.52 55.02
C GLU D 626 24.82 -8.79 54.31
N ASN D 627 25.12 -8.04 53.25
CA ASN D 627 26.30 -8.27 52.44
C ASN D 627 27.37 -7.20 52.64
N LEU D 628 27.36 -6.52 53.78
CA LEU D 628 28.25 -5.38 54.00
C LEU D 628 29.73 -5.78 54.02
N ASP D 629 30.02 -7.04 54.34
CA ASP D 629 31.40 -7.51 54.28
C ASP D 629 31.88 -7.78 52.86
N GLU D 630 30.98 -8.13 51.94
CA GLU D 630 31.38 -8.26 50.54
C GLU D 630 31.56 -6.90 49.88
N ILE D 631 30.71 -5.94 50.23
CA ILE D 631 30.76 -4.62 49.60
C ILE D 631 31.84 -3.75 50.25
N GLY D 632 31.97 -3.80 51.58
CA GLY D 632 33.00 -3.05 52.27
C GLY D 632 32.57 -1.64 52.65
N ILE D 633 32.80 -1.27 53.91
CA ILE D 633 32.23 -0.05 54.50
C ILE D 633 32.73 1.20 53.80
N ARG D 634 33.88 1.13 53.13
CA ARG D 634 34.40 2.26 52.36
C ARG D 634 33.53 2.59 51.15
N ASN D 635 32.84 1.60 50.59
CA ASN D 635 32.22 1.71 49.28
C ASN D 635 30.73 2.07 49.32
N ILE D 636 30.10 2.10 50.49
CA ILE D 636 28.64 2.25 50.59
C ILE D 636 28.18 3.70 50.57
N ASN D 637 29.08 4.61 50.16
CA ASN D 637 28.79 6.05 50.07
C ASN D 637 27.56 6.38 49.21
N PHE D 638 27.07 5.44 48.41
CA PHE D 638 25.87 5.64 47.61
C PHE D 638 24.56 5.39 48.35
N ILE D 639 24.57 4.70 49.50
CA ILE D 639 23.31 4.37 50.19
C ILE D 639 22.88 5.43 51.19
N LEU D 640 23.72 6.41 51.49
CA LEU D 640 23.44 7.38 52.56
C LEU D 640 22.16 8.21 52.33
N PRO D 641 21.86 8.74 51.12
CA PRO D 641 20.55 9.39 50.95
C PRO D 641 19.34 8.48 51.18
N VAL D 642 19.45 7.19 50.91
CA VAL D 642 18.30 6.29 51.10
C VAL D 642 17.97 6.13 52.57
N ILE D 643 18.98 5.83 53.40
CA ILE D 643 18.75 5.66 54.82
C ILE D 643 18.35 7.00 55.45
N GLN D 644 18.87 8.11 54.92
CA GLN D 644 18.45 9.44 55.40
C GLN D 644 16.98 9.69 55.12
N GLU D 645 16.52 9.43 53.90
CA GLU D 645 15.12 9.70 53.57
C GLU D 645 14.16 8.71 54.20
N TRP D 646 14.61 7.51 54.57
CA TRP D 646 13.75 6.66 55.38
C TRP D 646 13.59 7.18 56.81
N ASN D 647 14.71 7.44 57.51
CA ASN D 647 14.59 7.82 58.92
C ASN D 647 13.89 9.16 59.11
N GLN D 648 13.86 10.00 58.09
CA GLN D 648 13.18 11.30 58.18
C GLN D 648 11.66 11.15 58.38
N ARG D 649 11.09 10.01 58.01
CA ARG D 649 9.65 9.80 58.12
C ARG D 649 9.25 8.66 59.03
N ASN D 650 10.04 7.59 59.14
CA ASN D 650 9.68 6.40 59.91
C ASN D 650 10.64 6.22 61.07
N LYS D 651 10.11 6.17 62.29
CA LYS D 651 10.94 6.20 63.48
C LYS D 651 10.74 5.01 64.42
N VAL D 652 10.02 3.98 63.98
CA VAL D 652 9.88 2.72 64.71
C VAL D 652 9.92 1.59 63.69
N GLY D 653 10.59 0.49 64.05
CA GLY D 653 10.56 -0.71 63.23
C GLY D 653 11.94 -1.14 62.76
N GLU D 654 11.96 -2.35 62.18
CA GLU D 654 13.22 -3.04 61.88
C GLU D 654 14.08 -2.27 60.88
N THR D 655 13.44 -1.70 59.85
CA THR D 655 14.20 -0.97 58.84
C THR D 655 14.84 0.28 59.44
N THR D 656 14.18 0.89 60.41
CA THR D 656 14.78 2.02 61.10
C THR D 656 16.01 1.61 61.92
N ARG D 657 15.96 0.44 62.57
CA ARG D 657 17.15 -0.10 63.25
C ARG D 657 18.30 -0.33 62.28
N LEU D 658 18.02 -0.97 61.14
CA LEU D 658 19.09 -1.27 60.17
C LEU D 658 19.71 0.00 59.61
N SER D 659 18.87 0.99 59.26
CA SER D 659 19.38 2.26 58.74
C SER D 659 20.28 2.96 59.75
N SER D 660 19.87 2.97 61.02
CA SER D 660 20.68 3.65 62.02
C SER D 660 21.98 2.91 62.27
N LEU D 661 21.96 1.58 62.22
CA LEU D 661 23.19 0.81 62.43
C LEU D 661 24.20 1.05 61.30
N ILE D 662 23.72 1.16 60.06
CA ILE D 662 24.62 1.47 58.94
C ILE D 662 25.27 2.84 59.13
N ALA D 663 24.47 3.85 59.53
CA ALA D 663 25.03 5.18 59.73
C ALA D 663 26.10 5.19 60.84
N LEU D 664 25.85 4.46 61.93
CA LEU D 664 26.82 4.41 63.03
C LEU D 664 28.11 3.72 62.60
N LYS D 665 28.02 2.63 61.83
CA LYS D 665 29.23 1.93 61.40
C LYS D 665 30.08 2.83 60.49
N TYR D 666 29.45 3.58 59.58
CA TYR D 666 30.21 4.48 58.72
C TYR D 666 30.89 5.60 59.51
N TYR D 667 30.20 6.14 60.53
CA TYR D 667 30.80 7.18 61.37
C TYR D 667 32.02 6.66 62.12
N GLN D 668 31.91 5.45 62.69
CA GLN D 668 33.04 4.86 63.40
C GLN D 668 34.21 4.60 62.46
N TRP D 669 33.91 4.24 61.20
CA TRP D 669 34.99 4.06 60.22
C TRP D 669 35.71 5.37 59.94
N THR D 670 34.97 6.47 59.79
CA THR D 670 35.64 7.75 59.56
C THR D 670 36.48 8.16 60.75
N ILE D 671 36.05 7.82 61.97
CA ILE D 671 36.87 8.09 63.15
C ILE D 671 38.17 7.32 63.10
N ASP D 672 38.11 6.01 62.81
CA ASP D 672 39.35 5.21 62.78
C ASP D 672 40.31 5.66 61.68
N GLU D 673 39.81 6.19 60.57
CA GLU D 673 40.64 6.66 59.46
C GLU D 673 41.04 8.13 59.57
N ASP D 674 40.59 8.85 60.59
CA ASP D 674 40.80 10.29 60.82
C ASP D 674 40.26 11.19 59.71
N VAL D 675 39.43 10.68 58.78
CA VAL D 675 38.94 11.49 57.68
C VAL D 675 37.85 12.44 58.13
N TYR D 676 37.82 13.62 57.50
CA TYR D 676 36.93 14.72 57.86
C TYR D 676 35.50 14.48 57.41
N LEU D 677 34.56 14.85 58.28
CA LEU D 677 33.16 15.01 57.94
C LEU D 677 32.81 16.48 58.10
N SER D 678 32.24 17.08 57.05
CA SER D 678 32.08 18.53 56.98
C SER D 678 31.08 19.03 58.01
N GLY D 679 31.57 19.74 59.03
CA GLY D 679 30.73 20.16 60.15
C GLY D 679 29.89 21.35 59.76
N ARG D 680 28.60 21.09 59.52
CA ARG D 680 27.75 22.07 58.86
C ARG D 680 26.32 22.11 59.37
N ASP D 681 25.98 21.29 60.37
CA ASP D 681 24.73 21.29 61.12
C ASP D 681 23.52 21.27 60.19
N ASN D 682 23.48 20.24 59.35
CA ASN D 682 22.55 20.13 58.24
C ASN D 682 21.64 18.95 58.50
N GLU D 683 20.35 19.14 58.20
CA GLU D 683 19.33 18.10 58.38
C GLU D 683 19.67 16.81 57.65
N LYS D 684 20.37 16.91 56.52
CA LYS D 684 20.69 15.79 55.65
C LYS D 684 21.93 15.01 56.07
N ASN D 685 22.61 15.44 57.15
CA ASN D 685 23.88 14.88 57.58
C ASN D 685 23.69 13.51 58.24
N ILE D 686 24.80 12.77 58.39
CA ILE D 686 24.76 11.39 58.89
C ILE D 686 24.34 11.34 60.38
N LEU D 687 24.79 12.32 61.17
CA LEU D 687 24.54 12.29 62.60
C LEU D 687 23.06 12.46 62.90
N HIS D 688 22.34 13.21 62.06
CA HIS D 688 20.90 13.33 62.20
C HIS D 688 20.19 12.03 61.88
N THR D 689 20.74 11.23 60.96
CA THR D 689 20.19 9.92 60.67
C THR D 689 20.33 9.01 61.88
N ILE D 690 21.45 9.11 62.60
CA ILE D 690 21.61 8.32 63.82
C ILE D 690 20.58 8.74 64.88
N LEU D 691 20.41 10.04 65.08
CA LEU D 691 19.56 10.53 66.17
C LEU D 691 18.08 10.25 65.91
N HIS D 692 17.64 10.37 64.65
CA HIS D 692 16.24 10.11 64.33
C HIS D 692 15.80 8.67 64.61
N GLY D 693 16.74 7.72 64.65
CA GLY D 693 16.40 6.35 64.95
C GLY D 693 16.80 5.86 66.32
N ALA D 694 17.17 6.76 67.24
CA ALA D 694 17.86 6.37 68.48
C ALA D 694 17.02 5.52 69.41
N ALA D 695 15.69 5.51 69.23
CA ALA D 695 14.86 4.66 70.06
C ALA D 695 15.08 3.18 69.76
N MET D 696 15.56 2.87 68.56
CA MET D 696 15.79 1.50 68.12
C MET D 696 17.19 0.98 68.38
N ILE D 697 18.11 1.84 68.82
CA ILE D 697 19.52 1.44 69.01
C ILE D 697 20.04 1.79 70.40
N LYS D 698 19.18 1.67 71.40
CA LYS D 698 19.53 1.96 72.80
C LYS D 698 20.76 1.21 73.34
N PRO D 699 20.94 -0.11 73.13
CA PRO D 699 22.19 -0.74 73.63
C PRO D 699 23.46 -0.18 73.00
N GLU D 700 23.42 0.11 71.70
CA GLU D 700 24.58 0.66 71.01
C GLU D 700 24.90 2.08 71.50
N MET D 701 23.86 2.90 71.69
CA MET D 701 24.05 4.26 72.21
C MET D 701 24.64 4.24 73.61
N GLU D 702 24.14 3.32 74.46
CA GLU D 702 24.66 3.20 75.82
C GLU D 702 26.14 2.81 75.82
N GLU D 703 26.52 1.90 74.92
CA GLU D 703 27.92 1.50 74.85
C GLU D 703 28.81 2.68 74.47
N VAL D 704 28.35 3.51 73.52
CA VAL D 704 29.13 4.68 73.13
C VAL D 704 29.28 5.67 74.30
N LEU D 705 28.18 5.94 75.02
CA LEU D 705 28.23 6.91 76.11
C LEU D 705 29.12 6.43 77.26
N VAL D 706 29.08 5.13 77.56
CA VAL D 706 29.95 4.56 78.58
C VAL D 706 31.41 4.77 78.21
N LYS D 707 31.76 4.53 76.94
CA LYS D 707 33.15 4.69 76.52
C LYS D 707 33.60 6.16 76.61
N VAL D 708 32.72 7.10 76.24
CA VAL D 708 33.08 8.52 76.31
C VAL D 708 33.31 8.95 77.76
N LEU D 709 32.42 8.54 78.66
CA LEU D 709 32.57 8.94 80.06
C LEU D 709 33.79 8.28 80.69
N LYS D 710 34.12 7.05 80.28
CA LYS D 710 35.30 6.37 80.79
C LYS D 710 36.58 7.06 80.38
N ASN D 711 36.68 7.49 79.11
CA ASN D 711 37.92 8.09 78.63
C ASN D 711 37.96 9.61 78.80
N ARG D 712 36.84 10.24 79.16
CA ARG D 712 36.73 11.70 79.35
C ARG D 712 37.14 12.49 78.11
N TRP D 713 36.65 12.06 76.94
CA TRP D 713 36.83 12.73 75.66
C TRP D 713 35.97 13.98 75.53
N LYS D 714 36.33 15.06 76.22
CA LYS D 714 35.53 16.27 76.31
C LYS D 714 36.05 17.43 75.45
N GLU D 715 37.01 17.18 74.56
CA GLU D 715 37.72 18.25 73.88
C GLU D 715 37.68 18.07 72.37
N HIS D 716 37.75 19.19 71.65
CA HIS D 716 37.59 19.22 70.20
C HIS D 716 38.66 18.40 69.51
N GLY D 717 38.22 17.48 68.64
CA GLY D 717 39.10 16.62 67.91
C GLY D 717 39.22 15.21 68.47
N THR D 718 38.72 14.97 69.67
CA THR D 718 38.67 13.64 70.26
C THR D 718 37.46 12.87 69.69
N PRO D 719 37.41 11.53 69.85
CA PRO D 719 36.29 10.77 69.25
C PRO D 719 34.91 11.16 69.74
N TYR D 720 33.94 11.04 68.82
CA TYR D 720 32.50 11.23 69.03
C TYR D 720 32.07 12.64 69.45
N PHE D 721 32.98 13.62 69.40
CA PHE D 721 32.75 14.94 69.98
C PHE D 721 31.54 15.65 69.35
N ASP D 722 31.35 15.48 68.03
CA ASP D 722 30.24 16.13 67.33
C ASP D 722 28.88 15.59 67.80
N LEU D 723 28.75 14.26 67.87
CA LEU D 723 27.49 13.65 68.28
C LEU D 723 27.16 13.99 69.73
N MET D 724 28.19 14.01 70.59
CA MET D 724 28.01 14.42 71.98
C MET D 724 27.57 15.86 72.08
N THR D 725 28.06 16.73 71.19
CA THR D 725 27.60 18.12 71.18
C THR D 725 26.12 18.22 70.84
N LEU D 726 25.69 17.46 69.82
CA LEU D 726 24.28 17.49 69.44
C LEU D 726 23.37 17.02 70.58
N ILE D 727 23.77 15.98 71.31
CA ILE D 727 22.95 15.46 72.41
C ILE D 727 22.68 16.53 73.48
N LEU D 728 23.61 17.46 73.67
CA LEU D 728 23.44 18.54 74.63
C LEU D 728 22.81 19.79 74.04
N THR D 729 22.67 19.88 72.73
CA THR D 729 22.20 21.14 72.15
C THR D 729 20.95 21.06 71.29
N ASP D 730 20.60 19.89 70.74
CA ASP D 730 19.67 19.79 69.60
C ASP D 730 18.39 19.04 69.96
N LEU D 731 17.23 19.60 69.58
CA LEU D 731 15.92 19.03 69.94
C LEU D 731 15.68 17.65 69.33
N ASP D 732 16.33 17.35 68.20
CA ASP D 732 16.19 16.03 67.60
C ASP D 732 16.74 14.92 68.48
N SER D 733 17.53 15.25 69.51
CA SER D 733 18.11 14.28 70.44
C SER D 733 17.11 13.77 71.47
N TYR D 734 15.86 14.21 71.45
CA TYR D 734 14.92 13.85 72.52
C TYR D 734 14.67 12.36 72.75
N PRO D 735 14.76 11.44 71.76
CA PRO D 735 14.71 10.01 72.15
C PRO D 735 15.85 9.57 73.06
N VAL D 736 17.03 10.19 72.96
CA VAL D 736 18.10 9.89 73.91
C VAL D 736 17.73 10.39 75.30
N TRP D 737 17.21 11.63 75.37
CA TRP D 737 16.78 12.19 76.65
C TRP D 737 15.69 11.35 77.29
N ALA D 738 14.83 10.73 76.49
CA ALA D 738 13.80 9.86 77.05
C ALA D 738 14.35 8.50 77.46
N SER D 739 15.34 7.99 76.74
CA SER D 739 15.78 6.61 76.93
C SER D 739 16.91 6.47 77.96
N LEU D 740 17.84 7.43 77.99
CA LEU D 740 19.04 7.27 78.81
C LEU D 740 19.36 8.49 79.67
N PRO D 741 18.42 8.99 80.50
CA PRO D 741 18.65 10.31 81.16
C PRO D 741 19.80 10.33 82.16
N GLU D 742 20.05 9.21 82.84
CA GLU D 742 21.11 9.13 83.83
C GLU D 742 22.49 9.34 83.21
N TYR D 743 22.67 8.95 81.95
CA TYR D 743 23.93 9.21 81.26
C TYR D 743 24.02 10.65 80.75
N VAL D 744 22.89 11.23 80.33
CA VAL D 744 22.89 12.60 79.81
C VAL D 744 23.28 13.59 80.90
N LEU D 745 22.83 13.34 82.14
CA LEU D 745 23.24 14.21 83.24
C LEU D 745 24.75 14.17 83.47
N GLN D 746 25.36 12.99 83.41
CA GLN D 746 26.81 12.87 83.57
C GLN D 746 27.56 13.51 82.42
N LEU D 747 27.02 13.40 81.20
CA LEU D 747 27.62 14.06 80.04
C LEU D 747 27.58 15.58 80.20
N ALA D 748 26.48 16.12 80.70
CA ALA D 748 26.38 17.57 80.91
C ALA D 748 27.35 18.03 81.98
N ASP D 749 27.46 17.26 83.06
CA ASP D 749 28.44 17.56 84.10
C ASP D 749 29.86 17.55 83.55
N LEU D 750 30.17 16.61 82.66
CA LEU D 750 31.50 16.55 82.07
C LEU D 750 31.77 17.72 81.12
N PHE D 751 30.77 18.09 80.31
CA PHE D 751 31.02 19.05 79.24
C PHE D 751 30.85 20.51 79.65
N TRP D 752 29.98 20.82 80.62
CA TRP D 752 29.69 22.23 80.92
C TRP D 752 30.67 22.91 81.88
N TYR D 753 31.26 22.21 82.84
CA TYR D 753 31.99 22.85 83.93
C TYR D 753 33.51 22.86 83.72
N ARG D 754 34.12 24.02 83.93
CA ARG D 754 35.57 24.23 83.83
C ARG D 754 36.07 24.83 85.14
N PRO D 755 36.71 24.04 86.00
CA PRO D 755 37.14 24.55 87.32
C PRO D 755 38.17 25.67 87.21
N LEU D 756 38.10 26.63 88.14
CA LEU D 756 39.04 27.74 88.18
C LEU D 756 40.45 27.27 88.52
N ASP D 767 35.01 38.47 80.05
CA ASP D 767 33.59 38.15 80.15
C ASP D 767 33.30 37.26 81.36
N ILE D 768 32.10 37.45 81.94
CA ILE D 768 31.75 36.89 83.23
C ILE D 768 31.70 35.36 83.22
N GLU D 769 31.60 34.76 82.03
CA GLU D 769 31.69 33.30 81.88
C GLU D 769 32.97 32.75 82.49
N ASP D 770 34.08 33.49 82.36
CA ASP D 770 35.35 33.07 82.94
C ASP D 770 35.30 33.06 84.46
N GLU D 771 34.47 33.93 85.07
CA GLU D 771 34.34 33.98 86.51
C GLU D 771 33.43 32.89 87.04
N PHE D 772 32.37 32.57 86.31
CA PHE D 772 31.50 31.44 86.64
C PHE D 772 32.19 30.10 86.42
N GLY D 773 33.20 30.05 85.55
CA GLY D 773 33.92 28.81 85.28
C GLY D 773 33.32 27.99 84.16
N LEU D 774 33.02 28.65 83.04
CA LEU D 774 32.28 28.05 81.94
C LEU D 774 32.98 28.30 80.60
N PHE D 775 32.83 27.35 79.67
CA PHE D 775 33.50 27.40 78.37
C PHE D 775 32.88 28.44 77.45
N ARG D 776 33.70 29.08 76.62
CA ARG D 776 33.26 30.19 75.79
C ARG D 776 32.48 29.78 74.54
N SER D 777 32.20 28.49 74.33
CA SER D 777 31.20 28.07 73.34
C SER D 777 29.77 28.34 73.79
N HIS D 778 29.66 29.04 74.92
CA HIS D 778 28.42 29.36 75.62
C HIS D 778 27.38 30.05 74.74
N HIS D 779 27.80 30.75 73.70
CA HIS D 779 26.83 31.37 72.79
C HIS D 779 26.09 30.38 71.89
N ASP D 780 26.31 29.07 72.06
CA ASP D 780 25.35 28.08 71.57
C ASP D 780 23.97 28.30 72.17
N TYR D 781 23.90 28.92 73.35
CA TYR D 781 22.66 29.14 74.08
C TYR D 781 22.19 30.59 74.07
N TYR D 782 22.74 31.45 73.17
CA TYR D 782 22.66 32.91 73.23
C TYR D 782 21.25 33.46 73.51
N PRO D 783 20.18 33.23 72.66
CA PRO D 783 18.88 33.78 73.07
C PRO D 783 18.27 32.93 74.18
N GLU D 784 18.60 33.27 75.43
CA GLU D 784 18.33 32.41 76.57
C GLU D 784 16.83 32.16 76.73
N SER D 785 16.49 30.89 77.02
CA SER D 785 15.14 30.35 76.89
C SER D 785 15.04 28.97 77.54
N PRO D 786 13.85 28.56 78.01
CA PRO D 786 13.72 27.22 78.63
C PRO D 786 13.93 26.05 77.67
N TYR D 787 13.91 26.29 76.36
CA TYR D 787 14.13 25.26 75.36
C TYR D 787 15.57 25.15 74.87
N GLN D 788 16.52 25.80 75.53
CA GLN D 788 17.91 25.80 75.07
C GLN D 788 18.70 24.54 75.47
N THR D 789 18.24 23.78 76.44
CA THR D 789 18.97 22.67 77.03
C THR D 789 18.04 21.49 77.26
N PRO D 790 18.57 20.28 77.47
CA PRO D 790 17.69 19.14 77.77
C PRO D 790 16.98 19.17 79.13
N ILE D 791 17.26 20.16 80.00
CA ILE D 791 16.82 20.12 81.39
C ILE D 791 15.30 20.05 81.52
N TYR D 792 14.56 20.75 80.66
CA TYR D 792 13.10 20.74 80.73
C TYR D 792 12.51 19.35 80.50
N TRP D 793 13.13 18.56 79.64
CA TRP D 793 12.68 17.20 79.40
C TRP D 793 13.23 16.19 80.40
N LEU D 794 14.44 16.41 80.92
CA LEU D 794 14.98 15.54 81.96
C LEU D 794 14.18 15.65 83.26
N LEU D 795 13.57 16.80 83.53
CA LEU D 795 12.70 16.92 84.69
C LEU D 795 11.47 16.05 84.56
N GLN D 796 10.96 15.89 83.33
CA GLN D 796 9.85 14.97 83.10
C GLN D 796 10.32 13.51 83.14
N SER D 797 11.56 13.26 82.72
CA SER D 797 12.06 11.90 82.59
C SER D 797 12.60 11.35 83.92
N GLN D 798 13.37 12.18 84.66
CA GLN D 798 14.01 11.80 85.93
C GLN D 798 14.01 13.04 86.83
N PHE D 799 12.96 13.19 87.64
CA PHE D 799 12.74 14.44 88.38
C PHE D 799 13.77 14.64 89.49
N LYS D 800 13.85 13.67 90.42
CA LYS D 800 14.67 13.82 91.63
C LYS D 800 16.14 14.02 91.28
N LYS D 801 16.66 13.23 90.34
CA LYS D 801 18.06 13.33 89.98
C LYS D 801 18.37 14.64 89.27
N THR D 802 17.42 15.15 88.48
CA THR D 802 17.63 16.44 87.82
C THR D 802 17.64 17.58 88.83
N ILE D 803 16.77 17.50 89.86
CA ILE D 803 16.78 18.50 90.93
C ILE D 803 18.12 18.52 91.66
N ASP D 804 18.63 17.31 91.98
CA ASP D 804 19.96 17.22 92.59
C ASP D 804 21.03 17.87 91.71
N PHE D 805 21.00 17.60 90.40
CA PHE D 805 21.97 18.17 89.48
C PHE D 805 21.91 19.69 89.45
N ILE D 806 20.71 20.24 89.38
CA ILE D 806 20.53 21.69 89.30
C ILE D 806 21.12 22.37 90.54
N LEU D 807 20.84 21.80 91.72
CA LEU D 807 21.38 22.38 92.95
C LEU D 807 22.91 22.32 93.01
N ASP D 808 23.50 21.16 92.67
CA ASP D 808 24.97 21.04 92.74
C ASP D 808 25.66 22.00 91.78
N PHE D 809 25.19 22.06 90.53
CA PHE D 809 25.82 22.90 89.52
C PHE D 809 25.72 24.37 89.89
N THR D 810 24.56 24.78 90.42
CA THR D 810 24.39 26.17 90.85
C THR D 810 25.32 26.53 92.01
N ASN D 811 25.47 25.63 92.99
CA ASN D 811 26.32 25.94 94.14
C ASN D 811 27.78 26.12 93.71
N LYS D 812 28.30 25.19 92.90
CA LYS D 812 29.65 25.30 92.34
C LYS D 812 29.85 26.63 91.62
N THR D 813 28.92 26.95 90.73
CA THR D 813 29.10 28.09 89.83
C THR D 813 29.02 29.41 90.57
N THR D 814 28.08 29.53 91.53
CA THR D 814 27.97 30.77 92.29
C THR D 814 29.20 30.98 93.18
N ILE D 815 29.77 29.91 93.74
CA ILE D 815 30.97 30.10 94.56
C ILE D 815 32.12 30.56 93.70
N CYS D 816 32.17 30.06 92.46
CA CYS D 816 33.20 30.46 91.51
C CYS D 816 33.14 31.97 91.22
N PHE D 817 31.93 32.48 90.98
CA PHE D 817 31.78 33.92 90.72
C PHE D 817 32.04 34.77 91.96
N ALA D 818 31.60 34.30 93.13
CA ALA D 818 31.63 35.14 94.32
C ALA D 818 33.04 35.51 94.76
N HIS D 819 33.99 34.63 94.55
CA HIS D 819 35.39 34.86 94.90
C HIS D 819 36.20 35.44 93.74
N SER D 820 35.55 35.85 92.66
CA SER D 820 36.23 36.54 91.58
C SER D 820 36.54 37.99 91.95
N HIS D 821 37.48 38.58 91.19
CA HIS D 821 37.77 40.01 91.26
C HIS D 821 36.61 40.84 90.72
N PHE D 822 35.84 40.25 89.81
CA PHE D 822 34.66 40.88 89.22
C PHE D 822 33.64 41.22 90.30
N ALA D 823 33.47 40.30 91.25
CA ALA D 823 32.34 40.30 92.18
C ALA D 823 32.51 41.24 93.35
N LYS D 824 33.73 41.72 93.60
CA LYS D 824 34.16 42.14 94.94
C LYS D 824 33.30 43.26 95.50
N ASN D 825 32.76 44.12 94.64
CA ASN D 825 31.99 45.28 95.06
C ASN D 825 30.56 45.27 94.54
N GLU D 826 30.02 44.10 94.21
CA GLU D 826 28.61 43.90 93.88
C GLU D 826 27.93 42.87 94.77
N ILE D 827 28.65 41.85 95.21
CA ILE D 827 28.04 40.72 95.92
C ILE D 827 27.97 40.99 97.43
N GLU D 828 26.79 40.73 98.00
CA GLU D 828 26.50 40.72 99.42
C GLU D 828 26.29 39.28 99.90
N GLU D 829 26.26 39.11 101.22
CA GLU D 829 25.85 37.86 101.85
C GLU D 829 24.77 38.15 102.89
N VAL D 830 23.77 37.27 102.97
CA VAL D 830 22.61 37.48 103.85
C VAL D 830 22.31 36.20 104.63
N ASP D 831 21.94 36.37 105.91
CA ASP D 831 21.40 35.29 106.73
C ASP D 831 19.93 35.05 106.42
N VAL D 832 19.59 33.81 106.07
CA VAL D 832 18.24 33.43 105.65
C VAL D 832 17.60 32.57 106.73
N PHE D 833 16.39 32.95 107.14
CA PHE D 833 15.64 32.20 108.15
C PHE D 833 15.00 30.95 107.54
N ILE D 834 15.07 29.83 108.26
CA ILE D 834 14.48 28.57 107.81
C ILE D 834 13.52 27.99 108.85
N GLU D 835 13.89 28.02 110.12
CA GLU D 835 13.04 27.54 111.21
C GLU D 835 13.53 28.26 112.47
N GLU D 836 12.74 28.16 113.55
CA GLU D 836 13.06 28.73 114.85
C GLU D 836 14.45 28.30 115.32
N GLY D 837 15.37 29.26 115.35
CA GLY D 837 16.75 28.99 115.69
C GLY D 837 17.61 28.48 114.55
N LYS D 838 17.09 28.43 113.33
CA LYS D 838 17.79 27.87 112.17
C LYS D 838 17.98 28.92 111.10
N PHE D 839 19.24 29.26 110.82
CA PHE D 839 19.62 30.21 109.77
C PHE D 839 20.73 29.62 108.91
N ILE D 840 20.78 30.05 107.64
CA ILE D 840 21.86 29.74 106.71
C ILE D 840 22.20 31.01 105.94
N LYS D 841 23.38 31.04 105.29
CA LYS D 841 23.82 32.21 104.53
C LYS D 841 23.89 31.92 103.02
N GLN D 842 23.51 32.93 102.24
CA GLN D 842 23.44 32.89 100.79
C GLN D 842 24.06 34.16 100.20
N TYR D 843 24.66 34.02 99.01
CA TYR D 843 25.17 35.15 98.24
C TYR D 843 24.04 35.80 97.44
N ILE D 844 24.08 37.13 97.31
CA ILE D 844 22.96 37.85 96.69
C ILE D 844 23.45 39.16 96.07
N CYS D 845 22.82 39.51 94.94
CA CYS D 845 22.88 40.82 94.28
C CYS D 845 21.80 40.84 93.21
N ASN D 846 21.62 42.01 92.58
CA ASN D 846 20.61 42.16 91.53
C ASN D 846 20.87 41.24 90.34
N ARG D 847 22.14 40.97 90.04
CA ARG D 847 22.47 40.14 88.88
C ARG D 847 22.08 38.68 89.14
N LEU D 848 22.26 38.19 90.36
CA LEU D 848 21.87 36.83 90.68
C LEU D 848 20.36 36.69 90.81
N TRP D 849 19.70 37.67 91.44
CA TRP D 849 18.26 37.57 91.68
C TRP D 849 17.46 37.50 90.38
N CYS D 850 17.87 38.23 89.35
CA CYS D 850 17.07 38.34 88.13
C CYS D 850 17.44 37.32 87.07
N SER D 851 18.18 36.27 87.42
CA SER D 851 18.67 35.29 86.45
C SER D 851 17.55 34.63 85.67
N TYR D 852 16.47 34.26 86.36
CA TYR D 852 15.34 33.57 85.75
C TYR D 852 14.47 34.46 84.86
N ARG D 853 14.72 35.77 84.83
CA ARG D 853 13.99 36.71 84.00
C ARG D 853 14.74 37.18 82.76
N GLY D 854 16.08 37.20 82.79
CA GLY D 854 16.84 37.70 81.67
C GLY D 854 16.92 39.20 81.59
N THR D 855 16.45 39.91 82.61
CA THR D 855 16.47 41.37 82.63
C THR D 855 17.82 41.95 83.01
N GLN D 856 18.79 41.11 83.36
CA GLN D 856 20.12 41.54 83.79
C GLN D 856 21.18 40.79 82.99
N VAL D 857 22.36 41.40 82.90
CA VAL D 857 23.46 40.82 82.14
C VAL D 857 24.05 39.65 82.92
N SER D 858 23.67 38.45 82.54
CA SER D 858 24.13 37.23 83.21
C SER D 858 24.11 36.09 82.20
N THR D 859 24.78 35.01 82.58
CA THR D 859 25.03 33.84 81.74
C THR D 859 23.77 33.23 81.15
N TYR D 860 23.78 33.06 79.83
CA TYR D 860 22.63 32.51 79.11
C TYR D 860 22.34 31.07 79.52
N LEU D 861 23.39 30.27 79.81
CA LEU D 861 23.19 28.89 80.23
C LEU D 861 22.47 28.81 81.57
N LEU D 862 22.98 29.53 82.58
CA LEU D 862 22.34 29.56 83.89
C LEU D 862 20.95 30.15 83.82
N SER D 863 20.79 31.20 83.02
CA SER D 863 19.47 31.78 82.81
C SER D 863 18.51 30.74 82.25
N SER D 864 18.95 29.96 81.25
CA SER D 864 18.08 28.99 80.61
C SER D 864 17.71 27.87 81.56
N ILE D 865 18.65 27.45 82.42
CA ILE D 865 18.35 26.42 83.42
C ILE D 865 17.28 26.90 84.39
N HIS D 866 17.42 28.13 84.88
CA HIS D 866 16.45 28.64 85.84
C HIS D 866 15.08 28.92 85.20
N MET D 867 15.04 29.36 83.94
CA MET D 867 13.76 29.44 83.23
C MET D 867 13.11 28.08 83.07
N ALA D 868 13.88 27.05 82.74
CA ALA D 868 13.29 25.73 82.59
C ALA D 868 12.68 25.24 83.90
N LEU D 869 13.36 25.49 85.02
CA LEU D 869 12.84 25.08 86.32
C LEU D 869 11.53 25.80 86.65
N GLU D 870 11.48 27.12 86.43
CA GLU D 870 10.25 27.87 86.71
C GLU D 870 9.10 27.39 85.83
N LYS D 871 9.36 27.16 84.55
CA LYS D 871 8.30 26.73 83.63
C LYS D 871 7.76 25.36 84.01
N PHE D 872 8.64 24.45 84.45
CA PHE D 872 8.16 23.13 84.88
C PHE D 872 7.24 23.24 86.09
N PHE D 873 7.63 24.04 87.09
CA PHE D 873 6.76 24.14 88.26
C PHE D 873 5.44 24.83 87.94
N LEU D 874 5.45 25.85 87.07
CA LEU D 874 4.19 26.52 86.74
C LEU D 874 3.27 25.64 85.90
N GLU D 875 3.83 24.77 85.06
CA GLU D 875 2.98 23.91 84.22
C GLU D 875 2.47 22.67 84.96
N ASN D 876 3.33 22.00 85.72
CA ASN D 876 3.00 20.63 86.15
C ASN D 876 2.43 20.52 87.56
N PHE D 877 2.63 21.49 88.45
CA PHE D 877 2.06 21.45 89.79
C PHE D 877 0.75 22.23 89.94
N LYS D 878 0.11 22.60 88.82
CA LYS D 878 -1.02 23.52 88.81
C LYS D 878 -2.24 22.95 89.53
N ASN D 879 -2.37 21.63 89.59
CA ASN D 879 -3.47 20.97 90.29
C ASN D 879 -2.99 20.10 91.44
N ALA D 880 -1.84 20.39 92.01
CA ALA D 880 -1.21 19.53 93.00
C ALA D 880 -1.84 19.69 94.39
N ASP D 881 -1.61 18.66 95.22
CA ASP D 881 -1.93 18.71 96.64
C ASP D 881 -0.94 19.63 97.34
N SER D 882 -1.46 20.50 98.23
CA SER D 882 -0.68 21.61 98.77
C SER D 882 0.55 21.12 99.52
N LYS D 883 0.42 19.98 100.20
CA LYS D 883 1.52 19.45 101.00
C LYS D 883 2.72 19.10 100.13
N VAL D 884 2.46 18.51 98.96
CA VAL D 884 3.51 18.12 98.01
C VAL D 884 4.27 19.35 97.51
N LEU D 885 3.52 20.35 97.05
CA LEU D 885 4.12 21.56 96.48
C LEU D 885 4.95 22.31 97.52
N GLU D 886 4.39 22.50 98.72
CA GLU D 886 5.11 23.21 99.76
C GLU D 886 6.36 22.45 100.22
N SER D 887 6.27 21.11 100.27
CA SER D 887 7.45 20.34 100.67
C SER D 887 8.59 20.49 99.67
N TRP D 888 8.29 20.50 98.36
CA TRP D 888 9.38 20.68 97.41
C TRP D 888 9.96 22.10 97.45
N LEU D 889 9.11 23.12 97.64
CA LEU D 889 9.63 24.49 97.70
C LEU D 889 10.54 24.69 98.91
N LEU D 890 10.17 24.13 100.06
CA LEU D 890 11.02 24.21 101.25
C LEU D 890 12.32 23.43 101.06
N PHE D 891 12.26 22.29 100.35
CA PHE D 891 13.48 21.55 100.03
C PHE D 891 14.44 22.38 99.20
N LEU D 892 13.92 23.14 98.23
CA LEU D 892 14.80 23.99 97.44
C LEU D 892 15.43 25.09 98.28
N LEU D 893 14.67 25.69 99.19
CA LEU D 893 15.24 26.74 100.04
C LEU D 893 16.36 26.22 100.94
N ARG D 894 16.19 25.01 101.50
CA ARG D 894 17.16 24.51 102.47
C ARG D 894 18.54 24.26 101.85
N ASN D 895 18.60 23.92 100.56
CA ASN D 895 19.82 23.37 99.98
C ASN D 895 20.59 24.32 99.08
N THR D 896 20.04 25.47 98.70
CA THR D 896 20.76 26.40 97.84
C THR D 896 21.73 27.27 98.63
N LYS D 897 22.86 27.57 98.02
CA LYS D 897 23.77 28.60 98.49
C LYS D 897 23.66 29.89 97.68
N SER D 898 22.79 29.91 96.66
CA SER D 898 22.65 31.04 95.75
C SER D 898 21.22 31.56 95.82
N ALA D 899 21.08 32.89 95.92
CA ALA D 899 19.76 33.51 95.98
C ALA D 899 18.99 33.39 94.67
N SER D 900 19.65 32.99 93.59
CA SER D 900 18.98 32.82 92.30
C SER D 900 17.96 31.68 92.33
N ILE D 901 18.11 30.71 93.24
CA ILE D 901 17.06 29.71 93.45
C ILE D 901 15.92 30.29 94.29
N SER D 902 16.27 31.06 95.32
CA SER D 902 15.27 31.67 96.19
C SER D 902 14.34 32.59 95.40
N ALA D 903 14.85 33.23 94.35
CA ALA D 903 14.00 34.04 93.49
C ALA D 903 12.94 33.20 92.78
N VAL D 904 13.32 32.01 92.29
CA VAL D 904 12.37 31.13 91.61
C VAL D 904 11.30 30.65 92.59
N VAL D 905 11.72 30.30 93.80
CA VAL D 905 10.76 29.88 94.83
C VAL D 905 9.76 31.01 95.12
N THR D 906 10.28 32.24 95.23
CA THR D 906 9.42 33.40 95.45
C THR D 906 8.42 33.58 94.32
N SER D 907 8.87 33.39 93.08
CA SER D 907 7.98 33.50 91.92
C SER D 907 6.83 32.50 92.00
N ILE D 908 7.12 31.27 92.40
CA ILE D 908 6.06 30.26 92.48
C ILE D 908 5.10 30.57 93.62
N VAL D 909 5.62 31.11 94.73
CA VAL D 909 4.74 31.50 95.83
C VAL D 909 3.81 32.64 95.41
N LEU D 910 4.32 33.57 94.61
CA LEU D 910 3.46 34.62 94.08
C LEU D 910 2.45 34.08 93.07
N ALA D 911 2.74 32.95 92.43
CA ALA D 911 1.81 32.44 91.42
C ALA D 911 0.64 31.66 92.02
N PHE D 912 0.86 30.91 93.11
CA PHE D 912 -0.18 30.08 93.73
C PHE D 912 -0.37 30.48 95.19
N PRO D 913 -0.89 31.70 95.46
CA PRO D 913 -0.75 32.26 96.82
C PRO D 913 -1.61 31.59 97.88
N GLU D 914 -2.77 31.03 97.51
CA GLU D 914 -3.64 30.35 98.46
C GLU D 914 -3.27 28.89 98.71
N LYS D 915 -2.39 28.31 97.90
CA LYS D 915 -1.86 26.99 98.19
C LYS D 915 -0.60 27.02 99.05
N THR D 916 0.10 28.15 99.12
CA THR D 916 1.49 28.17 99.57
C THR D 916 1.76 29.10 100.76
N PHE D 917 0.77 29.30 101.64
CA PHE D 917 0.95 30.24 102.76
C PHE D 917 2.07 29.81 103.71
N ASN D 918 2.27 28.51 103.91
CA ASN D 918 3.32 28.07 104.83
C ASN D 918 4.71 28.32 104.28
N VAL D 919 4.86 28.50 102.96
CA VAL D 919 6.15 28.93 102.43
C VAL D 919 6.30 30.44 102.54
N ALA D 920 5.23 31.18 102.23
CA ALA D 920 5.25 32.64 102.31
C ALA D 920 5.60 33.10 103.73
N LYS D 921 5.12 32.36 104.73
CA LYS D 921 5.43 32.61 106.13
C LYS D 921 6.95 32.61 106.38
N VAL D 922 7.67 31.74 105.68
CA VAL D 922 9.12 31.70 105.84
C VAL D 922 9.79 32.85 105.11
N LEU D 923 9.30 33.21 103.92
CA LEU D 923 9.92 34.25 103.12
C LEU D 923 9.80 35.62 103.78
N PHE D 924 8.65 35.91 104.42
CA PHE D 924 8.46 37.20 105.09
C PHE D 924 9.44 37.44 106.25
N GLN D 925 10.08 36.40 106.78
CA GLN D 925 10.96 36.56 107.94
C GLN D 925 12.41 36.81 107.57
N THR D 926 12.72 36.98 106.28
CA THR D 926 14.04 37.40 105.82
C THR D 926 13.92 38.78 105.19
N LYS D 927 14.67 39.75 105.71
CA LYS D 927 14.39 41.16 105.42
C LYS D 927 14.76 41.55 104.00
N ASP D 928 15.91 41.09 103.51
CA ASP D 928 16.45 41.58 102.25
C ASP D 928 15.67 41.14 101.02
N PHE D 929 14.88 40.07 101.12
CA PHE D 929 14.08 39.64 99.97
C PHE D 929 13.08 40.72 99.54
N PHE D 930 12.60 41.55 100.46
CA PHE D 930 11.74 42.68 100.10
C PHE D 930 12.46 43.69 99.20
N ARG D 931 13.75 43.92 99.45
CA ARG D 931 14.50 44.92 98.69
C ARG D 931 14.66 44.49 97.22
N PHE D 932 15.11 43.27 97.02
CA PHE D 932 15.43 42.77 95.69
C PHE D 932 14.19 42.46 94.87
N ASP D 933 13.11 41.99 95.50
CA ASP D 933 11.88 41.75 94.76
C ASP D 933 11.27 43.06 94.24
N MET D 934 11.41 44.15 95.00
CA MET D 934 10.94 45.44 94.54
C MET D 934 11.77 45.95 93.36
N ASN D 935 13.10 45.73 93.40
CA ASN D 935 13.92 46.06 92.23
C ASN D 935 13.47 45.27 91.00
N ARG D 936 13.20 43.97 91.16
CA ARG D 936 12.67 43.16 90.06
C ARG D 936 11.36 43.73 89.50
N MET D 937 10.45 44.13 90.38
CA MET D 937 9.14 44.60 89.94
C MET D 937 9.29 45.86 89.08
N VAL D 938 10.19 46.77 89.48
CA VAL D 938 10.41 47.97 88.67
C VAL D 938 11.01 47.60 87.31
N LEU D 939 11.93 46.63 87.26
CA LEU D 939 12.48 46.25 85.96
C LEU D 939 11.46 45.58 85.06
N ASP D 940 10.67 44.65 85.62
CA ASP D 940 9.65 43.92 84.88
C ASP D 940 8.62 44.86 84.26
N ARG D 941 8.25 45.90 84.99
CA ARG D 941 7.29 46.83 84.43
C ARG D 941 7.84 47.71 83.26
N THR D 942 9.07 47.51 82.73
CA THR D 942 9.62 48.25 81.59
C THR D 942 10.21 47.34 80.51
N HIS D 943 10.77 46.18 80.89
CA HIS D 943 11.55 45.31 80.00
C HIS D 943 10.83 44.91 78.70
N LYS D 944 9.52 44.67 78.78
CA LYS D 944 8.73 44.25 77.62
C LYS D 944 8.85 45.21 76.46
N SER D 945 8.83 46.52 76.76
CA SER D 945 8.96 47.53 75.73
C SER D 945 10.33 47.46 75.05
N SER D 946 11.36 47.11 75.81
CA SER D 946 12.70 47.04 75.24
C SER D 946 12.88 45.81 74.37
N LEU D 947 12.14 44.74 74.64
CA LEU D 947 12.07 43.66 73.66
C LEU D 947 11.28 44.10 72.42
N ILE D 948 10.11 44.69 72.65
CA ILE D 948 9.19 45.06 71.59
C ILE D 948 9.40 46.51 71.15
N ASN D 961 14.84 31.89 65.45
CA ASN D 961 14.84 31.90 66.91
C ASN D 961 13.45 32.22 67.47
N SER D 962 12.44 32.24 66.58
CA SER D 962 11.09 32.66 66.97
C SER D 962 10.47 31.76 68.03
N LEU D 963 10.90 30.48 68.07
CA LEU D 963 10.49 29.57 69.13
C LEU D 963 10.82 30.13 70.51
N HIS D 964 12.00 30.73 70.64
CA HIS D 964 12.45 31.27 71.91
C HIS D 964 11.86 32.65 72.18
N GLU D 965 11.81 33.49 71.13
CA GLU D 965 11.38 34.88 71.28
C GLU D 965 9.89 34.97 71.57
N GLU D 966 9.06 34.09 70.98
CA GLU D 966 7.65 34.11 71.30
C GLU D 966 7.40 33.67 72.75
N ASP D 967 8.23 32.75 73.25
CA ASP D 967 8.12 32.37 74.66
C ASP D 967 8.50 33.51 75.59
N ARG D 968 9.52 34.29 75.21
CA ARG D 968 9.86 35.48 75.99
C ARG D 968 8.74 36.52 75.96
N ILE D 969 8.15 36.74 74.79
CA ILE D 969 7.07 37.73 74.66
C ILE D 969 5.85 37.29 75.48
N LYS D 970 5.50 36.00 75.41
CA LYS D 970 4.37 35.49 76.18
C LYS D 970 4.64 35.55 77.68
N ALA D 971 5.89 35.32 78.09
CA ALA D 971 6.23 35.38 79.51
C ALA D 971 6.06 36.78 80.08
N CYS D 972 6.27 37.81 79.26
CA CYS D 972 6.03 39.16 79.70
C CYS D 972 4.55 39.44 79.94
N ASP D 973 3.66 38.62 79.37
CA ASP D 973 2.23 38.75 79.60
C ASP D 973 1.72 37.87 80.75
N ASP D 974 2.62 37.17 81.47
CA ASP D 974 2.21 36.42 82.65
C ASP D 974 1.61 37.35 83.69
N VAL D 975 0.42 37.00 84.20
CA VAL D 975 -0.33 37.90 85.08
C VAL D 975 0.41 38.13 86.40
N HIS D 976 1.05 37.10 86.94
CA HIS D 976 1.65 37.21 88.27
C HIS D 976 2.93 38.04 88.30
N ARG D 977 3.45 38.50 87.16
CA ARG D 977 4.65 39.31 87.17
C ARG D 977 4.37 40.69 87.78
N ASN D 978 3.10 41.11 87.82
CA ASN D 978 2.74 42.45 88.28
C ASN D 978 2.88 42.61 89.80
N THR D 979 2.81 41.52 90.56
CA THR D 979 2.78 41.60 92.01
C THR D 979 4.15 41.31 92.63
N TYR D 980 4.24 41.56 93.94
CA TYR D 980 5.49 41.52 94.69
C TYR D 980 5.13 41.38 96.17
N LEU D 981 6.14 41.09 96.99
CA LEU D 981 5.91 40.56 98.34
C LEU D 981 5.12 41.50 99.26
N GLU D 982 5.24 42.82 99.07
CA GLU D 982 4.45 43.74 99.90
C GLU D 982 2.95 43.59 99.64
N ASN D 983 2.56 43.50 98.37
CA ASN D 983 1.16 43.26 98.01
C ASN D 983 0.65 41.96 98.61
N LEU D 984 1.49 40.92 98.61
CA LEU D 984 1.09 39.64 99.18
C LEU D 984 0.92 39.72 100.69
N ALA D 985 1.82 40.44 101.37
CA ALA D 985 1.70 40.57 102.82
C ALA D 985 0.45 41.34 103.21
N LEU D 986 0.08 42.35 102.43
CA LEU D 986 -1.17 43.04 102.73
C LEU D 986 -2.37 42.20 102.39
N HIS D 987 -2.28 41.45 101.30
CA HIS D 987 -3.43 40.73 100.77
C HIS D 987 -3.96 39.66 101.72
N TYR D 988 -3.07 38.92 102.37
CA TYR D 988 -3.49 37.91 103.36
C TYR D 988 -4.22 38.50 104.56
N GLN D 989 -4.10 39.81 104.81
CA GLN D 989 -4.77 40.42 105.95
C GLN D 989 -6.18 40.94 105.63
N ILE D 990 -6.59 40.89 104.37
CA ILE D 990 -7.81 41.56 103.92
C ILE D 990 -8.79 40.61 103.21
N PHE D 991 -8.28 39.75 102.33
CA PHE D 991 -9.15 39.01 101.42
C PHE D 991 -9.25 37.54 101.79
N ARG D 992 -10.45 36.99 101.64
CA ARG D 992 -10.76 35.59 101.93
C ARG D 992 -11.42 34.95 100.71
N SER D 993 -10.82 33.85 100.25
CA SER D 993 -11.31 33.12 99.09
C SER D 993 -12.26 32.00 99.50
N GLU D 994 -12.80 31.30 98.50
CA GLU D 994 -13.88 30.34 98.70
C GLU D 994 -13.46 29.13 99.56
N ASN D 995 -12.17 28.87 99.70
CA ASN D 995 -11.65 27.68 100.35
C ASN D 995 -11.19 27.93 101.80
N VAL D 996 -11.23 29.18 102.27
CA VAL D 996 -10.56 29.59 103.51
C VAL D 996 -11.62 30.02 104.51
N THR D 997 -11.51 29.48 105.74
CA THR D 997 -12.47 29.85 106.77
C THR D 997 -12.06 31.15 107.46
N GLU D 998 -13.00 31.72 108.21
CA GLU D 998 -12.68 32.89 109.02
C GLU D 998 -11.69 32.53 110.13
N LYS D 999 -11.73 31.31 110.63
CA LYS D 999 -10.74 30.87 111.62
C LYS D 999 -9.34 30.84 111.02
N ASP D 1000 -9.22 30.34 109.78
CA ASP D 1000 -7.93 30.37 109.09
C ASP D 1000 -7.44 31.81 108.90
N ALA D 1001 -8.34 32.71 108.54
CA ALA D 1001 -7.93 34.08 108.26
C ALA D 1001 -7.51 34.81 109.53
N ILE D 1002 -8.19 34.51 110.64
CA ILE D 1002 -7.79 35.05 111.95
C ILE D 1002 -6.40 34.58 112.33
N GLU D 1003 -6.10 33.30 112.06
CA GLU D 1003 -4.78 32.78 112.35
C GLU D 1003 -3.70 33.41 111.46
N ARG D 1004 -4.02 33.65 110.18
CA ARG D 1004 -3.09 34.33 109.28
C ARG D 1004 -2.76 35.73 109.79
N GLN D 1005 -3.79 36.46 110.24
CA GLN D 1005 -3.58 37.78 110.82
C GLN D 1005 -2.67 37.74 112.04
N GLN D 1006 -2.91 36.79 112.95
CA GLN D 1006 -2.12 36.70 114.17
C GLN D 1006 -0.64 36.40 113.87
N VAL D 1007 -0.40 35.49 112.92
CA VAL D 1007 0.96 35.17 112.51
C VAL D 1007 1.68 36.40 111.94
N LEU D 1008 1.03 37.09 111.00
CA LEU D 1008 1.65 38.24 110.37
C LEU D 1008 1.91 39.37 111.37
N TRP D 1009 0.99 39.58 112.31
CA TRP D 1009 1.18 40.63 113.31
C TRP D 1009 2.30 40.29 114.29
N ASP D 1010 2.50 39.01 114.63
CA ASP D 1010 3.70 38.66 115.39
C ASP D 1010 4.97 38.99 114.61
N ILE D 1011 4.98 38.73 113.29
CA ILE D 1011 6.17 39.04 112.48
C ILE D 1011 6.44 40.55 112.45
N PHE D 1012 5.39 41.36 112.22
CA PHE D 1012 5.55 42.82 112.22
C PHE D 1012 6.08 43.33 113.55
N ASP D 1013 5.49 42.86 114.66
CA ASP D 1013 5.94 43.31 115.98
C ASP D 1013 7.39 42.92 116.23
N LYS D 1014 7.80 41.75 115.76
CA LYS D 1014 9.20 41.36 115.92
C LYS D 1014 10.12 42.21 115.05
N TYR D 1015 9.59 42.79 113.98
CA TYR D 1015 10.45 43.71 113.23
C TYR D 1015 10.54 45.10 113.87
N TYR D 1016 9.43 45.63 114.39
CA TYR D 1016 9.43 46.95 115.03
C TYR D 1016 10.39 46.99 116.21
N ASN D 1017 10.45 45.91 116.98
CA ASN D 1017 11.27 45.80 118.18
C ASN D 1017 12.77 45.94 117.89
N GLN D 1018 13.19 45.77 116.63
CA GLN D 1018 14.60 45.74 116.26
C GLN D 1018 15.11 47.06 115.69
N LEU D 1019 14.26 48.06 115.53
CA LEU D 1019 14.66 49.32 114.90
C LEU D 1019 15.61 50.11 115.82
N PRO D 1020 16.57 50.85 115.26
CA PRO D 1020 17.55 51.53 116.09
C PRO D 1020 17.03 52.82 116.71
N ASP D 1021 17.81 53.38 117.63
CA ASP D 1021 17.55 54.71 118.17
C ASP D 1021 17.59 55.73 117.04
N GLU D 1022 16.63 56.65 117.05
CA GLU D 1022 16.29 57.40 115.85
C GLU D 1022 17.41 58.33 115.37
N ALA D 1023 18.28 58.77 116.28
CA ALA D 1023 19.43 59.58 115.86
C ALA D 1023 20.42 58.78 115.02
N GLN D 1024 20.38 57.44 115.08
CA GLN D 1024 21.31 56.58 114.36
C GLN D 1024 20.91 56.34 112.91
N GLU D 1025 19.71 56.73 112.50
CA GLU D 1025 19.12 56.24 111.25
C GLU D 1025 19.84 56.76 110.01
N THR D 1026 20.03 55.86 109.05
CA THR D 1026 20.35 56.22 107.68
C THR D 1026 19.10 56.09 106.82
N GLU D 1027 19.19 56.56 105.57
CA GLU D 1027 18.01 56.56 104.69
C GLU D 1027 17.52 55.16 104.34
N ALA D 1028 18.39 54.15 104.47
CA ALA D 1028 17.93 52.76 104.34
C ALA D 1028 16.94 52.40 105.46
N ASP D 1029 17.22 52.84 106.68
CA ASP D 1029 16.29 52.61 107.78
C ASP D 1029 14.97 53.32 107.55
N LYS D 1030 15.01 54.54 107.04
CA LYS D 1030 13.77 55.28 106.77
C LYS D 1030 12.98 54.61 105.66
N THR D 1031 13.68 54.08 104.65
CA THR D 1031 13.04 53.32 103.58
C THR D 1031 12.36 52.06 104.12
N TRP D 1032 13.05 51.32 105.00
CA TRP D 1032 12.46 50.12 105.59
C TRP D 1032 11.26 50.44 106.47
N ARG D 1033 11.32 51.56 107.21
CA ARG D 1033 10.16 51.94 108.02
C ARG D 1033 8.97 52.30 107.14
N LEU D 1034 9.21 52.99 106.03
CA LEU D 1034 8.13 53.26 105.07
C LEU D 1034 7.59 51.97 104.48
N CYS D 1035 8.47 50.99 104.21
CA CYS D 1035 8.06 49.68 103.71
C CYS D 1035 7.12 48.98 104.68
N LEU D 1036 7.50 48.95 105.96
CA LEU D 1036 6.65 48.36 106.98
C LEU D 1036 5.31 49.08 107.09
N ALA D 1037 5.32 50.40 106.93
CA ALA D 1037 4.07 51.17 107.01
C ALA D 1037 3.09 50.81 105.91
N ARG D 1038 3.59 50.33 104.76
CA ARG D 1038 2.70 49.94 103.67
C ARG D 1038 2.05 48.58 103.87
N MET D 1039 2.44 47.82 104.90
CA MET D 1039 1.98 46.45 105.07
C MET D 1039 1.07 46.22 106.26
N ASP D 1040 1.24 46.95 107.37
CA ASP D 1040 0.60 46.64 108.65
C ASP D 1040 -0.81 47.24 108.66
N ARG D 1041 -1.82 46.37 108.60
CA ARG D 1041 -3.21 46.82 108.50
C ARG D 1041 -3.71 47.49 109.77
N ARG D 1042 -3.11 47.18 110.92
CA ARG D 1042 -3.58 47.72 112.19
C ARG D 1042 -3.50 49.25 112.26
N LYS D 1043 -2.60 49.86 111.50
CA LYS D 1043 -2.31 51.28 111.60
C LYS D 1043 -2.71 52.04 110.34
N MET D 1044 -3.89 51.74 109.78
CA MET D 1044 -4.37 52.33 108.52
C MET D 1044 -5.82 52.79 108.63
N LYS D 1045 -6.13 53.89 107.93
CA LYS D 1045 -7.48 54.34 107.61
C LYS D 1045 -7.84 53.94 106.19
N ILE D 1046 -9.14 53.93 105.88
CA ILE D 1046 -9.66 53.46 104.60
C ILE D 1046 -10.65 54.49 104.03
N THR D 1047 -10.59 54.70 102.71
CA THR D 1047 -11.58 55.51 101.99
C THR D 1047 -11.69 55.01 100.55
N THR D 1048 -12.85 55.29 99.91
CA THR D 1048 -13.26 54.64 98.67
C THR D 1048 -14.00 55.59 97.72
N LYS D 1049 -13.86 55.34 96.41
CA LYS D 1049 -14.66 56.00 95.36
C LYS D 1049 -15.05 55.04 94.25
N GLU D 1050 -16.32 55.08 93.86
CA GLU D 1050 -16.83 54.25 92.76
C GLU D 1050 -16.47 54.83 91.39
N LYS D 1051 -16.18 53.95 90.43
CA LYS D 1051 -15.74 54.34 89.10
C LYS D 1051 -16.29 53.37 88.06
N ASP D 1052 -16.06 53.69 86.77
CA ASP D 1052 -16.50 52.83 85.67
C ASP D 1052 -15.92 51.43 85.74
N GLU D 1053 -14.71 51.29 86.30
CA GLU D 1053 -14.01 50.03 86.41
C GLU D 1053 -14.29 49.30 87.73
N GLY D 1054 -15.24 49.79 88.53
CA GLY D 1054 -15.55 49.17 89.80
C GLY D 1054 -15.50 50.13 90.97
N ILE D 1055 -14.69 49.82 91.98
CA ILE D 1055 -14.46 50.71 93.12
C ILE D 1055 -12.96 50.86 93.32
N GLU D 1056 -12.51 52.10 93.50
CA GLU D 1056 -11.12 52.42 93.83
C GLU D 1056 -10.98 52.63 95.33
N ILE D 1057 -9.99 51.98 95.94
CA ILE D 1057 -9.79 51.98 97.38
C ILE D 1057 -8.47 52.68 97.67
N SER D 1058 -8.47 53.59 98.64
CA SER D 1058 -7.24 54.17 99.14
C SER D 1058 -6.97 53.68 100.57
N PHE D 1059 -5.79 53.13 100.79
CA PHE D 1059 -5.36 52.66 102.11
C PHE D 1059 -4.35 53.65 102.66
N ASN D 1060 -4.66 54.24 103.81
CA ASN D 1060 -3.92 55.39 104.34
C ASN D 1060 -3.16 55.09 105.62
N PRO D 1061 -1.83 54.93 105.57
CA PRO D 1061 -1.09 54.61 106.81
C PRO D 1061 -0.96 55.80 107.76
N GLU D 1062 -1.10 55.51 109.04
CA GLU D 1062 -0.89 56.47 110.11
C GLU D 1062 0.61 56.54 110.41
N ILE D 1063 1.20 57.75 110.26
CA ILE D 1063 2.63 57.89 109.99
C ILE D 1063 3.30 58.86 110.98
N ASP D 1064 4.56 58.54 111.33
CA ASP D 1064 5.39 59.35 112.22
C ASP D 1064 5.74 60.67 111.55
N PRO D 1065 5.55 61.81 112.24
CA PRO D 1065 5.84 63.12 111.63
C PRO D 1065 7.28 63.31 111.16
N LYS D 1066 8.27 62.79 111.89
CA LYS D 1066 9.66 62.93 111.48
C LYS D 1066 9.93 62.18 110.18
N LEU D 1067 9.23 61.07 109.95
CA LEU D 1067 9.41 60.29 108.73
C LEU D 1067 8.59 60.86 107.57
N LYS D 1068 7.40 61.38 107.89
CA LYS D 1068 6.56 62.06 106.91
C LYS D 1068 7.30 63.23 106.28
N GLN D 1069 8.02 64.00 107.11
CA GLN D 1069 8.75 65.15 106.59
C GLN D 1069 9.85 64.74 105.60
N TYR D 1070 10.55 63.64 105.89
CA TYR D 1070 11.55 63.10 104.97
C TYR D 1070 10.93 62.74 103.63
N SER D 1071 9.78 62.05 103.67
CA SER D 1071 9.10 61.65 102.44
C SER D 1071 8.71 62.87 101.60
N GLU D 1072 8.15 63.90 102.25
CA GLU D 1072 7.74 65.11 101.52
C GLU D 1072 8.91 65.83 100.88
N GLU D 1073 10.04 65.94 101.61
CA GLU D 1073 11.22 66.61 101.05
C GLU D 1073 11.72 65.88 99.80
N ALA D 1074 11.80 64.54 99.86
CA ALA D 1074 12.34 63.83 98.69
C ALA D 1074 11.40 63.91 97.48
N ILE D 1075 10.08 63.82 97.73
CA ILE D 1075 9.10 63.94 96.65
C ILE D 1075 9.19 65.32 95.97
N LYS D 1076 9.34 66.38 96.77
CA LYS D 1076 9.50 67.72 96.20
C LYS D 1076 10.75 67.80 95.33
N LYS D 1077 11.86 67.24 95.82
CA LYS D 1077 13.12 67.31 95.07
C LYS D 1077 13.01 66.61 93.72
N ASN D 1078 12.27 65.50 93.68
CA ASN D 1078 11.98 64.87 92.39
C ASN D 1078 11.22 65.80 91.46
N SER D 1079 10.18 66.48 91.97
CA SER D 1079 9.43 67.38 91.09
C SER D 1079 10.27 68.57 90.65
N GLU D 1080 11.26 68.96 91.45
CA GLU D 1080 12.19 70.01 91.06
C GLU D 1080 13.10 69.57 89.92
N HIS D 1081 13.47 68.28 89.89
CA HIS D 1081 14.32 67.81 88.80
C HIS D 1081 13.56 67.65 87.48
N MET D 1082 12.33 67.12 87.53
CA MET D 1082 11.53 66.77 86.36
C MET D 1082 10.75 67.95 85.78
N LYS D 1083 11.23 69.17 86.01
CA LYS D 1083 10.43 70.39 85.82
C LYS D 1083 10.08 70.64 84.36
N TYR D 1084 11.03 70.46 83.43
CA TYR D 1084 10.85 70.87 82.05
C TYR D 1084 10.60 69.73 81.08
N VAL D 1085 10.31 68.52 81.58
CA VAL D 1085 10.21 67.32 80.75
C VAL D 1085 9.03 67.37 79.79
N THR D 1086 7.92 67.99 80.20
CA THR D 1086 6.78 68.10 79.29
C THR D 1086 7.08 69.01 78.11
N LEU D 1087 7.84 70.08 78.31
CA LEU D 1087 8.25 70.95 77.20
C LEU D 1087 9.17 70.19 76.24
N LYS D 1088 10.09 69.39 76.79
CA LYS D 1088 10.96 68.54 75.99
C LYS D 1088 10.16 67.57 75.13
N LEU D 1089 9.16 66.92 75.74
CA LEU D 1089 8.28 65.99 75.03
C LEU D 1089 7.53 66.68 73.90
N TRP D 1090 6.92 67.83 74.20
CA TRP D 1090 6.14 68.56 73.20
C TRP D 1090 7.00 68.98 72.02
N ALA D 1091 8.17 69.55 72.30
CA ALA D 1091 9.06 70.01 71.23
C ALA D 1091 9.56 68.85 70.40
N SER D 1092 9.80 67.69 71.02
CA SER D 1092 10.29 66.55 70.26
C SER D 1092 9.21 65.97 69.36
N TYR D 1093 7.99 65.79 69.88
CA TYR D 1093 6.88 65.32 69.04
C TYR D 1093 6.60 66.28 67.89
N LYS D 1094 6.68 67.58 68.15
CA LYS D 1094 6.44 68.59 67.12
C LYS D 1094 7.53 68.54 66.05
N ARG D 1095 8.80 68.35 66.48
CA ARG D 1095 9.92 68.23 65.56
C ARG D 1095 9.79 67.02 64.64
N GLU D 1096 9.38 65.88 65.20
CA GLU D 1096 9.24 64.63 64.48
C GLU D 1096 7.90 64.49 63.77
N LYS D 1097 7.05 65.53 63.85
CA LYS D 1097 5.73 65.57 63.19
C LYS D 1097 4.83 64.40 63.60
N ASP D 1098 4.84 64.10 64.91
CA ASP D 1098 4.04 63.05 65.51
C ASP D 1098 2.88 63.72 66.22
N GLU D 1099 1.65 63.41 65.81
CA GLU D 1099 0.43 64.08 66.29
C GLU D 1099 0.19 63.97 67.80
N ARG D 1100 1.00 63.21 68.53
CA ARG D 1100 0.88 63.11 69.99
C ARG D 1100 1.20 64.42 70.70
N TYR D 1101 1.76 65.41 69.99
CA TYR D 1101 1.92 66.75 70.55
C TYR D 1101 0.58 67.37 70.93
N LYS D 1102 -0.51 66.95 70.27
CA LYS D 1102 -1.82 67.57 70.43
C LYS D 1102 -2.34 67.43 71.86
N ASN D 1103 -1.80 66.49 72.63
CA ASN D 1103 -2.21 66.31 74.02
C ASN D 1103 -1.73 67.43 74.93
N TYR D 1104 -0.72 68.19 74.51
CA TYR D 1104 -0.06 69.15 75.40
C TYR D 1104 -0.52 70.58 75.15
N GLY D 1105 -1.81 70.80 75.44
CA GLY D 1105 -2.47 72.07 75.23
C GLY D 1105 -2.04 73.19 76.17
N MET D 1106 -1.13 72.90 77.10
CA MET D 1106 -0.49 73.95 77.89
C MET D 1106 0.66 74.63 77.16
N TYR D 1107 1.17 74.03 76.09
CA TYR D 1107 2.21 74.61 75.26
C TYR D 1107 1.75 74.89 73.83
N GLU D 1108 0.94 74.00 73.25
CA GLU D 1108 0.14 74.38 72.10
C GLU D 1108 -0.82 75.48 72.52
N ASP D 1109 -1.07 76.42 71.61
CA ASP D 1109 -1.83 77.65 71.83
C ASP D 1109 -1.14 78.56 72.86
N ASN D 1110 0.11 78.29 73.22
CA ASN D 1110 0.80 79.07 74.23
C ASN D 1110 2.27 79.32 73.91
N PRO D 1111 2.62 79.98 72.79
CA PRO D 1111 4.05 80.15 72.45
C PRO D 1111 4.85 80.93 73.47
N GLN D 1112 4.22 81.97 74.05
CA GLN D 1112 4.93 82.80 75.00
C GLN D 1112 5.33 82.04 76.24
N ILE D 1113 4.48 81.13 76.75
CA ILE D 1113 4.81 80.33 77.93
C ILE D 1113 6.07 79.51 77.69
N ALA D 1114 6.15 78.89 76.51
CA ALA D 1114 7.35 78.13 76.14
C ALA D 1114 8.57 79.03 76.11
N LEU D 1115 8.42 80.27 75.63
CA LEU D 1115 9.58 81.16 75.56
C LEU D 1115 10.04 81.62 76.95
N GLN D 1116 9.10 81.89 77.85
CA GLN D 1116 9.44 82.24 79.24
C GLN D 1116 10.22 81.11 79.92
N GLU D 1117 9.75 79.87 79.77
CA GLU D 1117 10.47 78.77 80.38
C GLU D 1117 11.84 78.54 79.72
N THR D 1118 11.93 78.83 78.42
CA THR D 1118 13.22 78.78 77.73
C THR D 1118 14.20 79.81 78.31
N LYS D 1119 13.71 81.00 78.64
CA LYS D 1119 14.59 82.00 79.27
C LYS D 1119 15.06 81.54 80.65
N GLU D 1120 14.19 80.86 81.40
CA GLU D 1120 14.63 80.26 82.66
C GLU D 1120 15.77 79.27 82.44
N ILE D 1121 15.63 78.39 81.44
CA ILE D 1121 16.64 77.36 81.18
C ILE D 1121 17.97 78.01 80.76
N ILE D 1122 17.90 79.02 79.90
CA ILE D 1122 19.12 79.68 79.42
C ILE D 1122 19.87 80.34 80.58
N LYS D 1123 19.13 81.00 81.49
CA LYS D 1123 19.73 81.57 82.69
C LYS D 1123 20.43 80.50 83.52
N LYS D 1124 19.74 79.39 83.78
CA LYS D 1124 20.28 78.33 84.63
C LYS D 1124 21.54 77.73 84.02
N LEU D 1125 21.56 77.58 82.69
CA LEU D 1125 22.73 77.06 82.01
C LEU D 1125 23.90 78.03 82.13
N ASN D 1126 23.65 79.34 82.06
CA ASN D 1126 24.74 80.29 82.22
C ASN D 1126 25.21 80.40 83.66
N GLU D 1127 24.31 80.20 84.63
CA GLU D 1127 24.59 80.46 86.04
C GLU D 1127 25.25 79.25 86.70
N GLU D 1128 26.37 78.78 86.11
CA GLU D 1128 27.20 77.67 86.62
C GLU D 1128 26.41 76.39 86.88
N GLY D 1129 25.53 76.06 85.93
CA GLY D 1129 24.69 74.89 86.08
C GLY D 1129 25.48 73.60 86.01
N GLY D 1130 25.02 72.62 86.80
CA GLY D 1130 25.70 71.34 86.88
C GLY D 1130 25.43 70.44 85.69
N GLU D 1131 26.26 69.41 85.59
CA GLU D 1131 26.29 68.54 84.42
C GLU D 1131 25.12 67.56 84.45
N ASP D 1132 24.61 67.24 85.64
CA ASP D 1132 23.37 66.48 85.76
C ASP D 1132 22.17 67.26 85.21
N PHE D 1133 22.17 68.58 85.38
CA PHE D 1133 21.16 69.44 84.77
C PHE D 1133 21.36 69.57 83.27
N ARG D 1134 22.60 69.85 82.85
CA ARG D 1134 22.91 70.11 81.46
C ARG D 1134 22.74 68.87 80.60
N LEU D 1135 22.91 67.68 81.19
CA LEU D 1135 22.71 66.43 80.48
C LEU D 1135 21.27 66.30 79.97
N LEU D 1136 20.31 66.62 80.82
CA LEU D 1136 18.91 66.43 80.47
C LEU D 1136 18.32 67.65 79.76
N ASN D 1137 18.76 68.86 80.11
CA ASN D 1137 18.07 70.06 79.68
C ASN D 1137 18.83 70.92 78.68
N GLY D 1138 20.07 70.57 78.36
CA GLY D 1138 20.96 71.48 77.66
C GLY D 1138 20.63 71.75 76.20
N ASN D 1139 19.71 71.00 75.60
CA ASN D 1139 19.38 71.19 74.20
C ASN D 1139 17.99 71.77 73.96
N ILE D 1140 17.17 71.91 75.02
CA ILE D 1140 15.79 72.41 74.86
C ILE D 1140 15.68 73.77 74.18
N PRO D 1141 16.50 74.80 74.50
CA PRO D 1141 16.30 76.10 73.82
C PRO D 1141 16.43 76.06 72.32
N ALA D 1142 17.35 75.26 71.77
CA ALA D 1142 17.51 75.18 70.32
C ALA D 1142 16.24 74.62 69.66
N ASP D 1143 15.70 73.53 70.22
CA ASP D 1143 14.51 72.94 69.61
C ASP D 1143 13.30 73.85 69.72
N VAL D 1144 13.13 74.49 70.88
CA VAL D 1144 11.96 75.37 71.06
C VAL D 1144 12.03 76.57 70.11
N CYS D 1145 13.22 77.16 69.97
CA CYS D 1145 13.34 78.31 69.06
C CYS D 1145 13.14 77.91 67.60
N SER D 1146 13.66 76.75 67.19
CA SER D 1146 13.43 76.31 65.81
C SER D 1146 11.95 76.00 65.57
N VAL D 1147 11.27 75.41 66.55
CA VAL D 1147 9.84 75.14 66.42
C VAL D 1147 9.06 76.44 66.26
N LEU D 1148 9.38 77.44 67.08
CA LEU D 1148 8.68 78.72 66.99
C LEU D 1148 8.92 79.41 65.66
N LEU D 1149 10.17 79.39 65.16
CA LEU D 1149 10.44 80.05 63.88
C LEU D 1149 9.81 79.31 62.70
N LEU D 1150 9.74 77.98 62.78
CA LEU D 1150 9.22 77.21 61.65
C LEU D 1150 7.69 77.14 61.64
N ASP D 1151 7.04 77.16 62.81
CA ASP D 1151 5.61 76.93 62.89
C ASP D 1151 4.78 78.11 63.37
N TYR D 1152 5.34 79.08 64.09
CA TYR D 1152 4.54 80.10 64.75
C TYR D 1152 4.94 81.54 64.42
N PHE D 1153 5.71 81.75 63.34
CA PHE D 1153 6.37 83.03 63.06
C PHE D 1153 5.38 84.19 62.94
N ASN D 1154 4.19 83.93 62.39
CA ASN D 1154 3.20 84.98 62.22
C ASN D 1154 2.59 85.45 63.53
N GLN D 1155 2.66 84.65 64.60
CA GLN D 1155 2.05 84.99 65.87
C GLN D 1155 2.99 85.72 66.80
N LEU D 1156 4.30 85.66 66.54
CA LEU D 1156 5.30 86.32 67.36
C LEU D 1156 5.34 87.82 67.09
N ASN D 1157 5.80 88.57 68.09
CA ASN D 1157 6.12 89.97 67.89
C ASN D 1157 7.60 90.14 67.61
N ASN D 1158 8.01 91.38 67.31
CA ASN D 1158 9.37 91.64 66.86
C ASN D 1158 10.41 91.27 67.93
N GLU D 1159 10.11 91.55 69.19
CA GLU D 1159 11.02 91.20 70.28
C GLU D 1159 11.22 89.69 70.38
N GLU D 1160 10.12 88.94 70.31
CA GLU D 1160 10.17 87.48 70.43
C GLU D 1160 10.87 86.85 69.23
N ARG D 1161 10.62 87.40 68.02
CA ARG D 1161 11.31 86.95 66.81
C ARG D 1161 12.81 87.16 66.93
N GLU D 1162 13.23 88.34 67.40
CA GLU D 1162 14.65 88.64 67.50
C GLU D 1162 15.34 87.77 68.55
N TYR D 1163 14.63 87.45 69.65
CA TYR D 1163 15.20 86.51 70.62
C TYR D 1163 15.43 85.13 70.02
N CYS D 1164 14.44 84.62 69.28
CA CYS D 1164 14.59 83.31 68.65
C CYS D 1164 15.74 83.32 67.64
N LYS D 1165 15.87 84.42 66.89
CA LYS D 1165 16.95 84.55 65.91
C LYS D 1165 18.32 84.50 66.58
N ASP D 1166 18.48 85.23 67.70
CA ASP D 1166 19.78 85.25 68.35
C ASP D 1166 20.15 83.87 68.91
N ILE D 1167 19.17 83.15 69.46
CA ILE D 1167 19.48 81.81 69.97
C ILE D 1167 19.87 80.87 68.84
N VAL D 1168 19.13 80.90 67.72
CA VAL D 1168 19.41 79.97 66.62
C VAL D 1168 20.77 80.25 65.99
N LEU D 1169 21.10 81.53 65.80
CA LEU D 1169 22.41 81.86 65.23
C LEU D 1169 23.55 81.54 66.20
N ALA D 1170 23.28 81.54 67.52
CA ALA D 1170 24.33 81.14 68.45
C ALA D 1170 24.64 79.65 68.35
N TYR D 1171 23.62 78.80 68.34
CA TYR D 1171 23.81 77.35 68.27
C TYR D 1171 24.41 76.91 66.94
N SER D 1172 24.15 77.65 65.86
CA SER D 1172 24.61 77.22 64.54
C SER D 1172 26.11 77.35 64.39
N LYS D 1173 26.79 78.12 65.24
CA LYS D 1173 28.22 78.36 65.10
C LYS D 1173 29.08 77.37 65.88
N LEU D 1174 28.48 76.57 66.76
CA LEU D 1174 29.23 75.59 67.55
C LEU D 1174 30.06 74.59 66.74
N PRO D 1175 29.62 74.06 65.59
CA PRO D 1175 30.51 73.17 64.83
C PRO D 1175 31.76 73.82 64.26
N LEU D 1176 31.91 75.15 64.36
CA LEU D 1176 33.10 75.82 63.85
C LEU D 1176 34.21 75.96 64.89
N LYS D 1177 33.93 75.66 66.15
CA LYS D 1177 34.94 75.73 67.21
C LYS D 1177 35.76 74.45 67.24
N GLU D 1178 36.99 74.56 67.70
CA GLU D 1178 37.82 73.36 67.87
C GLU D 1178 37.38 72.55 69.07
N GLY D 1179 37.58 71.24 68.97
CA GLY D 1179 37.15 70.31 69.99
C GLY D 1179 35.70 69.89 69.90
N TYR D 1180 34.98 70.31 68.87
CA TYR D 1180 33.62 69.84 68.66
C TYR D 1180 33.59 68.38 68.25
N ASN D 1181 32.67 67.61 68.83
CA ASN D 1181 32.37 66.26 68.36
C ASN D 1181 30.86 66.09 68.27
N TYR D 1182 30.41 65.49 67.16
CA TYR D 1182 28.99 65.36 66.85
C TYR D 1182 28.32 64.28 67.69
N GLN D 1183 27.19 64.62 68.29
CA GLN D 1183 26.30 63.68 68.94
C GLN D 1183 24.86 64.03 68.57
N VAL D 1184 24.02 63.00 68.45
CA VAL D 1184 22.82 63.05 67.60
C VAL D 1184 21.83 64.15 68.01
N GLN D 1185 21.71 64.45 69.30
CA GLN D 1185 20.77 65.47 69.75
C GLN D 1185 21.45 66.65 70.44
N ASP D 1186 22.62 67.07 69.94
CA ASP D 1186 23.35 68.18 70.54
C ASP D 1186 22.70 69.55 70.29
N GLY D 1187 21.69 69.62 69.42
CA GLY D 1187 21.00 70.86 69.15
C GLY D 1187 21.48 71.62 67.94
N THR D 1188 22.63 71.28 67.38
CA THR D 1188 23.16 72.06 66.25
C THR D 1188 22.34 71.83 64.98
N THR D 1189 21.92 70.59 64.71
CA THR D 1189 21.17 70.33 63.48
C THR D 1189 19.79 70.94 63.54
N SER D 1190 19.18 70.99 64.74
CA SER D 1190 17.91 71.69 64.89
C SER D 1190 18.05 73.17 64.56
N ALA D 1191 19.15 73.78 64.99
CA ALA D 1191 19.38 75.19 64.70
C ALA D 1191 19.60 75.43 63.21
N ILE D 1192 20.42 74.59 62.58
CA ILE D 1192 20.77 74.76 61.17
C ILE D 1192 19.54 74.65 60.29
N SER D 1193 18.57 73.82 60.68
CA SER D 1193 17.37 73.63 59.89
C SER D 1193 16.49 74.88 59.81
N ALA D 1194 16.68 75.86 60.70
CA ALA D 1194 15.85 77.06 60.71
C ALA D 1194 16.46 78.24 59.95
N LEU D 1195 17.69 78.10 59.47
CA LEU D 1195 18.35 79.19 58.73
C LEU D 1195 17.62 79.70 57.48
N PRO D 1196 16.87 78.90 56.68
CA PRO D 1196 16.13 79.52 55.56
C PRO D 1196 15.15 80.60 55.94
N VAL D 1197 14.45 80.46 57.07
CA VAL D 1197 13.50 81.48 57.51
C VAL D 1197 14.24 82.79 57.81
N ILE D 1198 15.37 82.70 58.50
CA ILE D 1198 16.16 83.88 58.83
C ILE D 1198 16.73 84.53 57.58
N TYR D 1199 17.24 83.73 56.64
CA TYR D 1199 17.78 84.28 55.39
C TYR D 1199 16.70 84.99 54.59
N HIS D 1200 15.50 84.44 54.56
CA HIS D 1200 14.40 85.06 53.84
C HIS D 1200 13.99 86.38 54.49
N ASN D 1201 13.88 86.41 55.82
CA ASN D 1201 13.25 87.56 56.47
C ASN D 1201 14.22 88.69 56.86
N TYR D 1202 15.52 88.42 57.01
CA TYR D 1202 16.44 89.41 57.56
C TYR D 1202 17.65 89.62 56.68
N PRO D 1203 17.61 90.62 55.79
CA PRO D 1203 18.69 90.81 54.81
C PRO D 1203 20.05 91.14 55.41
N MET D 1204 20.10 91.60 56.67
CA MET D 1204 21.39 91.89 57.29
C MET D 1204 22.15 90.64 57.71
N GLU D 1205 21.48 89.50 57.82
CA GLU D 1205 22.13 88.27 58.25
C GLU D 1205 22.82 87.49 57.14
N ARG D 1206 22.63 87.88 55.88
CA ARG D 1206 22.95 86.99 54.76
C ARG D 1206 24.45 86.75 54.61
N GLU D 1207 25.29 87.75 54.93
CA GLU D 1207 26.73 87.54 54.92
C GLU D 1207 27.14 86.49 55.95
N THR D 1208 26.56 86.57 57.15
CA THR D 1208 26.87 85.61 58.21
C THR D 1208 26.44 84.20 57.83
N ILE D 1209 25.26 84.06 57.23
CA ILE D 1209 24.75 82.74 56.88
C ILE D 1209 25.54 82.13 55.72
N LYS D 1210 25.94 82.95 54.74
CA LYS D 1210 26.79 82.43 53.66
C LYS D 1210 28.14 81.95 54.22
N THR D 1211 28.69 82.68 55.19
CA THR D 1211 29.94 82.26 55.81
C THR D 1211 29.77 80.94 56.58
N ILE D 1212 28.69 80.81 57.35
CA ILE D 1212 28.44 79.59 58.12
C ILE D 1212 28.30 78.38 57.19
N LEU D 1213 27.50 78.53 56.14
CA LEU D 1213 27.27 77.43 55.19
C LEU D 1213 28.57 77.00 54.51
N LEU D 1214 29.37 77.96 54.03
CA LEU D 1214 30.59 77.62 53.32
C LEU D 1214 31.58 76.91 54.23
N LEU D 1215 31.75 77.40 55.46
CA LEU D 1215 32.72 76.74 56.34
C LEU D 1215 32.22 75.39 56.83
N THR D 1216 30.90 75.17 56.85
CA THR D 1216 30.42 73.85 57.27
C THR D 1216 30.50 72.82 56.15
N LEU D 1217 30.45 73.25 54.88
CA LEU D 1217 30.62 72.30 53.79
C LEU D 1217 32.01 71.67 53.77
N PHE D 1218 33.02 72.33 54.35
CA PHE D 1218 34.37 71.77 54.43
C PHE D 1218 34.51 70.60 55.43
N ASN D 1219 33.48 70.30 56.22
CA ASN D 1219 33.55 69.28 57.28
C ASN D 1219 33.33 67.89 56.68
N ASP D 1220 34.34 67.02 56.79
CA ASP D 1220 34.31 65.69 56.20
C ASP D 1220 34.06 64.55 57.19
N HIS D 1221 33.68 64.84 58.43
CA HIS D 1221 33.48 63.78 59.41
C HIS D 1221 32.24 62.94 59.08
N SER D 1222 32.39 61.63 59.19
CA SER D 1222 31.34 60.70 58.83
C SER D 1222 30.38 60.44 59.99
N ILE D 1223 29.15 60.07 59.64
CA ILE D 1223 28.09 59.83 60.61
C ILE D 1223 27.35 58.55 60.25
N GLY D 1224 27.04 57.74 61.26
CA GLY D 1224 26.35 56.48 61.06
C GLY D 1224 27.22 55.40 60.42
N MET D 1225 26.58 54.26 60.15
CA MET D 1225 27.25 53.17 59.46
C MET D 1225 27.13 53.23 57.95
N ALA D 1226 26.18 54.02 57.43
CA ALA D 1226 25.86 54.01 56.00
C ALA D 1226 26.77 54.86 55.15
N GLY D 1227 27.69 55.61 55.74
CA GLY D 1227 28.66 56.38 54.96
C GLY D 1227 28.32 57.82 54.69
N GLY D 1228 27.35 58.40 55.40
CA GLY D 1228 27.07 59.81 55.27
C GLY D 1228 28.08 60.68 56.01
N ARG D 1229 27.99 61.99 55.77
CA ARG D 1229 28.94 62.95 56.34
C ARG D 1229 28.18 64.19 56.80
N TYR D 1230 28.82 64.98 57.68
CA TYR D 1230 28.17 66.13 58.31
C TYR D 1230 27.76 67.20 57.32
N SER D 1231 28.41 67.24 56.14
CA SER D 1231 28.09 68.22 55.12
C SER D 1231 26.68 68.06 54.55
N VAL D 1232 25.97 66.99 54.91
CA VAL D 1232 24.57 66.82 54.52
C VAL D 1232 23.70 67.92 55.12
N PHE D 1233 23.99 68.33 56.35
CA PHE D 1233 23.15 69.32 57.02
C PHE D 1233 23.14 70.70 56.35
N PRO D 1234 24.28 71.33 56.00
CA PRO D 1234 24.17 72.56 55.21
C PRO D 1234 23.67 72.34 53.78
N SER D 1235 23.81 71.12 53.23
CA SER D 1235 23.33 70.87 51.87
C SER D 1235 21.81 70.96 51.79
N MET D 1236 21.12 70.52 52.84
CA MET D 1236 19.67 70.59 52.86
C MET D 1236 19.17 72.03 52.93
N VAL D 1237 19.95 72.93 53.55
CA VAL D 1237 19.57 74.34 53.57
C VAL D 1237 19.68 74.94 52.17
N ILE D 1238 20.77 74.64 51.47
CA ILE D 1238 21.05 75.25 50.16
C ILE D 1238 19.97 74.87 49.14
N HIS D 1239 19.48 73.63 49.21
CA HIS D 1239 18.44 73.18 48.28
C HIS D 1239 17.12 73.92 48.45
N LYS D 1240 16.87 74.55 49.60
CA LYS D 1240 15.65 75.32 49.77
C LYS D 1240 15.76 76.75 49.26
N LEU D 1241 16.97 77.21 48.91
CA LEU D 1241 17.19 78.60 48.55
C LEU D 1241 17.37 78.83 47.04
N TRP D 1242 17.57 77.76 46.25
CA TRP D 1242 17.78 77.88 44.80
C TRP D 1242 16.61 78.56 44.07
N LEU D 1243 15.39 78.49 44.63
CA LEU D 1243 14.23 79.00 43.92
C LEU D 1243 14.21 80.53 43.89
N ASP D 1244 14.62 81.18 44.99
CA ASP D 1244 14.52 82.62 45.09
C ASP D 1244 15.86 83.35 45.11
N TYR D 1245 16.96 82.64 45.32
CA TYR D 1245 18.26 83.28 45.55
C TYR D 1245 19.34 82.58 44.73
N PHE D 1246 19.10 82.50 43.41
CA PHE D 1246 19.91 81.68 42.52
C PHE D 1246 21.38 82.11 42.48
N ASP D 1247 21.63 83.41 42.35
CA ASP D 1247 23.00 83.88 42.19
C ASP D 1247 23.82 83.67 43.45
N ASP D 1248 23.21 83.84 44.64
CA ASP D 1248 23.90 83.58 45.89
C ASP D 1248 24.34 82.13 46.00
N MET D 1249 23.42 81.21 45.67
CA MET D 1249 23.71 79.78 45.81
C MET D 1249 24.75 79.33 44.78
N GLN D 1250 24.67 79.89 43.55
CA GLN D 1250 25.68 79.57 42.55
C GLN D 1250 27.05 80.11 42.95
N SER D 1251 27.09 81.24 43.66
CA SER D 1251 28.36 81.71 44.20
C SER D 1251 28.90 80.75 45.25
N LEU D 1252 28.03 80.16 46.07
CA LEU D 1252 28.52 79.13 47.00
C LEU D 1252 29.07 77.91 46.26
N LEU D 1253 28.42 77.49 45.17
CA LEU D 1253 28.89 76.32 44.42
C LEU D 1253 30.28 76.54 43.83
N PHE D 1254 30.45 77.64 43.08
CA PHE D 1254 31.76 77.94 42.51
C PHE D 1254 32.80 78.21 43.60
N GLY D 1255 32.40 78.85 44.70
CA GLY D 1255 33.33 79.12 45.79
C GLY D 1255 33.87 77.86 46.44
N PHE D 1256 32.99 76.88 46.65
CA PHE D 1256 33.43 75.59 47.18
C PHE D 1256 34.45 74.95 46.27
N LEU D 1257 34.14 74.89 44.97
CA LEU D 1257 35.06 74.24 44.04
C LEU D 1257 36.41 74.96 43.95
N ILE D 1258 36.44 76.27 44.20
CA ILE D 1258 37.73 76.97 44.20
C ILE D 1258 38.48 76.75 45.51
N LEU D 1259 37.80 76.87 46.65
CA LEU D 1259 38.47 77.05 47.93
C LEU D 1259 38.76 75.78 48.69
N LYS D 1260 37.93 74.73 48.56
CA LYS D 1260 38.16 73.49 49.30
C LYS D 1260 39.54 72.85 49.10
N PRO D 1261 40.12 72.79 47.89
CA PRO D 1261 41.50 72.26 47.78
C PRO D 1261 42.56 73.08 48.51
N LYS D 1262 42.32 74.35 48.83
CA LYS D 1262 43.31 75.13 49.54
C LYS D 1262 43.24 74.89 51.05
N TYR D 1263 42.03 74.59 51.54
CA TYR D 1263 41.81 74.35 52.96
C TYR D 1263 42.56 73.12 53.45
N VAL D 1264 42.63 72.07 52.63
CA VAL D 1264 43.34 70.86 53.05
C VAL D 1264 44.85 71.09 53.12
N ILE D 1265 45.39 71.90 52.19
CA ILE D 1265 46.80 72.25 52.23
C ILE D 1265 47.12 73.07 53.47
N LEU D 1266 46.28 74.05 53.78
CA LEU D 1266 46.51 74.86 54.98
C LEU D 1266 46.38 74.02 56.25
N SER D 1267 45.48 73.02 56.23
CA SER D 1267 45.36 72.11 57.36
C SER D 1267 46.67 71.35 57.58
N ARG D 1268 47.25 70.83 56.49
CA ARG D 1268 48.49 70.07 56.61
C ARG D 1268 49.64 70.96 57.11
N LYS D 1269 49.65 72.22 56.67
CA LYS D 1269 50.64 73.18 57.16
C LYS D 1269 50.52 73.41 58.66
N ILE D 1270 49.28 73.62 59.14
CA ILE D 1270 49.07 73.89 60.57
C ILE D 1270 49.39 72.65 61.40
N ILE D 1271 49.07 71.46 60.89
CA ILE D 1271 49.43 70.21 61.58
C ILE D 1271 50.95 70.07 61.72
N HIS D 1272 51.68 70.34 60.63
CA HIS D 1272 53.15 70.29 60.67
C HIS D 1272 53.68 71.27 61.70
N GLU D 1273 53.22 72.53 61.65
CA GLU D 1273 53.74 73.53 62.57
C GLU D 1273 53.34 73.23 64.02
N SER D 1274 52.25 72.50 64.23
CA SER D 1274 51.91 72.01 65.55
C SER D 1274 52.91 70.96 66.02
N TYR D 1275 53.54 70.23 65.10
CA TYR D 1275 54.65 69.38 65.52
C TYR D 1275 56.01 70.11 65.56
N ARG D 1276 56.15 71.18 64.78
CA ARG D 1276 57.42 71.90 64.65
C ARG D 1276 57.82 72.60 65.95
N GLN D 1277 56.84 73.17 66.64
CA GLN D 1277 57.06 73.94 67.85
C GLN D 1277 57.34 73.06 69.08
N ILE D 1282 47.21 70.05 67.53
CA ILE D 1282 46.53 70.64 66.39
C ILE D 1282 45.38 71.50 66.88
N LYS D 1283 44.70 71.01 67.91
CA LYS D 1283 43.51 71.65 68.50
C LYS D 1283 43.82 73.04 69.04
N LYS D 1284 45.10 73.34 69.27
CA LYS D 1284 45.55 74.63 69.80
C LYS D 1284 45.19 75.81 68.89
N ILE D 1285 45.13 75.59 67.58
CA ILE D 1285 45.05 76.67 66.59
C ILE D 1285 43.65 76.70 65.96
N ASN D 1286 43.04 77.88 65.92
CA ASN D 1286 41.77 78.11 65.21
C ASN D 1286 42.10 78.24 63.73
N ILE D 1287 41.99 77.11 63.03
CA ILE D 1287 42.28 77.06 61.59
C ILE D 1287 41.34 77.95 60.80
N ASN D 1288 40.07 78.05 61.21
CA ASN D 1288 39.11 78.83 60.45
C ASN D 1288 39.42 80.32 60.49
N LYS D 1289 39.87 80.83 61.64
CA LYS D 1289 40.21 82.25 61.73
C LYS D 1289 41.43 82.57 60.87
N VAL D 1290 42.44 81.69 60.87
CA VAL D 1290 43.60 81.84 60.00
C VAL D 1290 43.17 81.86 58.53
N PHE D 1291 42.33 80.89 58.14
CA PHE D 1291 41.87 80.79 56.75
C PHE D 1291 41.11 82.04 56.34
N LEU D 1292 40.21 82.51 57.19
CA LEU D 1292 39.42 83.70 56.88
C LEU D 1292 40.29 84.94 56.78
N ASN D 1293 41.44 84.95 57.45
CA ASN D 1293 42.32 86.11 57.29
C ASN D 1293 43.19 85.98 56.02
N ASN D 1294 43.56 84.76 55.60
CA ASN D 1294 44.42 84.63 54.43
C ASN D 1294 43.70 84.92 53.13
N TYR D 1295 42.46 84.46 52.98
CA TYR D 1295 41.80 84.44 51.68
C TYR D 1295 40.67 85.47 51.58
N LYS D 1296 40.87 86.65 52.19
CA LYS D 1296 39.86 87.70 52.23
C LYS D 1296 39.36 88.12 50.85
N HIS D 1297 40.26 88.16 49.87
CA HIS D 1297 39.92 88.61 48.52
C HIS D 1297 38.90 87.67 47.85
N CYS D 1298 39.19 86.37 47.87
CA CYS D 1298 38.31 85.40 47.22
C CYS D 1298 37.00 85.24 47.99
N ILE D 1299 37.06 85.30 49.33
CA ILE D 1299 35.85 85.25 50.15
C ILE D 1299 34.94 86.44 49.85
N SER D 1300 35.55 87.61 49.62
CA SER D 1300 34.77 88.78 49.21
C SER D 1300 34.08 88.55 47.88
N ASN D 1301 34.75 87.86 46.95
CA ASN D 1301 34.03 87.51 45.72
C ASN D 1301 32.86 86.56 45.97
N VAL D 1302 32.96 85.68 46.96
CA VAL D 1302 31.81 84.83 47.26
C VAL D 1302 30.65 85.65 47.82
N ILE D 1303 30.95 86.60 48.71
CA ILE D 1303 29.88 87.42 49.30
C ILE D 1303 29.27 88.36 48.27
N ASP D 1304 30.09 88.95 47.40
CA ASP D 1304 29.64 89.91 46.40
C ASP D 1304 29.05 89.27 45.14
N ASN D 1305 29.13 87.95 45.00
CA ASN D 1305 28.69 87.20 43.81
C ASN D 1305 29.43 87.62 42.54
N LYS D 1306 30.75 87.49 42.57
CA LYS D 1306 31.60 87.84 41.42
C LYS D 1306 32.46 86.66 40.96
N ILE D 1307 31.86 85.48 40.77
CA ILE D 1307 32.54 84.27 40.30
C ILE D 1307 31.70 83.62 39.20
N SER D 1308 32.37 83.03 38.20
CA SER D 1308 31.72 82.38 37.06
C SER D 1308 32.38 81.03 36.77
N ILE D 1309 31.75 80.25 35.89
CA ILE D 1309 32.26 78.92 35.54
C ILE D 1309 33.59 79.04 34.79
N ASP D 1310 33.82 80.16 34.12
CA ASP D 1310 35.09 80.39 33.45
C ASP D 1310 36.23 80.63 34.43
N ASP D 1311 35.92 80.99 35.68
CA ASP D 1311 36.95 81.24 36.69
C ASP D 1311 37.44 79.96 37.36
N LEU D 1312 36.77 78.84 37.14
CA LEU D 1312 37.20 77.56 37.70
C LEU D 1312 38.40 77.00 36.95
N GLY D 1313 39.26 76.30 37.68
CA GLY D 1313 40.25 75.47 37.04
C GLY D 1313 39.65 74.17 36.52
N SER D 1314 40.38 73.53 35.62
CA SER D 1314 39.90 72.28 35.06
C SER D 1314 40.09 71.13 36.05
N MET D 1315 39.16 70.19 36.02
CA MET D 1315 38.94 69.23 37.10
C MET D 1315 39.87 68.02 37.06
N ASP D 1316 40.90 68.01 36.21
CA ASP D 1316 41.66 66.80 35.91
C ASP D 1316 42.38 66.21 37.11
N LYS D 1317 42.66 66.99 38.16
CA LYS D 1317 43.39 66.48 39.31
C LYS D 1317 42.69 66.75 40.64
N VAL D 1318 41.45 67.23 40.61
CA VAL D 1318 40.66 67.38 41.84
C VAL D 1318 40.17 66.01 42.30
N ASP D 1319 40.17 65.81 43.61
CA ASP D 1319 39.78 64.52 44.20
C ASP D 1319 38.29 64.27 44.04
N LEU D 1320 37.94 62.98 43.90
CA LEU D 1320 36.57 62.58 43.60
C LEU D 1320 35.60 62.84 44.75
N HIS D 1321 36.08 62.88 46.00
CA HIS D 1321 35.21 63.27 47.10
C HIS D 1321 34.75 64.72 46.95
N ILE D 1322 35.65 65.61 46.56
CA ILE D 1322 35.30 67.02 46.37
C ILE D 1322 34.29 67.18 45.23
N LEU D 1323 34.53 66.47 44.12
CA LEU D 1323 33.62 66.55 42.97
C LEU D 1323 32.25 65.98 43.28
N ASN D 1324 32.19 64.89 44.05
CA ASN D 1324 30.89 64.37 44.48
C ASN D 1324 30.17 65.34 45.40
N THR D 1325 30.90 65.99 46.30
CA THR D 1325 30.27 66.95 47.20
C THR D 1325 29.66 68.11 46.42
N ALA D 1326 30.29 68.52 45.31
CA ALA D 1326 29.64 69.53 44.47
C ALA D 1326 28.45 68.96 43.70
N PHE D 1327 28.57 67.71 43.25
CA PHE D 1327 27.56 67.04 42.44
C PHE D 1327 26.22 66.92 43.17
N GLN D 1328 26.26 66.78 44.50
CA GLN D 1328 25.05 66.68 45.32
C GLN D 1328 24.37 68.02 45.57
N LEU D 1329 24.96 69.14 45.16
CA LEU D 1329 24.34 70.45 45.36
C LEU D 1329 23.53 70.93 44.17
N ILE D 1330 23.66 70.28 43.01
CA ILE D 1330 23.00 70.71 41.78
C ILE D 1330 21.61 70.08 41.71
N PRO D 1331 20.57 70.85 41.35
CA PRO D 1331 19.21 70.28 41.31
C PRO D 1331 19.04 69.31 40.14
N VAL D 1332 18.38 68.17 40.41
CA VAL D 1332 18.31 67.10 39.42
C VAL D 1332 17.43 67.45 38.23
N ASP D 1333 16.52 68.42 38.33
CA ASP D 1333 15.70 68.81 37.20
C ASP D 1333 16.14 70.13 36.58
N THR D 1334 17.40 70.52 36.76
CA THR D 1334 17.88 71.81 36.27
C THR D 1334 17.96 71.85 34.76
N VAL D 1335 17.72 73.04 34.18
CA VAL D 1335 17.85 73.29 32.76
C VAL D 1335 18.88 74.36 32.46
N ASN D 1336 19.65 74.78 33.47
CA ASN D 1336 20.62 75.84 33.33
C ASN D 1336 21.86 75.38 32.56
N ILE D 1337 22.38 76.25 31.68
CA ILE D 1337 23.50 75.91 30.80
C ILE D 1337 24.76 75.60 31.61
N GLU D 1338 25.04 76.42 32.63
CA GLU D 1338 26.27 76.23 33.40
C GLU D 1338 26.20 74.96 34.24
N HIS D 1339 25.04 74.65 34.82
CA HIS D 1339 24.85 73.38 35.52
C HIS D 1339 25.07 72.18 34.61
N LYS D 1340 24.48 72.21 33.42
CA LYS D 1340 24.59 71.08 32.50
C LYS D 1340 26.05 70.89 32.05
N LYS D 1341 26.74 72.00 31.79
CA LYS D 1341 28.14 71.96 31.38
C LYS D 1341 29.03 71.40 32.50
N LEU D 1342 28.71 71.69 33.77
CA LEU D 1342 29.52 71.18 34.89
C LEU D 1342 29.27 69.68 35.13
N VAL D 1343 28.00 69.27 35.01
CA VAL D 1343 27.64 67.86 35.17
C VAL D 1343 28.38 67.00 34.16
N SER D 1344 28.52 67.51 32.92
CA SER D 1344 29.22 66.76 31.88
C SER D 1344 30.68 66.51 32.22
N LEU D 1345 31.34 67.44 32.92
CA LEU D 1345 32.73 67.22 33.32
C LEU D 1345 32.84 66.13 34.38
N ILE D 1346 31.93 66.18 35.37
CA ILE D 1346 32.04 65.24 36.49
C ILE D 1346 31.82 63.80 36.02
N VAL D 1347 30.92 63.58 35.06
CA VAL D 1347 30.64 62.20 34.65
C VAL D 1347 31.83 61.56 33.94
N LYS D 1348 32.49 62.30 33.03
CA LYS D 1348 33.65 61.76 32.33
C LYS D 1348 34.76 61.42 33.32
N ARG D 1349 35.00 62.33 34.28
CA ARG D 1349 36.03 62.10 35.30
C ARG D 1349 35.78 60.82 36.09
N PHE D 1350 34.54 60.60 36.54
CA PHE D 1350 34.24 59.38 37.32
C PHE D 1350 34.34 58.11 36.49
N SER D 1351 33.76 58.12 35.28
CA SER D 1351 33.67 56.89 34.49
C SER D 1351 35.05 56.40 34.10
N THR D 1352 36.01 57.31 33.94
CA THR D 1352 37.38 56.86 33.64
C THR D 1352 37.95 55.99 34.77
N SER D 1353 37.63 56.31 36.02
CA SER D 1353 38.17 55.54 37.13
C SER D 1353 37.37 54.27 37.39
N LEU D 1354 36.05 54.32 37.17
CA LEU D 1354 35.20 53.17 37.50
C LEU D 1354 35.46 51.98 36.57
N LEU D 1355 35.76 52.24 35.31
CA LEU D 1355 35.90 51.18 34.31
C LEU D 1355 37.31 50.59 34.26
N SER D 1356 38.24 51.09 35.05
CA SER D 1356 39.63 50.67 34.99
C SER D 1356 39.87 49.33 35.68
N SER D 1357 40.71 48.49 35.06
CA SER D 1357 41.12 47.22 35.65
C SER D 1357 42.32 47.36 36.58
N VAL D 1358 42.97 48.51 36.60
CA VAL D 1358 44.12 48.74 37.46
C VAL D 1358 43.62 49.00 38.87
N ARG D 1359 44.13 48.21 39.84
CA ARG D 1359 43.65 48.31 41.21
C ARG D 1359 43.88 49.69 41.81
N GLU D 1360 44.98 50.36 41.46
CA GLU D 1360 45.32 51.66 42.02
C GLU D 1360 44.27 52.73 41.71
N ASP D 1361 43.45 52.53 40.67
CA ASP D 1361 42.34 53.43 40.34
C ASP D 1361 41.06 53.18 41.14
N ARG D 1362 41.00 52.17 42.01
CA ARG D 1362 39.74 51.72 42.62
C ARG D 1362 39.05 52.80 43.47
N VAL D 1363 37.71 52.85 43.34
CA VAL D 1363 36.86 53.82 44.03
C VAL D 1363 36.17 53.15 45.22
N ASP D 1364 36.10 53.89 46.32
CA ASP D 1364 35.42 53.46 47.55
C ASP D 1364 33.96 53.14 47.29
N TYR D 1365 33.47 52.07 47.94
CA TYR D 1365 32.12 51.54 47.72
C TYR D 1365 31.04 52.58 48.00
N ALA D 1366 31.16 53.28 49.13
CA ALA D 1366 30.11 54.23 49.51
C ALA D 1366 30.08 55.42 48.56
N LEU D 1367 31.25 55.90 48.16
CA LEU D 1367 31.32 56.97 47.16
C LEU D 1367 30.72 56.51 45.83
N ARG D 1368 30.91 55.24 45.49
CA ARG D 1368 30.45 54.70 44.22
C ARG D 1368 28.92 54.62 44.19
N GLN D 1369 28.33 54.12 45.27
CA GLN D 1369 26.86 54.09 45.39
C GLN D 1369 26.30 55.50 45.33
N SER D 1370 26.94 56.43 46.07
CA SER D 1370 26.49 57.82 46.13
C SER D 1370 26.48 58.47 44.76
N PHE D 1371 27.50 58.22 43.94
CA PHE D 1371 27.54 58.80 42.60
C PHE D 1371 26.49 58.19 41.69
N LEU D 1372 26.42 56.85 41.66
CA LEU D 1372 25.62 56.19 40.63
C LEU D 1372 24.12 56.47 40.79
N GLU D 1373 23.63 56.61 42.03
CA GLU D 1373 22.20 56.89 42.17
C GLU D 1373 21.84 58.30 41.65
N ARG D 1374 22.70 59.29 41.93
CA ARG D 1374 22.47 60.65 41.46
C ARG D 1374 22.52 60.72 39.94
N PHE D 1375 23.45 59.97 39.32
CA PHE D 1375 23.51 59.91 37.88
C PHE D 1375 22.23 59.34 37.27
N ALA D 1376 21.65 58.33 37.92
CA ALA D 1376 20.37 57.79 37.45
C ALA D 1376 19.26 58.84 37.49
N TYR D 1377 19.19 59.63 38.57
CA TYR D 1377 18.19 60.70 38.64
C TYR D 1377 18.40 61.76 37.55
N PHE D 1378 19.65 62.18 37.31
CA PHE D 1378 19.90 63.14 36.24
C PHE D 1378 19.50 62.60 34.87
N THR D 1379 19.76 61.33 34.61
CA THR D 1379 19.45 60.77 33.30
C THR D 1379 17.96 60.63 33.06
N LEU D 1380 17.21 60.15 34.06
CA LEU D 1380 15.80 59.91 33.80
C LEU D 1380 14.93 61.19 33.83
N HIS D 1381 15.45 62.31 34.35
CA HIS D 1381 14.76 63.59 34.22
C HIS D 1381 15.07 64.33 32.92
N ALA D 1382 15.93 63.78 32.07
CA ALA D 1382 16.36 64.45 30.85
C ALA D 1382 15.33 64.32 29.73
N PRO D 1383 15.40 65.17 28.70
CA PRO D 1383 14.59 64.92 27.50
C PRO D 1383 15.08 63.68 26.76
N VAL D 1384 14.15 63.06 26.04
CA VAL D 1384 14.36 61.74 25.46
C VAL D 1384 15.53 61.74 24.49
N SER D 1385 15.66 62.81 23.71
CA SER D 1385 16.73 62.89 22.72
C SER D 1385 18.09 63.26 23.30
N ASP D 1386 18.17 63.65 24.58
CA ASP D 1386 19.45 63.92 25.23
C ASP D 1386 20.06 62.72 25.92
N ILE D 1387 19.25 61.70 26.22
CA ILE D 1387 19.69 60.47 26.89
C ILE D 1387 20.87 59.78 26.19
N PRO D 1388 20.95 59.69 24.84
CA PRO D 1388 22.18 59.12 24.25
C PRO D 1388 23.44 59.91 24.51
N ASP D 1389 23.36 61.19 24.85
CA ASP D 1389 24.57 61.94 25.22
C ASP D 1389 24.97 61.75 26.67
N TYR D 1390 24.00 61.52 27.56
CA TYR D 1390 24.32 61.30 28.97
C TYR D 1390 25.08 59.99 29.19
N ILE D 1391 24.62 58.89 28.58
CA ILE D 1391 25.20 57.59 28.88
C ILE D 1391 26.38 57.22 27.97
N LYS D 1392 26.79 58.11 27.08
CA LYS D 1392 27.86 57.82 26.11
C LYS D 1392 29.20 57.35 26.69
N PRO D 1393 29.74 57.91 27.79
CA PRO D 1393 31.00 57.34 28.34
C PRO D 1393 30.89 55.90 28.78
N PHE D 1394 29.71 55.46 29.23
CA PHE D 1394 29.55 54.06 29.62
C PHE D 1394 29.27 53.15 28.43
N LEU D 1395 28.68 53.69 27.36
CA LEU D 1395 28.54 52.90 26.14
C LEU D 1395 29.87 52.69 25.45
N ASP D 1396 30.72 53.72 25.39
CA ASP D 1396 31.98 53.60 24.68
C ASP D 1396 32.98 52.71 25.44
N GLY D 1397 32.96 52.76 26.77
CA GLY D 1397 33.94 52.06 27.58
C GLY D 1397 33.52 50.71 28.12
N PHE D 1398 32.41 50.16 27.64
CA PHE D 1398 31.75 48.99 28.22
C PHE D 1398 32.65 47.77 28.30
N ASN D 1399 32.71 47.15 29.48
CA ASN D 1399 33.52 45.97 29.72
C ASN D 1399 32.90 45.16 30.85
N GLY D 1400 33.63 44.15 31.31
CA GLY D 1400 33.15 43.18 32.27
C GLY D 1400 33.33 43.55 33.72
N SER D 1401 33.60 44.81 34.03
CA SER D 1401 33.90 45.21 35.40
C SER D 1401 32.64 45.40 36.23
N GLU D 1402 32.80 45.24 37.56
CA GLU D 1402 31.68 45.23 38.50
C GLU D 1402 30.76 46.44 38.50
N PRO D 1403 31.22 47.71 38.38
CA PRO D 1403 30.27 48.84 38.42
C PRO D 1403 29.23 48.84 37.30
N ILE D 1404 29.43 48.10 36.21
CA ILE D 1404 28.39 47.95 35.19
C ILE D 1404 27.15 47.27 35.78
N SER D 1405 27.34 46.35 36.72
CA SER D 1405 26.21 45.71 37.39
C SER D 1405 25.46 46.69 38.29
N GLU D 1406 26.21 47.50 39.05
CA GLU D 1406 25.64 48.44 40.00
C GLU D 1406 24.85 49.53 39.29
N LEU D 1407 25.31 49.93 38.09
CA LEU D 1407 24.60 50.91 37.26
C LEU D 1407 23.19 50.44 36.91
N PHE D 1408 23.08 49.20 36.43
CA PHE D 1408 21.78 48.65 36.06
C PHE D 1408 20.86 48.58 37.26
N LYS D 1409 21.39 48.16 38.43
CA LYS D 1409 20.53 48.10 39.62
C LYS D 1409 20.00 49.48 40.02
N LYS D 1410 20.85 50.51 39.95
CA LYS D 1410 20.41 51.85 40.33
C LYS D 1410 19.35 52.40 39.36
N PHE D 1411 19.49 52.12 38.05
CA PHE D 1411 18.43 52.51 37.11
C PHE D 1411 17.10 51.85 37.44
N ILE D 1412 17.11 50.56 37.79
CA ILE D 1412 15.86 49.88 38.13
C ILE D 1412 15.21 50.50 39.36
N LEU D 1413 16.02 50.84 40.37
CA LEU D 1413 15.48 51.45 41.60
C LEU D 1413 14.82 52.80 41.32
N VAL D 1414 15.53 53.68 40.60
CA VAL D 1414 14.99 55.01 40.36
C VAL D 1414 13.76 54.94 39.46
N GLU D 1415 13.71 53.97 38.53
CA GLU D 1415 12.51 53.80 37.71
C GLU D 1415 11.31 53.36 38.53
N ASP D 1416 11.53 52.49 39.53
CA ASP D 1416 10.43 52.11 40.41
C ASP D 1416 9.91 53.32 41.18
N ARG D 1417 10.79 54.27 41.53
CA ARG D 1417 10.29 55.47 42.18
C ARG D 1417 9.56 56.40 41.21
N LEU D 1418 10.09 56.61 40.00
CA LEU D 1418 9.65 57.69 39.13
C LEU D 1418 8.59 57.32 38.10
N ASN D 1419 8.55 56.07 37.66
CA ASN D 1419 7.59 55.55 36.67
C ASN D 1419 7.70 56.33 35.34
N THR D 1420 8.92 56.32 34.79
CA THR D 1420 9.24 56.97 33.52
C THR D 1420 9.38 56.01 32.34
N TYR D 1421 8.26 55.43 31.90
CA TYR D 1421 8.23 54.26 31.01
C TYR D 1421 9.14 54.35 29.77
N ALA D 1422 8.88 55.34 28.91
CA ALA D 1422 9.57 55.42 27.62
C ALA D 1422 11.07 55.67 27.79
N LYS D 1423 11.44 56.49 28.78
CA LYS D 1423 12.85 56.81 28.99
C LYS D 1423 13.62 55.59 29.49
N PHE D 1424 13.02 54.83 30.41
CA PHE D 1424 13.64 53.59 30.88
C PHE D 1424 13.86 52.62 29.74
N TRP D 1425 12.84 52.42 28.91
CA TRP D 1425 13.03 51.45 27.84
C TRP D 1425 14.00 51.94 26.77
N LYS D 1426 14.14 53.26 26.58
CA LYS D 1426 15.20 53.76 25.69
C LYS D 1426 16.59 53.43 26.22
N VAL D 1427 16.81 53.66 27.52
CA VAL D 1427 18.11 53.32 28.11
C VAL D 1427 18.39 51.83 27.96
N TRP D 1428 17.38 50.99 28.22
CA TRP D 1428 17.58 49.54 28.11
C TRP D 1428 17.81 49.11 26.67
N ASP D 1429 17.17 49.78 25.70
CA ASP D 1429 17.39 49.41 24.30
C ASP D 1429 18.77 49.79 23.80
N LEU D 1430 19.39 50.82 24.40
CA LEU D 1430 20.71 51.21 23.91
C LEU D 1430 21.82 50.25 24.34
N PHE D 1431 21.69 49.55 25.48
CA PHE D 1431 22.72 48.63 25.98
C PHE D 1431 22.63 47.20 25.45
N PHE D 1432 21.59 46.85 24.69
CA PHE D 1432 21.29 45.46 24.35
C PHE D 1432 22.41 44.77 23.60
N ASP D 1433 22.93 45.41 22.56
CA ASP D 1433 23.94 44.79 21.71
C ASP D 1433 25.25 44.58 22.47
N LYS D 1434 25.59 45.48 23.39
CA LYS D 1434 26.79 45.33 24.21
C LYS D 1434 26.69 44.07 25.07
N VAL D 1435 25.56 43.91 25.75
CA VAL D 1435 25.35 42.76 26.64
C VAL D 1435 25.33 41.47 25.83
N VAL D 1436 24.73 41.51 24.64
CA VAL D 1436 24.73 40.34 23.77
C VAL D 1436 26.16 39.95 23.37
N THR D 1437 26.96 40.95 23.00
CA THR D 1437 28.35 40.69 22.65
C THR D 1437 29.13 40.14 23.84
N LEU D 1438 28.79 40.55 25.06
CA LEU D 1438 29.56 40.14 26.23
C LEU D 1438 29.34 38.66 26.58
N CYS D 1439 28.10 38.16 26.46
CA CYS D 1439 27.80 36.77 26.84
C CYS D 1439 28.53 35.76 25.95
N LYS D 1440 28.90 36.17 24.74
CA LYS D 1440 29.54 35.27 23.80
C LYS D 1440 30.96 34.92 24.20
N ASP D 1441 31.56 35.70 25.11
CA ASP D 1441 32.86 35.35 25.67
C ASP D 1441 32.75 34.25 26.74
N GLY D 1442 31.54 33.91 27.16
CA GLY D 1442 31.35 32.96 28.25
C GLY D 1442 31.24 33.68 29.58
N ASP D 1443 30.22 33.36 30.36
CA ASP D 1443 29.94 34.18 31.54
C ASP D 1443 30.81 33.84 32.75
N ARG D 1444 31.87 33.05 32.58
CA ARG D 1444 32.81 32.79 33.68
C ARG D 1444 33.76 33.94 33.92
N TYR D 1445 33.97 34.81 32.93
CA TYR D 1445 34.98 35.86 33.02
C TYR D 1445 34.55 36.98 33.95
N TRP D 1446 35.52 37.50 34.73
CA TRP D 1446 35.44 38.76 35.49
C TRP D 1446 34.14 38.85 36.29
N TYR D 1447 33.21 39.73 35.88
CA TYR D 1447 31.90 39.75 36.52
C TYR D 1447 30.76 39.61 35.52
N VAL D 1448 30.97 38.88 34.41
CA VAL D 1448 30.02 38.84 33.30
C VAL D 1448 28.67 38.25 33.71
N ASP D 1449 28.69 37.17 34.51
CA ASP D 1449 27.43 36.54 34.93
C ASP D 1449 26.59 37.50 35.77
N LYS D 1450 27.24 38.25 36.67
CA LYS D 1450 26.52 39.21 37.50
C LYS D 1450 25.94 40.34 36.67
N ILE D 1451 26.63 40.74 35.59
CA ILE D 1451 26.10 41.75 34.69
C ILE D 1451 24.87 41.24 33.95
N ILE D 1452 24.90 39.97 33.50
CA ILE D 1452 23.71 39.37 32.86
C ILE D 1452 22.54 39.36 33.83
N LYS D 1453 22.77 38.90 35.06
CA LYS D 1453 21.69 38.78 36.03
C LYS D 1453 21.11 40.15 36.39
N SER D 1454 21.97 41.17 36.45
CA SER D 1454 21.49 42.52 36.72
C SER D 1454 20.64 43.06 35.58
N TYR D 1455 21.06 42.81 34.34
CA TYR D 1455 20.32 43.33 33.19
C TYR D 1455 18.95 42.68 33.04
N LEU D 1456 18.82 41.41 33.45
CA LEU D 1456 17.59 40.66 33.31
C LEU D 1456 16.78 40.59 34.61
N PHE D 1457 16.86 41.64 35.44
CA PHE D 1457 16.02 41.90 36.61
C PHE D 1457 16.15 40.90 37.75
N ALA D 1458 17.18 40.06 37.77
CA ALA D 1458 17.26 38.99 38.76
C ALA D 1458 17.95 39.35 40.07
N GLU D 1459 18.62 40.49 40.15
CA GLU D 1459 19.38 40.85 41.35
C GLU D 1459 18.65 41.80 42.31
N SER D 1460 17.47 42.32 41.96
CA SER D 1460 16.81 43.32 42.78
C SER D 1460 15.88 42.68 43.82
N PRO D 1461 15.71 43.32 44.99
CA PRO D 1461 14.82 42.80 46.03
C PRO D 1461 13.34 43.16 45.92
N TRP D 1462 12.58 42.37 45.15
CA TRP D 1462 11.16 42.60 44.88
C TRP D 1462 10.28 42.02 45.99
N LYS D 1463 9.08 42.58 46.13
CA LYS D 1463 8.11 42.11 47.11
C LYS D 1463 7.57 40.74 46.69
N GLU D 1464 6.91 40.08 47.65
CA GLU D 1464 6.63 38.65 47.63
C GLU D 1464 5.52 38.17 46.70
N ASN D 1465 4.55 39.03 46.36
CA ASN D 1465 3.34 38.57 45.67
C ASN D 1465 2.92 39.58 44.62
N SER D 1466 3.86 40.04 43.80
CA SER D 1466 3.57 41.05 42.80
C SER D 1466 2.73 40.46 41.67
N ASN D 1467 1.71 41.21 41.26
CA ASN D 1467 0.91 40.85 40.09
C ASN D 1467 1.61 41.19 38.78
N GLY D 1468 2.71 41.92 38.84
CA GLY D 1468 3.33 42.51 37.67
C GLY D 1468 4.16 43.71 38.10
N TRP D 1469 4.54 44.53 37.13
CA TRP D 1469 5.26 45.76 37.42
C TRP D 1469 4.72 46.83 36.50
N HIS D 1470 4.65 48.05 37.00
CA HIS D 1470 4.02 49.15 36.27
C HIS D 1470 4.79 49.53 35.00
N THR D 1471 6.01 49.05 34.83
CA THR D 1471 6.81 49.31 33.64
C THR D 1471 6.73 48.16 32.61
N PHE D 1472 6.05 47.06 32.94
CA PHE D 1472 5.80 45.97 31.98
C PHE D 1472 4.42 46.10 31.35
N LYS D 1473 4.35 46.00 30.02
CA LYS D 1473 3.09 45.99 29.29
C LYS D 1473 3.15 44.90 28.22
N ASP D 1474 2.01 44.64 27.58
CA ASP D 1474 1.91 43.58 26.56
C ASP D 1474 2.93 43.76 25.44
N SER D 1475 3.18 45.02 25.06
CA SER D 1475 4.12 45.35 24.00
C SER D 1475 5.54 44.90 24.32
N ASN D 1476 5.91 44.89 25.60
CA ASN D 1476 7.29 44.63 25.98
C ASN D 1476 7.64 43.15 26.01
N SER D 1477 6.71 42.26 25.63
CA SER D 1477 7.03 40.84 25.57
C SER D 1477 8.08 40.54 24.52
N GLN D 1478 8.24 41.41 23.52
CA GLN D 1478 9.28 41.21 22.51
C GLN D 1478 10.69 41.39 23.03
N PHE D 1479 10.88 42.05 24.19
CA PHE D 1479 12.20 42.09 24.81
C PHE D 1479 12.66 40.69 25.21
N PHE D 1480 11.81 39.97 25.94
CA PHE D 1480 12.16 38.63 26.39
C PHE D 1480 12.27 37.66 25.22
N CYS D 1481 11.53 37.89 24.14
CA CYS D 1481 11.68 37.08 22.93
C CYS D 1481 13.07 37.23 22.33
N ASP D 1482 13.53 38.48 22.16
CA ASP D 1482 14.86 38.72 21.62
C ASP D 1482 15.93 38.16 22.55
N VAL D 1483 15.76 38.34 23.85
CA VAL D 1483 16.73 37.82 24.83
C VAL D 1483 16.85 36.31 24.72
N SER D 1484 15.72 35.60 24.74
CA SER D 1484 15.77 34.15 24.71
C SER D 1484 16.24 33.62 23.36
N ARG D 1485 16.01 34.39 22.29
CA ARG D 1485 16.54 34.00 20.99
C ARG D 1485 18.05 34.18 20.89
N THR D 1486 18.60 35.18 21.58
CA THR D 1486 19.96 35.60 21.31
C THR D 1486 20.96 35.18 22.39
N MET D 1487 20.55 35.10 23.65
CA MET D 1487 21.45 34.86 24.77
C MET D 1487 21.22 33.52 25.44
N GLY D 1488 20.64 32.55 24.73
CA GLY D 1488 20.13 31.34 25.38
C GLY D 1488 21.19 30.45 25.99
N HIS D 1489 22.42 30.48 25.47
CA HIS D 1489 23.45 29.54 25.87
C HIS D 1489 24.09 29.83 27.22
N CYS D 1490 24.09 31.08 27.67
CA CYS D 1490 24.61 31.38 29.00
C CYS D 1490 23.62 30.87 30.04
N PRO D 1491 24.04 30.00 30.98
CA PRO D 1491 23.09 29.47 31.98
C PRO D 1491 22.48 30.53 32.88
N SER D 1492 23.16 31.67 33.03
CA SER D 1492 22.61 32.80 33.77
C SER D 1492 21.30 33.28 33.17
N THR D 1493 21.15 33.16 31.85
CA THR D 1493 19.91 33.55 31.18
C THR D 1493 18.73 32.69 31.63
N LEU D 1494 18.91 31.37 31.64
CA LEU D 1494 17.86 30.45 32.06
C LEU D 1494 17.49 30.68 33.51
N TYR D 1495 18.49 30.86 34.38
CA TYR D 1495 18.22 31.19 35.78
C TYR D 1495 17.39 32.46 35.91
N SER D 1496 17.79 33.51 35.19
CA SER D 1496 17.13 34.81 35.33
C SER D 1496 15.68 34.75 34.86
N LEU D 1497 15.43 34.09 33.73
CA LEU D 1497 14.06 33.98 33.23
C LEU D 1497 13.19 33.17 34.18
N ALA D 1498 13.71 32.04 34.68
CA ALA D 1498 12.92 31.21 35.59
C ALA D 1498 12.57 31.95 36.88
N LYS D 1499 13.53 32.73 37.40
CA LYS D 1499 13.24 33.51 38.60
C LYS D 1499 12.26 34.63 38.33
N SER D 1500 12.36 35.28 37.17
CA SER D 1500 11.55 36.45 36.90
C SER D 1500 10.09 36.07 36.62
N LEU D 1501 9.88 35.02 35.84
CA LEU D 1501 8.53 34.61 35.47
C LEU D 1501 7.71 34.14 36.66
N ASN D 1502 8.38 33.80 37.77
CA ASN D 1502 7.73 33.30 38.96
C ASN D 1502 7.19 34.42 39.84
N ASN D 1503 7.77 35.63 39.80
CA ASN D 1503 7.16 36.74 40.51
C ASN D 1503 6.92 38.05 39.76
N ILE D 1504 7.99 38.75 39.38
CA ILE D 1504 7.84 40.14 38.93
C ILE D 1504 7.37 40.21 37.47
N ALA D 1505 7.66 39.18 36.68
CA ALA D 1505 7.21 39.12 35.30
C ALA D 1505 6.10 38.10 35.12
N SER D 1506 5.30 37.87 36.17
CA SER D 1506 4.34 36.76 36.17
C SER D 1506 3.27 36.92 35.11
N CYS D 1507 3.05 38.14 34.63
CA CYS D 1507 1.99 38.41 33.68
C CYS D 1507 2.27 37.84 32.29
N TYR D 1508 3.48 37.31 32.02
CA TYR D 1508 3.83 36.73 30.74
C TYR D 1508 3.91 35.19 30.73
N LEU D 1509 3.36 34.51 31.75
CA LEU D 1509 3.62 33.08 32.00
C LEU D 1509 3.35 32.18 30.78
N ASN D 1510 2.19 32.41 30.12
CA ASN D 1510 1.80 31.59 28.96
C ASN D 1510 2.85 31.67 27.85
N GLN D 1511 3.46 32.83 27.65
CA GLN D 1511 4.51 32.99 26.66
C GLN D 1511 5.86 32.50 27.16
N GLY D 1512 6.07 32.59 28.49
CA GLY D 1512 7.31 32.14 29.08
C GLY D 1512 7.56 30.66 28.90
N ILE D 1513 6.48 29.87 28.91
CA ILE D 1513 6.64 28.45 28.63
C ILE D 1513 7.26 28.21 27.26
N THR D 1514 6.86 29.00 26.25
CA THR D 1514 7.47 28.90 24.92
C THR D 1514 8.95 29.28 24.95
N TRP D 1515 9.26 30.41 25.61
CA TRP D 1515 10.66 30.86 25.65
C TRP D 1515 11.58 29.82 26.32
N LEU D 1516 11.14 29.25 27.45
CA LEU D 1516 11.95 28.26 28.16
C LEU D 1516 12.07 26.96 27.37
N SER D 1517 10.97 26.49 26.77
CA SER D 1517 10.99 25.25 26.00
C SER D 1517 11.93 25.37 24.81
N GLU D 1518 11.92 26.53 24.15
CA GLU D 1518 12.87 26.82 23.08
C GLU D 1518 14.31 26.73 23.56
N ILE D 1519 14.64 27.44 24.65
CA ILE D 1519 16.01 27.48 25.16
C ILE D 1519 16.52 26.08 25.45
N LEU D 1520 15.69 25.28 26.12
CA LEU D 1520 16.11 23.93 26.48
C LEU D 1520 16.20 23.00 25.28
N SER D 1521 15.35 23.18 24.26
CA SER D 1521 15.39 22.24 23.15
C SER D 1521 16.50 22.55 22.14
N VAL D 1522 16.93 23.80 22.04
CA VAL D 1522 17.99 24.13 21.07
C VAL D 1522 19.40 23.99 21.67
N ASN D 1523 19.61 24.41 22.91
CA ASN D 1523 20.96 24.49 23.48
C ASN D 1523 21.27 23.23 24.28
N LYS D 1524 21.64 22.17 23.55
CA LYS D 1524 21.76 20.82 24.10
C LYS D 1524 22.77 20.69 25.24
N LYS D 1525 23.76 21.58 25.29
CA LYS D 1525 24.84 21.51 26.28
C LYS D 1525 24.38 21.93 27.67
N LEU D 1526 23.26 22.65 27.77
CA LEU D 1526 22.66 22.97 29.06
C LEU D 1526 22.22 21.72 29.82
N TRP D 1527 22.04 20.60 29.12
CA TRP D 1527 21.70 19.36 29.78
C TRP D 1527 22.89 18.73 30.51
N GLU D 1528 24.11 19.20 30.25
CA GLU D 1528 25.31 18.63 30.84
C GLU D 1528 26.09 19.60 31.74
N LYS D 1529 25.95 20.91 31.53
CA LYS D 1529 26.66 21.91 32.32
C LYS D 1529 26.09 22.02 33.73
N LYS D 1530 26.89 22.59 34.62
CA LYS D 1530 26.47 22.90 35.98
C LYS D 1530 25.55 24.12 35.99
N LEU D 1531 24.44 24.02 36.74
CA LEU D 1531 23.46 25.08 36.83
C LEU D 1531 23.69 25.98 38.03
N GLU D 1532 23.08 27.17 37.98
CA GLU D 1532 22.99 28.04 39.14
C GLU D 1532 22.07 27.44 40.19
N ASN D 1533 22.30 27.84 41.44
CA ASN D 1533 21.45 27.38 42.55
C ASN D 1533 20.00 27.84 42.36
N ASP D 1534 19.07 26.97 42.83
CA ASP D 1534 17.61 27.13 42.78
C ASP D 1534 16.98 27.15 41.39
N THR D 1535 17.75 26.90 40.33
CA THR D 1535 17.18 26.90 38.97
C THR D 1535 16.07 25.85 38.82
N VAL D 1536 16.33 24.64 39.30
CA VAL D 1536 15.37 23.55 39.22
C VAL D 1536 14.12 23.87 40.05
N TYR D 1537 14.32 24.48 41.22
CA TYR D 1537 13.19 24.84 42.08
C TYR D 1537 12.22 25.80 41.40
N TYR D 1538 12.75 26.84 40.76
CA TYR D 1538 11.89 27.80 40.07
C TYR D 1538 11.19 27.16 38.88
N LEU D 1539 11.88 26.28 38.15
CA LEU D 1539 11.21 25.60 37.02
C LEU D 1539 10.06 24.71 37.50
N GLU D 1540 10.26 24.01 38.62
CA GLU D 1540 9.20 23.19 39.19
C GLU D 1540 7.97 24.06 39.50
N CYS D 1541 8.19 25.22 40.11
CA CYS D 1541 7.08 26.12 40.45
C CYS D 1541 6.33 26.59 39.19
N LEU D 1542 7.09 26.99 38.15
CA LEU D 1542 6.44 27.53 36.95
C LEU D 1542 5.57 26.49 36.25
N VAL D 1543 6.13 25.31 36.00
CA VAL D 1543 5.35 24.32 35.25
C VAL D 1543 4.16 23.85 36.06
N ARG D 1544 4.33 23.69 37.38
CA ARG D 1544 3.22 23.26 38.22
C ARG D 1544 2.12 24.30 38.27
N ARG D 1545 2.48 25.59 38.22
CA ARG D 1545 1.48 26.66 38.22
C ARG D 1545 0.72 26.71 36.89
N TYR D 1546 1.43 26.50 35.78
CA TYR D 1546 0.81 26.57 34.45
C TYR D 1546 -0.22 25.48 34.22
N ILE D 1547 0.11 24.23 34.54
CA ILE D 1547 -0.76 23.08 34.28
C ILE D 1547 -2.07 23.21 35.06
N ASN D 1548 -2.00 23.78 36.26
CA ASN D 1548 -3.18 24.00 37.08
C ASN D 1548 -4.20 24.92 36.39
N ASN D 1549 -3.74 25.87 35.57
CA ASN D 1549 -4.63 26.76 34.85
C ASN D 1549 -5.10 26.23 33.50
N GLU D 1550 -4.30 25.37 32.86
CA GLU D 1550 -4.40 25.14 31.41
C GLU D 1550 -4.64 23.69 31.04
N ARG D 1551 -5.04 22.85 32.00
CA ARG D 1551 -5.07 21.39 31.89
C ARG D 1551 -5.85 20.90 30.67
N GLU D 1552 -7.08 21.41 30.49
CA GLU D 1552 -7.91 20.98 29.37
C GLU D 1552 -7.27 21.34 28.03
N ARG D 1553 -6.78 22.59 27.90
CA ARG D 1553 -6.19 23.01 26.63
C ARG D 1553 -4.94 22.22 26.31
N ILE D 1554 -4.14 21.88 27.33
CA ILE D 1554 -2.96 21.06 27.09
C ILE D 1554 -3.35 19.67 26.60
N ARG D 1555 -4.35 19.05 27.24
CA ARG D 1555 -4.81 17.73 26.81
C ARG D 1555 -5.33 17.74 25.36
N ARG D 1556 -6.05 18.80 24.98
CA ARG D 1556 -6.73 18.87 23.69
C ARG D 1556 -5.87 19.42 22.55
N THR D 1557 -4.60 19.79 22.78
CA THR D 1557 -3.81 20.52 21.78
C THR D 1557 -2.37 20.01 21.77
N LYS D 1558 -1.95 19.44 20.62
CA LYS D 1558 -0.67 18.72 20.53
C LYS D 1558 0.55 19.61 20.80
N GLN D 1559 0.54 20.83 20.24
CA GLN D 1559 1.73 21.70 20.34
C GLN D 1559 2.02 22.09 21.79
N LEU D 1560 0.97 22.45 22.54
CA LEU D 1560 1.15 22.82 23.94
C LEU D 1560 1.70 21.67 24.76
N LYS D 1561 1.21 20.46 24.49
CA LYS D 1561 1.66 19.29 25.23
C LYS D 1561 3.13 18.99 24.96
N GLN D 1562 3.56 19.13 23.70
CA GLN D 1562 4.98 18.91 23.38
C GLN D 1562 5.87 19.96 24.06
N GLU D 1563 5.43 21.23 24.03
CA GLU D 1563 6.20 22.31 24.64
C GLU D 1563 6.36 22.09 26.14
N VAL D 1564 5.30 21.65 26.82
CA VAL D 1564 5.39 21.38 28.25
C VAL D 1564 6.29 20.17 28.55
N LEU D 1565 6.16 19.11 27.73
CA LEU D 1565 6.91 17.90 28.02
C LEU D 1565 8.41 18.12 27.89
N VAL D 1566 8.85 19.11 27.09
CA VAL D 1566 10.30 19.43 27.06
C VAL D 1566 10.82 19.93 28.44
N ILE D 1567 10.03 20.70 29.16
CA ILE D 1567 10.51 21.11 30.47
C ILE D 1567 10.43 19.95 31.46
N LEU D 1568 9.38 19.14 31.36
CA LEU D 1568 9.21 18.04 32.33
C LEU D 1568 10.28 16.95 32.19
N ASP D 1569 10.69 16.64 30.96
CA ASP D 1569 11.72 15.60 30.84
C ASP D 1569 13.09 16.16 31.28
N PHE D 1570 13.32 17.48 31.07
CA PHE D 1570 14.51 18.06 31.64
C PHE D 1570 14.51 17.94 33.16
N LEU D 1571 13.37 18.19 33.82
CA LEU D 1571 13.30 18.07 35.28
C LEU D 1571 13.48 16.62 35.75
N VAL D 1572 12.88 15.67 35.03
CA VAL D 1572 13.04 14.26 35.39
C VAL D 1572 14.47 13.80 35.17
N GLU D 1573 15.15 14.33 34.14
CA GLU D 1573 16.55 14.00 33.91
C GLU D 1573 17.42 14.44 35.09
N LYS D 1574 17.09 15.58 35.69
CA LYS D 1574 17.77 16.05 36.90
C LYS D 1574 17.22 15.43 38.18
N GLY D 1575 16.28 14.49 38.09
CA GLY D 1575 15.86 13.75 39.27
C GLY D 1575 14.71 14.34 40.06
N SER D 1576 13.91 15.21 39.45
CA SER D 1576 12.82 15.87 40.16
C SER D 1576 11.64 14.93 40.37
N VAL D 1577 11.24 14.75 41.63
CA VAL D 1577 10.05 13.96 41.93
C VAL D 1577 8.79 14.69 41.48
N VAL D 1578 8.77 16.02 41.64
CA VAL D 1578 7.63 16.83 41.22
C VAL D 1578 7.44 16.76 39.71
N GLY D 1579 8.53 16.80 38.95
CA GLY D 1579 8.44 16.67 37.50
C GLY D 1579 7.88 15.32 37.06
N TYR D 1580 8.34 14.26 37.73
CA TYR D 1580 7.87 12.91 37.44
C TYR D 1580 6.37 12.77 37.67
N MET D 1581 5.91 13.20 38.85
CA MET D 1581 4.48 13.08 39.15
C MET D 1581 3.65 13.97 38.23
N SER D 1582 4.21 15.10 37.79
CA SER D 1582 3.48 15.96 36.86
C SER D 1582 3.29 15.28 35.50
N ARG D 1583 4.32 14.59 35.00
CA ARG D 1583 4.13 13.82 33.77
C ARG D 1583 3.05 12.77 33.93
N GLU D 1584 3.09 12.01 35.03
CA GLU D 1584 2.07 10.98 35.23
C GLU D 1584 0.66 11.56 35.35
N ASN D 1585 0.53 12.83 35.76
CA ASN D 1585 -0.77 13.49 35.73
C ASN D 1585 -1.18 13.89 34.30
N ILE D 1586 -0.25 14.46 33.52
CA ILE D 1586 -0.57 14.97 32.19
C ILE D 1586 -0.99 13.86 31.23
N LEU D 1587 -0.31 12.72 31.30
CA LEU D 1587 -0.57 11.61 30.39
C LEU D 1587 -1.95 10.98 30.58
N LYS E 6 84.12 -63.89 22.81
CA LYS E 6 83.61 -64.22 24.12
C LYS E 6 82.73 -63.09 24.66
N ARG E 7 81.69 -63.46 25.39
CA ARG E 7 80.72 -62.53 25.94
C ARG E 7 81.31 -61.70 27.09
N GLU E 8 80.55 -60.70 27.49
CA GLU E 8 80.97 -59.74 28.50
C GLU E 8 79.78 -59.41 29.39
N GLY E 9 80.07 -58.97 30.61
CA GLY E 9 79.02 -58.51 31.52
C GLY E 9 78.16 -59.65 32.03
N PHE E 10 76.84 -59.45 31.98
CA PHE E 10 75.87 -60.45 32.44
C PHE E 10 76.05 -61.80 31.76
N ALA E 11 76.50 -61.81 30.50
CA ALA E 11 76.57 -63.03 29.72
C ALA E 11 77.89 -63.79 29.85
N GLU E 12 78.78 -63.33 30.74
CA GLU E 12 80.14 -63.86 30.81
C GLU E 12 80.18 -65.35 31.11
N ASN E 13 79.32 -65.82 32.00
CA ASN E 13 79.36 -67.22 32.43
C ASN E 13 78.46 -68.14 31.63
N GLY E 14 77.64 -67.63 30.72
CA GLY E 14 76.80 -68.47 29.91
C GLY E 14 75.37 -68.57 30.43
N ALA E 15 74.45 -68.89 29.52
CA ALA E 15 73.02 -68.87 29.84
C ALA E 15 72.65 -69.93 30.86
N LYS E 16 73.31 -71.08 30.81
CA LYS E 16 72.94 -72.15 31.72
C LYS E 16 73.40 -71.82 33.14
N ALA E 17 74.57 -71.18 33.26
CA ALA E 17 75.06 -70.75 34.57
C ALA E 17 74.13 -69.71 35.21
N VAL E 18 73.67 -68.72 34.44
CA VAL E 18 72.75 -67.75 35.05
C VAL E 18 71.40 -68.38 35.39
N TYR E 19 70.90 -69.31 34.56
CA TYR E 19 69.66 -70.00 34.91
C TYR E 19 69.79 -70.76 36.23
N ASP E 20 70.84 -71.59 36.36
CA ASP E 20 71.06 -72.32 37.61
C ASP E 20 71.31 -71.38 38.79
N ALA E 21 71.92 -70.23 38.54
CA ALA E 21 72.20 -69.30 39.63
C ALA E 21 70.91 -68.65 40.15
N LEU E 22 70.04 -68.24 39.24
CA LEU E 22 68.85 -67.50 39.66
C LEU E 22 67.72 -68.41 40.15
N LYS E 23 67.72 -69.69 39.72
CA LYS E 23 66.63 -70.63 39.99
C LYS E 23 66.35 -70.81 41.48
N ASN E 24 67.38 -70.61 42.31
CA ASN E 24 67.27 -70.75 43.77
C ASN E 24 66.18 -69.85 44.35
N ASP E 25 66.06 -68.63 43.82
CA ASP E 25 65.15 -67.63 44.36
C ASP E 25 63.70 -67.88 43.96
N ARG E 26 63.45 -68.71 42.95
CA ARG E 26 62.12 -68.87 42.38
C ARG E 26 61.25 -69.86 43.16
N ASN E 27 61.84 -70.62 44.09
CA ASN E 27 61.18 -71.79 44.66
C ASN E 27 59.96 -71.42 45.51
N SER E 28 60.03 -70.33 46.28
CA SER E 28 58.90 -69.94 47.13
C SER E 28 57.70 -69.54 46.28
N TYR E 29 57.93 -68.76 45.23
CA TYR E 29 56.87 -68.37 44.31
C TYR E 29 56.24 -69.57 43.61
N GLU E 30 57.07 -70.53 43.18
CA GLU E 30 56.53 -71.75 42.59
C GLU E 30 55.70 -72.55 43.59
N THR E 31 56.16 -72.64 44.83
CA THR E 31 55.41 -73.36 45.86
C THR E 31 54.06 -72.74 46.11
N ARG E 32 54.02 -71.40 46.18
CA ARG E 32 52.76 -70.67 46.32
C ARG E 32 51.82 -70.96 45.15
N ALA E 33 52.36 -70.96 43.92
CA ALA E 33 51.54 -71.23 42.74
C ALA E 33 50.98 -72.64 42.76
N GLU E 34 51.80 -73.62 43.17
CA GLU E 34 51.34 -75.00 43.28
C GLU E 34 50.19 -75.13 44.27
N ASN E 35 50.33 -74.48 45.42
CA ASN E 35 49.28 -74.55 46.44
C ASN E 35 47.99 -73.88 45.95
N CYS E 36 48.11 -72.77 45.23
CA CYS E 36 46.90 -72.14 44.69
C CYS E 36 46.23 -73.00 43.64
N ALA E 37 47.02 -73.67 42.79
CA ALA E 37 46.45 -74.52 41.75
C ALA E 37 45.72 -75.72 42.33
N LYS E 38 46.27 -76.30 43.43
CA LYS E 38 45.73 -77.54 43.98
C LYS E 38 44.28 -77.40 44.41
N TYR E 39 43.88 -76.23 44.89
CA TYR E 39 42.50 -76.01 45.31
C TYR E 39 41.68 -75.26 44.28
N THR E 40 42.22 -74.97 43.10
CA THR E 40 41.36 -74.44 42.07
C THR E 40 41.24 -75.30 40.79
N ILE E 41 42.32 -75.40 40.01
CA ILE E 41 42.38 -76.18 38.77
C ILE E 41 43.81 -76.66 38.65
N PRO E 42 44.10 -77.90 39.08
CA PRO E 42 45.50 -78.35 39.25
C PRO E 42 46.32 -78.34 37.98
N SER E 43 45.68 -78.52 36.82
CA SER E 43 46.37 -78.55 35.54
C SER E 43 46.90 -77.18 35.10
N LEU E 44 46.54 -76.11 35.81
CA LEU E 44 47.12 -74.80 35.54
C LEU E 44 48.58 -74.72 35.99
N PHE E 45 48.95 -75.47 37.02
CA PHE E 45 50.33 -75.47 37.53
C PHE E 45 50.65 -76.80 38.20
N PRO E 46 50.70 -77.93 37.48
CA PRO E 46 50.93 -79.21 38.15
C PRO E 46 52.41 -79.45 38.44
N LYS E 47 52.70 -80.02 39.64
CA LYS E 47 54.08 -80.31 39.98
C LYS E 47 54.29 -81.61 40.76
N ASP E 48 53.24 -82.37 41.12
CA ASP E 48 53.42 -83.58 41.91
C ASP E 48 54.21 -84.65 41.15
N SER E 49 55.14 -85.32 41.83
CA SER E 49 56.03 -86.27 41.20
C SER E 49 55.51 -87.71 41.18
N ASP E 50 54.75 -88.12 42.19
CA ASP E 50 54.34 -89.52 42.30
C ASP E 50 53.11 -89.88 41.47
N ASN E 51 53.18 -89.60 40.16
CA ASN E 51 52.09 -89.83 39.21
C ASN E 51 51.82 -91.31 38.96
N ALA E 52 52.65 -92.21 39.47
CA ALA E 52 52.28 -93.62 39.55
C ALA E 52 51.16 -93.86 40.56
N SER E 53 50.84 -92.88 41.40
CA SER E 53 49.83 -93.01 42.43
C SER E 53 48.82 -91.86 42.47
N THR E 54 49.25 -90.63 42.19
CA THR E 54 48.42 -89.44 42.36
C THR E 54 47.85 -88.91 41.05
N ASP E 55 46.58 -88.51 41.08
CA ASP E 55 45.99 -87.82 39.95
C ASP E 55 46.25 -86.32 40.05
N TYR E 56 45.83 -85.58 39.02
CA TYR E 56 45.62 -84.13 39.12
C TYR E 56 44.32 -83.96 39.93
N THR E 57 44.49 -84.06 41.26
CA THR E 57 43.42 -84.46 42.19
C THR E 57 42.22 -83.52 42.17
N THR E 58 41.06 -84.08 41.82
CA THR E 58 39.83 -83.33 41.69
C THR E 58 39.23 -83.02 43.06
N PRO E 59 39.03 -81.75 43.41
CA PRO E 59 38.41 -81.44 44.71
C PRO E 59 36.92 -81.71 44.71
N TRP E 60 36.35 -81.83 45.91
CA TRP E 60 34.90 -81.90 46.02
C TRP E 60 34.26 -80.54 45.76
N GLN E 61 34.86 -79.47 46.29
CA GLN E 61 34.34 -78.12 46.08
C GLN E 61 34.62 -77.63 44.65
N ALA E 62 33.59 -77.07 44.02
CA ALA E 62 33.70 -76.52 42.68
C ALA E 62 33.95 -75.01 42.67
N VAL E 63 33.94 -74.38 43.84
CA VAL E 63 33.93 -72.91 43.93
C VAL E 63 35.21 -72.31 43.36
N GLY E 64 36.37 -72.93 43.63
CA GLY E 64 37.63 -72.35 43.20
C GLY E 64 37.76 -72.25 41.69
N ALA E 65 37.44 -73.33 40.99
CA ALA E 65 37.53 -73.35 39.53
C ALA E 65 36.59 -72.34 38.91
N ARG E 66 35.33 -72.32 39.38
CA ARG E 66 34.30 -71.43 38.84
C ARG E 66 34.66 -69.96 39.07
N GLY E 67 35.13 -69.63 40.29
CA GLY E 67 35.53 -68.27 40.58
C GLY E 67 36.70 -67.78 39.75
N LEU E 68 37.70 -68.65 39.55
CA LEU E 68 38.84 -68.27 38.71
C LEU E 68 38.40 -67.96 37.29
N ASN E 69 37.54 -68.82 36.71
CA ASN E 69 37.10 -68.57 35.33
C ASN E 69 36.31 -67.28 35.22
N ASN E 70 35.44 -67.01 36.20
CA ASN E 70 34.63 -65.79 36.16
C ASN E 70 35.48 -64.52 36.26
N LEU E 71 36.48 -64.52 37.15
CA LEU E 71 37.35 -63.35 37.31
C LEU E 71 38.15 -63.07 36.03
N ALA E 72 38.68 -64.14 35.42
CA ALA E 72 39.43 -63.94 34.17
C ALA E 72 38.52 -63.39 33.07
N SER E 73 37.26 -63.85 33.04
CA SER E 73 36.33 -63.34 32.04
C SER E 73 36.01 -61.86 32.24
N LYS E 74 35.96 -61.38 33.47
CA LYS E 74 35.68 -59.95 33.64
C LYS E 74 36.90 -59.08 33.36
N LEU E 75 38.09 -59.57 33.72
CA LEU E 75 39.33 -58.85 33.40
C LEU E 75 39.53 -58.76 31.90
N MET E 76 39.12 -59.79 31.16
CA MET E 76 39.19 -59.79 29.71
C MET E 76 37.96 -59.08 29.11
N LEU E 77 37.35 -58.24 29.90
CA LEU E 77 36.42 -57.27 29.33
C LEU E 77 36.69 -55.83 29.74
N ALA E 78 37.31 -55.58 30.89
CA ALA E 78 37.90 -54.26 31.11
C ALA E 78 39.06 -54.05 30.16
N LEU E 79 39.99 -55.01 30.17
CA LEU E 79 41.04 -55.07 29.18
C LEU E 79 40.52 -55.67 27.89
N PHE E 80 41.15 -55.24 26.79
CA PHE E 80 40.92 -55.76 25.43
C PHE E 80 39.49 -55.95 24.99
N PRO E 81 38.63 -54.94 25.02
CA PRO E 81 37.25 -55.08 24.53
C PRO E 81 37.21 -55.10 23.02
N MET E 82 36.00 -55.31 22.49
CA MET E 82 35.84 -55.30 21.04
C MET E 82 35.86 -53.90 20.43
N GLN E 83 35.64 -52.86 21.24
CA GLN E 83 35.64 -51.45 20.89
C GLN E 83 37.04 -50.84 21.04
N THR E 84 37.16 -49.56 20.71
CA THR E 84 38.48 -48.96 20.63
C THR E 84 39.06 -48.72 22.02
N TRP E 85 40.21 -49.36 22.30
CA TRP E 85 40.91 -49.19 23.57
C TRP E 85 42.27 -48.52 23.48
N MET E 86 42.77 -48.17 22.30
CA MET E 86 44.01 -47.39 22.21
C MET E 86 43.79 -46.07 21.49
N LYS E 87 44.70 -45.12 21.75
CA LYS E 87 44.71 -43.83 21.07
C LYS E 87 46.11 -43.53 20.54
N LEU E 88 46.24 -43.31 19.23
CA LEU E 88 47.48 -42.71 18.73
C LEU E 88 47.34 -41.20 18.84
N THR E 89 47.86 -40.68 19.94
CA THR E 89 47.83 -39.26 20.21
C THR E 89 48.71 -38.48 19.25
N ILE E 90 48.30 -37.24 18.99
CA ILE E 90 49.12 -36.28 18.28
C ILE E 90 49.60 -35.23 19.26
N SER E 91 50.91 -35.01 19.26
CA SER E 91 51.49 -33.95 20.08
C SER E 91 50.93 -32.60 19.65
N GLU E 92 50.44 -31.85 20.65
CA GLU E 92 49.73 -30.60 20.41
C GLU E 92 50.63 -29.58 19.72
N PHE E 93 51.92 -29.56 20.08
CA PHE E 93 52.90 -28.73 19.40
C PHE E 93 52.99 -29.04 17.91
N GLU E 94 52.90 -30.32 17.54
CA GLU E 94 52.91 -30.69 16.13
C GLU E 94 51.57 -30.43 15.45
N ALA E 95 50.47 -30.58 16.18
CA ALA E 95 49.16 -30.25 15.63
C ALA E 95 49.08 -28.78 15.25
N LYS E 96 49.70 -27.92 16.07
CA LYS E 96 49.74 -26.49 15.78
C LYS E 96 50.54 -26.17 14.53
N GLN E 97 51.34 -27.12 14.03
CA GLN E 97 52.06 -26.98 12.76
C GLN E 97 51.29 -27.60 11.60
N LEU E 98 50.71 -28.78 11.83
CA LEU E 98 50.07 -29.56 10.78
C LEU E 98 48.73 -28.98 10.35
N VAL E 99 48.17 -28.05 11.12
CA VAL E 99 46.88 -27.42 10.82
C VAL E 99 46.94 -26.52 9.57
N ALA E 100 48.11 -26.40 8.92
CA ALA E 100 48.29 -25.49 7.80
C ALA E 100 47.35 -25.80 6.62
N GLN E 101 46.87 -27.04 6.50
CA GLN E 101 45.81 -27.37 5.54
C GLN E 101 44.80 -28.32 6.18
N PRO E 102 43.50 -28.05 6.05
CA PRO E 102 42.50 -29.02 6.49
C PRO E 102 42.57 -30.34 5.75
N ALA E 103 42.96 -30.29 4.47
CA ALA E 103 43.11 -31.52 3.69
C ALA E 103 44.23 -32.39 4.26
N GLU E 104 45.32 -31.77 4.70
CA GLU E 104 46.39 -32.55 5.30
C GLU E 104 45.98 -33.13 6.65
N LEU E 105 45.20 -32.40 7.45
CA LEU E 105 44.69 -32.98 8.69
C LEU E 105 43.76 -34.15 8.43
N ALA E 106 42.92 -34.06 7.39
CA ALA E 106 42.07 -35.17 7.01
C ALA E 106 42.90 -36.38 6.59
N LYS E 107 43.92 -36.16 5.75
CA LYS E 107 44.76 -37.26 5.30
C LYS E 107 45.57 -37.86 6.45
N VAL E 108 46.07 -37.01 7.35
CA VAL E 108 46.90 -37.48 8.46
C VAL E 108 46.05 -38.28 9.45
N GLU E 109 44.86 -37.78 9.79
CA GLU E 109 44.02 -38.50 10.74
C GLU E 109 43.38 -39.72 10.12
N GLU E 110 43.14 -39.72 8.80
CA GLU E 110 42.76 -40.96 8.13
C GLU E 110 43.91 -41.96 8.15
N GLY E 111 45.16 -41.47 8.09
CA GLY E 111 46.32 -42.33 8.22
C GLY E 111 46.40 -42.97 9.59
N LEU E 112 46.22 -42.16 10.63
CA LEU E 112 46.17 -42.70 11.99
C LEU E 112 44.98 -43.63 12.18
N SER E 113 43.87 -43.35 11.50
CA SER E 113 42.72 -44.24 11.58
C SER E 113 43.02 -45.58 10.94
N MET E 114 43.71 -45.59 9.80
CA MET E 114 44.09 -46.86 9.22
C MET E 114 45.12 -47.58 10.05
N VAL E 115 45.99 -46.86 10.78
CA VAL E 115 46.95 -47.54 11.65
C VAL E 115 46.24 -48.12 12.89
N GLU E 116 45.27 -47.37 13.45
CA GLU E 116 44.50 -47.91 14.57
C GLU E 116 43.68 -49.13 14.15
N ARG E 117 43.09 -49.07 12.97
CA ARG E 117 42.37 -50.22 12.44
C ARG E 117 43.31 -51.37 12.11
N ILE E 118 44.54 -51.08 11.69
CA ILE E 118 45.52 -52.14 11.48
C ILE E 118 45.93 -52.78 12.80
N LEU E 119 46.02 -51.99 13.88
CA LEU E 119 46.31 -52.56 15.21
C LEU E 119 45.19 -53.48 15.68
N MET E 120 43.94 -52.99 15.64
CA MET E 120 42.83 -53.87 15.99
C MET E 120 42.64 -55.01 15.02
N ASN E 121 42.98 -54.80 13.75
CA ASN E 121 43.00 -55.89 12.78
C ASN E 121 44.01 -56.95 13.21
N TYR E 122 45.20 -56.53 13.60
CA TYR E 122 46.22 -57.49 13.98
C TYR E 122 45.82 -58.23 15.25
N ILE E 123 45.16 -57.53 16.17
CA ILE E 123 44.69 -58.16 17.40
C ILE E 123 43.66 -59.24 17.10
N GLU E 124 42.68 -58.95 16.25
CA GLU E 124 41.62 -59.93 16.01
C GLU E 124 42.04 -61.00 14.99
N SER E 125 42.70 -60.59 13.91
CA SER E 125 43.08 -61.50 12.83
C SER E 125 44.12 -62.52 13.29
N ASN E 126 44.94 -62.16 14.26
CA ASN E 126 45.89 -63.10 14.85
C ASN E 126 45.42 -63.63 16.20
N SER E 127 44.16 -63.39 16.54
CA SER E 127 43.45 -64.01 17.67
C SER E 127 44.21 -63.87 18.99
N TYR E 128 44.77 -62.68 19.22
CA TYR E 128 45.45 -62.39 20.47
C TYR E 128 44.53 -62.54 21.67
N ARG E 129 43.22 -62.37 21.45
CA ARG E 129 42.23 -62.51 22.52
C ARG E 129 42.37 -63.85 23.26
N VAL E 130 42.74 -64.90 22.54
CA VAL E 130 42.85 -66.25 23.11
C VAL E 130 44.00 -66.32 24.13
N THR E 131 45.22 -66.01 23.68
CA THR E 131 46.38 -66.16 24.55
C THR E 131 46.33 -65.15 25.69
N LEU E 132 45.70 -64.00 25.46
CA LEU E 132 45.52 -63.03 26.54
C LEU E 132 44.58 -63.57 27.63
N PHE E 133 43.53 -64.28 27.24
CA PHE E 133 42.66 -64.92 28.23
C PHE E 133 43.44 -65.96 29.06
N GLU E 134 44.25 -66.78 28.38
CA GLU E 134 45.07 -67.77 29.10
C GLU E 134 46.08 -67.10 30.03
N THR E 135 46.66 -65.98 29.59
CA THR E 135 47.64 -65.24 30.39
C THR E 135 46.99 -64.71 31.67
N LEU E 136 45.76 -64.20 31.56
CA LEU E 136 45.07 -63.71 32.74
C LEU E 136 44.81 -64.83 33.75
N LYS E 137 44.50 -66.04 33.26
CA LYS E 137 44.37 -67.18 34.18
C LYS E 137 45.68 -67.44 34.93
N GLN E 138 46.81 -67.42 34.21
CA GLN E 138 48.11 -67.60 34.87
C GLN E 138 48.41 -66.49 35.88
N LEU E 139 48.05 -65.25 35.55
CA LEU E 139 48.30 -64.15 36.47
C LEU E 139 47.48 -64.28 37.75
N VAL E 140 46.23 -64.74 37.63
CA VAL E 140 45.41 -64.91 38.84
C VAL E 140 45.97 -66.01 39.73
N VAL E 141 46.38 -67.13 39.14
CA VAL E 141 46.77 -68.23 40.02
C VAL E 141 48.25 -68.20 40.45
N ALA E 142 49.15 -67.57 39.69
CA ALA E 142 50.57 -67.62 40.00
C ALA E 142 51.23 -66.26 40.13
N GLY E 143 50.53 -65.18 39.80
CA GLY E 143 51.07 -63.84 39.93
C GLY E 143 52.07 -63.42 38.88
N ASN E 144 52.52 -64.33 38.02
CA ASN E 144 53.67 -64.10 37.13
C ASN E 144 53.44 -64.79 35.79
N ALA E 145 53.86 -64.12 34.71
CA ALA E 145 53.81 -64.72 33.37
C ALA E 145 54.79 -64.00 32.46
N LEU E 146 55.13 -64.66 31.34
CA LEU E 146 56.04 -64.12 30.34
C LEU E 146 55.51 -64.38 28.93
N LEU E 147 55.56 -63.35 28.07
CA LEU E 147 55.07 -63.41 26.71
C LEU E 147 56.16 -63.05 25.71
N TYR E 148 56.03 -63.58 24.49
CA TYR E 148 56.91 -63.31 23.37
C TYR E 148 56.10 -63.04 22.10
N ILE E 149 56.47 -61.99 21.38
CA ILE E 149 55.80 -61.58 20.15
C ILE E 149 56.74 -61.87 18.98
N PRO E 150 56.34 -62.73 18.04
CA PRO E 150 57.26 -63.12 16.98
C PRO E 150 57.34 -62.08 15.86
N GLU E 151 58.48 -62.10 15.20
CA GLU E 151 58.59 -61.49 13.89
C GLU E 151 57.64 -62.17 12.89
N PRO E 152 56.94 -61.40 12.05
CA PRO E 152 55.88 -61.98 11.23
C PRO E 152 56.39 -62.92 10.14
N GLU E 153 55.68 -64.04 10.01
CA GLU E 153 55.83 -65.01 8.94
C GLU E 153 54.45 -65.55 8.61
N GLY E 154 54.26 -65.92 7.34
CA GLY E 154 53.02 -66.52 6.87
C GLY E 154 51.83 -65.57 6.99
N ALA E 155 50.66 -66.17 7.15
CA ALA E 155 49.42 -65.41 7.21
C ALA E 155 48.98 -65.02 8.63
N TYR E 156 49.53 -65.67 9.64
CA TYR E 156 48.88 -65.72 10.97
C TYR E 156 49.94 -65.88 12.05
N ASN E 157 49.99 -64.96 13.00
CA ASN E 157 51.11 -64.88 13.95
C ASN E 157 50.67 -64.64 15.39
N PRO E 158 50.10 -65.67 16.04
CA PRO E 158 49.79 -65.54 17.47
C PRO E 158 51.03 -65.67 18.36
N MET E 159 50.89 -65.21 19.60
CA MET E 159 51.99 -65.10 20.53
C MET E 159 52.33 -66.44 21.19
N LYS E 160 53.41 -66.43 21.98
CA LYS E 160 53.82 -67.56 22.80
C LYS E 160 53.87 -67.15 24.28
N LEU E 161 53.35 -68.02 25.14
CA LEU E 161 53.21 -67.80 26.58
C LEU E 161 54.04 -68.81 27.37
N TYR E 162 54.79 -68.32 28.36
CA TYR E 162 55.62 -69.13 29.25
C TYR E 162 55.11 -69.09 30.69
N ARG E 163 55.07 -70.26 31.33
CA ARG E 163 54.80 -70.39 32.75
C ARG E 163 56.06 -70.10 33.57
N LEU E 164 55.85 -69.83 34.87
CA LEU E 164 56.94 -69.38 35.74
C LEU E 164 58.07 -70.40 35.85
N SER E 165 57.74 -71.68 35.77
CA SER E 165 58.74 -72.73 35.91
C SER E 165 59.71 -72.81 34.74
N SER E 166 59.45 -72.09 33.64
CA SER E 166 60.30 -72.16 32.45
C SER E 166 61.29 -71.01 32.32
N TYR E 167 61.29 -70.02 33.21
CA TYR E 167 62.10 -68.84 33.01
C TYR E 167 62.55 -68.24 34.34
N VAL E 168 63.57 -67.38 34.26
CA VAL E 168 64.05 -66.56 35.38
C VAL E 168 64.27 -65.14 34.88
N VAL E 169 64.13 -64.17 35.80
CA VAL E 169 64.28 -62.75 35.49
C VAL E 169 64.89 -62.06 36.72
N GLN E 170 65.70 -61.02 36.46
CA GLN E 170 66.41 -60.29 37.51
C GLN E 170 66.16 -58.79 37.38
N ARG E 171 65.89 -58.13 38.51
CA ARG E 171 65.45 -56.74 38.56
C ARG E 171 66.31 -55.92 39.53
N ASP E 172 66.43 -54.63 39.22
CA ASP E 172 67.17 -53.71 40.08
C ASP E 172 66.28 -53.15 41.19
N ALA E 173 66.78 -52.15 41.91
CA ALA E 173 66.04 -51.52 43.00
C ALA E 173 64.82 -50.75 42.52
N PHE E 174 64.68 -50.54 41.23
CA PHE E 174 63.62 -49.75 40.66
C PHE E 174 62.71 -50.57 39.75
N GLY E 175 62.79 -51.90 39.81
CA GLY E 175 61.94 -52.77 39.03
C GLY E 175 62.37 -52.97 37.59
N THR E 176 63.51 -52.40 37.20
CA THR E 176 63.96 -52.49 35.82
C THR E 176 64.51 -53.88 35.51
N VAL E 177 64.13 -54.42 34.36
CA VAL E 177 64.62 -55.73 33.97
C VAL E 177 66.08 -55.62 33.53
N LEU E 178 66.96 -56.32 34.24
CA LEU E 178 68.36 -56.44 33.89
C LEU E 178 68.62 -57.59 32.91
N GLN E 179 68.06 -58.78 33.20
CA GLN E 179 68.25 -59.92 32.30
C GLN E 179 67.14 -60.95 32.50
N ILE E 180 66.95 -61.78 31.45
CA ILE E 180 65.99 -62.88 31.39
C ILE E 180 66.70 -64.09 30.82
N VAL E 181 66.40 -65.28 31.36
CA VAL E 181 66.79 -66.55 30.74
C VAL E 181 65.58 -67.47 30.66
N THR E 182 65.39 -68.12 29.51
CA THR E 182 64.38 -69.15 29.36
C THR E 182 65.05 -70.51 29.13
N LEU E 183 64.40 -71.56 29.63
CA LEU E 183 64.78 -72.95 29.36
C LEU E 183 63.70 -73.60 28.50
N ASP E 184 64.11 -74.08 27.32
CA ASP E 184 63.23 -74.63 26.30
C ASP E 184 63.70 -76.04 25.95
N LYS E 185 62.77 -76.95 25.60
CA LYS E 185 63.11 -78.36 25.37
C LYS E 185 62.37 -78.93 24.17
N THR E 186 63.07 -79.79 23.41
CA THR E 186 62.56 -80.45 22.21
C THR E 186 63.47 -81.63 21.88
N ALA E 187 62.90 -82.67 21.24
CA ALA E 187 63.65 -83.85 20.83
C ALA E 187 64.63 -83.58 19.69
N TYR E 188 65.78 -84.27 19.77
CA TYR E 188 66.90 -84.10 18.84
C TYR E 188 66.51 -84.22 17.38
N ALA E 189 65.75 -85.27 17.05
CA ALA E 189 65.38 -85.48 15.66
C ALA E 189 64.39 -84.46 15.14
N ALA E 190 63.71 -83.73 16.02
CA ALA E 190 62.70 -82.77 15.59
C ALA E 190 63.27 -81.40 15.25
N LEU E 191 64.55 -81.17 15.59
CA LEU E 191 65.18 -79.86 15.46
C LEU E 191 65.47 -79.53 13.99
N PRO E 192 65.73 -78.25 13.67
CA PRO E 192 66.11 -77.90 12.29
C PRO E 192 67.41 -78.57 11.87
N GLU E 193 67.55 -78.73 10.54
CA GLU E 193 68.60 -79.57 9.98
C GLU E 193 69.98 -79.05 10.34
N ASP E 194 70.20 -77.73 10.27
CA ASP E 194 71.49 -77.20 10.67
C ASP E 194 71.73 -77.36 12.17
N VAL E 195 70.66 -77.34 12.97
CA VAL E 195 70.80 -77.61 14.40
C VAL E 195 71.12 -79.09 14.63
N ARG E 196 70.50 -79.99 13.87
CA ARG E 196 70.81 -81.42 13.98
C ARG E 196 72.26 -81.69 13.58
N ASN E 197 72.79 -80.93 12.62
CA ASN E 197 74.19 -81.03 12.24
C ASN E 197 75.14 -80.39 13.24
N ALA E 198 74.65 -79.66 14.23
CA ALA E 198 75.52 -78.93 15.14
C ALA E 198 76.02 -79.77 16.31
N MET E 199 75.58 -81.01 16.45
CA MET E 199 75.86 -81.78 17.65
C MET E 199 76.46 -83.13 17.33
N ASP E 200 77.36 -83.20 16.33
CA ASP E 200 78.00 -84.45 15.99
C ASP E 200 78.94 -84.95 17.09
N SER E 201 79.57 -84.03 17.81
CA SER E 201 80.60 -84.39 18.79
C SER E 201 79.99 -84.78 20.13
N GLY E 202 80.81 -85.42 20.96
CA GLY E 202 80.41 -85.78 22.31
C GLY E 202 79.58 -87.04 22.41
N GLN E 203 78.56 -86.99 23.28
CA GLN E 203 77.65 -88.11 23.44
C GLN E 203 76.79 -88.30 22.19
N GLU E 204 76.48 -89.56 21.88
CA GLU E 204 75.60 -89.90 20.77
C GLU E 204 74.14 -89.65 21.16
N HIS E 205 73.51 -88.66 20.54
CA HIS E 205 72.09 -88.39 20.78
C HIS E 205 71.20 -89.46 20.19
N LYS E 206 70.24 -89.92 20.97
CA LYS E 206 69.13 -90.72 20.48
C LYS E 206 68.11 -89.80 19.82
N GLY E 207 67.30 -90.37 18.92
CA GLY E 207 66.37 -89.57 18.13
C GLY E 207 65.35 -88.83 18.98
N ASP E 208 64.88 -89.44 20.05
CA ASP E 208 63.92 -88.82 20.93
C ASP E 208 64.56 -88.17 22.17
N GLU E 209 65.88 -87.96 22.17
CA GLU E 209 66.56 -87.35 23.30
C GLU E 209 66.24 -85.85 23.37
N MET E 210 65.73 -85.41 24.53
CA MET E 210 65.33 -84.02 24.71
C MET E 210 66.56 -83.13 24.94
N ILE E 211 66.65 -82.05 24.15
CA ILE E 211 67.78 -81.11 24.21
C ILE E 211 67.35 -79.88 25.00
N ASP E 212 68.12 -79.51 26.01
CA ASP E 212 67.83 -78.28 26.76
C ASP E 212 68.50 -77.09 26.09
N VAL E 213 67.68 -76.17 25.57
CA VAL E 213 68.12 -74.96 24.88
C VAL E 213 67.87 -73.78 25.79
N TYR E 214 68.87 -72.90 25.93
CA TYR E 214 68.72 -71.78 26.85
C TYR E 214 68.81 -70.46 26.09
N THR E 215 67.81 -69.60 26.27
CA THR E 215 67.76 -68.28 25.65
C THR E 215 68.14 -67.23 26.68
N HIS E 216 69.09 -66.36 26.33
CA HIS E 216 69.56 -65.34 27.25
C HIS E 216 69.32 -63.97 26.62
N ILE E 217 68.62 -63.10 27.35
CA ILE E 217 68.43 -61.70 26.97
C ILE E 217 68.96 -60.82 28.10
N TYR E 218 69.83 -59.87 27.76
CA TYR E 218 70.54 -59.09 28.77
C TYR E 218 70.80 -57.67 28.29
N LEU E 219 70.87 -56.76 29.26
CA LEU E 219 70.99 -55.32 29.02
C LEU E 219 72.43 -54.89 28.80
N ASP E 220 72.64 -53.98 27.85
CA ASP E 220 73.93 -53.42 27.51
C ASP E 220 74.12 -52.05 28.16
N GLU E 221 75.35 -51.56 28.16
CA GLU E 221 75.71 -50.28 28.75
C GLU E 221 76.28 -49.29 27.75
N GLU E 222 77.19 -49.75 26.87
CA GLU E 222 77.70 -48.92 25.78
C GLU E 222 76.69 -48.77 24.64
N SER E 223 75.50 -49.35 24.75
CA SER E 223 74.42 -49.18 23.80
C SER E 223 73.10 -49.23 24.55
N GLY E 224 72.09 -48.54 24.00
CA GLY E 224 70.77 -48.54 24.61
C GLY E 224 69.95 -49.75 24.23
N GLU E 225 70.51 -50.94 24.41
CA GLU E 225 69.96 -52.15 23.80
C GLU E 225 69.94 -53.32 24.78
N TYR E 226 68.94 -54.18 24.61
CA TYR E 226 69.03 -55.55 25.07
C TYR E 226 69.64 -56.42 23.98
N LEU E 227 70.42 -57.42 24.39
CA LEU E 227 71.12 -58.32 23.49
C LEU E 227 70.67 -59.76 23.73
N LYS E 228 70.59 -60.55 22.65
CA LYS E 228 70.01 -61.89 22.69
C LYS E 228 70.95 -62.92 22.07
N TYR E 229 71.01 -64.12 22.67
CA TYR E 229 71.59 -65.29 22.03
C TYR E 229 70.99 -66.56 22.63
N GLU E 230 71.24 -67.69 21.97
CA GLU E 230 70.77 -69.00 22.43
C GLU E 230 71.95 -69.97 22.55
N GLU E 231 71.79 -70.95 23.46
CA GLU E 231 72.92 -71.70 24.00
C GLU E 231 72.54 -73.15 24.26
N ILE E 232 73.46 -74.06 23.92
CA ILE E 232 73.32 -75.49 24.19
C ILE E 232 74.64 -76.03 24.72
N ASP E 233 74.58 -76.69 25.90
CA ASP E 233 75.74 -77.25 26.60
C ASP E 233 76.87 -76.24 26.77
N GLY E 234 76.50 -74.98 27.01
CA GLY E 234 77.47 -73.93 27.19
C GLY E 234 78.07 -73.37 25.92
N VAL E 235 77.60 -73.80 24.75
CA VAL E 235 78.09 -73.35 23.46
C VAL E 235 76.97 -72.58 22.76
N GLU E 236 77.32 -71.44 22.17
CA GLU E 236 76.33 -70.62 21.49
C GLU E 236 75.88 -71.25 20.18
N VAL E 237 74.56 -71.21 19.95
CA VAL E 237 73.97 -71.65 18.69
C VAL E 237 74.14 -70.51 17.69
N ASP E 238 74.95 -70.73 16.66
CA ASP E 238 75.26 -69.68 15.70
C ASP E 238 74.04 -69.27 14.89
N GLY E 239 73.94 -67.98 14.62
CA GLY E 239 72.83 -67.41 13.90
C GLY E 239 71.65 -67.02 14.74
N THR E 240 71.64 -67.35 16.03
CA THR E 240 70.52 -66.99 16.89
C THR E 240 70.69 -65.61 17.53
N ASP E 241 71.79 -64.92 17.25
CA ASP E 241 72.10 -63.66 17.91
C ASP E 241 71.29 -62.50 17.33
N ALA E 242 70.90 -61.56 18.20
CA ALA E 242 70.08 -60.42 17.82
C ALA E 242 70.19 -59.32 18.88
N SER E 243 69.69 -58.12 18.53
CA SER E 243 69.70 -56.96 19.41
C SER E 243 68.41 -56.15 19.26
N TYR E 244 67.98 -55.54 20.36
CA TYR E 244 66.73 -54.76 20.41
C TYR E 244 66.91 -53.51 21.25
N PRO E 245 66.32 -52.38 20.85
CA PRO E 245 66.34 -51.19 21.72
C PRO E 245 65.44 -51.37 22.94
N VAL E 246 65.80 -50.64 24.01
CA VAL E 246 65.13 -50.78 25.31
C VAL E 246 63.65 -50.43 25.20
N ASP E 247 63.28 -49.57 24.24
CA ASP E 247 61.89 -49.20 24.07
C ASP E 247 61.04 -50.25 23.36
N ALA E 248 61.62 -51.27 22.70
CA ALA E 248 60.78 -52.18 21.90
C ALA E 248 61.28 -53.63 21.91
N CYS E 249 61.62 -54.17 23.08
CA CYS E 249 62.05 -55.58 23.15
C CYS E 249 60.85 -56.52 23.00
N PRO E 250 60.98 -57.63 22.27
CA PRO E 250 59.84 -58.52 22.05
C PRO E 250 59.51 -59.47 23.18
N TYR E 251 60.25 -59.46 24.29
CA TYR E 251 59.93 -60.30 25.44
C TYR E 251 59.33 -59.43 26.55
N ILE E 252 58.21 -59.88 27.10
CA ILE E 252 57.41 -59.08 28.04
C ILE E 252 57.08 -59.88 29.30
N PRO E 253 57.83 -59.70 30.40
CA PRO E 253 57.42 -60.30 31.68
C PRO E 253 56.41 -59.44 32.42
N VAL E 254 55.42 -60.10 33.05
CA VAL E 254 54.25 -59.42 33.60
C VAL E 254 54.02 -59.86 35.06
N ARG E 255 53.64 -58.90 35.91
CA ARG E 255 53.34 -59.12 37.32
C ARG E 255 51.88 -58.75 37.61
N MET E 256 51.22 -59.55 38.45
CA MET E 256 49.87 -59.20 38.91
C MET E 256 49.92 -58.13 40.00
N VAL E 257 50.86 -58.23 40.92
CA VAL E 257 51.00 -57.26 41.99
C VAL E 257 52.46 -56.81 42.02
N ARG E 258 52.70 -55.59 42.48
CA ARG E 258 54.00 -54.92 42.35
C ARG E 258 54.67 -54.78 43.72
N ILE E 259 55.92 -55.25 43.82
CA ILE E 259 56.72 -55.17 45.04
C ILE E 259 58.15 -54.77 44.68
N ASP E 260 58.73 -53.87 45.48
CA ASP E 260 60.07 -53.38 45.25
C ASP E 260 61.12 -54.28 45.89
N GLY E 261 62.24 -54.46 45.18
CA GLY E 261 63.29 -55.35 45.63
C GLY E 261 63.05 -56.81 45.32
N GLU E 262 62.16 -57.11 44.38
CA GLU E 262 61.75 -58.46 44.03
C GLU E 262 61.79 -58.62 42.51
N SER E 263 62.12 -59.83 42.05
CA SER E 263 62.00 -60.14 40.64
C SER E 263 60.55 -60.34 40.21
N TYR E 264 59.64 -60.57 41.16
CA TYR E 264 58.39 -61.28 40.90
C TYR E 264 57.21 -60.64 41.62
N GLY E 265 56.00 -61.02 41.19
CA GLY E 265 54.77 -60.63 41.82
C GLY E 265 54.11 -61.75 42.61
N ARG E 266 52.94 -61.42 43.18
CA ARG E 266 52.18 -62.29 44.09
C ARG E 266 50.78 -62.50 43.53
N SER E 267 50.19 -63.65 43.85
CA SER E 267 48.86 -64.03 43.38
C SER E 267 47.75 -63.46 44.28
N TYR E 268 46.52 -63.45 43.75
CA TYR E 268 45.37 -62.90 44.47
C TYR E 268 44.87 -63.86 45.54
N CYS E 269 44.75 -65.14 45.22
CA CYS E 269 44.02 -66.07 46.06
C CYS E 269 44.86 -66.63 47.22
N GLU E 270 46.11 -66.19 47.36
CA GLU E 270 46.95 -66.51 48.52
C GLU E 270 46.29 -66.08 49.83
N GLU E 271 45.58 -64.95 49.81
CA GLU E 271 44.90 -64.45 50.99
C GLU E 271 43.75 -65.37 51.43
N TYR E 272 43.21 -66.15 50.51
CA TYR E 272 42.00 -66.92 50.75
C TYR E 272 42.21 -68.42 50.78
N LEU E 273 43.46 -68.89 50.76
CA LEU E 273 43.72 -70.33 50.67
C LEU E 273 43.22 -71.09 51.90
N GLY E 274 43.21 -70.44 53.07
CA GLY E 274 42.66 -71.08 54.26
C GLY E 274 41.17 -71.35 54.15
N ASP E 275 40.43 -70.44 53.52
CA ASP E 275 38.99 -70.66 53.31
C ASP E 275 38.73 -71.84 52.40
N LEU E 276 39.43 -71.89 51.27
CA LEU E 276 39.24 -72.97 50.29
C LEU E 276 39.58 -74.32 50.91
N ARG E 277 40.70 -74.35 51.66
CA ARG E 277 41.17 -75.56 52.32
C ARG E 277 40.21 -75.99 53.43
N SER E 278 39.48 -75.04 54.04
CA SER E 278 38.47 -75.43 55.03
C SER E 278 37.19 -75.95 54.39
N LEU E 279 36.78 -75.33 53.27
CA LEU E 279 35.53 -75.71 52.60
C LEU E 279 35.60 -77.15 52.08
N GLU E 280 36.75 -77.53 51.51
CA GLU E 280 36.94 -78.91 51.06
C GLU E 280 36.80 -79.89 52.22
N ASN E 281 37.38 -79.50 53.37
CA ASN E 281 37.39 -80.33 54.56
C ASN E 281 35.97 -80.59 55.08
N LEU E 282 35.10 -79.59 55.00
CA LEU E 282 33.71 -79.80 55.40
C LEU E 282 32.93 -80.68 54.42
N GLN E 283 33.13 -80.47 53.11
CA GLN E 283 32.37 -81.23 52.11
C GLN E 283 32.64 -82.74 52.19
N GLU E 284 33.92 -83.10 52.42
CA GLU E 284 34.27 -84.52 52.55
C GLU E 284 33.53 -85.18 53.72
N ALA E 285 33.42 -84.46 54.83
CA ALA E 285 32.72 -84.98 56.00
C ALA E 285 31.23 -85.16 55.73
N ILE E 286 30.63 -84.25 54.97
CA ILE E 286 29.20 -84.41 54.65
C ILE E 286 28.97 -85.67 53.81
N VAL E 287 29.90 -85.98 52.91
CA VAL E 287 29.80 -87.24 52.14
C VAL E 287 29.83 -88.46 53.06
N LYS E 288 30.83 -88.51 53.97
CA LYS E 288 30.92 -89.62 54.93
C LYS E 288 29.68 -89.70 55.83
N MET E 289 29.14 -88.55 56.23
CA MET E 289 27.93 -88.48 57.04
C MET E 289 26.73 -89.08 56.32
N SER E 290 26.69 -88.94 55.00
CA SER E 290 25.62 -89.60 54.23
C SER E 290 25.82 -91.11 54.18
N MET E 291 27.06 -91.57 53.93
CA MET E 291 27.26 -93.00 53.61
C MET E 291 26.99 -93.92 54.80
N ILE E 292 27.36 -93.50 56.01
CA ILE E 292 27.34 -94.38 57.17
C ILE E 292 25.97 -94.62 57.78
N SER E 293 24.93 -93.92 57.31
CA SER E 293 23.62 -93.95 57.94
C SER E 293 22.94 -95.31 57.77
N ALA E 294 22.32 -95.81 58.83
CA ALA E 294 21.77 -97.17 58.86
C ALA E 294 20.24 -97.17 59.03
N LYS E 295 19.55 -96.10 58.65
CA LYS E 295 18.11 -95.97 58.85
C LYS E 295 17.58 -94.93 57.86
N VAL E 296 16.32 -95.10 57.43
CA VAL E 296 15.70 -94.19 56.46
C VAL E 296 14.33 -93.72 56.97
N ILE E 297 14.04 -92.43 56.75
CA ILE E 297 12.89 -91.74 57.33
C ILE E 297 12.23 -90.85 56.27
N GLY E 298 10.89 -90.84 56.23
CA GLY E 298 10.15 -90.09 55.24
C GLY E 298 8.80 -89.59 55.72
N LEU E 299 8.03 -89.00 54.80
CA LEU E 299 6.70 -88.48 55.11
C LEU E 299 5.77 -88.56 53.90
N VAL E 300 4.49 -88.79 54.18
CA VAL E 300 3.42 -88.75 53.18
C VAL E 300 2.65 -87.44 53.32
N ASN E 301 2.51 -86.73 52.20
CA ASN E 301 2.13 -85.32 52.16
C ASN E 301 0.62 -85.02 52.35
N PRO E 302 -0.35 -85.72 51.69
CA PRO E 302 -1.76 -85.27 51.83
C PRO E 302 -2.43 -85.78 53.10
N ALA E 303 -1.90 -85.36 54.25
CA ALA E 303 -2.53 -85.53 55.58
C ALA E 303 -2.83 -87.00 55.92
N GLY E 304 -2.19 -87.94 55.24
CA GLY E 304 -2.42 -89.33 55.50
C GLY E 304 -3.74 -89.88 55.00
N ILE E 305 -4.37 -89.23 54.02
CA ILE E 305 -5.63 -89.73 53.48
C ILE E 305 -5.48 -91.01 52.67
N THR E 306 -4.26 -91.43 52.33
CA THR E 306 -4.00 -92.81 51.91
C THR E 306 -3.43 -93.56 53.12
N GLN E 307 -4.03 -94.70 53.44
CA GLN E 307 -3.87 -95.28 54.77
C GLN E 307 -2.58 -96.07 54.89
N VAL E 308 -1.61 -95.50 55.61
CA VAL E 308 -0.32 -96.14 55.83
C VAL E 308 -0.34 -97.22 56.90
N ARG E 309 -1.46 -97.40 57.64
CA ARG E 309 -1.55 -98.42 58.69
C ARG E 309 -1.25 -99.82 58.16
N ARG E 310 -1.58 -100.06 56.89
CA ARG E 310 -1.33 -101.35 56.25
C ARG E 310 0.15 -101.71 56.24
N LEU E 311 1.04 -100.73 56.37
CA LEU E 311 2.46 -101.01 56.47
C LEU E 311 2.85 -101.43 57.88
N THR E 312 2.14 -100.93 58.89
CA THR E 312 2.39 -101.31 60.27
C THR E 312 1.78 -102.69 60.57
N LYS E 313 0.71 -103.06 59.87
CA LYS E 313 0.23 -104.43 59.87
C LYS E 313 1.30 -105.35 59.27
N ALA E 314 1.41 -106.56 59.81
CA ALA E 314 2.54 -107.45 59.53
C ALA E 314 2.34 -108.22 58.22
N GLN E 315 2.65 -107.54 57.11
CA GLN E 315 2.69 -108.20 55.80
C GLN E 315 3.62 -107.41 54.89
N THR E 316 4.68 -108.07 54.42
CA THR E 316 5.59 -107.49 53.45
C THR E 316 4.97 -107.43 52.05
N GLY E 317 4.14 -108.39 51.69
CA GLY E 317 3.49 -108.34 50.39
C GLY E 317 2.21 -107.52 50.35
N ASP E 318 2.28 -106.24 50.70
CA ASP E 318 1.11 -105.37 50.65
C ASP E 318 1.56 -103.93 50.41
N PHE E 319 0.68 -103.15 49.76
CA PHE E 319 1.05 -101.91 49.08
C PHE E 319 0.07 -100.79 49.41
N VAL E 320 0.64 -99.61 49.70
CA VAL E 320 -0.06 -98.32 49.76
C VAL E 320 -0.25 -97.69 48.36
N SER E 321 -1.43 -97.11 48.15
CA SER E 321 -1.77 -96.34 46.96
C SER E 321 -1.17 -94.95 47.02
N GLY E 322 -0.25 -94.75 46.11
CA GLY E 322 0.50 -93.52 46.11
C GLY E 322 1.52 -93.44 45.01
N ARG E 323 2.22 -92.32 45.06
CA ARG E 323 2.85 -91.72 43.89
C ARG E 323 4.24 -91.18 44.34
N PRO E 324 5.23 -90.86 43.52
CA PRO E 324 6.30 -90.03 43.92
C PRO E 324 5.82 -88.47 44.07
N GLU E 325 4.64 -88.16 43.51
CA GLU E 325 4.04 -86.85 43.66
C GLU E 325 3.65 -86.56 45.11
N ASP E 326 3.50 -87.58 45.96
CA ASP E 326 3.08 -87.28 47.32
C ASP E 326 3.94 -87.87 48.44
N ILE E 327 5.19 -88.25 48.16
CA ILE E 327 6.08 -88.95 49.10
C ILE E 327 7.49 -88.36 49.04
N SER E 328 8.13 -88.21 50.21
CA SER E 328 9.49 -87.66 50.26
C SER E 328 10.26 -88.27 51.43
N PHE E 329 11.59 -88.16 51.37
CA PHE E 329 12.51 -88.76 52.34
C PHE E 329 13.60 -87.79 52.78
N LEU E 330 14.05 -87.94 54.03
CA LEU E 330 14.90 -87.00 54.76
C LEU E 330 16.39 -87.39 54.75
N GLN E 331 16.88 -87.92 53.63
CA GLN E 331 18.06 -88.78 53.60
C GLN E 331 19.37 -88.10 54.01
N LEU E 332 19.51 -86.79 53.90
CA LEU E 332 20.66 -86.11 54.51
C LEU E 332 20.30 -85.21 55.67
N GLU E 333 19.16 -84.53 55.57
CA GLU E 333 18.72 -83.57 56.57
C GLU E 333 18.44 -84.22 57.92
N LYS E 334 18.30 -85.55 57.96
CA LYS E 334 18.10 -86.27 59.22
C LYS E 334 19.32 -86.17 60.14
N ALA E 335 20.52 -86.08 59.57
CA ALA E 335 21.75 -86.20 60.35
C ALA E 335 21.98 -84.97 61.22
N ALA E 336 22.46 -85.23 62.45
CA ALA E 336 22.40 -84.24 63.52
C ALA E 336 23.30 -83.02 63.26
N ASP E 337 24.51 -83.25 62.76
CA ASP E 337 25.44 -82.14 62.54
C ASP E 337 25.33 -81.54 61.15
N PHE E 338 24.38 -82.00 60.32
CA PHE E 338 24.31 -81.56 58.93
C PHE E 338 24.03 -80.06 58.81
N SER E 339 23.11 -79.56 59.64
CA SER E 339 22.66 -78.18 59.50
C SER E 339 23.77 -77.19 59.83
N VAL E 340 24.58 -77.47 60.84
CA VAL E 340 25.65 -76.53 61.19
C VAL E 340 26.82 -76.62 60.21
N ALA E 341 27.12 -77.82 59.70
CA ALA E 341 28.17 -77.94 58.68
C ALA E 341 27.79 -77.18 57.42
N LYS E 342 26.52 -77.29 57.03
CA LYS E 342 25.96 -76.51 55.92
C LYS E 342 26.09 -75.01 56.20
N ALA E 343 25.77 -74.58 57.43
CA ALA E 343 25.76 -73.15 57.73
C ALA E 343 27.16 -72.54 57.62
N VAL E 344 28.17 -73.23 58.17
CA VAL E 344 29.54 -72.74 58.06
C VAL E 344 29.99 -72.73 56.59
N SER E 345 29.57 -73.74 55.82
CA SER E 345 29.90 -73.74 54.39
C SER E 345 29.32 -72.52 53.69
N GLU E 346 28.10 -72.11 54.08
CA GLU E 346 27.51 -70.90 53.51
C GLU E 346 28.34 -69.66 53.83
N GLN E 347 28.83 -69.55 55.07
CA GLN E 347 29.65 -68.39 55.42
C GLN E 347 30.95 -68.33 54.59
N ILE E 348 31.64 -69.46 54.46
CA ILE E 348 32.90 -69.50 53.71
C ILE E 348 32.65 -69.18 52.23
N GLU E 349 31.59 -69.76 51.66
CA GLU E 349 31.25 -69.48 50.27
C GLU E 349 30.84 -68.03 50.07
N GLY E 350 30.24 -67.38 51.08
CA GLY E 350 29.96 -65.97 50.97
C GLY E 350 31.22 -65.14 50.77
N ARG E 351 32.24 -65.40 51.60
CA ARG E 351 33.49 -64.67 51.44
C ARG E 351 34.13 -64.95 50.08
N LEU E 352 34.20 -66.23 49.69
CA LEU E 352 34.87 -66.58 48.43
C LEU E 352 34.13 -66.04 47.22
N SER E 353 32.80 -66.14 47.21
CA SER E 353 32.01 -65.66 46.07
C SER E 353 32.07 -64.15 45.96
N TYR E 354 32.16 -63.43 47.08
CA TYR E 354 32.41 -62.00 46.99
C TYR E 354 33.79 -61.75 46.37
N ALA E 355 34.81 -62.49 46.83
CA ALA E 355 36.17 -62.20 46.43
C ALA E 355 36.39 -62.46 44.94
N PHE E 356 35.78 -63.50 44.41
CA PHE E 356 35.79 -63.78 42.97
C PHE E 356 34.67 -63.08 42.20
N MET E 357 33.98 -62.12 42.83
CA MET E 357 33.01 -61.22 42.18
C MET E 357 31.85 -61.97 41.51
N LEU E 358 31.40 -63.06 42.13
CA LEU E 358 30.21 -63.79 41.70
C LEU E 358 28.91 -63.15 42.19
N ASN E 359 28.97 -61.91 42.70
CA ASN E 359 27.80 -61.21 43.26
C ASN E 359 26.67 -61.02 42.26
N GLU E 372 21.08 -40.59 48.25
CA GLU E 372 22.30 -40.68 47.47
C GLU E 372 22.02 -41.20 46.08
N GLU E 373 22.47 -40.48 45.05
CA GLU E 373 22.13 -40.81 43.68
C GLU E 373 23.23 -41.53 42.91
N ILE E 374 24.44 -41.62 43.45
CA ILE E 374 25.53 -42.31 42.79
C ILE E 374 25.45 -43.81 43.06
N ARG E 375 25.69 -44.62 42.01
CA ARG E 375 25.62 -46.07 42.12
C ARG E 375 26.90 -46.60 42.78
N TYR E 376 26.75 -47.47 43.77
CA TYR E 376 27.90 -47.93 44.53
C TYR E 376 28.73 -49.01 43.83
N VAL E 377 28.40 -49.39 42.59
CA VAL E 377 29.33 -50.15 41.78
C VAL E 377 30.59 -49.34 41.45
N ALA E 378 30.57 -48.03 41.71
CA ALA E 378 31.76 -47.19 41.60
C ALA E 378 32.89 -47.69 42.48
N SER E 379 32.56 -48.40 43.57
CA SER E 379 33.59 -49.11 44.32
C SER E 379 34.02 -50.40 43.61
N GLU E 380 33.09 -51.35 43.44
CA GLU E 380 33.54 -52.72 43.26
C GLU E 380 33.67 -53.11 41.81
N LEU E 381 32.89 -52.52 40.89
CA LEU E 381 33.14 -52.80 39.49
C LEU E 381 34.14 -51.82 38.90
N GLU E 382 34.22 -50.61 39.43
CA GLU E 382 35.17 -49.64 38.90
C GLU E 382 36.47 -49.48 39.69
N ASP E 383 36.41 -49.01 40.95
CA ASP E 383 37.62 -48.60 41.67
C ASP E 383 38.48 -49.79 42.02
N THR E 384 37.85 -50.91 42.38
CA THR E 384 38.60 -52.12 42.67
C THR E 384 39.39 -52.62 41.48
N LEU E 385 38.87 -52.44 40.27
CA LEU E 385 39.60 -52.97 39.13
C LEU E 385 40.48 -51.96 38.42
N GLY E 386 40.17 -50.65 38.51
CA GLY E 386 40.91 -49.64 37.76
C GLY E 386 42.39 -49.70 38.02
N GLY E 387 42.78 -50.08 39.23
CA GLY E 387 44.16 -50.36 39.57
C GLY E 387 44.81 -51.44 38.73
N VAL E 388 44.34 -52.68 38.82
CA VAL E 388 44.94 -53.79 38.07
C VAL E 388 44.79 -53.57 36.58
N TYR E 389 43.68 -52.93 36.16
CA TYR E 389 43.44 -52.56 34.78
C TYR E 389 44.53 -51.63 34.26
N SER E 390 44.83 -50.57 35.03
CA SER E 390 45.85 -49.61 34.64
C SER E 390 47.25 -50.21 34.73
N ILE E 391 47.51 -51.04 35.73
CA ILE E 391 48.84 -51.62 35.91
C ILE E 391 49.13 -52.63 34.79
N LEU E 392 48.11 -53.36 34.35
CA LEU E 392 48.29 -54.19 33.17
C LEU E 392 48.34 -53.38 31.88
N SER E 393 47.76 -52.17 31.86
CA SER E 393 48.03 -51.26 30.76
C SER E 393 49.51 -50.87 30.72
N GLN E 394 50.09 -50.59 31.89
CA GLN E 394 51.52 -50.26 31.96
C GLN E 394 52.40 -51.44 31.58
N GLU E 395 52.25 -52.56 32.28
CA GLU E 395 53.21 -53.65 32.14
C GLU E 395 52.87 -54.63 31.02
N LEU E 396 51.65 -54.60 30.45
CA LEU E 396 51.33 -55.51 29.35
C LEU E 396 50.94 -54.78 28.07
N GLN E 397 50.00 -53.82 28.10
CA GLN E 397 49.41 -53.31 26.86
C GLN E 397 50.36 -52.36 26.11
N LEU E 398 50.85 -51.32 26.80
CA LEU E 398 51.84 -50.40 26.23
C LEU E 398 53.08 -51.04 25.62
N PRO E 399 53.79 -51.99 26.26
CA PRO E 399 54.88 -52.67 25.53
C PRO E 399 54.42 -53.41 24.29
N MET E 400 53.22 -54.00 24.35
CA MET E 400 52.72 -54.79 23.24
C MET E 400 52.44 -53.93 22.02
N VAL E 401 51.77 -52.79 22.23
CA VAL E 401 51.44 -51.91 21.12
C VAL E 401 52.72 -51.27 20.56
N ARG E 402 53.71 -50.99 21.42
CA ARG E 402 54.98 -50.46 20.92
C ARG E 402 55.67 -51.47 20.00
N VAL E 403 55.72 -52.74 20.42
CA VAL E 403 56.33 -53.77 19.59
C VAL E 403 55.56 -53.97 18.29
N LEU E 404 54.22 -53.96 18.37
CA LEU E 404 53.41 -54.16 17.17
C LEU E 404 53.60 -53.04 16.17
N LEU E 405 53.62 -51.79 16.64
CA LEU E 405 53.86 -50.65 15.76
C LEU E 405 55.21 -50.75 15.06
N LYS E 406 56.26 -51.07 15.83
CA LYS E 406 57.59 -51.17 15.22
C LYS E 406 57.70 -52.34 14.25
N GLN E 407 57.04 -53.47 14.56
CA GLN E 407 57.02 -54.59 13.63
C GLN E 407 56.30 -54.25 12.33
N LEU E 408 55.17 -53.53 12.44
CA LEU E 408 54.43 -53.14 11.25
C LEU E 408 55.23 -52.16 10.39
N GLN E 409 56.00 -51.27 11.02
CA GLN E 409 56.87 -50.39 10.25
C GLN E 409 58.02 -51.17 9.61
N ALA E 410 58.61 -52.12 10.34
CA ALA E 410 59.71 -52.92 9.82
C ALA E 410 59.27 -53.81 8.67
N THR E 411 57.99 -54.18 8.64
CA THR E 411 57.42 -54.94 7.54
C THR E 411 56.77 -54.04 6.49
N ASN E 412 57.00 -52.73 6.58
CA ASN E 412 56.53 -51.69 5.64
C ASN E 412 55.02 -51.57 5.57
N GLN E 413 54.27 -52.19 6.50
CA GLN E 413 52.82 -52.21 6.40
C GLN E 413 52.18 -50.88 6.81
N ILE E 414 52.83 -50.09 7.64
CA ILE E 414 52.31 -48.79 8.05
C ILE E 414 53.37 -47.71 7.82
N PRO E 415 53.00 -46.47 7.54
CA PRO E 415 54.00 -45.46 7.16
C PRO E 415 54.89 -45.02 8.32
N GLU E 416 56.01 -44.38 7.96
CA GLU E 416 57.02 -43.89 8.88
C GLU E 416 56.68 -42.50 9.40
N LEU E 417 55.54 -42.39 10.09
CA LEU E 417 54.98 -41.12 10.51
C LEU E 417 55.87 -40.43 11.55
N PRO E 418 55.79 -39.10 11.66
CA PRO E 418 56.71 -38.35 12.56
C PRO E 418 56.57 -38.73 14.02
N LYS E 419 57.68 -39.19 14.61
CA LYS E 419 57.71 -39.68 15.98
C LYS E 419 57.43 -38.56 16.97
N GLU E 420 57.77 -37.32 16.61
CA GLU E 420 57.45 -36.18 17.47
C GLU E 420 55.94 -35.96 17.56
N ALA E 421 55.18 -36.38 16.55
CA ALA E 421 53.73 -36.21 16.55
C ALA E 421 53.00 -37.42 17.11
N VAL E 422 53.28 -38.60 16.56
CA VAL E 422 52.44 -39.78 16.76
C VAL E 422 52.97 -40.62 17.92
N GLU E 423 52.18 -40.76 18.99
CA GLU E 423 52.52 -41.54 20.19
C GLU E 423 51.32 -42.28 20.77
N PRO E 424 51.50 -43.53 21.21
CA PRO E 424 50.36 -44.34 21.69
C PRO E 424 49.96 -44.02 23.14
N THR E 425 48.73 -44.43 23.48
CA THR E 425 48.16 -44.37 24.82
C THR E 425 46.98 -45.34 24.88
N ILE E 426 46.74 -45.98 26.05
CA ILE E 426 45.52 -46.77 26.30
C ILE E 426 44.49 -45.98 27.12
N SER E 427 43.27 -45.97 26.60
CA SER E 427 42.09 -45.30 27.14
C SER E 427 41.28 -46.28 28.00
N THR E 428 41.78 -46.52 29.21
CA THR E 428 41.02 -47.29 30.18
C THR E 428 39.73 -46.57 30.55
N GLY E 429 38.65 -47.33 30.68
CA GLY E 429 37.36 -46.74 30.96
C GLY E 429 36.12 -47.51 30.53
N MET E 430 35.25 -46.84 29.77
CA MET E 430 33.88 -47.28 29.55
C MET E 430 33.40 -46.84 28.17
N GLU E 431 32.50 -47.63 27.57
CA GLU E 431 31.97 -47.45 26.23
C GLU E 431 30.52 -46.94 26.25
N ALA E 432 30.08 -46.41 25.10
CA ALA E 432 28.73 -45.92 24.87
C ALA E 432 27.67 -47.01 25.05
N LEU E 433 26.43 -46.56 25.20
CA LEU E 433 25.35 -47.41 25.70
C LEU E 433 24.11 -47.50 24.80
N GLY E 434 23.91 -46.58 23.85
CA GLY E 434 22.75 -46.68 22.98
C GLY E 434 22.81 -47.86 22.04
N ARG E 435 23.97 -48.06 21.42
CA ARG E 435 24.19 -49.22 20.57
C ARG E 435 24.09 -50.50 21.39
N GLY E 436 24.54 -50.44 22.64
CA GLY E 436 24.51 -51.55 23.56
C GLY E 436 23.12 -52.09 23.86
N GLN E 437 22.18 -51.25 24.30
CA GLN E 437 20.83 -51.79 24.49
C GLN E 437 20.15 -52.13 23.18
N ASP E 438 20.40 -51.34 22.12
CA ASP E 438 19.82 -51.65 20.81
C ASP E 438 20.20 -53.04 20.33
N LEU E 439 21.38 -53.53 20.69
CA LEU E 439 21.75 -54.88 20.28
C LEU E 439 21.47 -55.93 21.34
N ASP E 440 22.06 -55.76 22.53
CA ASP E 440 22.03 -56.81 23.55
C ASP E 440 20.65 -56.95 24.17
N LYS E 441 20.01 -55.83 24.54
CA LYS E 441 18.72 -56.00 25.21
C LYS E 441 17.64 -56.27 24.18
N LEU E 442 17.75 -55.68 23.00
CA LEU E 442 16.65 -55.77 22.05
C LEU E 442 16.82 -56.83 20.95
N GLU E 443 17.76 -56.64 20.02
CA GLU E 443 17.72 -57.45 18.81
C GLU E 443 18.30 -58.85 19.01
N ARG E 444 19.34 -59.00 19.83
CA ARG E 444 19.82 -60.35 20.15
C ARG E 444 18.75 -61.12 20.93
N CYS E 445 18.02 -60.42 21.81
CA CYS E 445 16.93 -61.06 22.54
C CYS E 445 15.80 -61.47 21.60
N ILE E 446 15.49 -60.62 20.62
CA ILE E 446 14.47 -60.95 19.63
C ILE E 446 14.90 -62.15 18.80
N ALA E 447 16.19 -62.20 18.44
CA ALA E 447 16.72 -63.36 17.73
C ALA E 447 16.57 -64.64 18.54
N ALA E 448 16.92 -64.59 19.83
CA ALA E 448 16.79 -65.76 20.69
C ALA E 448 15.34 -66.18 20.84
N TRP E 449 14.44 -65.21 21.09
CA TRP E 449 13.03 -65.48 21.31
C TRP E 449 12.37 -66.06 20.07
N SER E 450 12.70 -65.53 18.90
CA SER E 450 12.10 -66.02 17.67
C SER E 450 12.68 -67.37 17.27
N ALA E 451 13.96 -67.60 17.55
CA ALA E 451 14.54 -68.90 17.20
C ALA E 451 14.03 -70.00 18.12
N LEU E 452 13.83 -69.69 19.40
CA LEU E 452 13.50 -70.70 20.41
C LEU E 452 12.01 -71.05 20.44
N ALA E 453 11.18 -70.36 19.65
CA ALA E 453 9.73 -70.55 19.71
C ALA E 453 9.35 -71.97 19.27
N PRO E 454 8.27 -72.52 19.83
CA PRO E 454 7.91 -73.92 19.57
C PRO E 454 7.54 -74.19 18.12
N MET E 455 7.54 -75.48 17.77
CA MET E 455 7.27 -75.98 16.42
C MET E 455 5.84 -75.73 15.96
N LYS F 6 55.97 -21.79 -90.49
CA LYS F 6 55.67 -23.21 -90.58
C LYS F 6 55.23 -23.74 -89.20
N ARG F 7 54.21 -24.59 -89.21
CA ARG F 7 53.60 -25.09 -87.98
C ARG F 7 54.45 -26.18 -87.33
N GLU F 8 54.04 -26.54 -86.12
CA GLU F 8 54.76 -27.49 -85.28
C GLU F 8 53.75 -28.32 -84.51
N GLY F 9 54.16 -29.53 -84.14
CA GLY F 9 53.29 -30.39 -83.34
C GLY F 9 52.19 -30.99 -84.18
N PHE F 10 50.98 -31.07 -83.58
CA PHE F 10 49.81 -31.66 -84.24
C PHE F 10 49.48 -30.98 -85.57
N ALA F 11 49.79 -29.70 -85.71
CA ALA F 11 49.40 -28.92 -86.88
C ALA F 11 50.36 -29.06 -88.06
N GLU F 12 51.40 -29.89 -87.93
CA GLU F 12 52.50 -29.95 -88.89
C GLU F 12 52.04 -30.24 -90.32
N ASN F 13 51.03 -31.09 -90.47
CA ASN F 13 50.61 -31.54 -91.79
C ASN F 13 49.37 -30.81 -92.31
N GLY F 14 48.75 -29.95 -91.52
CA GLY F 14 47.62 -29.17 -91.99
C GLY F 14 46.30 -29.70 -91.48
N ALA F 15 45.32 -28.80 -91.43
CA ALA F 15 44.02 -29.13 -90.84
C ALA F 15 43.26 -30.16 -91.66
N LYS F 16 43.28 -30.02 -92.99
CA LYS F 16 42.59 -30.98 -93.85
C LYS F 16 43.21 -32.36 -93.74
N ALA F 17 44.54 -32.42 -93.57
CA ALA F 17 45.20 -33.71 -93.43
C ALA F 17 44.76 -34.42 -92.16
N VAL F 18 44.62 -33.66 -91.06
CA VAL F 18 44.15 -34.25 -89.82
C VAL F 18 42.69 -34.69 -89.96
N TYR F 19 41.86 -33.88 -90.64
CA TYR F 19 40.46 -34.26 -90.84
C TYR F 19 40.34 -35.54 -91.66
N ASP F 20 41.03 -35.61 -92.81
CA ASP F 20 40.95 -36.81 -93.63
C ASP F 20 41.60 -38.01 -92.95
N ALA F 21 42.57 -37.79 -92.07
CA ALA F 21 43.18 -38.90 -91.36
C ALA F 21 42.24 -39.47 -90.32
N LEU F 22 41.58 -38.61 -89.54
CA LEU F 22 40.75 -39.09 -88.45
C LEU F 22 39.37 -39.59 -88.91
N LYS F 23 38.94 -39.17 -90.12
CA LYS F 23 37.60 -39.46 -90.63
C LYS F 23 37.28 -40.95 -90.65
N ASN F 24 38.32 -41.78 -90.85
CA ASN F 24 38.18 -43.23 -90.98
C ASN F 24 37.51 -43.85 -89.76
N ASP F 25 37.82 -43.34 -88.58
CA ASP F 25 37.32 -43.89 -87.32
C ASP F 25 35.88 -43.53 -87.04
N ARG F 26 35.33 -42.52 -87.73
CA ARG F 26 34.03 -41.96 -87.40
C ARG F 26 32.86 -42.73 -88.02
N ASN F 27 33.13 -43.63 -88.97
CA ASN F 27 32.09 -44.19 -89.82
C ASN F 27 31.10 -45.05 -89.06
N SER F 28 31.57 -45.81 -88.06
CA SER F 28 30.68 -46.67 -87.28
C SER F 28 29.69 -45.83 -86.47
N TYR F 29 30.19 -44.79 -85.80
CA TYR F 29 29.32 -43.90 -85.04
C TYR F 29 28.31 -43.17 -85.94
N GLU F 30 28.74 -42.75 -87.13
CA GLU F 30 27.83 -42.16 -88.10
C GLU F 30 26.73 -43.14 -88.50
N THR F 31 27.11 -44.40 -88.79
CA THR F 31 26.16 -45.41 -89.23
C THR F 31 25.10 -45.67 -88.17
N ARG F 32 25.54 -45.76 -86.91
CA ARG F 32 24.62 -45.93 -85.78
C ARG F 32 23.65 -44.76 -85.71
N ALA F 33 24.16 -43.52 -85.87
CA ALA F 33 23.28 -42.35 -85.81
C ALA F 33 22.25 -42.35 -86.92
N GLU F 34 22.67 -42.77 -88.13
CA GLU F 34 21.75 -42.86 -89.26
C GLU F 34 20.61 -43.83 -88.97
N ASN F 35 20.97 -45.01 -88.44
CA ASN F 35 19.95 -46.01 -88.16
C ASN F 35 19.00 -45.55 -87.07
N CYS F 36 19.51 -44.86 -86.04
CA CYS F 36 18.62 -44.35 -85.01
C CYS F 36 17.69 -43.27 -85.56
N ALA F 37 18.19 -42.40 -86.45
CA ALA F 37 17.35 -41.35 -86.99
C ALA F 37 16.25 -41.90 -87.88
N LYS F 38 16.54 -42.97 -88.64
CA LYS F 38 15.60 -43.49 -89.63
C LYS F 38 14.28 -43.93 -88.98
N TYR F 39 14.35 -44.48 -87.79
CA TYR F 39 13.15 -44.93 -87.11
C TYR F 39 12.64 -43.94 -86.08
N THR F 40 13.24 -42.74 -85.98
CA THR F 40 12.61 -41.73 -85.15
C THR F 40 12.19 -40.45 -85.89
N ILE F 41 13.15 -39.65 -86.35
CA ILE F 41 12.91 -38.38 -87.07
C ILE F 41 14.10 -38.22 -88.02
N PRO F 42 13.94 -38.59 -89.29
CA PRO F 42 15.10 -38.71 -90.19
C PRO F 42 15.84 -37.40 -90.44
N SER F 43 15.16 -36.26 -90.31
CA SER F 43 15.78 -34.96 -90.52
C SER F 43 16.75 -34.58 -89.42
N LEU F 44 16.82 -35.35 -88.34
CA LEU F 44 17.83 -35.10 -87.30
C LEU F 44 19.22 -35.53 -87.74
N PHE F 45 19.32 -36.54 -88.61
CA PHE F 45 20.61 -36.98 -89.12
C PHE F 45 20.46 -37.54 -90.53
N PRO F 46 20.08 -36.74 -91.53
CA PRO F 46 19.88 -37.30 -92.87
C PRO F 46 21.20 -37.56 -93.57
N LYS F 47 21.38 -38.78 -94.08
CA LYS F 47 22.62 -39.15 -94.73
C LYS F 47 22.44 -40.01 -95.97
N ASP F 48 21.22 -40.25 -96.43
CA ASP F 48 21.01 -40.89 -97.73
C ASP F 48 21.43 -39.95 -98.86
N SER F 49 22.06 -40.52 -99.89
CA SER F 49 22.54 -39.71 -101.01
C SER F 49 21.47 -39.47 -102.07
N ASP F 50 20.62 -40.45 -102.31
CA ASP F 50 19.76 -40.52 -103.50
C ASP F 50 18.37 -39.93 -103.30
N ASN F 51 18.31 -38.81 -102.56
CA ASN F 51 17.07 -38.11 -102.23
C ASN F 51 16.27 -37.65 -103.45
N ALA F 52 16.83 -37.67 -104.65
CA ALA F 52 16.01 -37.52 -105.85
C ALA F 52 15.07 -38.71 -106.02
N SER F 53 15.43 -39.87 -105.46
CA SER F 53 14.67 -41.10 -105.57
C SER F 53 14.04 -41.56 -104.27
N THR F 54 14.60 -41.17 -103.12
CA THR F 54 14.09 -41.53 -101.80
C THR F 54 13.63 -40.31 -101.02
N ASP F 55 12.68 -40.51 -100.10
CA ASP F 55 12.27 -39.43 -99.22
C ASP F 55 12.95 -39.55 -97.85
N TYR F 56 12.75 -38.54 -97.01
CA TYR F 56 12.97 -38.67 -95.56
C TYR F 56 11.79 -39.51 -95.04
N THR F 57 11.91 -40.82 -95.22
CA THR F 57 10.80 -41.76 -95.27
C THR F 57 9.96 -41.81 -93.99
N THR F 58 8.70 -41.39 -94.12
CA THR F 58 7.77 -41.28 -93.00
C THR F 58 7.34 -42.65 -92.50
N PRO F 59 7.63 -43.01 -91.25
CA PRO F 59 7.22 -44.32 -90.74
C PRO F 59 5.73 -44.35 -90.43
N TRP F 60 5.19 -45.56 -90.35
CA TRP F 60 3.82 -45.69 -89.88
C TRP F 60 3.72 -45.49 -88.37
N GLN F 61 4.70 -45.99 -87.62
CA GLN F 61 4.73 -45.78 -86.17
C GLN F 61 5.16 -44.36 -85.82
N ALA F 62 4.41 -43.72 -84.92
CA ALA F 62 4.73 -42.40 -84.41
C ALA F 62 5.50 -42.43 -83.10
N VAL F 63 5.69 -43.62 -82.52
CA VAL F 63 6.17 -43.75 -81.14
C VAL F 63 7.57 -43.18 -80.98
N GLY F 64 8.45 -43.40 -81.97
CA GLY F 64 9.83 -42.96 -81.85
C GLY F 64 9.97 -41.46 -81.75
N ALA F 65 9.27 -40.73 -82.63
CA ALA F 65 9.33 -39.28 -82.63
C ALA F 65 8.79 -38.70 -81.33
N ARG F 66 7.65 -39.23 -80.88
CA ARG F 66 6.99 -38.74 -79.67
C ARG F 66 7.86 -38.99 -78.44
N GLY F 67 8.46 -40.19 -78.34
CA GLY F 67 9.32 -40.50 -77.22
C GLY F 67 10.58 -39.65 -77.19
N LEU F 68 11.20 -39.41 -78.35
CA LEU F 68 12.39 -38.57 -78.40
C LEU F 68 12.09 -37.15 -77.94
N ASN F 69 10.99 -36.57 -78.42
CA ASN F 69 10.66 -35.21 -78.01
C ASN F 69 10.36 -35.12 -76.51
N ASN F 70 9.65 -36.13 -75.97
CA ASN F 70 9.31 -36.14 -74.54
C ASN F 70 10.56 -36.22 -73.67
N LEU F 71 11.50 -37.10 -74.03
CA LEU F 71 12.73 -37.26 -73.25
C LEU F 71 13.58 -35.99 -73.29
N ALA F 72 13.67 -35.35 -74.46
CA ALA F 72 14.46 -34.12 -74.55
C ALA F 72 13.85 -33.02 -73.69
N SER F 73 12.52 -32.97 -73.65
CA SER F 73 11.87 -31.97 -72.80
C SER F 73 12.19 -32.19 -71.33
N LYS F 74 12.17 -33.44 -70.87
CA LYS F 74 12.43 -33.66 -69.44
C LYS F 74 13.90 -33.40 -69.09
N LEU F 75 14.82 -33.78 -69.98
CA LEU F 75 16.24 -33.46 -69.75
C LEU F 75 16.48 -31.96 -69.73
N MET F 76 15.80 -31.22 -70.59
CA MET F 76 15.83 -29.77 -70.54
C MET F 76 14.97 -29.20 -69.40
N LEU F 77 14.33 -30.05 -68.61
CA LEU F 77 13.85 -29.51 -67.35
C LEU F 77 14.78 -29.77 -66.17
N ALA F 78 15.58 -30.85 -66.19
CA ALA F 78 16.61 -30.99 -65.16
C ALA F 78 17.74 -30.01 -65.40
N LEU F 79 18.29 -30.02 -66.61
CA LEU F 79 19.29 -29.05 -67.01
C LEU F 79 18.63 -27.74 -67.39
N PHE F 80 19.28 -26.63 -67.02
CA PHE F 80 18.94 -25.27 -67.44
C PHE F 80 17.51 -24.81 -67.19
N PRO F 81 16.93 -24.99 -65.99
CA PRO F 81 15.57 -24.49 -65.77
C PRO F 81 15.58 -22.99 -65.52
N MET F 82 14.39 -22.46 -65.28
CA MET F 82 14.27 -21.02 -65.04
C MET F 82 14.75 -20.63 -63.65
N GLN F 83 14.77 -21.57 -62.72
CA GLN F 83 15.26 -21.39 -61.35
C GLN F 83 16.77 -21.57 -61.25
N THR F 84 17.34 -21.09 -60.14
CA THR F 84 18.79 -20.91 -60.04
C THR F 84 19.48 -22.26 -59.86
N TRP F 85 20.24 -22.66 -60.88
CA TRP F 85 20.96 -23.93 -60.93
C TRP F 85 22.46 -23.82 -60.68
N MET F 86 22.97 -22.66 -60.25
CA MET F 86 24.42 -22.48 -60.09
C MET F 86 24.70 -21.72 -58.80
N LYS F 87 25.98 -21.70 -58.41
CA LYS F 87 26.41 -20.96 -57.23
C LYS F 87 27.86 -20.54 -57.37
N LEU F 88 28.10 -19.22 -57.29
CA LEU F 88 29.44 -18.68 -57.09
C LEU F 88 29.82 -18.81 -55.62
N THR F 89 30.59 -19.85 -55.31
CA THR F 89 31.05 -20.11 -53.95
C THR F 89 32.18 -19.17 -53.55
N ILE F 90 32.36 -19.02 -52.24
CA ILE F 90 33.56 -18.42 -51.67
C ILE F 90 34.36 -19.50 -50.95
N SER F 91 35.63 -19.61 -51.30
CA SER F 91 36.53 -20.58 -50.68
C SER F 91 36.65 -20.31 -49.18
N GLU F 92 36.57 -21.38 -48.38
CA GLU F 92 36.44 -21.25 -46.93
C GLU F 92 37.65 -20.56 -46.30
N PHE F 93 38.86 -20.82 -46.81
CA PHE F 93 40.04 -20.12 -46.30
C PHE F 93 39.96 -18.62 -46.55
N GLU F 94 39.39 -18.21 -47.68
CA GLU F 94 39.22 -16.78 -47.95
C GLU F 94 38.03 -16.20 -47.21
N ALA F 95 36.95 -16.99 -47.04
CA ALA F 95 35.83 -16.54 -46.24
C ALA F 95 36.24 -16.25 -44.80
N LYS F 96 37.14 -17.09 -44.28
CA LYS F 96 37.67 -16.90 -42.93
C LYS F 96 38.48 -15.61 -42.80
N GLN F 97 38.95 -15.05 -43.91
CA GLN F 97 39.60 -13.75 -43.90
C GLN F 97 38.58 -12.63 -44.05
N LEU F 98 37.61 -12.82 -44.95
CA LEU F 98 36.66 -11.76 -45.28
C LEU F 98 35.65 -11.51 -44.17
N VAL F 99 35.33 -12.54 -43.38
CA VAL F 99 34.28 -12.47 -42.36
C VAL F 99 34.62 -11.50 -41.23
N ALA F 100 35.88 -11.05 -41.13
CA ALA F 100 36.30 -10.16 -40.05
C ALA F 100 35.57 -8.82 -40.04
N GLN F 101 34.98 -8.42 -41.17
CA GLN F 101 34.08 -7.27 -41.21
C GLN F 101 32.88 -7.63 -42.07
N PRO F 102 31.65 -7.40 -41.59
CA PRO F 102 30.47 -7.61 -42.42
C PRO F 102 30.44 -6.76 -43.68
N ALA F 103 31.11 -5.60 -43.65
CA ALA F 103 31.16 -4.74 -44.83
C ALA F 103 31.90 -5.41 -45.99
N GLU F 104 32.99 -6.13 -45.70
CA GLU F 104 33.74 -6.79 -46.76
C GLU F 104 32.92 -7.91 -47.40
N LEU F 105 32.21 -8.70 -46.57
CA LEU F 105 31.30 -9.70 -47.11
C LEU F 105 30.16 -9.06 -47.90
N ALA F 106 29.65 -7.93 -47.43
CA ALA F 106 28.57 -7.26 -48.14
C ALA F 106 29.03 -6.76 -49.51
N LYS F 107 30.22 -6.17 -49.57
CA LYS F 107 30.75 -5.67 -50.83
C LYS F 107 31.08 -6.80 -51.79
N VAL F 108 31.59 -7.92 -51.27
CA VAL F 108 31.85 -9.07 -52.13
C VAL F 108 30.55 -9.68 -52.64
N GLU F 109 29.59 -9.92 -51.74
CA GLU F 109 28.41 -10.67 -52.10
C GLU F 109 27.34 -9.87 -52.82
N GLU F 110 27.36 -8.52 -52.72
CA GLU F 110 26.57 -7.72 -53.66
C GLU F 110 27.09 -7.93 -55.08
N GLY F 111 28.42 -7.98 -55.22
CA GLY F 111 29.02 -8.30 -56.50
C GLY F 111 28.63 -9.68 -56.98
N LEU F 112 28.72 -10.68 -56.11
CA LEU F 112 28.33 -12.05 -56.48
C LEU F 112 26.85 -12.14 -56.85
N SER F 113 25.97 -11.43 -56.12
CA SER F 113 24.55 -11.45 -56.44
C SER F 113 24.30 -10.89 -57.81
N MET F 114 24.84 -9.70 -58.09
CA MET F 114 24.57 -9.09 -59.38
C MET F 114 25.27 -9.85 -60.51
N VAL F 115 26.43 -10.46 -60.26
CA VAL F 115 27.10 -11.28 -61.29
C VAL F 115 26.32 -12.56 -61.57
N GLU F 116 25.78 -13.22 -60.53
CA GLU F 116 24.96 -14.41 -60.76
C GLU F 116 23.70 -14.07 -61.55
N ARG F 117 23.07 -12.93 -61.23
CA ARG F 117 21.93 -12.48 -62.01
C ARG F 117 22.34 -12.15 -63.43
N ILE F 118 23.57 -11.67 -63.63
CA ILE F 118 24.08 -11.40 -64.97
C ILE F 118 24.30 -12.70 -65.76
N LEU F 119 24.73 -13.77 -65.08
CA LEU F 119 24.84 -15.06 -65.75
C LEU F 119 23.47 -15.58 -66.21
N MET F 120 22.49 -15.57 -65.31
CA MET F 120 21.16 -16.01 -65.76
C MET F 120 20.55 -15.07 -66.80
N ASN F 121 20.87 -13.78 -66.71
CA ASN F 121 20.47 -12.83 -67.73
C ASN F 121 21.07 -13.22 -69.06
N TYR F 122 22.36 -13.49 -69.08
CA TYR F 122 23.03 -13.73 -70.35
C TYR F 122 22.52 -15.02 -70.97
N ILE F 123 22.21 -16.00 -70.14
CA ILE F 123 21.62 -17.25 -70.64
C ILE F 123 20.28 -16.97 -71.31
N GLU F 124 19.39 -16.21 -70.64
CA GLU F 124 18.06 -16.02 -71.22
C GLU F 124 18.02 -14.95 -72.31
N SER F 125 18.75 -13.85 -72.12
CA SER F 125 18.77 -12.75 -73.07
C SER F 125 19.40 -13.14 -74.39
N ASN F 126 20.27 -14.16 -74.38
CA ASN F 126 20.83 -14.72 -75.61
C ASN F 126 20.18 -16.04 -75.99
N SER F 127 19.06 -16.39 -75.33
CA SER F 127 18.14 -17.47 -75.74
C SER F 127 18.84 -18.82 -75.86
N TYR F 128 19.82 -19.07 -74.97
CA TYR F 128 20.57 -20.32 -75.00
C TYR F 128 19.67 -21.54 -74.88
N ARG F 129 18.49 -21.38 -74.26
CA ARG F 129 17.53 -22.47 -74.10
C ARG F 129 17.21 -23.15 -75.44
N VAL F 130 17.16 -22.39 -76.53
CA VAL F 130 16.81 -22.97 -77.84
C VAL F 130 17.88 -23.97 -78.30
N THR F 131 19.12 -23.51 -78.40
CA THR F 131 20.19 -24.35 -78.93
C THR F 131 20.49 -25.50 -77.99
N LEU F 132 20.27 -25.30 -76.68
CA LEU F 132 20.49 -26.37 -75.74
C LEU F 132 19.43 -27.47 -75.89
N PHE F 133 18.18 -27.10 -76.22
CA PHE F 133 17.16 -28.10 -76.55
C PHE F 133 17.53 -28.89 -77.83
N GLU F 134 18.01 -28.18 -78.85
CA GLU F 134 18.47 -28.86 -80.07
C GLU F 134 19.64 -29.82 -79.78
N THR F 135 20.55 -29.40 -78.90
CA THR F 135 21.69 -30.22 -78.54
C THR F 135 21.27 -31.50 -77.85
N LEU F 136 20.27 -31.41 -76.97
CA LEU F 136 19.78 -32.61 -76.30
C LEU F 136 19.12 -33.58 -77.28
N LYS F 137 18.43 -33.06 -78.30
CA LYS F 137 17.92 -33.94 -79.36
C LYS F 137 19.06 -34.69 -80.06
N GLN F 138 20.14 -33.96 -80.41
CA GLN F 138 21.30 -34.61 -81.03
C GLN F 138 21.95 -35.65 -80.12
N LEU F 139 22.05 -35.35 -78.82
CA LEU F 139 22.68 -36.29 -77.89
C LEU F 139 21.87 -37.57 -77.75
N VAL F 140 20.53 -37.45 -77.72
CA VAL F 140 19.71 -38.66 -77.62
C VAL F 140 19.85 -39.51 -78.87
N VAL F 141 19.86 -38.90 -80.05
CA VAL F 141 19.85 -39.75 -81.24
C VAL F 141 21.24 -40.19 -81.71
N ALA F 142 22.30 -39.42 -81.46
CA ALA F 142 23.61 -39.73 -82.02
C ALA F 142 24.71 -39.89 -80.98
N GLY F 143 24.43 -39.58 -79.72
CA GLY F 143 25.39 -39.73 -78.65
C GLY F 143 26.49 -38.70 -78.59
N ASN F 144 26.59 -37.80 -79.57
CA ASN F 144 27.75 -36.92 -79.74
C ASN F 144 27.29 -35.58 -80.29
N ALA F 145 27.91 -34.49 -79.81
CA ALA F 145 27.63 -33.15 -80.31
C ALA F 145 28.79 -32.21 -79.95
N LEU F 146 28.84 -31.07 -80.65
CA LEU F 146 29.88 -30.06 -80.42
C LEU F 146 29.28 -28.66 -80.44
N LEU F 147 29.63 -27.84 -79.45
CA LEU F 147 29.16 -26.47 -79.30
C LEU F 147 30.32 -25.48 -79.32
N TYR F 148 30.01 -24.26 -79.76
CA TYR F 148 30.94 -23.15 -79.81
C TYR F 148 30.30 -21.89 -79.26
N ILE F 149 31.04 -21.17 -78.42
CA ILE F 149 30.57 -19.93 -77.81
C ILE F 149 31.34 -18.77 -78.45
N PRO F 150 30.67 -17.83 -79.08
CA PRO F 150 31.39 -16.77 -79.80
C PRO F 150 31.91 -15.69 -78.85
N GLU F 151 32.96 -15.06 -79.30
CA GLU F 151 33.35 -13.77 -78.75
C GLU F 151 32.26 -12.72 -79.01
N PRO F 152 31.97 -11.87 -78.03
CA PRO F 152 30.81 -11.00 -78.17
C PRO F 152 30.99 -9.87 -79.16
N GLU F 153 29.96 -9.74 -80.00
CA GLU F 153 29.78 -8.66 -80.96
C GLU F 153 28.30 -8.37 -81.04
N GLY F 154 27.98 -7.09 -81.28
CA GLY F 154 26.62 -6.66 -81.42
C GLY F 154 25.79 -6.78 -80.14
N ALA F 155 24.48 -6.87 -80.33
CA ALA F 155 23.56 -6.87 -79.19
C ALA F 155 23.20 -8.26 -78.68
N TYR F 156 23.31 -9.30 -79.53
CA TYR F 156 22.69 -10.61 -79.27
C TYR F 156 23.60 -11.71 -79.79
N ASN F 157 23.86 -12.74 -78.97
CA ASN F 157 24.97 -13.67 -79.25
C ASN F 157 24.63 -15.11 -78.87
N PRO F 158 23.76 -15.78 -79.64
CA PRO F 158 23.54 -17.21 -79.43
C PRO F 158 24.67 -18.08 -79.97
N MET F 159 24.72 -19.32 -79.50
CA MET F 159 25.78 -20.29 -79.78
C MET F 159 25.63 -20.91 -81.17
N LYS F 160 26.66 -21.67 -81.57
CA LYS F 160 26.67 -22.46 -82.79
C LYS F 160 26.82 -23.95 -82.46
N LEU F 161 25.99 -24.78 -83.08
CA LEU F 161 25.92 -26.22 -82.83
C LEU F 161 26.35 -27.01 -84.07
N TYR F 162 27.24 -28.00 -83.86
CA TYR F 162 27.80 -28.89 -84.89
C TYR F 162 27.30 -30.33 -84.74
N ARG F 163 26.90 -30.94 -85.85
CA ARG F 163 26.60 -32.37 -85.91
C ARG F 163 27.89 -33.18 -86.13
N LEU F 164 27.81 -34.49 -85.82
CA LEU F 164 28.99 -35.36 -85.81
C LEU F 164 29.64 -35.45 -87.18
N SER F 165 28.85 -35.36 -88.24
CA SER F 165 29.38 -35.48 -89.59
C SER F 165 30.26 -34.31 -90.00
N SER F 166 30.31 -33.23 -89.21
CA SER F 166 31.06 -32.03 -89.57
C SER F 166 32.36 -31.85 -88.80
N TYR F 167 32.72 -32.76 -87.89
CA TYR F 167 33.92 -32.56 -87.06
C TYR F 167 34.56 -33.89 -86.68
N VAL F 168 35.81 -33.81 -86.19
CA VAL F 168 36.56 -34.94 -85.66
C VAL F 168 37.26 -34.50 -84.36
N VAL F 169 37.54 -35.48 -83.49
CA VAL F 169 38.15 -35.22 -82.19
C VAL F 169 38.99 -36.43 -81.79
N GLN F 170 40.08 -36.18 -81.03
CA GLN F 170 41.03 -37.20 -80.61
C GLN F 170 41.32 -37.07 -79.12
N ARG F 171 41.37 -38.21 -78.41
CA ARG F 171 41.41 -38.26 -76.95
C ARG F 171 42.48 -39.21 -76.43
N ASP F 172 42.99 -38.91 -75.23
CA ASP F 172 43.90 -39.81 -74.53
C ASP F 172 43.11 -40.82 -73.69
N ALA F 173 43.84 -41.63 -72.93
CA ALA F 173 43.21 -42.68 -72.13
C ALA F 173 42.38 -42.14 -70.97
N PHE F 174 42.59 -40.89 -70.59
CA PHE F 174 41.80 -40.24 -69.57
C PHE F 174 40.66 -39.41 -70.14
N GLY F 175 40.41 -39.50 -71.46
CA GLY F 175 39.36 -38.72 -72.09
C GLY F 175 39.72 -37.29 -72.39
N THR F 176 40.98 -36.91 -72.20
CA THR F 176 41.40 -35.53 -72.44
C THR F 176 41.47 -35.26 -73.94
N VAL F 177 40.90 -34.13 -74.36
CA VAL F 177 40.92 -33.79 -75.77
C VAL F 177 42.30 -33.29 -76.16
N LEU F 178 42.90 -33.95 -77.16
CA LEU F 178 44.18 -33.55 -77.73
C LEU F 178 44.00 -32.57 -78.90
N GLN F 179 43.04 -32.82 -79.79
CA GLN F 179 42.80 -31.93 -80.92
C GLN F 179 41.40 -32.10 -81.48
N ILE F 180 40.93 -31.06 -82.18
CA ILE F 180 39.62 -30.98 -82.83
C ILE F 180 39.82 -30.35 -84.21
N VAL F 181 39.10 -30.84 -85.22
CA VAL F 181 38.98 -30.16 -86.51
C VAL F 181 37.52 -30.07 -86.90
N THR F 182 37.08 -28.90 -87.37
CA THR F 182 35.76 -28.73 -87.97
C THR F 182 35.90 -28.47 -89.48
N LEU F 183 34.96 -29.00 -90.25
CA LEU F 183 34.82 -28.69 -91.67
C LEU F 183 33.59 -27.80 -91.86
N ASP F 184 33.80 -26.60 -92.42
CA ASP F 184 32.78 -25.58 -92.57
C ASP F 184 32.69 -25.19 -94.04
N LYS F 185 31.51 -24.75 -94.52
CA LYS F 185 31.32 -24.42 -95.93
C LYS F 185 30.50 -23.15 -96.14
N THR F 186 30.86 -22.38 -97.18
CA THR F 186 30.19 -21.15 -97.62
C THR F 186 30.66 -20.86 -99.05
N ALA F 187 29.79 -20.19 -99.82
CA ALA F 187 30.10 -19.83 -101.21
C ALA F 187 31.16 -18.73 -101.32
N TYR F 188 31.92 -18.80 -102.43
CA TYR F 188 33.01 -17.85 -102.74
C TYR F 188 32.61 -16.39 -102.63
N ALA F 189 31.54 -16.01 -103.31
CA ALA F 189 31.15 -14.62 -103.31
C ALA F 189 30.59 -14.17 -101.97
N ALA F 190 30.21 -15.10 -101.10
CA ALA F 190 29.64 -14.73 -99.81
C ALA F 190 30.69 -14.50 -98.73
N LEU F 191 31.94 -14.91 -98.97
CA LEU F 191 33.01 -14.81 -97.99
C LEU F 191 33.49 -13.36 -97.84
N PRO F 192 34.19 -13.03 -96.74
CA PRO F 192 34.68 -11.65 -96.56
C PRO F 192 35.66 -11.21 -97.64
N GLU F 193 35.78 -9.88 -97.76
CA GLU F 193 36.49 -9.27 -98.88
C GLU F 193 37.95 -9.69 -98.95
N ASP F 194 38.64 -9.69 -97.80
CA ASP F 194 40.04 -10.10 -97.79
C ASP F 194 40.17 -11.60 -98.09
N VAL F 195 39.21 -12.39 -97.61
CA VAL F 195 39.20 -13.82 -97.93
C VAL F 195 39.01 -14.01 -99.43
N ARG F 196 38.11 -13.24 -100.05
CA ARG F 196 37.91 -13.31 -101.50
C ARG F 196 39.16 -12.88 -102.26
N ASN F 197 39.87 -11.86 -101.75
CA ASN F 197 41.13 -11.46 -102.37
C ASN F 197 42.22 -12.49 -102.19
N ALA F 198 42.16 -13.27 -101.09
CA ALA F 198 43.20 -14.24 -100.83
C ALA F 198 43.23 -15.40 -101.81
N MET F 199 42.17 -15.59 -102.59
CA MET F 199 42.08 -16.73 -103.47
C MET F 199 42.19 -16.35 -104.93
N ASP F 200 42.99 -15.31 -105.21
CA ASP F 200 43.25 -14.87 -106.57
C ASP F 200 44.02 -15.91 -107.36
N SER F 201 44.90 -16.67 -106.70
CA SER F 201 45.69 -17.67 -107.40
C SER F 201 44.94 -18.99 -107.48
N GLY F 202 45.35 -19.81 -108.45
CA GLY F 202 44.73 -21.10 -108.67
C GLY F 202 43.62 -21.09 -109.71
N GLN F 203 42.58 -21.88 -109.46
CA GLN F 203 41.43 -21.92 -110.35
C GLN F 203 40.58 -20.66 -110.21
N GLU F 204 39.84 -20.34 -111.28
CA GLU F 204 38.89 -19.24 -111.27
C GLU F 204 37.59 -19.71 -110.63
N HIS F 205 37.33 -19.25 -109.39
CA HIS F 205 36.10 -19.59 -108.67
C HIS F 205 34.87 -18.98 -109.32
N LYS F 206 33.80 -19.78 -109.37
CA LYS F 206 32.46 -19.27 -109.63
C LYS F 206 31.90 -18.64 -108.35
N GLY F 207 30.95 -17.71 -108.53
CA GLY F 207 30.43 -16.95 -107.40
C GLY F 207 29.75 -17.81 -106.36
N ASP F 208 29.01 -18.82 -106.80
CA ASP F 208 28.32 -19.71 -105.89
C ASP F 208 29.09 -21.00 -105.59
N GLU F 209 30.39 -21.05 -105.89
CA GLU F 209 31.21 -22.22 -105.60
C GLU F 209 31.47 -22.34 -104.10
N MET F 210 31.12 -23.49 -103.53
CA MET F 210 31.28 -23.71 -102.09
C MET F 210 32.74 -24.00 -101.74
N ILE F 211 33.25 -23.30 -100.74
CA ILE F 211 34.65 -23.41 -100.30
C ILE F 211 34.69 -24.20 -99.00
N ASP F 212 35.52 -25.24 -98.95
CA ASP F 212 35.68 -25.99 -97.71
C ASP F 212 36.74 -25.30 -96.84
N VAL F 213 36.30 -24.82 -95.67
CA VAL F 213 37.17 -24.17 -94.69
C VAL F 213 37.35 -25.12 -93.51
N TYR F 214 38.59 -25.24 -93.04
CA TYR F 214 38.93 -26.14 -91.95
C TYR F 214 39.42 -25.34 -90.75
N THR F 215 38.86 -25.61 -89.58
CA THR F 215 39.28 -25.02 -88.31
C THR F 215 39.99 -26.09 -87.50
N HIS F 216 41.21 -25.81 -87.08
CA HIS F 216 42.02 -26.76 -86.33
C HIS F 216 42.30 -26.17 -84.94
N ILE F 217 41.99 -26.92 -83.90
CA ILE F 217 42.32 -26.56 -82.52
C ILE F 217 43.14 -27.71 -81.92
N TYR F 218 44.28 -27.37 -81.31
CA TYR F 218 45.23 -28.39 -80.86
C TYR F 218 45.99 -27.91 -79.62
N LEU F 219 46.43 -28.89 -78.83
CA LEU F 219 47.05 -28.65 -77.52
C LEU F 219 48.55 -28.36 -77.66
N ASP F 220 49.03 -27.42 -76.85
CA ASP F 220 50.43 -27.01 -76.81
C ASP F 220 51.14 -27.68 -75.64
N GLU F 221 52.48 -27.67 -75.71
CA GLU F 221 53.32 -28.31 -74.71
C GLU F 221 54.22 -27.34 -73.96
N GLU F 222 54.79 -26.35 -74.64
CA GLU F 222 55.55 -25.30 -73.97
C GLU F 222 54.66 -24.23 -73.36
N SER F 223 53.33 -24.38 -73.45
CA SER F 223 52.38 -23.50 -72.79
C SER F 223 51.15 -24.31 -72.41
N GLY F 224 50.47 -23.87 -71.37
CA GLY F 224 49.25 -24.53 -70.92
C GLY F 224 48.03 -24.10 -71.72
N GLU F 225 48.10 -24.23 -73.04
CA GLU F 225 47.14 -23.58 -73.93
C GLU F 225 46.74 -24.49 -75.08
N TYR F 226 45.51 -24.29 -75.55
CA TYR F 226 45.13 -24.73 -76.89
C TYR F 226 45.40 -23.62 -77.91
N LEU F 227 45.70 -24.03 -79.14
CA LEU F 227 46.03 -23.12 -80.23
C LEU F 227 45.07 -23.35 -81.39
N LYS F 228 44.73 -22.26 -82.10
CA LYS F 228 43.69 -22.27 -83.14
C LYS F 228 44.21 -21.63 -84.42
N TYR F 229 43.83 -22.19 -85.57
CA TYR F 229 43.97 -21.52 -86.86
C TYR F 229 42.96 -22.09 -87.85
N GLU F 230 42.78 -21.39 -88.98
CA GLU F 230 41.87 -21.81 -90.04
C GLU F 230 42.61 -21.89 -91.38
N GLU F 231 42.09 -22.77 -92.25
CA GLU F 231 42.83 -23.27 -93.41
C GLU F 231 41.92 -23.45 -94.61
N ILE F 232 42.41 -23.04 -95.78
CA ILE F 232 41.74 -23.23 -97.06
C ILE F 232 42.76 -23.72 -98.08
N ASP F 233 42.43 -24.81 -98.78
CA ASP F 233 43.24 -25.41 -99.86
C ASP F 233 44.67 -25.71 -99.38
N GLY F 234 44.80 -26.08 -98.11
CA GLY F 234 46.09 -26.40 -97.53
C GLY F 234 46.92 -25.21 -97.10
N VAL F 235 46.35 -24.00 -97.08
CA VAL F 235 47.05 -22.77 -96.76
C VAL F 235 46.26 -22.05 -95.67
N GLU F 236 46.99 -21.42 -94.74
CA GLU F 236 46.37 -20.73 -93.61
C GLU F 236 45.65 -19.44 -94.04
N VAL F 237 44.50 -19.20 -93.43
CA VAL F 237 43.76 -17.95 -93.58
C VAL F 237 44.32 -16.96 -92.58
N ASP F 238 44.94 -15.89 -93.08
CA ASP F 238 45.65 -14.97 -92.21
C ASP F 238 44.71 -14.20 -91.29
N GLY F 239 45.14 -14.04 -90.04
CA GLY F 239 44.37 -13.34 -89.04
C GLY F 239 43.39 -14.19 -88.26
N THR F 240 43.24 -15.47 -88.61
CA THR F 240 42.35 -16.37 -87.91
C THR F 240 43.00 -17.05 -86.70
N ASP F 241 44.26 -16.76 -86.41
CA ASP F 241 45.00 -17.45 -85.36
C ASP F 241 44.66 -16.91 -83.97
N ALA F 242 44.65 -17.82 -82.97
CA ALA F 242 44.31 -17.46 -81.60
C ALA F 242 44.83 -18.53 -80.63
N SER F 243 44.81 -18.20 -79.33
CA SER F 243 45.24 -19.09 -78.26
C SER F 243 44.30 -18.98 -77.06
N TYR F 244 44.10 -20.10 -76.36
CA TYR F 244 43.21 -20.17 -75.19
C TYR F 244 43.81 -21.05 -74.09
N PRO F 245 43.66 -20.66 -72.82
CA PRO F 245 44.08 -21.55 -71.73
C PRO F 245 43.15 -22.75 -71.61
N VAL F 246 43.72 -23.85 -71.11
CA VAL F 246 43.03 -25.14 -71.06
C VAL F 246 41.76 -25.06 -70.23
N ASP F 247 41.73 -24.18 -69.23
CA ASP F 247 40.53 -24.03 -68.41
C ASP F 247 39.39 -23.28 -69.10
N ALA F 248 39.62 -22.59 -70.24
CA ALA F 248 38.56 -21.74 -70.78
C ALA F 248 38.52 -21.73 -72.31
N CYS F 249 38.64 -22.90 -72.96
CA CYS F 249 38.53 -22.95 -74.42
C CYS F 249 37.07 -22.79 -74.86
N PRO F 250 36.80 -22.06 -75.94
CA PRO F 250 35.40 -21.83 -76.36
C PRO F 250 34.76 -22.98 -77.12
N TYR F 251 35.46 -24.08 -77.38
CA TYR F 251 34.87 -25.22 -78.07
C TYR F 251 34.60 -26.35 -77.09
N ILE F 252 33.38 -26.89 -77.13
CA ILE F 252 32.92 -27.86 -76.13
C ILE F 252 32.32 -29.10 -76.80
N PRO F 253 33.08 -30.19 -76.97
CA PRO F 253 32.49 -31.45 -77.41
C PRO F 253 31.87 -32.22 -76.25
N VAL F 254 30.72 -32.87 -76.52
CA VAL F 254 29.88 -33.47 -75.48
C VAL F 254 29.54 -34.91 -75.86
N ARG F 255 29.52 -35.79 -74.85
CA ARG F 255 29.21 -37.21 -74.98
C ARG F 255 27.97 -37.56 -74.13
N MET F 256 27.11 -38.43 -74.66
CA MET F 256 25.95 -38.87 -73.88
C MET F 256 26.32 -39.96 -72.87
N VAL F 257 27.04 -40.98 -73.31
CA VAL F 257 27.52 -42.03 -72.42
C VAL F 257 29.04 -42.13 -72.54
N ARG F 258 29.71 -42.15 -71.38
CA ARG F 258 31.16 -42.07 -71.27
C ARG F 258 31.81 -43.45 -71.43
N ILE F 259 32.86 -43.51 -72.25
CA ILE F 259 33.67 -44.71 -72.45
C ILE F 259 35.14 -44.29 -72.48
N ASP F 260 35.99 -45.04 -71.79
CA ASP F 260 37.44 -44.81 -71.80
C ASP F 260 38.09 -45.49 -73.01
N GLY F 261 39.06 -44.80 -73.60
CA GLY F 261 39.76 -45.30 -74.76
C GLY F 261 39.09 -45.02 -76.09
N GLU F 262 38.14 -44.10 -76.11
CA GLU F 262 37.35 -43.78 -77.30
C GLU F 262 37.29 -42.27 -77.47
N SER F 263 37.23 -41.83 -78.72
CA SER F 263 36.99 -40.42 -79.00
C SER F 263 35.55 -39.99 -78.71
N TYR F 264 34.62 -40.95 -78.64
CA TYR F 264 33.20 -40.69 -78.85
C TYR F 264 32.34 -41.44 -77.83
N GLY F 265 31.07 -40.98 -77.74
CA GLY F 265 30.06 -41.65 -76.94
C GLY F 265 29.03 -42.42 -77.80
N ARG F 266 28.08 -43.03 -77.10
CA ARG F 266 27.07 -43.90 -77.69
C ARG F 266 25.68 -43.32 -77.45
N SER F 267 24.71 -43.72 -78.26
CA SER F 267 23.36 -43.20 -78.09
C SER F 267 22.52 -44.12 -77.18
N TYR F 268 21.40 -43.58 -76.71
CA TYR F 268 20.52 -44.33 -75.81
C TYR F 268 19.68 -45.36 -76.55
N CYS F 269 19.10 -44.97 -77.69
CA CYS F 269 18.10 -45.80 -78.36
C CYS F 269 18.70 -46.92 -79.19
N GLU F 270 20.03 -47.06 -79.20
CA GLU F 270 20.71 -48.20 -79.84
C GLU F 270 20.23 -49.54 -79.30
N GLU F 271 19.93 -49.60 -78.00
CA GLU F 271 19.47 -50.83 -77.37
C GLU F 271 18.09 -51.27 -77.83
N TYR F 272 17.28 -50.34 -78.37
CA TYR F 272 15.88 -50.60 -78.65
C TYR F 272 15.54 -50.61 -80.13
N LEU F 273 16.54 -50.55 -81.02
CA LEU F 273 16.27 -50.43 -82.45
C LEU F 273 15.53 -51.64 -83.02
N GLY F 274 15.76 -52.83 -82.44
CA GLY F 274 15.02 -54.00 -82.88
C GLY F 274 13.54 -53.91 -82.59
N ASP F 275 13.16 -53.31 -81.45
CA ASP F 275 11.75 -53.13 -81.13
C ASP F 275 11.07 -52.16 -82.10
N LEU F 276 11.72 -51.03 -82.37
CA LEU F 276 11.14 -50.03 -83.28
C LEU F 276 10.97 -50.62 -84.68
N ARG F 277 12.00 -51.34 -85.13
CA ARG F 277 11.98 -51.97 -86.44
C ARG F 277 10.94 -53.09 -86.53
N SER F 278 10.62 -53.73 -85.40
CA SER F 278 9.55 -54.73 -85.41
C SER F 278 8.16 -54.09 -85.41
N LEU F 279 7.99 -53.00 -84.66
CA LEU F 279 6.70 -52.32 -84.57
C LEU F 279 6.25 -51.79 -85.92
N GLU F 280 7.21 -51.21 -86.67
CA GLU F 280 6.88 -50.70 -88.01
C GLU F 280 6.39 -51.82 -88.93
N ASN F 281 7.04 -52.98 -88.82
CA ASN F 281 6.72 -54.15 -89.65
C ASN F 281 5.28 -54.61 -89.39
N LEU F 282 4.89 -54.68 -88.11
CA LEU F 282 3.52 -55.07 -87.76
C LEU F 282 2.49 -54.06 -88.26
N GLN F 283 2.77 -52.75 -88.12
CA GLN F 283 1.80 -51.74 -88.56
C GLN F 283 1.54 -51.79 -90.07
N GLU F 284 2.61 -51.99 -90.84
CA GLU F 284 2.44 -52.12 -92.29
C GLU F 284 1.58 -53.34 -92.64
N ALA F 285 1.77 -54.45 -91.91
CA ALA F 285 0.91 -55.62 -92.15
C ALA F 285 -0.55 -55.32 -91.86
N ILE F 286 -0.84 -54.56 -90.81
CA ILE F 286 -2.24 -54.28 -90.46
C ILE F 286 -2.91 -53.42 -91.54
N VAL F 287 -2.15 -52.47 -92.11
CA VAL F 287 -2.69 -51.67 -93.23
C VAL F 287 -3.09 -52.57 -94.41
N LYS F 288 -2.17 -53.46 -94.81
CA LYS F 288 -2.47 -54.32 -95.96
C LYS F 288 -3.61 -55.28 -95.66
N MET F 289 -3.70 -55.75 -94.41
CA MET F 289 -4.78 -56.60 -93.95
C MET F 289 -6.14 -55.90 -94.07
N SER F 290 -6.16 -54.59 -93.90
CA SER F 290 -7.41 -53.85 -94.14
C SER F 290 -7.73 -53.73 -95.63
N MET F 291 -6.71 -53.44 -96.45
CA MET F 291 -6.96 -53.07 -97.85
C MET F 291 -7.53 -54.22 -98.69
N ILE F 292 -7.16 -55.47 -98.37
CA ILE F 292 -7.46 -56.61 -99.23
C ILE F 292 -8.86 -57.19 -99.01
N SER F 293 -9.60 -56.70 -98.02
CA SER F 293 -10.86 -57.32 -97.61
C SER F 293 -11.95 -57.15 -98.67
N ALA F 294 -12.76 -58.20 -98.85
CA ALA F 294 -13.77 -58.24 -99.91
C ALA F 294 -15.19 -58.46 -99.39
N LYS F 295 -15.44 -58.23 -98.10
CA LYS F 295 -16.76 -58.44 -97.50
C LYS F 295 -16.86 -57.53 -96.30
N VAL F 296 -18.07 -57.10 -95.96
CA VAL F 296 -18.31 -56.16 -94.86
C VAL F 296 -19.42 -56.68 -93.95
N ILE F 297 -19.20 -56.56 -92.64
CA ILE F 297 -20.08 -57.09 -91.60
C ILE F 297 -20.39 -55.98 -90.59
N GLY F 298 -21.65 -55.92 -90.12
CA GLY F 298 -22.10 -54.89 -89.21
C GLY F 298 -23.17 -55.36 -88.25
N LEU F 299 -23.66 -54.44 -87.41
CA LEU F 299 -24.70 -54.79 -86.44
C LEU F 299 -25.61 -53.60 -86.15
N VAL F 300 -26.88 -53.91 -85.87
CA VAL F 300 -27.86 -52.95 -85.39
C VAL F 300 -28.10 -53.18 -83.89
N ASN F 301 -27.93 -52.12 -83.10
CA ASN F 301 -27.78 -52.15 -81.65
C ASN F 301 -29.07 -52.29 -80.83
N PRO F 302 -30.19 -51.57 -81.13
CA PRO F 302 -31.35 -51.68 -80.20
C PRO F 302 -32.21 -52.93 -80.39
N ALA F 303 -31.66 -54.09 -80.01
CA ALA F 303 -32.38 -55.35 -79.84
C ALA F 303 -33.15 -55.83 -81.08
N GLY F 304 -32.88 -55.23 -82.24
CA GLY F 304 -33.60 -55.58 -83.44
C GLY F 304 -34.98 -55.00 -83.57
N ILE F 305 -35.28 -53.90 -82.87
CA ILE F 305 -36.61 -53.32 -82.92
C ILE F 305 -36.96 -52.70 -84.28
N THR F 306 -35.97 -52.41 -85.12
CA THR F 306 -36.23 -51.96 -86.49
C THR F 306 -35.99 -53.13 -87.44
N GLN F 307 -36.95 -53.37 -88.32
CA GLN F 307 -37.08 -54.68 -88.94
C GLN F 307 -36.17 -54.82 -90.16
N VAL F 308 -35.10 -55.61 -90.03
CA VAL F 308 -34.17 -55.76 -91.13
C VAL F 308 -34.56 -56.80 -92.16
N ARG F 309 -35.71 -57.50 -92.02
CA ARG F 309 -36.09 -58.53 -92.99
C ARG F 309 -36.27 -57.95 -94.40
N ARG F 310 -36.65 -56.67 -94.47
CA ARG F 310 -36.80 -55.97 -95.75
C ARG F 310 -35.51 -55.96 -96.55
N LEU F 311 -34.37 -56.08 -95.88
CA LEU F 311 -33.08 -56.20 -96.55
C LEU F 311 -32.77 -57.62 -96.99
N THR F 312 -33.39 -58.62 -96.35
CA THR F 312 -33.22 -60.02 -96.74
C THR F 312 -34.11 -60.36 -97.93
N LYS F 313 -35.21 -59.64 -98.09
CA LYS F 313 -35.98 -59.70 -99.33
C LYS F 313 -35.14 -59.18 -100.49
N ALA F 314 -35.54 -59.55 -101.70
CA ALA F 314 -34.68 -59.41 -102.88
C ALA F 314 -34.81 -58.05 -103.57
N GLN F 315 -35.06 -56.99 -102.81
CA GLN F 315 -35.32 -55.66 -103.35
C GLN F 315 -34.20 -54.70 -102.97
N THR F 316 -33.67 -53.98 -103.96
CA THR F 316 -32.63 -52.98 -103.74
C THR F 316 -33.21 -51.60 -103.38
N GLY F 317 -34.37 -51.24 -103.92
CA GLY F 317 -34.98 -49.97 -103.59
C GLY F 317 -35.89 -50.00 -102.38
N ASP F 318 -35.33 -50.26 -101.19
CA ASP F 318 -36.09 -50.22 -99.95
C ASP F 318 -35.12 -49.95 -98.79
N PHE F 319 -35.63 -49.32 -97.72
CA PHE F 319 -34.82 -48.71 -96.67
C PHE F 319 -35.29 -49.09 -95.27
N VAL F 320 -34.33 -49.33 -94.37
CA VAL F 320 -34.58 -49.53 -92.94
C VAL F 320 -34.61 -48.18 -92.24
N SER F 321 -35.57 -48.01 -91.31
CA SER F 321 -35.60 -46.87 -90.42
C SER F 321 -34.48 -46.98 -89.38
N GLY F 322 -33.53 -46.04 -89.44
CA GLY F 322 -32.36 -46.08 -88.56
C GLY F 322 -31.45 -44.88 -88.77
N ARG F 323 -30.43 -44.82 -87.91
CA ARG F 323 -29.62 -43.65 -87.62
C ARG F 323 -28.18 -44.11 -87.49
N PRO F 324 -27.22 -43.21 -87.67
CA PRO F 324 -25.82 -43.47 -87.30
C PRO F 324 -25.63 -43.65 -85.76
N GLU F 325 -26.65 -43.30 -85.01
CA GLU F 325 -26.69 -43.51 -83.58
C GLU F 325 -26.90 -44.96 -83.22
N ASP F 326 -27.31 -45.83 -84.15
CA ASP F 326 -27.56 -47.22 -83.77
C ASP F 326 -26.97 -48.27 -84.72
N ILE F 327 -25.94 -47.94 -85.52
CA ILE F 327 -25.33 -48.84 -86.50
C ILE F 327 -23.81 -48.81 -86.39
N SER F 328 -23.17 -49.98 -86.52
CA SER F 328 -21.71 -50.09 -86.46
C SER F 328 -21.21 -51.19 -87.38
N PHE F 329 -19.92 -51.14 -87.71
CA PHE F 329 -19.27 -52.06 -88.63
C PHE F 329 -17.89 -52.49 -88.11
N LEU F 330 -17.50 -53.72 -88.46
CA LEU F 330 -16.36 -54.43 -87.89
C LEU F 330 -15.13 -54.47 -88.80
N GLN F 331 -14.79 -53.34 -89.45
CA GLN F 331 -13.97 -53.33 -90.66
C GLN F 331 -12.53 -53.81 -90.45
N LEU F 332 -11.95 -53.59 -89.28
CA LEU F 332 -10.67 -54.22 -88.98
C LEU F 332 -10.83 -55.47 -88.11
N GLU F 333 -11.68 -55.37 -87.08
CA GLU F 333 -11.82 -56.40 -86.06
C GLU F 333 -12.33 -57.73 -86.61
N LYS F 334 -12.92 -57.73 -87.81
CA LYS F 334 -13.41 -58.97 -88.42
C LYS F 334 -12.25 -59.91 -88.79
N ALA F 335 -11.07 -59.36 -89.07
CA ALA F 335 -9.96 -60.14 -89.61
C ALA F 335 -9.37 -61.07 -88.55
N ALA F 336 -8.86 -62.21 -89.02
CA ALA F 336 -8.51 -63.31 -88.12
C ALA F 336 -7.24 -63.03 -87.33
N ASP F 337 -6.19 -62.55 -87.98
CA ASP F 337 -4.91 -62.33 -87.32
C ASP F 337 -4.78 -60.95 -86.69
N PHE F 338 -5.82 -60.12 -86.77
CA PHE F 338 -5.74 -58.73 -86.33
C PHE F 338 -5.46 -58.62 -84.83
N SER F 339 -6.17 -59.44 -84.03
CA SER F 339 -6.12 -59.28 -82.58
C SER F 339 -4.74 -59.62 -82.02
N VAL F 340 -4.07 -60.64 -82.57
CA VAL F 340 -2.76 -61.01 -82.05
C VAL F 340 -1.68 -60.03 -82.52
N ALA F 341 -1.80 -59.50 -83.75
CA ALA F 341 -0.87 -58.47 -84.21
C ALA F 341 -0.97 -57.23 -83.33
N LYS F 342 -2.21 -56.86 -82.99
CA LYS F 342 -2.47 -55.75 -82.08
C LYS F 342 -1.85 -56.01 -80.71
N ALA F 343 -1.99 -57.25 -80.21
CA ALA F 343 -1.48 -57.58 -78.88
C ALA F 343 0.04 -57.49 -78.80
N VAL F 344 0.75 -58.02 -79.80
CA VAL F 344 2.20 -57.92 -79.82
C VAL F 344 2.63 -56.46 -79.91
N SER F 345 1.90 -55.65 -80.70
CA SER F 345 2.19 -54.23 -80.77
C SER F 345 2.07 -53.57 -79.41
N GLU F 346 1.07 -53.97 -78.61
CA GLU F 346 0.95 -53.43 -77.26
C GLU F 346 2.15 -53.79 -76.38
N GLN F 347 2.67 -55.03 -76.49
CA GLN F 347 3.85 -55.38 -75.70
C GLN F 347 5.07 -54.53 -76.08
N ILE F 348 5.30 -54.37 -77.38
CA ILE F 348 6.46 -53.58 -77.84
C ILE F 348 6.33 -52.12 -77.41
N GLU F 349 5.13 -51.56 -77.56
CA GLU F 349 4.91 -50.19 -77.12
C GLU F 349 5.03 -50.03 -75.61
N GLY F 350 4.71 -51.08 -74.84
CA GLY F 350 4.96 -51.02 -73.40
C GLY F 350 6.42 -50.80 -73.08
N ARG F 351 7.29 -51.62 -73.72
CA ARG F 351 8.73 -51.45 -73.48
C ARG F 351 9.22 -50.08 -73.94
N LEU F 352 8.79 -49.64 -75.13
CA LEU F 352 9.27 -48.37 -75.67
C LEU F 352 8.78 -47.18 -74.85
N SER F 353 7.51 -47.20 -74.43
CA SER F 353 6.95 -46.09 -73.67
C SER F 353 7.58 -46.00 -72.28
N TYR F 354 7.89 -47.15 -71.66
CA TYR F 354 8.66 -47.11 -70.42
C TYR F 354 10.05 -46.54 -70.65
N ALA F 355 10.70 -46.93 -71.75
CA ALA F 355 12.08 -46.52 -71.98
C ALA F 355 12.19 -45.02 -72.26
N PHE F 356 11.25 -44.46 -73.01
CA PHE F 356 11.20 -43.03 -73.28
C PHE F 356 10.41 -42.24 -72.23
N MET F 357 10.03 -42.89 -71.12
CA MET F 357 9.39 -42.25 -69.95
C MET F 357 8.09 -41.54 -70.30
N LEU F 358 7.30 -42.17 -71.16
CA LEU F 358 5.94 -41.76 -71.51
C LEU F 358 4.91 -42.29 -70.53
N ASN F 359 5.32 -42.59 -69.30
CA ASN F 359 4.44 -43.12 -68.25
C ASN F 359 3.32 -42.16 -67.86
N GLU F 372 5.66 -48.89 -46.37
CA GLU F 372 6.80 -48.14 -46.89
C GLU F 372 6.36 -46.72 -47.28
N GLU F 373 7.05 -45.71 -46.75
CA GLU F 373 6.62 -44.33 -46.88
C GLU F 373 7.35 -43.55 -47.96
N ILE F 374 8.45 -44.09 -48.49
CA ILE F 374 9.22 -43.43 -49.55
C ILE F 374 8.59 -43.70 -50.90
N ARG F 375 8.51 -42.65 -51.73
CA ARG F 375 8.03 -42.75 -53.11
C ARG F 375 9.10 -43.32 -54.04
N TYR F 376 8.72 -44.34 -54.80
CA TYR F 376 9.69 -45.03 -55.64
C TYR F 376 9.78 -44.51 -57.07
N VAL F 377 8.98 -43.51 -57.46
CA VAL F 377 9.18 -42.90 -58.77
C VAL F 377 10.51 -42.16 -58.84
N ALA F 378 11.08 -41.79 -57.68
CA ALA F 378 12.39 -41.13 -57.64
C ALA F 378 13.51 -42.01 -58.16
N SER F 379 13.29 -43.33 -58.25
CA SER F 379 14.28 -44.22 -58.84
C SER F 379 14.59 -43.81 -60.28
N GLU F 380 13.57 -43.47 -61.04
CA GLU F 380 13.78 -42.99 -62.40
C GLU F 380 13.98 -41.47 -62.44
N LEU F 381 13.08 -40.73 -61.78
CA LEU F 381 13.05 -39.29 -61.90
C LEU F 381 14.23 -38.61 -61.22
N GLU F 382 14.88 -39.27 -60.26
CA GLU F 382 16.05 -38.71 -59.60
C GLU F 382 17.30 -39.54 -59.80
N ASP F 383 17.26 -40.86 -59.57
CA ASP F 383 18.50 -41.64 -59.61
C ASP F 383 18.93 -41.96 -61.04
N THR F 384 17.99 -42.40 -61.88
CA THR F 384 18.33 -42.68 -63.27
C THR F 384 18.78 -41.43 -64.00
N LEU F 385 17.97 -40.38 -63.94
CA LEU F 385 18.33 -39.15 -64.64
C LEU F 385 19.52 -38.45 -63.99
N GLY F 386 19.71 -38.61 -62.67
CA GLY F 386 20.75 -37.89 -61.97
C GLY F 386 22.15 -38.19 -62.48
N GLY F 387 22.36 -39.40 -62.97
CA GLY F 387 23.60 -39.75 -63.64
C GLY F 387 23.90 -38.91 -64.87
N VAL F 388 23.05 -39.00 -65.89
CA VAL F 388 23.28 -38.23 -67.12
C VAL F 388 23.22 -36.73 -66.84
N TYR F 389 22.41 -36.33 -65.86
CA TYR F 389 22.30 -34.94 -65.42
C TYR F 389 23.64 -34.44 -64.88
N SER F 390 24.27 -35.24 -64.01
CA SER F 390 25.58 -34.88 -63.45
C SER F 390 26.69 -34.93 -64.49
N ILE F 391 26.63 -35.91 -65.39
CA ILE F 391 27.67 -36.04 -66.42
C ILE F 391 27.59 -34.86 -67.39
N LEU F 392 26.38 -34.39 -67.69
CA LEU F 392 26.26 -33.17 -68.49
C LEU F 392 26.59 -31.93 -67.67
N SER F 393 26.46 -31.98 -66.34
CA SER F 393 27.02 -30.90 -65.53
C SER F 393 28.53 -30.82 -65.69
N GLN F 394 29.21 -31.97 -65.69
CA GLN F 394 30.65 -31.99 -65.91
C GLN F 394 31.03 -31.55 -67.32
N GLU F 395 30.49 -32.22 -68.32
CA GLU F 395 31.01 -32.03 -69.67
C GLU F 395 30.31 -30.92 -70.45
N LEU F 396 29.19 -30.37 -69.96
CA LEU F 396 28.51 -29.30 -70.68
C LEU F 396 28.37 -28.04 -69.84
N GLN F 397 27.89 -28.11 -68.58
CA GLN F 397 27.52 -26.91 -67.84
C GLN F 397 28.73 -26.14 -67.31
N LEU F 398 29.57 -26.79 -66.50
CA LEU F 398 30.82 -26.21 -66.00
C LEU F 398 31.74 -25.56 -67.04
N PRO F 399 32.07 -26.18 -68.20
CA PRO F 399 32.88 -25.43 -69.18
C PRO F 399 32.18 -24.19 -69.70
N MET F 400 30.85 -24.24 -69.85
CA MET F 400 30.11 -23.09 -70.37
C MET F 400 30.13 -21.92 -69.40
N VAL F 401 29.92 -22.19 -68.11
CA VAL F 401 29.92 -21.07 -67.15
C VAL F 401 31.34 -20.51 -66.99
N ARG F 402 32.37 -21.37 -67.08
CA ARG F 402 33.75 -20.87 -67.04
C ARG F 402 34.05 -19.93 -68.20
N VAL F 403 33.69 -20.34 -69.42
CA VAL F 403 33.91 -19.49 -70.59
C VAL F 403 33.12 -18.19 -70.48
N LEU F 404 31.88 -18.29 -69.99
CA LEU F 404 31.04 -17.10 -69.87
C LEU F 404 31.60 -16.09 -68.89
N LEU F 405 32.07 -16.56 -67.72
CA LEU F 405 32.70 -15.66 -66.76
C LEU F 405 33.92 -14.96 -67.34
N LYS F 406 34.81 -15.72 -67.99
CA LYS F 406 36.01 -15.11 -68.56
C LYS F 406 35.66 -14.12 -69.66
N GLN F 407 34.64 -14.43 -70.44
CA GLN F 407 34.25 -13.54 -71.52
C GLN F 407 33.63 -12.25 -71.00
N LEU F 408 32.78 -12.36 -69.98
CA LEU F 408 32.14 -11.18 -69.42
C LEU F 408 33.16 -10.27 -68.75
N GLN F 409 34.19 -10.88 -68.15
CA GLN F 409 35.27 -10.08 -67.56
C GLN F 409 36.11 -9.42 -68.64
N ALA F 410 36.48 -10.15 -69.70
CA ALA F 410 37.28 -9.58 -70.78
C ALA F 410 36.55 -8.50 -71.54
N THR F 411 35.22 -8.49 -71.52
CA THR F 411 34.43 -7.45 -72.16
C THR F 411 33.93 -6.41 -71.16
N ASN F 412 34.49 -6.38 -69.95
CA ASN F 412 34.22 -5.40 -68.89
C ASN F 412 32.77 -5.37 -68.46
N GLN F 413 32.06 -6.49 -68.56
CA GLN F 413 30.67 -6.49 -68.14
C GLN F 413 30.57 -6.78 -66.62
N ILE F 414 31.45 -7.64 -66.08
CA ILE F 414 31.43 -8.02 -64.66
C ILE F 414 32.78 -7.77 -64.02
N PRO F 415 32.78 -7.51 -62.70
CA PRO F 415 34.02 -7.11 -62.01
C PRO F 415 35.03 -8.24 -61.88
N GLU F 416 36.29 -7.84 -61.69
CA GLU F 416 37.44 -8.71 -61.55
C GLU F 416 37.62 -9.18 -60.11
N LEU F 417 36.59 -9.86 -59.57
CA LEU F 417 36.56 -10.30 -58.18
C LEU F 417 37.65 -11.35 -57.91
N PRO F 418 38.09 -11.49 -56.64
CA PRO F 418 39.34 -12.23 -56.33
C PRO F 418 39.35 -13.70 -56.76
N LYS F 419 40.35 -14.03 -57.60
CA LYS F 419 40.42 -15.31 -58.28
C LYS F 419 40.64 -16.46 -57.32
N GLU F 420 41.26 -16.20 -56.17
CA GLU F 420 41.48 -17.26 -55.19
C GLU F 420 40.25 -17.53 -54.34
N ALA F 421 39.31 -16.58 -54.28
CA ALA F 421 38.15 -16.67 -53.39
C ALA F 421 36.90 -17.18 -54.11
N VAL F 422 36.61 -16.65 -55.29
CA VAL F 422 35.32 -16.83 -55.95
C VAL F 422 35.42 -17.94 -56.99
N GLU F 423 34.54 -18.95 -56.89
CA GLU F 423 34.58 -20.17 -57.73
C GLU F 423 33.19 -20.71 -58.08
N PRO F 424 33.00 -21.16 -59.32
CA PRO F 424 31.66 -21.63 -59.77
C PRO F 424 31.33 -23.05 -59.31
N THR F 425 30.01 -23.36 -59.31
CA THR F 425 29.46 -24.66 -58.92
C THR F 425 28.04 -24.79 -59.47
N ILE F 426 27.60 -26.03 -59.84
CA ILE F 426 26.20 -26.36 -60.16
C ILE F 426 25.52 -27.14 -59.02
N SER F 427 24.31 -26.67 -58.69
CA SER F 427 23.41 -27.21 -57.68
C SER F 427 22.29 -28.04 -58.33
N THR F 428 22.66 -29.19 -58.88
CA THR F 428 21.64 -30.14 -59.33
C THR F 428 20.79 -30.63 -58.16
N GLY F 429 19.51 -30.85 -58.43
CA GLY F 429 18.60 -31.30 -57.39
C GLY F 429 17.17 -30.88 -57.69
N MET F 430 16.49 -30.35 -56.67
CA MET F 430 15.07 -30.06 -56.71
C MET F 430 14.79 -28.65 -56.21
N GLU F 431 13.80 -28.00 -56.83
CA GLU F 431 13.42 -26.61 -56.55
C GLU F 431 12.36 -26.53 -55.44
N ALA F 432 12.27 -25.35 -54.82
CA ALA F 432 11.26 -25.05 -53.82
C ALA F 432 9.84 -25.22 -54.37
N LEU F 433 8.91 -25.48 -53.45
CA LEU F 433 7.59 -25.99 -53.80
C LEU F 433 6.42 -25.17 -53.29
N GLY F 434 6.59 -24.36 -52.24
CA GLY F 434 5.45 -23.59 -51.73
C GLY F 434 4.96 -22.55 -52.70
N ARG F 435 5.88 -21.87 -53.38
CA ARG F 435 5.53 -20.96 -54.46
C ARG F 435 4.89 -21.72 -55.64
N GLY F 436 5.39 -22.93 -55.90
CA GLY F 436 5.05 -23.62 -57.13
C GLY F 436 3.59 -23.99 -57.23
N GLN F 437 3.04 -24.54 -56.15
CA GLN F 437 1.62 -24.88 -56.14
C GLN F 437 0.76 -23.62 -56.19
N ASP F 438 1.13 -22.59 -55.41
CA ASP F 438 0.42 -21.31 -55.37
C ASP F 438 0.34 -20.66 -56.75
N LEU F 439 1.37 -20.82 -57.59
CA LEU F 439 1.34 -20.22 -58.93
C LEU F 439 0.82 -21.19 -59.98
N ASP F 440 1.51 -22.32 -60.17
CA ASP F 440 1.19 -23.20 -61.28
C ASP F 440 -0.06 -24.05 -61.00
N LYS F 441 -0.20 -24.60 -59.79
CA LYS F 441 -1.35 -25.46 -59.57
C LYS F 441 -2.62 -24.62 -59.43
N LEU F 442 -2.51 -23.45 -58.81
CA LEU F 442 -3.68 -22.65 -58.49
C LEU F 442 -3.99 -21.49 -59.43
N GLU F 443 -3.14 -20.46 -59.47
CA GLU F 443 -3.56 -19.23 -60.15
C GLU F 443 -3.46 -19.32 -61.67
N ARG F 444 -2.47 -20.04 -62.20
CA ARG F 444 -2.45 -20.29 -63.63
C ARG F 444 -3.67 -21.09 -64.08
N CYS F 445 -4.10 -22.04 -63.24
CA CYS F 445 -5.33 -22.79 -63.51
C CYS F 445 -6.57 -21.89 -63.46
N ILE F 446 -6.64 -20.99 -62.48
CA ILE F 446 -7.78 -20.07 -62.43
C ILE F 446 -7.80 -19.15 -63.65
N ALA F 447 -6.62 -18.68 -64.07
CA ALA F 447 -6.55 -17.86 -65.27
C ALA F 447 -7.07 -18.61 -66.49
N ALA F 448 -6.61 -19.86 -66.69
CA ALA F 448 -7.05 -20.64 -67.83
C ALA F 448 -8.55 -20.93 -67.77
N TRP F 449 -9.03 -21.31 -66.58
CA TRP F 449 -10.43 -21.68 -66.40
C TRP F 449 -11.36 -20.48 -66.62
N SER F 450 -10.97 -19.32 -66.09
CA SER F 450 -11.79 -18.14 -66.26
C SER F 450 -11.73 -17.60 -67.69
N ALA F 451 -10.59 -17.77 -68.37
CA ALA F 451 -10.54 -17.36 -69.77
C ALA F 451 -11.39 -18.27 -70.65
N LEU F 452 -11.48 -19.55 -70.31
CA LEU F 452 -12.13 -20.53 -71.16
C LEU F 452 -13.66 -20.56 -70.99
N ALA F 453 -14.21 -19.78 -70.05
CA ALA F 453 -15.62 -19.82 -69.71
C ALA F 453 -16.49 -19.37 -70.88
N PRO F 454 -17.77 -19.78 -70.93
CA PRO F 454 -18.61 -19.51 -72.11
C PRO F 454 -18.90 -18.03 -72.33
N MET F 455 -19.31 -17.73 -73.57
CA MET F 455 -19.59 -16.38 -74.04
C MET F 455 -20.83 -15.76 -73.39
N LYS G 6 43.90 86.92 -46.89
CA LYS G 6 42.90 86.98 -47.96
C LYS G 6 42.35 85.57 -48.24
N ARG G 7 41.07 85.51 -48.59
CA ARG G 7 40.36 84.26 -48.81
C ARG G 7 40.77 83.61 -50.13
N GLU G 8 40.29 82.38 -50.30
CA GLU G 8 40.65 81.54 -51.44
C GLU G 8 39.41 80.75 -51.85
N GLY G 9 39.37 80.34 -53.12
CA GLY G 9 38.28 79.49 -53.60
C GLY G 9 36.98 80.25 -53.72
N PHE G 10 35.90 79.63 -53.21
CA PHE G 10 34.56 80.23 -53.27
C PHE G 10 34.50 81.61 -52.62
N ALA G 11 35.31 81.85 -51.60
CA ALA G 11 35.22 83.08 -50.81
C ALA G 11 36.08 84.21 -51.37
N GLU G 12 36.69 84.03 -52.54
CA GLU G 12 37.68 84.98 -53.06
C GLU G 12 37.10 86.38 -53.26
N ASN G 13 35.88 86.47 -53.76
CA ASN G 13 35.28 87.76 -54.09
C ASN G 13 34.46 88.37 -52.97
N GLY G 14 34.23 87.67 -51.87
CA GLY G 14 33.48 88.25 -50.76
C GLY G 14 32.03 87.84 -50.74
N ALA G 15 31.43 87.90 -49.54
CA ALA G 15 30.10 87.33 -49.32
C ALA G 15 29.01 88.11 -50.06
N LYS G 16 29.15 89.44 -50.10
CA LYS G 16 28.15 90.25 -50.79
C LYS G 16 28.18 89.99 -52.28
N ALA G 17 29.38 89.79 -52.83
CA ALA G 17 29.50 89.52 -54.26
C ALA G 17 28.87 88.20 -54.64
N VAL G 18 29.08 87.14 -53.85
CA VAL G 18 28.41 85.88 -54.17
C VAL G 18 26.90 85.98 -53.97
N TYR G 19 26.44 86.74 -52.97
CA TYR G 19 25.00 86.94 -52.82
C TYR G 19 24.40 87.61 -54.05
N ASP G 20 24.98 88.73 -54.49
CA ASP G 20 24.48 89.41 -55.68
C ASP G 20 24.61 88.54 -56.93
N ALA G 21 25.63 87.68 -56.99
CA ALA G 21 25.79 86.83 -58.16
C ALA G 21 24.72 85.75 -58.23
N LEU G 22 24.40 85.12 -57.10
CA LEU G 22 23.46 84.01 -57.12
C LEU G 22 22.00 84.46 -57.12
N LYS G 23 21.72 85.69 -56.64
CA LYS G 23 20.36 86.18 -56.43
C LYS G 23 19.52 86.17 -57.71
N ASN G 24 20.19 86.28 -58.86
CA ASN G 24 19.52 86.29 -60.17
C ASN G 24 18.66 85.05 -60.39
N ASP G 25 19.16 83.89 -59.96
CA ASP G 25 18.51 82.61 -60.20
C ASP G 25 17.30 82.37 -59.30
N ARG G 26 17.16 83.14 -58.22
CA ARG G 26 16.15 82.87 -57.20
C ARG G 26 14.78 83.45 -57.55
N ASN G 27 14.72 84.32 -58.57
CA ASN G 27 13.54 85.15 -58.80
C ASN G 27 12.30 84.35 -59.17
N SER G 28 12.46 83.29 -59.98
CA SER G 28 11.31 82.50 -60.41
C SER G 28 10.69 81.76 -59.22
N TYR G 29 11.54 81.17 -58.37
CA TYR G 29 11.06 80.49 -57.17
C TYR G 29 10.35 81.45 -56.21
N GLU G 30 10.90 82.66 -56.05
CA GLU G 30 10.23 83.67 -55.23
C GLU G 30 8.88 84.06 -55.81
N THR G 31 8.81 84.23 -57.14
CA THR G 31 7.56 84.61 -57.79
C THR G 31 6.50 83.54 -57.58
N ARG G 32 6.88 82.27 -57.72
CA ARG G 32 5.99 81.15 -57.44
C ARG G 32 5.48 81.19 -56.00
N ALA G 33 6.39 81.44 -55.05
CA ALA G 33 5.99 81.48 -53.64
C ALA G 33 5.02 82.62 -53.36
N GLU G 34 5.26 83.79 -53.98
CA GLU G 34 4.36 84.93 -53.83
C GLU G 34 2.97 84.61 -54.34
N ASN G 35 2.89 83.98 -55.52
CA ASN G 35 1.59 83.62 -56.07
C ASN G 35 0.86 82.60 -55.20
N CYS G 36 1.60 81.63 -54.64
CA CYS G 36 0.96 80.67 -53.74
C CYS G 36 0.45 81.33 -52.47
N ALA G 37 1.22 82.29 -51.92
CA ALA G 37 0.81 82.95 -50.69
C ALA G 37 -0.43 83.81 -50.90
N LYS G 38 -0.54 84.46 -52.06
CA LYS G 38 -1.62 85.41 -52.31
C LYS G 38 -3.01 84.76 -52.21
N TYR G 39 -3.11 83.51 -52.59
CA TYR G 39 -4.39 82.81 -52.51
C TYR G 39 -4.49 81.89 -51.31
N THR G 40 -3.51 81.87 -50.42
CA THR G 40 -3.71 81.15 -49.17
C THR G 40 -3.66 81.99 -47.90
N ILE G 41 -2.49 82.49 -47.53
CA ILE G 41 -2.27 83.33 -46.34
C ILE G 41 -1.15 84.29 -46.70
N PRO G 42 -1.47 85.52 -47.12
CA PRO G 42 -0.46 86.40 -47.76
C PRO G 42 0.70 86.76 -46.86
N SER G 43 0.51 86.76 -45.55
CA SER G 43 1.57 87.11 -44.60
C SER G 43 2.65 86.04 -44.49
N LEU G 44 2.44 84.87 -45.09
CA LEU G 44 3.50 83.86 -45.12
C LEU G 44 4.63 84.24 -46.07
N PHE G 45 4.33 85.00 -47.12
CA PHE G 45 5.34 85.43 -48.08
C PHE G 45 4.94 86.73 -48.76
N PRO G 46 4.84 87.86 -48.04
CA PRO G 46 4.43 89.10 -48.70
C PRO G 46 5.56 89.75 -49.47
N LYS G 47 5.25 90.26 -50.68
CA LYS G 47 6.29 90.91 -51.46
C LYS G 47 5.87 92.17 -52.23
N ASP G 48 4.56 92.37 -52.52
CA ASP G 48 4.11 93.53 -53.31
C ASP G 48 4.50 94.85 -52.65
N SER G 49 5.10 95.74 -53.44
CA SER G 49 5.84 96.88 -52.88
C SER G 49 4.96 98.03 -52.41
N ASP G 50 3.79 98.21 -53.01
CA ASP G 50 3.02 99.45 -52.86
C ASP G 50 2.06 99.46 -51.66
N ASN G 51 2.49 98.83 -50.55
CA ASN G 51 1.76 98.76 -49.29
C ASN G 51 1.34 100.12 -48.72
N ALA G 52 1.89 101.23 -49.23
CA ALA G 52 1.32 102.55 -48.94
C ALA G 52 -0.08 102.71 -49.50
N SER G 53 -0.50 101.81 -50.40
CA SER G 53 -1.82 101.83 -51.01
C SER G 53 -2.55 100.49 -50.88
N THR G 54 -1.83 99.38 -50.94
CA THR G 54 -2.40 98.04 -50.95
C THR G 54 -2.30 97.34 -49.60
N ASP G 55 -3.20 96.38 -49.39
CA ASP G 55 -3.16 95.56 -48.18
C ASP G 55 -2.52 94.20 -48.46
N TYR G 56 -2.31 93.44 -47.38
CA TYR G 56 -2.09 92.00 -47.46
C TYR G 56 -3.44 91.37 -47.78
N THR G 57 -3.81 91.42 -49.07
CA THR G 57 -5.19 91.36 -49.54
C THR G 57 -5.94 90.09 -49.19
N THR G 58 -7.00 90.25 -48.40
CA THR G 58 -7.78 89.14 -47.86
C THR G 58 -8.69 88.53 -48.92
N PRO G 59 -8.59 87.24 -49.21
CA PRO G 59 -9.48 86.61 -50.19
C PRO G 59 -10.88 86.41 -49.63
N TRP G 60 -11.84 86.23 -50.54
CA TRP G 60 -13.17 85.81 -50.11
C TRP G 60 -13.19 84.33 -49.71
N GLN G 61 -12.53 83.49 -50.49
CA GLN G 61 -12.48 82.05 -50.18
C GLN G 61 -11.58 81.75 -48.99
N ALA G 62 -12.08 80.91 -48.08
CA ALA G 62 -11.35 80.49 -46.90
C ALA G 62 -10.60 79.17 -47.07
N VAL G 63 -10.81 78.50 -48.22
CA VAL G 63 -10.36 77.11 -48.38
C VAL G 63 -8.84 77.01 -48.35
N GLY G 64 -8.13 77.97 -48.96
CA GLY G 64 -6.68 77.88 -49.04
C GLY G 64 -6.01 77.92 -47.68
N ALA G 65 -6.41 78.88 -46.85
CA ALA G 65 -5.83 79.03 -45.51
C ALA G 65 -6.08 77.79 -44.65
N ARG G 66 -7.33 77.32 -44.67
CA ARG G 66 -7.74 76.18 -43.86
C ARG G 66 -7.01 74.90 -44.30
N GLY G 67 -6.92 74.68 -45.61
CA GLY G 67 -6.23 73.50 -46.12
C GLY G 67 -4.75 73.49 -45.79
N LEU G 68 -4.09 74.65 -45.90
CA LEU G 68 -2.67 74.73 -45.55
C LEU G 68 -2.46 74.38 -44.08
N ASN G 69 -3.27 74.95 -43.18
CA ASN G 69 -3.09 74.65 -41.75
C ASN G 69 -3.31 73.17 -41.45
N ASN G 70 -4.33 72.56 -42.08
CA ASN G 70 -4.63 71.14 -41.85
C ASN G 70 -3.48 70.24 -42.30
N LEU G 71 -2.91 70.52 -43.49
CA LEU G 71 -1.82 69.70 -44.02
C LEU G 71 -0.59 69.79 -43.13
N ALA G 72 -0.26 71.01 -42.66
CA ALA G 72 0.90 71.15 -41.79
C ALA G 72 0.69 70.39 -40.48
N SER G 73 -0.55 70.39 -39.98
CA SER G 73 -0.84 69.67 -38.74
C SER G 73 -0.68 68.17 -38.91
N LYS G 74 -1.01 67.62 -40.09
CA LYS G 74 -0.84 66.17 -40.23
C LYS G 74 0.62 65.78 -40.46
N LEU G 75 1.37 66.61 -41.20
CA LEU G 75 2.81 66.37 -41.38
C LEU G 75 3.53 66.43 -40.04
N MET G 76 3.07 67.30 -39.14
CA MET G 76 3.67 67.42 -37.83
C MET G 76 3.06 66.37 -36.88
N LEU G 77 2.55 65.29 -37.45
CA LEU G 77 2.21 64.15 -36.61
C LEU G 77 2.83 62.88 -37.18
N ALA G 78 3.04 62.82 -38.50
CA ALA G 78 3.92 61.77 -39.02
C ALA G 78 5.35 62.02 -38.54
N LEU G 79 5.85 63.20 -38.83
CA LEU G 79 7.10 63.68 -38.28
C LEU G 79 6.89 64.15 -36.84
N PHE G 80 7.97 64.01 -36.05
CA PHE G 80 8.08 64.49 -34.69
C PHE G 80 6.87 64.26 -33.76
N PRO G 81 6.50 62.99 -33.50
CA PRO G 81 5.41 62.72 -32.56
C PRO G 81 5.88 62.79 -31.12
N MET G 82 4.96 62.56 -30.18
CA MET G 82 5.35 62.61 -28.77
C MET G 82 6.09 61.35 -28.33
N GLN G 83 5.93 60.26 -29.10
CA GLN G 83 6.49 58.92 -28.92
C GLN G 83 7.91 58.88 -29.52
N THR G 84 8.61 57.77 -29.33
CA THR G 84 10.01 57.66 -29.74
C THR G 84 10.12 57.50 -31.24
N TRP G 85 10.69 58.52 -31.91
CA TRP G 85 10.92 58.47 -33.36
C TRP G 85 12.37 58.28 -33.82
N MET G 86 13.35 58.23 -32.92
CA MET G 86 14.72 57.90 -33.32
C MET G 86 15.23 56.63 -32.64
N LYS G 87 16.24 56.01 -33.26
CA LYS G 87 16.91 54.85 -32.71
C LYS G 87 18.42 55.05 -32.73
N LEU G 88 19.06 54.95 -31.56
CA LEU G 88 20.52 54.83 -31.56
C LEU G 88 20.86 53.36 -31.68
N THR G 89 21.17 52.96 -32.91
CA THR G 89 21.54 51.58 -33.20
C THR G 89 22.91 51.24 -32.65
N ILE G 90 23.07 49.97 -32.31
CA ILE G 90 24.37 49.39 -32.03
C ILE G 90 24.75 48.50 -33.21
N SER G 91 25.94 48.72 -33.74
CA SER G 91 26.48 47.90 -34.80
C SER G 91 26.61 46.45 -34.34
N GLU G 92 26.10 45.54 -35.17
CA GLU G 92 25.99 44.13 -34.82
C GLU G 92 27.37 43.53 -34.54
N PHE G 93 28.37 43.94 -35.31
CA PHE G 93 29.75 43.52 -35.08
C PHE G 93 30.24 43.92 -33.68
N GLU G 94 29.85 45.10 -33.22
CA GLU G 94 30.24 45.54 -31.88
C GLU G 94 29.39 44.89 -30.80
N ALA G 95 28.11 44.62 -31.09
CA ALA G 95 27.27 43.90 -30.14
C ALA G 95 27.84 42.51 -29.86
N LYS G 96 28.39 41.87 -30.89
CA LYS G 96 29.02 40.57 -30.72
C LYS G 96 30.26 40.62 -29.83
N GLN G 97 30.82 41.81 -29.59
CA GLN G 97 31.92 42.00 -28.65
C GLN G 97 31.44 42.40 -27.27
N LEU G 98 30.45 43.30 -27.21
CA LEU G 98 29.99 43.86 -25.95
C LEU G 98 29.17 42.89 -25.12
N VAL G 99 28.74 41.77 -25.71
CA VAL G 99 27.96 40.74 -25.02
C VAL G 99 28.75 40.03 -23.92
N ALA G 100 30.03 40.37 -23.74
CA ALA G 100 30.91 39.66 -22.80
C ALA G 100 30.40 39.70 -21.35
N GLN G 101 29.59 40.71 -20.99
CA GLN G 101 28.89 40.72 -19.70
C GLN G 101 27.47 41.23 -19.88
N PRO G 102 26.47 40.54 -19.32
CA PRO G 102 25.10 41.09 -19.31
C PRO G 102 25.00 42.39 -18.54
N ALA G 103 25.82 42.56 -17.49
CA ALA G 103 25.83 43.81 -16.74
C ALA G 103 26.31 44.97 -17.61
N GLU G 104 27.31 44.72 -18.46
CA GLU G 104 27.77 45.77 -19.36
C GLU G 104 26.73 46.08 -20.42
N LEU G 105 26.00 45.08 -20.94
CA LEU G 105 24.92 45.38 -21.87
C LEU G 105 23.82 46.21 -21.22
N ALA G 106 23.50 45.90 -19.95
CA ALA G 106 22.53 46.71 -19.22
C ALA G 106 23.02 48.15 -19.06
N LYS G 107 24.28 48.32 -18.66
CA LYS G 107 24.82 49.66 -18.47
C LYS G 107 24.90 50.42 -19.79
N VAL G 108 25.28 49.73 -20.87
CA VAL G 108 25.44 50.40 -22.17
C VAL G 108 24.09 50.81 -22.74
N GLU G 109 23.09 49.90 -22.67
CA GLU G 109 21.76 50.24 -23.18
C GLU G 109 21.02 51.22 -22.28
N GLU G 110 21.29 51.23 -20.98
CA GLU G 110 20.78 52.31 -20.13
C GLU G 110 21.45 53.63 -20.49
N GLY G 111 22.72 53.59 -20.88
CA GLY G 111 23.38 54.80 -21.37
C GLY G 111 22.74 55.33 -22.64
N LEU G 112 22.48 54.43 -23.60
CA LEU G 112 21.78 54.84 -24.81
C LEU G 112 20.36 55.30 -24.50
N SER G 113 19.71 54.70 -23.50
CA SER G 113 18.39 55.15 -23.10
C SER G 113 18.42 56.56 -22.54
N MET G 114 19.43 56.87 -21.73
CA MET G 114 19.55 58.23 -21.24
C MET G 114 19.90 59.20 -22.36
N VAL G 115 20.63 58.76 -23.40
CA VAL G 115 20.92 59.66 -24.51
C VAL G 115 19.66 59.88 -25.38
N GLU G 116 18.87 58.82 -25.59
CA GLU G 116 17.62 58.98 -26.34
C GLU G 116 16.64 59.90 -25.58
N ARG G 117 16.57 59.71 -24.26
CA ARG G 117 15.75 60.59 -23.45
C ARG G 117 16.30 62.01 -23.40
N ILE G 118 17.62 62.17 -23.47
CA ILE G 118 18.19 63.52 -23.55
C ILE G 118 17.86 64.17 -24.89
N LEU G 119 17.81 63.39 -25.98
CA LEU G 119 17.42 63.95 -27.27
C LEU G 119 15.96 64.40 -27.27
N MET G 120 15.06 63.53 -26.83
CA MET G 120 13.67 63.97 -26.71
C MET G 120 13.46 65.04 -25.65
N ASN G 121 14.27 65.04 -24.60
CA ASN G 121 14.28 66.13 -23.64
C ASN G 121 14.65 67.43 -24.33
N TYR G 122 15.68 67.40 -25.15
CA TYR G 122 16.13 68.62 -25.80
C TYR G 122 15.09 69.12 -26.79
N ILE G 123 14.42 68.19 -27.47
CA ILE G 123 13.36 68.55 -28.42
C ILE G 123 12.21 69.25 -27.70
N GLU G 124 11.74 68.68 -26.59
CA GLU G 124 10.59 69.27 -25.91
C GLU G 124 10.96 70.49 -25.05
N SER G 125 12.06 70.40 -24.29
CA SER G 125 12.46 71.45 -23.38
C SER G 125 12.85 72.73 -24.10
N ASN G 126 13.36 72.60 -25.33
CA ASN G 126 13.69 73.77 -26.15
C ASN G 126 12.63 74.07 -27.20
N SER G 127 11.46 73.43 -27.09
CA SER G 127 10.24 73.77 -27.83
C SER G 127 10.44 73.73 -29.35
N TYR G 128 11.26 72.77 -29.81
CA TYR G 128 11.50 72.61 -31.25
C TYR G 128 10.22 72.36 -32.02
N ARG G 129 9.21 71.77 -31.36
CA ARG G 129 7.92 71.48 -31.96
C ARG G 129 7.32 72.72 -32.65
N VAL G 130 7.54 73.89 -32.06
CA VAL G 130 7.00 75.15 -32.55
C VAL G 130 7.62 75.54 -33.89
N THR G 131 8.95 75.70 -33.91
CA THR G 131 9.63 76.16 -35.13
C THR G 131 9.52 75.14 -36.23
N LEU G 132 9.46 73.86 -35.89
CA LEU G 132 9.25 72.83 -36.90
C LEU G 132 7.87 72.93 -37.55
N PHE G 133 6.84 73.28 -36.77
CA PHE G 133 5.51 73.50 -37.36
C PHE G 133 5.54 74.70 -38.32
N GLU G 134 6.20 75.79 -37.92
CA GLU G 134 6.32 76.96 -38.80
C GLU G 134 7.10 76.63 -40.07
N THR G 135 8.15 75.80 -39.94
CA THR G 135 8.96 75.40 -41.09
C THR G 135 8.12 74.60 -42.08
N LEU G 136 7.26 73.71 -41.58
CA LEU G 136 6.42 72.93 -42.47
C LEU G 136 5.45 73.82 -43.24
N LYS G 137 4.95 74.89 -42.61
CA LYS G 137 4.13 75.85 -43.35
C LYS G 137 4.91 76.50 -44.50
N GLN G 138 6.16 76.91 -44.22
CA GLN G 138 7.00 77.47 -45.29
C GLN G 138 7.28 76.47 -46.40
N LEU G 139 7.49 75.20 -46.06
CA LEU G 139 7.76 74.18 -47.08
C LEU G 139 6.54 73.95 -47.96
N VAL G 140 5.34 73.96 -47.38
CA VAL G 140 4.14 73.77 -48.20
C VAL G 140 3.94 74.93 -49.16
N VAL G 141 4.13 76.16 -48.69
CA VAL G 141 3.80 77.27 -49.58
C VAL G 141 4.94 77.69 -50.51
N ALA G 142 6.21 77.45 -50.17
CA ALA G 142 7.31 77.95 -50.96
C ALA G 142 8.31 76.89 -51.40
N GLY G 143 8.19 75.66 -50.91
CA GLY G 143 9.05 74.57 -51.30
C GLY G 143 10.44 74.59 -50.70
N ASN G 144 10.84 75.65 -50.00
CA ASN G 144 12.22 75.88 -49.62
C ASN G 144 12.29 76.53 -48.24
N ALA G 145 13.27 76.13 -47.42
CA ALA G 145 13.50 76.74 -46.12
C ALA G 145 14.93 76.47 -45.66
N LEU G 146 15.39 77.26 -44.69
CA LEU G 146 16.73 77.11 -44.11
C LEU G 146 16.66 77.27 -42.59
N LEU G 147 17.34 76.38 -41.87
CA LEU G 147 17.38 76.36 -40.41
C LEU G 147 18.81 76.45 -39.89
N TYR G 148 18.94 76.99 -38.68
CA TYR G 148 20.21 77.12 -37.96
C TYR G 148 20.04 76.70 -36.52
N ILE G 149 20.99 75.91 -36.02
CA ILE G 149 21.00 75.38 -34.66
C ILE G 149 22.14 76.04 -33.89
N PRO G 150 21.85 76.77 -32.82
CA PRO G 150 22.90 77.50 -32.12
C PRO G 150 23.70 76.60 -31.17
N GLU G 151 24.91 77.05 -30.92
CA GLU G 151 25.66 76.57 -29.78
C GLU G 151 24.95 76.95 -28.47
N PRO G 152 24.89 76.03 -27.49
CA PRO G 152 24.05 76.27 -26.31
C PRO G 152 24.55 77.39 -25.41
N GLU G 153 23.61 78.22 -24.96
CA GLU G 153 23.80 79.23 -23.95
C GLU G 153 22.53 79.29 -23.11
N GLY G 154 22.69 79.67 -21.85
CA GLY G 154 21.57 79.85 -20.94
C GLY G 154 20.82 78.56 -20.66
N ALA G 155 19.52 78.71 -20.40
CA ALA G 155 18.68 77.56 -20.07
C ALA G 155 17.94 76.97 -21.26
N TYR G 156 17.84 77.70 -22.38
CA TYR G 156 16.79 77.47 -23.36
C TYR G 156 17.26 77.91 -24.74
N ASN G 157 17.27 77.01 -25.72
CA ASN G 157 17.94 77.26 -27.00
C ASN G 157 17.12 76.82 -28.21
N PRO G 158 16.06 77.56 -28.56
CA PRO G 158 15.32 77.26 -29.79
C PRO G 158 16.05 77.73 -31.04
N MET G 159 15.62 77.19 -32.18
CA MET G 159 16.31 77.38 -33.45
C MET G 159 15.92 78.71 -34.11
N LYS G 160 16.59 78.99 -35.22
CA LYS G 160 16.30 80.14 -36.08
C LYS G 160 15.96 79.68 -37.49
N LEU G 161 14.88 80.24 -38.05
CA LEU G 161 14.33 79.87 -39.36
C LEU G 161 14.43 81.06 -40.33
N TYR G 162 14.90 80.77 -41.55
CA TYR G 162 15.05 81.76 -42.63
C TYR G 162 14.10 81.47 -43.78
N ARG G 163 13.46 82.53 -44.30
CA ARG G 163 12.67 82.47 -45.52
C ARG G 163 13.58 82.57 -46.75
N LEU G 164 13.04 82.16 -47.90
CA LEU G 164 13.82 82.03 -49.13
C LEU G 164 14.43 83.35 -49.58
N SER G 165 13.74 84.46 -49.30
CA SER G 165 14.22 85.77 -49.72
C SER G 165 15.45 86.24 -48.95
N SER G 166 15.84 85.55 -47.88
CA SER G 166 16.97 85.98 -47.07
C SER G 166 18.28 85.24 -47.35
N TYR G 167 18.28 84.26 -48.24
CA TYR G 167 19.48 83.44 -48.43
C TYR G 167 19.59 82.94 -49.86
N VAL G 168 20.80 82.48 -50.22
CA VAL G 168 21.09 81.80 -51.48
C VAL G 168 21.92 80.56 -51.18
N VAL G 169 21.81 79.56 -52.06
CA VAL G 169 22.52 78.29 -51.92
C VAL G 169 22.85 77.77 -53.32
N GLN G 170 23.99 77.07 -53.43
CA GLN G 170 24.48 76.55 -54.71
C GLN G 170 24.81 75.07 -54.59
N ARG G 171 24.41 74.30 -55.61
CA ARG G 171 24.48 72.84 -55.59
C ARG G 171 25.17 72.29 -56.84
N ASP G 172 25.80 71.14 -56.69
CA ASP G 172 26.47 70.47 -57.80
C ASP G 172 25.48 69.57 -58.57
N ALA G 173 26.01 68.75 -59.47
CA ALA G 173 25.19 67.84 -60.28
C ALA G 173 24.56 66.72 -59.47
N PHE G 174 24.95 66.58 -58.21
CA PHE G 174 24.48 65.51 -57.34
C PHE G 174 23.74 66.04 -56.13
N GLY G 175 23.33 67.32 -56.14
CA GLY G 175 22.58 67.91 -55.05
C GLY G 175 23.39 68.33 -53.85
N THR G 176 24.71 68.20 -53.91
CA THR G 176 25.57 68.52 -52.78
C THR G 176 25.69 70.02 -52.60
N VAL G 177 25.57 70.48 -51.36
CA VAL G 177 25.71 71.91 -51.08
C VAL G 177 27.17 72.31 -51.18
N LEU G 178 27.46 73.22 -52.11
CA LEU G 178 28.77 73.82 -52.27
C LEU G 178 28.96 75.05 -51.38
N GLN G 179 27.97 75.95 -51.35
CA GLN G 179 28.06 77.15 -50.52
C GLN G 179 26.69 77.74 -50.24
N ILE G 180 26.63 78.52 -49.16
CA ILE G 180 25.43 79.23 -48.69
C ILE G 180 25.84 80.65 -48.32
N VAL G 181 24.99 81.64 -48.65
CA VAL G 181 25.13 83.00 -48.12
C VAL G 181 23.79 83.47 -47.55
N THR G 182 23.82 84.07 -46.36
CA THR G 182 22.64 84.72 -45.79
C THR G 182 22.85 86.23 -45.73
N LEU G 183 21.76 86.97 -45.92
CA LEU G 183 21.73 88.42 -45.73
C LEU G 183 20.88 88.75 -44.50
N ASP G 184 21.48 89.43 -43.53
CA ASP G 184 20.92 89.69 -42.21
C ASP G 184 20.98 91.20 -41.97
N LYS G 185 19.98 91.76 -41.27
CA LYS G 185 19.90 93.22 -41.09
C LYS G 185 19.49 93.60 -39.66
N THR G 186 20.09 94.68 -39.15
CA THR G 186 19.84 95.19 -37.80
C THR G 186 20.36 96.63 -37.72
N ALA G 187 19.72 97.45 -36.88
CA ALA G 187 20.12 98.84 -36.66
C ALA G 187 21.49 98.96 -35.99
N TYR G 188 22.23 99.98 -36.43
CA TYR G 188 23.61 100.25 -35.98
C TYR G 188 23.75 100.34 -34.47
N ALA G 189 22.86 101.09 -33.82
CA ALA G 189 22.96 101.26 -32.39
C ALA G 189 22.60 100.01 -31.60
N ALA G 190 21.94 99.04 -32.24
CA ALA G 190 21.53 97.83 -31.53
C ALA G 190 22.61 96.75 -31.50
N LEU G 191 23.68 96.93 -32.27
CA LEU G 191 24.72 95.91 -32.45
C LEU G 191 25.60 95.81 -31.20
N PRO G 192 26.36 94.70 -31.05
CA PRO G 192 27.30 94.60 -29.92
C PRO G 192 28.37 95.69 -29.96
N GLU G 193 28.90 96.01 -28.78
CA GLU G 193 29.74 97.19 -28.60
C GLU G 193 31.00 97.12 -29.45
N ASP G 194 31.64 95.94 -29.53
CA ASP G 194 32.81 95.83 -30.39
C ASP G 194 32.44 95.95 -31.86
N VAL G 195 31.22 95.53 -32.24
CA VAL G 195 30.75 95.77 -33.60
C VAL G 195 30.46 97.25 -33.84
N ARG G 196 29.89 97.94 -32.84
CA ARG G 196 29.66 99.37 -32.96
C ARG G 196 30.98 100.14 -33.09
N ASN G 197 32.04 99.63 -32.47
CA ASN G 197 33.38 100.22 -32.61
C ASN G 197 34.06 99.86 -33.92
N ALA G 198 33.49 98.99 -34.73
CA ALA G 198 34.16 98.52 -35.93
C ALA G 198 33.97 99.43 -37.14
N MET G 199 33.13 100.45 -37.07
CA MET G 199 32.71 101.20 -38.24
C MET G 199 32.96 102.69 -38.08
N ASP G 200 34.16 103.06 -37.61
CA ASP G 200 34.51 104.47 -37.48
C ASP G 200 34.66 105.15 -38.84
N SER G 201 35.18 104.43 -39.82
CA SER G 201 35.56 105.02 -41.10
C SER G 201 34.37 105.12 -42.04
N GLY G 202 34.54 105.92 -43.09
CA GLY G 202 33.54 106.06 -44.13
C GLY G 202 32.38 106.98 -43.78
N GLN G 203 31.18 106.57 -44.17
CA GLN G 203 29.97 107.34 -43.88
C GLN G 203 29.66 107.32 -42.38
N GLU G 204 29.12 108.43 -41.89
CA GLU G 204 28.67 108.52 -40.50
C GLU G 204 27.33 107.80 -40.35
N HIS G 205 27.30 106.71 -39.59
CA HIS G 205 26.08 105.96 -39.36
C HIS G 205 25.13 106.71 -38.42
N LYS G 206 23.85 106.71 -38.79
CA LYS G 206 22.78 107.10 -37.89
C LYS G 206 22.44 105.93 -36.97
N GLY G 207 21.86 106.25 -35.80
CA GLY G 207 21.60 105.23 -34.80
C GLY G 207 20.67 104.13 -35.27
N ASP G 208 19.65 104.49 -36.04
CA ASP G 208 18.70 103.52 -36.56
C ASP G 208 19.02 103.05 -37.97
N GLU G 209 20.23 103.29 -38.47
CA GLU G 209 20.62 102.85 -39.81
C GLU G 209 20.82 101.34 -39.84
N MET G 210 20.13 100.67 -40.77
CA MET G 210 20.15 99.22 -40.86
C MET G 210 21.42 98.75 -41.56
N ILE G 211 22.27 98.03 -40.83
CA ILE G 211 23.51 97.45 -41.37
C ILE G 211 23.20 96.13 -42.05
N ASP G 212 23.63 95.98 -43.30
CA ASP G 212 23.52 94.69 -43.98
C ASP G 212 24.74 93.82 -43.68
N VAL G 213 24.51 92.69 -43.03
CA VAL G 213 25.56 91.74 -42.65
C VAL G 213 25.40 90.49 -43.50
N TYR G 214 26.50 90.00 -44.06
CA TYR G 214 26.48 88.86 -44.95
C TYR G 214 27.26 87.71 -44.31
N THR G 215 26.62 86.55 -44.19
CA THR G 215 27.23 85.34 -43.64
C THR G 215 27.51 84.38 -44.79
N HIS G 216 28.75 83.90 -44.87
CA HIS G 216 29.18 83.03 -45.94
C HIS G 216 29.64 81.70 -45.36
N ILE G 217 29.08 80.59 -45.86
CA ILE G 217 29.51 79.24 -45.50
C ILE G 217 29.88 78.52 -46.80
N TYR G 218 31.09 77.93 -46.84
CA TYR G 218 31.61 77.38 -48.09
C TYR G 218 32.48 76.15 -47.84
N LEU G 219 32.50 75.25 -48.83
CA LEU G 219 33.18 73.96 -48.73
C LEU G 219 34.65 74.06 -49.08
N ASP G 220 35.47 73.34 -48.32
CA ASP G 220 36.92 73.26 -48.51
C ASP G 220 37.30 71.99 -49.27
N GLU G 221 38.55 71.94 -49.71
CA GLU G 221 39.06 70.80 -50.46
C GLU G 221 40.26 70.14 -49.79
N GLU G 222 41.21 70.92 -49.27
CA GLU G 222 42.31 70.38 -48.48
C GLU G 222 41.89 69.98 -47.06
N SER G 223 40.61 70.10 -46.73
CA SER G 223 40.06 69.65 -45.46
C SER G 223 38.64 69.18 -45.69
N GLY G 224 38.18 68.25 -44.84
CA GLY G 224 36.82 67.76 -44.94
C GLY G 224 35.82 68.66 -44.24
N GLU G 225 35.84 69.95 -44.55
CA GLU G 225 35.19 70.95 -43.73
C GLU G 225 34.44 71.98 -44.54
N TYR G 226 33.33 72.46 -43.98
CA TYR G 226 32.79 73.76 -44.35
C TYR G 226 33.41 74.86 -43.49
N LEU G 227 33.59 76.03 -44.08
CA LEU G 227 34.23 77.17 -43.43
C LEU G 227 33.26 78.35 -43.41
N LYS G 228 33.33 79.16 -42.34
CA LYS G 228 32.35 80.21 -42.09
C LYS G 228 33.04 81.54 -41.77
N TYR G 229 32.48 82.65 -42.27
CA TYR G 229 32.83 83.99 -41.82
C TYR G 229 31.67 84.95 -42.08
N GLU G 230 31.76 86.15 -41.49
CA GLU G 230 30.75 87.20 -41.66
C GLU G 230 31.41 88.49 -42.14
N GLU G 231 30.62 89.30 -42.85
CA GLU G 231 31.14 90.36 -43.70
C GLU G 231 30.23 91.57 -43.71
N ILE G 232 30.84 92.76 -43.67
CA ILE G 232 30.14 94.04 -43.77
C ILE G 232 30.90 94.96 -44.71
N ASP G 233 30.21 95.48 -45.73
CA ASP G 233 30.76 96.36 -46.77
C ASP G 233 32.03 95.77 -47.41
N GLY G 234 32.04 94.46 -47.59
CA GLY G 234 33.19 93.79 -48.19
C GLY G 234 34.35 93.55 -47.26
N VAL G 235 34.21 93.86 -45.98
CA VAL G 235 35.27 93.68 -44.99
C VAL G 235 34.81 92.64 -43.98
N GLU G 236 35.71 91.72 -43.63
CA GLU G 236 35.37 90.66 -42.69
C GLU G 236 35.22 91.21 -41.26
N VAL G 237 34.20 90.71 -40.57
CA VAL G 237 33.99 91.00 -39.16
C VAL G 237 34.88 90.04 -38.36
N ASP G 238 35.85 90.61 -37.66
CA ASP G 238 36.82 89.78 -36.95
C ASP G 238 36.18 89.01 -35.80
N GLY G 239 36.65 87.80 -35.59
CA GLY G 239 36.14 86.93 -34.55
C GLY G 239 34.94 86.12 -34.93
N THR G 240 34.36 86.33 -36.12
CA THR G 240 33.20 85.57 -36.53
C THR G 240 33.57 84.29 -37.27
N ASP G 241 34.86 84.03 -37.47
CA ASP G 241 35.33 82.89 -38.25
C ASP G 241 35.19 81.57 -37.50
N ALA G 242 34.85 80.50 -38.24
CA ALA G 242 34.65 79.17 -37.66
C ALA G 242 34.72 78.12 -38.75
N SER G 243 34.81 76.84 -38.31
CA SER G 243 34.91 75.69 -39.21
C SER G 243 34.09 74.52 -38.67
N TYR G 244 33.56 73.70 -39.58
CA TYR G 244 32.70 72.55 -39.24
C TYR G 244 32.99 71.37 -40.16
N PRO G 245 32.98 70.13 -39.64
CA PRO G 245 33.08 68.98 -40.53
C PRO G 245 31.79 68.76 -41.33
N VAL G 246 31.96 68.14 -42.51
CA VAL G 246 30.88 67.95 -43.46
C VAL G 246 29.73 67.13 -42.85
N ASP G 247 30.04 66.28 -41.87
CA ASP G 247 29.01 65.48 -41.23
C ASP G 247 28.17 66.25 -40.20
N ALA G 248 28.58 67.44 -39.74
CA ALA G 248 27.84 68.07 -38.63
C ALA G 248 27.79 69.60 -38.74
N CYS G 249 27.48 70.15 -39.92
CA CYS G 249 27.36 71.61 -40.05
C CYS G 249 26.04 72.09 -39.43
N PRO G 250 26.05 73.24 -38.73
CA PRO G 250 24.82 73.70 -38.06
C PRO G 250 23.81 74.39 -38.96
N TYR G 251 24.07 74.55 -40.25
CA TYR G 251 23.10 75.14 -41.16
C TYR G 251 22.48 74.05 -42.03
N ILE G 252 21.15 74.06 -42.12
CA ILE G 252 20.40 72.98 -42.76
C ILE G 252 19.39 73.53 -43.77
N PRO G 253 19.72 73.56 -45.07
CA PRO G 253 18.71 73.90 -46.08
C PRO G 253 17.85 72.70 -46.47
N VAL G 254 16.55 72.95 -46.66
CA VAL G 254 15.56 71.89 -46.81
C VAL G 254 14.70 72.14 -48.06
N ARG G 255 14.42 71.05 -48.79
CA ARG G 255 13.57 71.04 -49.98
C ARG G 255 12.31 70.20 -49.76
N MET G 256 11.17 70.70 -50.25
CA MET G 256 9.95 69.89 -50.21
C MET G 256 9.94 68.84 -51.31
N VAL G 257 10.41 69.19 -52.50
CA VAL G 257 10.46 68.25 -53.61
C VAL G 257 11.87 68.33 -54.21
N ARG G 258 12.31 67.22 -54.81
CA ARG G 258 13.72 67.04 -55.20
C ARG G 258 13.87 67.05 -56.71
N ILE G 259 14.76 67.90 -57.22
CA ILE G 259 15.06 68.02 -58.65
C ILE G 259 16.57 68.14 -58.82
N ASP G 260 17.10 67.46 -59.84
CA ASP G 260 18.53 67.45 -60.13
C ASP G 260 18.93 68.61 -61.02
N GLY G 261 20.10 69.18 -60.73
CA GLY G 261 20.58 70.35 -61.45
C GLY G 261 19.99 71.66 -60.99
N GLU G 262 19.42 71.68 -59.80
CA GLU G 262 18.74 72.85 -59.25
C GLU G 262 19.24 73.11 -57.83
N SER G 263 19.31 74.39 -57.46
CA SER G 263 19.59 74.73 -56.07
C SER G 263 18.41 74.47 -55.14
N TYR G 264 17.19 74.33 -55.69
CA TYR G 264 15.96 74.59 -54.95
C TYR G 264 14.89 73.54 -55.26
N GLY G 265 13.87 73.52 -54.40
CA GLY G 265 12.70 72.70 -54.58
C GLY G 265 11.46 73.49 -55.02
N ARG G 266 10.35 72.75 -55.16
CA ARG G 266 9.09 73.27 -55.68
C ARG G 266 7.98 73.02 -54.65
N SER G 267 6.95 73.87 -54.69
CA SER G 267 5.84 73.79 -53.75
C SER G 267 4.73 72.84 -54.24
N TYR G 268 3.88 72.44 -53.30
CA TYR G 268 2.80 71.49 -53.60
C TYR G 268 1.65 72.16 -54.36
N CYS G 269 1.22 73.33 -53.91
CA CYS G 269 -0.03 73.93 -54.39
C CYS G 269 0.11 74.65 -55.72
N GLU G 270 1.31 74.67 -56.32
CA GLU G 270 1.52 75.18 -57.67
C GLU G 270 0.63 74.48 -58.69
N GLU G 271 0.40 73.19 -58.51
CA GLU G 271 -0.46 72.41 -59.40
C GLU G 271 -1.92 72.85 -59.33
N TYR G 272 -2.33 73.46 -58.24
CA TYR G 272 -3.73 73.76 -57.98
C TYR G 272 -4.06 75.24 -57.99
N LEU G 273 -3.11 76.10 -58.38
CA LEU G 273 -3.32 77.54 -58.30
C LEU G 273 -4.46 78.01 -59.21
N GLY G 274 -4.66 77.32 -60.34
CA GLY G 274 -5.77 77.68 -61.21
C GLY G 274 -7.13 77.44 -60.58
N ASP G 275 -7.25 76.38 -59.79
CA ASP G 275 -8.51 76.10 -59.09
C ASP G 275 -8.81 77.17 -58.06
N LEU G 276 -7.81 77.53 -57.24
CA LEU G 276 -8.00 78.55 -56.20
C LEU G 276 -8.37 79.89 -56.82
N ARG G 277 -7.68 80.25 -57.90
CA ARG G 277 -7.90 81.50 -58.61
C ARG G 277 -9.27 81.51 -59.28
N SER G 278 -9.81 80.34 -59.64
CA SER G 278 -11.16 80.31 -60.19
C SER G 278 -12.23 80.40 -59.10
N LEU G 279 -12.00 79.75 -57.97
CA LEU G 279 -12.97 79.74 -56.88
C LEU G 279 -13.21 81.15 -56.32
N GLU G 280 -12.13 81.92 -56.16
CA GLU G 280 -12.27 83.31 -55.72
C GLU G 280 -13.12 84.11 -56.70
N ASN G 281 -12.90 83.88 -58.00
CA ASN G 281 -13.59 84.58 -59.08
C ASN G 281 -15.08 84.33 -59.03
N LEU G 282 -15.48 83.09 -58.71
CA LEU G 282 -16.92 82.81 -58.59
C LEU G 282 -17.55 83.43 -57.35
N GLN G 283 -16.85 83.38 -56.21
CA GLN G 283 -17.43 83.90 -54.95
C GLN G 283 -17.71 85.39 -55.02
N GLU G 284 -16.80 86.15 -55.65
CA GLU G 284 -17.02 87.59 -55.81
C GLU G 284 -18.30 87.90 -56.60
N ALA G 285 -18.55 87.11 -57.65
CA ALA G 285 -19.75 87.29 -58.46
C ALA G 285 -21.01 86.98 -57.66
N ILE G 286 -20.96 85.98 -56.79
CA ILE G 286 -22.14 85.67 -55.98
C ILE G 286 -22.47 86.83 -55.04
N VAL G 287 -21.43 87.49 -54.50
CA VAL G 287 -21.68 88.68 -53.67
C VAL G 287 -22.38 89.79 -54.46
N LYS G 288 -21.85 90.11 -55.66
CA LYS G 288 -22.47 91.13 -56.52
C LYS G 288 -23.90 90.75 -56.91
N MET G 289 -24.13 89.46 -57.18
CA MET G 289 -25.45 88.95 -57.52
C MET G 289 -26.45 89.16 -56.38
N SER G 290 -25.97 89.09 -55.13
CA SER G 290 -26.86 89.39 -54.02
C SER G 290 -27.17 90.88 -53.92
N MET G 291 -26.15 91.75 -54.09
CA MET G 291 -26.33 93.17 -53.78
C MET G 291 -27.31 93.87 -54.73
N ILE G 292 -27.29 93.51 -56.02
CA ILE G 292 -28.00 94.27 -57.05
C ILE G 292 -29.51 93.99 -57.11
N SER G 293 -30.00 93.02 -56.34
CA SER G 293 -31.39 92.58 -56.46
C SER G 293 -32.38 93.64 -55.96
N ALA G 294 -33.48 93.82 -56.69
CA ALA G 294 -34.43 94.90 -56.44
C ALA G 294 -35.81 94.40 -56.04
N LYS G 295 -35.92 93.18 -55.54
CA LYS G 295 -37.21 92.55 -55.23
C LYS G 295 -36.97 91.45 -54.20
N VAL G 296 -37.96 91.22 -53.32
CA VAL G 296 -37.85 90.21 -52.25
C VAL G 296 -39.07 89.28 -52.27
N ILE G 297 -38.82 87.98 -52.06
CA ILE G 297 -39.80 86.91 -52.23
C ILE G 297 -39.69 85.92 -51.07
N GLY G 298 -40.85 85.47 -50.55
CA GLY G 298 -40.88 84.57 -49.41
C GLY G 298 -42.07 83.62 -49.42
N LEU G 299 -42.22 82.86 -48.32
CA LEU G 299 -43.32 81.91 -48.18
C LEU G 299 -43.74 81.76 -46.72
N VAL G 300 -45.03 81.53 -46.51
CA VAL G 300 -45.60 81.20 -45.20
C VAL G 300 -45.89 79.70 -45.14
N ASN G 301 -45.38 79.05 -44.09
CA ASN G 301 -45.23 77.61 -44.00
C ASN G 301 -46.51 76.82 -43.66
N PRO G 302 -47.35 77.20 -42.64
CA PRO G 302 -48.49 76.31 -42.32
C PRO G 302 -49.69 76.49 -43.25
N ALA G 303 -49.49 76.17 -44.54
CA ALA G 303 -50.57 76.06 -45.54
C ALA G 303 -51.39 77.34 -45.69
N GLY G 304 -50.87 78.47 -45.23
CA GLY G 304 -51.62 79.71 -45.30
C GLY G 304 -52.81 79.81 -44.39
N ILE G 305 -52.83 79.05 -43.28
CA ILE G 305 -53.97 79.11 -42.37
C ILE G 305 -54.05 80.45 -41.65
N THR G 306 -52.95 81.16 -41.51
CA THR G 306 -53.02 82.57 -41.14
C THR G 306 -53.23 83.40 -42.43
N GLN G 307 -54.26 84.24 -42.43
CA GLN G 307 -54.78 84.77 -43.68
C GLN G 307 -53.94 85.95 -44.19
N VAL G 308 -53.17 85.68 -45.23
CA VAL G 308 -52.32 86.70 -45.85
C VAL G 308 -53.07 87.64 -46.80
N ARG G 309 -54.37 87.39 -47.07
CA ARG G 309 -55.16 88.24 -47.97
C ARG G 309 -55.17 89.71 -47.52
N ARG G 310 -55.07 89.94 -46.21
CA ARG G 310 -55.03 91.27 -45.63
C ARG G 310 -53.84 92.09 -46.14
N LEU G 311 -52.80 91.43 -46.65
CA LEU G 311 -51.67 92.13 -47.25
C LEU G 311 -51.98 92.58 -48.67
N THR G 312 -52.79 91.79 -49.38
CA THR G 312 -53.19 92.15 -50.73
C THR G 312 -54.28 93.22 -50.71
N LYS G 313 -55.08 93.27 -49.64
CA LYS G 313 -55.95 94.42 -49.39
C LYS G 313 -55.11 95.67 -49.16
N ALA G 314 -55.62 96.81 -49.63
CA ALA G 314 -54.82 98.05 -49.74
C ALA G 314 -54.77 98.80 -48.40
N GLN G 315 -53.90 98.34 -47.52
CA GLN G 315 -53.61 99.05 -46.27
C GLN G 315 -52.23 98.67 -45.77
N THR G 316 -51.36 99.67 -45.66
CA THR G 316 -50.03 99.50 -45.07
C THR G 316 -50.07 99.35 -43.56
N GLY G 317 -51.01 100.02 -42.87
CA GLY G 317 -51.11 99.84 -41.43
C GLY G 317 -51.94 98.65 -41.00
N ASP G 318 -51.56 97.43 -41.40
CA ASP G 318 -52.26 96.23 -40.98
C ASP G 318 -51.30 95.05 -41.00
N PHE G 319 -51.57 94.06 -40.12
CA PHE G 319 -50.60 93.06 -39.71
C PHE G 319 -51.20 91.67 -39.76
N VAL G 320 -50.42 90.73 -40.32
CA VAL G 320 -50.65 89.29 -40.21
C VAL G 320 -50.16 88.71 -38.88
N SER G 321 -50.99 87.84 -38.30
CA SER G 321 -50.64 87.08 -37.10
C SER G 321 -49.64 85.99 -37.48
N GLY G 322 -48.41 86.10 -36.99
CA GLY G 322 -47.36 85.21 -37.44
C GLY G 322 -46.09 85.38 -36.64
N ARG G 323 -45.20 84.43 -36.83
CA ARG G 323 -43.98 84.24 -36.07
C ARG G 323 -42.80 84.08 -37.02
N PRO G 324 -41.57 84.37 -36.56
CA PRO G 324 -40.39 83.96 -37.35
C PRO G 324 -40.25 82.44 -37.45
N GLU G 325 -40.96 81.70 -36.60
CA GLU G 325 -41.07 80.25 -36.67
C GLU G 325 -41.77 79.75 -37.92
N ASP G 326 -42.57 80.58 -38.59
CA ASP G 326 -43.32 80.08 -39.73
C ASP G 326 -43.18 80.87 -41.02
N ILE G 327 -42.11 81.68 -41.19
CA ILE G 327 -41.90 82.56 -42.34
C ILE G 327 -40.45 82.48 -42.82
N SER G 328 -40.25 82.46 -44.14
CA SER G 328 -38.90 82.39 -44.70
C SER G 328 -38.84 83.14 -46.03
N PHE G 329 -37.61 83.50 -46.44
CA PHE G 329 -37.35 84.31 -47.63
C PHE G 329 -36.23 83.73 -48.49
N LEU G 330 -36.33 83.95 -49.80
CA LEU G 330 -35.52 83.30 -50.84
C LEU G 330 -34.36 84.17 -51.34
N GLN G 331 -33.70 84.90 -50.44
CA GLN G 331 -32.94 86.11 -50.77
C GLN G 331 -31.71 85.88 -51.68
N LEU G 332 -31.12 84.69 -51.70
CA LEU G 332 -30.10 84.40 -52.71
C LEU G 332 -30.55 83.37 -53.72
N GLU G 333 -31.27 82.35 -53.26
CA GLU G 333 -31.71 81.24 -54.09
C GLU G 333 -32.66 81.68 -55.21
N LYS G 334 -33.24 82.87 -55.11
CA LYS G 334 -34.10 83.42 -56.16
C LYS G 334 -33.34 83.67 -57.46
N ALA G 335 -32.05 84.02 -57.37
CA ALA G 335 -31.30 84.49 -58.54
C ALA G 335 -31.02 83.36 -59.52
N ALA G 336 -31.08 83.70 -60.82
CA ALA G 336 -31.19 82.70 -61.87
C ALA G 336 -29.93 81.85 -62.03
N ASP G 337 -28.75 82.48 -62.00
CA ASP G 337 -27.50 81.75 -62.19
C ASP G 337 -26.87 81.28 -60.88
N PHE G 338 -27.55 81.46 -59.75
CA PHE G 338 -26.97 81.11 -58.45
C PHE G 338 -26.67 79.62 -58.33
N SER G 339 -27.59 78.78 -58.80
CA SER G 339 -27.47 77.34 -58.60
C SER G 339 -26.27 76.77 -59.35
N VAL G 340 -26.03 77.22 -60.58
CA VAL G 340 -24.91 76.67 -61.34
C VAL G 340 -23.57 77.20 -60.82
N ALA G 341 -23.52 78.47 -60.39
CA ALA G 341 -22.28 79.00 -59.81
C ALA G 341 -21.93 78.24 -58.54
N LYS G 342 -22.94 77.96 -57.71
CA LYS G 342 -22.76 77.11 -56.53
C LYS G 342 -22.25 75.72 -56.93
N ALA G 343 -22.82 75.12 -57.98
CA ALA G 343 -22.46 73.75 -58.33
C ALA G 343 -21.00 73.64 -58.78
N VAL G 344 -20.56 74.59 -59.61
CA VAL G 344 -19.15 74.60 -60.04
C VAL G 344 -18.23 74.82 -58.84
N SER G 345 -18.64 75.70 -57.90
CA SER G 345 -17.84 75.90 -56.69
C SER G 345 -17.70 74.60 -55.92
N GLU G 346 -18.77 73.79 -55.86
CA GLU G 346 -18.69 72.50 -55.17
C GLU G 346 -17.68 71.58 -55.85
N GLN G 347 -17.65 71.55 -57.19
CA GLN G 347 -16.66 70.70 -57.87
C GLN G 347 -15.22 71.12 -57.56
N ILE G 348 -14.95 72.44 -57.62
CA ILE G 348 -13.60 72.94 -57.37
C ILE G 348 -13.17 72.66 -55.93
N GLU G 349 -14.10 72.88 -54.98
CA GLU G 349 -13.80 72.57 -53.59
C GLU G 349 -13.60 71.09 -53.34
N GLY G 350 -14.27 70.23 -54.10
CA GLY G 350 -14.00 68.80 -53.98
C GLY G 350 -12.56 68.46 -54.29
N ARG G 351 -12.05 69.00 -55.42
CA ARG G 351 -10.65 68.75 -55.77
C ARG G 351 -9.70 69.32 -54.71
N LEU G 352 -9.94 70.56 -54.28
CA LEU G 352 -9.03 71.21 -53.34
C LEU G 352 -9.06 70.53 -51.97
N SER G 353 -10.24 70.17 -51.48
CA SER G 353 -10.36 69.54 -50.17
C SER G 353 -9.75 68.16 -50.17
N TYR G 354 -9.85 67.43 -51.28
CA TYR G 354 -9.11 66.18 -51.39
C TYR G 354 -7.61 66.45 -51.34
N ALA G 355 -7.13 67.46 -52.08
CA ALA G 355 -5.69 67.67 -52.19
C ALA G 355 -5.07 68.07 -50.87
N PHE G 356 -5.77 68.88 -50.08
CA PHE G 356 -5.33 69.24 -48.74
C PHE G 356 -5.80 68.25 -47.67
N MET G 357 -6.31 67.07 -48.07
CA MET G 357 -6.61 65.94 -47.18
C MET G 357 -7.63 66.29 -46.10
N LEU G 358 -8.63 67.10 -46.45
CA LEU G 358 -9.76 67.41 -45.58
C LEU G 358 -10.86 66.36 -45.61
N ASN G 359 -10.58 65.17 -46.17
CA ASN G 359 -11.56 64.10 -46.33
C ASN G 359 -12.13 63.60 -45.01
N GLU G 372 -12.33 42.21 -49.92
CA GLU G 372 -11.00 42.73 -49.62
C GLU G 372 -10.93 43.20 -48.16
N GLU G 373 -9.92 42.74 -47.43
CA GLU G 373 -9.82 43.00 -46.00
C GLU G 373 -8.84 44.10 -45.64
N ILE G 374 -8.00 44.55 -46.57
CA ILE G 374 -7.03 45.62 -46.30
C ILE G 374 -7.70 46.98 -46.43
N ARG G 375 -7.39 47.86 -45.48
CA ARG G 375 -7.93 49.23 -45.47
C ARG G 375 -7.18 50.08 -46.49
N TYR G 376 -7.92 50.81 -47.33
CA TYR G 376 -7.29 51.59 -48.38
C TYR G 376 -6.63 52.89 -47.92
N VAL G 377 -6.51 53.13 -46.61
CA VAL G 377 -5.56 54.12 -46.10
C VAL G 377 -4.12 53.72 -46.41
N ALA G 378 -3.90 52.47 -46.83
CA ALA G 378 -2.60 52.02 -47.31
C ALA G 378 -2.10 52.85 -48.48
N SER G 379 -2.99 53.52 -49.21
CA SER G 379 -2.56 54.54 -50.17
C SER G 379 -2.35 55.90 -49.49
N GLU G 380 -3.43 56.47 -48.96
CA GLU G 380 -3.43 57.93 -48.79
C GLU G 380 -2.78 58.38 -47.51
N LEU G 381 -2.77 57.54 -46.49
CA LEU G 381 -2.05 57.83 -45.26
C LEU G 381 -0.72 57.11 -45.18
N GLU G 382 -0.37 56.29 -46.18
CA GLU G 382 0.88 55.56 -46.09
C GLU G 382 1.74 55.82 -47.34
N ASP G 383 1.20 55.54 -48.53
CA ASP G 383 1.97 55.71 -49.76
C ASP G 383 2.19 57.18 -50.06
N THR G 384 1.12 57.98 -49.95
CA THR G 384 1.20 59.41 -50.22
C THR G 384 2.13 60.13 -49.25
N LEU G 385 2.04 59.81 -47.97
CA LEU G 385 2.84 60.55 -46.99
C LEU G 385 4.22 59.97 -46.77
N GLY G 386 4.40 58.66 -46.96
CA GLY G 386 5.65 58.00 -46.59
C GLY G 386 6.85 58.54 -47.35
N GLY G 387 6.63 58.95 -48.60
CA GLY G 387 7.65 59.64 -49.37
C GLY G 387 8.16 60.93 -48.75
N VAL G 388 7.28 61.92 -48.58
CA VAL G 388 7.71 63.21 -48.03
C VAL G 388 8.19 63.04 -46.59
N TYR G 389 7.60 62.08 -45.87
CA TYR G 389 8.00 61.75 -44.50
C TYR G 389 9.45 61.25 -44.47
N SER G 390 9.78 60.32 -45.36
CA SER G 390 11.14 59.79 -45.44
C SER G 390 12.14 60.82 -45.97
N ILE G 391 11.71 61.62 -46.95
CA ILE G 391 12.61 62.61 -47.54
C ILE G 391 12.93 63.72 -46.54
N LEU G 392 11.95 64.10 -45.71
CA LEU G 392 12.26 65.01 -44.62
C LEU G 392 13.03 64.33 -43.49
N SER G 393 12.92 63.00 -43.34
CA SER G 393 13.87 62.31 -42.47
C SER G 393 15.29 62.44 -42.98
N GLN G 394 15.48 62.32 -44.30
CA GLN G 394 16.81 62.50 -44.90
C GLN G 394 17.31 63.93 -44.76
N GLU G 395 16.57 64.89 -45.31
CA GLU G 395 17.09 66.24 -45.45
C GLU G 395 16.86 67.12 -44.22
N LEU G 396 16.00 66.72 -43.27
CA LEU G 396 15.79 67.52 -42.06
C LEU G 396 16.17 66.79 -40.77
N GLN G 397 15.67 65.56 -40.53
CA GLN G 397 15.78 64.97 -39.19
C GLN G 397 17.19 64.44 -38.90
N LEU G 398 17.72 63.58 -39.77
CA LEU G 398 19.10 63.08 -39.65
C LEU G 398 20.19 64.15 -39.48
N PRO G 399 20.26 65.24 -40.27
CA PRO G 399 21.24 66.29 -39.93
C PRO G 399 21.03 66.91 -38.56
N MET G 400 19.77 67.05 -38.15
CA MET G 400 19.46 67.71 -36.88
C MET G 400 19.93 66.87 -35.70
N VAL G 401 19.65 65.57 -35.74
CA VAL G 401 20.05 64.71 -34.63
C VAL G 401 21.57 64.56 -34.61
N ARG G 402 22.24 64.56 -35.79
CA ARG G 402 23.70 64.52 -35.80
C ARG G 402 24.30 65.75 -35.13
N VAL G 403 23.77 66.94 -35.46
CA VAL G 403 24.25 68.17 -34.84
C VAL G 403 23.97 68.17 -33.33
N LEU G 404 22.78 67.73 -32.94
CA LEU G 404 22.42 67.71 -31.52
C LEU G 404 23.32 66.77 -30.72
N LEU G 405 23.59 65.57 -31.25
CA LEU G 405 24.48 64.64 -30.57
C LEU G 405 25.89 65.22 -30.40
N LYS G 406 26.43 65.83 -31.47
CA LYS G 406 27.77 66.41 -31.37
C LYS G 406 27.82 67.59 -30.42
N GLN G 407 26.76 68.42 -30.40
CA GLN G 407 26.70 69.53 -29.45
C GLN G 407 26.64 69.04 -28.02
N LEU G 408 25.86 67.98 -27.76
CA LEU G 408 25.75 67.43 -26.41
C LEU G 408 27.07 66.83 -25.96
N GLN G 409 27.82 66.22 -26.88
CA GLN G 409 29.15 65.73 -26.51
C GLN G 409 30.11 66.88 -26.27
N ALA G 410 30.06 67.93 -27.11
CA ALA G 410 30.94 69.07 -26.94
C ALA G 410 30.66 69.83 -25.64
N THR G 411 29.44 69.71 -25.12
CA THR G 411 29.09 70.29 -23.84
C THR G 411 29.16 69.29 -22.71
N ASN G 412 29.75 68.12 -22.94
CA ASN G 412 29.98 67.03 -21.98
C ASN G 412 28.70 66.43 -21.42
N GLN G 413 27.53 66.78 -21.97
CA GLN G 413 26.26 66.32 -21.39
C GLN G 413 25.98 64.84 -21.67
N ILE G 414 26.56 64.26 -22.72
CA ILE G 414 26.42 62.83 -23.00
C ILE G 414 27.80 62.22 -23.23
N PRO G 415 28.01 60.94 -22.90
CA PRO G 415 29.37 60.37 -22.95
C PRO G 415 29.89 60.18 -24.37
N GLU G 416 31.21 59.98 -24.45
CA GLU G 416 31.96 59.83 -25.69
C GLU G 416 31.95 58.37 -26.16
N LEU G 417 30.74 57.83 -26.42
CA LEU G 417 30.54 56.42 -26.69
C LEU G 417 31.19 56.02 -28.02
N PRO G 418 31.55 54.74 -28.19
CA PRO G 418 32.28 54.29 -29.39
C PRO G 418 31.49 54.49 -30.69
N LYS G 419 32.10 55.27 -31.59
CA LYS G 419 31.46 55.65 -32.85
C LYS G 419 31.22 54.44 -33.74
N GLU G 420 32.08 53.41 -33.63
CA GLU G 420 31.87 52.18 -34.38
C GLU G 420 30.60 51.45 -33.95
N ALA G 421 30.17 51.64 -32.70
CA ALA G 421 28.97 50.98 -32.19
C ALA G 421 27.72 51.84 -32.37
N VAL G 422 27.76 53.07 -31.86
CA VAL G 422 26.56 53.88 -31.65
C VAL G 422 26.33 54.78 -32.86
N GLU G 423 25.21 54.56 -33.58
CA GLU G 423 24.82 55.33 -34.78
C GLU G 423 23.32 55.58 -34.86
N PRO G 424 22.90 56.79 -35.25
CA PRO G 424 21.47 57.14 -35.27
C PRO G 424 20.72 56.63 -36.49
N THR G 425 19.39 56.58 -36.34
CA THR G 425 18.44 56.24 -37.41
C THR G 425 17.05 56.76 -36.98
N ILE G 426 16.21 57.18 -37.97
CA ILE G 426 14.80 57.51 -37.71
C ILE G 426 13.87 56.36 -38.16
N SER G 427 12.96 55.99 -37.25
CA SER G 427 11.96 54.95 -37.38
C SER G 427 10.64 55.59 -37.81
N THR G 428 10.54 55.87 -39.11
CA THR G 428 9.26 56.30 -39.67
C THR G 428 8.24 55.17 -39.57
N GLY G 429 6.99 55.53 -39.26
CA GLY G 429 5.97 54.52 -39.09
C GLY G 429 4.77 54.85 -38.21
N MET G 430 4.50 53.98 -37.23
CA MET G 430 3.24 53.96 -36.51
C MET G 430 3.48 53.51 -35.07
N GLU G 431 2.62 53.97 -34.15
CA GLU G 431 2.69 53.72 -32.72
C GLU G 431 1.58 52.76 -32.25
N ALA G 432 1.79 52.19 -31.06
CA ALA G 432 0.86 51.28 -30.40
C ALA G 432 -0.50 51.91 -30.13
N LEU G 433 -1.47 51.03 -29.85
CA LEU G 433 -2.86 51.39 -29.84
C LEU G 433 -3.62 51.09 -28.56
N GLY G 434 -3.10 50.22 -27.67
CA GLY G 434 -3.80 49.96 -26.42
C GLY G 434 -3.82 51.17 -25.50
N ARG G 435 -2.66 51.82 -25.37
CA ARG G 435 -2.58 53.05 -24.59
C ARG G 435 -3.43 54.14 -25.23
N GLY G 436 -3.51 54.13 -26.56
CA GLY G 436 -4.27 55.13 -27.29
C GLY G 436 -5.76 55.10 -27.01
N GLN G 437 -6.39 53.92 -27.08
CA GLN G 437 -7.81 53.91 -26.73
C GLN G 437 -8.02 54.19 -25.26
N ASP G 438 -7.14 53.65 -24.38
CA ASP G 438 -7.28 53.91 -22.94
C ASP G 438 -7.27 55.41 -22.63
N LEU G 439 -6.49 56.19 -23.37
CA LEU G 439 -6.42 57.62 -23.07
C LEU G 439 -7.41 58.44 -23.90
N ASP G 440 -7.29 58.38 -25.23
CA ASP G 440 -8.06 59.27 -26.09
C ASP G 440 -9.53 58.88 -26.14
N LYS G 441 -9.84 57.60 -26.35
CA LYS G 441 -11.25 57.27 -26.53
C LYS G 441 -11.94 57.24 -25.17
N LEU G 442 -11.25 56.80 -24.14
CA LEU G 442 -11.91 56.59 -22.86
C LEU G 442 -11.74 57.71 -21.84
N GLU G 443 -10.52 57.93 -21.32
CA GLU G 443 -10.41 58.77 -20.12
C GLU G 443 -10.45 60.26 -20.44
N ARG G 444 -9.87 60.68 -21.56
CA ARG G 444 -10.02 62.08 -21.96
C ARG G 444 -11.47 62.41 -22.27
N CYS G 445 -12.19 61.46 -22.87
CA CYS G 445 -13.62 61.64 -23.13
C CYS G 445 -14.40 61.71 -21.83
N ILE G 446 -14.06 60.87 -20.86
CA ILE G 446 -14.72 60.90 -19.55
C ILE G 446 -14.45 62.23 -18.86
N ALA G 447 -13.23 62.74 -18.97
CA ALA G 447 -12.90 64.05 -18.42
C ALA G 447 -13.74 65.14 -19.06
N ALA G 448 -13.87 65.12 -20.40
CA ALA G 448 -14.67 66.13 -21.09
C ALA G 448 -16.15 66.04 -20.68
N TRP G 449 -16.68 64.81 -20.68
CA TRP G 449 -18.09 64.58 -20.37
C TRP G 449 -18.42 64.99 -18.94
N SER G 450 -17.55 64.66 -18.00
CA SER G 450 -17.81 65.00 -16.61
C SER G 450 -17.61 66.48 -16.35
N ALA G 451 -16.65 67.12 -17.03
CA ALA G 451 -16.49 68.55 -16.86
C ALA G 451 -17.68 69.34 -17.43
N LEU G 452 -18.31 68.86 -18.52
CA LEU G 452 -19.21 69.66 -19.36
C LEU G 452 -20.67 69.54 -18.91
N ALA G 453 -20.91 68.61 -17.97
CA ALA G 453 -22.32 68.38 -17.58
C ALA G 453 -22.88 69.65 -16.94
N PRO G 454 -24.21 69.83 -17.03
CA PRO G 454 -24.87 71.04 -16.48
C PRO G 454 -24.80 71.09 -14.95
N MET G 455 -25.03 72.31 -14.42
CA MET G 455 -24.93 72.69 -13.00
C MET G 455 -25.92 72.02 -12.05
N LYS H 6 73.66 45.04 65.82
CA LYS H 6 72.94 46.26 66.14
C LYS H 6 71.89 46.56 65.07
N ARG H 7 70.71 47.02 65.50
CA ARG H 7 69.57 47.21 64.63
C ARG H 7 69.71 48.48 63.79
N GLU H 8 68.78 48.61 62.84
CA GLU H 8 68.78 49.70 61.87
C GLU H 8 67.35 50.10 61.58
N GLY H 9 67.17 51.35 61.17
CA GLY H 9 65.84 51.82 60.78
C GLY H 9 64.95 52.06 62.00
N PHE H 10 63.68 51.67 61.86
CA PHE H 10 62.70 51.86 62.94
C PHE H 10 63.13 51.20 64.25
N ALA H 11 63.90 50.12 64.18
CA ALA H 11 64.25 49.34 65.36
C ALA H 11 65.45 49.87 66.12
N GLU H 12 66.00 51.02 65.70
CA GLU H 12 67.30 51.49 66.17
C GLU H 12 67.37 51.67 67.68
N ASN H 13 66.28 52.11 68.30
CA ASN H 13 66.30 52.40 69.73
C ASN H 13 65.56 51.37 70.58
N GLY H 14 65.01 50.31 69.99
CA GLY H 14 64.44 49.23 70.77
C GLY H 14 62.93 49.25 70.80
N ALA H 15 62.35 48.08 71.07
CA ALA H 15 60.91 47.92 70.99
C ALA H 15 60.18 48.69 72.08
N LYS H 16 60.71 48.65 73.31
CA LYS H 16 60.09 49.37 74.42
C LYS H 16 60.14 50.87 74.18
N ALA H 17 61.22 51.35 73.57
CA ALA H 17 61.31 52.78 73.28
C ALA H 17 60.24 53.21 72.30
N VAL H 18 59.98 52.39 71.26
CA VAL H 18 58.93 52.70 70.32
C VAL H 18 57.56 52.64 70.99
N TYR H 19 57.35 51.65 71.86
CA TYR H 19 56.07 51.55 72.58
C TYR H 19 55.83 52.76 73.46
N ASP H 20 56.80 53.13 74.29
CA ASP H 20 56.63 54.29 75.16
C ASP H 20 56.57 55.59 74.37
N ALA H 21 57.17 55.65 73.19
CA ALA H 21 57.08 56.86 72.39
C ALA H 21 55.69 57.02 71.79
N LEU H 22 55.14 55.94 71.24
CA LEU H 22 53.85 56.03 70.54
C LEU H 22 52.66 56.07 71.50
N LYS H 23 52.85 55.60 72.74
CA LYS H 23 51.76 55.44 73.71
C LYS H 23 50.98 56.74 73.94
N ASN H 24 51.68 57.88 73.83
CA ASN H 24 51.10 59.20 74.10
C ASN H 24 49.87 59.48 73.23
N ASP H 25 49.89 59.02 71.98
CA ASP H 25 48.83 59.29 71.02
C ASP H 25 47.59 58.43 71.25
N ARG H 26 47.70 57.36 72.03
CA ARG H 26 46.62 56.38 72.14
C ARG H 26 45.56 56.75 73.18
N ASN H 27 45.83 57.75 74.02
CA ASN H 27 45.04 57.98 75.22
C ASN H 27 43.60 58.41 74.91
N SER H 28 43.41 59.21 73.86
CA SER H 28 42.07 59.68 73.51
C SER H 28 41.19 58.50 73.05
N TYR H 29 41.73 57.65 72.18
CA TYR H 29 41.01 56.46 71.72
C TYR H 29 40.70 55.50 72.87
N GLU H 30 41.64 55.34 73.81
CA GLU H 30 41.39 54.54 75.01
C GLU H 30 40.24 55.12 75.84
N THR H 31 40.26 56.44 76.05
CA THR H 31 39.24 57.09 76.87
C THR H 31 37.85 56.93 76.26
N ARG H 32 37.77 57.08 74.93
CA ARG H 32 36.52 56.84 74.22
C ARG H 32 36.03 55.41 74.41
N ALA H 33 36.95 54.43 74.31
CA ALA H 33 36.56 53.03 74.48
C ALA H 33 36.04 52.77 75.90
N GLU H 34 36.70 53.37 76.90
CA GLU H 34 36.26 53.22 78.29
C GLU H 34 34.84 53.74 78.47
N ASN H 35 34.58 54.94 77.94
CA ASN H 35 33.25 55.53 78.08
C ASN H 35 32.19 54.71 77.38
N CYS H 36 32.50 54.16 76.20
CA CYS H 36 31.54 53.31 75.52
C CYS H 36 31.27 52.03 76.29
N ALA H 37 32.30 51.45 76.89
CA ALA H 37 32.12 50.21 77.64
C ALA H 37 31.29 50.41 78.89
N LYS H 38 31.45 51.57 79.56
CA LYS H 38 30.81 51.79 80.86
C LYS H 38 29.29 51.75 80.75
N TYR H 39 28.74 52.19 79.64
CA TYR H 39 27.30 52.16 79.45
C TYR H 39 26.82 50.99 78.61
N THR H 40 27.72 50.08 78.23
CA THR H 40 27.22 48.85 77.63
C THR H 40 27.54 47.56 78.39
N ILE H 41 28.81 47.15 78.41
CA ILE H 41 29.28 45.93 79.07
C ILE H 41 30.71 46.24 79.54
N PRO H 42 30.90 46.62 80.81
CA PRO H 42 32.20 47.18 81.24
C PRO H 42 33.37 46.22 81.12
N SER H 43 33.12 44.91 81.19
CA SER H 43 34.17 43.91 81.09
C SER H 43 34.75 43.80 79.69
N LEU H 44 34.16 44.47 78.69
CA LEU H 44 34.76 44.51 77.35
C LEU H 44 35.99 45.41 77.32
N PHE H 45 36.04 46.44 78.14
CA PHE H 45 37.19 47.33 78.19
C PHE H 45 37.38 47.91 79.60
N PRO H 46 37.67 47.08 80.62
CA PRO H 46 37.80 47.64 81.97
C PRO H 46 39.12 48.37 82.16
N LYS H 47 39.06 49.61 82.67
CA LYS H 47 40.27 50.38 82.83
C LYS H 47 40.31 51.20 84.12
N ASP H 48 39.37 51.03 85.04
CA ASP H 48 39.44 51.71 86.33
C ASP H 48 40.58 51.17 87.18
N SER H 49 41.26 52.07 87.90
CA SER H 49 42.43 51.71 88.68
C SER H 49 42.13 51.24 90.10
N ASP H 50 40.89 51.35 90.56
CA ASP H 50 40.55 51.22 91.96
C ASP H 50 39.45 50.18 92.20
N ASN H 51 39.54 49.04 91.52
CA ASN H 51 38.52 48.00 91.59
C ASN H 51 38.39 47.36 92.96
N ALA H 52 39.32 47.60 93.89
CA ALA H 52 39.07 47.26 95.28
C ALA H 52 37.94 48.09 95.87
N SER H 53 37.72 49.29 95.33
CA SER H 53 36.71 50.22 95.81
C SER H 53 35.51 50.39 94.87
N THR H 54 35.69 50.15 93.58
CA THR H 54 34.64 50.23 92.56
C THR H 54 34.33 48.87 91.94
N ASP H 55 33.10 48.71 91.47
CA ASP H 55 32.75 47.50 90.72
C ASP H 55 32.81 47.76 89.21
N TYR H 56 32.68 46.69 88.43
CA TYR H 56 32.31 46.79 87.01
C TYR H 56 30.82 47.13 86.99
N THR H 57 30.54 48.43 87.16
CA THR H 57 29.25 48.91 87.67
C THR H 57 28.09 48.56 86.76
N THR H 58 27.15 47.78 87.31
CA THR H 58 25.97 47.31 86.59
C THR H 58 24.98 48.44 86.38
N PRO H 59 24.65 48.80 85.14
CA PRO H 59 23.65 49.86 84.91
C PRO H 59 22.24 49.35 85.15
N TRP H 60 21.32 50.29 85.33
CA TRP H 60 19.91 49.92 85.40
C TRP H 60 19.37 49.59 84.00
N GLN H 61 19.78 50.35 82.99
CA GLN H 61 19.36 50.07 81.62
C GLN H 61 20.08 48.87 81.03
N ALA H 62 19.32 47.97 80.42
CA ALA H 62 19.86 46.79 79.75
C ALA H 62 20.06 46.98 78.25
N VAL H 63 19.62 48.12 77.71
CA VAL H 63 19.52 48.32 76.27
C VAL H 63 20.89 48.27 75.60
N GLY H 64 21.91 48.83 76.24
CA GLY H 64 23.24 48.87 75.63
C GLY H 64 23.82 47.49 75.39
N ALA H 65 23.75 46.62 76.40
CA ALA H 65 24.29 45.27 76.28
C ALA H 65 23.54 44.48 75.21
N ARG H 66 22.22 44.56 75.22
CA ARG H 66 21.38 43.81 74.30
C ARG H 66 21.61 44.27 72.85
N GLY H 67 21.70 45.59 72.64
CA GLY H 67 21.96 46.09 71.30
C GLY H 67 23.32 45.72 70.77
N LEU H 68 24.35 45.77 71.64
CA LEU H 68 25.70 45.39 71.19
C LEU H 68 25.75 43.93 70.78
N ASN H 69 25.14 43.03 71.59
CA ASN H 69 25.16 41.61 71.23
C ASN H 69 24.39 41.35 69.93
N ASN H 70 23.26 42.02 69.75
CA ASN H 70 22.46 41.82 68.53
C ASN H 70 23.21 42.27 67.27
N LEU H 71 23.86 43.44 67.33
CA LEU H 71 24.60 43.94 66.18
C LEU H 71 25.78 43.04 65.84
N ALA H 72 26.51 42.56 66.86
CA ALA H 72 27.63 41.67 66.58
C ALA H 72 27.14 40.37 65.95
N SER H 73 25.98 39.88 66.39
CA SER H 73 25.42 38.66 65.79
C SER H 73 25.08 38.86 64.32
N LYS H 74 24.57 40.03 63.95
CA LYS H 74 24.22 40.21 62.54
C LYS H 74 25.45 40.43 61.66
N LEU H 75 26.45 41.16 62.17
CA LEU H 75 27.71 41.33 61.44
C LEU H 75 28.42 39.99 61.24
N MET H 76 28.36 39.12 62.23
CA MET H 76 28.86 37.76 62.08
C MET H 76 27.91 36.85 61.26
N LEU H 77 26.88 37.41 60.65
CA LEU H 77 26.17 36.65 59.64
C LEU H 77 26.41 37.16 58.24
N ALA H 78 26.71 38.45 58.07
CA ALA H 78 27.26 38.91 56.80
C ALA H 78 28.66 38.37 56.59
N LEU H 79 29.54 38.64 57.56
CA LEU H 79 30.89 38.08 57.53
C LEU H 79 30.87 36.65 58.03
N PHE H 80 31.69 35.79 57.39
CA PHE H 80 32.00 34.43 57.82
C PHE H 80 30.80 33.51 58.05
N PRO H 81 29.82 33.43 57.15
CA PRO H 81 28.71 32.50 57.38
C PRO H 81 29.12 31.09 57.05
N MET H 82 28.17 30.17 57.21
CA MET H 82 28.47 28.78 56.96
C MET H 82 28.51 28.45 55.47
N GLN H 83 27.89 29.27 54.63
CA GLN H 83 27.87 29.18 53.18
C GLN H 83 29.11 29.83 52.56
N THR H 84 29.35 29.50 51.29
CA THR H 84 30.64 29.78 50.67
C THR H 84 30.76 31.26 50.33
N TRP H 85 31.64 31.95 51.05
CA TRP H 85 31.86 33.38 50.94
C TRP H 85 33.15 33.76 50.17
N MET H 86 33.83 32.81 49.51
CA MET H 86 35.06 33.14 48.81
C MET H 86 35.11 32.42 47.47
N LYS H 87 36.08 32.81 46.64
CA LYS H 87 36.29 32.20 45.34
C LYS H 87 37.74 32.28 44.93
N LEU H 88 38.36 31.13 44.68
CA LEU H 88 39.64 31.05 43.99
C LEU H 88 39.40 31.22 42.49
N THR H 89 39.67 32.42 42.00
CA THR H 89 39.49 32.73 40.59
C THR H 89 40.63 32.19 39.75
N ILE H 90 40.37 32.02 38.45
CA ILE H 90 41.41 31.82 37.44
C ILE H 90 41.47 33.06 36.56
N SER H 91 42.68 33.63 36.44
CA SER H 91 42.91 34.79 35.60
C SER H 91 42.57 34.47 34.14
N GLU H 92 41.85 35.40 33.49
CA GLU H 92 41.26 35.13 32.18
C GLU H 92 42.31 34.85 31.12
N PHE H 93 43.45 35.55 31.16
CA PHE H 93 44.54 35.25 30.24
C PHE H 93 45.07 33.84 30.40
N GLU H 94 45.10 33.32 31.63
CA GLU H 94 45.54 31.96 31.86
C GLU H 94 44.44 30.95 31.58
N ALA H 95 43.18 31.32 31.85
CA ALA H 95 42.06 30.45 31.48
C ALA H 95 42.02 30.23 29.98
N LYS H 96 42.32 31.28 29.21
CA LYS H 96 42.38 31.19 27.76
C LYS H 96 43.47 30.24 27.28
N GLN H 97 44.47 29.94 28.11
CA GLN H 97 45.46 28.93 27.79
C GLN H 97 45.01 27.54 28.24
N LEU H 98 44.42 27.47 29.43
CA LEU H 98 44.08 26.18 30.04
C LEU H 98 42.88 25.53 29.34
N VAL H 99 41.97 26.33 28.78
CA VAL H 99 40.73 25.83 28.20
C VAL H 99 40.95 24.95 26.97
N ALA H 100 42.17 24.92 26.40
CA ALA H 100 42.42 24.16 25.19
C ALA H 100 42.24 22.65 25.37
N GLN H 101 42.26 22.14 26.61
CA GLN H 101 41.92 20.75 26.89
C GLN H 101 41.06 20.72 28.15
N PRO H 102 39.92 20.00 28.12
CA PRO H 102 39.10 19.86 29.34
C PRO H 102 39.84 19.19 30.48
N ALA H 103 40.82 18.34 30.18
CA ALA H 103 41.58 17.66 31.23
C ALA H 103 42.39 18.65 32.06
N GLU H 104 42.97 19.67 31.42
CA GLU H 104 43.76 20.63 32.18
C GLU H 104 42.89 21.46 33.12
N LEU H 105 41.72 21.90 32.65
CA LEU H 105 40.78 22.57 33.54
C LEU H 105 40.28 21.64 34.64
N ALA H 106 40.06 20.37 34.32
CA ALA H 106 39.60 19.42 35.34
C ALA H 106 40.66 19.23 36.42
N LYS H 107 41.92 19.08 36.03
CA LYS H 107 42.99 18.88 37.00
C LYS H 107 43.24 20.14 37.82
N VAL H 108 43.12 21.32 37.20
CA VAL H 108 43.27 22.55 37.97
C VAL H 108 42.11 22.74 38.94
N GLU H 109 40.88 22.59 38.46
CA GLU H 109 39.72 22.93 39.27
C GLU H 109 39.35 21.87 40.30
N GLU H 110 39.78 20.61 40.12
CA GLU H 110 39.68 19.65 41.21
C GLU H 110 40.58 20.10 42.37
N GLY H 111 41.77 20.61 42.04
CA GLY H 111 42.66 21.21 43.00
C GLY H 111 42.05 22.40 43.69
N LEU H 112 41.47 23.32 42.91
CA LEU H 112 40.83 24.50 43.49
C LEU H 112 39.64 24.13 44.37
N SER H 113 38.87 23.13 43.96
CA SER H 113 37.75 22.67 44.77
C SER H 113 38.24 22.17 46.12
N MET H 114 39.32 21.39 46.12
CA MET H 114 39.75 20.87 47.41
C MET H 114 40.44 21.94 48.23
N VAL H 115 41.08 22.94 47.60
CA VAL H 115 41.69 24.03 48.37
C VAL H 115 40.62 24.93 48.99
N GLU H 116 39.55 25.22 48.24
CA GLU H 116 38.43 25.98 48.83
C GLU H 116 37.81 25.21 49.99
N ARG H 117 37.64 23.89 49.82
CA ARG H 117 37.07 23.10 50.90
C ARG H 117 38.05 23.02 52.08
N ILE H 118 39.36 23.02 51.82
CA ILE H 118 40.36 23.06 52.88
C ILE H 118 40.32 24.38 53.63
N LEU H 119 40.09 25.50 52.93
CA LEU H 119 39.98 26.78 53.61
C LEU H 119 38.77 26.82 54.53
N MET H 120 37.60 26.39 54.03
CA MET H 120 36.45 26.32 54.94
C MET H 120 36.62 25.30 56.06
N ASN H 121 37.32 24.18 55.78
CA ASN H 121 37.67 23.23 56.81
C ASN H 121 38.51 23.90 57.88
N TYR H 122 39.52 24.64 57.45
CA TYR H 122 40.47 25.19 58.40
C TYR H 122 39.77 26.23 59.27
N ILE H 123 38.87 27.00 58.67
CA ILE H 123 38.09 27.96 59.43
C ILE H 123 37.25 27.26 60.50
N GLU H 124 36.51 26.21 60.12
CA GLU H 124 35.63 25.58 61.11
C GLU H 124 36.36 24.62 62.05
N SER H 125 37.35 23.88 61.55
CA SER H 125 38.10 22.92 62.35
C SER H 125 38.93 23.61 63.42
N ASN H 126 39.34 24.85 63.17
CA ASN H 126 40.07 25.64 64.16
C ASN H 126 39.18 26.68 64.83
N SER H 127 37.86 26.57 64.63
CA SER H 127 36.84 27.31 65.39
C SER H 127 37.04 28.81 65.33
N TYR H 128 37.49 29.31 64.17
CA TYR H 128 37.74 30.73 63.99
C TYR H 128 36.51 31.58 64.28
N ARG H 129 35.31 31.01 64.09
CA ARG H 129 34.05 31.70 64.36
C ARG H 129 34.02 32.33 65.76
N VAL H 130 34.62 31.66 66.75
CA VAL H 130 34.58 32.17 68.13
C VAL H 130 35.34 33.49 68.25
N THR H 131 36.62 33.49 67.87
CA THR H 131 37.45 34.67 68.04
C THR H 131 37.00 35.79 67.12
N LEU H 132 36.41 35.43 65.98
CA LEU H 132 35.91 36.45 65.07
C LEU H 132 34.68 37.14 65.66
N PHE H 133 33.82 36.40 66.39
CA PHE H 133 32.71 37.03 67.12
C PHE H 133 33.22 37.97 68.23
N GLU H 134 34.24 37.53 68.97
CA GLU H 134 34.85 38.40 69.99
C GLU H 134 35.45 39.67 69.37
N THR H 135 36.07 39.53 68.20
CA THR H 135 36.67 40.65 67.50
C THR H 135 35.63 41.67 67.09
N LEU H 136 34.48 41.20 66.61
CA LEU H 136 33.40 42.12 66.24
C LEU H 136 32.85 42.87 67.46
N LYS H 137 32.77 42.20 68.62
CA LYS H 137 32.42 42.92 69.85
C LYS H 137 33.41 44.06 70.14
N GLN H 138 34.71 43.78 70.04
CA GLN H 138 35.73 44.81 70.26
C GLN H 138 35.62 45.93 69.23
N LEU H 139 35.36 45.61 67.97
CA LEU H 139 35.27 46.65 66.94
C LEU H 139 34.06 47.57 67.17
N VAL H 140 32.93 47.01 67.62
CA VAL H 140 31.78 47.86 67.88
C VAL H 140 32.04 48.78 69.06
N VAL H 141 32.69 48.27 70.11
CA VAL H 141 32.80 49.14 71.28
C VAL H 141 34.04 50.06 71.26
N ALA H 142 35.14 49.69 70.59
CA ALA H 142 36.37 50.46 70.67
C ALA H 142 36.91 50.91 69.32
N GLY H 143 36.33 50.44 68.22
CA GLY H 143 36.73 50.85 66.89
C GLY H 143 38.02 50.25 66.38
N ASN H 144 38.76 49.49 67.20
CA ASN H 144 40.12 49.07 66.90
C ASN H 144 40.36 47.68 67.48
N ALA H 145 41.11 46.84 66.75
CA ALA H 145 41.49 45.51 67.22
C ALA H 145 42.69 45.00 66.43
N LEU H 146 43.38 44.00 66.99
CA LEU H 146 44.53 43.38 66.35
C LEU H 146 44.49 41.86 66.50
N LEU H 147 44.72 41.15 65.39
CA LEU H 147 44.70 39.70 65.33
C LEU H 147 46.04 39.15 64.86
N TYR H 148 46.34 37.92 65.31
CA TYR H 148 47.55 37.19 64.96
C TYR H 148 47.22 35.75 64.61
N ILE H 149 47.82 35.27 63.52
CA ILE H 149 47.63 33.90 63.04
C ILE H 149 48.92 33.13 63.29
N PRO H 150 48.89 32.06 64.08
CA PRO H 150 50.13 31.37 64.45
C PRO H 150 50.63 30.46 63.35
N GLU H 151 51.90 30.10 63.46
CA GLU H 151 52.41 28.98 62.68
C GLU H 151 51.78 27.68 63.20
N PRO H 152 51.48 26.73 62.31
CA PRO H 152 50.76 25.52 62.71
C PRO H 152 51.58 24.53 63.51
N GLU H 153 51.10 24.25 64.72
CA GLU H 153 51.61 23.20 65.59
C GLU H 153 50.46 22.39 66.16
N GLY H 154 50.73 21.10 66.40
CA GLY H 154 49.74 20.23 67.00
C GLY H 154 48.53 19.99 66.09
N ALA H 155 47.42 19.67 66.73
CA ALA H 155 46.20 19.33 65.99
C ALA H 155 45.27 20.51 65.74
N TYR H 156 45.36 21.57 66.55
CA TYR H 156 44.30 22.58 66.63
C TYR H 156 44.90 23.95 66.88
N ASN H 157 44.49 24.95 66.10
CA ASN H 157 45.23 26.21 66.00
C ASN H 157 44.37 27.44 65.84
N PRO H 158 43.67 27.84 66.90
CA PRO H 158 42.92 29.11 66.85
C PRO H 158 43.82 30.32 67.03
N MET H 159 43.27 31.48 66.64
CA MET H 159 43.98 32.75 66.58
C MET H 159 44.14 33.38 67.98
N LYS H 160 44.92 34.46 68.03
CA LYS H 160 45.09 35.28 69.22
C LYS H 160 44.62 36.71 68.94
N LEU H 161 43.83 37.26 69.87
CA LEU H 161 43.20 38.58 69.74
C LEU H 161 43.76 39.55 70.79
N TYR H 162 44.13 40.76 70.35
CA TYR H 162 44.66 41.84 71.18
C TYR H 162 43.69 43.02 71.30
N ARG H 163 43.52 43.53 72.52
CA ARG H 163 42.81 44.78 72.76
C ARG H 163 43.75 45.99 72.56
N LEU H 164 43.13 47.16 72.39
CA LEU H 164 43.87 48.38 72.03
C LEU H 164 44.90 48.76 73.07
N SER H 165 44.61 48.47 74.34
CA SER H 165 45.51 48.84 75.43
C SER H 165 46.82 48.06 75.42
N SER H 166 46.95 47.03 74.58
CA SER H 166 48.13 46.19 74.57
C SER H 166 49.06 46.41 73.39
N TYR H 167 48.76 47.34 72.47
CA TYR H 167 49.56 47.51 71.26
C TYR H 167 49.55 48.96 70.77
N VAL H 168 50.50 49.26 69.88
CA VAL H 168 50.59 50.54 69.18
C VAL H 168 50.87 50.27 67.70
N VAL H 169 50.48 51.22 66.84
CA VAL H 169 50.63 51.08 65.39
C VAL H 169 50.79 52.48 64.78
N GLN H 170 51.55 52.56 63.68
CA GLN H 170 51.88 53.81 63.00
C GLN H 170 51.65 53.68 61.50
N ARG H 171 51.07 54.72 60.89
CA ARG H 171 50.58 54.68 59.51
C ARG H 171 51.01 55.91 58.71
N ASP H 172 51.13 55.71 57.39
CA ASP H 172 51.38 56.82 56.47
C ASP H 172 50.06 57.45 56.03
N ALA H 173 50.15 58.42 55.10
CA ALA H 173 48.98 59.16 54.65
C ALA H 173 48.01 58.29 53.85
N PHE H 174 48.47 57.16 53.34
CA PHE H 174 47.64 56.22 52.61
C PHE H 174 47.12 55.10 53.49
N GLY H 175 47.33 55.16 54.81
CA GLY H 175 46.90 54.13 55.71
C GLY H 175 47.80 52.91 55.78
N THR H 176 48.96 52.96 55.13
CA THR H 176 49.88 51.84 55.13
C THR H 176 50.56 51.71 56.48
N VAL H 177 50.59 50.48 57.01
CA VAL H 177 51.23 50.27 58.31
C VAL H 177 52.74 50.29 58.14
N LEU H 178 53.40 51.15 58.90
CA LEU H 178 54.85 51.25 58.97
C LEU H 178 55.44 50.35 60.05
N GLN H 179 54.83 50.33 61.25
CA GLN H 179 55.33 49.48 62.33
C GLN H 179 54.24 49.21 63.37
N ILE H 180 54.45 48.13 64.13
CA ILE H 180 53.57 47.66 65.20
C ILE H 180 54.45 47.23 66.37
N VAL H 181 54.02 47.50 67.61
CA VAL H 181 54.60 46.91 68.80
C VAL H 181 53.49 46.36 69.69
N THR H 182 53.67 45.13 70.19
CA THR H 182 52.79 44.56 71.20
C THR H 182 53.52 44.45 72.54
N LEU H 183 52.78 44.68 73.62
CA LEU H 183 53.26 44.43 74.99
C LEU H 183 52.56 43.19 75.54
N ASP H 184 53.35 42.18 75.90
CA ASP H 184 52.86 40.87 76.34
C ASP H 184 53.44 40.57 77.73
N LYS H 185 52.72 39.80 78.55
CA LYS H 185 53.18 39.52 79.92
C LYS H 185 52.97 38.06 80.34
N THR H 186 53.91 37.55 81.15
CA THR H 186 53.89 36.20 81.70
C THR H 186 54.87 36.16 82.88
N ALA H 187 54.58 35.31 83.87
CA ALA H 187 55.46 35.13 85.02
C ALA H 187 56.78 34.45 84.68
N TYR H 188 57.84 34.84 85.42
CA TYR H 188 59.22 34.36 85.23
C TYR H 188 59.33 32.84 85.21
N ALA H 189 58.76 32.17 86.20
CA ALA H 189 58.90 30.73 86.25
C ALA H 189 58.11 30.03 85.17
N ALA H 190 57.16 30.72 84.54
CA ALA H 190 56.35 30.11 83.49
C ALA H 190 56.98 30.22 82.10
N LEU H 191 58.02 31.03 81.95
CA LEU H 191 58.66 31.25 80.66
C LEU H 191 59.46 30.02 80.21
N PRO H 192 59.77 29.90 78.90
CA PRO H 192 60.56 28.76 78.43
C PRO H 192 61.95 28.70 79.05
N GLU H 193 62.52 27.50 79.02
CA GLU H 193 63.75 27.19 79.77
C GLU H 193 64.92 28.06 79.33
N ASP H 194 65.13 28.20 78.02
CA ASP H 194 66.20 29.09 77.56
C ASP H 194 65.94 30.54 77.92
N VAL H 195 64.66 30.95 77.94
CA VAL H 195 64.34 32.30 78.39
C VAL H 195 64.66 32.46 79.88
N ARG H 196 64.32 31.47 80.70
CA ARG H 196 64.62 31.52 82.13
C ARG H 196 66.13 31.55 82.37
N ASN H 197 66.91 30.87 81.51
CA ASN H 197 68.37 30.93 81.58
C ASN H 197 68.95 32.23 81.04
N ALA H 198 68.15 33.07 80.39
CA ALA H 198 68.72 34.25 79.76
C ALA H 198 68.94 35.41 80.71
N MET H 199 68.48 35.28 81.94
CA MET H 199 68.29 36.41 82.82
C MET H 199 69.04 36.32 84.13
N ASP H 200 70.31 35.93 84.00
CA ASP H 200 71.18 35.75 85.13
C ASP H 200 71.58 37.08 85.76
N SER H 201 71.75 38.11 84.93
CA SER H 201 72.31 39.37 85.39
C SER H 201 71.23 40.27 86.00
N GLY H 202 71.69 41.19 86.83
CA GLY H 202 70.81 42.16 87.45
C GLY H 202 70.05 41.69 88.67
N GLN H 203 68.80 42.14 88.79
CA GLN H 203 67.96 41.74 89.91
C GLN H 203 67.60 40.26 89.86
N GLU H 204 67.46 39.66 91.04
CA GLU H 204 66.98 38.29 91.18
C GLU H 204 65.45 38.27 91.04
N HIS H 205 64.96 37.58 90.00
CA HIS H 205 63.52 37.38 89.77
C HIS H 205 62.89 36.44 90.79
N LYS H 206 61.71 36.83 91.25
CA LYS H 206 60.80 35.94 91.95
C LYS H 206 60.04 35.09 90.94
N GLY H 207 59.61 33.90 91.38
CA GLY H 207 58.99 32.95 90.46
C GLY H 207 57.73 33.46 89.81
N ASP H 208 56.91 34.20 90.55
CA ASP H 208 55.67 34.74 90.02
C ASP H 208 55.81 36.18 89.52
N GLU H 209 57.03 36.68 89.34
CA GLU H 209 57.24 38.05 88.86
C GLU H 209 56.89 38.15 87.38
N MET H 210 55.97 39.07 87.05
CA MET H 210 55.52 39.24 85.67
C MET H 210 56.56 39.99 84.85
N ILE H 211 56.91 39.43 83.69
CA ILE H 211 57.94 39.98 82.80
C ILE H 211 57.25 40.63 81.60
N ASP H 212 57.61 41.89 81.32
CA ASP H 212 57.04 42.56 80.14
C ASP H 212 57.89 42.23 78.91
N VAL H 213 57.26 41.55 77.94
CA VAL H 213 57.90 41.17 76.68
C VAL H 213 57.35 42.06 75.57
N TYR H 214 58.22 42.57 74.73
CA TYR H 214 57.82 43.46 73.64
C TYR H 214 58.12 42.82 72.30
N THR H 215 57.11 42.79 71.42
CA THR H 215 57.24 42.29 70.05
C THR H 215 57.21 43.49 69.11
N HIS H 216 58.23 43.61 68.26
CA HIS H 216 58.34 44.72 67.34
C HIS H 216 58.29 44.18 65.91
N ILE H 217 57.38 44.71 65.10
CA ILE H 217 57.28 44.39 63.68
C ILE H 217 57.42 45.71 62.90
N TYR H 218 58.32 45.73 61.92
CA TYR H 218 58.65 46.98 61.22
C TYR H 218 59.02 46.71 59.77
N LEU H 219 58.78 47.72 58.92
CA LEU H 219 58.95 47.63 57.48
C LEU H 219 60.40 47.87 57.05
N ASP H 220 60.85 47.08 56.07
CA ASP H 220 62.19 47.16 55.51
C ASP H 220 62.18 47.97 54.21
N GLU H 221 63.37 48.38 53.78
CA GLU H 221 63.54 49.22 52.61
C GLU H 221 64.37 48.57 51.51
N GLU H 222 65.44 47.86 51.87
CA GLU H 222 66.22 47.09 50.91
C GLU H 222 65.57 45.73 50.58
N SER H 223 64.39 45.45 51.13
CA SER H 223 63.62 44.27 50.80
C SER H 223 62.14 44.60 50.93
N GLY H 224 61.31 43.87 50.19
CA GLY H 224 59.88 44.06 50.26
C GLY H 224 59.25 43.29 51.41
N GLU H 225 59.75 43.53 52.63
CA GLU H 225 59.43 42.66 53.75
C GLU H 225 59.19 43.45 55.03
N TYR H 226 58.35 42.91 55.89
CA TYR H 226 58.34 43.27 57.29
C TYR H 226 59.31 42.38 58.08
N LEU H 227 59.87 42.94 59.15
CA LEU H 227 60.84 42.26 60.00
C LEU H 227 60.33 42.21 61.43
N LYS H 228 60.67 41.13 62.15
CA LYS H 228 60.14 40.86 63.48
C LYS H 228 61.26 40.51 64.45
N TYR H 229 61.15 40.98 65.70
CA TYR H 229 61.96 40.48 66.81
C TYR H 229 61.24 40.74 68.14
N GLU H 230 61.73 40.11 69.20
CA GLU H 230 61.17 40.24 70.54
C GLU H 230 62.26 40.66 71.54
N GLU H 231 61.83 41.36 72.59
CA GLU H 231 62.71 42.14 73.45
C GLU H 231 62.27 42.08 74.91
N ILE H 232 63.25 41.93 75.81
CA ILE H 232 63.04 41.94 77.25
C ILE H 232 64.12 42.79 77.90
N ASP H 233 63.71 43.75 78.73
CA ASP H 233 64.60 44.65 79.51
C ASP H 233 65.62 45.33 78.60
N GLY H 234 65.17 45.68 77.39
CA GLY H 234 66.03 46.37 76.44
C GLY H 234 66.99 45.49 75.68
N VAL H 235 66.87 44.17 75.79
CA VAL H 235 67.76 43.22 75.13
C VAL H 235 66.92 42.25 74.30
N GLU H 236 67.44 41.86 73.14
CA GLU H 236 66.72 40.96 72.24
C GLU H 236 66.69 39.53 72.76
N VAL H 237 65.54 38.87 72.59
CA VAL H 237 65.38 37.46 72.93
C VAL H 237 65.86 36.64 71.75
N ASP H 238 66.89 35.84 71.97
CA ASP H 238 67.56 35.14 70.88
C ASP H 238 66.66 34.10 70.24
N GLY H 239 66.70 34.04 68.91
CA GLY H 239 65.92 33.09 68.14
C GLY H 239 64.52 33.51 67.81
N THR H 240 64.07 34.68 68.27
CA THR H 240 62.72 35.16 67.99
C THR H 240 62.62 35.94 66.68
N ASP H 241 63.71 36.10 65.94
CA ASP H 241 63.72 36.93 64.75
C ASP H 241 63.10 36.22 63.55
N ALA H 242 62.44 37.00 62.67
CA ALA H 242 61.79 36.46 61.48
C ALA H 242 61.53 37.59 60.47
N SER H 243 61.17 37.18 59.24
CA SER H 243 60.84 38.09 58.14
C SER H 243 59.62 37.60 57.38
N TYR H 244 58.82 38.54 56.85
CA TYR H 244 57.60 38.23 56.11
C TYR H 244 57.45 39.17 54.92
N PRO H 245 57.01 38.68 53.76
CA PRO H 245 56.68 39.59 52.66
C PRO H 245 55.42 40.39 52.94
N VAL H 246 55.36 41.58 52.33
CA VAL H 246 54.31 42.56 52.63
C VAL H 246 52.93 42.00 52.29
N ASP H 247 52.84 41.10 51.32
CA ASP H 247 51.56 40.51 50.98
C ASP H 247 51.07 39.46 51.97
N ALA H 248 51.90 38.96 52.91
CA ALA H 248 51.45 37.84 53.74
C ALA H 248 51.97 37.91 55.18
N CYS H 249 51.91 39.09 55.81
CA CYS H 249 52.33 39.20 57.22
C CYS H 249 51.26 38.60 58.14
N PRO H 250 51.66 37.88 59.21
CA PRO H 250 50.66 37.22 60.07
C PRO H 250 49.98 38.14 61.09
N TYR H 251 50.31 39.42 61.14
CA TYR H 251 49.65 40.34 62.06
C TYR H 251 48.68 41.23 61.31
N ILE H 252 47.45 41.34 61.82
CA ILE H 252 46.37 42.03 61.11
C ILE H 252 45.68 43.05 62.03
N PRO H 253 46.05 44.32 61.97
CA PRO H 253 45.28 45.35 62.68
C PRO H 253 44.06 45.81 61.88
N VAL H 254 42.95 46.06 62.59
CA VAL H 254 41.65 46.28 61.97
C VAL H 254 40.99 47.54 62.54
N ARG H 255 40.32 48.30 61.66
CA ARG H 255 39.60 49.52 62.00
C ARG H 255 38.12 49.39 61.65
N MET H 256 37.24 49.92 62.51
CA MET H 256 35.81 49.90 62.19
C MET H 256 35.45 51.00 61.19
N VAL H 257 35.94 52.21 61.41
CA VAL H 257 35.67 53.31 60.49
C VAL H 257 37.01 53.87 60.03
N ARG H 258 37.11 54.09 58.71
CA ARG H 258 38.37 54.48 58.05
C ARG H 258 38.54 55.99 58.06
N ILE H 259 39.74 56.46 58.45
CA ILE H 259 40.12 57.87 58.43
C ILE H 259 41.55 57.97 57.92
N ASP H 260 41.80 58.94 57.02
CA ASP H 260 43.15 59.21 56.55
C ASP H 260 43.90 60.13 57.50
N GLY H 261 45.20 59.86 57.66
CA GLY H 261 46.04 60.65 58.53
C GLY H 261 46.01 60.24 59.99
N GLU H 262 45.48 59.06 60.28
CA GLU H 262 45.32 58.56 61.64
C GLU H 262 45.82 57.12 61.73
N SER H 263 46.36 56.76 62.88
CA SER H 263 46.72 55.36 63.13
C SER H 263 45.50 54.47 63.36
N TYR H 264 44.34 55.06 63.68
CA TYR H 264 43.27 54.35 64.36
C TYR H 264 41.91 54.70 63.77
N GLY H 265 40.91 53.87 64.12
CA GLY H 265 39.53 54.10 63.76
C GLY H 265 38.67 54.54 64.95
N ARG H 266 37.39 54.79 64.66
CA ARG H 266 36.42 55.30 65.62
C ARG H 266 35.28 54.28 65.79
N SER H 267 34.67 54.28 66.98
CA SER H 267 33.58 53.36 67.28
C SER H 267 32.22 53.89 66.81
N TYR H 268 31.24 52.98 66.72
CA TYR H 268 29.91 53.34 66.25
C TYR H 268 29.11 54.08 67.32
N CYS H 269 29.14 53.59 68.55
CA CYS H 269 28.23 54.08 69.60
C CYS H 269 28.69 55.39 70.23
N GLU H 270 29.80 55.97 69.77
CA GLU H 270 30.24 57.30 70.19
C GLU H 270 29.18 58.36 69.95
N GLU H 271 28.43 58.24 68.85
CA GLU H 271 27.40 59.21 68.51
C GLU H 271 26.21 59.17 69.45
N TYR H 272 26.00 58.07 70.15
CA TYR H 272 24.78 57.85 70.93
C TYR H 272 25.01 57.84 72.44
N LEU H 273 26.21 58.19 72.91
CA LEU H 273 26.52 58.09 74.34
C LEU H 273 25.67 59.01 75.19
N GLY H 274 25.26 60.16 74.65
CA GLY H 274 24.37 61.05 75.39
C GLY H 274 23.01 60.44 75.65
N ASP H 275 22.48 59.68 74.68
CA ASP H 275 21.20 59.01 74.87
C ASP H 275 21.28 57.95 75.95
N LEU H 276 22.33 57.12 75.91
CA LEU H 276 22.50 56.05 76.90
C LEU H 276 22.65 56.64 78.30
N ARG H 277 23.46 57.69 78.41
CA ARG H 277 23.69 58.36 79.68
C ARG H 277 22.44 59.05 80.20
N SER H 278 21.54 59.48 79.29
CA SER H 278 20.27 60.07 79.76
C SER H 278 19.28 59.00 80.21
N LEU H 279 19.23 57.87 79.50
CA LEU H 279 18.29 56.79 79.82
C LEU H 279 18.58 56.22 81.20
N GLU H 280 19.86 56.04 81.53
CA GLU H 280 20.23 55.55 82.86
C GLU H 280 19.74 56.50 83.97
N ASN H 281 19.87 57.80 83.72
CA ASN H 281 19.50 58.84 84.67
C ASN H 281 18.00 58.77 84.98
N LEU H 282 17.18 58.62 83.92
CA LEU H 282 15.73 58.51 84.13
C LEU H 282 15.35 57.24 84.88
N GLN H 283 15.99 56.10 84.57
CA GLN H 283 15.63 54.85 85.25
C GLN H 283 15.92 54.91 86.75
N GLU H 284 17.07 55.49 87.12
CA GLU H 284 17.39 55.65 88.54
C GLU H 284 16.36 56.52 89.25
N ALA H 285 15.90 57.60 88.58
CA ALA H 285 14.86 58.42 89.18
C ALA H 285 13.56 57.64 89.41
N ILE H 286 13.19 56.77 88.47
CA ILE H 286 11.95 56.02 88.63
C ILE H 286 12.02 55.05 89.81
N VAL H 287 13.19 54.43 90.01
CA VAL H 287 13.38 53.57 91.19
C VAL H 287 13.16 54.36 92.49
N LYS H 288 13.81 55.52 92.61
CA LYS H 288 13.68 56.29 93.84
C LYS H 288 12.25 56.81 94.03
N MET H 289 11.59 57.16 92.93
CA MET H 289 10.19 57.57 92.94
C MET H 289 9.28 56.48 93.48
N SER H 290 9.63 55.22 93.25
CA SER H 290 8.87 54.13 93.86
C SER H 290 9.16 53.99 95.36
N MET H 291 10.43 54.10 95.75
CA MET H 291 10.83 53.75 97.12
C MET H 291 10.25 54.70 98.19
N ILE H 292 10.06 55.97 97.85
CA ILE H 292 9.72 57.00 98.83
C ILE H 292 8.23 57.09 99.15
N SER H 293 7.39 56.31 98.47
CA SER H 293 5.94 56.46 98.58
C SER H 293 5.42 56.00 99.95
N ALA H 294 4.42 56.73 100.47
CA ALA H 294 3.91 56.51 101.81
C ALA H 294 2.41 56.19 101.85
N LYS H 295 1.81 55.80 100.72
CA LYS H 295 0.38 55.50 100.65
C LYS H 295 0.18 54.54 99.47
N VAL H 296 -0.87 53.70 99.55
CA VAL H 296 -1.13 52.69 98.54
C VAL H 296 -2.61 52.74 98.12
N ILE H 297 -2.84 52.62 96.81
CA ILE H 297 -4.17 52.77 96.19
C ILE H 297 -4.43 51.58 95.26
N GLY H 298 -5.66 51.04 95.31
CA GLY H 298 -6.01 49.88 94.51
C GLY H 298 -7.46 49.89 94.07
N LEU H 299 -7.87 48.82 93.36
CA LEU H 299 -9.22 48.73 92.82
C LEU H 299 -9.73 47.29 92.80
N VAL H 300 -11.04 47.16 93.01
CA VAL H 300 -11.77 45.90 92.84
C VAL H 300 -12.58 45.96 91.55
N ASN H 301 -12.34 44.99 90.66
CA ASN H 301 -12.76 45.00 89.26
C ASN H 301 -14.21 44.62 88.98
N PRO H 302 -14.82 43.57 89.61
CA PRO H 302 -16.20 43.22 89.15
C PRO H 302 -17.30 44.09 89.74
N ALA H 303 -17.38 45.34 89.27
CA ALA H 303 -18.50 46.25 89.45
C ALA H 303 -18.89 46.52 90.91
N GLY H 304 -18.03 46.14 91.85
CA GLY H 304 -18.34 46.31 93.25
C GLY H 304 -19.31 45.29 93.83
N ILE H 305 -19.41 44.10 93.22
CA ILE H 305 -20.36 43.10 93.70
C ILE H 305 -20.00 42.53 95.08
N THR H 306 -18.77 42.70 95.53
CA THR H 306 -18.37 42.29 96.87
C THR H 306 -18.20 43.55 97.74
N GLN H 307 -18.84 43.55 98.91
CA GLN H 307 -19.11 44.79 99.62
C GLN H 307 -17.92 45.23 100.48
N VAL H 308 -17.28 46.32 100.06
CA VAL H 308 -16.10 46.84 100.75
C VAL H 308 -16.40 47.69 101.98
N ARG H 309 -17.68 47.94 102.28
CA ARG H 309 -18.10 48.73 103.46
C ARG H 309 -17.52 48.19 104.76
N ARG H 310 -17.35 46.87 104.84
CA ARG H 310 -16.82 46.20 106.04
C ARG H 310 -15.41 46.64 106.37
N LEU H 311 -14.68 47.14 105.39
CA LEU H 311 -13.34 47.68 105.59
C LEU H 311 -13.37 49.12 106.09
N THR H 312 -14.45 49.84 105.81
CA THR H 312 -14.61 51.21 106.28
C THR H 312 -15.19 51.25 107.69
N LYS H 313 -15.94 50.21 108.07
CA LYS H 313 -16.37 50.02 109.45
C LYS H 313 -15.17 49.76 110.37
N ALA H 314 -15.38 50.02 111.67
CA ALA H 314 -14.30 50.00 112.66
C ALA H 314 -14.07 48.58 113.19
N GLN H 315 -13.45 47.75 112.34
CA GLN H 315 -13.02 46.41 112.75
C GLN H 315 -11.86 45.98 111.86
N THR H 316 -10.72 45.68 112.48
CA THR H 316 -9.57 45.17 111.75
C THR H 316 -9.68 43.67 111.48
N GLY H 317 -10.33 42.93 112.37
CA GLY H 317 -10.52 41.50 112.16
C GLY H 317 -11.73 41.15 111.31
N ASP H 318 -11.79 41.63 110.07
CA ASP H 318 -12.90 41.32 109.18
C ASP H 318 -12.40 41.39 107.73
N PHE H 319 -13.01 40.60 106.85
CA PHE H 319 -12.45 40.24 105.55
C PHE H 319 -13.49 40.33 104.43
N VAL H 320 -13.05 40.87 103.27
CA VAL H 320 -13.83 40.87 102.04
C VAL H 320 -13.67 39.54 101.31
N SER H 321 -14.77 39.01 100.79
CA SER H 321 -14.72 37.87 99.88
C SER H 321 -14.15 38.29 98.53
N GLY H 322 -12.99 37.73 98.19
CA GLY H 322 -12.29 38.12 96.99
C GLY H 322 -11.01 37.32 96.77
N ARG H 323 -10.40 37.55 95.62
CA ARG H 323 -9.40 36.71 94.99
C ARG H 323 -8.34 37.62 94.39
N PRO H 324 -7.14 37.11 94.15
CA PRO H 324 -6.15 37.81 93.32
C PRO H 324 -6.59 37.95 91.83
N GLU H 325 -7.63 37.23 91.48
CA GLU H 325 -8.25 37.30 90.17
C GLU H 325 -9.07 38.58 89.99
N ASP H 326 -9.33 39.35 91.06
CA ASP H 326 -10.17 40.53 90.90
C ASP H 326 -9.67 41.81 91.60
N ILE H 327 -8.38 41.87 91.97
CA ILE H 327 -7.80 43.00 92.72
C ILE H 327 -6.50 43.46 92.06
N SER H 328 -6.28 44.78 92.02
CA SER H 328 -5.07 45.38 91.46
C SER H 328 -4.68 46.62 92.26
N PHE H 329 -3.41 47.03 92.09
CA PHE H 329 -2.80 48.15 92.83
C PHE H 329 -1.90 49.00 91.92
N LEU H 330 -1.79 50.27 92.28
CA LEU H 330 -1.44 51.33 91.31
C LEU H 330 -0.01 51.86 91.61
N GLN H 331 0.90 50.95 91.96
CA GLN H 331 2.06 51.30 92.79
C GLN H 331 3.06 52.24 92.13
N LEU H 332 3.26 52.12 90.82
CA LEU H 332 4.08 53.13 90.14
C LEU H 332 3.23 54.20 89.46
N GLU H 333 2.19 53.79 88.74
CA GLU H 333 1.33 54.67 87.94
C GLU H 333 0.63 55.77 88.76
N LYS H 334 0.56 55.63 90.09
CA LYS H 334 -0.04 56.65 90.94
C LYS H 334 0.77 57.94 90.94
N ALA H 335 2.10 57.85 90.80
CA ALA H 335 3.00 59.00 90.94
C ALA H 335 2.81 60.01 89.80
N ALA H 336 3.01 61.28 90.12
CA ALA H 336 2.59 62.35 89.21
C ALA H 336 3.51 62.46 87.99
N ASP H 337 4.82 62.37 88.21
CA ASP H 337 5.79 62.53 87.14
C ASP H 337 6.15 61.23 86.43
N PHE H 338 5.55 60.10 86.84
CA PHE H 338 5.92 58.80 86.29
C PHE H 338 5.66 58.70 84.79
N SER H 339 4.49 59.17 84.35
CA SER H 339 4.06 58.94 82.98
C SER H 339 4.95 59.68 81.98
N VAL H 340 5.38 60.90 82.32
CA VAL H 340 6.23 61.64 81.39
C VAL H 340 7.67 61.12 81.38
N ALA H 341 8.17 60.66 82.53
CA ALA H 341 9.49 60.02 82.58
C ALA H 341 9.50 58.77 81.71
N LYS H 342 8.42 57.98 81.81
CA LYS H 342 8.25 56.79 80.99
C LYS H 342 8.22 57.17 79.50
N ALA H 343 7.52 58.25 79.17
CA ALA H 343 7.37 58.65 77.77
C ALA H 343 8.71 59.06 77.15
N VAL H 344 9.50 59.86 77.87
CA VAL H 344 10.81 60.26 77.36
C VAL H 344 11.71 59.03 77.20
N SER H 345 11.60 58.08 78.14
CA SER H 345 12.38 56.84 78.02
C SER H 345 12.00 56.08 76.75
N GLU H 346 10.71 56.08 76.38
CA GLU H 346 10.31 55.45 75.13
C GLU H 346 10.94 56.13 73.91
N GLN H 347 11.00 57.46 73.91
CA GLN H 347 11.63 58.15 72.77
C GLN H 347 13.12 57.78 72.63
N ILE H 348 13.85 57.78 73.76
CA ILE H 348 15.28 57.46 73.74
C ILE H 348 15.51 56.01 73.30
N GLU H 349 14.69 55.09 73.81
CA GLU H 349 14.79 53.69 73.39
C GLU H 349 14.43 53.50 71.93
N GLY H 350 13.53 54.33 71.38
CA GLY H 350 13.26 54.25 69.96
C GLY H 350 14.49 54.53 69.13
N ARG H 351 15.20 55.62 69.45
CA ARG H 351 16.42 55.93 68.72
C ARG H 351 17.47 54.84 68.89
N LEU H 352 17.68 54.36 70.12
CA LEU H 352 18.71 53.36 70.38
C LEU H 352 18.39 52.03 69.71
N SER H 353 17.13 51.59 69.77
CA SER H 353 16.75 50.32 69.18
C SER H 353 16.84 50.36 67.67
N TYR H 354 16.49 51.49 67.05
CA TYR H 354 16.74 51.63 65.61
C TYR H 354 18.23 51.59 65.29
N ALA H 355 19.05 52.24 66.11
CA ALA H 355 20.48 52.34 65.82
C ALA H 355 21.18 50.98 65.95
N PHE H 356 20.81 50.19 66.94
CA PHE H 356 21.33 48.84 67.11
C PHE H 356 20.52 47.77 66.36
N MET H 357 19.58 48.20 65.50
CA MET H 357 18.82 47.32 64.59
C MET H 357 18.04 46.23 65.33
N LEU H 358 17.44 46.61 66.46
CA LEU H 358 16.54 45.77 67.24
C LEU H 358 15.11 45.88 66.73
N ASN H 359 14.95 46.22 65.47
CA ASN H 359 13.64 46.36 64.83
C ASN H 359 12.83 45.06 64.82
N GLU H 372 4.99 50.78 44.34
CA GLU H 372 6.41 50.47 44.37
C GLU H 372 6.65 49.03 44.80
N GLU H 373 7.43 48.29 44.00
CA GLU H 373 7.56 46.85 44.18
C GLU H 373 8.86 46.45 44.89
N ILE H 374 9.80 47.35 45.04
CA ILE H 374 11.08 47.07 45.70
C ILE H 374 10.91 47.19 47.21
N ARG H 375 11.47 46.22 47.94
CA ARG H 375 11.50 46.23 49.41
C ARG H 375 12.59 47.18 49.93
N TYR H 376 12.21 48.06 50.84
CA TYR H 376 13.14 49.08 51.32
C TYR H 376 13.93 48.69 52.57
N VAL H 377 13.66 47.54 53.18
CA VAL H 377 14.49 47.11 54.30
C VAL H 377 15.90 46.79 53.86
N ALA H 378 16.10 46.51 52.57
CA ALA H 378 17.43 46.23 52.02
C ALA H 378 18.36 47.44 52.11
N SER H 379 17.81 48.64 52.27
CA SER H 379 18.63 49.84 52.44
C SER H 379 19.54 49.70 53.65
N GLU H 380 19.01 49.18 54.75
CA GLU H 380 19.82 48.93 55.93
C GLU H 380 20.46 47.55 55.90
N LEU H 381 19.65 46.52 55.62
CA LEU H 381 20.10 45.14 55.77
C LEU H 381 21.12 44.75 54.73
N GLU H 382 21.10 45.38 53.55
CA GLU H 382 22.09 45.12 52.51
C GLU H 382 23.10 46.23 52.30
N ASP H 383 22.66 47.51 52.13
CA ASP H 383 23.61 48.55 51.73
C ASP H 383 24.37 49.08 52.94
N THR H 384 23.64 49.51 53.99
CA THR H 384 24.27 50.08 55.17
C THR H 384 25.29 49.14 55.77
N LEU H 385 24.88 47.89 56.00
CA LEU H 385 25.85 46.88 56.40
C LEU H 385 26.87 46.60 55.31
N GLY H 386 26.45 46.65 54.03
CA GLY H 386 27.33 46.31 52.92
C GLY H 386 28.59 47.16 52.87
N GLY H 387 28.48 48.40 53.32
CA GLY H 387 29.64 49.25 53.53
C GLY H 387 30.69 48.67 54.48
N VAL H 388 30.35 48.53 55.77
CA VAL H 388 31.29 47.99 56.75
C VAL H 388 31.66 46.55 56.44
N TYR H 389 30.74 45.82 55.80
CA TYR H 389 30.97 44.45 55.35
C TYR H 389 32.09 44.41 54.32
N SER H 390 32.05 45.31 53.34
CA SER H 390 33.10 45.39 52.33
C SER H 390 34.42 45.87 52.91
N ILE H 391 34.37 46.84 53.84
CA ILE H 391 35.60 47.34 54.44
C ILE H 391 36.28 46.26 55.26
N LEU H 392 35.50 45.45 55.97
CA LEU H 392 36.08 44.30 56.68
C LEU H 392 36.48 43.19 55.74
N SER H 393 35.87 43.08 54.55
CA SER H 393 36.42 42.20 53.53
C SER H 393 37.81 42.66 53.10
N GLN H 394 37.95 43.98 52.89
CA GLN H 394 39.23 44.52 52.43
C GLN H 394 40.32 44.39 53.49
N GLU H 395 40.01 44.80 54.73
CA GLU H 395 41.04 44.91 55.75
C GLU H 395 41.08 43.70 56.70
N LEU H 396 40.09 42.81 56.66
CA LEU H 396 40.19 41.66 57.56
C LEU H 396 40.20 40.34 56.78
N GLN H 397 39.24 40.14 55.85
CA GLN H 397 39.04 38.80 55.25
C GLN H 397 40.15 38.43 54.26
N LEU H 398 40.33 39.27 53.23
CA LEU H 398 41.41 39.12 52.25
C LEU H 398 42.82 38.91 52.83
N PRO H 399 43.31 39.71 53.80
CA PRO H 399 44.61 39.36 54.41
C PRO H 399 44.62 37.99 55.08
N MET H 400 43.50 37.60 55.72
CA MET H 400 43.46 36.32 56.41
C MET H 400 43.55 35.15 55.44
N VAL H 401 42.79 35.21 54.34
CA VAL H 401 42.85 34.09 53.40
C VAL H 401 44.21 34.04 52.69
N ARG H 402 44.85 35.20 52.47
CA ARG H 402 46.20 35.19 51.90
C ARG H 402 47.19 34.49 52.82
N VAL H 403 47.16 34.83 54.12
CA VAL H 403 48.06 34.18 55.08
C VAL H 403 47.76 32.69 55.18
N LEU H 404 46.48 32.31 55.18
CA LEU H 404 46.12 30.90 55.28
C LEU H 404 46.62 30.10 54.09
N LEU H 405 46.47 30.65 52.87
CA LEU H 405 46.96 29.95 51.68
C LEU H 405 48.48 29.74 51.73
N LYS H 406 49.22 30.80 52.08
CA LYS H 406 50.68 30.66 52.16
C LYS H 406 51.10 29.67 53.24
N GLN H 407 50.38 29.66 54.37
CA GLN H 407 50.71 28.74 55.44
C GLN H 407 50.44 27.29 55.05
N LEU H 408 49.30 27.05 54.40
CA LEU H 408 48.95 25.70 53.96
C LEU H 408 49.94 25.19 52.91
N GLN H 409 50.43 26.08 52.05
CA GLN H 409 51.46 25.65 51.10
C GLN H 409 52.78 25.37 51.81
N ALA H 410 53.18 26.24 52.75
CA ALA H 410 54.45 26.05 53.46
C ALA H 410 54.45 24.79 54.32
N THR H 411 53.27 24.33 54.72
CA THR H 411 53.14 23.11 55.50
C THR H 411 52.72 21.92 54.65
N ASN H 412 52.83 22.04 53.32
CA ASN H 412 52.55 20.99 52.33
C ASN H 412 51.13 20.44 52.39
N GLN H 413 50.16 21.21 52.90
CA GLN H 413 48.79 20.71 52.91
C GLN H 413 48.15 20.87 51.50
N ILE H 414 48.41 21.96 50.80
CA ILE H 414 47.76 22.24 49.50
C ILE H 414 48.80 22.37 48.40
N PRO H 415 48.40 22.06 47.15
CA PRO H 415 49.38 22.03 46.04
C PRO H 415 49.87 23.40 45.63
N GLU H 416 51.01 23.39 44.92
CA GLU H 416 51.72 24.58 44.45
C GLU H 416 51.16 25.08 43.12
N LEU H 417 49.86 25.37 43.08
CA LEU H 417 49.16 25.73 41.85
C LEU H 417 49.65 27.08 41.30
N PRO H 418 49.54 27.31 39.98
CA PRO H 418 50.26 28.43 39.32
C PRO H 418 49.90 29.82 39.83
N LYS H 419 50.93 30.54 40.27
CA LYS H 419 50.76 31.78 41.01
C LYS H 419 50.18 32.90 40.15
N GLU H 420 50.40 32.87 38.83
CA GLU H 420 49.83 33.86 37.94
C GLU H 420 48.39 33.56 37.56
N ALA H 421 47.95 32.30 37.67
CA ALA H 421 46.62 31.89 37.28
C ALA H 421 45.61 31.98 38.42
N VAL H 422 45.99 31.50 39.61
CA VAL H 422 45.05 31.27 40.71
C VAL H 422 45.13 32.42 41.70
N GLU H 423 43.97 33.03 42.01
CA GLU H 423 43.89 34.22 42.86
C GLU H 423 42.63 34.26 43.72
N PRO H 424 42.73 34.70 44.98
CA PRO H 424 41.58 34.73 45.88
C PRO H 424 40.64 35.93 45.67
N THR H 425 39.41 35.77 46.15
CA THR H 425 38.36 36.79 46.07
C THR H 425 37.27 36.47 47.10
N ILE H 426 36.65 37.52 47.69
CA ILE H 426 35.47 37.37 48.57
C ILE H 426 34.20 37.87 47.87
N SER H 427 33.16 37.04 47.95
CA SER H 427 31.85 37.18 47.31
C SER H 427 30.79 37.63 48.30
N THR H 428 30.89 38.89 48.74
CA THR H 428 29.82 39.46 49.55
C THR H 428 28.51 39.53 48.77
N GLY H 429 27.41 39.30 49.47
CA GLY H 429 26.11 39.31 48.84
C GLY H 429 25.11 38.47 49.62
N MET H 430 24.32 37.68 48.89
CA MET H 430 23.18 36.94 49.42
C MET H 430 23.22 35.48 48.97
N GLU H 431 22.81 34.58 49.85
CA GLU H 431 22.84 33.14 49.65
C GLU H 431 21.55 32.63 48.99
N ALA H 432 21.65 31.45 48.37
CA ALA H 432 20.50 30.76 47.79
C ALA H 432 19.42 30.46 48.81
N LEU H 433 18.19 30.35 48.32
CA LEU H 433 17.00 30.40 49.16
C LEU H 433 16.05 29.23 49.02
N GLY H 434 16.08 28.47 47.91
CA GLY H 434 15.15 27.36 47.77
C GLY H 434 15.39 26.25 48.78
N ARG H 435 16.67 25.98 49.06
CA ARG H 435 17.03 25.05 50.13
C ARG H 435 16.60 25.57 51.50
N GLY H 436 16.79 26.87 51.72
CA GLY H 436 16.67 27.43 53.06
C GLY H 436 15.26 27.39 53.60
N GLN H 437 14.29 27.73 52.77
CA GLN H 437 12.91 27.73 53.22
C GLN H 437 12.38 26.31 53.40
N ASP H 438 12.95 25.34 52.68
CA ASP H 438 12.60 23.94 52.90
C ASP H 438 13.20 23.43 54.22
N LEU H 439 14.45 23.79 54.51
CA LEU H 439 15.12 23.23 55.69
C LEU H 439 14.83 24.04 56.96
N ASP H 440 15.25 25.30 57.00
CA ASP H 440 15.16 26.08 58.23
C ASP H 440 13.74 26.51 58.54
N LYS H 441 12.99 26.96 57.53
CA LYS H 441 11.66 27.48 57.77
C LYS H 441 10.61 26.38 57.89
N LEU H 442 10.90 25.18 57.38
CA LEU H 442 9.87 24.13 57.44
C LEU H 442 10.24 22.86 58.19
N GLU H 443 11.29 22.14 57.80
CA GLU H 443 11.56 20.84 58.42
C GLU H 443 12.20 20.98 59.80
N ARG H 444 13.04 21.98 60.01
CA ARG H 444 13.51 22.26 61.36
C ARG H 444 12.36 22.64 62.28
N CYS H 445 11.36 23.34 61.75
CA CYS H 445 10.15 23.67 62.51
C CYS H 445 9.34 22.41 62.83
N ILE H 446 9.22 21.49 61.87
CA ILE H 446 8.52 20.24 62.11
C ILE H 446 9.22 19.43 63.18
N ALA H 447 10.56 19.42 63.15
CA ALA H 447 11.33 18.72 64.18
C ALA H 447 11.08 19.33 65.56
N ALA H 448 11.15 20.66 65.66
CA ALA H 448 10.95 21.32 66.95
C ALA H 448 9.54 21.09 67.49
N TRP H 449 8.56 21.20 66.59
CA TRP H 449 7.16 21.05 66.98
C TRP H 449 6.84 19.63 67.42
N SER H 450 7.35 18.65 66.68
CA SER H 450 7.10 17.26 67.04
C SER H 450 7.86 16.86 68.30
N ALA H 451 9.03 17.45 68.54
CA ALA H 451 9.74 17.17 69.79
C ALA H 451 9.00 17.78 70.98
N LEU H 452 8.39 18.96 70.79
CA LEU H 452 7.79 19.70 71.90
C LEU H 452 6.41 19.20 72.29
N ALA H 453 5.82 18.27 71.53
CA ALA H 453 4.44 17.83 71.74
C ALA H 453 4.27 17.14 73.10
N PRO H 454 3.07 17.22 73.70
CA PRO H 454 2.88 16.78 75.09
C PRO H 454 3.04 15.28 75.28
N MET H 455 3.24 14.91 76.54
CA MET H 455 3.39 13.53 76.99
C MET H 455 2.12 12.70 76.80
PG ATP I . -26.16 -28.41 16.87
O1G ATP I . -27.59 -28.05 16.98
O2G ATP I . -25.65 -28.34 15.46
O3G ATP I . -25.30 -27.56 17.78
PB ATP I . -26.27 -30.91 18.48
O1B ATP I . -25.25 -30.92 19.53
O2B ATP I . -27.70 -30.56 18.90
O3B ATP I . -25.89 -29.92 17.34
PA ATP I . -27.48 -33.34 17.38
O1A ATP I . -28.38 -32.92 16.30
O2A ATP I . -28.21 -33.61 18.70
O3A ATP I . -26.38 -32.29 17.69
O5' ATP I . -26.72 -34.67 17.01
C5' ATP I . -25.79 -34.70 15.91
C4' ATP I . -25.61 -36.11 15.40
O4' ATP I . -24.93 -36.90 16.39
C3' ATP I . -26.90 -36.87 15.11
O3' ATP I . -27.38 -36.52 13.82
C2' ATP I . -26.45 -38.32 15.22
O2' ATP I . -25.88 -38.72 13.98
C1' ATP I . -25.33 -38.25 16.27
N9 ATP I . -25.67 -38.77 17.59
C8 ATP I . -26.34 -38.10 18.59
N7 ATP I . -26.50 -38.80 19.69
C5 ATP I . -25.91 -40.01 19.39
C6 ATP I . -25.75 -41.19 20.15
N6 ATP I . -26.18 -41.33 21.41
N1 ATP I . -25.11 -42.23 19.55
C2 ATP I . -24.68 -42.09 18.30
N3 ATP I . -24.77 -41.02 17.48
C4 ATP I . -25.40 -40.02 18.11
MG MG J . -29.23 -29.07 17.90
PG ATP K . -36.41 -16.19 -17.06
O1G ATP K . -37.51 -15.95 -16.09
O2G ATP K . -35.43 -15.05 -17.15
O3G ATP K . -35.68 -17.50 -16.77
PB ATP K . -38.18 -17.09 -19.30
O1B ATP K . -37.76 -18.32 -19.99
O2B ATP K . -39.33 -17.17 -18.30
O3B ATP K . -37.00 -16.38 -18.55
PA ATP K . -39.92 -15.64 -21.10
O1A ATP K . -40.61 -14.51 -20.44
O2A ATP K . -40.77 -16.91 -21.15
O3A ATP K . -38.62 -16.02 -20.40
O5' ATP K . -39.54 -15.30 -22.60
C5' ATP K . -38.61 -14.24 -22.91
C4' ATP K . -38.94 -13.65 -24.24
O4' ATP K . -38.81 -14.63 -25.28
C3' ATP K . -40.35 -13.10 -24.41
O3' ATP K . -40.45 -11.80 -23.84
C2' ATP K . -40.52 -13.09 -25.93
O2' ATP K . -40.02 -11.88 -26.47
C1' ATP K . -39.64 -14.28 -26.37
N9 ATP K . -40.39 -15.44 -26.82
C8 ATP K . -40.85 -16.47 -26.04
N7 ATP K . -41.48 -17.40 -26.70
C5 ATP K . -41.44 -16.97 -28.01
C6 ATP K . -41.92 -17.52 -29.22
N6 ATP K . -42.57 -18.69 -29.28
N1 ATP K . -41.69 -16.82 -30.36
C2 ATP K . -41.02 -15.65 -30.29
N3 ATP K . -40.52 -15.05 -29.21
C4 ATP K . -40.76 -15.75 -28.10
MG MG L . -39.57 -16.42 -16.37
PG ATP M . -38.32 16.86 -4.67
O1G ATP M . -39.50 16.06 -4.28
O2G ATP M . -37.35 17.07 -3.54
O3G ATP M . -37.62 16.29 -5.87
PB ATP M . -39.83 19.08 -5.97
O1B ATP M . -39.31 19.37 -7.31
O2B ATP M . -41.10 18.24 -5.88
O3B ATP M . -38.76 18.34 -5.10
PA ATP M . -41.33 21.03 -4.37
O1A ATP M . -41.59 20.40 -3.07
O2A ATP M . -42.51 20.96 -5.33
O3A ATP M . -40.11 20.39 -5.11
O5' ATP M . -40.98 22.55 -4.20
C5' ATP M . -39.79 22.96 -3.50
C4' ATP M . -39.92 24.38 -3.02
O4' ATP M . -39.95 25.29 -4.13
C3' ATP M . -41.18 24.69 -2.23
O3' ATP M . -41.01 24.29 -0.87
C2' ATP M . -41.32 26.21 -2.40
O2' ATP M . -40.51 26.84 -1.43
C1' ATP M . -40.70 26.44 -3.79
N9 ATP M . -41.63 26.73 -4.87
C8 ATP M . -42.34 25.83 -5.60
N7 ATP M . -43.11 26.36 -6.52
C5 ATP M . -42.89 27.72 -6.38
C6 ATP M . -43.41 28.85 -7.06
N6 ATP M . -44.28 28.75 -8.07
N1 ATP M . -42.98 30.07 -6.66
C2 ATP M . -42.11 30.15 -5.65
N3 ATP M . -41.56 29.16 -4.94
C4 ATP M . -41.99 27.97 -5.35
MG MG N . -41.59 16.39 -4.53
PG ATP O . -31.18 4.11 29.83
O1G ATP O . -32.40 3.44 29.31
O2G ATP O . -29.90 3.37 29.50
O3G ATP O . -31.09 5.55 29.38
PB ATP O . -32.21 4.51 32.62
O1B ATP O . -32.00 5.85 33.19
O2B ATP O . -33.61 4.15 32.10
O3B ATP O . -31.21 4.17 31.45
PA ATP O . -32.61 2.67 34.82
O1A ATP O . -33.07 1.35 34.38
O2A ATP O . -33.76 3.60 35.24
O3A ATP O . -31.86 3.41 33.72
O5' ATP O . -31.63 2.58 36.05
C5' ATP O . -30.36 1.91 35.95
C4' ATP O . -29.97 1.33 37.28
O4' ATP O . -29.82 2.37 38.26
C3' ATP O . -30.96 0.36 37.89
O3' ATP O . -30.83 -0.93 37.31
C2' ATP O . -30.57 0.39 39.37
O2' ATP O . -29.53 -0.55 39.61
C1' ATP O . -30.04 1.81 39.55
N9 ATP O . -30.91 2.70 40.30
C8 ATP O . -31.93 3.46 39.81
N7 ATP O . -32.56 4.16 40.72
C5 ATP O . -31.90 3.85 41.90
C6 ATP O . -32.07 4.28 43.23
N6 ATP O . -33.01 5.16 43.61
N1 ATP O . -31.24 3.76 44.17
C2 ATP O . -30.30 2.87 43.79
N3 ATP O . -30.04 2.41 42.56
C4 ATP O . -30.88 2.94 41.66
MG MG P . -34.25 3.22 30.34
#